data_9CCP
#
_entry.id   9CCP
#
_cell.length_a   1.00
_cell.length_b   1.00
_cell.length_c   1.00
_cell.angle_alpha   90.00
_cell.angle_beta   90.00
_cell.angle_gamma   90.00
#
_symmetry.space_group_name_H-M   'P 1'
#
loop_
_entity.id
_entity.type
_entity.pdbx_description
1 polymer 'Thiol-activated cytolysin family protein'
2 non-polymer 'CALCIUM ION'
#
_entity_poly.entity_id   1
_entity_poly.type   'polypeptide(L)'
_entity_poly.pdbx_seq_one_letter_code
;GSHMRQDSEVNPLQVQNSSKVLNPNVTLPANNLLYDEFFVSKESKLIEDSRNNKRKTSKIASLNPYASTKAVLTTTSSTL
TSDQIVVTVPQKTFIGGVYNSTTLDNLDYTPISYPLDPITVSYSFPSDFIVDTIERPSLSSMRASVFKAMRAANFSGEQS
LAFDYNIKQFSYYSELKIAFGSNVNIGKIFSIDISGSNNKIKRTTGVFAKFTQKNFTIDMDLPADGNIFKNNSDLALTNG
KNPVYISSVTYGRLGIISIESNASYNEVNFALKAALTAGIVNGSLNIDSNSKKILEESDLSVYLVGGRGTDAVQVIKGFA
GFSNFIVNGGQFTPEAPGVPIYFSASHASDNSVYYTTFTIDK
;
_entity_poly.pdbx_strand_id   A,B,C,D,E,F,G,H,I,J,K,L,M,N,O,P,Q,R,S,T,U,V,W,X,Y,Z,AA,BA,CA,DA
#
loop_
_chem_comp.id
_chem_comp.type
_chem_comp.name
_chem_comp.formula
CA non-polymer 'CALCIUM ION' 'Ca 2'
#
# COMPACT_ATOMS: atom_id res chain seq x y z
N THR A 81 56.35 -101.28 -14.34
CA THR A 81 57.01 -100.37 -15.28
C THR A 81 56.19 -99.10 -15.48
N SER A 82 56.85 -97.95 -15.39
CA SER A 82 56.21 -96.67 -15.57
C SER A 82 57.05 -95.78 -16.47
N ASP A 83 56.38 -94.86 -17.16
CA ASP A 83 57.04 -93.94 -18.07
C ASP A 83 57.51 -92.67 -17.37
N GLN A 84 56.73 -92.18 -16.41
CA GLN A 84 57.04 -90.97 -15.67
C GLN A 84 57.54 -91.33 -14.28
N ILE A 85 58.66 -90.74 -13.89
CA ILE A 85 59.30 -90.99 -12.60
C ILE A 85 59.12 -89.75 -11.74
N VAL A 86 58.68 -89.96 -10.49
CA VAL A 86 58.52 -88.87 -9.56
C VAL A 86 59.87 -88.28 -9.22
N VAL A 87 59.96 -86.95 -9.16
CA VAL A 87 61.22 -86.29 -8.90
C VAL A 87 61.59 -86.49 -7.43
N THR A 88 62.76 -87.10 -7.20
CA THR A 88 63.27 -87.29 -5.86
C THR A 88 64.53 -86.49 -5.58
N VAL A 89 65.33 -86.23 -6.60
CA VAL A 89 66.54 -85.42 -6.46
C VAL A 89 66.40 -84.23 -7.40
N PRO A 90 65.86 -83.10 -6.93
CA PRO A 90 65.70 -81.94 -7.81
C PRO A 90 67.00 -81.42 -8.39
N GLN A 91 68.10 -81.56 -7.66
CA GLN A 91 69.39 -81.10 -8.17
C GLN A 91 69.80 -81.86 -9.41
N LYS A 92 69.62 -83.17 -9.42
CA LYS A 92 70.03 -83.98 -10.57
C LYS A 92 68.93 -84.17 -11.59
N THR A 93 67.71 -83.72 -11.31
CA THR A 93 66.59 -83.89 -12.23
C THR A 93 66.49 -82.63 -13.10
N PHE A 94 67.29 -82.63 -14.16
CA PHE A 94 67.24 -81.57 -15.15
C PHE A 94 67.28 -82.20 -16.53
N ILE A 95 66.72 -81.49 -17.51
CA ILE A 95 66.66 -82.02 -18.87
C ILE A 95 68.06 -82.09 -19.47
N GLY A 96 68.29 -83.10 -20.31
CA GLY A 96 69.56 -83.28 -20.96
C GLY A 96 70.63 -83.93 -20.11
N GLY A 97 70.31 -84.39 -18.91
CA GLY A 97 71.30 -85.03 -18.05
C GLY A 97 71.35 -86.53 -18.26
N VAL A 98 72.56 -87.05 -18.40
CA VAL A 98 72.79 -88.47 -18.67
C VAL A 98 73.20 -89.16 -17.37
N TYR A 99 72.51 -90.26 -17.04
CA TYR A 99 72.77 -91.03 -15.84
C TYR A 99 72.76 -92.51 -16.19
N ASN A 100 73.12 -93.32 -15.19
CA ASN A 100 73.06 -94.77 -15.34
C ASN A 100 71.66 -95.24 -14.94
N SER A 101 71.16 -96.26 -15.64
CA SER A 101 69.83 -96.78 -15.37
C SER A 101 69.74 -97.36 -13.96
N THR A 102 70.75 -98.12 -13.54
CA THR A 102 70.74 -98.71 -12.21
C THR A 102 70.80 -97.63 -11.12
N THR A 103 71.65 -96.63 -11.31
CA THR A 103 71.75 -95.55 -10.33
C THR A 103 70.46 -94.76 -10.26
N LEU A 104 69.82 -94.51 -11.39
CA LEU A 104 68.53 -93.82 -11.38
C LEU A 104 67.46 -94.68 -10.73
N ASP A 105 67.54 -96.01 -10.88
CA ASP A 105 66.58 -96.91 -10.27
C ASP A 105 66.71 -96.91 -8.75
N ASN A 106 67.95 -96.98 -8.24
CA ASN A 106 68.17 -96.98 -6.80
C ASN A 106 68.45 -95.59 -6.24
N LEU A 107 68.08 -94.55 -6.99
CA LEU A 107 68.16 -93.16 -6.52
C LEU A 107 69.58 -92.72 -6.20
N ASP A 108 70.56 -93.25 -6.92
CA ASP A 108 71.94 -92.82 -6.75
C ASP A 108 72.28 -91.67 -7.68
N TYR A 109 71.79 -91.72 -8.92
CA TYR A 109 71.95 -90.67 -9.91
C TYR A 109 73.43 -90.36 -10.14
N THR A 110 74.15 -91.37 -10.62
CA THR A 110 75.55 -91.17 -10.96
C THR A 110 75.64 -90.59 -12.37
N PRO A 111 76.14 -89.38 -12.53
CA PRO A 111 76.19 -88.78 -13.87
C PRO A 111 77.25 -89.42 -14.75
N ILE A 112 77.04 -89.31 -16.05
CA ILE A 112 78.01 -89.75 -17.04
C ILE A 112 78.62 -88.50 -17.64
N SER A 113 79.86 -88.20 -17.25
CA SER A 113 80.54 -86.97 -17.63
C SER A 113 81.17 -87.13 -19.01
N TYR A 114 80.37 -86.89 -20.04
CA TYR A 114 80.84 -86.92 -21.41
C TYR A 114 80.22 -85.75 -22.17
N PRO A 115 80.92 -85.23 -23.17
CA PRO A 115 80.36 -84.11 -23.94
C PRO A 115 79.08 -84.51 -24.65
N LEU A 116 78.17 -83.55 -24.75
CA LEU A 116 76.87 -83.76 -25.39
C LEU A 116 76.62 -82.65 -26.41
N ASP A 117 75.95 -83.01 -27.49
CA ASP A 117 75.59 -82.05 -28.50
C ASP A 117 74.54 -81.08 -27.95
N PRO A 118 74.44 -79.88 -28.50
CA PRO A 118 73.39 -78.95 -28.06
C PRO A 118 72.01 -79.57 -28.25
N ILE A 119 71.14 -79.34 -27.27
CA ILE A 119 69.83 -79.95 -27.22
C ILE A 119 68.76 -78.90 -27.46
N THR A 120 67.74 -79.26 -28.23
CA THR A 120 66.60 -78.40 -28.49
C THR A 120 65.48 -78.78 -27.54
N VAL A 121 64.93 -77.78 -26.86
CA VAL A 121 63.89 -77.99 -25.86
C VAL A 121 62.65 -77.21 -26.28
N SER A 122 61.49 -77.81 -26.05
CA SER A 122 60.20 -77.19 -26.38
C SER A 122 59.34 -77.18 -25.14
N TYR A 123 58.46 -76.17 -25.05
CA TYR A 123 57.59 -76.00 -23.90
C TYR A 123 56.15 -76.29 -24.29
N SER A 124 55.41 -76.94 -23.38
CA SER A 124 54.02 -77.26 -23.67
C SER A 124 53.13 -76.02 -23.74
N PHE A 125 53.43 -75.00 -22.94
CA PHE A 125 52.59 -73.81 -22.92
C PHE A 125 52.90 -72.91 -24.12
N PRO A 126 51.89 -72.18 -24.62
CA PRO A 126 52.13 -71.26 -25.73
C PRO A 126 52.89 -70.02 -25.28
N SER A 127 54.01 -69.75 -25.95
CA SER A 127 54.84 -68.59 -25.65
C SER A 127 55.70 -68.27 -26.86
N ASP A 128 56.22 -67.04 -26.90
CA ASP A 128 57.11 -66.64 -27.98
C ASP A 128 58.40 -67.47 -27.94
N PHE A 129 58.94 -67.69 -26.74
CA PHE A 129 60.14 -68.49 -26.56
C PHE A 129 59.75 -69.92 -26.21
N ILE A 130 59.03 -70.55 -27.13
CA ILE A 130 58.56 -71.91 -26.95
C ILE A 130 59.58 -72.97 -27.39
N VAL A 131 60.53 -72.60 -28.23
CA VAL A 131 61.59 -73.49 -28.71
C VAL A 131 62.92 -72.86 -28.37
N ASP A 132 63.60 -73.39 -27.35
CA ASP A 132 64.91 -72.92 -26.93
C ASP A 132 65.98 -73.96 -27.26
N THR A 133 67.24 -73.52 -27.16
CA THR A 133 68.39 -74.38 -27.40
C THR A 133 69.38 -74.21 -26.26
N ILE A 134 69.91 -75.33 -25.76
CA ILE A 134 70.86 -75.33 -24.65
C ILE A 134 72.10 -76.06 -25.12
N GLU A 135 73.24 -75.36 -25.10
CA GLU A 135 74.49 -75.99 -25.53
C GLU A 135 75.00 -76.98 -24.49
N ARG A 136 74.98 -76.60 -23.23
CA ARG A 136 75.45 -77.45 -22.14
C ARG A 136 74.29 -77.73 -21.20
N PRO A 137 73.66 -78.90 -21.27
CA PRO A 137 72.54 -79.21 -20.38
C PRO A 137 72.94 -79.18 -18.91
N SER A 138 72.26 -78.30 -18.16
CA SER A 138 72.53 -78.15 -16.73
C SER A 138 71.26 -77.64 -16.06
N LEU A 139 71.23 -77.77 -14.73
CA LEU A 139 70.08 -77.31 -13.97
C LEU A 139 69.92 -75.80 -14.07
N SER A 140 71.03 -75.06 -14.00
CA SER A 140 70.95 -73.61 -14.10
C SER A 140 70.46 -73.18 -15.47
N SER A 141 70.96 -73.83 -16.53
CA SER A 141 70.52 -73.50 -17.87
C SER A 141 69.04 -73.82 -18.07
N MET A 142 68.58 -74.94 -17.53
CA MET A 142 67.15 -75.28 -17.65
C MET A 142 66.29 -74.27 -16.89
N ARG A 143 66.71 -73.88 -15.69
CA ARG A 143 65.96 -72.89 -14.92
C ARG A 143 65.92 -71.55 -15.63
N ALA A 144 67.06 -71.11 -16.17
CA ALA A 144 67.09 -69.83 -16.87
C ALA A 144 66.23 -69.86 -18.14
N SER A 145 66.27 -70.98 -18.88
CA SER A 145 65.43 -71.09 -20.06
C SER A 145 63.96 -71.08 -19.71
N VAL A 146 63.57 -71.75 -18.62
CA VAL A 146 62.17 -71.73 -18.19
C VAL A 146 61.77 -70.31 -17.78
N PHE A 147 62.64 -69.61 -17.06
CA PHE A 147 62.35 -68.24 -16.64
C PHE A 147 62.14 -67.33 -17.84
N LYS A 148 63.05 -67.40 -18.82
CA LYS A 148 62.93 -66.55 -20.00
C LYS A 148 61.69 -66.91 -20.83
N ALA A 149 61.41 -68.20 -20.98
CA ALA A 149 60.25 -68.63 -21.76
C ALA A 149 58.96 -68.16 -21.13
N MET A 150 58.85 -68.26 -19.81
CA MET A 150 57.61 -67.88 -19.15
C MET A 150 57.50 -66.37 -18.93
N ARG A 151 58.61 -65.63 -19.05
CA ARG A 151 58.53 -64.18 -19.04
C ARG A 151 58.45 -63.57 -20.44
N ALA A 152 58.51 -64.40 -21.49
CA ALA A 152 58.42 -63.88 -22.84
C ALA A 152 56.99 -63.45 -23.17
N ALA A 153 56.85 -62.80 -24.33
CA ALA A 153 55.55 -62.30 -24.76
C ALA A 153 54.66 -63.45 -25.24
N ASN A 154 53.36 -63.18 -25.29
CA ASN A 154 52.36 -64.15 -25.72
C ASN A 154 52.40 -65.42 -24.89
N PHE A 155 52.66 -65.26 -23.59
CA PHE A 155 52.67 -66.38 -22.66
C PHE A 155 51.30 -66.53 -22.01
N SER A 156 50.81 -67.76 -21.93
CA SER A 156 49.51 -68.04 -21.35
C SER A 156 49.63 -69.27 -20.46
N GLY A 157 49.41 -69.09 -19.17
CA GLY A 157 49.33 -70.20 -18.24
C GLY A 157 47.89 -70.58 -17.99
N GLU A 158 47.00 -70.11 -18.88
CA GLU A 158 45.57 -70.33 -18.70
C GLU A 158 45.22 -71.80 -18.78
N GLN A 159 45.85 -72.54 -19.69
CA GLN A 159 45.55 -73.95 -19.89
C GLN A 159 46.64 -74.80 -19.26
N SER A 160 46.24 -75.79 -18.48
CA SER A 160 47.15 -76.74 -17.85
C SER A 160 47.22 -78.00 -18.70
N LEU A 161 47.95 -78.98 -18.20
CA LEU A 161 48.16 -80.25 -18.90
C LEU A 161 47.42 -81.41 -18.26
N ALA A 162 47.47 -81.54 -16.94
CA ALA A 162 46.75 -82.64 -16.32
C ALA A 162 46.30 -82.24 -14.93
N PHE A 163 45.26 -82.90 -14.44
CA PHE A 163 44.73 -82.62 -13.12
C PHE A 163 44.08 -83.89 -12.59
N ASP A 164 44.71 -84.53 -11.62
CA ASP A 164 44.22 -85.74 -10.98
C ASP A 164 43.75 -85.41 -9.57
N TYR A 165 42.55 -85.87 -9.23
CA TYR A 165 41.98 -85.67 -7.92
C TYR A 165 41.45 -86.99 -7.39
N ASN A 166 41.53 -87.18 -6.07
CA ASN A 166 41.04 -88.39 -5.44
C ASN A 166 40.74 -88.10 -3.99
N ILE A 167 39.53 -88.41 -3.54
CA ILE A 167 39.15 -88.21 -2.16
C ILE A 167 38.43 -89.47 -1.67
N LYS A 168 38.65 -89.79 -0.40
CA LYS A 168 38.04 -90.96 0.23
C LYS A 168 37.56 -90.52 1.61
N GLN A 169 36.24 -90.50 1.81
CA GLN A 169 35.62 -90.14 3.07
C GLN A 169 34.98 -91.37 3.67
N PHE A 170 35.23 -91.61 4.96
CA PHE A 170 34.69 -92.76 5.66
C PHE A 170 34.30 -92.33 7.06
N SER A 171 33.24 -92.94 7.59
CA SER A 171 32.75 -92.57 8.91
C SER A 171 32.00 -93.77 9.50
N TYR A 172 32.55 -94.34 10.56
CA TYR A 172 31.90 -95.39 11.32
C TYR A 172 31.11 -94.79 12.48
N TYR A 173 30.22 -95.61 13.03
CA TYR A 173 29.42 -95.23 14.20
C TYR A 173 29.05 -96.48 14.96
N SER A 174 28.96 -96.36 16.28
CA SER A 174 28.56 -97.48 17.12
C SER A 174 27.89 -96.93 18.37
N GLU A 175 26.79 -97.57 18.78
CA GLU A 175 26.04 -97.10 19.94
C GLU A 175 25.40 -98.30 20.64
N LEU A 176 25.75 -98.49 21.91
CA LEU A 176 25.17 -99.52 22.76
C LEU A 176 24.49 -98.84 23.93
N LYS A 177 23.29 -99.31 24.27
CA LYS A 177 22.46 -98.72 25.34
C LYS A 177 21.91 -99.82 26.25
N ILE A 178 22.80 -100.71 26.71
CA ILE A 178 22.37 -101.84 27.53
C ILE A 178 21.84 -101.33 28.87
N ALA A 179 20.68 -101.84 29.27
CA ALA A 179 20.07 -101.46 30.54
C ALA A 179 19.54 -102.69 31.24
N PHE A 180 19.45 -102.61 32.57
CA PHE A 180 18.95 -103.71 33.36
C PHE A 180 18.05 -103.21 34.49
N ILE A 194 18.24 -103.01 42.64
CA ILE A 194 19.35 -103.28 41.75
C ILE A 194 19.03 -102.77 40.35
N SER A 195 19.92 -101.95 39.80
CA SER A 195 19.75 -101.38 38.47
C SER A 195 21.10 -101.46 37.75
N GLY A 196 21.17 -100.81 36.59
CA GLY A 196 22.40 -100.81 35.82
C GLY A 196 22.24 -100.33 34.40
N SER A 197 23.18 -99.53 33.91
CA SER A 197 23.14 -99.02 32.55
C SER A 197 24.54 -98.94 32.00
N ASN A 198 24.65 -99.12 30.69
CA ASN A 198 25.92 -99.09 29.96
C ASN A 198 25.66 -98.45 28.61
N ASN A 199 26.13 -97.21 28.44
CA ASN A 199 26.01 -96.46 27.21
C ASN A 199 27.40 -96.30 26.60
N LYS A 200 27.61 -96.93 25.45
CA LYS A 200 28.88 -96.87 24.73
C LYS A 200 28.67 -96.23 23.38
N ILE A 201 29.50 -95.24 23.06
CA ILE A 201 29.42 -94.53 21.79
C ILE A 201 30.81 -94.53 21.17
N LYS A 202 30.89 -94.90 19.88
CA LYS A 202 32.15 -94.93 19.16
C LYS A 202 31.98 -94.24 17.82
N ARG A 203 32.96 -93.38 17.48
CA ARG A 203 32.95 -92.66 16.21
C ARG A 203 34.35 -92.70 15.63
N THR A 204 34.43 -92.82 14.31
CA THR A 204 35.72 -92.85 13.62
C THR A 204 35.52 -92.26 12.23
N THR A 205 36.09 -91.07 12.01
CA THR A 205 35.96 -90.35 10.75
C THR A 205 37.32 -90.20 10.08
N GLY A 206 37.35 -90.31 8.76
CA GLY A 206 38.59 -90.17 8.04
C GLY A 206 38.44 -89.68 6.61
N VAL A 207 39.18 -88.64 6.26
CA VAL A 207 39.17 -88.06 4.92
C VAL A 207 40.60 -88.09 4.39
N PHE A 208 40.81 -88.79 3.28
CA PHE A 208 42.12 -88.84 2.63
C PHE A 208 42.00 -88.27 1.24
N ALA A 209 42.83 -87.29 0.90
CA ALA A 209 42.73 -86.62 -0.38
C ALA A 209 44.11 -86.51 -1.02
N LYS A 210 44.18 -86.85 -2.31
CA LYS A 210 45.39 -86.69 -3.10
C LYS A 210 45.06 -85.92 -4.36
N PHE A 211 45.91 -84.96 -4.70
CA PHE A 211 45.69 -84.13 -5.88
C PHE A 211 47.03 -83.84 -6.53
N THR A 212 47.06 -83.88 -7.85
CA THR A 212 48.23 -83.49 -8.61
C THR A 212 47.80 -82.66 -9.80
N GLN A 213 48.60 -81.68 -10.15
CA GLN A 213 48.34 -80.85 -11.30
C GLN A 213 49.62 -80.74 -12.09
N LYS A 214 49.53 -80.92 -13.41
CA LYS A 214 50.66 -80.81 -14.31
C LYS A 214 50.45 -79.55 -15.12
N ASN A 215 51.11 -78.47 -14.70
CA ASN A 215 51.01 -77.18 -15.37
C ASN A 215 51.57 -77.24 -16.77
N PHE A 216 52.80 -77.77 -16.91
CA PHE A 216 53.40 -77.85 -18.24
C PHE A 216 54.58 -78.80 -18.17
N THR A 217 55.14 -79.10 -19.35
CA THR A 217 56.37 -79.86 -19.43
C THR A 217 57.32 -79.23 -20.43
N ILE A 218 58.61 -79.42 -20.18
CA ILE A 218 59.67 -79.07 -21.11
C ILE A 218 60.21 -80.37 -21.66
N ASP A 219 60.20 -80.51 -22.98
CA ASP A 219 60.56 -81.73 -23.67
C ASP A 219 61.82 -81.52 -24.48
N MET A 220 62.53 -82.62 -24.73
CA MET A 220 63.78 -82.60 -25.48
C MET A 220 63.59 -83.27 -26.82
N ASP A 221 64.13 -82.64 -27.87
CA ASP A 221 64.02 -83.18 -29.22
C ASP A 221 65.01 -84.33 -29.40
N LEU A 222 64.64 -85.27 -30.26
CA LEU A 222 65.54 -86.37 -30.59
C LEU A 222 66.74 -85.83 -31.37
N PRO A 223 67.93 -86.36 -31.12
CA PRO A 223 69.13 -85.86 -31.82
C PRO A 223 69.04 -86.07 -33.32
N ALA A 224 69.56 -85.09 -34.07
CA ALA A 224 69.59 -85.21 -35.52
C ALA A 224 70.52 -86.34 -35.95
N ASP A 225 71.68 -86.46 -35.29
CA ASP A 225 72.63 -87.52 -35.60
C ASP A 225 72.18 -88.88 -35.08
N GLY A 226 71.19 -88.92 -34.19
CA GLY A 226 70.73 -90.14 -33.59
C GLY A 226 71.41 -90.50 -32.30
N ASN A 227 72.43 -89.74 -31.90
CA ASN A 227 73.14 -89.96 -30.64
C ASN A 227 73.27 -88.63 -29.91
N ILE A 228 73.03 -88.66 -28.60
CA ILE A 228 73.11 -87.45 -27.80
C ILE A 228 74.55 -87.00 -27.62
N PHE A 229 75.49 -87.94 -27.69
CA PHE A 229 76.90 -87.62 -27.46
C PHE A 229 77.50 -86.88 -28.65
N LYS A 230 78.36 -85.91 -28.35
CA LYS A 230 79.00 -85.12 -29.40
C LYS A 230 80.03 -85.94 -30.17
N ASN A 231 80.88 -86.69 -29.46
CA ASN A 231 81.93 -87.44 -30.12
C ASN A 231 81.40 -88.68 -30.85
N ASN A 232 80.23 -89.18 -30.46
CA ASN A 232 79.57 -90.37 -31.01
C ASN A 232 80.31 -91.66 -30.69
N SER A 233 81.46 -91.60 -30.02
CA SER A 233 82.15 -92.79 -29.55
C SER A 233 81.92 -93.04 -28.08
N ASP A 234 81.44 -92.04 -27.34
CA ASP A 234 81.13 -92.23 -25.93
C ASP A 234 80.01 -93.25 -25.75
N LEU A 235 79.13 -93.39 -26.73
CA LEU A 235 78.08 -94.42 -26.64
C LEU A 235 78.70 -95.80 -26.53
N ALA A 236 79.73 -96.08 -27.33
CA ALA A 236 80.45 -97.35 -27.19
C ALA A 236 81.36 -97.34 -25.96
N LEU A 237 81.79 -96.16 -25.51
CA LEU A 237 82.64 -96.09 -24.33
C LEU A 237 81.90 -96.52 -23.07
N THR A 238 80.63 -96.13 -22.95
CA THR A 238 79.83 -96.47 -21.76
C THR A 238 79.06 -97.77 -21.92
N ASN A 239 79.56 -98.72 -22.71
CA ASN A 239 78.93 -100.03 -22.77
C ASN A 239 78.95 -100.69 -21.39
N GLY A 240 77.80 -101.19 -20.97
CA GLY A 240 77.65 -101.73 -19.64
C GLY A 240 77.26 -100.72 -18.58
N LYS A 241 77.32 -99.43 -18.89
CA LYS A 241 76.92 -98.39 -17.95
C LYS A 241 75.46 -97.98 -18.11
N ASN A 242 74.75 -98.54 -19.08
CA ASN A 242 73.34 -98.25 -19.34
C ASN A 242 73.10 -96.75 -19.45
N PRO A 243 73.56 -96.11 -20.52
CA PRO A 243 73.38 -94.65 -20.63
C PRO A 243 71.92 -94.28 -20.86
N VAL A 244 71.39 -93.46 -19.97
CA VAL A 244 70.01 -93.00 -20.05
C VAL A 244 69.99 -91.51 -19.74
N TYR A 245 69.29 -90.74 -20.55
CA TYR A 245 69.24 -89.29 -20.40
C TYR A 245 67.80 -88.83 -20.22
N ILE A 246 67.61 -87.87 -19.32
CA ILE A 246 66.28 -87.32 -19.11
C ILE A 246 65.91 -86.44 -20.30
N SER A 247 64.70 -86.66 -20.84
CA SER A 247 64.23 -85.94 -22.00
C SER A 247 62.96 -85.14 -21.77
N SER A 248 62.39 -85.17 -20.57
CA SER A 248 61.16 -84.43 -20.29
C SER A 248 61.08 -84.15 -18.81
N VAL A 249 60.71 -82.92 -18.47
CA VAL A 249 60.52 -82.50 -17.09
C VAL A 249 59.15 -81.85 -16.95
N THR A 250 58.36 -82.31 -15.98
CA THR A 250 57.00 -81.82 -15.77
C THR A 250 56.98 -80.88 -14.58
N TYR A 251 56.48 -79.67 -14.78
CA TYR A 251 56.29 -78.68 -13.75
C TYR A 251 54.82 -78.66 -13.34
N GLY A 252 54.58 -78.72 -12.04
CA GLY A 252 53.22 -78.74 -11.52
C GLY A 252 53.20 -78.68 -10.01
N ARG A 253 52.06 -79.05 -9.44
CA ARG A 253 51.84 -79.00 -7.99
C ARG A 253 51.36 -80.35 -7.49
N LEU A 254 51.67 -80.63 -6.23
CA LEU A 254 51.26 -81.85 -5.55
C LEU A 254 50.60 -81.50 -4.23
N GLY A 255 49.63 -82.31 -3.81
CA GLY A 255 49.00 -82.08 -2.53
C GLY A 255 48.36 -83.33 -1.93
N ILE A 256 48.69 -83.64 -0.68
CA ILE A 256 48.13 -84.79 0.02
C ILE A 256 47.65 -84.33 1.38
N ILE A 257 46.43 -84.73 1.75
CA ILE A 257 45.89 -84.42 3.07
C ILE A 257 45.29 -85.70 3.65
N SER A 258 45.27 -85.77 4.98
CA SER A 258 44.73 -86.93 5.67
C SER A 258 44.26 -86.48 7.05
N ILE A 259 42.95 -86.49 7.26
CA ILE A 259 42.35 -86.08 8.52
C ILE A 259 41.66 -87.29 9.14
N GLU A 260 42.02 -87.59 10.38
CA GLU A 260 41.42 -88.71 11.11
C GLU A 260 40.90 -88.22 12.45
N SER A 261 39.84 -88.86 12.94
CA SER A 261 39.24 -88.48 14.20
C SER A 261 38.60 -89.71 14.83
N ASN A 262 38.73 -89.82 16.15
CA ASN A 262 38.18 -90.92 16.93
C ASN A 262 37.51 -90.38 18.17
N ALA A 263 36.36 -90.96 18.52
CA ALA A 263 35.61 -90.54 19.69
C ALA A 263 35.08 -91.78 20.41
N SER A 264 35.18 -91.78 21.74
CA SER A 264 34.73 -92.89 22.56
C SER A 264 34.03 -92.34 23.80
N TYR A 265 32.90 -92.97 24.15
CA TYR A 265 32.09 -92.61 25.31
C TYR A 265 31.69 -93.89 26.02
N ASN A 266 31.91 -93.95 27.33
CA ASN A 266 31.78 -95.20 28.09
C ASN A 266 31.00 -94.98 29.39
N GLU A 267 29.84 -94.35 29.30
CA GLU A 267 29.03 -94.11 30.49
C GLU A 267 28.53 -95.42 31.09
N VAL A 268 28.70 -95.57 32.40
CA VAL A 268 28.23 -96.75 33.13
C VAL A 268 27.59 -96.28 34.43
N ASN A 269 26.37 -96.76 34.70
CA ASN A 269 25.65 -96.42 35.92
C ASN A 269 25.24 -97.69 36.66
N PHE A 270 25.22 -97.61 37.98
CA PHE A 270 24.83 -98.74 38.81
C PHE A 270 24.23 -98.25 40.11
N ALA A 271 23.11 -98.85 40.51
CA ALA A 271 22.43 -98.47 41.75
C ALA A 271 21.95 -99.72 42.46
N LEU A 272 21.91 -99.67 43.79
CA LEU A 272 21.46 -100.77 44.63
C LEU A 272 20.51 -100.22 45.69
N LYS A 273 19.53 -99.46 45.26
CA LYS A 273 18.55 -98.87 46.18
C LYS A 273 17.57 -99.93 46.67
N LEU A 285 20.40 -99.37 52.53
CA LEU A 285 21.51 -99.34 51.59
C LEU A 285 21.16 -98.56 50.34
N ASN A 286 22.01 -97.60 49.99
CA ASN A 286 21.83 -96.72 48.83
C ASN A 286 23.11 -96.64 48.01
N ILE A 287 23.70 -97.79 47.71
CA ILE A 287 24.97 -97.83 46.98
C ILE A 287 24.75 -97.33 45.56
N ASP A 288 25.58 -96.38 45.14
CA ASP A 288 25.52 -95.81 43.80
C ASP A 288 26.92 -95.80 43.21
N SER A 289 26.98 -95.90 41.88
CA SER A 289 28.25 -95.92 41.17
C SER A 289 28.06 -95.36 39.77
N ASN A 290 29.03 -94.57 39.32
CA ASN A 290 29.00 -93.98 37.99
C ASN A 290 30.42 -93.93 37.45
N SER A 291 30.55 -94.17 36.15
CA SER A 291 31.86 -94.18 35.49
C SER A 291 31.69 -93.58 34.10
N LYS A 292 32.25 -92.40 33.88
CA LYS A 292 32.19 -91.71 32.59
C LYS A 292 33.58 -91.62 32.01
N LYS A 293 33.72 -91.98 30.73
CA LYS A 293 35.00 -91.95 30.05
C LYS A 293 34.79 -91.43 28.64
N ILE A 294 35.39 -90.29 28.33
CA ILE A 294 35.33 -89.68 27.01
C ILE A 294 36.75 -89.59 26.48
N LEU A 295 36.98 -90.18 25.32
CA LEU A 295 38.30 -90.17 24.67
C LEU A 295 38.14 -89.59 23.27
N GLU A 296 38.89 -88.52 22.99
CA GLU A 296 38.84 -87.88 21.68
C GLU A 296 40.26 -87.78 21.13
N GLU A 297 40.44 -88.25 19.90
CA GLU A 297 41.72 -88.18 19.22
C GLU A 297 41.53 -87.58 17.84
N SER A 298 42.51 -86.79 17.40
CA SER A 298 42.46 -86.13 16.10
C SER A 298 43.84 -86.18 15.46
N ASP A 299 43.85 -86.11 14.12
CA ASP A 299 45.09 -86.12 13.38
C ASP A 299 44.85 -85.43 12.03
N LEU A 300 45.86 -84.72 11.55
CA LEU A 300 45.75 -84.00 10.28
C LEU A 300 47.15 -83.84 9.70
N SER A 301 47.45 -84.59 8.65
CA SER A 301 48.75 -84.54 8.00
C SER A 301 48.59 -83.97 6.60
N VAL A 302 49.39 -82.95 6.28
CA VAL A 302 49.35 -82.28 4.99
C VAL A 302 50.75 -82.29 4.37
N TYR A 303 50.80 -82.49 3.06
CA TYR A 303 52.06 -82.49 2.31
C TYR A 303 51.81 -81.81 0.97
N LEU A 304 52.34 -80.60 0.80
CA LEU A 304 52.17 -79.83 -0.43
C LEU A 304 53.51 -79.60 -1.10
N VAL A 305 53.53 -79.74 -2.43
CA VAL A 305 54.72 -79.51 -3.24
C VAL A 305 54.37 -78.45 -4.27
N GLY A 306 54.90 -77.25 -4.08
CA GLY A 306 54.65 -76.15 -4.98
C GLY A 306 53.36 -75.44 -4.66
N GLY A 307 52.99 -74.55 -5.58
CA GLY A 307 51.81 -73.74 -5.40
C GLY A 307 52.08 -72.44 -4.69
N ARG A 308 51.03 -71.63 -4.60
CA ARG A 308 51.12 -70.34 -3.92
C ARG A 308 51.36 -70.54 -2.43
N GLY A 309 52.34 -69.81 -1.89
CA GLY A 309 52.66 -69.96 -0.48
C GLY A 309 51.55 -69.51 0.44
N THR A 310 50.90 -68.40 0.10
CA THR A 310 49.82 -67.86 0.93
C THR A 310 48.67 -68.85 1.03
N ASP A 311 48.28 -69.47 -0.08
CA ASP A 311 47.22 -70.47 -0.03
C ASP A 311 47.71 -71.78 0.59
N ALA A 312 49.00 -72.08 0.43
CA ALA A 312 49.53 -73.33 0.96
C ALA A 312 49.55 -73.31 2.49
N VAL A 313 49.87 -72.17 3.09
CA VAL A 313 49.94 -72.13 4.56
C VAL A 313 48.56 -72.07 5.20
N GLN A 314 47.50 -71.89 4.42
CA GLN A 314 46.15 -71.84 4.95
C GLN A 314 45.50 -73.22 5.06
N VAL A 315 46.19 -74.27 4.62
CA VAL A 315 45.63 -75.61 4.67
C VAL A 315 45.62 -76.13 6.10
N ILE A 316 46.19 -75.36 7.02
CA ILE A 316 46.22 -75.81 8.41
C ILE A 316 44.84 -75.76 9.05
N LYS A 317 43.89 -75.07 8.44
CA LYS A 317 42.54 -74.91 8.99
C LYS A 317 41.60 -75.99 8.47
N GLY A 318 41.97 -77.25 8.74
CA GLY A 318 41.14 -78.38 8.34
C GLY A 318 41.05 -78.56 6.83
N PHE A 319 39.93 -79.15 6.40
CA PHE A 319 39.67 -79.32 4.97
C PHE A 319 38.97 -78.11 4.37
N ALA A 320 39.54 -76.94 4.60
CA ALA A 320 39.08 -75.70 4.01
C ALA A 320 40.21 -75.02 3.25
N GLY A 321 41.40 -75.03 3.82
CA GLY A 321 42.56 -74.55 3.10
C GLY A 321 42.90 -75.46 1.95
N PHE A 322 42.77 -76.77 2.15
CA PHE A 322 42.92 -77.71 1.05
C PHE A 322 41.59 -77.83 0.31
N SER A 323 40.96 -76.70 0.07
CA SER A 323 39.87 -76.52 -0.88
C SER A 323 39.98 -75.23 -1.64
N ASN A 324 40.81 -74.29 -1.17
CA ASN A 324 41.14 -73.08 -1.90
C ASN A 324 42.57 -73.10 -2.41
N PHE A 325 43.45 -73.88 -1.80
CA PHE A 325 44.80 -74.02 -2.33
C PHE A 325 44.75 -74.59 -3.74
N ILE A 326 43.72 -75.37 -4.03
CA ILE A 326 43.55 -75.96 -5.36
C ILE A 326 42.83 -75.01 -6.30
N VAL A 327 41.76 -74.36 -5.84
CA VAL A 327 40.95 -73.53 -6.72
C VAL A 327 41.53 -72.14 -6.94
N ASN A 328 42.52 -71.74 -6.16
CA ASN A 328 43.17 -70.43 -6.33
C ASN A 328 44.49 -70.53 -7.08
N GLY A 329 44.83 -71.69 -7.62
CA GLY A 329 46.07 -71.85 -8.35
C GLY A 329 45.92 -72.68 -9.60
N GLY A 330 44.72 -72.71 -10.17
CA GLY A 330 44.51 -73.46 -11.39
C GLY A 330 45.30 -72.93 -12.57
N GLN A 331 45.33 -71.61 -12.73
CA GLN A 331 46.12 -70.99 -13.79
C GLN A 331 47.49 -70.65 -13.23
N PHE A 332 48.54 -71.19 -13.85
CA PHE A 332 49.89 -70.94 -13.37
C PHE A 332 50.44 -69.67 -14.00
N THR A 333 50.89 -68.77 -13.16
CA THR A 333 51.40 -67.44 -13.48
C THR A 333 52.92 -67.51 -13.56
N PRO A 334 53.57 -66.56 -14.24
CA PRO A 334 55.04 -66.59 -14.24
C PRO A 334 55.65 -66.29 -12.88
N GLU A 335 54.88 -65.70 -11.96
CA GLU A 335 55.33 -65.60 -10.57
C GLU A 335 55.27 -66.94 -9.85
N ALA A 336 54.46 -67.88 -10.32
CA ALA A 336 54.32 -69.21 -9.72
C ALA A 336 54.46 -70.24 -10.82
N PRO A 337 55.68 -70.49 -11.31
CA PRO A 337 55.86 -71.41 -12.44
C PRO A 337 55.52 -72.86 -12.13
N GLY A 338 55.54 -73.26 -10.87
CA GLY A 338 55.35 -74.65 -10.50
C GLY A 338 56.67 -75.31 -10.18
N VAL A 339 56.58 -76.55 -9.72
CA VAL A 339 57.74 -77.30 -9.26
C VAL A 339 57.92 -78.54 -10.11
N PRO A 340 59.14 -78.89 -10.51
CA PRO A 340 59.34 -80.17 -11.21
C PRO A 340 58.89 -81.32 -10.34
N ILE A 341 57.86 -82.02 -10.80
CA ILE A 341 57.24 -83.10 -10.04
C ILE A 341 57.46 -84.46 -10.71
N TYR A 342 57.45 -84.50 -12.04
CA TYR A 342 57.67 -85.74 -12.77
C TYR A 342 58.68 -85.50 -13.87
N PHE A 343 59.34 -86.57 -14.28
CA PHE A 343 60.29 -86.48 -15.38
C PHE A 343 60.34 -87.81 -16.10
N SER A 344 60.76 -87.77 -17.36
CA SER A 344 60.85 -88.95 -18.19
C SER A 344 62.24 -89.04 -18.79
N ALA A 345 62.73 -90.25 -18.95
CA ALA A 345 64.06 -90.48 -19.47
C ALA A 345 64.00 -91.50 -20.61
N SER A 346 65.02 -91.45 -21.46
CA SER A 346 65.10 -92.33 -22.62
C SER A 346 66.51 -92.89 -22.73
N HIS A 347 66.60 -94.07 -23.33
CA HIS A 347 67.89 -94.72 -23.55
C HIS A 347 68.73 -93.92 -24.54
N ALA A 348 70.05 -93.95 -24.35
CA ALA A 348 70.95 -93.25 -25.24
C ALA A 348 71.42 -94.10 -26.41
N SER A 349 71.11 -95.41 -26.40
CA SER A 349 71.57 -96.28 -27.47
C SER A 349 70.64 -96.19 -28.68
N ASP A 350 69.38 -96.56 -28.51
CA ASP A 350 68.40 -96.54 -29.60
C ASP A 350 67.39 -95.41 -29.44
N ASN A 351 67.60 -94.51 -28.48
CA ASN A 351 66.69 -93.39 -28.23
C ASN A 351 65.28 -93.86 -27.90
N SER A 352 65.17 -95.05 -27.33
CA SER A 352 63.89 -95.61 -26.95
C SER A 352 63.46 -95.12 -25.58
N VAL A 353 62.18 -95.29 -25.27
CA VAL A 353 61.63 -94.85 -24.00
C VAL A 353 62.12 -95.76 -22.89
N TYR A 354 62.68 -95.17 -21.84
CA TYR A 354 63.20 -95.92 -20.71
C TYR A 354 62.09 -96.17 -19.70
N TYR A 355 61.91 -97.42 -19.31
CA TYR A 355 60.90 -97.81 -18.33
C TYR A 355 61.59 -98.34 -17.08
N THR A 356 61.22 -97.80 -15.94
CA THR A 356 61.78 -98.21 -14.65
C THR A 356 60.75 -99.01 -13.87
N THR A 357 61.26 -99.92 -13.03
CA THR A 357 60.38 -100.75 -12.21
C THR A 357 60.41 -100.32 -10.75
N THR B 81 68.61 -94.33 5.61
CA THR B 81 69.26 -93.47 4.62
C THR B 81 68.32 -92.37 4.16
N SER B 82 68.84 -91.14 4.14
CA SER B 82 68.07 -89.98 3.72
C SER B 82 68.90 -89.12 2.78
N ASP B 83 68.22 -88.40 1.91
CA ASP B 83 68.86 -87.53 0.93
C ASP B 83 69.11 -86.12 1.48
N GLN B 84 68.17 -85.62 2.28
CA GLN B 84 68.27 -84.29 2.86
C GLN B 84 68.65 -84.40 4.33
N ILE B 85 69.66 -83.62 4.74
CA ILE B 85 70.18 -83.62 6.09
C ILE B 85 69.77 -82.31 6.75
N VAL B 86 69.23 -82.40 7.95
CA VAL B 86 68.84 -81.22 8.71
C VAL B 86 70.09 -80.42 9.09
N VAL B 87 70.01 -79.10 8.95
CA VAL B 87 71.16 -78.24 9.22
C VAL B 87 71.39 -78.21 10.72
N THR B 88 72.58 -78.63 11.14
CA THR B 88 72.97 -78.57 12.55
C THR B 88 74.10 -77.59 12.82
N VAL B 89 74.98 -77.36 11.84
CA VAL B 89 76.05 -76.39 11.97
C VAL B 89 75.88 -75.37 10.85
N PRO B 90 75.18 -74.26 11.10
CA PRO B 90 74.97 -73.27 10.05
C PRO B 90 76.26 -72.66 9.52
N GLN B 91 77.29 -72.57 10.36
CA GLN B 91 78.56 -72.01 9.91
C GLN B 91 79.19 -72.87 8.82
N LYS B 92 79.16 -74.19 8.99
CA LYS B 92 79.77 -75.08 8.03
C LYS B 92 78.81 -75.55 6.94
N THR B 93 77.53 -75.22 7.05
CA THR B 93 76.54 -75.66 6.06
C THR B 93 76.39 -74.56 5.02
N PHE B 94 77.29 -74.58 4.03
CA PHE B 94 77.23 -73.69 2.89
C PHE B 94 77.49 -74.49 1.63
N ILE B 95 76.95 -73.99 0.52
CA ILE B 95 77.09 -74.70 -0.75
C ILE B 95 78.55 -74.68 -1.21
N GLY B 96 78.96 -75.75 -1.87
CA GLY B 96 80.32 -75.85 -2.36
C GLY B 96 81.37 -76.24 -1.35
N GLY B 97 80.98 -76.57 -0.12
CA GLY B 97 81.93 -76.95 0.91
C GLY B 97 82.17 -78.45 0.92
N VAL B 98 83.44 -78.83 0.97
CA VAL B 98 83.85 -80.23 0.94
C VAL B 98 84.19 -80.69 2.35
N TYR B 99 83.61 -81.81 2.76
CA TYR B 99 83.83 -82.37 4.09
C TYR B 99 84.03 -83.87 3.96
N ASN B 100 84.37 -84.50 5.09
CA ASN B 100 84.49 -85.95 5.15
C ASN B 100 83.13 -86.53 5.48
N SER B 101 82.82 -87.70 4.90
CA SER B 101 81.54 -88.34 5.14
C SER B 101 81.37 -88.73 6.59
N THR B 102 82.40 -89.29 7.21
CA THR B 102 82.32 -89.69 8.61
C THR B 102 82.13 -88.48 9.53
N THR B 103 82.87 -87.41 9.26
CA THR B 103 82.76 -86.21 10.08
C THR B 103 81.38 -85.57 9.93
N LEU B 104 80.84 -85.57 8.72
CA LEU B 104 79.50 -85.06 8.52
C LEU B 104 78.46 -85.96 9.18
N ASP B 105 78.71 -87.27 9.23
CA ASP B 105 77.80 -88.19 9.89
C ASP B 105 77.77 -87.98 11.40
N ASN B 106 78.94 -87.82 12.01
CA ASN B 106 79.01 -87.60 13.45
C ASN B 106 79.07 -86.11 13.83
N LEU B 107 78.67 -85.24 12.91
CA LEU B 107 78.53 -83.80 13.17
C LEU B 107 79.86 -83.15 13.56
N ASP B 108 80.96 -83.65 13.01
CA ASP B 108 82.26 -83.02 13.23
C ASP B 108 82.57 -81.97 12.18
N TYR B 109 82.21 -82.26 10.92
CA TYR B 109 82.37 -81.33 9.80
C TYR B 109 83.82 -80.87 9.67
N THR B 110 84.69 -81.83 9.40
CA THR B 110 86.08 -81.50 9.16
C THR B 110 86.26 -81.11 7.70
N PRO B 111 86.63 -79.88 7.40
CA PRO B 111 86.75 -79.46 6.00
C PRO B 111 87.97 -80.07 5.33
N ILE B 112 87.88 -80.17 4.01
CA ILE B 112 88.99 -80.62 3.18
C ILE B 112 89.51 -79.38 2.46
N SER B 113 90.67 -78.89 2.91
CA SER B 113 91.23 -77.63 2.41
C SER B 113 92.03 -77.90 1.14
N TYR B 114 91.32 -77.90 0.02
CA TYR B 114 91.92 -78.06 -1.30
C TYR B 114 91.26 -77.09 -2.26
N PRO B 115 92.00 -76.62 -3.26
CA PRO B 115 91.41 -75.70 -4.23
C PRO B 115 90.26 -76.35 -4.99
N LEU B 116 89.25 -75.53 -5.32
CA LEU B 116 88.07 -75.98 -6.02
C LEU B 116 87.81 -75.07 -7.21
N ASP B 117 87.28 -75.65 -8.29
CA ASP B 117 86.93 -74.88 -9.46
C ASP B 117 85.72 -74.01 -9.13
N PRO B 118 85.55 -72.90 -9.86
CA PRO B 118 84.36 -72.06 -9.66
C PRO B 118 83.09 -72.87 -9.87
N ILE B 119 82.10 -72.62 -9.02
CA ILE B 119 80.86 -73.39 -9.01
C ILE B 119 79.72 -72.51 -9.49
N THR B 120 78.83 -73.11 -10.28
CA THR B 120 77.63 -72.44 -10.76
C THR B 120 76.47 -72.83 -9.86
N VAL B 121 75.74 -71.83 -9.38
CA VAL B 121 74.63 -72.03 -8.47
C VAL B 121 73.36 -71.48 -9.11
N SER B 122 72.26 -72.19 -8.90
CA SER B 122 70.96 -71.79 -9.42
C SER B 122 69.96 -71.71 -8.28
N TYR B 123 68.98 -70.82 -8.42
CA TYR B 123 67.98 -70.62 -7.38
C TYR B 123 66.62 -71.13 -7.84
N SER B 124 65.88 -71.73 -6.93
CA SER B 124 64.57 -72.27 -7.29
C SER B 124 63.56 -71.18 -7.61
N PHE B 125 63.65 -70.02 -6.95
CA PHE B 125 62.69 -68.96 -7.18
C PHE B 125 63.01 -68.20 -8.47
N PRO B 126 61.98 -67.68 -9.15
CA PRO B 126 62.24 -66.89 -10.36
C PRO B 126 62.80 -65.51 -10.03
N SER B 127 63.95 -65.19 -10.62
CA SER B 127 64.60 -63.91 -10.43
C SER B 127 65.54 -63.65 -11.59
N ASP B 128 65.92 -62.38 -11.75
CA ASP B 128 66.87 -62.02 -12.80
C ASP B 128 68.24 -62.65 -12.53
N PHE B 129 68.67 -62.64 -11.27
CA PHE B 129 69.92 -63.26 -10.87
C PHE B 129 69.67 -64.67 -10.35
N ILE B 130 69.13 -65.51 -11.24
CA ILE B 130 68.79 -66.88 -10.90
C ILE B 130 69.95 -67.84 -11.07
N VAL B 131 70.95 -67.48 -11.89
CA VAL B 131 72.15 -68.28 -12.13
C VAL B 131 73.36 -67.44 -11.77
N ASP B 132 73.98 -67.74 -10.63
CA ASP B 132 75.18 -67.05 -10.17
C ASP B 132 76.38 -67.98 -10.25
N THR B 133 77.57 -67.38 -10.11
CA THR B 133 78.83 -68.12 -10.11
C THR B 133 79.67 -67.67 -8.92
N ILE B 134 80.26 -68.63 -8.23
CA ILE B 134 81.09 -68.36 -7.06
C ILE B 134 82.45 -68.98 -7.29
N GLU B 135 83.50 -68.16 -7.29
CA GLU B 135 84.85 -68.67 -7.50
C GLU B 135 85.35 -69.44 -6.30
N ARG B 136 85.16 -68.90 -5.10
CA ARG B 136 85.60 -69.53 -3.86
C ARG B 136 84.39 -69.83 -2.99
N PRO B 137 83.91 -71.07 -2.95
CA PRO B 137 82.74 -71.40 -2.12
C PRO B 137 82.98 -71.11 -0.65
N SER B 138 82.14 -70.24 -0.10
CA SER B 138 82.23 -69.87 1.31
C SER B 138 80.85 -69.43 1.78
N LEU B 139 80.69 -69.40 3.11
CA LEU B 139 79.42 -68.98 3.70
C LEU B 139 79.10 -67.54 3.36
N SER B 140 80.11 -66.66 3.43
CA SER B 140 79.87 -65.25 3.10
C SER B 140 79.49 -65.07 1.65
N SER B 141 80.17 -65.80 0.75
CA SER B 141 79.83 -65.71 -0.67
C SER B 141 78.43 -66.23 -0.94
N MET B 142 78.04 -67.32 -0.30
CA MET B 142 76.69 -67.85 -0.47
C MET B 142 75.64 -66.87 0.05
N ARG B 143 75.89 -66.26 1.21
CA ARG B 143 74.96 -65.29 1.76
C ARG B 143 74.83 -64.07 0.86
N ALA B 144 75.97 -63.56 0.36
CA ALA B 144 75.93 -62.40 -0.52
C ALA B 144 75.22 -62.71 -1.83
N SER B 145 75.46 -63.89 -2.39
CA SER B 145 74.77 -64.28 -3.63
C SER B 145 73.27 -64.39 -3.41
N VAL B 146 72.85 -64.97 -2.27
CA VAL B 146 71.42 -65.07 -1.97
C VAL B 146 70.82 -63.67 -1.82
N PHE B 147 71.53 -62.77 -1.13
CA PHE B 147 71.04 -61.41 -0.93
C PHE B 147 70.86 -60.70 -2.27
N LYS B 148 71.86 -60.78 -3.14
CA LYS B 148 71.76 -60.12 -4.45
C LYS B 148 70.68 -60.74 -5.31
N ALA B 149 70.56 -62.07 -5.30
CA ALA B 149 69.55 -62.74 -6.11
C ALA B 149 68.14 -62.36 -5.67
N MET B 150 67.91 -62.29 -4.36
CA MET B 150 66.58 -61.98 -3.88
C MET B 150 66.27 -60.49 -3.90
N ARG B 151 67.30 -59.64 -4.01
CA ARG B 151 67.06 -58.22 -4.22
C ARG B 151 67.06 -57.82 -5.70
N ALA B 152 67.31 -58.76 -6.61
CA ALA B 152 67.32 -58.45 -8.03
C ALA B 152 65.89 -58.25 -8.53
N ALA B 153 65.79 -57.79 -9.78
CA ALA B 153 64.51 -57.53 -10.41
C ALA B 153 63.82 -58.83 -10.79
N ASN B 154 62.49 -58.73 -10.99
CA ASN B 154 61.65 -59.87 -11.36
C ASN B 154 61.75 -61.00 -10.34
N PHE B 155 61.86 -60.64 -9.07
CA PHE B 155 61.89 -61.61 -7.99
C PHE B 155 60.49 -61.84 -7.44
N SER B 156 60.14 -63.11 -7.23
CA SER B 156 58.82 -63.47 -6.74
C SER B 156 58.99 -64.54 -5.68
N GLY B 157 58.61 -64.23 -4.45
CA GLY B 157 58.56 -65.19 -3.38
C GLY B 157 57.16 -65.71 -3.21
N GLU B 158 56.32 -65.49 -4.22
CA GLU B 158 54.92 -65.87 -4.13
C GLU B 158 54.74 -67.38 -4.04
N GLN B 159 55.55 -68.13 -4.77
CA GLN B 159 55.43 -69.58 -4.79
C GLN B 159 56.55 -70.20 -3.95
N SER B 160 56.17 -71.12 -3.06
CA SER B 160 57.11 -71.85 -2.24
C SER B 160 57.42 -73.19 -2.87
N LEU B 161 58.20 -74.00 -2.17
CA LEU B 161 58.61 -75.31 -2.67
C LEU B 161 57.95 -76.46 -1.94
N ALA B 162 57.88 -76.41 -0.61
CA ALA B 162 57.23 -77.49 0.10
C ALA B 162 56.60 -76.98 1.38
N PHE B 163 55.59 -77.70 1.86
CA PHE B 163 54.89 -77.30 3.07
C PHE B 163 54.33 -78.56 3.72
N ASP B 164 54.93 -78.98 4.84
CA ASP B 164 54.51 -80.15 5.59
C ASP B 164 53.87 -79.70 6.89
N TYR B 165 52.70 -80.26 7.19
CA TYR B 165 51.97 -79.95 8.41
C TYR B 165 51.54 -81.24 9.07
N ASN B 166 51.51 -81.24 10.40
CA ASN B 166 51.09 -82.42 11.15
C ASN B 166 50.61 -81.97 12.52
N ILE B 167 49.40 -82.38 12.90
CA ILE B 167 48.85 -82.05 14.20
C ILE B 167 48.24 -83.30 14.81
N LYS B 168 48.37 -83.43 16.12
CA LYS B 168 47.82 -84.56 16.86
C LYS B 168 47.15 -84.01 18.11
N GLN B 169 45.83 -84.13 18.18
CA GLN B 169 45.05 -83.69 19.32
C GLN B 169 44.49 -84.90 20.04
N PHE B 170 44.63 -84.92 21.37
CA PHE B 170 44.15 -86.02 22.18
C PHE B 170 43.57 -85.47 23.46
N SER B 171 42.54 -86.14 23.97
CA SER B 171 41.86 -85.66 25.18
C SER B 171 41.20 -86.85 25.87
N TYR B 172 41.69 -87.20 27.05
CA TYR B 172 41.09 -88.21 27.89
C TYR B 172 40.12 -87.57 28.88
N TYR B 173 39.28 -88.41 29.47
CA TYR B 173 38.33 -87.98 30.49
C TYR B 173 38.02 -89.16 31.39
N SER B 174 37.78 -88.88 32.67
CA SER B 174 37.42 -89.91 33.62
C SER B 174 36.56 -89.29 34.71
N GLU B 175 35.51 -90.00 35.10
CA GLU B 175 34.60 -89.48 36.12
C GLU B 175 34.02 -90.64 36.93
N LEU B 176 34.26 -90.63 38.24
CA LEU B 176 33.72 -91.60 39.17
C LEU B 176 32.84 -90.86 40.17
N LYS B 177 31.67 -91.42 40.47
CA LYS B 177 30.68 -90.81 41.36
C LYS B 177 30.17 -91.84 42.36
N ILE B 178 31.09 -92.53 43.02
CA ILE B 178 30.71 -93.59 43.96
C ILE B 178 29.99 -92.98 45.16
N ALA B 179 28.86 -93.57 45.54
CA ALA B 179 28.08 -93.10 46.67
C ALA B 179 27.62 -94.29 47.50
N PHE B 180 27.38 -94.04 48.78
CA PHE B 180 26.92 -95.09 49.69
C PHE B 180 25.86 -94.55 50.64
N ILE B 194 25.17 -93.24 58.67
CA ILE B 194 26.40 -93.49 57.91
C ILE B 194 26.18 -93.22 56.43
N SER B 195 27.01 -92.36 55.86
CA SER B 195 26.93 -92.01 54.44
C SER B 195 28.34 -92.01 53.87
N GLY B 196 28.46 -91.52 52.64
CA GLY B 196 29.76 -91.46 52.00
C GLY B 196 29.69 -91.20 50.50
N SER B 197 30.58 -90.37 49.99
CA SER B 197 30.61 -90.04 48.57
C SER B 197 32.05 -89.86 48.13
N ASN B 198 32.32 -90.21 46.88
CA ASN B 198 33.65 -90.11 46.28
C ASN B 198 33.47 -89.70 44.83
N ASN B 199 33.80 -88.44 44.52
CA ASN B 199 33.73 -87.87 43.18
C ASN B 199 35.15 -87.62 42.68
N LYS B 200 35.55 -88.37 41.66
CA LYS B 200 36.86 -88.26 41.06
C LYS B 200 36.73 -87.83 39.61
N ILE B 201 37.47 -86.80 39.23
CA ILE B 201 37.45 -86.28 37.86
C ILE B 201 38.89 -86.19 37.37
N LYS B 202 39.15 -86.71 36.17
CA LYS B 202 40.47 -86.68 35.57
C LYS B 202 40.37 -86.20 34.13
N ARG B 203 41.26 -85.28 33.75
CA ARG B 203 41.31 -84.74 32.40
C ARG B 203 42.76 -84.68 31.96
N THR B 204 42.99 -84.97 30.68
CA THR B 204 44.34 -84.93 30.11
C THR B 204 44.22 -84.55 28.65
N THR B 205 44.68 -83.35 28.30
CA THR B 205 44.60 -82.82 26.95
C THR B 205 45.99 -82.58 26.40
N GLY B 206 46.18 -82.87 25.11
CA GLY B 206 47.47 -82.67 24.49
C GLY B 206 47.40 -82.41 23.00
N VAL B 207 48.05 -81.34 22.56
CA VAL B 207 48.12 -80.95 21.15
C VAL B 207 49.59 -80.86 20.77
N PHE B 208 50.00 -81.67 19.80
CA PHE B 208 51.36 -81.64 19.27
C PHE B 208 51.32 -81.28 17.80
N ALA B 209 52.07 -80.26 17.41
CA ALA B 209 52.04 -79.79 16.03
C ALA B 209 53.44 -79.58 15.51
N LYS B 210 53.70 -80.08 14.31
CA LYS B 210 54.95 -79.88 13.60
C LYS B 210 54.67 -79.34 12.21
N PHE B 211 55.43 -78.33 11.81
CA PHE B 211 55.25 -77.70 10.52
C PHE B 211 56.61 -77.32 9.96
N THR B 212 56.78 -77.54 8.66
CA THR B 212 57.98 -77.11 7.96
C THR B 212 57.57 -76.51 6.63
N GLN B 213 58.30 -75.48 6.21
CA GLN B 213 58.06 -74.86 4.92
C GLN B 213 59.40 -74.70 4.24
N LYS B 214 59.47 -75.07 2.97
CA LYS B 214 60.67 -74.93 2.16
C LYS B 214 60.40 -73.83 1.16
N ASN B 215 60.89 -72.62 1.48
CA ASN B 215 60.70 -71.46 0.62
C ASN B 215 61.43 -71.64 -0.70
N PHE B 216 62.71 -72.01 -0.66
CA PHE B 216 63.45 -72.20 -1.90
C PHE B 216 64.72 -72.98 -1.60
N THR B 217 65.43 -73.36 -2.66
CA THR B 217 66.74 -73.96 -2.52
C THR B 217 67.71 -73.35 -3.52
N ILE B 218 68.99 -73.34 -3.13
CA ILE B 218 70.08 -72.98 -4.01
C ILE B 218 70.83 -74.28 -4.30
N ASP B 219 70.96 -74.58 -5.59
CA ASP B 219 71.53 -75.84 -6.06
C ASP B 219 72.85 -75.57 -6.77
N MET B 220 73.70 -76.59 -6.81
CA MET B 220 75.01 -76.52 -7.42
C MET B 220 75.04 -77.38 -8.68
N ASP B 221 75.61 -76.84 -9.75
CA ASP B 221 75.71 -77.57 -11.00
C ASP B 221 76.84 -78.59 -10.94
N LEU B 222 76.66 -79.68 -11.68
CA LEU B 222 77.71 -80.69 -11.77
C LEU B 222 78.91 -80.11 -12.50
N PRO B 223 80.13 -80.44 -12.07
CA PRO B 223 81.32 -79.89 -12.73
C PRO B 223 81.42 -80.31 -14.19
N ALA B 224 81.89 -79.38 -15.02
CA ALA B 224 82.10 -79.69 -16.43
C ALA B 224 83.19 -80.74 -16.61
N ASP B 225 84.27 -80.63 -15.84
CA ASP B 225 85.37 -81.59 -15.91
C ASP B 225 85.03 -82.91 -15.23
N GLY B 226 83.96 -82.96 -14.44
CA GLY B 226 83.58 -84.14 -13.72
C GLY B 226 84.17 -84.24 -12.33
N ASN B 227 85.03 -83.30 -11.95
CA ASN B 227 85.64 -83.26 -10.63
C ASN B 227 85.53 -81.84 -10.09
N ILE B 228 85.16 -81.73 -8.81
CA ILE B 228 85.02 -80.41 -8.19
C ILE B 228 86.37 -79.76 -7.95
N PHE B 229 87.42 -80.57 -7.80
CA PHE B 229 88.74 -80.05 -7.49
C PHE B 229 89.38 -79.41 -8.71
N LYS B 230 90.09 -78.30 -8.49
CA LYS B 230 90.74 -77.60 -9.59
C LYS B 230 91.93 -78.37 -10.13
N ASN B 231 92.78 -78.90 -9.24
CA ASN B 231 93.98 -79.60 -9.69
C ASN B 231 93.67 -80.98 -10.28
N ASN B 232 92.53 -81.57 -9.93
CA ASN B 232 92.07 -82.89 -10.36
C ASN B 232 92.91 -84.02 -9.79
N SER B 233 93.97 -83.72 -9.04
CA SER B 233 94.74 -84.75 -8.34
C SER B 233 94.39 -84.83 -6.86
N ASP B 234 93.72 -83.80 -6.34
CA ASP B 234 93.29 -83.84 -4.94
C ASP B 234 92.28 -84.96 -4.71
N LEU B 235 91.53 -85.35 -5.75
CA LEU B 235 90.61 -86.47 -5.59
C LEU B 235 91.35 -87.75 -5.24
N ALA B 236 92.48 -88.00 -5.88
CA ALA B 236 93.33 -89.13 -5.50
C ALA B 236 94.09 -88.84 -4.22
N LEU B 237 94.34 -87.57 -3.89
CA LEU B 237 95.05 -87.23 -2.67
C LEU B 237 94.23 -87.58 -1.43
N THR B 238 92.92 -87.34 -1.48
CA THR B 238 92.04 -87.61 -0.34
C THR B 238 91.44 -89.02 -0.37
N ASN B 239 92.13 -89.99 -0.96
CA ASN B 239 91.66 -91.37 -0.89
C ASN B 239 91.62 -91.82 0.56
N GLY B 240 90.49 -92.41 0.96
CA GLY B 240 90.26 -92.78 2.33
C GLY B 240 89.66 -91.69 3.19
N LYS B 241 89.59 -90.46 2.70
CA LYS B 241 88.99 -89.36 3.45
C LYS B 241 87.52 -89.16 3.10
N ASN B 242 86.98 -89.93 2.15
CA ASN B 242 85.58 -89.87 1.74
C ASN B 242 85.19 -88.44 1.39
N PRO B 243 85.67 -87.89 0.28
CA PRO B 243 85.35 -86.50 -0.06
C PRO B 243 83.89 -86.35 -0.46
N VAL B 244 83.17 -85.50 0.24
CA VAL B 244 81.76 -85.22 -0.02
C VAL B 244 81.55 -83.72 0.08
N TYR B 245 80.85 -83.16 -0.90
CA TYR B 245 80.63 -81.73 -0.97
C TYR B 245 79.14 -81.43 -0.99
N ILE B 246 78.74 -80.39 -0.26
CA ILE B 246 77.34 -79.98 -0.25
C ILE B 246 76.99 -79.33 -1.57
N SER B 247 75.89 -79.77 -2.18
CA SER B 247 75.47 -79.28 -3.48
C SER B 247 74.09 -78.63 -3.48
N SER B 248 73.42 -78.56 -2.33
CA SER B 248 72.09 -77.96 -2.29
C SER B 248 71.81 -77.49 -0.87
N VAL B 249 71.28 -76.28 -0.75
CA VAL B 249 70.89 -75.71 0.54
C VAL B 249 69.45 -75.23 0.45
N THR B 250 68.62 -75.65 1.41
CA THR B 250 67.20 -75.32 1.42
C THR B 250 66.95 -74.24 2.47
N TYR B 251 66.34 -73.14 2.04
CA TYR B 251 65.94 -72.04 2.90
C TYR B 251 64.43 -72.16 3.17
N GLY B 252 64.06 -72.09 4.45
CA GLY B 252 62.68 -72.20 4.83
C GLY B 252 62.49 -71.93 6.31
N ARG B 253 61.34 -72.37 6.83
CA ARG B 253 60.97 -72.16 8.23
C ARG B 253 60.59 -73.48 8.87
N LEU B 254 60.80 -73.55 10.18
CA LEU B 254 60.47 -74.71 11.00
C LEU B 254 59.64 -74.26 12.20
N GLY B 255 58.73 -75.13 12.64
CA GLY B 255 57.94 -74.82 13.81
C GLY B 255 57.38 -76.04 14.52
N ILE B 256 57.61 -76.13 15.83
CA ILE B 256 57.11 -77.25 16.64
C ILE B 256 56.45 -76.66 17.87
N ILE B 257 55.25 -77.17 18.19
CA ILE B 257 54.54 -76.76 19.39
C ILE B 257 54.03 -78.01 20.10
N SER B 258 53.88 -77.90 21.42
CA SER B 258 53.41 -79.02 22.22
C SER B 258 52.75 -78.45 23.47
N ILE B 259 51.43 -78.60 23.57
CA ILE B 259 50.65 -78.11 24.70
C ILE B 259 50.05 -79.30 25.42
N GLU B 260 50.29 -79.39 26.72
CA GLU B 260 49.77 -80.46 27.55
C GLU B 260 49.06 -79.86 28.75
N SER B 261 48.03 -80.57 29.23
CA SER B 261 47.25 -80.10 30.37
C SER B 261 46.70 -81.31 31.12
N ASN B 262 46.71 -81.22 32.44
CA ASN B 262 46.20 -82.27 33.31
C ASN B 262 45.35 -81.66 34.41
N ALA B 263 44.25 -82.32 34.74
CA ALA B 263 43.33 -81.85 35.76
C ALA B 263 42.88 -83.04 36.60
N SER B 264 42.83 -82.85 37.92
CA SER B 264 42.43 -83.89 38.85
C SER B 264 41.55 -83.27 39.93
N TYR B 265 40.47 -83.99 40.27
CA TYR B 265 39.50 -83.58 41.28
C TYR B 265 39.17 -84.80 42.14
N ASN B 266 39.26 -84.65 43.46
CA ASN B 266 39.19 -85.79 44.37
C ASN B 266 38.27 -85.50 45.55
N GLU B 267 37.05 -85.04 45.27
CA GLU B 267 36.11 -84.76 46.34
C GLU B 267 35.69 -86.02 47.09
N VAL B 268 35.74 -85.98 48.42
CA VAL B 268 35.34 -87.10 49.25
C VAL B 268 34.52 -86.55 50.42
N ASN B 269 33.34 -87.13 50.64
CA ASN B 269 32.45 -86.72 51.72
C ASN B 269 32.12 -87.92 52.60
N PHE B 270 31.94 -87.66 53.90
CA PHE B 270 31.61 -88.73 54.84
C PHE B 270 30.82 -88.14 56.00
N ALA B 271 29.73 -88.82 56.39
CA ALA B 271 28.90 -88.36 57.49
C ALA B 271 28.49 -89.56 58.33
N LEU B 272 28.31 -89.33 59.63
CA LEU B 272 27.89 -90.36 60.57
C LEU B 272 26.79 -89.81 61.46
N LYS B 273 25.76 -89.23 60.84
CA LYS B 273 24.65 -88.67 61.58
C LYS B 273 23.74 -89.76 62.12
N LEU B 285 25.87 -88.07 68.06
CA LEU B 285 27.06 -88.02 67.23
C LEU B 285 26.74 -87.45 65.85
N ASN B 286 27.52 -86.45 65.44
CA ASN B 286 27.36 -85.77 64.16
C ASN B 286 28.70 -85.63 63.46
N ILE B 287 29.45 -86.74 63.38
CA ILE B 287 30.77 -86.72 62.78
C ILE B 287 30.65 -86.43 61.28
N ASP B 288 31.42 -85.47 60.80
CA ASP B 288 31.43 -85.08 59.40
C ASP B 288 32.87 -84.97 58.93
N SER B 289 33.09 -85.25 57.64
CA SER B 289 34.42 -85.20 57.06
C SER B 289 34.32 -84.86 55.58
N ASN B 290 35.23 -84.02 55.11
CA ASN B 290 35.27 -83.62 53.71
C ASN B 290 36.72 -83.45 53.29
N SER B 291 37.03 -83.87 52.06
CA SER B 291 38.38 -83.79 51.52
C SER B 291 38.29 -83.42 50.05
N LYS B 292 38.73 -82.21 49.72
CA LYS B 292 38.72 -81.71 48.34
C LYS B 292 40.16 -81.52 47.87
N LYS B 293 40.46 -82.03 46.69
CA LYS B 293 41.81 -81.92 46.13
C LYS B 293 41.68 -81.64 44.64
N ILE B 294 42.18 -80.47 44.22
CA ILE B 294 42.19 -80.06 42.82
C ILE B 294 43.64 -79.85 42.41
N LEU B 295 44.06 -80.57 41.37
CA LEU B 295 45.42 -80.48 40.85
C LEU B 295 45.36 -80.12 39.38
N GLU B 296 46.00 -79.01 39.00
CA GLU B 296 46.02 -78.56 37.61
C GLU B 296 47.45 -78.36 37.18
N GLU B 297 47.82 -78.95 36.05
CA GLU B 297 49.15 -78.82 35.49
C GLU B 297 49.04 -78.43 34.03
N SER B 298 49.97 -77.60 33.56
CA SER B 298 49.97 -77.13 32.19
C SER B 298 51.41 -77.09 31.68
N ASP B 299 51.55 -77.19 30.36
CA ASP B 299 52.86 -77.15 29.73
C ASP B 299 52.69 -76.69 28.29
N LEU B 300 53.66 -75.92 27.79
CA LEU B 300 53.60 -75.39 26.43
C LEU B 300 55.02 -75.14 25.96
N SER B 301 55.51 -75.98 25.07
CA SER B 301 56.86 -75.85 24.52
C SER B 301 56.79 -75.49 23.04
N VAL B 302 57.50 -74.44 22.65
CA VAL B 302 57.51 -73.95 21.28
C VAL B 302 58.96 -73.88 20.80
N TYR B 303 59.18 -74.24 19.54
CA TYR B 303 60.50 -74.18 18.90
C TYR B 303 60.32 -73.72 17.47
N LEU B 304 60.72 -72.49 17.17
CA LEU B 304 60.59 -71.93 15.83
C LEU B 304 61.96 -71.63 15.25
N VAL B 305 62.14 -71.92 13.97
CA VAL B 305 63.37 -71.66 13.24
C VAL B 305 63.01 -70.80 12.04
N GLY B 306 63.39 -69.53 12.10
CA GLY B 306 63.11 -68.60 11.04
C GLY B 306 61.71 -68.01 11.12
N GLY B 307 61.34 -67.31 10.06
CA GLY B 307 60.06 -66.65 10.01
C GLY B 307 60.12 -65.23 10.54
N ARG B 308 58.97 -64.56 10.43
CA ARG B 308 58.85 -63.19 10.91
C ARG B 308 58.95 -63.16 12.42
N GLY B 309 59.78 -62.25 12.94
CA GLY B 309 59.96 -62.17 14.39
C GLY B 309 58.71 -61.74 15.13
N THR B 310 57.98 -60.77 14.57
CA THR B 310 56.77 -60.27 15.21
C THR B 310 55.73 -61.37 15.36
N ASP B 311 55.54 -62.19 14.33
CA ASP B 311 54.61 -63.30 14.42
C ASP B 311 55.17 -64.43 15.26
N ALA B 312 56.49 -64.59 15.27
CA ALA B 312 57.11 -65.67 16.03
C ALA B 312 56.95 -65.45 17.53
N VAL B 313 57.08 -64.21 17.99
CA VAL B 313 56.98 -63.96 19.42
C VAL B 313 55.56 -63.99 19.94
N GLN B 314 54.57 -64.06 19.05
CA GLN B 314 53.17 -64.11 19.44
C GLN B 314 52.68 -65.53 19.68
N VAL B 315 53.52 -66.53 19.47
CA VAL B 315 53.12 -67.93 19.66
C VAL B 315 53.03 -68.25 21.14
N ILE B 316 53.39 -67.29 21.99
CA ILE B 316 53.33 -67.53 23.43
C ILE B 316 51.89 -67.58 23.94
N LYS B 317 50.94 -67.11 23.13
CA LYS B 317 49.54 -67.05 23.55
C LYS B 317 48.79 -68.31 23.10
N GLY B 318 49.26 -69.45 23.59
CA GLY B 318 48.61 -70.72 23.29
C GLY B 318 48.69 -71.10 21.83
N PHE B 319 47.70 -71.88 21.38
CA PHE B 319 47.61 -72.28 19.98
C PHE B 319 46.85 -71.26 19.15
N ALA B 320 47.25 -70.01 19.25
CA ALA B 320 46.72 -68.93 18.45
C ALA B 320 47.84 -68.23 17.70
N GLY B 321 48.97 -67.99 18.37
CA GLY B 321 50.13 -67.47 17.69
C GLY B 321 50.69 -68.49 16.72
N PHE B 322 50.68 -69.77 17.10
CA PHE B 322 51.06 -70.81 16.16
C PHE B 322 49.84 -71.20 15.34
N SER B 323 49.11 -70.19 14.89
CA SER B 323 48.11 -70.29 13.83
C SER B 323 48.16 -69.11 12.90
N ASN B 324 48.81 -68.01 13.29
CA ASN B 324 49.09 -66.89 12.42
C ASN B 324 50.54 -66.79 12.05
N PHE B 325 51.45 -67.36 12.85
CA PHE B 325 52.85 -67.40 12.46
C PHE B 325 53.02 -68.16 11.16
N ILE B 326 52.12 -69.10 10.89
CA ILE B 326 52.16 -69.86 9.65
C ILE B 326 51.43 -69.15 8.52
N VAL B 327 50.25 -68.58 8.79
CA VAL B 327 49.45 -68.00 7.73
C VAL B 327 49.89 -66.59 7.36
N ASN B 328 50.75 -65.95 8.15
CA ASN B 328 51.25 -64.62 7.85
C ASN B 328 52.64 -64.65 7.25
N GLY B 329 53.16 -65.82 6.91
CA GLY B 329 54.48 -65.91 6.33
C GLY B 329 54.58 -66.92 5.19
N GLY B 330 53.46 -67.17 4.53
CA GLY B 330 53.46 -68.10 3.43
C GLY B 330 54.30 -67.64 2.26
N GLN B 331 54.20 -66.36 1.90
CA GLN B 331 55.02 -65.79 0.84
C GLN B 331 56.29 -65.21 1.46
N PHE B 332 57.44 -65.68 1.03
CA PHE B 332 58.70 -65.21 1.58
C PHE B 332 59.16 -63.97 0.82
N THR B 333 59.41 -62.92 1.56
CA THR B 333 59.80 -61.60 1.10
C THR B 333 61.32 -61.47 1.16
N PRO B 334 61.93 -60.54 0.41
CA PRO B 334 63.38 -60.39 0.53
C PRO B 334 63.80 -59.83 1.89
N GLU B 335 62.88 -59.23 2.65
CA GLU B 335 63.17 -58.89 4.03
C GLU B 335 63.18 -60.12 4.95
N ALA B 336 62.53 -61.22 4.54
CA ALA B 336 62.49 -62.45 5.32
C ALA B 336 62.85 -63.60 4.39
N PRO B 337 64.14 -63.74 4.07
CA PRO B 337 64.55 -64.78 3.11
C PRO B 337 64.34 -66.20 3.58
N GLY B 338 64.27 -66.42 4.89
CA GLY B 338 64.20 -67.77 5.42
C GLY B 338 65.55 -68.21 5.97
N VAL B 339 65.55 -69.38 6.58
CA VAL B 339 66.74 -69.90 7.26
C VAL B 339 67.14 -71.21 6.61
N PRO B 340 68.43 -71.46 6.38
CA PRO B 340 68.85 -72.79 5.88
C PRO B 340 68.44 -73.86 6.87
N ILE B 341 67.55 -74.74 6.43
CA ILE B 341 66.98 -75.78 7.28
C ILE B 341 67.42 -77.17 6.84
N TYR B 342 67.56 -77.39 5.54
CA TYR B 342 67.99 -78.68 5.02
C TYR B 342 69.08 -78.47 3.98
N PHE B 343 69.89 -79.49 3.79
CA PHE B 343 70.94 -79.42 2.78
C PHE B 343 71.22 -80.82 2.27
N SER B 344 71.76 -80.90 1.07
CA SER B 344 72.07 -82.16 0.42
C SER B 344 73.51 -82.15 -0.04
N ALA B 345 74.15 -83.31 0.03
CA ALA B 345 75.56 -83.42 -0.34
C ALA B 345 75.73 -84.58 -1.31
N SER B 346 76.82 -84.53 -2.07
CA SER B 346 77.11 -85.52 -3.08
C SER B 346 78.58 -85.92 -2.98
N HIS B 347 78.87 -87.15 -3.39
CA HIS B 347 80.24 -87.65 -3.40
C HIS B 347 81.08 -86.89 -4.42
N ALA B 348 82.37 -86.73 -4.11
CA ALA B 348 83.28 -86.04 -5.01
C ALA B 348 83.96 -86.98 -6.00
N SER B 349 83.80 -88.29 -5.83
CA SER B 349 84.46 -89.24 -6.72
C SER B 349 83.66 -89.44 -8.00
N ASP B 350 82.44 -89.94 -7.89
CA ASP B 350 81.58 -90.19 -9.05
C ASP B 350 80.44 -89.19 -9.15
N ASN B 351 80.44 -88.14 -8.32
CA ASN B 351 79.39 -87.12 -8.32
C ASN B 351 78.02 -87.72 -8.04
N SER B 352 77.98 -88.83 -7.32
CA SER B 352 76.74 -89.50 -6.99
C SER B 352 76.12 -88.88 -5.73
N VAL B 353 74.84 -89.18 -5.52
CA VAL B 353 74.12 -88.64 -4.38
C VAL B 353 74.58 -89.32 -3.11
N TYR B 354 74.96 -88.53 -2.11
CA TYR B 354 75.44 -89.05 -0.84
C TYR B 354 74.27 -89.29 0.09
N TYR B 355 74.19 -90.50 0.65
CA TYR B 355 73.14 -90.89 1.57
C TYR B 355 73.75 -91.15 2.95
N THR B 356 73.19 -90.51 3.97
CA THR B 356 73.66 -90.67 5.33
C THR B 356 72.66 -91.48 6.14
N THR B 357 73.17 -92.19 7.14
CA THR B 357 72.32 -93.02 7.99
C THR B 357 72.13 -92.39 9.36
N THR C 81 77.84 -83.30 25.32
CA THR C 81 78.49 -82.52 24.28
C THR C 81 77.49 -81.60 23.57
N SER C 82 77.86 -80.34 23.43
CA SER C 82 77.02 -79.35 22.78
C SER C 82 77.84 -78.53 21.79
N ASP C 83 77.17 -78.02 20.77
CA ASP C 83 77.81 -77.21 19.74
C ASP C 83 77.83 -75.73 20.09
N GLN C 84 76.78 -75.24 20.74
CA GLN C 84 76.66 -73.84 21.12
C GLN C 84 76.90 -73.70 22.62
N ILE C 85 77.75 -72.76 22.99
CA ILE C 85 78.13 -72.51 24.38
C ILE C 85 77.52 -71.19 24.79
N VAL C 86 76.86 -71.18 25.96
CA VAL C 86 76.26 -69.97 26.49
C VAL C 86 77.36 -68.98 26.85
N VAL C 87 77.16 -67.71 26.51
CA VAL C 87 78.16 -66.69 26.76
C VAL C 87 78.24 -66.42 28.25
N THR C 88 79.41 -66.62 28.84
CA THR C 88 79.65 -66.34 30.25
C THR C 88 80.62 -65.19 30.47
N VAL C 89 81.55 -64.99 29.56
CA VAL C 89 82.50 -63.88 29.63
C VAL C 89 82.34 -63.05 28.36
N PRO C 90 81.49 -62.02 28.39
CA PRO C 90 81.28 -61.20 27.19
C PRO C 90 82.55 -60.52 26.70
N GLN C 91 83.47 -60.17 27.60
CA GLN C 91 84.71 -59.54 27.18
C GLN C 91 85.54 -60.45 26.29
N LYS C 92 85.64 -61.73 26.64
CA LYS C 92 86.44 -62.65 25.88
C LYS C 92 85.66 -63.38 24.80
N THR C 93 84.35 -63.20 24.74
CA THR C 93 83.52 -63.88 23.75
C THR C 93 83.36 -62.96 22.55
N PHE C 94 84.36 -63.02 21.66
CA PHE C 94 84.32 -62.29 20.40
C PHE C 94 84.79 -63.21 19.30
N ILE C 95 84.33 -62.94 18.08
CA ILE C 95 84.68 -63.78 16.95
C ILE C 95 86.16 -63.64 16.63
N GLY C 96 86.76 -64.74 16.16
CA GLY C 96 88.17 -64.73 15.80
C GLY C 96 89.14 -64.85 16.96
N GLY C 97 88.66 -65.05 18.18
CA GLY C 97 89.54 -65.17 19.34
C GLY C 97 89.94 -66.61 19.58
N VAL C 98 91.24 -66.83 19.80
CA VAL C 98 91.80 -68.16 20.01
C VAL C 98 92.04 -68.37 21.49
N TYR C 99 91.55 -69.48 22.02
CA TYR C 99 91.69 -69.83 23.42
C TYR C 99 92.07 -71.30 23.53
N ASN C 100 92.35 -71.72 24.76
CA ASN C 100 92.62 -73.12 25.06
C ASN C 100 91.30 -73.82 25.35
N SER C 101 91.20 -75.08 24.91
CA SER C 101 89.98 -75.84 25.12
C SER C 101 89.70 -76.06 26.60
N THR C 102 90.73 -76.40 27.38
CA THR C 102 90.54 -76.61 28.80
C THR C 102 90.13 -75.33 29.52
N THR C 103 90.77 -74.21 29.17
CA THR C 103 90.44 -72.93 29.79
C THR C 103 89.01 -72.51 29.43
N LEU C 104 88.61 -72.73 28.18
CA LEU C 104 87.24 -72.43 27.80
C LEU C 104 86.24 -73.35 28.50
N ASP C 105 86.64 -74.60 28.75
CA ASP C 105 85.77 -75.54 29.45
C ASP C 105 85.56 -75.13 30.90
N ASN C 106 86.63 -74.74 31.60
CA ASN C 106 86.53 -74.33 32.98
C ASN C 106 86.38 -72.82 33.15
N LEU C 107 85.99 -72.12 32.08
CA LEU C 107 85.66 -70.69 32.12
C LEU C 107 86.86 -69.83 32.51
N ASP C 108 88.06 -70.25 32.15
CA ASP C 108 89.25 -69.44 32.40
C ASP C 108 89.54 -68.51 31.22
N TYR C 109 89.37 -69.01 30.00
CA TYR C 109 89.51 -68.23 28.78
C TYR C 109 90.92 -67.62 28.71
N THR C 110 91.92 -68.48 28.66
CA THR C 110 93.28 -68.01 28.49
C THR C 110 93.56 -67.80 27.01
N PRO C 111 93.83 -66.58 26.57
CA PRO C 111 94.04 -66.35 25.15
C PRO C 111 95.38 -66.89 24.68
N ILE C 112 95.45 -67.16 23.39
CA ILE C 112 96.68 -67.58 22.73
C ILE C 112 97.14 -66.39 21.89
N SER C 113 98.17 -65.70 22.35
CA SER C 113 98.64 -64.47 21.74
C SER C 113 99.58 -64.80 20.60
N TYR C 114 99.02 -65.04 19.43
CA TYR C 114 99.77 -65.29 18.21
C TYR C 114 99.10 -64.56 17.06
N PRO C 115 99.88 -64.13 16.07
CA PRO C 115 99.30 -63.42 14.92
C PRO C 115 98.31 -64.31 14.17
N LEU C 116 97.27 -63.68 13.64
CA LEU C 116 96.22 -64.37 12.91
C LEU C 116 95.98 -63.66 11.58
N ASP C 117 95.65 -64.45 10.56
CA ASP C 117 95.33 -63.89 9.26
C ASP C 117 94.00 -63.14 9.34
N PRO C 118 93.79 -62.17 8.45
CA PRO C 118 92.50 -61.47 8.43
C PRO C 118 91.36 -62.45 8.21
N ILE C 119 90.27 -62.22 8.93
CA ILE C 119 89.13 -63.13 8.95
C ILE C 119 87.95 -62.48 8.25
N THR C 120 87.23 -63.28 7.47
CA THR C 120 86.02 -62.84 6.80
C THR C 120 84.81 -63.25 7.64
N VAL C 121 83.93 -62.30 7.90
CA VAL C 121 82.75 -62.51 8.74
C VAL C 121 81.51 -62.21 7.92
N SER C 122 80.47 -63.02 8.13
CA SER C 122 79.21 -62.86 7.44
C SER C 122 78.09 -62.76 8.47
N TYR C 123 77.04 -62.03 8.10
CA TYR C 123 75.91 -61.81 9.01
C TYR C 123 74.67 -62.55 8.50
N SER C 124 73.91 -63.12 9.44
CA SER C 124 72.72 -63.86 9.04
C SER C 124 71.62 -62.95 8.48
N PHE C 125 71.52 -61.71 8.97
CA PHE C 125 70.47 -60.83 8.51
C PHE C 125 70.84 -60.21 7.15
N PRO C 126 69.85 -59.92 6.31
CA PRO C 126 70.14 -59.27 5.03
C PRO C 126 70.50 -57.80 5.21
N SER C 127 71.66 -57.43 4.67
CA SER C 127 72.14 -56.05 4.73
C SER C 127 73.16 -55.83 3.63
N ASP C 128 73.41 -54.57 3.32
CA ASP C 128 74.42 -54.23 2.33
C ASP C 128 75.81 -54.65 2.81
N PHE C 129 76.10 -54.41 4.07
CA PHE C 129 77.38 -54.80 4.68
C PHE C 129 77.23 -56.16 5.37
N ILE C 130 76.88 -57.16 4.57
CA ILE C 130 76.66 -58.51 5.08
C ILE C 130 77.95 -59.33 5.15
N VAL C 131 78.97 -58.95 4.38
CA VAL C 131 80.26 -59.63 4.36
C VAL C 131 81.34 -58.60 4.69
N ASP C 132 81.86 -58.67 5.91
CA ASP C 132 82.92 -57.78 6.37
C ASP C 132 84.22 -58.55 6.55
N THR C 133 85.31 -57.79 6.71
CA THR C 133 86.63 -58.35 6.92
C THR C 133 87.29 -57.65 8.09
N ILE C 134 87.92 -58.42 8.97
CA ILE C 134 88.57 -57.90 10.16
C ILE C 134 90.01 -58.37 10.15
N GLU C 135 90.96 -57.42 10.12
CA GLU C 135 92.37 -57.78 10.09
C GLU C 135 92.83 -58.33 11.44
N ARG C 136 92.45 -57.65 12.53
CA ARG C 136 92.83 -58.06 13.88
C ARG C 136 91.57 -58.38 14.67
N PRO C 137 91.24 -59.66 14.85
CA PRO C 137 90.03 -60.02 15.61
C PRO C 137 90.08 -59.50 17.04
N SER C 138 89.09 -58.68 17.38
CA SER C 138 88.99 -58.12 18.73
C SER C 138 87.54 -57.79 19.01
N LEU C 139 87.23 -57.61 20.30
CA LEU C 139 85.87 -57.28 20.70
C LEU C 139 85.43 -55.94 20.12
N SER C 140 86.31 -54.94 20.16
CA SER C 140 85.96 -53.63 19.62
C SER C 140 85.72 -53.70 18.12
N SER C 141 86.56 -54.45 17.40
CA SER C 141 86.36 -54.59 15.96
C SER C 141 85.06 -55.32 15.64
N MET C 142 84.74 -56.36 16.40
CA MET C 142 83.48 -57.07 16.18
C MET C 142 82.27 -56.17 16.46
N ARG C 143 82.34 -55.39 17.54
CA ARG C 143 81.24 -54.47 17.86
C ARG C 143 81.09 -53.41 16.78
N ALA C 144 82.19 -52.83 16.31
CA ALA C 144 82.13 -51.81 15.27
C ALA C 144 81.59 -52.38 13.97
N SER C 145 82.01 -53.60 13.61
CA SER C 145 81.52 -54.21 12.39
C SER C 145 80.02 -54.50 12.49
N VAL C 146 79.56 -54.96 13.65
CA VAL C 146 78.12 -55.19 13.83
C VAL C 146 77.35 -53.88 13.74
N PHE C 147 77.88 -52.82 14.35
CA PHE C 147 77.22 -51.52 14.29
C PHE C 147 77.10 -51.02 12.86
N LYS C 148 78.20 -51.08 12.10
CA LYS C 148 78.17 -50.63 10.70
C LYS C 148 77.24 -51.49 9.85
N ALA C 149 77.28 -52.81 10.05
CA ALA C 149 76.45 -53.70 9.25
C ALA C 149 74.97 -53.44 9.50
N MET C 150 74.59 -53.23 10.77
CA MET C 150 73.18 -53.04 11.09
C MET C 150 72.73 -51.61 10.82
N ARG C 151 73.65 -50.66 10.67
CA ARG C 151 73.28 -49.32 10.23
C ARG C 151 73.39 -49.13 8.72
N ALA C 152 73.85 -50.14 7.99
CA ALA C 152 73.96 -50.03 6.55
C ALA C 152 72.58 -50.08 5.89
N ALA C 153 72.56 -49.79 4.58
CA ALA C 153 71.32 -49.78 3.82
C ALA C 153 70.82 -51.21 3.58
N ASN C 154 69.53 -51.31 3.24
CA ASN C 154 68.87 -52.58 2.96
C ASN C 154 68.99 -53.54 4.14
N PHE C 155 68.92 -53.01 5.35
CA PHE C 155 68.95 -53.82 6.56
C PHE C 155 67.53 -54.14 7.01
N SER C 156 67.30 -55.40 7.38
CA SER C 156 65.99 -55.86 7.80
C SER C 156 66.18 -56.76 9.01
N GLY C 157 65.63 -56.32 10.15
CA GLY C 157 65.58 -57.14 11.34
C GLY C 157 64.23 -57.81 11.46
N GLU C 158 63.49 -57.83 10.35
CA GLU C 158 62.13 -58.35 10.37
C GLU C 158 62.12 -59.85 10.67
N GLN C 159 63.07 -60.59 10.12
CA GLN C 159 63.13 -62.03 10.31
C GLN C 159 64.20 -62.39 11.33
N SER C 160 63.84 -63.21 12.30
CA SER C 160 64.77 -63.70 13.31
C SER C 160 65.29 -65.08 12.90
N LEU C 161 66.07 -65.69 13.77
CA LEU C 161 66.68 -66.98 13.51
C LEU C 161 66.09 -68.09 14.34
N ALA C 162 65.87 -67.87 15.63
CA ALA C 162 65.28 -68.94 16.44
C ALA C 162 64.46 -68.33 17.56
N PHE C 163 63.49 -69.11 18.06
CA PHE C 163 62.62 -68.64 19.13
C PHE C 163 62.15 -69.86 19.91
N ASP C 164 62.68 -70.04 21.11
CA ASP C 164 62.32 -71.14 21.99
C ASP C 164 61.48 -70.61 23.14
N TYR C 165 60.37 -71.26 23.42
CA TYR C 165 59.49 -70.89 24.51
C TYR C 165 59.13 -72.14 25.31
N ASN C 166 58.96 -71.96 26.62
CA ASN C 166 58.60 -73.06 27.49
C ASN C 166 57.93 -72.50 28.74
N ILE C 167 56.75 -73.00 29.06
CA ILE C 167 56.02 -72.57 30.25
C ILE C 167 55.51 -73.80 30.97
N LYS C 168 55.50 -73.73 32.30
CA LYS C 168 55.01 -74.82 33.15
C LYS C 168 54.16 -74.19 34.24
N GLN C 169 52.86 -74.47 34.20
CA GLN C 169 51.91 -73.98 35.19
C GLN C 169 51.43 -75.15 36.04
N PHE C 170 51.43 -74.97 37.35
CA PHE C 170 50.99 -76.02 38.27
C PHE C 170 50.21 -75.36 39.41
N SER C 171 49.22 -76.08 39.91
CA SER C 171 48.38 -75.54 40.97
C SER C 171 47.78 -76.69 41.76
N TYR C 172 48.19 -76.82 43.02
CA TYR C 172 47.61 -77.78 43.95
C TYR C 172 46.48 -77.14 44.75
N TYR C 173 45.68 -78.00 45.37
CA TYR C 173 44.59 -77.55 46.22
C TYR C 173 44.32 -78.64 47.27
N SER C 174 43.91 -78.21 48.45
CA SER C 174 43.58 -79.15 49.52
C SER C 174 42.55 -78.50 50.43
N GLU C 175 41.54 -79.28 50.83
CA GLU C 175 40.47 -78.76 51.67
C GLU C 175 39.95 -79.86 52.58
N LEU C 176 40.05 -79.64 53.89
CA LEU C 176 39.52 -80.53 54.91
C LEU C 176 38.47 -79.77 55.71
N LYS C 177 37.34 -80.44 55.98
CA LYS C 177 36.20 -79.85 56.68
C LYS C 177 35.70 -80.79 57.77
N ILE C 178 36.62 -81.27 58.60
CA ILE C 178 36.27 -82.23 59.65
C ILE C 178 35.36 -81.56 60.68
N ALA C 179 34.27 -82.24 61.03
CA ALA C 179 33.33 -81.71 62.02
C ALA C 179 32.92 -82.83 62.97
N PHE C 180 32.52 -82.44 64.17
CA PHE C 180 32.09 -83.41 65.18
C PHE C 180 30.88 -82.89 65.95
N ILE C 194 29.21 -80.62 73.59
CA ILE C 194 30.53 -80.80 73.00
C ILE C 194 30.42 -80.77 71.48
N SER C 195 31.22 -79.90 70.86
CA SER C 195 31.25 -79.75 69.42
C SER C 195 32.70 -79.65 68.97
N GLY C 196 32.90 -79.32 67.70
CA GLY C 196 34.24 -79.18 67.17
C GLY C 196 34.30 -79.14 65.65
N SER C 197 35.14 -78.27 65.11
CA SER C 197 35.29 -78.14 63.67
C SER C 197 36.74 -77.83 63.34
N ASN C 198 37.17 -78.32 62.17
CA ASN C 198 38.53 -78.13 61.69
C ASN C 198 38.46 -77.94 60.18
N ASN C 199 38.69 -76.71 59.73
CA ASN C 199 38.69 -76.33 58.32
C ASN C 199 40.12 -75.97 57.92
N LYS C 200 40.71 -76.80 57.05
CA LYS C 200 42.07 -76.60 56.56
C LYS C 200 42.03 -76.39 55.05
N ILE C 201 42.68 -75.33 54.59
CA ILE C 201 42.75 -75.00 53.17
C ILE C 201 44.21 -74.81 52.80
N LYS C 202 44.64 -75.44 51.72
CA LYS C 202 46.01 -75.33 51.24
C LYS C 202 46.02 -75.05 49.75
N ARG C 203 46.83 -74.10 49.31
CA ARG C 203 46.96 -73.74 47.91
C ARG C 203 48.43 -73.56 47.59
N THR C 204 48.83 -73.98 46.40
CA THR C 204 50.22 -73.85 45.96
C THR C 204 50.21 -73.68 44.44
N THR C 205 50.56 -72.49 43.97
CA THR C 205 50.56 -72.16 42.55
C THR C 205 51.97 -71.83 42.09
N GLY C 206 52.33 -72.26 40.89
CA GLY C 206 53.64 -71.99 40.35
C GLY C 206 53.71 -71.94 38.83
N VAL C 207 54.27 -70.85 38.31
CA VAL C 207 54.45 -70.65 36.88
C VAL C 207 55.93 -70.44 36.62
N PHE C 208 56.53 -71.30 35.80
CA PHE C 208 57.93 -71.18 35.42
C PHE C 208 58.00 -71.03 33.91
N ALA C 209 58.67 -69.98 33.43
CA ALA C 209 58.73 -69.70 32.00
C ALA C 209 60.15 -69.40 31.58
N LYS C 210 60.58 -70.02 30.50
CA LYS C 210 61.88 -69.75 29.88
C LYS C 210 61.68 -69.43 28.41
N PHE C 211 62.37 -68.41 27.93
CA PHE C 211 62.25 -67.99 26.56
C PHE C 211 63.61 -67.51 26.06
N THR C 212 63.94 -67.89 24.84
CA THR C 212 65.15 -67.41 24.19
C THR C 212 64.82 -67.05 22.75
N GLN C 213 65.46 -66.00 22.26
CA GLN C 213 65.29 -65.59 20.88
C GLN C 213 66.68 -65.35 20.30
N LYS C 214 66.92 -65.88 19.10
CA LYS C 214 68.18 -65.70 18.40
C LYS C 214 67.89 -64.79 17.23
N ASN C 215 68.21 -63.50 17.41
CA ASN C 215 67.98 -62.49 16.38
C ASN C 215 68.85 -62.75 15.15
N PHE C 216 70.15 -62.96 15.37
CA PHE C 216 71.04 -63.21 14.25
C PHE C 216 72.36 -63.77 14.76
N THR C 217 73.21 -64.19 13.84
CA THR C 217 74.56 -64.61 14.18
C THR C 217 75.55 -64.01 13.19
N ILE C 218 76.76 -63.80 13.69
CA ILE C 218 77.90 -63.42 12.87
C ILE C 218 78.82 -64.64 12.83
N ASP C 219 79.12 -65.10 11.62
CA ASP C 219 79.88 -66.31 11.39
C ASP C 219 81.22 -65.98 10.76
N MET C 220 82.17 -66.89 10.95
CA MET C 220 83.52 -66.73 10.45
C MET C 220 83.78 -67.75 9.34
N ASP C 221 84.40 -67.28 8.25
CA ASP C 221 84.71 -68.16 7.14
C ASP C 221 85.93 -69.01 7.45
N LEU C 222 85.97 -70.20 6.86
CA LEU C 222 87.12 -71.07 7.02
C LEU C 222 88.32 -70.44 6.31
N PRO C 223 89.52 -70.57 6.90
CA PRO C 223 90.70 -69.96 6.27
C PRO C 223 91.00 -70.56 4.90
N ALA C 224 91.45 -69.70 3.99
CA ALA C 224 91.83 -70.17 2.66
C ALA C 224 93.05 -71.08 2.73
N ASP C 225 94.03 -70.73 3.57
CA ASP C 225 95.23 -71.54 3.74
C ASP C 225 94.97 -72.79 4.57
N GLY C 226 93.84 -72.87 5.26
CA GLY C 226 93.52 -73.99 6.12
C GLY C 226 93.96 -73.82 7.55
N ASN C 227 94.67 -72.74 7.86
CA ASN C 227 95.13 -72.45 9.21
C ASN C 227 94.80 -70.99 9.53
N ILE C 228 94.29 -70.76 10.73
CA ILE C 228 93.93 -69.39 11.14
C ILE C 228 95.18 -68.56 11.41
N PHE C 229 96.29 -69.21 11.77
CA PHE C 229 97.50 -68.48 12.11
C PHE C 229 98.19 -67.94 10.87
N LYS C 230 98.74 -66.73 10.99
CA LYS C 230 99.41 -66.09 9.87
C LYS C 230 100.74 -66.77 9.55
N ASN C 231 101.55 -67.07 10.57
CA ASN C 231 102.85 -67.68 10.33
C ASN C 231 102.77 -69.14 9.94
N ASN C 232 101.67 -69.82 10.26
CA ASN C 232 101.41 -71.24 9.99
C ASN C 232 102.31 -72.16 10.80
N SER C 233 103.24 -71.65 11.58
CA SER C 233 104.04 -72.46 12.49
C SER C 233 103.55 -72.38 13.92
N ASP C 234 102.72 -71.38 14.23
CA ASP C 234 102.15 -71.29 15.57
C ASP C 234 101.26 -72.49 15.87
N LEU C 235 100.67 -73.10 14.85
CA LEU C 235 99.87 -74.30 15.08
C LEU C 235 100.71 -75.41 15.68
N ALA C 236 101.92 -75.60 15.18
CA ALA C 236 102.84 -76.55 15.80
C ALA C 236 103.44 -76.01 17.09
N LEU C 237 103.50 -74.69 17.24
CA LEU C 237 104.04 -74.10 18.46
C LEU C 237 103.13 -74.37 19.66
N THR C 238 101.81 -74.32 19.46
CA THR C 238 100.87 -74.54 20.55
C THR C 238 100.43 -76.00 20.68
N ASN C 239 101.28 -76.95 20.29
CA ASN C 239 100.97 -78.34 20.52
C ASN C 239 100.82 -78.61 22.01
N GLY C 240 99.73 -79.27 22.39
CA GLY C 240 99.40 -79.48 23.78
C GLY C 240 98.59 -78.38 24.42
N LYS C 241 98.44 -77.24 23.74
CA LYS C 241 97.64 -76.13 24.26
C LYS C 241 96.20 -76.17 23.77
N ASN C 242 95.86 -77.12 22.90
CA ASN C 242 94.52 -77.30 22.35
C ASN C 242 94.00 -75.98 21.77
N PRO C 243 94.54 -75.53 20.64
CA PRO C 243 94.09 -74.25 20.08
C PRO C 243 92.68 -74.35 19.53
N VAL C 244 91.80 -73.50 20.04
CA VAL C 244 90.40 -73.45 19.61
C VAL C 244 90.01 -71.99 19.46
N TYR C 245 89.36 -71.65 18.35
CA TYR C 245 88.99 -70.27 18.07
C TYR C 245 87.48 -70.18 17.87
N ILE C 246 86.89 -69.10 18.40
CA ILE C 246 85.47 -68.89 18.23
C ILE C 246 85.18 -68.46 16.80
N SER C 247 84.21 -69.11 16.16
CA SER C 247 83.87 -68.86 14.77
C SER C 247 82.44 -68.39 14.57
N SER C 248 81.64 -68.26 15.62
CA SER C 248 80.26 -67.83 15.46
C SER C 248 79.78 -67.22 16.77
N VAL C 249 79.11 -66.08 16.66
CA VAL C 249 78.53 -65.39 17.82
C VAL C 249 77.06 -65.11 17.53
N THR C 250 76.19 -65.51 18.46
CA THR C 250 74.75 -65.36 18.31
C THR C 250 74.26 -64.18 19.16
N TYR C 251 73.59 -63.24 18.52
CA TYR C 251 72.97 -62.10 19.17
C TYR C 251 71.47 -62.37 19.32
N GLY C 252 70.97 -62.17 20.53
CA GLY C 252 69.57 -62.40 20.81
C GLY C 252 69.19 -61.97 22.21
N ARG C 253 68.06 -62.47 22.69
CA ARG C 253 67.52 -62.12 23.99
C ARG C 253 67.22 -63.39 24.79
N LEU C 254 67.29 -63.25 26.12
CA LEU C 254 67.01 -64.33 27.05
C LEU C 254 66.01 -63.84 28.09
N GLY C 255 65.18 -64.73 28.58
CA GLY C 255 64.23 -64.38 29.62
C GLY C 255 63.74 -65.55 30.45
N ILE C 256 63.85 -65.45 31.77
CA ILE C 256 63.39 -66.48 32.67
C ILE C 256 62.54 -65.84 33.75
N ILE C 257 61.38 -66.44 34.04
CA ILE C 257 60.51 -65.97 35.10
C ILE C 257 60.08 -67.17 35.94
N SER C 258 59.77 -66.90 37.20
CA SER C 258 59.34 -67.95 38.11
C SER C 258 58.50 -67.31 39.21
N ILE C 259 57.21 -67.61 39.21
CA ILE C 259 56.27 -67.07 40.18
C ILE C 259 55.72 -68.22 41.01
N GLU C 260 55.85 -68.11 42.33
CA GLU C 260 55.35 -69.11 43.26
C GLU C 260 54.45 -68.45 44.29
N SER C 261 53.47 -69.21 44.77
CA SER C 261 52.53 -68.71 45.75
C SER C 261 52.04 -69.86 46.62
N ASN C 262 51.90 -69.59 47.92
CA ASN C 262 51.43 -70.57 48.88
C ASN C 262 50.40 -69.93 49.80
N ALA C 263 49.35 -70.68 50.12
CA ALA C 263 48.29 -70.20 50.98
C ALA C 263 47.88 -71.31 51.94
N SER C 264 47.68 -70.95 53.21
CA SER C 264 47.29 -71.90 54.24
C SER C 264 46.23 -71.26 55.14
N TYR C 265 45.22 -72.04 55.48
CA TYR C 265 44.11 -71.64 56.33
C TYR C 265 43.82 -72.75 57.32
N ASN C 266 43.77 -72.43 58.61
CA ASN C 266 43.73 -73.43 59.67
C ASN C 266 42.66 -73.11 60.71
N GLU C 267 41.44 -72.85 60.25
CA GLU C 267 40.36 -72.54 61.19
C GLU C 267 40.01 -73.74 62.07
N VAL C 268 39.91 -73.51 63.38
CA VAL C 268 39.56 -74.55 64.34
C VAL C 268 38.55 -73.96 65.32
N ASN C 269 37.44 -74.65 65.53
CA ASN C 269 36.40 -74.22 66.45
C ASN C 269 36.12 -75.33 67.47
N PHE C 270 35.77 -74.93 68.69
CA PHE C 270 35.47 -75.88 69.75
C PHE C 270 34.49 -75.25 70.74
N ALA C 271 33.46 -75.99 71.11
CA ALA C 271 32.47 -75.51 72.07
C ALA C 271 32.11 -76.63 73.02
N LEU C 272 31.77 -76.25 74.26
CA LEU C 272 31.38 -77.18 75.30
C LEU C 272 30.12 -76.66 76.01
N LYS C 273 29.12 -76.31 75.21
CA LYS C 273 27.86 -75.79 75.75
C LYS C 273 27.04 -76.92 76.37
N LEU C 285 28.32 -74.19 82.17
CA LEU C 285 29.59 -74.10 81.44
C LEU C 285 29.36 -73.78 79.98
N ASN C 286 30.06 -72.75 79.49
CA ASN C 286 29.95 -72.26 78.12
C ASN C 286 31.34 -72.06 77.53
N ILE C 287 32.21 -73.05 77.68
CA ILE C 287 33.58 -72.94 77.20
C ILE C 287 33.58 -72.89 75.68
N ASP C 288 34.28 -71.90 75.12
CA ASP C 288 34.40 -71.71 73.70
C ASP C 288 35.86 -71.48 73.33
N SER C 289 36.24 -71.89 72.13
CA SER C 289 37.62 -71.76 71.67
C SER C 289 37.62 -71.64 70.16
N ASN C 290 38.48 -70.76 69.64
CA ASN C 290 38.63 -70.55 68.22
C ASN C 290 40.09 -70.26 67.90
N SER C 291 40.56 -70.79 66.78
CA SER C 291 41.95 -70.62 66.36
C SER C 291 41.97 -70.45 64.84
N LYS C 292 42.31 -69.25 64.37
CA LYS C 292 42.39 -68.96 62.95
C LYS C 292 43.84 -68.65 62.58
N LYS C 293 44.32 -69.27 61.51
CA LYS C 293 45.70 -69.07 61.07
C LYS C 293 45.69 -69.00 59.55
N ILE C 294 46.10 -67.85 59.01
CA ILE C 294 46.21 -67.63 57.58
C ILE C 294 47.66 -67.30 57.27
N LEU C 295 48.27 -68.09 56.39
CA LEU C 295 49.66 -67.90 55.97
C LEU C 295 49.71 -67.75 54.47
N GLU C 296 50.25 -66.64 53.99
CA GLU C 296 50.37 -66.37 52.57
C GLU C 296 51.81 -66.05 52.24
N GLU C 297 52.36 -66.74 51.24
CA GLU C 297 53.72 -66.52 50.78
C GLU C 297 53.72 -66.35 49.27
N SER C 298 54.60 -65.48 48.78
CA SER C 298 54.69 -65.19 47.36
C SER C 298 56.15 -65.04 46.98
N ASP C 299 56.45 -65.30 45.70
CA ASP C 299 57.80 -65.18 45.19
C ASP C 299 57.73 -64.94 43.69
N LEU C 300 58.65 -64.13 43.18
CA LEU C 300 58.68 -63.81 41.75
C LEU C 300 60.11 -63.43 41.37
N SER C 301 60.78 -64.32 40.66
CA SER C 301 62.16 -64.10 40.22
C SER C 301 62.20 -63.95 38.71
N VAL C 302 62.82 -62.88 38.24
CA VAL C 302 62.93 -62.58 36.81
C VAL C 302 64.41 -62.38 36.45
N TYR C 303 64.79 -62.88 35.28
CA TYR C 303 66.16 -62.75 34.77
C TYR C 303 66.09 -62.51 33.27
N LEU C 304 66.36 -61.28 32.84
CA LEU C 304 66.31 -60.92 31.42
C LEU C 304 67.69 -60.53 30.93
N VAL C 305 68.03 -60.98 29.72
CA VAL C 305 69.30 -60.66 29.08
C VAL C 305 68.97 -60.02 27.74
N GLY C 306 69.20 -58.72 27.64
CA GLY C 306 68.93 -57.98 26.43
C GLY C 306 67.48 -57.58 26.31
N GLY C 307 67.15 -57.07 25.13
CA GLY C 307 65.81 -56.59 24.87
C GLY C 307 65.65 -55.12 25.20
N ARG C 308 64.45 -54.61 24.89
CA ARG C 308 64.13 -53.22 25.15
C ARG C 308 64.07 -52.97 26.65
N GLY C 309 64.73 -51.91 27.09
CA GLY C 309 64.75 -51.61 28.52
C GLY C 309 63.39 -51.24 29.08
N THR C 310 62.62 -50.46 28.32
CA THR C 310 61.30 -50.04 28.78
C THR C 310 60.37 -51.23 29.00
N ASP C 311 60.39 -52.19 28.07
CA ASP C 311 59.57 -53.39 28.25
C ASP C 311 60.18 -54.32 29.30
N ALA C 312 61.50 -54.31 29.44
CA ALA C 312 62.15 -55.19 30.40
C ALA C 312 61.81 -54.80 31.83
N VAL C 313 61.76 -53.50 32.11
CA VAL C 313 61.48 -53.07 33.48
C VAL C 313 60.02 -53.22 33.86
N GLN C 314 59.14 -53.53 32.91
CA GLN C 314 57.73 -53.70 33.19
C GLN C 314 57.38 -55.12 33.59
N VAL C 315 58.35 -56.04 33.60
CA VAL C 315 58.09 -57.43 33.95
C VAL C 315 57.86 -57.55 35.45
N ILE C 316 58.03 -56.46 36.18
CA ILE C 316 57.84 -56.51 37.63
C ILE C 316 56.38 -56.66 38.00
N LYS C 317 55.47 -56.42 37.07
CA LYS C 317 54.04 -56.49 37.34
C LYS C 317 53.48 -57.89 37.02
N GLY C 318 54.02 -58.89 37.70
CA GLY C 318 53.56 -60.25 37.54
C GLY C 318 53.84 -60.82 36.15
N PHE C 319 52.99 -61.77 35.74
CA PHE C 319 53.09 -62.36 34.41
C PHE C 319 52.31 -61.56 33.38
N ALA C 320 52.56 -60.27 33.34
CA ALA C 320 52.00 -59.38 32.34
C ALA C 320 53.10 -58.65 31.60
N GLY C 321 54.12 -58.19 32.33
CA GLY C 321 55.29 -57.62 31.68
C GLY C 321 56.05 -58.67 30.92
N PHE C 322 56.15 -59.88 31.48
CA PHE C 322 56.74 -61.00 30.75
C PHE C 322 55.67 -61.64 29.88
N SER C 323 54.88 -60.80 29.22
CA SER C 323 54.02 -61.16 28.11
C SER C 323 54.02 -60.12 27.01
N ASN C 324 54.51 -58.91 27.31
CA ASN C 324 54.74 -57.88 26.31
C ASN C 324 56.21 -57.65 26.06
N PHE C 325 57.09 -57.99 27.01
CA PHE C 325 58.52 -57.91 26.76
C PHE C 325 58.90 -58.80 25.59
N ILE C 326 58.14 -59.88 25.38
CA ILE C 326 58.40 -60.79 24.29
C ILE C 326 57.73 -60.33 23.01
N VAL C 327 56.47 -59.89 23.08
CA VAL C 327 55.72 -59.55 21.88
C VAL C 327 56.03 -58.16 21.34
N ASN C 328 56.72 -57.33 22.12
CA ASN C 328 57.10 -55.99 21.67
C ASN C 328 58.55 -55.92 21.20
N GLY C 329 59.24 -57.05 21.09
CA GLY C 329 60.61 -57.06 20.64
C GLY C 329 60.92 -58.18 19.68
N GLY C 330 59.92 -58.67 18.96
CA GLY C 330 60.14 -59.73 18.01
C GLY C 330 61.05 -59.32 16.86
N GLN C 331 60.84 -58.13 16.32
CA GLN C 331 61.70 -57.60 15.27
C GLN C 331 62.81 -56.79 15.91
N PHE C 332 64.06 -57.17 15.65
CA PHE C 332 65.20 -56.47 16.23
C PHE C 332 65.58 -55.29 15.35
N THR C 333 65.64 -54.13 15.94
CA THR C 333 65.93 -52.84 15.34
C THR C 333 67.39 -52.51 15.51
N PRO C 334 67.97 -51.64 14.69
CA PRO C 334 69.38 -51.28 14.92
C PRO C 334 69.59 -50.50 16.21
N GLU C 335 68.54 -49.92 16.78
CA GLU C 335 68.64 -49.37 18.13
C GLU C 335 68.70 -50.45 19.20
N ALA C 336 68.22 -51.66 18.91
CA ALA C 336 68.24 -52.77 19.85
C ALA C 336 68.83 -53.99 19.14
N PRO C 337 70.15 -54.01 18.94
CA PRO C 337 70.76 -55.11 18.18
C PRO C 337 70.68 -56.47 18.85
N GLY C 338 70.48 -56.52 20.16
CA GLY C 338 70.51 -57.77 20.89
C GLY C 338 71.84 -57.97 21.60
N VAL C 339 71.90 -59.03 22.38
CA VAL C 339 73.07 -59.31 23.23
C VAL C 339 73.68 -60.64 22.81
N PRO C 340 75.00 -60.74 22.73
CA PRO C 340 75.61 -62.06 22.47
C PRO C 340 75.23 -63.04 23.56
N ILE C 341 74.50 -64.07 23.18
CA ILE C 341 73.97 -65.05 24.11
C ILE C 341 74.60 -66.42 23.92
N TYR C 342 74.90 -66.80 22.69
CA TYR C 342 75.53 -68.07 22.40
C TYR C 342 76.68 -67.87 21.44
N PHE C 343 77.63 -68.80 21.48
CA PHE C 343 78.76 -68.74 20.57
C PHE C 343 79.24 -70.15 20.29
N SER C 344 79.92 -70.31 19.16
CA SER C 344 80.43 -71.60 18.74
C SER C 344 81.90 -71.47 18.41
N ALA C 345 82.66 -72.52 18.71
CA ALA C 345 84.10 -72.51 18.48
C ALA C 345 84.50 -73.75 17.70
N SER C 346 85.65 -73.65 17.05
CA SER C 346 86.16 -74.74 16.23
C SER C 346 87.65 -74.93 16.51
N HIS C 347 88.12 -76.15 16.30
CA HIS C 347 89.52 -76.48 16.50
C HIS C 347 90.38 -75.76 15.46
N ALA C 348 91.59 -75.39 15.85
CA ALA C 348 92.51 -74.73 14.94
C ALA C 348 93.40 -75.70 14.17
N SER C 349 93.37 -76.98 14.51
CA SER C 349 94.22 -77.96 13.83
C SER C 349 93.59 -78.42 12.53
N ASP C 350 92.42 -79.05 12.59
CA ASP C 350 91.73 -79.55 11.42
C ASP C 350 90.50 -78.72 11.07
N ASN C 351 90.30 -77.59 11.73
CA ASN C 351 89.14 -76.72 11.50
C ASN C 351 87.83 -77.45 11.73
N SER C 352 87.84 -78.44 12.61
CA SER C 352 86.65 -79.21 12.93
C SER C 352 85.84 -78.52 14.02
N VAL C 353 84.58 -78.95 14.15
CA VAL C 353 83.69 -78.34 15.13
C VAL C 353 84.10 -78.79 16.53
N TYR C 354 84.27 -77.83 17.43
CA TYR C 354 84.67 -78.12 18.80
C TYR C 354 83.44 -78.38 19.65
N TYR C 355 83.45 -79.50 20.37
CA TYR C 355 82.35 -79.88 21.24
C TYR C 355 82.84 -79.88 22.68
N THR C 356 82.12 -79.19 23.55
CA THR C 356 82.45 -79.10 24.96
C THR C 356 81.46 -79.92 25.78
N THR C 357 81.94 -80.42 26.91
CA THR C 357 81.10 -81.23 27.80
C THR C 357 80.71 -80.45 29.05
N THR D 81 83.66 -68.63 43.96
CA THR D 81 84.32 -67.91 42.88
C THR D 81 83.31 -67.23 41.96
N SER D 82 83.54 -65.96 41.66
CA SER D 82 82.67 -65.18 40.80
C SER D 82 83.49 -64.40 39.79
N ASP D 83 82.88 -64.12 38.66
CA ASP D 83 83.53 -63.38 37.58
C ASP D 83 83.35 -61.88 37.71
N GLN D 84 82.19 -61.44 38.18
CA GLN D 84 81.87 -60.04 38.34
C GLN D 84 81.93 -59.67 39.82
N ILE D 85 82.63 -58.58 40.13
CA ILE D 85 82.82 -58.10 41.48
C ILE D 85 82.02 -56.82 41.65
N VAL D 86 81.26 -56.75 42.73
CA VAL D 86 80.47 -55.56 43.03
C VAL D 86 81.41 -54.40 43.34
N VAL D 87 81.09 -53.22 42.81
CA VAL D 87 81.96 -52.06 43.00
C VAL D 87 81.83 -51.59 44.44
N THR D 88 82.96 -51.55 45.14
CA THR D 88 83.01 -51.06 46.51
C THR D 88 83.82 -49.78 46.64
N VAL D 89 84.82 -49.59 45.79
CA VAL D 89 85.62 -48.37 45.79
C VAL D 89 85.49 -47.73 44.41
N PRO D 90 84.54 -46.83 44.22
CA PRO D 90 84.38 -46.21 42.89
C PRO D 90 85.59 -45.44 42.42
N GLN D 91 86.36 -44.88 43.34
CA GLN D 91 87.57 -44.14 42.94
C GLN D 91 88.58 -45.05 42.28
N LYS D 92 88.79 -46.25 42.83
CA LYS D 92 89.77 -47.16 42.27
C LYS D 92 89.20 -48.12 41.24
N THR D 93 87.88 -48.12 41.05
CA THR D 93 87.25 -49.02 40.09
C THR D 93 87.12 -48.30 38.76
N PHE D 94 88.19 -48.35 37.98
CA PHE D 94 88.20 -47.81 36.63
C PHE D 94 88.90 -48.80 35.72
N ILE D 95 88.54 -48.76 34.43
CA ILE D 95 89.09 -49.70 33.48
C ILE D 95 90.58 -49.41 33.27
N GLY D 96 91.35 -50.47 33.03
CA GLY D 96 92.76 -50.33 32.80
C GLY D 96 93.62 -50.17 34.03
N GLY D 97 93.04 -50.27 35.23
CA GLY D 97 93.80 -50.12 36.46
C GLY D 97 94.33 -51.45 36.95
N VAL D 98 95.62 -51.47 37.31
CA VAL D 98 96.30 -52.67 37.76
C VAL D 98 96.42 -52.66 39.27
N TYR D 99 96.00 -53.74 39.91
CA TYR D 99 96.03 -53.89 41.35
C TYR D 99 96.54 -55.26 41.71
N ASN D 100 96.76 -55.47 43.01
CA ASN D 100 97.14 -56.78 43.53
C ASN D 100 95.89 -57.60 43.80
N SER D 101 95.98 -58.90 43.54
CA SER D 101 94.84 -59.78 43.76
C SER D 101 94.43 -59.83 45.22
N THR D 102 95.40 -59.92 46.13
CA THR D 102 95.09 -59.96 47.54
C THR D 102 94.46 -58.66 48.02
N THR D 103 95.01 -57.53 47.58
CA THR D 103 94.46 -56.24 47.98
C THR D 103 93.06 -56.05 47.43
N LEU D 104 92.81 -56.49 46.19
CA LEU D 104 91.46 -56.42 45.65
C LEU D 104 90.51 -57.35 46.39
N ASP D 105 91.02 -58.50 46.86
CA ASP D 105 90.19 -59.43 47.61
C ASP D 105 89.78 -58.86 48.95
N ASN D 106 90.72 -58.26 49.68
CA ASN D 106 90.43 -57.66 50.98
C ASN D 106 90.08 -56.18 50.90
N LEU D 107 89.74 -55.69 49.71
CA LEU D 107 89.25 -54.33 49.51
C LEU D 107 90.29 -53.28 49.89
N ASP D 108 91.57 -53.58 49.69
CA ASP D 108 92.62 -52.61 49.92
C ASP D 108 92.93 -51.82 48.66
N TYR D 109 92.94 -52.49 47.51
CA TYR D 109 93.14 -51.87 46.21
C TYR D 109 94.45 -51.09 46.17
N THR D 110 95.55 -51.83 46.33
CA THR D 110 96.86 -51.21 46.23
C THR D 110 97.27 -51.18 44.77
N PRO D 111 97.44 -49.99 44.17
CA PRO D 111 97.77 -49.93 42.75
C PRO D 111 99.21 -50.35 42.49
N ILE D 112 99.44 -50.79 41.26
CA ILE D 112 100.78 -51.13 40.79
C ILE D 112 101.18 -50.01 39.82
N SER D 113 102.07 -49.15 40.28
CA SER D 113 102.47 -47.95 39.54
C SER D 113 103.56 -48.31 38.53
N TYR D 114 103.14 -48.79 37.37
CA TYR D 114 104.04 -49.10 36.27
C TYR D 114 103.42 -48.61 34.97
N PRO D 115 104.25 -48.22 34.00
CA PRO D 115 103.71 -47.76 32.71
C PRO D 115 102.92 -48.86 32.01
N LEU D 116 101.87 -48.44 31.32
CA LEU D 116 100.99 -49.35 30.60
C LEU D 116 100.81 -48.86 29.16
N ASP D 117 100.68 -49.81 28.24
CA ASP D 117 100.44 -49.48 26.86
C ASP D 117 99.03 -48.89 26.71
N PRO D 118 98.81 -48.09 25.67
CA PRO D 118 97.46 -47.57 25.44
C PRO D 118 96.47 -48.71 25.27
N ILE D 119 95.28 -48.51 25.84
CA ILE D 119 94.25 -49.56 25.90
C ILE D 119 93.09 -49.16 25.00
N THR D 120 92.55 -50.14 24.29
CA THR D 120 91.37 -49.95 23.45
C THR D 120 90.14 -50.40 24.24
N VAL D 121 89.13 -49.53 24.27
CA VAL D 121 87.91 -49.78 25.03
C VAL D 121 86.73 -49.76 24.07
N SER D 122 85.78 -50.66 24.30
CA SER D 122 84.58 -50.75 23.49
C SER D 122 83.35 -50.65 24.38
N TYR D 123 82.28 -50.12 23.83
CA TYR D 123 81.04 -49.92 24.59
C TYR D 123 79.96 -50.87 24.10
N SER D 124 79.16 -51.40 25.03
CA SER D 124 78.12 -52.35 24.64
C SER D 124 76.99 -51.66 23.86
N PHE D 125 76.71 -50.40 24.15
CA PHE D 125 75.61 -49.71 23.47
C PHE D 125 76.05 -49.24 22.09
N PRO D 126 75.13 -49.20 21.13
CA PRO D 126 75.47 -48.68 19.79
C PRO D 126 75.64 -47.18 19.79
N SER D 127 76.81 -46.73 19.30
CA SER D 127 77.11 -45.31 19.21
C SER D 127 78.22 -45.12 18.19
N ASP D 128 78.35 -43.88 17.71
CA ASP D 128 79.42 -43.55 16.77
C ASP D 128 80.79 -43.73 17.42
N PHE D 129 80.91 -43.28 18.67
CA PHE D 129 82.16 -43.44 19.43
C PHE D 129 82.08 -44.68 20.30
N ILE D 130 81.94 -45.83 19.62
CA ILE D 130 81.82 -47.12 20.30
C ILE D 130 83.18 -47.75 20.60
N VAL D 131 84.24 -47.35 19.88
CA VAL D 131 85.59 -47.85 20.08
C VAL D 131 86.50 -46.66 20.35
N ASP D 132 86.90 -46.50 21.61
CA ASP D 132 87.79 -45.43 22.02
C ASP D 132 89.15 -45.99 22.42
N THR D 133 90.12 -45.10 22.57
CA THR D 133 91.47 -45.45 22.97
C THR D 133 91.91 -44.52 24.09
N ILE D 134 92.52 -45.08 25.12
CA ILE D 134 93.00 -44.32 26.28
C ILE D 134 94.47 -44.61 26.45
N GLU D 135 95.30 -43.56 26.38
CA GLU D 135 96.74 -43.74 26.53
C GLU D 135 97.11 -44.03 27.97
N ARG D 136 96.54 -43.28 28.91
CA ARG D 136 96.83 -43.44 30.34
C ARG D 136 95.54 -43.81 31.05
N PRO D 137 95.34 -45.09 31.38
CA PRO D 137 94.10 -45.50 32.07
C PRO D 137 93.94 -44.79 33.42
N SER D 138 92.84 -44.06 33.55
CA SER D 138 92.53 -43.34 34.78
C SER D 138 91.03 -43.17 34.88
N LEU D 139 90.57 -42.85 36.10
CA LEU D 139 89.14 -42.65 36.33
C LEU D 139 88.61 -41.47 35.53
N SER D 140 89.38 -40.36 35.49
CA SER D 140 88.93 -39.19 34.74
C SER D 140 88.85 -39.50 33.25
N SER D 141 89.85 -40.22 32.72
CA SER D 141 89.83 -40.58 31.31
C SER D 141 88.66 -41.50 30.99
N MET D 142 88.37 -42.46 31.86
CA MET D 142 87.23 -43.35 31.64
C MET D 142 85.91 -42.58 31.67
N ARG D 143 85.77 -41.66 32.63
CA ARG D 143 84.55 -40.85 32.71
C ARG D 143 84.38 -39.98 31.48
N ALA D 144 85.47 -39.33 31.03
CA ALA D 144 85.39 -38.47 29.86
C ALA D 144 85.07 -39.27 28.61
N SER D 145 85.66 -40.46 28.47
CA SER D 145 85.37 -41.31 27.32
C SER D 145 83.91 -41.75 27.32
N VAL D 146 83.38 -42.11 28.49
CA VAL D 146 81.98 -42.50 28.58
C VAL D 146 81.07 -41.31 28.23
N PHE D 147 81.41 -40.12 28.72
CA PHE D 147 80.61 -38.94 28.41
C PHE D 147 80.60 -38.66 26.92
N LYS D 148 81.77 -38.68 26.27
CA LYS D 148 81.84 -38.43 24.83
C LYS D 148 81.10 -39.50 24.03
N ALA D 149 81.27 -40.77 24.42
CA ALA D 149 80.63 -41.85 23.70
C ALA D 149 79.12 -41.75 23.78
N MET D 150 78.59 -41.42 24.96
CA MET D 150 77.14 -41.36 25.12
C MET D 150 76.56 -40.06 24.61
N ARG D 151 77.38 -39.03 24.40
CA ARG D 151 76.91 -37.82 23.75
C ARG D 151 77.15 -37.82 22.24
N ALA D 152 77.80 -38.86 21.70
CA ALA D 152 78.04 -38.92 20.28
C ALA D 152 76.76 -39.23 19.51
N ALA D 153 76.85 -39.13 18.19
CA ALA D 153 75.70 -39.38 17.32
C ALA D 153 75.39 -40.88 17.25
N ASN D 154 74.17 -41.18 16.82
CA ASN D 154 73.69 -42.56 16.67
C ASN D 154 73.79 -43.33 17.98
N PHE D 155 73.52 -42.64 19.09
CA PHE D 155 73.52 -43.27 20.40
C PHE D 155 72.11 -43.72 20.76
N SER D 156 71.99 -44.93 21.29
CA SER D 156 70.70 -45.49 21.66
C SER D 156 70.85 -46.18 23.00
N GLY D 157 70.14 -45.68 24.01
CA GLY D 157 70.07 -46.33 25.29
C GLY D 157 68.79 -47.14 25.39
N GLU D 158 68.18 -47.40 24.24
CA GLU D 158 66.90 -48.09 24.21
C GLU D 158 67.02 -49.52 24.72
N GLN D 159 68.11 -50.20 24.38
CA GLN D 159 68.30 -51.59 24.78
C GLN D 159 69.30 -51.66 25.92
N SER D 160 68.93 -52.39 26.97
CA SER D 160 69.80 -52.62 28.12
C SER D 160 70.51 -53.96 27.96
N LEU D 161 71.26 -54.34 28.98
CA LEU D 161 72.05 -55.57 28.96
C LEU D 161 71.49 -56.63 29.89
N ALA D 162 71.11 -56.26 31.11
CA ALA D 162 70.56 -57.28 32.01
C ALA D 162 69.56 -56.63 32.95
N PHE D 163 68.65 -57.45 33.47
CA PHE D 163 67.63 -56.97 34.39
C PHE D 163 67.21 -58.13 35.29
N ASP D 164 67.62 -58.07 36.54
CA ASP D 164 67.31 -59.09 37.54
C ASP D 164 66.30 -58.51 38.53
N TYR D 165 65.24 -59.25 38.80
CA TYR D 165 64.22 -58.86 39.74
C TYR D 165 63.92 -60.01 40.68
N ASN D 166 63.59 -59.68 41.92
CA ASN D 166 63.27 -60.70 42.91
C ASN D 166 62.42 -60.07 44.00
N ILE D 167 61.27 -60.66 44.29
CA ILE D 167 60.38 -60.17 45.33
C ILE D 167 59.93 -61.35 46.18
N LYS D 168 59.77 -61.11 47.48
CA LYS D 168 59.33 -62.13 48.43
C LYS D 168 58.30 -61.47 49.34
N GLN D 169 57.04 -61.91 49.23
CA GLN D 169 55.95 -61.42 50.06
C GLN D 169 55.51 -62.51 51.00
N PHE D 170 55.35 -62.17 52.28
CA PHE D 170 54.95 -63.12 53.30
C PHE D 170 53.99 -62.43 54.25
N SER D 171 53.03 -63.19 54.77
CA SER D 171 52.03 -62.62 55.66
C SER D 171 51.49 -63.73 56.55
N TYR D 172 51.77 -63.64 57.85
CA TYR D 172 51.21 -64.52 58.85
C TYR D 172 49.93 -63.93 59.45
N TYR D 173 49.18 -64.79 60.11
CA TYR D 173 47.95 -64.38 60.80
C TYR D 173 47.71 -65.34 61.95
N SER D 174 47.12 -64.82 63.02
CA SER D 174 46.79 -65.64 64.18
C SER D 174 45.61 -65.01 64.90
N GLU D 175 44.66 -65.84 65.31
CA GLU D 175 43.46 -65.35 65.97
C GLU D 175 42.97 -66.38 66.98
N LEU D 176 42.90 -65.97 68.26
CA LEU D 176 42.38 -66.78 69.33
C LEU D 176 41.16 -66.07 69.92
N LYS D 177 40.10 -66.83 70.18
CA LYS D 177 38.83 -66.29 70.69
C LYS D 177 38.33 -67.14 71.85
N ILE D 178 39.21 -67.38 72.83
CA ILE D 178 38.85 -68.22 73.97
C ILE D 178 37.77 -67.55 74.80
N ALA D 179 36.74 -68.30 75.15
CA ALA D 179 35.64 -67.78 75.96
C ALA D 179 35.27 -68.80 77.03
N PHE D 180 34.69 -68.31 78.13
CA PHE D 180 34.28 -69.17 79.22
C PHE D 180 32.95 -68.72 79.80
N ILE D 194 30.23 -65.67 86.86
CA ILE D 194 31.62 -65.77 86.42
C ILE D 194 31.67 -65.94 84.90
N SER D 195 32.43 -65.07 84.24
CA SER D 195 32.58 -65.11 82.79
C SER D 195 34.06 -64.90 82.47
N GLY D 196 34.36 -64.71 81.18
CA GLY D 196 35.72 -64.48 80.75
C GLY D 196 35.92 -64.64 79.26
N SER D 197 36.72 -63.75 78.67
CA SER D 197 37.00 -63.79 77.25
C SER D 197 38.44 -63.36 77.00
N ASN D 198 39.04 -63.92 75.96
CA ASN D 198 40.42 -63.63 75.58
C ASN D 198 40.49 -63.66 74.06
N ASN D 199 40.62 -62.48 73.46
CA ASN D 199 40.72 -62.30 72.02
C ASN D 199 42.13 -61.83 71.69
N LYS D 200 42.89 -62.67 71.01
CA LYS D 200 44.27 -62.38 70.62
C LYS D 200 44.37 -62.38 69.10
N ILE D 201 44.94 -61.32 68.55
CA ILE D 201 45.13 -61.17 67.11
C ILE D 201 46.58 -60.84 66.84
N LYS D 202 47.20 -61.55 65.90
CA LYS D 202 48.60 -61.34 65.53
C LYS D 202 48.71 -61.27 64.03
N ARG D 203 49.46 -60.29 63.54
CA ARG D 203 49.69 -60.11 62.11
C ARG D 203 51.17 -59.78 61.89
N THR D 204 51.73 -60.30 60.81
CA THR D 204 53.14 -60.05 60.48
C THR D 204 53.27 -60.10 58.97
N THR D 205 53.53 -58.94 58.36
CA THR D 205 53.64 -58.81 56.91
C THR D 205 55.05 -58.37 56.54
N GLY D 206 55.57 -58.91 55.45
CA GLY D 206 56.90 -58.55 55.00
C GLY D 206 57.11 -58.69 53.50
N VAL D 207 57.60 -57.63 52.88
CA VAL D 207 57.91 -57.60 51.45
C VAL D 207 59.37 -57.24 51.28
N PHE D 208 60.14 -58.12 50.67
CA PHE D 208 61.55 -57.87 50.39
C PHE D 208 61.78 -57.92 48.89
N ALA D 209 62.37 -56.86 48.33
CA ALA D 209 62.54 -56.78 46.89
C ALA D 209 63.96 -56.35 46.55
N LYS D 210 64.57 -57.05 45.60
CA LYS D 210 65.88 -56.71 45.08
C LYS D 210 65.80 -56.63 43.57
N PHE D 211 66.42 -55.59 43.00
CA PHE D 211 66.39 -55.37 41.57
C PHE D 211 67.74 -54.81 41.14
N THR D 212 68.23 -55.30 40.02
CA THR D 212 69.44 -54.76 39.41
C THR D 212 69.23 -54.63 37.91
N GLN D 213 69.80 -53.60 37.33
CA GLN D 213 69.73 -53.40 35.90
C GLN D 213 71.14 -53.06 35.41
N LYS D 214 71.56 -53.70 34.34
CA LYS D 214 72.86 -53.47 33.73
C LYS D 214 72.58 -52.76 32.41
N ASN D 215 72.74 -51.43 32.43
CA ASN D 215 72.51 -50.61 31.25
C ASN D 215 73.53 -50.92 30.17
N PHE D 216 74.82 -50.93 30.53
CA PHE D 216 75.84 -51.22 29.52
C PHE D 216 77.14 -51.53 30.23
N THR D 217 78.14 -51.96 29.45
CA THR D 217 79.48 -52.15 29.97
C THR D 217 80.50 -51.58 29.00
N ILE D 218 81.62 -51.14 29.57
CA ILE D 218 82.79 -50.74 28.81
C ILE D 218 83.83 -51.82 29.02
N ASP D 219 84.31 -52.40 27.93
CA ASP D 219 85.22 -53.53 27.94
C ASP D 219 86.58 -53.12 27.39
N MET D 220 87.60 -53.86 27.80
CA MET D 220 88.97 -53.61 27.39
C MET D 220 89.45 -54.71 26.48
N ASP D 221 90.12 -54.33 25.40
CA ASP D 221 90.66 -55.30 24.45
C ASP D 221 91.92 -55.95 24.98
N LEU D 222 92.15 -57.19 24.58
CA LEU D 222 93.37 -57.88 24.97
C LEU D 222 94.57 -57.20 24.29
N PRO D 223 95.70 -57.09 24.99
CA PRO D 223 96.87 -56.43 24.38
C PRO D 223 97.37 -57.16 23.15
N ALA D 224 97.81 -56.38 22.16
CA ALA D 224 98.40 -56.97 20.95
C ALA D 224 99.69 -57.70 21.27
N ASP D 225 100.52 -57.13 22.13
CA ASP D 225 101.78 -57.76 22.52
C ASP D 225 101.58 -58.90 23.50
N GLY D 226 100.39 -59.02 24.09
CA GLY D 226 100.11 -60.05 25.06
C GLY D 226 100.38 -59.64 26.49
N ASN D 227 100.93 -58.45 26.71
CA ASN D 227 101.21 -57.92 28.03
C ASN D 227 100.69 -56.49 28.11
N ILE D 228 100.03 -56.16 29.22
CA ILE D 228 99.49 -54.82 29.39
C ILE D 228 100.59 -53.80 29.64
N PHE D 229 101.72 -54.24 30.19
CA PHE D 229 102.80 -53.33 30.52
C PHE D 229 103.55 -52.88 29.27
N LYS D 230 103.94 -51.60 29.28
CA LYS D 230 104.66 -51.04 28.13
C LYS D 230 106.08 -51.59 28.04
N ASN D 231 106.80 -51.64 29.16
CA ASN D 231 108.19 -52.10 29.13
C ASN D 231 108.31 -53.61 28.94
N ASN D 232 107.27 -54.37 29.26
CA ASN D 232 107.20 -55.83 29.18
C ASN D 232 108.11 -56.52 30.19
N SER D 233 108.89 -55.79 30.97
CA SER D 233 109.67 -56.36 32.05
C SER D 233 109.03 -56.15 33.41
N ASP D 234 108.06 -55.24 33.50
CA ASP D 234 107.35 -55.04 34.75
C ASP D 234 106.57 -56.29 35.15
N LEU D 235 106.16 -57.12 34.17
CA LEU D 235 105.48 -58.35 34.51
C LEU D 235 106.38 -59.26 35.34
N ALA D 236 107.65 -59.36 34.98
CA ALA D 236 108.60 -60.10 35.80
C ALA D 236 108.99 -59.31 37.05
N LEU D 237 108.89 -57.99 37.01
CA LEU D 237 109.22 -57.18 38.18
C LEU D 237 108.24 -57.40 39.31
N THR D 238 106.95 -57.54 39.00
CA THR D 238 105.93 -57.73 40.02
C THR D 238 105.64 -59.20 40.31
N ASN D 239 106.63 -60.08 40.15
CA ASN D 239 106.45 -61.47 40.56
C ASN D 239 106.18 -61.55 42.05
N GLY D 240 105.14 -62.28 42.42
CA GLY D 240 104.69 -62.35 43.79
C GLY D 240 103.70 -61.28 44.19
N LYS D 241 103.50 -60.26 43.35
CA LYS D 241 102.53 -59.22 43.63
C LYS D 241 101.16 -59.50 43.02
N ASN D 242 101.02 -60.60 42.27
CA ASN D 242 99.77 -61.00 41.63
C ASN D 242 99.17 -59.87 40.83
N PRO D 243 99.77 -59.49 39.69
CA PRO D 243 99.25 -58.37 38.91
C PRO D 243 97.92 -58.72 38.26
N VAL D 244 96.90 -57.93 38.56
CA VAL D 244 95.56 -58.11 38.02
C VAL D 244 95.02 -56.74 37.63
N TYR D 245 94.46 -56.65 36.42
CA TYR D 245 93.97 -55.38 35.91
C TYR D 245 92.48 -55.49 35.57
N ILE D 246 91.73 -54.45 35.88
CA ILE D 246 90.31 -54.43 35.55
C ILE D 246 90.14 -54.24 34.06
N SER D 247 89.32 -55.09 33.44
CA SER D 247 89.10 -55.07 32.00
C SER D 247 87.66 -54.83 31.60
N SER D 248 86.74 -54.65 32.55
CA SER D 248 85.34 -54.43 32.21
C SER D 248 84.66 -53.71 33.36
N VAL D 249 83.88 -52.69 33.04
CA VAL D 249 83.11 -51.94 34.02
C VAL D 249 81.66 -51.88 33.58
N THR D 250 80.74 -52.26 34.47
CA THR D 250 79.32 -52.31 34.17
C THR D 250 78.62 -51.11 34.79
N TYR D 251 77.92 -50.35 33.96
CA TYR D 251 77.10 -49.22 34.39
C TYR D 251 75.63 -49.65 34.44
N GLY D 252 74.99 -49.36 35.55
CA GLY D 252 73.61 -49.73 35.75
C GLY D 252 73.04 -49.16 37.03
N ARG D 253 71.92 -49.73 37.47
CA ARG D 253 71.21 -49.29 38.67
C ARG D 253 70.98 -50.46 39.60
N LEU D 254 70.90 -50.14 40.90
CA LEU D 254 70.64 -51.11 41.95
C LEU D 254 69.49 -50.61 42.82
N GLY D 255 68.71 -51.54 43.36
CA GLY D 255 67.63 -51.16 44.24
C GLY D 255 67.19 -52.27 45.18
N ILE D 256 67.14 -51.97 46.48
CA ILE D 256 66.71 -52.93 47.49
C ILE D 256 65.68 -52.26 48.38
N ILE D 257 64.58 -52.96 48.65
CA ILE D 257 63.55 -52.46 49.55
C ILE D 257 63.17 -53.59 50.51
N SER D 258 62.71 -53.20 51.69
CA SER D 258 62.31 -54.16 52.71
C SER D 258 61.29 -53.50 53.61
N ILE D 259 60.04 -53.94 53.54
CA ILE D 259 58.94 -53.41 54.34
C ILE D 259 58.46 -54.49 55.28
N GLU D 260 58.42 -54.19 56.57
CA GLU D 260 57.95 -55.12 57.59
C GLU D 260 56.88 -54.45 58.42
N SER D 261 55.94 -55.25 58.92
CA SER D 261 54.85 -54.74 59.74
C SER D 261 54.41 -55.82 60.72
N ASN D 262 54.11 -55.40 61.94
CA ASN D 262 53.65 -56.29 63.00
C ASN D 262 52.47 -55.67 63.72
N ALA D 263 51.49 -56.50 64.05
CA ALA D 263 50.28 -56.05 64.73
C ALA D 263 49.90 -57.06 65.81
N SER D 264 49.54 -56.56 66.98
CA SER D 264 49.15 -57.40 68.11
C SER D 264 47.94 -56.80 68.80
N TYR D 265 46.99 -57.65 69.17
CA TYR D 265 45.76 -57.26 69.85
C TYR D 265 45.50 -58.28 70.96
N ASN D 266 45.27 -57.78 72.18
CA ASN D 266 45.24 -58.63 73.37
C ASN D 266 44.03 -58.32 74.25
N GLU D 267 42.83 -58.28 73.66
CA GLU D 267 41.63 -57.98 74.44
C GLU D 267 41.34 -59.09 75.44
N VAL D 268 41.08 -58.70 76.69
CA VAL D 268 40.74 -59.64 77.76
C VAL D 268 39.59 -59.05 78.55
N ASN D 269 38.54 -59.84 78.77
CA ASN D 269 37.36 -59.43 79.52
C ASN D 269 37.11 -60.41 80.65
N PHE D 270 36.60 -59.90 81.77
CA PHE D 270 36.29 -60.73 82.92
C PHE D 270 35.15 -60.11 83.72
N ALA D 271 34.18 -60.92 84.11
CA ALA D 271 33.04 -60.44 84.89
C ALA D 271 32.70 -61.46 85.97
N LEU D 272 32.21 -60.96 87.09
CA LEU D 272 31.80 -61.79 88.23
C LEU D 272 30.44 -61.34 88.73
N LYS D 273 29.48 -61.23 87.80
CA LYS D 273 28.13 -60.81 88.16
C LYS D 273 27.38 -61.93 88.86
N LEU D 285 27.73 -58.31 94.28
CA LEU D 285 29.04 -58.16 93.68
C LEU D 285 28.93 -58.06 92.15
N ASN D 286 29.56 -57.04 91.59
CA ASN D 286 29.55 -56.76 90.16
C ASN D 286 30.95 -56.45 89.67
N ILE D 287 31.91 -57.31 90.05
CA ILE D 287 33.30 -57.09 89.67
C ILE D 287 33.47 -57.24 88.16
N ASP D 288 34.10 -56.25 87.54
CA ASP D 288 34.35 -56.24 86.11
C ASP D 288 35.80 -55.88 85.85
N SER D 289 36.35 -56.40 84.75
CA SER D 289 37.74 -56.16 84.41
C SER D 289 37.90 -56.24 82.89
N ASN D 290 38.69 -55.33 82.35
CA ASN D 290 38.97 -55.30 80.91
C ASN D 290 40.41 -54.88 80.70
N SER D 291 41.05 -55.49 79.70
CA SER D 291 42.46 -55.20 79.39
C SER D 291 42.62 -55.24 77.87
N LYS D 292 42.86 -54.08 77.27
CA LYS D 292 43.06 -53.97 75.83
C LYS D 292 44.49 -53.53 75.55
N LYS D 293 45.16 -54.22 74.63
CA LYS D 293 46.53 -53.91 74.28
C LYS D 293 46.69 -54.05 72.77
N ILE D 294 47.01 -52.95 72.11
CA ILE D 294 47.25 -52.91 70.68
C ILE D 294 48.68 -52.44 70.46
N LEU D 295 49.47 -53.25 69.75
CA LEU D 295 50.86 -52.94 69.45
C LEU D 295 51.04 -53.00 67.94
N GLU D 296 51.51 -51.89 67.36
CA GLU D 296 51.74 -51.80 65.92
C GLU D 296 53.17 -51.35 65.67
N GLU D 297 53.89 -52.10 64.85
CA GLU D 297 55.26 -51.76 64.48
C GLU D 297 55.40 -51.80 62.96
N SER D 298 56.22 -50.90 62.44
CA SER D 298 56.43 -50.80 61.00
C SER D 298 57.90 -50.51 60.73
N ASP D 299 58.35 -50.91 59.54
CA ASP D 299 59.73 -50.68 59.14
C ASP D 299 59.79 -50.66 57.62
N LEU D 300 60.67 -49.81 57.07
CA LEU D 300 60.81 -49.68 55.63
C LEU D 300 62.20 -49.18 55.33
N SER D 301 63.05 -50.06 54.81
CA SER D 301 64.43 -49.73 54.47
C SER D 301 64.62 -49.78 52.96
N VAL D 302 65.16 -48.72 52.39
CA VAL D 302 65.39 -48.60 50.96
C VAL D 302 66.85 -48.27 50.71
N TYR D 303 67.41 -48.86 49.66
CA TYR D 303 68.80 -48.64 49.25
C TYR D 303 68.86 -48.60 47.73
N LEU D 304 69.05 -47.43 47.15
CA LEU D 304 69.11 -47.27 45.70
C LEU D 304 70.48 -46.78 45.28
N VAL D 305 70.99 -47.33 44.18
CA VAL D 305 72.28 -46.94 43.62
C VAL D 305 72.02 -46.53 42.17
N GLY D 306 72.10 -45.24 41.91
CA GLY D 306 71.89 -44.71 40.58
C GLY D 306 70.41 -44.50 40.28
N GLY D 307 70.15 -44.21 39.01
CA GLY D 307 68.80 -43.94 38.57
C GLY D 307 68.45 -42.47 38.66
N ARG D 308 67.24 -42.18 38.17
CA ARG D 308 66.74 -40.81 38.20
C ARG D 308 66.49 -40.38 39.64
N GLY D 309 66.98 -39.18 39.99
CA GLY D 309 66.82 -38.70 41.35
C GLY D 309 65.37 -38.44 41.73
N THR D 310 64.59 -37.86 40.80
CA THR D 310 63.20 -37.55 41.07
C THR D 310 62.40 -38.81 41.37
N ASP D 311 62.62 -39.88 40.61
CA ASP D 311 61.93 -41.13 40.88
C ASP D 311 62.52 -41.84 42.10
N ALA D 312 63.81 -41.64 42.36
CA ALA D 312 64.45 -42.31 43.49
C ALA D 312 63.93 -41.77 44.81
N VAL D 313 63.69 -40.45 44.90
CA VAL D 313 63.22 -39.89 46.16
C VAL D 313 61.76 -40.16 46.43
N GLN D 314 61.03 -40.70 45.46
CA GLN D 314 59.62 -41.02 45.63
C GLN D 314 59.39 -42.40 46.20
N VAL D 315 60.45 -43.17 46.43
CA VAL D 315 60.31 -44.54 46.96
C VAL D 315 59.95 -44.49 48.43
N ILE D 316 59.92 -43.28 49.01
CA ILE D 316 59.59 -43.16 50.43
C ILE D 316 58.12 -43.45 50.70
N LYS D 317 57.29 -43.46 49.65
CA LYS D 317 55.85 -43.67 49.80
C LYS D 317 55.49 -45.15 49.64
N GLY D 318 56.07 -45.98 50.51
CA GLY D 318 55.78 -47.40 50.50
C GLY D 318 56.26 -48.11 49.25
N PHE D 319 55.58 -49.20 48.91
CA PHE D 319 55.89 -49.95 47.69
C PHE D 319 55.13 -49.40 46.49
N ALA D 320 55.24 -48.11 46.28
CA ALA D 320 54.70 -47.44 45.11
C ALA D 320 55.77 -46.68 44.37
N GLY D 321 56.65 -46.00 45.11
CA GLY D 321 57.81 -45.38 44.50
C GLY D 321 58.76 -46.42 43.97
N PHE D 322 58.94 -47.53 44.72
CA PHE D 322 59.72 -48.64 44.19
C PHE D 322 58.83 -49.52 43.34
N SER D 323 58.03 -48.89 42.50
CA SER D 323 57.33 -49.50 41.38
C SER D 323 57.33 -48.61 40.16
N ASN D 324 57.65 -47.33 40.31
CA ASN D 324 57.86 -46.42 39.20
C ASN D 324 59.32 -46.05 39.04
N PHE D 325 60.12 -46.14 40.11
CA PHE D 325 61.55 -45.91 39.98
C PHE D 325 62.16 -46.90 38.99
N ILE D 326 61.55 -48.08 38.87
CA ILE D 326 62.03 -49.10 37.95
C ILE D 326 61.44 -48.89 36.56
N VAL D 327 60.14 -48.61 36.46
CA VAL D 327 59.49 -48.54 35.16
C VAL D 327 59.70 -47.20 34.46
N ASN D 328 60.20 -46.19 35.16
CA ASN D 328 60.48 -44.90 34.56
C ASN D 328 61.94 -44.69 34.22
N GLY D 329 62.76 -45.74 34.33
CA GLY D 329 64.17 -45.63 34.01
C GLY D 329 64.70 -46.82 33.26
N GLY D 330 63.84 -47.52 32.53
CA GLY D 330 64.28 -48.67 31.76
C GLY D 330 65.25 -48.30 30.66
N GLN D 331 64.96 -47.23 29.93
CA GLN D 331 65.87 -46.75 28.90
C GLN D 331 66.81 -45.72 29.50
N PHE D 332 68.11 -45.97 29.42
CA PHE D 332 69.08 -45.06 29.99
C PHE D 332 69.43 -43.97 28.98
N THR D 333 69.30 -42.74 29.40
CA THR D 333 69.50 -41.53 28.63
C THR D 333 70.90 -40.99 28.90
N PRO D 334 71.45 -40.17 28.00
CA PRO D 334 72.78 -39.60 28.30
C PRO D 334 72.77 -38.65 29.48
N GLU D 335 71.59 -38.14 29.88
CA GLU D 335 71.50 -37.40 31.13
C GLU D 335 71.56 -38.31 32.34
N ALA D 336 71.26 -39.59 32.19
CA ALA D 336 71.30 -40.57 33.28
C ALA D 336 72.10 -41.78 32.81
N PRO D 337 73.42 -41.65 32.74
CA PRO D 337 74.23 -42.76 32.20
C PRO D 337 74.23 -44.02 33.05
N GLY D 338 73.91 -43.92 34.33
CA GLY D 338 74.00 -45.05 35.23
C GLY D 338 75.26 -44.98 36.08
N VAL D 339 75.37 -45.91 37.01
CA VAL D 339 76.45 -45.92 37.98
C VAL D 339 77.26 -47.21 37.83
N PRO D 340 78.58 -47.16 37.87
CA PRO D 340 79.36 -48.40 37.87
C PRO D 340 78.99 -49.27 39.06
N ILE D 341 78.40 -50.43 38.76
CA ILE D 341 77.89 -51.33 39.78
C ILE D 341 78.70 -52.62 39.85
N TYR D 342 79.17 -53.13 38.71
CA TYR D 342 79.96 -54.34 38.67
C TYR D 342 81.18 -54.12 37.79
N PHE D 343 82.22 -54.91 38.05
CA PHE D 343 83.42 -54.83 37.24
C PHE D 343 84.09 -56.19 37.22
N SER D 344 84.90 -56.42 36.18
CA SER D 344 85.58 -57.67 36.01
C SER D 344 87.07 -57.40 35.79
N ALA D 345 87.90 -58.29 36.30
CA ALA D 345 89.34 -58.13 36.21
C ALA D 345 89.96 -59.40 35.66
N SER D 346 91.16 -59.25 35.09
CA SER D 346 91.88 -60.37 34.50
C SER D 346 93.33 -60.33 34.93
N HIS D 347 93.95 -61.50 34.96
CA HIS D 347 95.36 -61.62 35.30
C HIS D 347 96.24 -60.95 34.25
N ALA D 348 97.36 -60.38 34.70
CA ALA D 348 98.28 -59.72 33.79
C ALA D 348 99.34 -60.67 33.24
N SER D 349 99.43 -61.89 33.76
CA SER D 349 100.45 -62.83 33.31
C SER D 349 100.02 -63.54 32.04
N ASP D 350 98.92 -64.30 32.09
CA ASP D 350 98.42 -65.04 30.95
C ASP D 350 97.16 -64.43 30.37
N ASN D 351 96.75 -63.25 30.84
CA ASN D 351 95.54 -62.57 30.38
C ASN D 351 94.29 -63.42 30.60
N SER D 352 94.33 -64.28 31.61
CA SER D 352 93.20 -65.15 31.93
C SER D 352 92.21 -64.42 32.83
N VAL D 353 91.00 -64.98 32.91
CA VAL D 353 89.95 -64.37 33.72
C VAL D 353 90.27 -64.58 35.20
N TYR D 354 90.23 -63.49 35.96
CA TYR D 354 90.51 -63.53 37.39
C TYR D 354 89.23 -63.83 38.15
N TYR D 355 89.29 -64.83 39.02
CA TYR D 355 88.16 -65.23 39.85
C TYR D 355 88.49 -64.98 41.30
N THR D 356 87.60 -64.28 42.00
CA THR D 356 87.77 -63.95 43.40
C THR D 356 86.81 -64.78 44.25
N THR D 357 87.22 -65.06 45.48
CA THR D 357 86.39 -65.84 46.40
C THR D 357 85.78 -64.95 47.48
N THR E 81 85.79 -51.00 60.70
CA THR E 81 86.47 -50.35 59.59
C THR E 81 85.49 -49.93 58.50
N SER E 82 85.60 -48.69 58.04
CA SER E 82 84.74 -48.15 57.00
C SER E 82 85.58 -47.42 55.96
N ASP E 83 85.06 -47.38 54.74
CA ASP E 83 85.74 -46.72 53.63
C ASP E 83 85.37 -45.24 53.53
N GLN E 84 84.12 -44.90 53.82
CA GLN E 84 83.64 -43.53 53.75
C GLN E 84 83.50 -42.97 55.16
N ILE E 85 84.04 -41.77 55.35
CA ILE E 85 84.03 -41.09 56.64
C ILE E 85 83.09 -39.91 56.55
N VAL E 86 82.21 -39.79 57.54
CA VAL E 86 81.27 -38.68 57.59
C VAL E 86 82.03 -37.38 57.81
N VAL E 87 81.63 -36.34 57.08
CA VAL E 87 82.34 -35.06 57.17
C VAL E 87 82.01 -34.42 58.52
N THR E 88 83.05 -34.15 59.30
CA THR E 88 82.90 -33.47 60.59
C THR E 88 83.53 -32.09 60.60
N VAL E 89 84.59 -31.89 59.82
CA VAL E 89 85.25 -30.59 59.72
C VAL E 89 85.20 -30.17 58.25
N PRO E 90 84.17 -29.43 57.83
CA PRO E 90 84.07 -29.02 56.43
C PRO E 90 85.24 -28.18 55.96
N GLN E 91 85.85 -27.39 56.86
CA GLN E 91 86.99 -26.58 56.47
C GLN E 91 88.17 -27.43 56.03
N LYS E 92 88.45 -28.50 56.76
CA LYS E 92 89.58 -29.36 56.44
C LYS E 92 89.24 -30.51 55.50
N THR E 93 87.95 -30.70 55.20
CA THR E 93 87.52 -31.80 54.33
C THR E 93 87.46 -31.28 52.91
N PHE E 94 88.61 -31.30 52.24
CA PHE E 94 88.69 -30.95 50.83
C PHE E 94 89.59 -31.96 50.14
N ILE E 95 89.37 -32.13 48.84
CA ILE E 95 90.12 -33.12 48.08
C ILE E 95 91.58 -32.68 47.96
N GLY E 96 92.48 -33.65 47.95
CA GLY E 96 93.90 -33.36 47.83
C GLY E 96 94.58 -32.92 49.10
N GLY E 97 93.90 -32.94 50.24
CA GLY E 97 94.51 -32.54 51.50
C GLY E 97 95.13 -33.70 52.22
N VAL E 98 96.36 -33.51 52.69
CA VAL E 98 97.13 -34.56 53.37
C VAL E 98 97.08 -34.32 54.87
N TYR E 99 96.72 -35.36 55.61
CA TYR E 99 96.61 -35.30 57.07
C TYR E 99 97.25 -36.53 57.67
N ASN E 100 97.34 -36.54 59.00
CA ASN E 100 97.82 -37.70 59.73
C ASN E 100 96.64 -38.63 60.01
N SER E 101 96.91 -39.94 59.95
CA SER E 101 95.85 -40.92 60.19
C SER E 101 95.30 -40.81 61.60
N THR E 102 96.17 -40.66 62.59
CA THR E 102 95.72 -40.56 63.97
C THR E 102 94.91 -39.30 64.19
N THR E 103 95.36 -38.17 63.64
CA THR E 103 94.64 -36.91 63.79
C THR E 103 93.28 -36.98 63.11
N LEU E 104 93.22 -37.61 61.94
CA LEU E 104 91.94 -37.78 61.27
C LEU E 104 91.02 -38.72 62.05
N ASP E 105 91.60 -39.72 62.72
CA ASP E 105 90.81 -40.64 63.52
C ASP E 105 90.21 -39.95 64.74
N ASN E 106 90.99 -39.14 65.44
CA ASN E 106 90.50 -38.43 66.61
C ASN E 106 90.00 -37.02 66.28
N LEU E 107 89.72 -36.74 65.01
CA LEU E 107 89.12 -35.48 64.57
C LEU E 107 89.98 -34.27 64.88
N ASP E 108 91.30 -34.45 64.85
CA ASP E 108 92.21 -33.31 65.02
C ASP E 108 92.56 -32.67 63.69
N TYR E 109 92.76 -33.49 62.66
CA TYR E 109 93.02 -33.02 61.30
C TYR E 109 94.24 -32.10 61.26
N THR E 110 95.39 -32.67 61.63
CA THR E 110 96.62 -31.91 61.55
C THR E 110 97.18 -32.01 60.14
N PRO E 111 97.28 -30.92 59.40
CA PRO E 111 97.74 -31.00 58.02
C PRO E 111 99.24 -31.26 57.94
N ILE E 112 99.65 -31.83 56.82
CA ILE E 112 101.06 -32.06 56.52
C ILE E 112 101.43 -31.05 55.45
N SER E 113 102.17 -30.02 55.84
CA SER E 113 102.50 -28.89 54.97
C SER E 113 103.73 -29.24 54.13
N TYR E 114 103.49 -29.92 53.01
CA TYR E 114 104.53 -30.26 52.06
C TYR E 114 104.00 -30.03 50.66
N PRO E 115 104.87 -29.68 49.71
CA PRO E 115 104.42 -29.46 48.33
C PRO E 115 103.84 -30.74 47.74
N LEU E 116 102.82 -30.55 46.89
CA LEU E 116 102.14 -31.66 46.24
C LEU E 116 102.06 -31.40 44.75
N ASP E 117 102.13 -32.47 43.97
CA ASP E 117 102.00 -32.35 42.53
C ASP E 117 100.57 -31.98 42.18
N PRO E 118 100.36 -31.36 41.01
CA PRO E 118 98.99 -31.05 40.58
C PRO E 118 98.15 -32.31 40.49
N ILE E 119 96.90 -32.20 40.93
CA ILE E 119 96.00 -33.34 41.04
C ILE E 119 94.90 -33.22 40.00
N THR E 120 94.55 -34.35 39.40
CA THR E 120 93.46 -34.43 38.44
C THR E 120 92.21 -34.90 39.17
N VAL E 121 91.11 -34.19 39.00
CA VAL E 121 89.85 -34.48 39.66
C VAL E 121 88.78 -34.74 38.61
N SER E 122 87.91 -35.70 38.89
CA SER E 122 86.83 -36.06 37.99
C SER E 122 85.52 -36.00 38.76
N TYR E 123 84.45 -35.68 38.04
CA TYR E 123 83.13 -35.56 38.65
C TYR E 123 82.21 -36.68 38.20
N SER E 124 81.39 -37.19 39.13
CA SER E 124 80.50 -38.29 38.79
C SER E 124 79.40 -37.87 37.83
N PHE E 125 78.94 -36.62 37.91
CA PHE E 125 77.86 -36.18 37.03
C PHE E 125 78.38 -35.84 35.63
N PRO E 126 77.55 -36.05 34.61
CA PRO E 126 77.99 -35.69 33.25
C PRO E 126 77.99 -34.18 33.03
N SER E 127 79.14 -33.66 32.60
CA SER E 127 79.29 -32.24 32.33
C SER E 127 80.47 -32.05 31.38
N ASP E 128 80.51 -30.87 30.75
CA ASP E 128 81.62 -30.55 29.87
C ASP E 128 82.93 -30.45 30.65
N PHE E 129 82.87 -29.84 31.83
CA PHE E 129 84.03 -29.72 32.71
C PHE E 129 84.02 -30.85 33.75
N ILE E 130 84.08 -32.08 33.24
CA ILE E 130 84.03 -33.27 34.09
C ILE E 130 85.41 -33.67 34.59
N VAL E 131 86.48 -33.24 33.91
CA VAL E 131 87.85 -33.54 34.30
C VAL E 131 88.59 -32.22 34.47
N ASP E 132 88.84 -31.84 35.73
CA ASP E 132 89.55 -30.62 36.06
C ASP E 132 90.92 -30.95 36.65
N THR E 133 91.76 -29.93 36.75
CA THR E 133 93.09 -30.06 37.32
C THR E 133 93.31 -28.93 38.32
N ILE E 134 93.87 -29.27 39.47
CA ILE E 134 94.12 -28.31 40.54
C ILE E 134 95.60 -28.38 40.89
N GLU E 135 96.30 -27.26 40.73
CA GLU E 135 97.74 -27.23 41.04
C GLU E 135 97.98 -27.27 42.54
N ARG E 136 97.24 -26.47 43.31
CA ARG E 136 97.38 -26.41 44.75
C ARG E 136 96.08 -26.84 45.40
N PRO E 137 95.98 -28.08 45.89
CA PRO E 137 94.74 -28.54 46.52
C PRO E 137 94.36 -27.69 47.73
N SER E 138 93.18 -27.09 47.66
CA SER E 138 92.67 -26.25 48.74
C SER E 138 91.14 -26.27 48.68
N LEU E 139 90.53 -25.84 49.79
CA LEU E 139 89.08 -25.80 49.86
C LEU E 139 88.51 -24.81 48.86
N SER E 140 89.13 -23.63 48.73
CA SER E 140 88.64 -22.64 47.78
C SER E 140 88.76 -23.15 46.35
N SER E 141 89.87 -23.80 46.02
CA SER E 141 90.05 -24.34 44.68
C SER E 141 89.03 -25.44 44.39
N MET E 142 88.77 -26.31 45.38
CA MET E 142 87.75 -27.36 45.17
C MET E 142 86.37 -26.76 44.98
N ARG E 143 86.02 -25.74 45.77
CA ARG E 143 84.71 -25.10 45.63
C ARG E 143 84.59 -24.42 44.28
N ALA E 144 85.63 -23.72 43.84
CA ALA E 144 85.58 -23.04 42.54
C ALA E 144 85.48 -24.03 41.40
N SER E 145 86.22 -25.14 41.49
CA SER E 145 86.14 -26.16 40.45
C SER E 145 84.76 -26.79 40.39
N VAL E 146 84.15 -27.05 41.56
CA VAL E 146 82.79 -27.59 41.58
C VAL E 146 81.81 -26.59 40.97
N PHE E 147 81.95 -25.31 41.31
CA PHE E 147 81.06 -24.29 40.77
C PHE E 147 81.17 -24.21 39.25
N LYS E 148 82.40 -24.19 38.73
CA LYS E 148 82.58 -24.11 37.28
C LYS E 148 82.08 -25.37 36.58
N ALA E 149 82.33 -26.54 37.16
CA ALA E 149 81.90 -27.79 36.55
C ALA E 149 80.39 -27.88 36.49
N MET E 150 79.70 -27.46 37.55
CA MET E 150 78.25 -27.56 37.57
C MET E 150 77.57 -26.42 36.83
N ARG E 151 78.29 -25.32 36.55
CA ARG E 151 77.76 -24.29 35.69
C ARG E 151 78.16 -24.46 34.22
N ALA E 152 78.96 -25.47 33.90
CA ALA E 152 79.38 -25.69 32.52
C ALA E 152 78.23 -26.26 31.70
N ALA E 153 78.43 -26.34 30.39
CA ALA E 153 77.43 -26.85 29.48
C ALA E 153 77.30 -28.36 29.58
N ASN E 154 76.16 -28.87 29.10
CA ASN E 154 75.86 -30.31 29.11
C ASN E 154 75.90 -30.87 30.53
N PHE E 155 75.45 -30.08 31.50
CA PHE E 155 75.38 -30.53 32.89
C PHE E 155 74.00 -31.09 33.19
N SER E 156 73.97 -32.23 33.87
CA SER E 156 72.71 -32.90 34.20
C SER E 156 72.80 -33.38 35.63
N GLY E 157 71.95 -32.83 36.49
CA GLY E 157 71.80 -33.31 37.85
C GLY E 157 70.63 -34.24 37.95
N GLU E 158 70.17 -34.74 36.79
CA GLU E 158 68.98 -35.58 36.76
C GLU E 158 69.21 -36.91 37.48
N GLN E 159 70.40 -37.49 37.34
CA GLN E 159 70.70 -38.77 37.95
C GLN E 159 71.58 -38.56 39.18
N SER E 160 71.19 -39.18 40.29
CA SER E 160 71.95 -39.14 41.52
C SER E 160 72.82 -40.39 41.62
N LEU E 161 73.50 -40.54 42.76
CA LEU E 161 74.41 -41.64 42.99
C LEU E 161 73.89 -42.63 44.01
N ALA E 162 73.34 -42.16 45.13
CA ALA E 162 72.81 -43.10 46.11
C ALA E 162 71.65 -42.46 46.85
N PHE E 163 70.80 -43.32 47.40
CA PHE E 163 69.63 -42.85 48.16
C PHE E 163 69.26 -43.92 49.17
N ASP E 164 69.53 -43.64 50.44
CA ASP E 164 69.22 -44.54 51.54
C ASP E 164 68.07 -43.97 52.33
N TYR E 165 67.07 -44.81 52.61
CA TYR E 165 65.91 -44.42 53.40
C TYR E 165 65.65 -45.47 54.47
N ASN E 166 65.16 -45.02 55.61
CA ASN E 166 64.85 -45.92 56.71
C ASN E 166 63.83 -45.26 57.62
N ILE E 167 62.72 -45.95 57.88
CA ILE E 167 61.68 -45.45 58.76
C ILE E 167 61.28 -46.54 59.73
N LYS E 168 60.96 -46.16 60.96
CA LYS E 168 60.53 -47.08 62.01
C LYS E 168 59.35 -46.44 62.71
N GLN E 169 58.18 -47.04 62.57
CA GLN E 169 56.95 -46.59 63.20
C GLN E 169 56.53 -47.59 64.27
N PHE E 170 56.21 -47.09 65.46
CA PHE E 170 55.81 -47.95 66.56
C PHE E 170 54.69 -47.26 67.32
N SER E 171 53.77 -48.07 67.85
CA SER E 171 52.62 -47.52 68.56
C SER E 171 52.12 -48.56 69.55
N TYR E 172 52.25 -48.25 70.84
CA TYR E 172 51.69 -49.06 71.91
C TYR E 172 50.31 -48.56 72.30
N TYR E 173 49.58 -49.41 73.01
CA TYR E 173 48.26 -49.07 73.52
C TYR E 173 47.99 -49.88 74.78
N SER E 174 47.26 -49.30 75.71
CA SER E 174 46.89 -49.99 76.93
C SER E 174 45.57 -49.43 77.44
N GLU E 175 44.69 -50.32 77.89
CA GLU E 175 43.37 -49.90 78.36
C GLU E 175 42.91 -50.83 79.47
N LEU E 176 42.66 -50.27 80.65
CA LEU E 176 42.11 -50.98 81.80
C LEU E 176 40.77 -50.36 82.16
N LYS E 177 39.78 -51.20 82.44
CA LYS E 177 38.42 -50.77 82.74
C LYS E 177 37.89 -51.50 83.97
N ILE E 178 38.68 -51.50 85.05
CA ILE E 178 38.31 -52.22 86.26
C ILE E 178 37.08 -51.58 86.90
N ALA E 179 36.10 -52.41 87.26
CA ALA E 179 34.88 -51.92 87.88
C ALA E 179 34.51 -52.83 89.03
N PHE E 180 33.78 -52.27 90.00
CA PHE E 180 33.35 -53.03 91.16
C PHE E 180 31.92 -52.67 91.55
N ILE E 194 28.15 -49.07 97.83
CA ILE E 194 29.58 -49.06 97.52
C ILE E 194 29.81 -49.42 96.06
N SER E 195 30.53 -48.55 95.34
CA SER E 195 30.84 -48.77 93.94
C SER E 195 32.31 -48.42 93.72
N GLY E 196 32.72 -48.37 92.45
CA GLY E 196 34.08 -48.02 92.12
C GLY E 196 34.46 -48.35 90.70
N SER E 197 35.20 -47.46 90.05
CA SER E 197 35.64 -47.66 88.68
C SER E 197 37.03 -47.08 88.50
N ASN E 198 37.81 -47.71 87.61
CA ASN E 198 39.17 -47.30 87.31
C ASN E 198 39.40 -47.52 85.82
N ASN E 199 39.46 -46.43 85.07
CA ASN E 199 39.69 -46.43 83.63
C ASN E 199 41.07 -45.84 83.37
N LYS E 200 41.99 -46.66 82.88
CA LYS E 200 43.36 -46.25 82.58
C LYS E 200 43.61 -46.43 81.09
N ILE E 201 44.12 -45.39 80.44
CA ILE E 201 44.44 -45.43 79.01
C ILE E 201 45.87 -44.95 78.83
N LYS E 202 46.66 -45.70 78.07
CA LYS E 202 48.05 -45.37 77.81
C LYS E 202 48.32 -45.48 76.31
N ARG E 203 49.00 -44.48 75.76
CA ARG E 203 49.35 -44.47 74.34
C ARG E 203 50.79 -43.99 74.21
N THR E 204 51.53 -44.59 73.28
CA THR E 204 52.92 -44.20 73.04
C THR E 204 53.22 -44.43 71.56
N THR E 205 53.41 -43.35 70.81
CA THR E 205 53.66 -43.40 69.38
C THR E 205 55.03 -42.84 69.07
N GLY E 206 55.73 -43.45 68.12
CA GLY E 206 57.04 -43.00 67.74
C GLY E 206 57.43 -43.30 66.31
N VAL E 207 57.86 -42.28 65.57
CA VAL E 207 58.31 -42.41 64.19
C VAL E 207 59.73 -41.88 64.11
N PHE E 208 60.66 -42.74 63.70
CA PHE E 208 62.05 -42.36 63.51
C PHE E 208 62.43 -42.57 62.06
N ALA E 209 62.96 -41.54 61.41
CA ALA E 209 63.27 -41.63 59.99
C ALA E 209 64.65 -41.08 59.72
N LYS E 210 65.45 -41.81 58.94
CA LYS E 210 66.75 -41.38 58.49
C LYS E 210 66.83 -41.51 56.98
N PHE E 211 67.37 -40.49 56.34
CA PHE E 211 67.49 -40.46 54.89
C PHE E 211 68.79 -39.80 54.50
N THR E 212 69.45 -40.37 53.50
CA THR E 212 70.65 -39.78 52.94
C THR E 212 70.59 -39.88 51.43
N GLN E 213 71.09 -38.86 50.74
CA GLN E 213 71.15 -38.86 49.30
C GLN E 213 72.55 -38.43 48.90
N LYS E 214 73.15 -39.16 47.97
CA LYS E 214 74.47 -38.84 47.45
C LYS E 214 74.27 -38.35 46.02
N ASN E 215 74.26 -37.03 45.86
CA ASN E 215 74.07 -36.41 44.56
C ASN E 215 75.23 -36.73 43.62
N PHE E 216 76.46 -36.52 44.09
CA PHE E 216 77.62 -36.81 43.24
C PHE E 216 78.86 -36.86 44.10
N THR E 217 79.97 -37.26 43.49
CA THR E 217 81.27 -37.21 44.14
C THR E 217 82.31 -36.65 43.19
N ILE E 218 83.30 -36.00 43.78
CA ILE E 218 84.50 -35.57 43.07
C ILE E 218 85.63 -36.47 43.54
N ASP E 219 86.28 -37.12 42.59
CA ASP E 219 87.31 -38.12 42.85
C ASP E 219 88.66 -37.61 42.36
N MET E 220 89.71 -38.17 42.96
CA MET E 220 91.08 -37.79 42.66
C MET E 220 91.78 -38.94 41.95
N ASP E 221 92.51 -38.62 40.88
CA ASP E 221 93.24 -39.64 40.15
C ASP E 221 94.52 -40.04 40.88
N LEU E 222 94.92 -41.29 40.67
CA LEU E 222 96.16 -41.75 41.27
C LEU E 222 97.33 -41.03 40.61
N PRO E 223 98.37 -40.69 41.37
CA PRO E 223 99.51 -39.97 40.79
C PRO E 223 100.22 -40.80 39.72
N ALA E 224 100.69 -40.10 38.68
CA ALA E 224 101.44 -40.77 37.63
C ALA E 224 102.77 -41.29 38.16
N ASP E 225 103.44 -40.50 38.99
CA ASP E 225 104.71 -40.91 39.58
C ASP E 225 104.54 -41.92 40.69
N GLY E 226 103.32 -42.12 41.19
CA GLY E 226 103.06 -43.03 42.28
C GLY E 226 103.13 -42.40 43.64
N ASN E 227 103.52 -41.13 43.73
CA ASN E 227 103.58 -40.39 44.99
C ASN E 227 102.91 -39.05 44.81
N ILE E 228 102.10 -38.66 45.79
CA ILE E 228 101.39 -37.38 45.71
C ILE E 228 102.35 -36.21 45.91
N PHE E 229 103.45 -36.43 46.61
CA PHE E 229 104.38 -35.35 46.91
C PHE E 229 105.20 -34.97 45.68
N LYS E 230 105.45 -33.68 45.53
CA LYS E 230 106.22 -33.19 44.39
C LYS E 230 107.69 -33.56 44.49
N ASN E 231 108.29 -33.37 45.67
CA ASN E 231 109.72 -33.65 45.83
C ASN E 231 110.03 -35.14 45.87
N ASN E 232 109.05 -35.98 46.21
CA ASN E 232 109.15 -37.43 46.34
C ASN E 232 110.02 -37.86 47.51
N SER E 233 110.63 -36.93 48.25
CA SER E 233 111.35 -37.25 49.46
C SER E 233 110.55 -36.95 50.71
N ASP E 234 109.49 -36.16 50.59
CA ASP E 234 108.63 -35.89 51.73
C ASP E 234 107.96 -37.16 52.23
N LEU E 235 107.74 -38.15 51.36
CA LEU E 235 107.17 -39.42 51.81
C LEU E 235 108.08 -40.08 52.84
N ALA E 236 109.39 -40.06 52.61
CA ALA E 236 110.32 -40.56 53.61
C ALA E 236 110.48 -39.58 54.76
N LEU E 237 110.24 -38.28 54.52
CA LEU E 237 110.36 -37.29 55.58
C LEU E 237 109.29 -37.48 56.65
N THR E 238 108.07 -37.82 56.25
CA THR E 238 106.97 -38.01 57.19
C THR E 238 106.82 -39.45 57.67
N ASN E 239 107.92 -40.21 57.72
CA ASN E 239 107.86 -41.54 58.31
C ASN E 239 107.44 -41.45 59.77
N GLY E 240 106.45 -42.25 60.14
CA GLY E 240 105.88 -42.19 61.47
C GLY E 240 104.73 -41.21 61.62
N LYS E 241 104.51 -40.35 60.62
CA LYS E 241 103.40 -39.41 60.65
C LYS E 241 102.14 -39.94 59.98
N ASN E 242 102.21 -41.14 59.39
CA ASN E 242 101.09 -41.78 58.71
C ASN E 242 100.45 -40.83 57.69
N PRO E 243 101.12 -40.56 56.58
CA PRO E 243 100.56 -39.62 55.60
C PRO E 243 99.35 -40.22 54.88
N VAL E 244 98.23 -39.53 54.98
CA VAL E 244 96.97 -39.95 54.35
C VAL E 244 96.34 -38.73 53.72
N TYR E 245 95.89 -38.87 52.47
CA TYR E 245 95.32 -37.76 51.73
C TYR E 245 93.90 -38.10 51.28
N ILE E 246 93.01 -37.13 51.37
CA ILE E 246 91.64 -37.34 50.93
C ILE E 246 91.60 -37.38 49.41
N SER E 247 90.96 -38.39 48.85
CA SER E 247 90.89 -38.60 47.41
C SER E 247 89.47 -38.59 46.86
N SER E 248 88.45 -38.41 47.68
CA SER E 248 87.08 -38.41 47.20
C SER E 248 86.21 -37.64 48.17
N VAL E 249 85.35 -36.77 47.63
CA VAL E 249 84.40 -36.00 48.42
C VAL E 249 83.01 -36.19 47.84
N THR E 250 82.06 -36.55 48.69
CA THR E 250 80.68 -36.83 48.28
C THR E 250 79.79 -35.65 48.65
N TYR E 251 79.09 -35.10 47.67
CA TYR E 251 78.12 -34.04 47.85
C TYR E 251 76.72 -34.64 47.83
N GLY E 252 75.92 -34.28 48.84
CA GLY E 252 74.58 -34.80 48.96
C GLY E 252 73.83 -34.14 50.09
N ARG E 253 72.74 -34.79 50.51
CA ARG E 253 71.86 -34.27 51.55
C ARG E 253 71.67 -35.32 52.63
N LEU E 254 71.41 -34.85 53.86
CA LEU E 254 71.16 -35.69 55.01
C LEU E 254 69.88 -35.23 55.69
N GLY E 255 69.14 -36.17 56.28
CA GLY E 255 67.94 -35.82 57.01
C GLY E 255 67.54 -36.83 58.06
N ILE E 256 67.31 -36.38 59.29
CA ILE E 256 66.90 -37.24 60.39
C ILE E 256 65.71 -36.59 61.08
N ILE E 257 64.67 -37.38 61.34
CA ILE E 257 63.51 -36.90 62.07
C ILE E 257 63.16 -37.92 63.14
N SER E 258 62.53 -37.44 64.21
CA SER E 258 62.13 -38.30 65.32
C SER E 258 60.96 -37.65 66.02
N ILE E 259 59.78 -38.27 65.91
CA ILE E 259 58.56 -37.77 66.52
C ILE E 259 58.09 -38.77 67.56
N GLU E 260 57.89 -38.30 68.79
CA GLU E 260 57.43 -39.14 69.89
C GLU E 260 56.20 -38.50 70.52
N SER E 261 55.32 -39.34 71.04
CA SER E 261 54.10 -38.86 71.68
C SER E 261 53.68 -39.85 72.76
N ASN E 262 53.20 -39.30 73.88
CA ASN E 262 52.75 -40.10 75.01
C ASN E 262 51.43 -39.54 75.52
N ALA E 263 50.52 -40.44 75.88
CA ALA E 263 49.20 -40.05 76.39
C ALA E 263 48.83 -40.95 77.56
N SER E 264 48.28 -40.35 78.61
CA SER E 264 47.88 -41.08 79.81
C SER E 264 46.54 -40.54 80.29
N TYR E 265 45.66 -41.45 80.70
CA TYR E 265 44.34 -41.14 81.21
C TYR E 265 44.08 -42.01 82.43
N ASN E 266 43.66 -41.40 83.53
CA ASN E 266 43.61 -42.08 84.83
C ASN E 266 42.28 -41.79 85.54
N GLU E 267 41.16 -41.99 84.85
CA GLU E 267 39.85 -41.75 85.47
C GLU E 267 39.58 -42.73 86.59
N VAL E 268 39.16 -42.22 87.75
CA VAL E 268 38.82 -43.04 88.91
C VAL E 268 37.52 -42.50 89.50
N ASN E 269 36.55 -43.38 89.72
CA ASN E 269 35.26 -43.02 90.31
C ASN E 269 35.00 -43.87 91.55
N PHE E 270 34.32 -43.28 92.53
CA PHE E 270 33.98 -43.98 93.76
C PHE E 270 32.71 -43.41 94.35
N ALA E 271 31.80 -44.28 94.77
CA ALA E 271 30.54 -43.84 95.37
C ALA E 271 30.21 -44.74 96.55
N LEU E 272 29.54 -44.16 97.54
CA LEU E 272 29.12 -44.87 98.75
C LEU E 272 27.67 -44.54 99.05
N LYS E 273 26.81 -44.67 98.05
CA LYS E 273 25.39 -44.38 98.21
C LYS E 273 24.71 -45.49 99.00
N LEU E 285 24.07 -41.16 103.85
CA LEU E 285 25.42 -40.93 103.34
C LEU E 285 25.45 -41.05 101.82
N ASN E 286 26.01 -40.04 101.17
CA ASN E 286 26.12 -39.96 99.72
C ASN E 286 27.53 -39.54 99.32
N ILE E 287 28.54 -40.21 99.89
CA ILE E 287 29.92 -39.87 99.61
C ILE E 287 30.26 -40.20 98.17
N ASP E 288 30.84 -39.23 97.46
CA ASP E 288 31.23 -39.39 96.07
C ASP E 288 32.66 -38.88 95.89
N SER E 289 33.37 -39.47 94.94
CA SER E 289 34.75 -39.10 94.68
C SER E 289 35.08 -39.37 93.22
N ASN E 290 35.82 -38.45 92.61
CA ASN E 290 36.24 -38.58 91.22
C ASN E 290 37.64 -38.01 91.07
N SER E 291 38.45 -38.65 90.24
CA SER E 291 39.83 -38.24 90.01
C SER E 291 40.16 -38.45 88.54
N LYS E 292 40.33 -37.37 87.80
CA LYS E 292 40.67 -37.43 86.38
C LYS E 292 42.05 -36.86 86.17
N LYS E 293 42.89 -37.58 85.42
CA LYS E 293 44.25 -37.15 85.15
C LYS E 293 44.58 -37.46 83.70
N ILE E 294 44.85 -36.42 82.92
CA ILE E 294 45.23 -36.55 81.51
C ILE E 294 46.61 -35.95 81.35
N LEU E 295 47.55 -36.73 80.84
CA LEU E 295 48.92 -36.30 80.63
C LEU E 295 49.27 -36.53 79.16
N GLU E 296 49.67 -35.46 78.47
CA GLU E 296 50.04 -35.55 77.07
C GLU E 296 51.43 -34.94 76.88
N GLU E 297 52.31 -35.70 76.25
CA GLU E 297 53.67 -35.25 75.96
C GLU E 297 53.97 -35.47 74.48
N SER E 298 54.72 -34.55 73.89
CA SER E 298 55.08 -34.62 72.49
C SER E 298 56.53 -34.19 72.31
N ASP E 299 57.15 -34.68 71.23
CA ASP E 299 58.52 -34.34 70.92
C ASP E 299 58.73 -34.51 69.42
N LEU E 300 59.56 -33.64 68.84
CA LEU E 300 59.84 -33.69 67.41
C LEU E 300 61.20 -33.06 67.17
N SER E 301 62.19 -33.89 66.85
CA SER E 301 63.54 -33.45 66.59
C SER E 301 63.90 -33.67 65.14
N VAL E 302 64.38 -32.62 64.46
CA VAL E 302 64.73 -32.67 63.05
C VAL E 302 66.17 -32.21 62.88
N TYR E 303 66.91 -32.86 61.99
CA TYR E 303 68.29 -32.51 61.68
C TYR E 303 68.51 -32.68 60.18
N LEU E 304 68.62 -31.57 59.45
CA LEU E 304 68.81 -31.61 58.00
C LEU E 304 70.16 -31.01 57.64
N VAL E 305 70.84 -31.63 56.70
CA VAL E 305 72.12 -31.17 56.19
C VAL E 305 71.98 -31.00 54.68
N GLY E 306 71.94 -29.74 54.25
CA GLY E 306 71.81 -29.43 52.83
C GLY E 306 70.37 -29.45 52.38
N GLY E 307 70.21 -29.37 51.07
CA GLY E 307 68.89 -29.33 50.47
C GLY E 307 68.36 -27.92 50.31
N ARG E 308 67.19 -27.85 49.68
CA ARG E 308 66.54 -26.57 49.46
C ARG E 308 66.09 -25.98 50.80
N GLY E 309 66.40 -24.69 51.01
CA GLY E 309 66.04 -24.05 52.27
C GLY E 309 64.54 -23.93 52.47
N THR E 310 63.81 -23.59 51.40
CA THR E 310 62.37 -23.42 51.50
C THR E 310 61.69 -24.73 51.92
N ASP E 311 62.10 -25.85 51.34
CA ASP E 311 61.54 -27.13 51.73
C ASP E 311 62.07 -27.58 53.08
N ALA E 312 63.30 -27.19 53.42
CA ALA E 312 63.89 -27.61 54.70
C ALA E 312 63.17 -26.97 55.87
N VAL E 313 62.78 -25.70 55.74
CA VAL E 313 62.12 -25.04 56.87
C VAL E 313 60.67 -25.45 57.04
N GLN E 314 60.12 -26.21 56.10
CA GLN E 314 58.74 -26.67 56.18
C GLN E 314 58.62 -27.99 56.94
N VAL E 315 59.73 -28.58 57.37
CA VAL E 315 59.68 -29.86 58.07
C VAL E 315 59.17 -29.66 59.49
N ILE E 316 58.94 -28.41 59.88
CA ILE E 316 58.45 -28.14 61.22
C ILE E 316 57.01 -28.58 61.40
N LYS E 317 56.29 -28.83 60.30
CA LYS E 317 54.88 -29.19 60.36
C LYS E 317 54.71 -30.71 60.38
N GLY E 318 55.29 -31.33 61.41
CA GLY E 318 55.16 -32.77 61.59
C GLY E 318 55.84 -33.57 60.49
N PHE E 319 55.33 -34.78 60.26
CA PHE E 319 55.85 -35.65 59.19
C PHE E 319 55.17 -35.36 57.86
N ALA E 320 55.15 -34.10 57.48
CA ALA E 320 54.65 -33.67 56.18
C ALA E 320 55.71 -32.89 55.44
N GLY E 321 56.42 -32.01 56.15
CA GLY E 321 57.56 -31.35 55.56
C GLY E 321 58.69 -32.32 55.27
N PHE E 322 58.90 -33.28 56.17
CA PHE E 322 59.86 -34.34 55.90
C PHE E 322 59.16 -35.44 55.11
N SER E 323 58.38 -35.03 54.12
CA SER E 323 57.88 -35.87 53.04
C SER E 323 57.92 -35.17 51.71
N ASN E 324 58.06 -33.84 51.70
CA ASN E 324 58.29 -33.07 50.49
C ASN E 324 59.71 -32.54 50.41
N PHE E 325 60.39 -32.39 51.55
CA PHE E 325 61.79 -32.00 51.50
C PHE E 325 62.61 -33.03 50.74
N ILE E 326 62.15 -34.28 50.74
CA ILE E 326 62.84 -35.34 50.01
C ILE E 326 62.38 -35.41 48.56
N VAL E 327 61.07 -35.30 48.32
CA VAL E 327 60.56 -35.49 46.96
C VAL E 327 60.69 -34.24 46.09
N ASN E 328 61.00 -33.09 46.67
CA ASN E 328 61.19 -31.86 45.92
C ASN E 328 62.66 -31.53 45.69
N GLY E 329 63.56 -32.44 46.02
CA GLY E 329 64.97 -32.20 45.82
C GLY E 329 65.73 -33.40 45.30
N GLY E 330 65.02 -34.29 44.60
CA GLY E 330 65.67 -35.47 44.06
C GLY E 330 66.70 -35.14 43.00
N GLN E 331 66.38 -34.22 42.10
CA GLN E 331 67.33 -33.77 41.08
C GLN E 331 68.08 -32.55 41.62
N PHE E 332 69.40 -32.64 41.68
CA PHE E 332 70.20 -31.56 42.20
C PHE E 332 70.53 -30.58 41.08
N THR E 333 70.20 -29.33 41.30
CA THR E 333 70.35 -28.22 40.39
C THR E 333 71.65 -27.47 40.68
N PRO E 334 72.20 -26.71 39.74
CA PRO E 334 73.42 -25.96 40.07
C PRO E 334 73.17 -24.85 41.09
N GLU E 335 71.91 -24.45 41.30
CA GLU E 335 71.60 -23.57 42.41
C GLU E 335 71.63 -24.29 43.76
N ALA E 336 71.50 -25.62 43.77
CA ALA E 336 71.53 -26.41 44.98
C ALA E 336 72.50 -27.57 44.77
N PRO E 337 73.81 -27.29 44.80
CA PRO E 337 74.79 -28.34 44.51
C PRO E 337 74.84 -29.46 45.52
N GLY E 338 74.39 -29.24 46.74
CA GLY E 338 74.50 -30.22 47.79
C GLY E 338 75.65 -29.87 48.73
N VAL E 339 75.75 -30.65 49.80
CA VAL E 339 76.73 -30.40 50.85
C VAL E 339 77.68 -31.58 50.96
N PRO E 340 78.99 -31.35 51.11
CA PRO E 340 79.91 -32.48 51.36
C PRO E 340 79.49 -33.21 52.62
N ILE E 341 79.09 -34.47 52.45
CA ILE E 341 78.58 -35.29 53.54
C ILE E 341 79.51 -36.44 53.86
N TYR E 342 80.15 -37.04 52.86
CA TYR E 342 81.08 -38.13 53.06
C TYR E 342 82.35 -37.88 52.28
N PHE E 343 83.44 -38.48 52.75
CA PHE E 343 84.70 -38.37 52.04
C PHE E 343 85.51 -39.63 52.27
N SER E 344 86.44 -39.88 51.36
CA SER E 344 87.29 -41.06 51.43
C SER E 344 88.74 -40.63 51.31
N ALA E 345 89.61 -41.34 52.01
CA ALA E 345 91.03 -41.01 52.03
C ALA E 345 91.84 -42.25 51.73
N SER E 346 93.07 -42.04 51.25
CA SER E 346 93.97 -43.11 50.89
C SER E 346 95.35 -42.83 51.44
N HIS E 347 96.10 -43.91 51.69
CA HIS E 347 97.46 -43.79 52.17
C HIS E 347 98.36 -43.16 51.11
N ALA E 348 99.36 -42.40 51.57
CA ALA E 348 100.29 -41.76 50.66
C ALA E 348 101.51 -42.64 50.35
N SER E 349 101.68 -43.76 51.06
CA SER E 349 102.84 -44.61 50.84
C SER E 349 102.63 -45.54 49.64
N ASP E 350 101.63 -46.41 49.72
CA ASP E 350 101.33 -47.35 48.65
C ASP E 350 100.07 -47.00 47.89
N ASN E 351 99.48 -45.82 48.14
CA ASN E 351 98.27 -45.37 47.48
C ASN E 351 97.11 -46.33 47.71
N SER E 352 97.13 -47.04 48.84
CA SER E 352 96.09 -47.99 49.18
C SER E 352 94.93 -47.28 49.87
N VAL E 353 93.79 -47.97 49.92
CA VAL E 353 92.60 -47.40 50.54
C VAL E 353 92.77 -47.36 52.05
N TYR E 354 92.53 -46.19 52.64
CA TYR E 354 92.67 -46.00 54.07
C TYR E 354 91.36 -46.36 54.77
N TYR E 355 91.44 -47.22 55.78
CA TYR E 355 90.28 -47.65 56.54
C TYR E 355 90.42 -47.16 57.97
N THR E 356 89.40 -46.49 58.47
CA THR E 356 89.38 -45.96 59.83
C THR E 356 88.43 -46.78 60.69
N THR E 357 88.74 -46.83 61.99
CA THR E 357 87.91 -47.59 62.93
C THR E 357 87.10 -46.64 63.81
N THR F 81 84.13 -31.13 74.80
CA THR F 81 84.86 -30.55 73.67
C THR F 81 83.95 -30.42 72.45
N SER F 82 83.98 -29.25 71.82
CA SER F 82 83.17 -28.96 70.65
C SER F 82 84.02 -28.27 69.60
N ASP F 83 83.64 -28.46 68.33
CA ASP F 83 84.35 -27.88 67.20
C ASP F 83 83.84 -26.49 66.86
N GLN F 84 82.53 -26.27 66.98
CA GLN F 84 81.90 -25.00 66.68
C GLN F 84 81.56 -24.27 67.97
N ILE F 85 81.93 -23.00 68.03
CA ILE F 85 81.72 -22.16 69.21
C ILE F 85 80.65 -21.13 68.87
N VAL F 86 79.66 -20.98 69.74
CA VAL F 86 78.61 -20.01 69.54
C VAL F 86 79.19 -18.60 69.64
N VAL F 87 78.76 -17.73 68.73
CA VAL F 87 79.30 -16.37 68.70
C VAL F 87 78.76 -15.60 69.89
N THR F 88 79.67 -15.10 70.73
CA THR F 88 79.32 -14.28 71.88
C THR F 88 79.79 -12.84 71.75
N VAL F 89 80.89 -12.61 71.04
CA VAL F 89 81.41 -11.27 70.81
C VAL F 89 81.47 -11.06 69.30
N PRO F 90 80.41 -10.51 68.69
CA PRO F 90 80.41 -10.31 67.24
C PRO F 90 81.52 -9.40 66.75
N GLN F 91 81.94 -8.44 67.57
CA GLN F 91 83.02 -7.54 67.17
C GLN F 91 84.32 -8.29 66.96
N LYS F 92 84.65 -9.22 67.87
CA LYS F 92 85.90 -9.95 67.78
C LYS F 92 85.77 -11.25 67.00
N THR F 93 84.57 -11.64 66.61
CA THR F 93 84.36 -12.89 65.88
C THR F 93 84.38 -12.59 64.38
N PHE F 94 85.59 -12.54 63.84
CA PHE F 94 85.79 -12.37 62.41
C PHE F 94 86.86 -13.35 61.95
N ILE F 95 86.79 -13.72 60.67
CA ILE F 95 87.73 -14.70 60.14
C ILE F 95 89.13 -14.09 60.08
N GLY F 96 90.14 -14.94 60.29
CA GLY F 96 91.51 -14.50 60.26
C GLY F 96 92.01 -13.81 61.51
N GLY F 97 91.22 -13.76 62.57
CA GLY F 97 91.64 -13.11 63.81
C GLY F 97 92.32 -14.09 64.75
N VAL F 98 93.46 -13.68 65.29
CA VAL F 98 94.26 -14.51 66.18
C VAL F 98 94.02 -14.09 67.62
N TYR F 99 93.71 -15.05 68.47
CA TYR F 99 93.44 -14.81 69.88
C TYR F 99 94.15 -15.88 70.72
N ASN F 100 94.10 -15.69 72.03
CA ASN F 100 94.63 -16.67 72.96
C ASN F 100 93.54 -17.70 73.26
N SER F 101 93.95 -18.95 73.43
CA SER F 101 92.99 -20.02 73.70
C SER F 101 92.29 -19.79 75.04
N THR F 102 93.04 -19.41 76.07
CA THR F 102 92.43 -19.17 77.38
C THR F 102 91.46 -18.00 77.35
N THR F 103 91.85 -16.92 76.67
CA THR F 103 90.97 -15.75 76.57
C THR F 103 89.71 -16.08 75.79
N LEU F 104 89.84 -16.86 74.72
CA LEU F 104 88.66 -17.29 73.97
C LEU F 104 87.79 -18.22 74.80
N ASP F 105 88.40 -19.03 75.66
CA ASP F 105 87.64 -19.94 76.50
C ASP F 105 86.83 -19.17 77.55
N ASN F 106 87.44 -18.18 78.20
CA ASN F 106 86.76 -17.38 79.21
C ASN F 106 86.13 -16.10 78.64
N LEU F 107 85.97 -16.04 77.32
CA LEU F 107 85.27 -14.94 76.64
C LEU F 107 85.96 -13.59 76.84
N ASP F 108 87.28 -13.61 76.96
CA ASP F 108 88.03 -12.36 77.04
C ASP F 108 88.44 -11.85 75.67
N TYR F 109 88.85 -12.77 74.79
CA TYR F 109 89.19 -12.46 73.41
C TYR F 109 90.30 -11.41 73.34
N THR F 110 91.46 -11.77 73.89
CA THR F 110 92.61 -10.88 73.81
C THR F 110 93.31 -11.11 72.47
N PRO F 111 93.36 -10.11 71.60
CA PRO F 111 93.98 -10.32 70.29
C PRO F 111 95.49 -10.40 70.40
N ILE F 112 96.08 -11.06 69.41
CA ILE F 112 97.53 -11.14 69.27
C ILE F 112 97.90 -10.25 68.09
N SER F 113 98.47 -9.09 68.40
CA SER F 113 98.76 -8.06 67.40
C SER F 113 100.10 -8.36 66.74
N TYR F 114 100.06 -9.20 65.70
CA TYR F 114 101.23 -9.53 64.91
C TYR F 114 100.82 -9.57 63.45
N PRO F 115 101.75 -9.24 62.55
CA PRO F 115 101.42 -9.27 61.12
C PRO F 115 101.05 -10.68 60.66
N LEU F 116 100.12 -10.73 59.71
CA LEU F 116 99.64 -12.00 59.17
C LEU F 116 99.68 -11.94 57.65
N ASP F 117 99.95 -13.10 57.05
CA ASP F 117 99.97 -13.19 55.60
C ASP F 117 98.54 -13.05 55.07
N PRO F 118 98.39 -12.63 53.81
CA PRO F 118 97.05 -12.55 53.23
C PRO F 118 96.36 -13.91 53.26
N ILE F 119 95.08 -13.90 53.55
CA ILE F 119 94.30 -15.13 53.76
C ILE F 119 93.31 -15.28 52.61
N THR F 120 93.16 -16.51 52.15
CA THR F 120 92.18 -16.86 51.13
C THR F 120 90.92 -17.39 51.80
N VAL F 121 89.78 -16.84 51.43
CA VAL F 121 88.50 -17.21 52.02
C VAL F 121 87.59 -17.74 50.92
N SER F 122 86.81 -18.75 51.26
CA SER F 122 85.87 -19.36 50.34
C SER F 122 84.49 -19.36 50.97
N TYR F 123 83.46 -19.29 50.13
CA TYR F 123 82.08 -19.24 50.58
C TYR F 123 81.36 -20.53 50.23
N SER F 124 80.51 -21.00 51.14
CA SER F 124 79.78 -22.24 50.90
C SER F 124 78.75 -22.10 49.78
N PHE F 125 78.15 -20.92 49.64
CA PHE F 125 77.12 -20.74 48.62
C PHE F 125 77.74 -20.53 47.24
N PRO F 126 77.06 -20.97 46.19
CA PRO F 126 77.58 -20.74 44.82
C PRO F 126 77.44 -19.30 44.40
N SER F 127 78.57 -18.70 43.99
CA SER F 127 78.59 -17.32 43.53
C SER F 127 79.82 -17.11 42.68
N ASP F 128 79.80 -16.04 41.88
CA ASP F 128 80.96 -15.69 41.07
C ASP F 128 82.15 -15.33 41.95
N PHE F 129 81.91 -14.57 43.02
CA PHE F 129 82.95 -14.20 43.96
C PHE F 129 82.95 -15.17 45.15
N ILE F 130 83.19 -16.43 44.82
CA ILE F 130 83.20 -17.49 45.84
C ILE F 130 84.56 -17.66 46.51
N VAL F 131 85.64 -17.19 45.88
CA VAL F 131 86.99 -17.26 46.42
C VAL F 131 87.55 -15.84 46.46
N ASP F 132 87.62 -15.27 47.67
CA ASP F 132 88.16 -13.93 47.88
C ASP F 132 89.47 -14.01 48.63
N THR F 133 90.18 -12.88 48.65
CA THR F 133 91.45 -12.76 49.35
C THR F 133 91.43 -11.49 50.19
N ILE F 134 91.90 -11.60 51.43
CA ILE F 134 91.94 -10.48 52.37
C ILE F 134 93.36 -10.32 52.84
N GLU F 135 93.95 -9.14 52.59
CA GLU F 135 95.33 -8.89 53.01
C GLU F 135 95.42 -8.70 54.52
N ARG F 136 94.51 -7.91 55.09
CA ARG F 136 94.50 -7.64 56.52
C ARG F 136 93.19 -8.14 57.11
N PRO F 137 93.18 -9.30 57.76
CA PRO F 137 91.93 -9.82 58.35
C PRO F 137 91.34 -8.88 59.38
N SER F 138 90.11 -8.45 59.12
CA SER F 138 89.40 -7.54 60.01
C SER F 138 87.90 -7.75 59.82
N LEU F 139 87.13 -7.27 60.80
CA LEU F 139 85.69 -7.40 60.73
C LEU F 139 85.11 -6.63 59.55
N SER F 140 85.61 -5.41 59.31
CA SER F 140 85.12 -4.63 58.18
C SER F 140 85.45 -5.31 56.86
N SER F 141 86.65 -5.85 56.73
CA SER F 141 87.02 -6.54 55.50
C SER F 141 86.17 -7.79 55.28
N MET F 142 85.91 -8.54 56.36
CA MET F 142 85.05 -9.72 56.23
C MET F 142 83.63 -9.34 55.82
N ARG F 143 83.09 -8.28 56.43
CA ARG F 143 81.74 -7.83 56.08
C ARG F 143 81.68 -7.36 54.63
N ALA F 144 82.68 -6.59 54.20
CA ALA F 144 82.69 -6.11 52.81
C ALA F 144 82.82 -7.25 51.83
N SER F 145 83.67 -8.24 52.14
CA SER F 145 83.82 -9.38 51.26
C SER F 145 82.52 -10.18 51.17
N VAL F 146 81.83 -10.36 52.30
CA VAL F 146 80.55 -11.07 52.28
C VAL F 146 79.52 -10.30 51.45
N PHE F 147 79.49 -8.97 51.61
CA PHE F 147 78.56 -8.15 50.85
C PHE F 147 78.81 -8.26 49.35
N LYS F 148 80.07 -8.15 48.93
CA LYS F 148 80.40 -8.25 47.52
C LYS F 148 80.12 -9.64 46.97
N ALA F 149 80.44 -10.68 47.74
CA ALA F 149 80.22 -12.05 47.28
C ALA F 149 78.74 -12.33 47.09
N MET F 150 77.90 -11.86 48.02
CA MET F 150 76.48 -12.15 47.92
C MET F 150 75.76 -11.21 46.97
N ARG F 151 76.38 -10.08 46.60
CA ARG F 151 75.82 -9.25 45.54
C ARG F 151 76.39 -9.56 44.17
N ALA F 152 77.34 -10.50 44.07
CA ALA F 152 77.91 -10.84 42.78
C ALA F 152 76.92 -11.67 41.95
N ALA F 153 77.27 -11.88 40.69
CA ALA F 153 76.43 -12.64 39.77
C ALA F 153 76.47 -14.12 40.09
N ASN F 154 75.45 -14.84 39.59
CA ASN F 154 75.32 -16.28 39.78
C ASN F 154 75.28 -16.64 41.27
N PHE F 155 74.64 -15.80 42.07
CA PHE F 155 74.47 -16.06 43.49
C PHE F 155 73.14 -16.74 43.75
N SER F 156 73.16 -17.78 44.58
CA SER F 156 71.96 -18.55 44.89
C SER F 156 71.96 -18.82 46.38
N GLY F 157 70.95 -18.27 47.08
CA GLY F 157 70.72 -18.57 48.47
C GLY F 157 69.65 -19.64 48.60
N GLU F 158 69.38 -20.33 47.50
CA GLU F 158 68.30 -21.31 47.48
C GLU F 158 68.61 -22.49 48.41
N GLN F 159 69.86 -22.92 48.46
CA GLN F 159 70.24 -24.07 49.27
C GLN F 159 70.95 -23.59 50.53
N SER F 160 70.52 -24.10 51.67
CA SER F 160 71.14 -23.80 52.96
C SER F 160 72.13 -24.90 53.32
N LEU F 161 72.70 -24.80 54.51
CA LEU F 161 73.70 -25.75 54.99
C LEU F 161 73.19 -26.65 56.09
N ALA F 162 72.47 -26.10 57.07
CA ALA F 162 71.96 -26.97 58.13
C ALA F 162 70.67 -26.39 58.66
N PHE F 163 69.86 -27.27 59.26
CA PHE F 163 68.57 -26.84 59.82
C PHE F 163 68.22 -27.80 60.95
N ASP F 164 68.32 -27.33 62.18
CA ASP F 164 68.00 -28.10 63.37
C ASP F 164 66.70 -27.59 63.97
N TYR F 165 65.80 -28.49 64.28
CA TYR F 165 64.52 -28.15 64.89
C TYR F 165 64.27 -29.07 66.08
N ASN F 166 63.61 -28.53 67.09
CA ASN F 166 63.30 -29.32 68.29
C ASN F 166 62.12 -28.68 68.98
N ILE F 167 61.08 -29.47 69.25
CA ILE F 167 59.90 -28.97 69.96
C ILE F 167 59.52 -29.98 71.03
N LYS F 168 59.04 -29.47 72.16
CA LYS F 168 58.60 -30.30 73.29
C LYS F 168 57.29 -29.72 73.79
N GLN F 169 56.22 -30.48 73.62
CA GLN F 169 54.88 -30.10 74.08
C GLN F 169 54.48 -31.00 75.24
N PHE F 170 53.98 -30.39 76.31
CA PHE F 170 53.57 -31.14 77.49
C PHE F 170 52.30 -30.50 78.04
N SER F 171 51.43 -31.33 78.60
CA SER F 171 50.14 -30.84 79.11
C SER F 171 49.67 -31.79 80.20
N TYR F 172 49.62 -31.30 81.43
CA TYR F 172 49.05 -32.03 82.56
C TYR F 172 47.59 -31.66 82.74
N TYR F 173 46.89 -32.49 83.51
CA TYR F 173 45.49 -32.26 83.84
C TYR F 173 45.20 -32.92 85.18
N SER F 174 44.30 -32.31 85.94
CA SER F 174 43.89 -32.88 87.22
C SER F 174 42.47 -32.42 87.53
N GLU F 175 41.65 -33.34 88.02
CA GLU F 175 40.25 -33.03 88.31
C GLU F 175 39.78 -33.86 89.49
N LEU F 176 39.35 -33.19 90.55
CA LEU F 176 38.77 -33.81 91.73
C LEU F 176 37.34 -33.31 91.89
N LYS F 177 36.42 -34.23 92.19
CA LYS F 177 34.99 -33.93 92.31
C LYS F 177 34.43 -34.55 93.59
N ILE F 178 35.09 -34.31 94.71
CA ILE F 178 34.68 -34.90 95.98
C ILE F 178 33.33 -34.35 96.40
N ALA F 179 32.41 -35.22 96.80
CA ALA F 179 31.09 -34.82 97.23
C ALA F 179 30.70 -35.61 98.47
N PHE F 180 29.82 -35.03 99.27
CA PHE F 180 29.35 -35.66 100.50
C PHE F 180 27.86 -35.44 100.70
N ILE F 194 23.07 -31.54 106.02
CA ILE F 194 24.51 -31.38 105.85
C ILE F 194 24.94 -31.90 104.49
N SER F 195 25.63 -31.06 103.72
CA SER F 195 26.10 -31.42 102.39
C SER F 195 27.54 -30.92 102.24
N GLY F 196 28.07 -30.99 101.03
CA GLY F 196 29.41 -30.52 100.77
C GLY F 196 29.97 -30.99 99.45
N SER F 197 30.68 -30.11 98.74
CA SER F 197 31.28 -30.43 97.46
C SER F 197 32.61 -29.71 97.33
N ASN F 198 33.53 -30.35 96.61
CA ASN F 198 34.87 -29.82 96.37
C ASN F 198 35.27 -30.20 94.96
N ASN F 199 35.29 -29.22 94.06
CA ASN F 199 35.67 -29.39 92.67
C ASN F 199 36.99 -28.66 92.44
N LYS F 200 38.04 -29.42 92.17
CA LYS F 200 39.38 -28.89 91.93
C LYS F 200 39.81 -29.23 90.51
N ILE F 201 40.26 -28.23 89.76
CA ILE F 201 40.73 -28.42 88.39
C ILE F 201 42.11 -27.79 88.27
N LYS F 202 43.05 -28.53 87.70
CA LYS F 202 44.41 -28.06 87.51
C LYS F 202 44.86 -28.35 86.08
N ARG F 203 45.47 -27.35 85.44
CA ARG F 203 45.97 -27.49 84.08
C ARG F 203 47.35 -26.85 84.02
N THR F 204 48.24 -27.47 83.23
CA THR F 204 49.60 -26.95 83.07
C THR F 204 50.08 -27.33 81.68
N THR F 205 50.23 -26.35 80.80
CA THR F 205 50.62 -26.55 79.41
C THR F 205 51.96 -25.87 79.15
N GLY F 206 52.80 -26.52 78.36
CA GLY F 206 54.10 -25.95 78.04
C GLY F 206 54.66 -26.40 76.70
N VAL F 207 55.05 -25.43 75.87
CA VAL F 207 55.65 -25.68 74.57
C VAL F 207 57.01 -25.00 74.53
N PHE F 208 58.07 -25.78 74.34
CA PHE F 208 59.42 -25.25 74.22
C PHE F 208 59.97 -25.62 72.86
N ALA F 209 60.44 -24.62 72.11
CA ALA F 209 60.91 -24.86 70.74
C ALA F 209 62.24 -24.17 70.53
N LYS F 210 63.19 -24.90 69.93
CA LYS F 210 64.48 -24.38 69.54
C LYS F 210 64.73 -24.70 68.08
N PHE F 211 65.22 -23.72 67.34
CA PHE F 211 65.48 -23.87 65.92
C PHE F 211 66.73 -23.10 65.56
N THR F 212 67.56 -23.71 64.72
CA THR F 212 68.73 -23.05 64.18
C THR F 212 68.84 -23.36 62.70
N GLN F 213 69.30 -22.39 61.93
CA GLN F 213 69.51 -22.58 60.50
C GLN F 213 70.88 -22.03 60.17
N LYS F 214 71.65 -22.79 59.42
CA LYS F 214 72.98 -22.39 58.97
C LYS F 214 72.86 -22.12 57.48
N ASN F 215 72.73 -20.84 57.13
CA ASN F 215 72.62 -20.44 55.74
C ASN F 215 73.90 -20.73 54.97
N PHE F 216 75.03 -20.31 55.50
CA PHE F 216 76.30 -20.57 54.81
C PHE F 216 77.45 -20.34 55.77
N THR F 217 78.65 -20.67 55.32
CA THR F 217 79.85 -20.37 56.07
C THR F 217 80.92 -19.81 55.14
N ILE F 218 81.77 -18.98 55.72
CA ILE F 218 82.97 -18.49 55.07
C ILE F 218 84.15 -19.17 55.76
N ASP F 219 84.96 -19.85 54.97
CA ASP F 219 86.06 -20.67 55.46
C ASP F 219 87.39 -20.07 55.03
N MET F 220 88.43 -20.39 55.79
CA MET F 220 89.77 -19.89 55.56
C MET F 220 90.67 -21.04 55.09
N ASP F 221 91.47 -20.78 54.06
CA ASP F 221 92.38 -21.78 53.54
C ASP F 221 93.61 -21.91 54.43
N LEU F 222 94.16 -23.12 54.46
CA LEU F 222 95.39 -23.34 55.21
C LEU F 222 96.53 -22.57 54.57
N PRO F 223 97.44 -22.00 55.36
CA PRO F 223 98.55 -21.24 54.79
C PRO F 223 99.45 -22.09 53.92
N ALA F 224 99.93 -21.49 52.82
CA ALA F 224 100.88 -22.20 51.95
C ALA F 224 102.19 -22.46 52.66
N ASP F 225 102.68 -21.49 53.43
CA ASP F 225 103.92 -21.65 54.19
C ASP F 225 103.75 -22.53 55.42
N GLY F 226 102.51 -22.80 55.83
CA GLY F 226 102.24 -23.58 57.00
C GLY F 226 102.09 -22.78 58.27
N ASN F 227 102.32 -21.46 58.20
CA ASN F 227 102.18 -20.57 59.34
C ASN F 227 101.37 -19.35 58.91
N ILE F 228 100.43 -18.94 59.76
CA ILE F 228 99.60 -17.78 59.42
C ILE F 228 100.39 -16.49 59.54
N PHE F 229 101.43 -16.46 60.35
CA PHE F 229 102.20 -15.25 60.57
C PHE F 229 103.10 -14.94 59.38
N LYS F 230 103.21 -13.66 59.05
CA LYS F 230 104.03 -13.23 57.92
C LYS F 230 105.52 -13.40 58.21
N ASN F 231 105.97 -12.98 59.40
CA ASN F 231 107.38 -13.04 59.72
C ASN F 231 107.86 -14.46 60.02
N ASN F 232 106.95 -15.37 60.38
CA ASN F 232 107.20 -16.77 60.72
C ASN F 232 107.98 -16.93 62.03
N SER F 233 108.41 -15.84 62.66
CA SER F 233 109.04 -15.90 63.97
C SER F 233 108.07 -15.53 65.09
N ASP F 234 106.95 -14.91 64.76
CA ASP F 234 105.94 -14.60 65.76
C ASP F 234 105.37 -15.87 66.39
N LEU F 235 105.37 -16.98 65.66
CA LEU F 235 104.90 -18.23 66.24
C LEU F 235 105.76 -18.64 67.43
N ALA F 236 107.08 -18.49 67.31
CA ALA F 236 107.95 -18.72 68.46
C ALA F 236 107.88 -17.58 69.46
N LEU F 237 107.52 -16.37 69.01
CA LEU F 237 107.41 -15.24 69.92
C LEU F 237 106.26 -15.42 70.92
N THR F 238 105.13 -15.97 70.45
CA THR F 238 103.97 -16.15 71.31
C THR F 238 103.94 -17.52 71.98
N ASN F 239 105.10 -18.13 72.24
CA ASN F 239 105.13 -19.36 73.01
C ASN F 239 104.55 -19.13 74.40
N GLY F 240 103.62 -20.00 74.80
CA GLY F 240 102.91 -19.84 76.04
C GLY F 240 101.66 -18.99 75.95
N LYS F 241 101.45 -18.31 74.82
CA LYS F 241 100.23 -17.51 74.62
C LYS F 241 99.13 -18.29 73.92
N ASN F 242 99.39 -19.54 73.52
CA ASN F 242 98.42 -20.40 72.85
C ASN F 242 97.79 -19.69 71.66
N PRO F 243 98.54 -19.48 70.56
CA PRO F 243 97.98 -18.76 69.41
C PRO F 243 96.94 -19.61 68.69
N VAL F 244 95.74 -19.05 68.58
CA VAL F 244 94.62 -19.71 67.92
C VAL F 244 93.91 -18.68 67.06
N TYR F 245 93.62 -19.03 65.81
CA TYR F 245 93.01 -18.11 64.87
C TYR F 245 91.69 -18.69 64.36
N ILE F 246 90.69 -17.84 64.23
CA ILE F 246 89.41 -18.27 63.69
C ILE F 246 89.54 -18.52 62.20
N SER F 247 89.07 -19.68 61.74
CA SER F 247 89.17 -20.08 60.34
C SER F 247 87.84 -20.32 59.68
N SER F 248 86.72 -20.16 60.37
CA SER F 248 85.42 -20.40 59.77
C SER F 248 84.36 -19.63 60.54
N VAL F 249 83.48 -18.95 59.80
CA VAL F 249 82.37 -18.21 60.39
C VAL F 249 81.07 -18.65 59.72
N THR F 250 80.08 -19.01 60.54
CA THR F 250 78.80 -19.51 60.05
C THR F 250 77.75 -18.42 60.17
N TYR F 251 77.10 -18.10 59.04
CA TYR F 251 76.00 -17.15 58.99
C TYR F 251 74.69 -17.92 58.94
N GLY F 252 73.76 -17.54 59.81
CA GLY F 252 72.47 -18.20 59.87
C GLY F 252 71.53 -17.49 60.82
N ARG F 253 70.49 -18.21 61.25
CA ARG F 253 69.45 -17.68 62.12
C ARG F 253 69.27 -18.59 63.32
N LEU F 254 68.83 -17.99 64.44
CA LEU F 254 68.55 -18.70 65.68
C LEU F 254 67.16 -18.31 66.15
N GLY F 255 66.49 -19.25 66.82
CA GLY F 255 65.18 -18.96 67.38
C GLY F 255 64.79 -19.86 68.53
N ILE F 256 64.39 -19.28 69.65
CA ILE F 256 63.96 -20.03 70.82
C ILE F 256 62.63 -19.45 71.30
N ILE F 257 61.67 -20.32 71.59
CA ILE F 257 60.39 -19.90 72.13
C ILE F 257 60.04 -20.81 73.30
N SER F 258 59.26 -20.26 74.23
CA SER F 258 58.85 -21.02 75.41
C SER F 258 57.53 -20.44 75.91
N ILE F 259 56.46 -21.20 75.79
CA ILE F 259 55.13 -20.78 76.21
C ILE F 259 54.68 -21.69 77.35
N GLU F 260 54.29 -21.08 78.46
CA GLU F 260 53.81 -21.81 79.62
C GLU F 260 52.46 -21.26 80.05
N SER F 261 51.63 -22.12 80.61
CA SER F 261 50.31 -21.73 81.06
C SER F 261 49.89 -22.61 82.23
N ASN F 262 49.24 -21.99 83.20
CA ASN F 262 48.76 -22.68 84.40
C ASN F 262 47.34 -22.22 84.70
N ALA F 263 46.50 -23.17 85.11
CA ALA F 263 45.11 -22.90 85.44
C ALA F 263 44.72 -23.67 86.69
N SER F 264 44.00 -23.00 87.59
CA SER F 264 43.55 -23.60 88.84
C SER F 264 42.12 -23.17 89.13
N TYR F 265 41.31 -24.13 89.58
CA TYR F 265 39.91 -23.92 89.92
C TYR F 265 39.63 -24.65 91.22
N ASN F 266 39.04 -23.95 92.19
CA ASN F 266 38.92 -24.45 93.56
C ASN F 266 37.51 -24.25 94.10
N GLU F 267 36.48 -24.67 93.35
CA GLU F 267 35.11 -24.51 93.81
C GLU F 267 34.83 -25.37 95.04
N VAL F 268 34.23 -24.76 96.06
CA VAL F 268 33.86 -25.46 97.30
C VAL F 268 32.46 -25.01 97.69
N ASN F 269 31.58 -25.97 97.95
CA ASN F 269 30.21 -25.69 98.36
C ASN F 269 29.91 -26.40 99.68
N PHE F 270 29.07 -25.77 100.51
CA PHE F 270 28.69 -26.35 101.79
C PHE F 270 27.30 -25.85 102.18
N ALA F 271 26.45 -26.77 102.64
CA ALA F 271 25.10 -26.43 103.05
C ALA F 271 24.75 -27.19 104.32
N LEU F 272 23.92 -26.58 105.15
CA LEU F 272 23.46 -27.17 106.40
C LEU F 272 21.95 -26.98 106.54
N LYS F 273 21.24 -27.35 105.48
CA LYS F 273 19.78 -27.23 105.48
C LYS F 273 19.14 -28.30 106.35
N LEU F 285 17.51 -23.47 110.43
CA LEU F 285 18.87 -23.14 110.03
C LEU F 285 19.09 -23.46 108.55
N ASN F 286 19.59 -22.47 107.82
CA ASN F 286 19.84 -22.58 106.38
C ASN F 286 21.23 -22.05 106.04
N ILE F 287 22.23 -22.50 106.79
CA ILE F 287 23.60 -22.03 106.60
C ILE F 287 24.11 -22.51 105.25
N ASP F 288 24.66 -21.58 104.47
CA ASP F 288 25.20 -21.86 103.15
C ASP F 288 26.58 -21.21 103.03
N SER F 289 27.45 -21.83 102.24
CA SER F 289 28.81 -21.32 102.05
C SER F 289 29.31 -21.74 100.68
N ASN F 290 30.00 -20.83 100.01
CA ASN F 290 30.58 -21.09 98.70
C ASN F 290 31.92 -20.36 98.59
N SER F 291 32.87 -21.01 97.93
CA SER F 291 34.21 -20.47 97.77
C SER F 291 34.72 -20.83 96.38
N LYS F 292 34.84 -19.84 95.50
CA LYS F 292 35.33 -20.05 94.15
C LYS F 292 36.66 -19.34 93.98
N LYS F 293 37.64 -20.04 93.41
CA LYS F 293 38.97 -19.48 93.21
C LYS F 293 39.48 -19.94 91.86
N ILE F 294 39.70 -19.00 90.95
CA ILE F 294 40.25 -19.26 89.63
C ILE F 294 41.56 -18.51 89.51
N LEU F 295 42.63 -19.24 89.20
CA LEU F 295 43.96 -18.67 89.04
C LEU F 295 44.49 -19.04 87.66
N GLU F 296 44.83 -18.04 86.86
CA GLU F 296 45.35 -18.27 85.52
C GLU F 296 46.68 -17.53 85.38
N GLU F 297 47.70 -18.24 84.93
CA GLU F 297 49.02 -17.67 84.70
C GLU F 297 49.50 -18.04 83.31
N SER F 298 50.21 -17.13 82.66
CA SER F 298 50.71 -17.33 81.32
C SER F 298 52.12 -16.75 81.20
N ASP F 299 52.89 -17.30 80.28
CA ASP F 299 54.25 -16.83 80.04
C ASP F 299 54.63 -17.17 78.61
N LEU F 300 55.42 -16.29 77.98
CA LEU F 300 55.84 -16.50 76.61
C LEU F 300 57.15 -15.75 76.39
N SER F 301 58.24 -16.47 76.29
CA SER F 301 59.56 -15.90 76.09
C SER F 301 60.09 -16.28 74.72
N VAL F 302 60.51 -15.27 73.94
CA VAL F 302 61.03 -15.47 72.59
C VAL F 302 62.41 -14.84 72.48
N TYR F 303 63.30 -15.51 71.76
CA TYR F 303 64.66 -15.04 71.52
C TYR F 303 65.06 -15.37 70.10
N LEU F 304 65.12 -14.37 69.22
CA LEU F 304 65.46 -14.58 67.82
C LEU F 304 66.76 -13.86 67.49
N VAL F 305 67.61 -14.52 66.72
CA VAL F 305 68.87 -13.97 66.26
C VAL F 305 68.87 -14.02 64.74
N GLY F 306 68.73 -12.85 64.12
CA GLY F 306 68.72 -12.75 62.68
C GLY F 306 67.35 -13.02 62.10
N GLY F 307 67.31 -13.14 60.78
CA GLY F 307 66.08 -13.34 60.07
C GLY F 307 65.40 -12.05 59.66
N ARG F 308 64.31 -12.20 58.93
CA ARG F 308 63.55 -11.06 58.47
C ARG F 308 62.89 -10.35 59.66
N GLY F 309 63.03 -9.03 59.71
CA GLY F 309 62.47 -8.27 60.82
C GLY F 309 60.96 -8.31 60.87
N THR F 310 60.31 -8.22 59.71
CA THR F 310 58.86 -8.22 59.66
C THR F 310 58.29 -9.53 60.19
N ASP F 311 58.89 -10.66 59.82
CA ASP F 311 58.43 -11.94 60.34
C ASP F 311 58.87 -12.14 61.79
N ALA F 312 60.00 -11.55 62.18
CA ALA F 312 60.49 -11.72 63.54
C ALA F 312 59.59 -11.02 64.54
N VAL F 313 59.08 -9.84 64.20
CA VAL F 313 58.23 -9.11 65.16
C VAL F 313 56.83 -9.69 65.26
N GLN F 314 56.46 -10.62 64.39
CA GLN F 314 55.15 -11.25 64.42
C GLN F 314 55.09 -12.45 65.34
N VAL F 315 56.21 -12.84 65.95
CA VAL F 315 56.23 -14.00 66.83
C VAL F 315 55.55 -13.68 68.15
N ILE F 316 55.15 -12.42 68.33
CA ILE F 316 54.49 -12.04 69.57
C ILE F 316 53.10 -12.63 69.68
N LYS F 317 52.54 -13.12 68.58
CA LYS F 317 51.17 -13.65 68.56
C LYS F 317 51.18 -15.16 68.79
N GLY F 318 51.71 -15.57 69.94
CA GLY F 318 51.72 -16.97 70.32
C GLY F 318 52.61 -17.82 69.42
N PHE F 319 52.26 -19.10 69.32
CA PHE F 319 52.98 -20.02 68.44
C PHE F 319 52.42 -20.01 67.02
N ALA F 320 52.30 -18.83 66.46
CA ALA F 320 51.89 -18.64 65.08
C ALA F 320 52.94 -17.83 64.33
N GLY F 321 53.46 -16.78 64.96
CA GLY F 321 54.57 -16.06 64.38
C GLY F 321 55.82 -16.92 64.34
N PHE F 322 56.05 -17.71 65.39
CA PHE F 322 57.14 -18.68 65.36
C PHE F 322 56.66 -19.95 64.68
N SER F 323 55.95 -19.78 63.57
CA SER F 323 55.66 -20.81 62.59
C SER F 323 55.76 -20.30 61.17
N ASN F 324 55.75 -18.97 60.99
CA ASN F 324 56.02 -18.35 59.70
C ASN F 324 57.37 -17.66 59.67
N PHE F 325 57.91 -17.28 60.83
CA PHE F 325 59.26 -16.72 60.85
C PHE F 325 60.25 -17.73 60.32
N ILE F 326 59.95 -19.02 60.47
CA ILE F 326 60.82 -20.06 59.96
C ILE F 326 60.53 -20.39 58.51
N VAL F 327 59.25 -20.48 58.13
CA VAL F 327 58.91 -20.91 56.78
C VAL F 327 58.98 -19.79 55.75
N ASN F 328 59.10 -18.54 56.18
CA ASN F 328 59.23 -17.41 55.28
C ASN F 328 60.66 -16.93 55.13
N GLY F 329 61.63 -17.67 55.67
CA GLY F 329 63.02 -17.28 55.56
C GLY F 329 63.96 -18.43 55.29
N GLY F 330 63.42 -19.49 54.68
CA GLY F 330 64.26 -20.64 54.36
C GLY F 330 65.35 -20.32 53.37
N GLN F 331 65.02 -19.58 52.31
CA GLN F 331 66.01 -19.16 51.33
C GLN F 331 66.56 -17.80 51.74
N PHE F 332 67.87 -17.72 51.94
CA PHE F 332 68.49 -16.47 52.36
C PHE F 332 68.81 -15.62 51.14
N THR F 333 68.34 -14.40 51.16
CA THR F 333 68.45 -13.41 50.11
C THR F 333 69.61 -12.49 50.41
N PRO F 334 70.18 -11.79 49.41
CA PRO F 334 71.25 -10.84 49.74
C PRO F 334 70.78 -9.66 50.55
N GLU F 335 69.47 -9.39 50.59
CA GLU F 335 68.94 -8.41 51.53
C GLU F 335 68.92 -8.94 52.96
N ALA F 336 68.94 -10.26 53.15
CA ALA F 336 68.93 -10.88 54.47
C ALA F 336 70.04 -11.92 54.51
N PRO F 337 71.30 -11.48 54.61
CA PRO F 337 72.41 -12.42 54.57
C PRO F 337 72.49 -13.39 55.74
N GLY F 338 71.89 -13.05 56.87
CA GLY F 338 72.00 -13.87 58.06
C GLY F 338 73.00 -13.25 59.03
N VAL F 339 73.07 -13.86 60.21
CA VAL F 339 73.90 -13.34 61.30
C VAL F 339 74.97 -14.38 61.66
N PRO F 340 76.21 -13.96 61.89
CA PRO F 340 77.21 -14.92 62.37
C PRO F 340 76.76 -15.53 63.69
N ILE F 341 76.53 -16.84 63.67
CA ILE F 341 76.00 -17.56 64.81
C ILE F 341 77.01 -18.53 65.39
N TYR F 342 77.82 -19.17 64.55
CA TYR F 342 78.84 -20.11 64.99
C TYR F 342 80.14 -19.80 64.29
N PHE F 343 81.23 -20.20 64.93
CA PHE F 343 82.55 -20.01 64.32
C PHE F 343 83.48 -21.11 64.82
N SER F 344 84.52 -21.37 64.03
CA SER F 344 85.48 -22.41 64.35
C SER F 344 86.87 -21.82 64.29
N ALA F 345 87.74 -22.31 65.17
CA ALA F 345 89.10 -21.82 65.26
C ALA F 345 90.08 -22.97 65.22
N SER F 346 91.31 -22.67 64.83
CA SER F 346 92.36 -23.66 64.70
C SER F 346 93.64 -23.13 65.33
N HIS F 347 94.48 -24.06 65.79
CA HIS F 347 95.75 -23.71 66.37
C HIS F 347 96.68 -23.12 65.33
N ALA F 348 97.53 -22.19 65.75
CA ALA F 348 98.48 -21.57 64.84
C ALA F 348 99.81 -22.31 64.78
N SER F 349 100.03 -23.30 65.64
CA SER F 349 101.30 -24.02 65.65
C SER F 349 101.32 -25.12 64.59
N ASP F 350 100.42 -26.09 64.71
CA ASP F 350 100.35 -27.19 63.76
C ASP F 350 99.14 -27.11 62.85
N ASN F 351 98.41 -26.00 62.88
CA ASN F 351 97.22 -25.80 62.05
C ASN F 351 96.16 -26.85 62.33
N SER F 352 96.14 -27.40 63.54
CA SER F 352 95.18 -28.42 63.92
C SER F 352 93.89 -27.77 64.39
N VAL F 353 92.83 -28.58 64.45
CA VAL F 353 91.53 -28.09 64.86
C VAL F 353 91.53 -27.83 66.37
N TYR F 354 91.11 -26.63 66.75
CA TYR F 354 91.07 -26.24 68.15
C TYR F 354 89.74 -26.66 68.77
N TYR F 355 89.81 -27.36 69.89
CA TYR F 355 88.63 -27.82 70.61
C TYR F 355 88.57 -27.13 71.96
N THR F 356 87.43 -26.54 72.27
CA THR F 356 87.21 -25.84 73.52
C THR F 356 86.28 -26.65 74.41
N THR F 357 86.44 -26.49 75.72
CA THR F 357 85.62 -27.21 76.69
C THR F 357 84.61 -26.27 77.34
N THR G 81 78.77 -9.93 85.65
CA THR G 81 79.54 -9.42 84.51
C THR G 81 78.76 -9.57 83.21
N SER G 82 78.72 -8.49 82.42
CA SER G 82 78.02 -8.48 81.16
C SER G 82 78.89 -7.84 80.09
N ASP G 83 78.66 -8.24 78.85
CA ASP G 83 79.41 -7.72 77.70
C ASP G 83 78.78 -6.47 77.12
N GLN G 84 77.46 -6.41 77.10
CA GLN G 84 76.72 -5.28 76.55
C GLN G 84 76.17 -4.43 77.68
N ILE G 85 76.38 -3.12 77.60
CA ILE G 85 75.96 -2.17 78.62
C ILE G 85 74.82 -1.34 78.03
N VAL G 86 73.74 -1.21 78.78
CA VAL G 86 72.60 -0.40 78.36
C VAL G 86 73.01 1.06 78.30
N VAL G 87 72.58 1.75 77.24
CA VAL G 87 72.97 3.15 77.05
C VAL G 87 72.23 4.00 78.08
N THR G 88 72.98 4.72 78.91
CA THR G 88 72.41 5.64 79.88
C THR G 88 72.73 7.09 79.59
N VAL G 89 73.87 7.36 78.96
CA VAL G 89 74.25 8.71 78.57
C VAL G 89 74.45 8.72 77.06
N PRO G 90 73.40 9.04 76.29
CA PRO G 90 73.54 9.04 74.83
C PRO G 90 74.58 10.02 74.32
N GLN G 91 74.80 11.13 75.02
CA GLN G 91 75.81 12.10 74.60
C GLN G 91 77.20 11.49 74.61
N LYS G 92 77.53 10.74 75.66
CA LYS G 92 78.86 10.17 75.79
C LYS G 92 78.97 8.77 75.20
N THR G 93 77.86 8.18 74.77
CA THR G 93 77.88 6.82 74.22
C THR G 93 78.01 6.93 72.71
N PHE G 94 79.26 7.05 72.27
CA PHE G 94 79.59 7.05 70.85
C PHE G 94 80.81 6.17 70.63
N ILE G 95 80.91 5.61 69.43
CA ILE G 95 82.00 4.71 69.12
C ILE G 95 83.33 5.47 69.09
N GLY G 96 84.40 4.79 69.52
CA GLY G 96 85.71 5.40 69.54
C GLY G 96 86.00 6.30 70.72
N GLY G 97 85.09 6.40 71.69
CA GLY G 97 85.31 7.25 72.85
C GLY G 97 85.99 6.50 73.97
N VAL G 98 87.02 7.13 74.55
CA VAL G 98 87.81 6.52 75.62
C VAL G 98 87.37 7.10 76.95
N TYR G 99 87.08 6.24 77.91
CA TYR G 99 86.64 6.63 79.24
C TYR G 99 87.37 5.78 80.28
N ASN G 100 87.17 6.13 81.54
CA ASN G 100 87.70 5.36 82.65
C ASN G 100 86.71 4.26 83.01
N SER G 101 87.25 3.09 83.38
CA SER G 101 86.39 1.97 83.73
C SER G 101 85.52 2.28 84.95
N THR G 102 86.11 2.89 85.98
CA THR G 102 85.35 3.22 87.18
C THR G 102 84.26 4.24 86.89
N THR G 103 84.59 5.27 86.10
CA THR G 103 83.60 6.28 85.75
C THR G 103 82.48 5.70 84.91
N LEU G 104 82.81 4.81 83.99
CA LEU G 104 81.77 4.14 83.21
C LEU G 104 80.93 3.22 84.09
N ASP G 105 81.53 2.62 85.11
CA ASP G 105 80.79 1.74 86.01
C ASP G 105 79.80 2.53 86.85
N ASN G 106 80.23 3.67 87.41
CA ASN G 106 79.35 4.50 88.21
C ASN G 106 78.65 5.60 87.42
N LEU G 107 78.62 5.48 86.09
CA LEU G 107 77.87 6.37 85.20
C LEU G 107 78.38 7.81 85.27
N ASP G 108 79.67 7.98 85.49
CA ASP G 108 80.27 9.32 85.46
C ASP G 108 80.76 9.67 84.07
N TYR G 109 81.36 8.71 83.38
CA TYR G 109 81.81 8.86 82.00
C TYR G 109 82.79 10.03 81.87
N THR G 110 83.92 9.90 82.57
CA THR G 110 84.96 10.91 82.46
C THR G 110 85.82 10.60 81.25
N PRO G 111 85.85 11.46 80.24
CA PRO G 111 86.62 11.16 79.04
C PRO G 111 88.12 11.29 79.29
N ILE G 112 88.88 10.58 78.46
CA ILE G 112 90.34 10.67 78.46
C ILE G 112 90.72 11.44 77.21
N SER G 113 91.12 12.69 77.38
CA SER G 113 91.39 13.60 76.28
C SER G 113 92.83 13.38 75.78
N TYR G 114 92.99 12.42 74.90
CA TYR G 114 94.26 12.13 74.26
C TYR G 114 94.02 11.85 72.79
N PRO G 115 94.99 12.17 71.93
CA PRO G 115 94.83 11.91 70.50
C PRO G 115 94.66 10.42 70.22
N LEU G 116 93.85 10.11 69.21
CA LEU G 116 93.57 8.74 68.82
C LEU G 116 93.77 8.60 67.32
N ASP G 117 94.23 7.41 66.92
CA ASP G 117 94.40 7.12 65.51
C ASP G 117 93.04 7.02 64.84
N PRO G 118 92.98 7.25 63.53
CA PRO G 118 91.70 7.07 62.82
C PRO G 118 91.17 5.65 62.98
N ILE G 119 89.86 5.54 63.17
CA ILE G 119 89.22 4.27 63.47
C ILE G 119 88.38 3.83 62.28
N THR G 120 88.41 2.53 62.00
CA THR G 120 87.60 1.94 60.95
C THR G 120 86.35 1.35 61.58
N VAL G 121 85.19 1.69 61.02
CA VAL G 121 83.91 1.25 61.55
C VAL G 121 83.18 0.48 60.47
N SER G 122 82.49 -0.58 60.88
CA SER G 122 81.72 -1.43 59.98
C SER G 122 80.29 -1.52 60.47
N TYR G 123 79.36 -1.69 59.54
CA TYR G 123 77.94 -1.76 59.87
C TYR G 123 77.41 -3.16 59.65
N SER G 124 76.53 -3.61 60.54
CA SER G 124 75.98 -4.96 60.41
C SER G 124 75.06 -5.09 59.21
N PHE G 125 74.34 -4.03 58.83
CA PHE G 125 73.42 -4.12 57.72
C PHE G 125 74.15 -4.02 56.38
N PRO G 126 73.65 -4.68 55.34
CA PRO G 126 74.27 -4.58 54.02
C PRO G 126 74.02 -3.22 53.38
N SER G 127 75.09 -2.55 52.99
CA SER G 127 75.01 -1.25 52.34
C SER G 127 76.31 -1.01 51.57
N ASP G 128 76.23 -0.06 50.63
CA ASP G 128 77.43 0.32 49.88
C ASP G 128 78.48 0.95 50.80
N PHE G 129 78.04 1.79 51.72
CA PHE G 129 78.93 2.42 52.69
C PHE G 129 78.91 1.64 53.99
N ILE G 130 79.33 0.37 53.89
CA ILE G 130 79.35 -0.53 55.03
C ILE G 130 80.64 -0.44 55.84
N VAL G 131 81.72 0.09 55.25
CA VAL G 131 83.01 0.26 55.91
C VAL G 131 83.39 1.72 55.80
N ASP G 132 83.26 2.46 56.90
CA ASP G 132 83.62 3.87 56.97
C ASP G 132 84.87 4.06 57.83
N THR G 133 85.43 5.27 57.75
CA THR G 133 86.60 5.64 58.53
C THR G 133 86.35 7.00 59.17
N ILE G 134 86.69 7.11 60.45
CA ILE G 134 86.50 8.35 61.21
C ILE G 134 87.85 8.75 61.78
N GLU G 135 88.32 9.94 61.42
CA GLU G 135 89.60 10.41 61.92
C GLU G 135 89.52 10.81 63.38
N ARG G 136 88.48 11.55 63.75
CA ARG G 136 88.28 12.02 65.12
C ARG G 136 86.98 11.44 65.66
N PRO G 137 87.03 10.39 66.47
CA PRO G 137 85.80 9.79 67.01
C PRO G 137 85.00 10.78 67.84
N SER G 138 83.76 11.02 67.41
CA SER G 138 82.86 11.93 68.10
C SER G 138 81.43 11.52 67.81
N LEU G 139 80.51 12.02 68.64
CA LEU G 139 79.10 11.71 68.47
C LEU G 139 78.57 12.23 67.13
N SER G 140 78.96 13.45 66.76
CA SER G 140 78.50 14.01 65.50
C SER G 140 79.04 13.21 64.32
N SER G 141 80.31 12.81 64.38
CA SER G 141 80.87 12.01 63.30
C SER G 141 80.20 10.65 63.20
N MET G 142 79.91 10.02 64.34
CA MET G 142 79.21 8.73 64.30
C MET G 142 77.80 8.88 63.73
N ARG G 143 77.08 9.93 64.13
CA ARG G 143 75.75 10.15 63.59
C ARG G 143 75.78 10.41 62.09
N ALA G 144 76.73 11.24 61.63
CA ALA G 144 76.82 11.53 60.21
C ALA G 144 77.19 10.28 59.41
N SER G 145 78.11 9.47 59.94
CA SER G 145 78.47 8.24 59.25
C SER G 145 77.29 7.28 59.16
N VAL G 146 76.51 7.17 60.24
CA VAL G 146 75.33 6.31 60.21
C VAL G 146 74.31 6.83 59.20
N PHE G 147 74.12 8.15 59.16
CA PHE G 147 73.17 8.74 58.21
C PHE G 147 73.60 8.46 56.77
N LYS G 148 74.88 8.67 56.46
CA LYS G 148 75.37 8.43 55.10
C LYS G 148 75.29 6.95 54.74
N ALA G 149 75.66 6.07 55.67
CA ALA G 149 75.63 4.64 55.40
C ALA G 149 74.22 4.14 55.13
N MET G 150 73.25 4.62 55.91
CA MET G 150 71.89 4.15 55.73
C MET G 150 71.17 4.85 54.58
N ARG G 151 71.69 5.98 54.11
CA ARG G 151 71.16 6.60 52.89
C ARG G 151 71.91 6.18 51.64
N ALA G 152 72.95 5.37 51.77
CA ALA G 152 73.69 4.92 50.59
C ALA G 152 72.89 3.89 49.80
N ALA G 153 73.40 3.54 48.63
CA ALA G 153 72.75 2.58 47.75
C ALA G 153 72.92 1.16 48.30
N ASN G 154 72.05 0.26 47.81
CA ASN G 154 72.05 -1.15 48.20
C ASN G 154 71.90 -1.32 49.72
N PHE G 155 71.09 -0.46 50.32
CA PHE G 155 70.80 -0.54 51.75
C PHE G 155 69.54 -1.34 51.98
N SER G 156 69.60 -2.25 52.95
CA SER G 156 68.47 -3.11 53.27
C SER G 156 68.32 -3.18 54.78
N GLY G 157 67.21 -2.68 55.29
CA GLY G 157 66.86 -2.82 56.68
C GLY G 157 65.92 -3.98 56.88
N GLU G 158 65.84 -4.84 55.87
CA GLU G 158 64.90 -5.95 55.90
C GLU G 158 65.23 -6.94 57.02
N GLN G 159 66.51 -7.21 57.24
CA GLN G 159 66.93 -8.17 58.24
C GLN G 159 67.44 -7.44 59.47
N SER G 160 66.96 -7.85 60.64
CA SER G 160 67.40 -7.30 61.91
C SER G 160 68.46 -8.21 62.51
N LEU G 161 68.89 -7.88 63.73
CA LEU G 161 69.93 -8.62 64.41
C LEU G 161 69.41 -9.42 65.59
N ALA G 162 68.54 -8.85 66.41
CA ALA G 162 68.03 -9.62 67.54
C ALA G 162 66.62 -9.14 67.88
N PHE G 163 65.86 -10.02 68.52
CA PHE G 163 64.49 -9.69 68.89
C PHE G 163 64.13 -10.53 70.11
N ASP G 164 64.04 -9.89 71.27
CA ASP G 164 63.69 -10.54 72.53
C ASP G 164 62.29 -10.10 72.93
N TYR G 165 61.45 -11.07 73.28
CA TYR G 165 60.09 -10.82 73.73
C TYR G 165 59.83 -11.59 75.00
N ASN G 166 59.01 -11.01 75.88
CA ASN G 166 58.65 -11.66 77.13
C ASN G 166 57.34 -11.08 77.62
N ILE G 167 56.38 -11.95 77.92
CA ILE G 167 55.09 -11.53 78.43
C ILE G 167 54.71 -12.42 79.61
N LYS G 168 54.06 -11.82 80.60
CA LYS G 168 53.61 -12.54 81.79
C LYS G 168 52.20 -12.08 82.08
N GLN G 169 51.23 -12.98 81.95
CA GLN G 169 49.83 -12.71 82.22
C GLN G 169 49.41 -13.49 83.45
N PHE G 170 48.73 -12.82 84.38
CA PHE G 170 48.28 -13.44 85.61
C PHE G 170 46.90 -12.91 85.94
N SER G 171 46.07 -13.76 86.54
CA SER G 171 44.70 -13.36 86.86
C SER G 171 44.22 -14.21 88.04
N TYR G 172 43.99 -13.57 89.17
CA TYR G 172 43.40 -14.20 90.34
C TYR G 172 41.88 -14.00 90.34
N TYR G 173 41.21 -14.81 91.15
CA TYR G 173 39.77 -14.71 91.33
C TYR G 173 39.41 -15.22 92.70
N SER G 174 38.38 -14.63 93.29
CA SER G 174 37.90 -15.07 94.60
C SER G 174 36.42 -14.76 94.71
N GLU G 175 35.65 -15.71 95.25
CA GLU G 175 34.21 -15.54 95.37
C GLU G 175 33.71 -16.25 96.63
N LEU G 176 33.10 -15.50 97.53
CA LEU G 176 32.47 -16.02 98.73
C LEU G 176 30.98 -15.70 98.68
N LYS G 177 30.15 -16.67 99.04
CA LYS G 177 28.69 -16.55 98.99
C LYS G 177 28.07 -17.06 100.28
N ILE G 178 28.59 -16.59 101.41
CA ILE G 178 28.10 -17.05 102.72
C ILE G 178 26.67 -16.61 102.94
N ALA G 179 25.82 -17.55 103.37
CA ALA G 179 24.42 -17.25 103.62
C ALA G 179 24.00 -17.91 104.92
N PHE G 180 22.97 -17.34 105.55
CA PHE G 180 22.46 -17.86 106.81
C PHE G 180 20.93 -17.81 106.84
N ILE G 194 15.21 -13.86 111.10
CA ILE G 194 16.63 -13.55 111.03
C ILE G 194 17.26 -14.19 109.80
N SER G 195 17.92 -13.38 108.99
CA SER G 195 18.57 -13.85 107.77
C SER G 195 19.94 -13.19 107.69
N GLY G 196 20.60 -13.37 106.54
CA GLY G 196 21.91 -12.77 106.34
C GLY G 196 22.66 -13.33 105.15
N SER G 197 23.33 -12.47 104.39
CA SER G 197 24.09 -12.89 103.22
C SER G 197 25.34 -12.02 103.11
N ASN G 198 26.39 -12.63 102.58
CA ASN G 198 27.68 -11.97 102.38
C ASN G 198 28.27 -12.50 101.08
N ASN G 199 28.27 -11.65 100.05
CA ASN G 199 28.81 -11.95 98.74
C ASN G 199 30.06 -11.09 98.52
N LYS G 200 31.22 -11.75 98.46
CA LYS G 200 32.50 -11.08 98.25
C LYS G 200 33.12 -11.56 96.96
N ILE G 201 33.53 -10.63 96.11
CA ILE G 201 34.15 -10.93 94.82
C ILE G 201 35.46 -10.15 94.73
N LYS G 202 36.53 -10.85 94.36
CA LYS G 202 37.84 -10.24 94.22
C LYS G 202 38.46 -10.65 92.89
N ARG G 203 39.03 -9.68 92.18
CA ARG G 203 39.68 -9.92 90.91
C ARG G 203 40.98 -9.15 90.86
N THR G 204 42.01 -9.74 90.27
CA THR G 204 43.31 -9.08 90.15
C THR G 204 43.97 -9.59 88.88
N THR G 205 44.09 -8.72 87.88
CA THR G 205 44.66 -9.06 86.58
C THR G 205 45.92 -8.24 86.34
N GLY G 206 46.93 -8.88 85.73
CA GLY G 206 48.17 -8.20 85.44
C GLY G 206 48.92 -8.74 84.24
N VAL G 207 49.28 -7.86 83.31
CA VAL G 207 50.04 -8.22 82.12
C VAL G 207 51.30 -7.37 82.11
N PHE G 208 52.45 -8.03 82.12
CA PHE G 208 53.75 -7.36 82.04
C PHE G 208 54.48 -7.82 80.80
N ALA G 209 54.91 -6.89 79.95
CA ALA G 209 55.54 -7.25 78.70
C ALA G 209 56.81 -6.43 78.49
N LYS G 210 57.87 -7.12 78.10
CA LYS G 210 59.14 -6.49 77.76
C LYS G 210 59.57 -6.97 76.38
N PHE G 211 60.03 -6.03 75.55
CA PHE G 211 60.45 -6.35 74.21
C PHE G 211 61.64 -5.48 73.84
N THR G 212 62.62 -6.09 73.18
CA THR G 212 63.76 -5.36 72.65
C THR G 212 64.05 -5.86 71.25
N GLN G 213 64.47 -4.94 70.38
CA GLN G 213 64.85 -5.30 69.03
C GLN G 213 66.18 -4.63 68.74
N LYS G 214 67.12 -5.37 68.18
CA LYS G 214 68.42 -4.87 67.79
C LYS G 214 68.44 -4.83 66.27
N ASN G 215 68.20 -3.63 65.73
CA ASN G 215 68.18 -3.43 64.28
C ASN G 215 69.55 -3.66 63.68
N PHE G 216 70.58 -3.03 64.25
CA PHE G 216 71.93 -3.21 63.71
C PHE G 216 72.94 -2.72 64.74
N THR G 217 74.21 -2.96 64.45
CA THR G 217 75.30 -2.41 65.25
C THR G 217 76.38 -1.86 64.35
N ILE G 218 77.07 -0.84 64.88
CA ILE G 218 78.27 -0.30 64.26
C ILE G 218 79.43 -0.73 65.14
N ASP G 219 80.40 -1.41 64.53
CA ASP G 219 81.52 -2.01 65.23
C ASP G 219 82.81 -1.31 64.84
N MET G 220 83.79 -1.39 65.73
CA MET G 220 85.10 -0.76 65.54
C MET G 220 86.16 -1.83 65.33
N ASP G 221 87.03 -1.61 64.35
CA ASP G 221 88.09 -2.55 64.06
C ASP G 221 89.22 -2.41 65.07
N LEU G 222 89.92 -3.52 65.32
CA LEU G 222 91.06 -3.48 66.20
C LEU G 222 92.18 -2.66 65.55
N PRO G 223 92.93 -1.88 66.34
CA PRO G 223 94.00 -1.06 65.75
C PRO G 223 95.08 -1.90 65.10
N ALA G 224 95.61 -1.41 63.98
CA ALA G 224 96.70 -2.09 63.30
C ALA G 224 97.96 -2.10 64.16
N ASP G 225 98.26 -0.97 64.82
CA ASP G 225 99.41 -0.87 65.69
C ASP G 225 99.21 -1.59 67.02
N GLY G 226 97.98 -1.97 67.35
CA GLY G 226 97.68 -2.62 68.61
C GLY G 226 97.31 -1.67 69.72
N ASN G 227 97.40 -0.36 69.48
CA ASN G 227 97.03 0.65 70.46
C ASN G 227 96.14 1.70 69.78
N ILE G 228 95.07 2.09 70.47
CA ILE G 228 94.15 3.07 69.91
C ILE G 228 94.78 4.47 69.89
N PHE G 229 95.72 4.73 70.79
CA PHE G 229 96.33 6.06 70.90
C PHE G 229 97.30 6.31 69.75
N LYS G 230 97.30 7.55 69.26
CA LYS G 230 98.18 7.91 68.16
C LYS G 230 99.64 7.98 68.60
N ASN G 231 99.91 8.60 69.74
CA ASN G 231 101.29 8.76 70.20
C ASN G 231 101.88 7.46 70.73
N ASN G 232 101.05 6.52 71.15
CA ASN G 232 101.42 5.21 71.72
C ASN G 232 102.07 5.33 73.09
N SER G 233 102.30 6.54 73.59
CA SER G 233 102.79 6.74 74.95
C SER G 233 101.68 7.13 75.91
N ASP G 234 100.53 7.55 75.40
CA ASP G 234 99.40 7.87 76.25
C ASP G 234 98.91 6.63 77.01
N LEU G 235 99.12 5.44 76.44
CA LEU G 235 98.73 4.22 77.15
C LEU G 235 99.50 4.09 78.47
N ALA G 236 100.80 4.39 78.44
CA ALA G 236 101.57 4.44 79.68
C ALA G 236 101.26 5.68 80.50
N LEU G 237 100.82 6.76 79.85
CA LEU G 237 100.48 7.98 80.57
C LEU G 237 99.28 7.79 81.47
N THR G 238 98.27 7.05 81.00
CA THR G 238 97.05 6.83 81.77
C THR G 238 97.11 5.57 82.63
N ASN G 239 98.29 5.16 83.07
CA ASN G 239 98.37 4.05 84.01
C ASN G 239 97.63 4.39 85.30
N GLY G 240 96.78 3.48 85.73
CA GLY G 240 95.92 3.72 86.87
C GLY G 240 94.59 4.38 86.55
N LYS G 241 94.42 4.86 85.32
CA LYS G 241 93.16 5.46 84.90
C LYS G 241 92.23 4.47 84.22
N ASN G 242 92.66 3.22 84.03
CA ASN G 242 91.88 2.17 83.41
C ASN G 242 91.31 2.61 82.08
N PRO G 243 92.14 2.77 81.04
CA PRO G 243 91.63 3.26 79.76
C PRO G 243 90.76 2.20 79.08
N VAL G 244 89.53 2.57 78.78
CA VAL G 244 88.56 1.70 78.12
C VAL G 244 87.83 2.51 77.06
N TYR G 245 87.73 1.95 75.87
CA TYR G 245 87.11 2.66 74.74
C TYR G 245 85.94 1.85 74.21
N ILE G 246 84.85 2.55 73.86
CA ILE G 246 83.70 1.88 73.30
C ILE G 246 84.01 1.46 71.86
N SER G 247 83.72 0.19 71.55
CA SER G 247 84.02 -0.37 70.25
C SER G 247 82.80 -0.87 69.49
N SER G 248 81.60 -0.77 70.06
CA SER G 248 80.40 -1.25 69.38
C SER G 248 79.20 -0.50 69.94
N VAL G 249 78.32 -0.05 69.03
CA VAL G 249 77.08 0.62 69.41
C VAL G 249 75.92 -0.07 68.71
N THR G 250 74.89 -0.45 69.46
CA THR G 250 73.74 -1.17 68.94
C THR G 250 72.57 -0.20 68.82
N TYR G 251 72.00 -0.13 67.61
CA TYR G 251 70.82 0.66 67.31
C TYR G 251 69.61 -0.27 67.26
N GLY G 252 68.55 0.10 67.97
CA GLY G 252 67.35 -0.70 68.03
C GLY G 252 66.25 0.00 68.79
N ARG G 253 65.25 -0.78 69.20
CA ARG G 253 64.07 -0.27 69.90
C ARG G 253 63.87 -1.02 71.21
N LEU G 254 63.25 -0.34 72.17
CA LEU G 254 62.93 -0.91 73.47
C LEU G 254 61.46 -0.64 73.77
N GLY G 255 60.82 -1.56 74.50
CA GLY G 255 59.45 -1.36 74.89
C GLY G 255 59.04 -2.15 76.12
N ILE G 256 58.47 -1.47 77.11
CA ILE G 256 57.99 -2.11 78.33
C ILE G 256 56.58 -1.64 78.61
N ILE G 257 55.70 -2.58 78.93
CA ILE G 257 54.32 -2.26 79.29
C ILE G 257 53.95 -3.03 80.55
N SER G 258 53.03 -2.47 81.32
CA SER G 258 52.58 -3.11 82.55
C SER G 258 51.17 -2.63 82.84
N ILE G 259 50.21 -3.54 82.74
CA ILE G 259 48.80 -3.24 82.97
C ILE G 259 48.33 -4.03 84.18
N GLU G 260 47.78 -3.34 85.16
CA GLU G 260 47.25 -3.97 86.38
C GLU G 260 45.82 -3.53 86.59
N SER G 261 45.03 -4.42 87.20
CA SER G 261 43.63 -4.13 87.47
C SER G 261 43.20 -4.88 88.71
N ASN G 262 42.38 -4.23 89.53
CA ASN G 262 41.86 -4.80 90.76
C ASN G 262 40.37 -4.50 90.87
N ALA G 263 39.60 -5.49 91.34
CA ALA G 263 38.16 -5.34 91.49
C ALA G 263 37.74 -5.98 92.81
N SER G 264 36.85 -5.30 93.54
CA SER G 264 36.35 -5.77 94.81
C SER G 264 34.86 -5.50 94.91
N TYR G 265 34.12 -6.48 95.42
CA TYR G 265 32.67 -6.41 95.60
C TYR G 265 32.34 -6.98 96.97
N ASN G 266 31.58 -6.24 97.76
CA ASN G 266 31.37 -6.57 99.18
C ASN G 266 29.89 -6.48 99.56
N GLU G 267 29.02 -7.11 98.79
CA GLU G 267 27.59 -7.07 99.10
C GLU G 267 27.29 -7.79 100.42
N VAL G 268 26.52 -7.13 101.28
CA VAL G 268 26.10 -7.69 102.56
C VAL G 268 24.63 -7.38 102.76
N ASN G 269 23.83 -8.40 103.09
CA ASN G 269 22.40 -8.25 103.33
C ASN G 269 22.05 -8.79 104.70
N PHE G 270 21.06 -8.18 105.35
CA PHE G 270 20.62 -8.62 106.66
C PHE G 270 19.15 -8.26 106.85
N ALA G 271 18.37 -9.21 107.36
CA ALA G 271 16.95 -8.98 107.60
C ALA G 271 16.56 -9.61 108.93
N LEU G 272 15.58 -8.99 109.59
CA LEU G 272 15.06 -9.47 110.87
C LEU G 272 13.54 -9.46 110.84
N LYS G 273 12.97 -10.06 109.79
CA LYS G 273 11.52 -10.11 109.64
C LYS G 273 10.91 -11.13 110.61
N LEU G 285 8.34 -6.04 113.79
CA LEU G 285 9.69 -5.60 113.45
C LEU G 285 10.09 -6.09 112.06
N ASN G 286 10.56 -5.15 111.23
CA ASN G 286 10.96 -5.41 109.86
C ASN G 286 12.31 -4.77 109.58
N ILE G 287 13.27 -4.98 110.47
CA ILE G 287 14.60 -4.38 110.33
C ILE G 287 15.30 -4.96 109.11
N ASP G 288 15.82 -4.08 108.25
CA ASP G 288 16.53 -4.47 107.05
C ASP G 288 17.82 -3.67 106.95
N SER G 289 18.84 -4.28 106.34
CA SER G 289 20.13 -3.64 106.20
C SER G 289 20.82 -4.16 104.96
N ASN G 290 21.48 -3.26 104.22
CA ASN G 290 22.22 -3.62 103.02
C ASN G 290 23.46 -2.76 102.93
N SER G 291 24.55 -3.37 102.45
CA SER G 291 25.83 -2.67 102.34
C SER G 291 26.52 -3.16 101.06
N LYS G 292 26.62 -2.30 100.07
CA LYS G 292 27.27 -2.61 98.81
C LYS G 292 28.52 -1.77 98.65
N LYS G 293 29.63 -2.41 98.29
CA LYS G 293 30.90 -1.72 98.12
C LYS G 293 31.60 -2.30 96.89
N ILE G 294 31.81 -1.46 95.89
CA ILE G 294 32.51 -1.83 94.67
C ILE G 294 33.74 -0.94 94.55
N LEU G 295 34.91 -1.55 94.45
CA LEU G 295 36.18 -0.85 94.33
C LEU G 295 36.88 -1.33 93.07
N GLU G 296 37.19 -0.41 92.17
CA GLU G 296 37.88 -0.75 90.93
C GLU G 296 39.12 0.13 90.78
N GLU G 297 40.26 -0.51 90.54
CA GLU G 297 41.52 0.19 90.35
C GLU G 297 42.17 -0.30 89.08
N SER G 298 42.85 0.60 88.37
CA SER G 298 43.51 0.28 87.12
C SER G 298 44.83 1.01 87.04
N ASP G 299 45.77 0.45 86.28
CA ASP G 299 47.07 1.04 86.10
C ASP G 299 47.65 0.57 84.77
N LEU G 300 48.38 1.45 84.09
CA LEU G 300 48.98 1.11 82.80
C LEU G 300 50.20 1.99 82.59
N SER G 301 51.38 1.40 82.70
CA SER G 301 52.64 2.11 82.54
C SER G 301 53.35 1.62 81.28
N VAL G 302 53.73 2.55 80.41
CA VAL G 302 54.40 2.24 79.15
C VAL G 302 55.71 3.02 79.08
N TYR G 303 56.75 2.38 78.55
CA TYR G 303 58.07 2.99 78.36
C TYR G 303 58.64 2.51 77.03
N LEU G 304 58.67 3.38 76.04
CA LEU G 304 59.19 3.04 74.72
C LEU G 304 60.42 3.87 74.39
N VAL G 305 61.41 3.22 73.80
CA VAL G 305 62.65 3.86 73.38
C VAL G 305 62.82 3.61 71.89
N GLY G 306 62.62 4.65 71.10
CA GLY G 306 62.74 4.56 69.66
C GLY G 306 61.48 4.04 69.02
N GLY G 307 61.59 3.75 67.73
CA GLY G 307 60.46 3.29 66.95
C GLY G 307 59.70 4.43 66.30
N ARG G 308 58.71 4.03 65.50
CA ARG G 308 57.87 5.00 64.82
C ARG G 308 57.02 5.77 65.82
N GLY G 309 57.01 7.09 65.70
CA GLY G 309 56.26 7.92 66.63
C GLY G 309 54.76 7.69 66.55
N THR G 310 54.24 7.56 65.34
CA THR G 310 52.80 7.35 65.16
C THR G 310 52.33 6.07 65.83
N ASP G 311 53.09 4.99 65.68
CA ASP G 311 52.73 3.74 66.35
C ASP G 311 53.02 3.79 67.83
N ALA G 312 54.03 4.57 68.23
CA ALA G 312 54.41 4.65 69.64
C ALA G 312 53.33 5.36 70.45
N VAL G 313 52.72 6.41 69.88
CA VAL G 313 51.71 7.14 70.65
C VAL G 313 50.38 6.41 70.71
N GLN G 314 50.21 5.34 69.96
CA GLN G 314 48.98 4.55 69.97
C GLN G 314 48.96 3.48 71.05
N VAL G 315 50.05 3.33 71.80
CA VAL G 315 50.11 2.30 72.83
C VAL G 315 49.27 2.71 74.03
N ILE G 316 48.70 3.92 74.00
CA ILE G 316 47.88 4.38 75.11
C ILE G 316 46.56 3.64 75.18
N LYS G 317 46.17 2.94 74.11
CA LYS G 317 44.89 2.25 74.05
C LYS G 317 45.04 0.78 74.50
N GLY G 318 45.49 0.62 75.74
CA GLY G 318 45.63 -0.71 76.32
C GLY G 318 46.69 -1.56 75.64
N PHE G 319 46.49 -2.87 75.69
CA PHE G 319 47.41 -3.81 75.02
C PHE G 319 47.00 -4.06 73.58
N ALA G 320 46.80 -2.98 72.84
CA ALA G 320 46.53 -3.03 71.41
C ALA G 320 47.54 -2.22 70.65
N GLY G 321 47.88 -1.04 71.16
CA GLY G 321 48.96 -0.26 70.58
C GLY G 321 50.28 -0.95 70.78
N PHE G 322 50.50 -1.56 71.95
CA PHE G 322 51.69 -2.38 72.15
C PHE G 322 51.43 -3.77 71.62
N SER G 323 50.83 -3.85 70.44
CA SER G 323 50.76 -5.03 69.60
C SER G 323 50.94 -4.69 68.14
N ASN G 324 50.81 -3.43 67.76
CA ASN G 324 51.14 -2.95 66.44
C ASN G 324 52.39 -2.10 66.42
N PHE G 325 52.76 -1.50 67.55
CA PHE G 325 54.03 -0.78 67.60
C PHE G 325 55.19 -1.72 67.32
N ILE G 326 55.01 -3.01 67.62
CA ILE G 326 56.04 -4.00 67.37
C ILE G 326 55.94 -4.55 65.96
N VAL G 327 54.73 -4.86 65.48
CA VAL G 327 54.58 -5.49 64.17
C VAL G 327 54.64 -4.52 63.01
N ASN G 328 54.57 -3.22 63.27
CA ASN G 328 54.66 -2.22 62.22
C ASN G 328 56.04 -1.58 62.12
N GLY G 329 57.03 -2.11 62.85
CA GLY G 329 58.36 -1.56 62.80
C GLY G 329 59.44 -2.62 62.80
N GLY G 330 59.11 -3.81 62.30
CA GLY G 330 60.10 -4.88 62.23
C GLY G 330 61.25 -4.56 61.29
N GLN G 331 60.95 -4.01 60.13
CA GLN G 331 61.98 -3.60 59.18
C GLN G 331 62.32 -2.14 59.44
N PHE G 332 63.59 -1.87 59.74
CA PHE G 332 64.01 -0.51 60.02
C PHE G 332 64.37 0.20 58.72
N THR G 333 63.76 1.34 58.51
CA THR G 333 63.86 2.19 57.35
C THR G 333 64.88 3.29 57.61
N PRO G 334 65.46 3.90 56.58
CA PRO G 334 66.39 5.01 56.85
C PRO G 334 65.70 6.23 57.44
N GLU G 335 64.37 6.34 57.33
CA GLU G 335 63.64 7.35 58.07
C GLU G 335 63.53 7.03 59.55
N ALA G 336 63.67 5.76 59.93
CA ALA G 336 63.59 5.32 61.32
C ALA G 336 64.81 4.45 61.61
N PRO G 337 65.99 5.06 61.76
CA PRO G 337 67.21 4.26 61.95
C PRO G 337 67.26 3.47 63.25
N GLY G 338 66.51 3.88 64.27
CA GLY G 338 66.59 3.26 65.56
C GLY G 338 67.40 4.11 66.52
N VAL G 339 67.43 3.69 67.78
CA VAL G 339 68.07 4.45 68.85
C VAL G 339 69.20 3.62 69.44
N PRO G 340 70.36 4.20 69.72
CA PRO G 340 71.40 3.46 70.43
C PRO G 340 70.90 2.98 71.78
N ILE G 341 70.80 1.66 71.93
CA ILE G 341 70.25 1.04 73.12
C ILE G 341 71.30 0.29 73.92
N TYR G 342 72.25 -0.34 73.24
CA TYR G 342 73.31 -1.08 73.90
C TYR G 342 74.66 -0.71 73.29
N PHE G 343 75.71 -0.87 74.07
CA PHE G 343 77.05 -0.61 73.57
C PHE G 343 78.03 -1.51 74.29
N SER G 344 79.17 -1.74 73.65
CA SER G 344 80.21 -2.59 74.19
C SER G 344 81.54 -1.85 74.17
N ALA G 345 82.35 -2.10 75.18
CA ALA G 345 83.63 -1.42 75.33
C ALA G 345 84.73 -2.45 75.53
N SER G 346 85.95 -2.04 75.22
CA SER G 346 87.11 -2.91 75.33
C SER G 346 88.26 -2.14 75.98
N HIS G 347 89.14 -2.89 76.65
CA HIS G 347 90.30 -2.30 77.28
C HIS G 347 91.26 -1.75 76.24
N ALA G 348 91.95 -0.67 76.60
CA ALA G 348 92.92 -0.06 75.70
C ALA G 348 94.32 -0.63 75.86
N SER G 349 94.56 -1.45 76.88
CA SER G 349 95.88 -1.99 77.11
C SER G 349 96.14 -3.21 76.22
N ASP G 350 95.35 -4.27 76.40
CA ASP G 350 95.51 -5.49 75.62
C ASP G 350 94.40 -5.69 74.60
N ASN G 351 93.55 -4.68 74.40
CA ASN G 351 92.43 -4.74 73.46
C ASN G 351 91.48 -5.88 73.79
N SER G 352 91.39 -6.25 75.06
CA SER G 352 90.52 -7.32 75.50
C SER G 352 89.12 -6.79 75.76
N VAL G 353 88.16 -7.72 75.84
CA VAL G 353 86.77 -7.35 76.07
C VAL G 353 86.60 -6.88 77.51
N TYR G 354 86.00 -5.70 77.67
CA TYR G 354 85.77 -5.14 79.00
C TYR G 354 84.44 -5.64 79.54
N TYR G 355 84.47 -6.17 80.75
CA TYR G 355 83.29 -6.68 81.43
C TYR G 355 83.01 -5.82 82.66
N THR G 356 81.77 -5.34 82.77
CA THR G 356 81.34 -4.51 83.89
C THR G 356 80.42 -5.30 84.79
N THR G 357 80.43 -4.96 86.08
CA THR G 357 79.60 -5.63 87.06
C THR G 357 78.42 -4.74 87.49
N THR H 81 69.95 11.71 92.78
CA THR H 81 70.76 12.15 91.66
C THR H 81 70.14 11.73 90.33
N SER H 82 70.07 12.68 89.40
CA SER H 82 69.49 12.43 88.08
C SER H 82 70.40 13.03 87.01
N ASP H 83 70.36 12.44 85.82
CA ASP H 83 71.16 12.89 84.70
C ASP H 83 70.46 13.95 83.88
N GLN H 84 69.14 13.85 83.73
CA GLN H 84 68.35 14.80 82.96
C GLN H 84 67.58 15.71 83.90
N ILE H 85 67.66 17.01 83.65
CA ILE H 85 67.02 18.03 84.47
C ILE H 85 65.87 18.62 83.68
N VAL H 86 64.70 18.72 84.31
CA VAL H 86 63.53 19.30 83.66
C VAL H 86 63.78 20.79 83.43
N VAL H 87 63.39 21.27 82.25
CA VAL H 87 63.63 22.66 81.90
C VAL H 87 62.69 23.54 82.71
N THR H 88 63.28 24.45 83.49
CA THR H 88 62.51 25.41 84.27
C THR H 88 62.69 26.85 83.80
N VAL H 89 63.84 27.17 83.24
CA VAL H 89 64.12 28.50 82.70
C VAL H 89 64.45 28.33 81.22
N PRO H 90 63.47 28.41 80.33
CA PRO H 90 63.76 28.24 78.89
C PRO H 90 64.74 29.25 78.35
N GLN H 91 64.75 30.47 78.89
CA GLN H 91 65.68 31.49 78.41
C GLN H 91 67.12 31.07 78.65
N LYS H 92 67.42 30.52 79.82
CA LYS H 92 68.79 30.15 80.15
C LYS H 92 69.12 28.70 79.78
N THR H 93 68.13 27.92 79.35
CA THR H 93 68.36 26.52 79.01
C THR H 93 68.65 26.43 77.50
N PHE H 94 69.91 26.66 77.16
CA PHE H 94 70.37 26.51 75.79
C PHE H 94 71.70 25.76 75.82
N ILE H 95 72.00 25.08 74.71
CA ILE H 95 73.22 24.28 74.65
C ILE H 95 74.44 25.19 74.64
N GLY H 96 75.53 24.72 75.23
CA GLY H 96 76.75 25.48 75.28
C GLY H 96 76.82 26.56 76.34
N GLY H 97 75.80 26.68 77.20
CA GLY H 97 75.80 27.69 78.24
C GLY H 97 76.43 27.20 79.53
N VAL H 98 77.32 28.02 80.09
CA VAL H 98 78.06 27.67 81.29
C VAL H 98 77.43 28.36 82.49
N TYR H 99 77.13 27.60 83.52
CA TYR H 99 76.52 28.11 84.74
C TYR H 99 77.23 27.52 85.95
N ASN H 100 76.85 28.00 87.13
CA ASN H 100 77.35 27.47 88.38
C ASN H 100 76.46 26.31 88.80
N SER H 101 77.08 25.27 89.40
CA SER H 101 76.32 24.10 89.82
C SER H 101 75.31 24.46 90.90
N THR H 102 75.71 25.28 91.89
CA THR H 102 74.80 25.66 92.95
C THR H 102 73.63 26.49 92.42
N THR H 103 73.92 27.43 91.52
CA THR H 103 72.87 28.27 90.95
C THR H 103 71.91 27.43 90.11
N LEU H 104 72.44 26.47 89.35
CA LEU H 104 71.57 25.58 88.59
C LEU H 104 70.75 24.70 89.51
N ASP H 105 71.31 24.30 90.66
CA ASP H 105 70.58 23.48 91.61
C ASP H 105 69.42 24.24 92.24
N ASN H 106 69.66 25.49 92.65
CA ASN H 106 68.61 26.31 93.26
C ASN H 106 67.89 27.20 92.25
N LEU H 107 68.00 26.88 90.95
CA LEU H 107 67.26 27.55 89.88
C LEU H 107 67.59 29.04 89.78
N ASP H 108 68.82 29.40 90.10
CA ASP H 108 69.26 30.78 89.92
C ASP H 108 69.86 31.01 88.54
N TYR H 109 70.63 30.04 88.06
CA TYR H 109 71.20 30.07 86.70
C TYR H 109 72.06 31.32 86.50
N THR H 110 73.11 31.43 87.31
CA THR H 110 74.03 32.54 87.14
C THR H 110 75.05 32.19 86.07
N PRO H 111 75.08 32.90 84.96
CA PRO H 111 76.00 32.54 83.88
C PRO H 111 77.45 32.89 84.23
N ILE H 112 78.37 32.18 83.59
CA ILE H 112 79.79 32.44 83.70
C ILE H 112 80.21 33.08 82.39
N SER H 113 80.45 34.39 82.42
CA SER H 113 80.74 35.17 81.22
C SER H 113 82.23 35.07 80.90
N TYR H 114 82.59 34.02 80.17
CA TYR H 114 83.95 33.82 79.70
C TYR H 114 83.89 33.32 78.27
N PRO H 115 84.91 33.63 77.46
CA PRO H 115 84.92 33.16 76.07
C PRO H 115 84.96 31.64 76.00
N LEU H 116 84.29 31.10 74.98
CA LEU H 116 84.21 29.67 74.77
C LEU H 116 84.58 29.35 73.33
N ASP H 117 85.22 28.19 73.16
CA ASP H 117 85.56 27.73 71.82
C ASP H 117 84.30 27.37 71.06
N PRO H 118 84.35 27.41 69.73
CA PRO H 118 83.19 26.98 68.94
C PRO H 118 82.82 25.54 69.27
N ILE H 119 81.51 25.29 69.34
CA ILE H 119 80.99 24.00 69.78
C ILE H 119 80.33 23.30 68.60
N THR H 120 80.53 21.99 68.50
CA THR H 120 79.91 21.17 67.48
C THR H 120 78.67 20.51 68.09
N VAL H 121 77.54 20.63 67.39
CA VAL H 121 76.27 20.10 67.86
C VAL H 121 75.76 19.10 66.84
N SER H 122 75.15 18.03 67.34
CA SER H 122 74.58 16.98 66.51
C SER H 122 73.13 16.78 66.89
N TYR H 123 72.32 16.37 65.91
CA TYR H 123 70.90 16.17 66.12
C TYR H 123 70.56 14.69 66.05
N SER H 124 69.64 14.26 66.92
CA SER H 124 69.26 12.85 66.95
C SER H 124 68.49 12.44 65.69
N PHE H 125 67.71 13.34 65.12
CA PHE H 125 66.92 12.99 63.94
C PHE H 125 67.77 13.00 62.68
N PRO H 126 67.45 12.13 61.71
CA PRO H 126 68.21 12.14 60.44
C PRO H 126 67.87 13.35 59.58
N SER H 127 68.90 14.10 59.20
CA SER H 127 68.74 15.27 58.36
C SER H 127 70.06 15.58 57.69
N ASP H 128 69.99 16.38 56.62
CA ASP H 128 71.20 16.79 55.92
C ASP H 128 72.07 17.67 56.83
N PHE H 129 71.45 18.57 57.57
CA PHE H 129 72.15 19.43 58.52
C PHE H 129 72.10 18.83 59.92
N ILE H 130 72.66 17.63 60.03
CA ILE H 130 72.66 16.91 61.29
C ILE H 130 73.83 17.27 62.20
N VAL H 131 74.91 17.83 61.63
CA VAL H 131 76.09 18.25 62.37
C VAL H 131 76.31 19.73 62.08
N ASP H 132 76.00 20.58 63.04
CA ASP H 132 76.18 22.02 62.93
C ASP H 132 77.29 22.49 63.87
N THR H 133 77.72 23.73 63.66
CA THR H 133 78.75 24.35 64.48
C THR H 133 78.28 25.74 64.90
N ILE H 134 78.48 26.07 66.16
CA ILE H 134 78.07 27.36 66.71
C ILE H 134 79.30 28.01 67.34
N GLU H 135 79.66 29.19 66.84
CA GLU H 135 80.84 29.89 67.39
C GLU H 135 80.54 30.46 68.76
N ARG H 136 79.40 31.11 68.92
CA ARG H 136 79.00 31.72 70.18
C ARG H 136 77.73 31.05 70.69
N PRO H 137 77.82 30.13 71.65
CA PRO H 137 76.61 29.47 72.15
C PRO H 137 75.62 30.46 72.76
N SER H 138 74.41 30.47 72.19
CA SER H 138 73.35 31.35 72.65
C SER H 138 72.01 30.71 72.31
N LEU H 139 70.96 31.21 72.96
CA LEU H 139 69.62 30.70 72.72
C LEU H 139 69.18 30.96 71.28
N SER H 140 69.46 32.17 70.78
CA SER H 140 69.07 32.49 69.40
C SER H 140 69.82 31.61 68.41
N SER H 141 71.11 31.38 68.63
CA SER H 141 71.88 30.53 67.74
C SER H 141 71.37 29.09 67.79
N MET H 142 71.04 28.59 68.97
CA MET H 142 70.50 27.23 69.07
C MET H 142 69.16 27.12 68.35
N ARG H 143 68.28 28.11 68.53
CA ARG H 143 66.99 28.09 67.86
C ARG H 143 67.15 28.15 66.34
N ALA H 144 68.04 29.02 65.85
CA ALA H 144 68.26 29.13 64.41
C ALA H 144 68.85 27.84 63.84
N SER H 145 69.78 27.23 64.57
CA SER H 145 70.35 25.97 64.10
C SER H 145 69.31 24.87 64.05
N VAL H 146 68.43 24.81 65.06
CA VAL H 146 67.37 23.81 65.05
C VAL H 146 66.41 24.06 63.88
N PHE H 147 66.07 25.32 63.63
CA PHE H 147 65.17 25.66 62.53
C PHE H 147 65.77 25.24 61.19
N LYS H 148 67.04 25.57 60.96
CA LYS H 148 67.70 25.21 59.70
C LYS H 148 67.84 23.69 59.56
N ALA H 149 68.20 23.01 60.64
CA ALA H 149 68.37 21.55 60.58
C ALA H 149 67.05 20.86 60.26
N MET H 150 65.96 21.31 60.87
CA MET H 150 64.68 20.65 60.64
C MET H 150 64.01 21.09 59.34
N ARG H 151 64.45 22.21 58.76
CA ARG H 151 63.98 22.58 57.43
C ARG H 151 64.90 22.09 56.32
N ALA H 152 66.01 21.44 56.65
CA ALA H 152 66.91 20.94 55.63
C ALA H 152 66.32 19.71 54.94
N ALA H 153 67.00 19.28 53.86
CA ALA H 153 66.55 18.14 53.09
C ALA H 153 66.81 16.83 53.84
N ASN H 154 66.11 15.78 53.42
CA ASN H 154 66.23 14.45 54.02
C ASN H 154 65.94 14.47 55.51
N PHE H 155 64.98 15.29 55.92
CA PHE H 155 64.56 15.37 57.31
C PHE H 155 63.38 14.44 57.54
N SER H 156 63.43 13.69 58.65
CA SER H 156 62.38 12.74 58.98
C SER H 156 62.09 12.87 60.46
N GLY H 157 60.87 13.28 60.80
CA GLY H 157 60.40 13.29 62.17
C GLY H 157 59.58 12.05 62.45
N GLU H 158 59.71 11.05 61.57
CA GLU H 158 58.89 9.85 61.67
C GLU H 158 59.22 9.08 62.94
N GLN H 159 60.49 9.01 63.32
CA GLN H 159 60.92 8.24 64.48
C GLN H 159 61.21 9.19 65.64
N SER H 160 60.66 8.89 66.80
CA SER H 160 60.89 9.65 68.01
C SER H 160 61.99 8.99 68.83
N LEU H 161 62.24 9.52 70.01
CA LEU H 161 63.29 9.01 70.90
C LEU H 161 62.74 8.32 72.12
N ALA H 162 61.73 8.89 72.78
CA ALA H 162 61.19 8.22 73.95
C ALA H 162 59.71 8.55 74.09
N PHE H 163 58.98 7.68 74.78
CA PHE H 163 57.56 7.88 74.99
C PHE H 163 57.17 7.17 76.28
N ASP H 164 56.89 7.94 77.32
CA ASP H 164 56.49 7.44 78.62
C ASP H 164 55.01 7.74 78.83
N TYR H 165 54.26 6.72 79.26
CA TYR H 165 52.84 6.87 79.53
C TYR H 165 52.53 6.25 80.88
N ASN H 166 51.56 6.83 81.59
CA ASN H 166 51.16 6.32 82.88
C ASN H 166 49.74 6.77 83.17
N ILE H 167 48.86 5.84 83.50
CA ILE H 167 47.48 6.16 83.82
C ILE H 167 47.09 5.39 85.09
N LYS H 168 46.28 6.03 85.92
CA LYS H 168 45.78 5.44 87.16
C LYS H 168 44.30 5.75 87.26
N GLN H 169 43.46 4.72 87.17
CA GLN H 169 42.02 4.83 87.28
C GLN H 169 41.57 4.18 88.57
N PHE H 170 40.72 4.88 89.32
CA PHE H 170 40.22 4.38 90.59
C PHE H 170 38.76 4.78 90.72
N SER H 171 37.97 3.92 91.36
CA SER H 171 36.55 4.18 91.50
C SER H 171 36.04 3.44 92.73
N TYR H 172 35.63 4.19 93.74
CA TYR H 172 34.99 3.65 94.93
C TYR H 172 33.47 3.66 94.77
N TYR H 173 32.81 2.89 95.63
CA TYR H 173 31.35 2.83 95.65
C TYR H 173 30.91 2.47 97.06
N SER H 174 29.76 2.99 97.47
CA SER H 174 29.20 2.68 98.78
C SER H 174 27.70 2.81 98.71
N GLU H 175 26.99 1.86 99.32
CA GLU H 175 25.53 1.85 99.28
C GLU H 175 24.99 1.25 100.57
N LEU H 176 24.20 2.03 101.30
CA LEU H 176 23.51 1.60 102.51
C LEU H 176 22.01 1.73 102.28
N LYS H 177 21.27 0.71 102.70
CA LYS H 177 19.81 0.64 102.51
C LYS H 177 19.12 0.24 103.81
N ILE H 178 19.46 0.93 104.90
CA ILE H 178 18.90 0.58 106.20
C ILE H 178 17.40 0.85 106.22
N ALA H 179 16.63 -0.11 106.71
CA ALA H 179 15.19 0.03 106.80
C ALA H 179 14.71 -0.49 108.14
N PHE H 180 13.56 0.03 108.59
CA PHE H 180 12.99 -0.39 109.86
C PHE H 180 11.47 -0.51 109.75
N ILE H 194 4.92 3.21 112.86
CA ILE H 194 6.30 3.69 112.88
C ILE H 194 7.12 2.97 111.82
N SER H 195 7.76 3.73 110.95
CA SER H 195 8.59 3.19 109.88
C SER H 195 9.88 4.00 109.82
N GLY H 196 10.67 3.76 108.77
CA GLY H 196 11.92 4.48 108.60
C GLY H 196 12.84 3.86 107.57
N SER H 197 13.48 4.70 106.76
CA SER H 197 14.41 4.23 105.74
C SER H 197 15.55 5.22 105.61
N ASN H 198 16.72 4.68 105.27
CA ASN H 198 17.94 5.47 105.09
C ASN H 198 18.72 4.86 103.94
N ASN H 199 18.73 5.56 102.80
CA ASN H 199 19.45 5.15 101.60
C ASN H 199 20.60 6.12 101.37
N LYS H 200 21.82 5.61 101.50
CA LYS H 200 23.03 6.40 101.31
C LYS H 200 23.84 5.83 100.16
N ILE H 201 24.22 6.70 99.23
CA ILE H 201 25.01 6.30 98.07
C ILE H 201 26.22 7.21 97.97
N LYS H 202 27.40 6.62 97.80
CA LYS H 202 28.64 7.37 97.69
C LYS H 202 29.44 6.86 96.50
N ARG H 203 29.96 7.79 95.70
CA ARG H 203 30.77 7.46 94.53
C ARG H 203 31.97 8.39 94.50
N THR H 204 33.11 7.85 94.09
CA THR H 204 34.34 8.64 93.98
C THR H 204 35.18 8.06 92.86
N THR H 205 35.31 8.80 91.77
CA THR H 205 36.04 8.37 90.59
C THR H 205 37.22 9.29 90.34
N GLY H 206 38.35 8.71 89.92
CA GLY H 206 39.53 9.50 89.64
C GLY H 206 40.46 8.89 88.60
N VAL H 207 40.82 9.68 87.59
CA VAL H 207 41.73 9.28 86.54
C VAL H 207 42.89 10.26 86.52
N PHE H 208 44.09 9.76 86.73
CA PHE H 208 45.30 10.57 86.66
C PHE H 208 46.21 10.04 85.57
N ALA H 209 46.62 10.91 84.64
CA ALA H 209 47.41 10.46 83.51
C ALA H 209 48.59 11.39 83.30
N LYS H 210 49.77 10.81 83.11
CA LYS H 210 50.98 11.54 82.78
C LYS H 210 51.60 10.94 81.54
N PHE H 211 52.04 11.81 80.62
CA PHE H 211 52.63 11.36 79.38
C PHE H 211 53.75 12.31 79.00
N THR H 212 54.85 11.75 78.51
CA THR H 212 55.95 12.54 77.99
C THR H 212 56.44 11.90 76.71
N GLN H 213 56.85 12.74 75.76
CA GLN H 213 57.40 12.26 74.51
C GLN H 213 58.68 13.04 74.25
N LYS H 214 59.74 12.36 73.88
CA LYS H 214 61.02 12.97 73.55
C LYS H 214 61.19 12.81 72.05
N ASN H 215 60.87 13.87 71.31
CA ASN H 215 60.98 13.88 69.85
C ASN H 215 62.43 13.74 69.42
N PHE H 216 63.32 14.57 69.98
CA PHE H 216 64.72 14.49 69.59
C PHE H 216 65.55 15.23 70.61
N THR H 217 66.87 15.13 70.48
CA THR H 217 67.79 15.91 71.29
C THR H 217 68.89 16.48 70.41
N ILE H 218 69.40 17.63 70.83
CA ILE H 218 70.60 18.23 70.26
C ILE H 218 71.70 18.08 71.29
N ASP H 219 72.80 17.45 70.88
CA ASP H 219 73.90 17.10 71.76
C ASP H 219 75.14 17.90 71.38
N MET H 220 76.03 18.06 72.35
CA MET H 220 77.26 18.81 72.19
C MET H 220 78.45 17.87 72.24
N ASP H 221 79.39 18.07 71.30
CA ASP H 221 80.58 17.24 71.26
C ASP H 221 81.57 17.65 72.33
N LEU H 222 82.36 16.69 72.79
CA LEU H 222 83.40 16.99 73.76
C LEU H 222 84.48 17.84 73.10
N PRO H 223 85.04 18.81 73.82
CA PRO H 223 86.06 19.68 73.22
C PRO H 223 87.30 18.89 72.80
N ALA H 224 87.88 19.30 71.66
CA ALA H 224 89.11 18.67 71.19
C ALA H 224 90.27 18.94 72.15
N ASP H 225 90.36 20.17 72.66
CA ASP H 225 91.40 20.53 73.61
C ASP H 225 91.15 19.98 75.01
N GLY H 226 89.94 19.50 75.28
CA GLY H 226 89.59 19.00 76.58
C GLY H 226 89.00 20.04 77.51
N ASN H 227 88.96 21.30 77.09
CA ASN H 227 88.37 22.38 77.87
C ASN H 227 87.45 23.20 76.98
N ILE H 228 86.28 23.54 77.51
CA ILE H 228 85.32 24.32 76.73
C ILE H 228 85.78 25.76 76.57
N PHE H 229 86.58 26.26 77.49
CA PHE H 229 87.02 27.65 77.45
C PHE H 229 88.07 27.87 76.38
N LYS H 230 87.99 29.02 75.71
CA LYS H 230 88.93 29.35 74.65
C LYS H 230 90.32 29.65 75.20
N ASN H 231 90.39 30.46 76.26
CA ASN H 231 91.69 30.85 76.81
C ASN H 231 92.37 29.72 77.58
N ASN H 232 91.61 28.73 78.05
CA ASN H 232 92.07 27.58 78.83
C ASN H 232 92.56 27.97 80.23
N SER H 233 92.59 29.25 80.57
CA SER H 233 92.91 29.69 81.92
C SER H 233 91.67 30.06 82.72
N ASP H 234 90.54 30.26 82.04
CA ASP H 234 89.30 30.54 82.74
C ASP H 234 88.87 29.37 83.62
N LEU H 235 89.27 28.15 83.25
CA LEU H 235 88.96 27.00 84.10
C LEU H 235 89.59 27.15 85.48
N ALA H 236 90.85 27.60 85.52
CA ALA H 236 91.47 27.91 86.81
C ALA H 236 90.94 29.20 87.40
N LEU H 237 90.44 30.11 86.57
CA LEU H 237 89.91 31.38 87.07
C LEU H 237 88.63 31.16 87.88
N THR H 238 87.76 30.24 87.43
CA THR H 238 86.51 29.96 88.12
C THR H 238 86.61 28.85 89.16
N ASN H 239 87.79 28.67 89.75
CA ASN H 239 87.90 27.71 90.85
C ASN H 239 86.99 28.12 92.00
N GLY H 240 86.21 27.17 92.50
CA GLY H 240 85.21 27.45 93.50
C GLY H 240 83.86 27.89 92.96
N LYS H 241 83.77 28.17 91.68
CA LYS H 241 82.50 28.55 91.06
C LYS H 241 81.77 27.37 90.46
N ASN H 242 82.36 26.17 90.49
CA ASN H 242 81.76 24.94 89.97
C ASN H 242 81.29 25.15 88.54
N PRO H 243 82.20 25.25 87.57
CA PRO H 243 81.77 25.49 86.18
C PRO H 243 81.11 24.26 85.59
N VAL H 244 79.87 24.43 85.14
CA VAL H 244 79.09 23.36 84.54
C VAL H 244 78.39 23.92 83.31
N TYR H 245 78.47 23.20 82.19
CA TYR H 245 77.90 23.66 80.93
C TYR H 245 76.88 22.65 80.42
N ILE H 246 75.78 23.15 79.89
CA ILE H 246 74.77 22.27 79.32
C ILE H 246 75.28 21.70 78.00
N SER H 247 75.16 20.39 77.84
CA SER H 247 75.66 19.69 76.67
C SER H 247 74.59 18.95 75.89
N SER H 248 73.33 18.97 76.33
CA SER H 248 72.27 18.26 75.63
C SER H 248 70.93 18.90 75.96
N VAL H 249 70.12 19.12 74.94
CA VAL H 249 68.78 19.66 75.09
C VAL H 249 67.79 18.76 74.40
N THR H 250 66.74 18.36 75.11
CA THR H 250 65.73 17.43 74.61
C THR H 250 64.47 18.21 74.23
N TYR H 251 64.04 18.06 72.98
CA TYR H 251 62.81 18.63 72.47
C TYR H 251 61.72 17.57 72.46
N GLY H 252 60.56 17.90 73.01
CA GLY H 252 59.46 16.95 73.08
C GLY H 252 58.21 17.61 73.62
N ARG H 253 57.27 16.78 74.06
CA ARG H 253 55.97 17.22 74.57
C ARG H 253 55.72 16.62 75.94
N LEU H 254 54.94 17.35 76.74
CA LEU H 254 54.54 16.93 78.07
C LEU H 254 53.03 17.04 78.21
N GLY H 255 52.43 16.16 79.00
CA GLY H 255 51.01 16.22 79.24
C GLY H 255 50.57 15.57 80.54
N ILE H 256 49.82 16.30 81.36
CA ILE H 256 49.30 15.78 82.61
C ILE H 256 47.81 16.09 82.69
N ILE H 257 47.01 15.10 83.07
CA ILE H 257 45.59 15.30 83.26
C ILE H 257 45.18 14.65 84.58
N SER H 258 44.12 15.19 85.16
CA SER H 258 43.62 14.67 86.44
C SER H 258 42.14 15.00 86.54
N ILE H 259 41.30 13.97 86.48
CA ILE H 259 39.86 14.12 86.54
C ILE H 259 39.36 13.44 87.81
N GLU H 260 38.62 14.18 88.62
CA GLU H 260 38.05 13.66 89.87
C GLU H 260 36.56 13.94 89.90
N SER H 261 35.81 13.06 90.55
CA SER H 261 34.38 13.20 90.65
C SER H 261 33.90 12.56 91.95
N ASN H 262 32.93 13.22 92.59
CA ASN H 262 32.35 12.74 93.84
C ASN H 262 30.83 12.87 93.77
N ALA H 263 30.14 11.87 94.31
CA ALA H 263 28.69 11.85 94.31
C ALA H 263 28.21 11.35 95.67
N SER H 264 27.17 12.00 96.21
CA SER H 264 26.60 11.64 97.49
C SER H 264 25.09 11.74 97.41
N TYR H 265 24.41 10.75 98.00
CA TYR H 265 22.96 10.65 98.04
C TYR H 265 22.55 10.24 99.44
N ASN H 266 21.63 10.97 100.05
CA ASN H 266 21.30 10.82 101.47
C ASN H 266 19.80 10.77 101.71
N GLU H 267 19.09 9.93 100.96
CA GLU H 267 17.65 9.83 101.13
C GLU H 267 17.29 9.27 102.51
N VAL H 268 16.36 9.94 103.19
CA VAL H 268 15.88 9.50 104.50
C VAL H 268 14.36 9.65 104.52
N ASN H 269 13.66 8.59 104.93
CA ASN H 269 12.21 8.59 105.02
C ASN H 269 11.78 8.18 106.43
N PHE H 270 10.66 8.76 106.88
CA PHE H 270 10.13 8.45 108.20
C PHE H 270 8.63 8.64 108.20
N ALA H 271 7.91 7.68 108.78
CA ALA H 271 6.46 7.75 108.86
C ALA H 271 6.00 7.27 110.23
N LEU H 272 4.89 7.83 110.70
CA LEU H 272 4.30 7.47 111.99
C LEU H 272 2.80 7.28 111.81
N LYS H 273 2.41 6.49 110.82
CA LYS H 273 1.01 6.22 110.56
C LYS H 273 0.42 5.28 111.61
N LEU H 285 -3.03 10.38 113.77
CA LEU H 285 -1.72 10.94 113.50
C LEU H 285 -1.12 10.33 112.23
N ASN H 286 -0.67 11.19 111.32
CA ASN H 286 -0.09 10.80 110.04
C ASN H 286 1.19 11.57 109.78
N ILE H 287 2.07 11.59 110.78
CA ILE H 287 3.32 12.35 110.66
C ILE H 287 4.21 11.70 109.62
N ASP H 288 4.70 12.51 108.69
CA ASP H 288 5.58 12.05 107.61
C ASP H 288 6.79 12.99 107.52
N SER H 289 7.92 12.45 107.10
CA SER H 289 9.14 13.22 106.98
C SER H 289 10.02 12.62 105.89
N ASN H 290 10.64 13.49 105.09
CA ASN H 290 11.53 13.07 104.02
C ASN H 290 12.67 14.05 103.91
N SER H 291 13.86 13.54 103.64
CA SER H 291 15.07 14.36 103.52
C SER H 291 15.93 13.80 102.41
N LYS H 292 16.04 14.53 101.31
CA LYS H 292 16.86 14.14 100.16
C LYS H 292 18.01 15.10 100.00
N LYS H 293 19.21 14.55 99.83
CA LYS H 293 20.41 15.38 99.67
C LYS H 293 21.30 14.74 98.61
N ILE H 294 21.51 15.46 97.52
CA ILE H 294 22.37 15.02 96.43
C ILE H 294 23.50 16.03 96.29
N LEU H 295 24.74 15.57 96.39
CA LEU H 295 25.92 16.40 96.27
C LEU H 295 26.81 15.84 95.17
N GLU H 296 27.11 16.66 94.17
CA GLU H 296 27.95 16.26 93.06
C GLU H 296 29.09 17.25 92.90
N GLU H 297 30.31 16.75 92.86
CA GLU H 297 31.50 17.56 92.67
C GLU H 297 32.34 16.99 91.55
N SER H 298 32.97 17.87 90.78
CA SER H 298 33.79 17.46 89.64
C SER H 298 35.02 18.34 89.59
N ASP H 299 36.09 17.80 88.99
CA ASP H 299 37.33 18.53 88.84
C ASP H 299 38.10 17.96 87.66
N LEU H 300 38.79 18.82 86.92
CA LEU H 300 39.56 18.40 85.75
C LEU H 300 40.69 19.39 85.53
N SER H 301 41.91 18.97 85.83
CA SER H 301 43.09 19.81 85.67
C SER H 301 43.97 19.24 84.56
N VAL H 302 44.34 20.09 83.61
CA VAL H 302 45.16 19.70 82.47
C VAL H 302 46.38 20.63 82.40
N TYR H 303 47.53 20.06 82.05
CA TYR H 303 48.78 20.79 81.90
C TYR H 303 49.54 20.22 80.71
N LEU H 304 49.58 20.95 79.61
CA LEU H 304 50.27 20.50 78.40
C LEU H 304 51.44 21.43 78.08
N VAL H 305 52.55 20.83 77.67
CA VAL H 305 53.74 21.57 77.27
C VAL H 305 54.09 21.14 75.85
N GLY H 306 53.86 22.03 74.91
CA GLY H 306 54.14 21.77 73.52
C GLY H 306 53.01 21.01 72.84
N GLY H 307 53.31 20.56 71.62
CA GLY H 307 52.32 19.86 70.83
C GLY H 307 51.51 20.79 69.96
N ARG H 308 50.66 20.18 69.14
CA ARG H 308 49.78 20.94 68.24
C ARG H 308 48.76 21.72 69.05
N GLY H 309 48.61 23.00 68.73
CA GLY H 309 47.67 23.83 69.46
C GLY H 309 46.22 23.41 69.29
N THR H 310 45.85 23.04 68.07
CA THR H 310 44.47 22.64 67.80
C THR H 310 44.08 21.41 68.60
N ASP H 311 44.97 20.42 68.68
CA ASP H 311 44.69 19.24 69.48
C ASP H 311 44.82 19.54 70.97
N ALA H 312 45.69 20.47 71.34
CA ALA H 312 45.89 20.79 72.75
C ALA H 312 44.66 21.46 73.35
N VAL H 313 44.00 22.34 72.59
CA VAL H 313 42.84 23.03 73.15
C VAL H 313 41.60 22.16 73.19
N GLN H 314 41.63 20.98 72.59
CA GLN H 314 40.51 20.06 72.60
C GLN H 314 40.50 19.14 73.82
N VAL H 315 41.51 19.24 74.69
CA VAL H 315 41.58 18.37 75.86
C VAL H 315 40.57 18.83 76.90
N ILE H 316 39.88 19.94 76.64
CA ILE H 316 38.91 20.43 77.60
C ILE H 316 37.67 19.54 77.66
N LYS H 317 37.49 18.67 76.67
CA LYS H 317 36.30 17.81 76.60
C LYS H 317 36.57 16.47 77.27
N GLY H 318 36.90 16.52 78.56
CA GLY H 318 37.12 15.31 79.34
C GLY H 318 38.35 14.52 78.88
N PHE H 319 38.30 13.21 79.11
CA PHE H 319 39.38 12.32 78.67
C PHE H 319 39.15 11.83 77.24
N ALA H 320 38.91 12.76 76.34
CA ALA H 320 38.79 12.48 74.92
C ALA H 320 39.79 13.31 74.14
N GLY H 321 39.94 14.59 74.50
CA GLY H 321 40.97 15.40 73.91
C GLY H 321 42.35 14.92 74.32
N PHE H 322 42.49 14.50 75.58
CA PHE H 322 43.74 13.89 76.00
C PHE H 322 43.69 12.40 75.67
N SER H 323 43.23 12.09 74.47
CA SER H 323 43.39 10.81 73.81
C SER H 323 43.69 10.96 72.33
N ASN H 324 43.45 12.15 71.76
CA ASN H 324 43.85 12.48 70.41
C ASN H 324 45.00 13.47 70.38
N PHE H 325 45.18 14.25 71.44
CA PHE H 325 46.35 15.13 71.51
C PHE H 325 47.63 14.31 71.46
N ILE H 326 47.57 13.07 71.93
CA ILE H 326 48.73 12.20 71.91
C ILE H 326 48.84 11.46 70.59
N VAL H 327 47.73 10.93 70.06
CA VAL H 327 47.79 10.11 68.86
C VAL H 327 47.86 10.91 67.57
N ASN H 328 47.61 12.22 67.63
CA ASN H 328 47.71 13.08 66.46
C ASN H 328 49.00 13.86 66.40
N GLY H 329 49.96 13.57 67.28
CA GLY H 329 51.22 14.27 67.27
C GLY H 329 52.42 13.36 67.50
N GLY H 330 52.26 12.09 67.16
CA GLY H 330 53.37 11.15 67.33
C GLY H 330 54.57 11.48 66.47
N GLN H 331 54.34 11.83 65.21
CA GLN H 331 55.40 12.23 64.31
C GLN H 331 55.56 13.75 64.38
N PHE H 332 56.75 14.22 64.74
CA PHE H 332 56.98 15.65 64.86
C PHE H 332 57.38 16.22 63.52
N THR H 333 56.67 17.23 63.08
CA THR H 333 56.80 17.92 61.82
C THR H 333 57.66 19.16 62.02
N PRO H 334 58.28 19.71 60.95
CA PRO H 334 59.03 20.94 61.14
C PRO H 334 58.15 22.14 61.48
N GLU H 335 56.84 22.06 61.24
CA GLU H 335 55.92 23.07 61.76
C GLU H 335 55.69 22.93 63.26
N ALA H 336 55.94 21.75 63.83
CA ALA H 336 55.77 21.50 65.26
C ALA H 336 57.04 20.84 65.78
N PRO H 337 58.11 21.60 65.94
CA PRO H 337 59.40 21.00 66.34
C PRO H 337 59.40 20.41 67.75
N GLY H 338 58.50 20.85 68.62
CA GLY H 338 58.52 20.42 70.00
C GLY H 338 59.12 21.50 70.89
N VAL H 339 59.07 21.24 72.19
CA VAL H 339 59.50 22.22 73.19
C VAL H 339 60.65 21.63 74.00
N PRO H 340 61.70 22.39 74.30
CA PRO H 340 62.75 21.89 75.19
C PRO H 340 62.15 21.52 76.54
N ILE H 341 62.20 20.25 76.87
CA ILE H 341 61.59 19.72 78.08
C ILE H 341 62.64 19.22 79.07
N TYR H 342 63.72 18.62 78.59
CA TYR H 342 64.79 18.13 79.44
C TYR H 342 66.12 18.58 78.90
N PHE H 343 67.11 18.66 79.79
CA PHE H 343 68.45 19.02 79.37
C PHE H 343 69.45 18.36 80.30
N SER H 344 70.67 18.19 79.80
CA SER H 344 71.74 17.56 80.55
C SER H 344 72.95 18.45 80.54
N ALA H 345 73.69 18.44 81.64
CA ALA H 345 74.86 19.29 81.79
C ALA H 345 76.04 18.45 82.25
N SER H 346 77.24 18.96 81.98
CA SER H 346 78.46 18.27 82.33
C SER H 346 79.45 19.26 82.95
N HIS H 347 80.32 18.73 83.79
CA HIS H 347 81.34 19.55 84.44
C HIS H 347 82.34 20.07 83.43
N ALA H 348 82.87 21.26 83.67
CA ALA H 348 83.85 21.86 82.78
C ALA H 348 85.28 21.51 83.14
N SER H 349 85.50 20.86 84.30
CA SER H 349 86.85 20.53 84.71
C SER H 349 87.33 19.24 84.04
N ASP H 350 86.66 18.12 84.30
CA ASP H 350 87.03 16.84 83.73
C ASP H 350 86.06 16.37 82.66
N ASN H 351 85.13 17.23 82.24
CA ASN H 351 84.14 16.90 81.21
C ASN H 351 83.28 15.70 81.63
N SER H 352 83.11 15.49 82.92
CA SER H 352 82.32 14.39 83.44
C SER H 352 80.85 14.77 83.49
N VAL H 353 80.00 13.75 83.61
CA VAL H 353 78.56 13.98 83.67
C VAL H 353 78.18 14.60 85.01
N TYR H 354 77.44 15.70 84.94
CA TYR H 354 77.01 16.41 86.14
C TYR H 354 75.69 15.82 86.64
N TYR H 355 75.66 15.47 87.92
CA TYR H 355 74.48 14.91 88.55
C TYR H 355 73.97 15.87 89.61
N THR H 356 72.69 16.21 89.55
CA THR H 356 72.06 17.12 90.49
C THR H 356 71.14 16.35 91.42
N THR H 357 70.98 16.87 92.63
CA THR H 357 70.12 16.22 93.63
C THR H 357 68.82 17.00 93.81
N THR I 81 58.05 32.78 95.89
CA THR I 81 58.92 33.16 94.79
C THR I 81 58.50 32.50 93.49
N SER I 82 58.42 33.29 92.43
CA SER I 82 58.02 32.81 91.12
C SER I 82 58.96 33.37 90.05
N ASP I 83 59.10 32.62 88.97
CA ASP I 83 59.96 33.01 87.86
C ASP I 83 59.24 33.87 86.84
N GLN I 84 57.96 33.57 86.60
CA GLN I 84 57.15 34.29 85.62
C GLN I 84 56.20 35.23 86.36
N ILE I 85 56.15 36.48 85.92
CA ILE I 85 55.32 37.51 86.53
C ILE I 85 54.19 37.85 85.56
N VAL I 86 52.96 37.87 86.07
CA VAL I 86 51.81 38.22 85.24
C VAL I 86 51.91 39.67 84.82
N VAL I 87 51.60 39.94 83.55
CA VAL I 87 51.71 41.29 83.02
C VAL I 87 50.60 42.15 83.62
N THR I 88 50.99 43.22 84.30
CA THR I 88 50.04 44.17 84.86
C THR I 88 50.11 45.55 84.21
N VAL I 89 51.28 45.93 83.71
CA VAL I 89 51.45 47.20 83.00
C VAL I 89 51.96 46.88 81.60
N PRO I 90 51.07 46.72 80.62
CA PRO I 90 51.53 46.39 79.26
C PRO I 90 52.43 47.44 78.66
N GLN I 91 52.26 48.71 79.03
CA GLN I 91 53.10 49.76 78.49
C GLN I 91 54.56 49.56 78.90
N LYS I 92 54.79 49.22 80.17
CA LYS I 92 56.15 49.06 80.66
C LYS I 92 56.68 47.64 80.54
N THR I 93 55.83 46.69 80.14
CA THR I 93 56.25 45.29 80.02
C THR I 93 56.70 45.05 78.58
N PHE I 94 57.97 45.38 78.33
CA PHE I 94 58.59 45.10 77.04
C PHE I 94 59.98 44.54 77.29
N ILE I 95 60.47 43.76 76.33
CA ILE I 95 61.76 43.12 76.48
C ILE I 95 62.87 44.18 76.44
N GLY I 96 63.93 43.93 77.20
CA GLY I 96 65.05 44.84 77.25
C GLY I 96 64.88 46.05 78.13
N GLY I 97 63.78 46.15 78.88
CA GLY I 97 63.56 47.29 79.75
C GLY I 97 64.11 47.05 81.15
N VAL I 98 64.82 48.05 81.66
CA VAL I 98 65.47 47.96 82.97
C VAL I 98 64.64 48.72 83.98
N TYR I 99 64.33 48.07 85.10
CA TYR I 99 63.54 48.66 86.17
C TYR I 99 64.18 48.33 87.51
N ASN I 100 63.63 48.91 88.56
CA ASN I 100 64.04 48.61 89.92
C ASN I 100 63.25 47.41 90.43
N SER I 101 63.92 46.56 91.22
CA SER I 101 63.26 45.38 91.75
C SER I 101 62.10 45.74 92.67
N THR I 102 62.31 46.72 93.55
CA THR I 102 61.25 47.13 94.46
C THR I 102 60.06 47.73 93.71
N THR I 103 60.34 48.57 92.72
CA THR I 103 59.26 49.18 91.93
C THR I 103 58.50 48.13 91.14
N LEU I 104 59.21 47.15 90.59
CA LEU I 104 58.53 46.06 89.89
C LEU I 104 57.71 45.21 90.86
N ASP I 105 58.19 45.05 92.09
CA ASP I 105 57.47 44.28 93.08
C ASP I 105 56.17 44.96 93.50
N ASN I 106 56.22 46.27 93.74
CA ASN I 106 55.03 47.02 94.12
C ASN I 106 54.32 47.67 92.94
N LEU I 107 54.61 47.20 91.72
CA LEU I 107 53.90 47.62 90.51
C LEU I 107 54.08 49.11 90.22
N ASP I 108 55.23 49.67 90.58
CA ASP I 108 55.52 51.06 90.24
C ASP I 108 56.23 51.18 88.90
N TYR I 109 57.15 50.26 88.63
CA TYR I 109 57.85 50.17 87.35
C TYR I 109 58.58 51.49 87.05
N THR I 110 59.52 51.84 87.91
CA THR I 110 60.33 53.02 87.68
C THR I 110 61.49 52.65 86.75
N PRO I 111 61.56 53.22 85.56
CA PRO I 111 62.62 52.84 84.63
C PRO I 111 63.96 53.40 85.06
N ILE I 112 65.01 52.74 84.61
CA ILE I 112 66.38 53.20 84.80
C ILE I 112 66.88 53.70 83.46
N SER I 113 66.96 55.02 83.32
CA SER I 113 67.27 55.66 82.05
C SER I 113 68.79 55.70 81.87
N TYR I 114 69.34 54.63 81.34
CA TYR I 114 70.75 54.53 81.02
C TYR I 114 70.91 53.84 79.69
N PRO I 115 71.96 54.18 78.93
CA PRO I 115 72.17 53.53 77.63
C PRO I 115 72.39 52.03 77.79
N LEU I 116 71.90 51.28 76.80
CA LEU I 116 72.00 49.83 76.79
C LEU I 116 72.56 49.37 75.46
N ASP I 117 73.33 48.29 75.50
CA ASP I 117 73.87 47.71 74.29
C ASP I 117 72.75 47.09 73.48
N PRO I 118 72.92 46.95 72.16
CA PRO I 118 71.91 46.28 71.35
C PRO I 118 71.67 44.86 71.84
N ILE I 119 70.40 44.46 71.85
CA ILE I 119 69.98 43.18 72.42
C ILE I 119 69.53 42.26 71.29
N THR I 120 69.90 40.98 71.41
CA THR I 120 69.48 39.95 70.47
C THR I 120 68.27 39.23 71.05
N VAL I 121 67.22 39.12 70.24
CA VAL I 121 65.97 38.51 70.67
C VAL I 121 65.68 37.31 69.77
N SER I 122 65.15 36.26 70.37
CA SER I 122 64.80 35.04 69.65
C SER I 122 63.34 34.70 69.92
N TYR I 123 62.70 34.07 68.94
CA TYR I 123 61.28 33.72 69.06
C TYR I 123 61.12 32.21 69.18
N SER I 124 60.17 31.80 70.01
CA SER I 124 59.95 30.36 70.21
C SER I 124 59.37 29.69 68.97
N PHE I 125 58.56 30.41 68.20
CA PHE I 125 57.93 29.79 67.03
C PHE I 125 58.92 29.74 65.85
N PRO I 126 58.80 28.73 64.99
CA PRO I 126 59.68 28.67 63.81
C PRO I 126 59.30 29.70 62.76
N SER I 127 60.27 30.51 62.36
CA SER I 127 60.07 31.53 61.35
C SER I 127 61.41 31.91 60.76
N ASP I 128 61.37 32.54 59.58
CA ASP I 128 62.59 33.01 58.94
C ASP I 128 63.25 34.10 59.79
N PHE I 129 62.45 35.01 60.33
CA PHE I 129 62.95 36.07 61.20
C PHE I 129 62.81 35.66 62.67
N ILE I 130 63.50 34.57 63.00
CA ILE I 130 63.45 34.02 64.35
C ILE I 130 64.47 34.65 65.28
N VAL I 131 65.53 35.27 64.74
CA VAL I 131 66.56 35.93 65.51
C VAL I 131 66.66 37.37 65.03
N ASP I 132 66.14 38.30 65.84
CA ASP I 132 66.18 39.72 65.53
C ASP I 132 67.13 40.44 66.48
N THR I 133 67.43 41.69 66.14
CA THR I 133 68.30 42.54 66.94
C THR I 133 67.64 43.90 67.10
N ILE I 134 67.65 44.42 68.33
CA ILE I 134 67.05 45.71 68.64
C ILE I 134 68.12 46.58 69.28
N GLU I 135 68.40 47.73 68.66
CA GLU I 135 69.42 48.62 69.18
C GLU I 135 68.93 49.35 70.43
N ARG I 136 67.70 49.86 70.39
CA ARG I 136 67.11 50.58 71.52
C ARG I 136 65.88 49.83 71.99
N PRO I 137 65.96 49.06 73.08
CA PRO I 137 64.80 48.33 73.58
C PRO I 137 63.64 49.25 73.93
N SER I 138 62.51 49.03 73.28
CA SER I 138 61.31 49.82 73.50
C SER I 138 60.09 48.99 73.14
N LEU I 139 58.93 49.43 73.62
CA LEU I 139 57.69 48.73 73.34
C LEU I 139 57.37 48.74 71.85
N SER I 140 57.57 49.88 71.19
CA SER I 140 57.30 49.97 69.77
C SER I 140 58.23 49.07 68.97
N SER I 141 59.51 49.04 69.35
CA SER I 141 60.47 48.17 68.66
C SER I 141 60.13 46.71 68.86
N MET I 142 59.72 46.32 70.08
CA MET I 142 59.34 44.94 70.32
C MET I 142 58.10 44.56 69.51
N ARG I 143 57.10 45.46 69.46
CA ARG I 143 55.89 45.18 68.69
C ARG I 143 56.20 45.06 67.20
N ALA I 144 57.04 45.96 66.67
CA ALA I 144 57.39 45.90 65.25
C ALA I 144 58.17 44.63 64.93
N SER I 145 59.10 44.25 65.81
CA SER I 145 59.86 43.02 65.59
C SER I 145 58.95 41.80 65.61
N VAL I 146 57.99 41.76 66.54
CA VAL I 146 57.04 40.64 66.58
C VAL I 146 56.20 40.60 65.31
N PHE I 147 55.74 41.78 64.84
CA PHE I 147 54.95 41.84 63.63
C PHE I 147 55.72 41.33 62.42
N LYS I 148 56.96 41.79 62.26
CA LYS I 148 57.78 41.34 61.14
C LYS I 148 58.10 39.85 61.23
N ALA I 149 58.42 39.37 62.43
CA ALA I 149 58.76 37.95 62.59
C ALA I 149 57.57 37.06 62.25
N MET I 150 56.38 37.44 62.69
CA MET I 150 55.21 36.60 62.46
C MET I 150 54.64 36.78 61.05
N ARG I 151 55.01 37.86 60.35
CA ARG I 151 54.64 37.99 58.95
C ARG I 151 55.72 37.48 58.01
N ALA I 152 56.86 37.02 58.52
CA ALA I 152 57.91 36.50 57.66
C ALA I 152 57.54 35.13 57.11
N ALA I 153 58.36 34.66 56.18
CA ALA I 153 58.13 33.37 55.55
C ALA I 153 58.46 32.22 56.50
N ASN I 154 57.93 31.04 56.18
CA ASN I 154 58.14 29.82 56.97
C ASN I 154 57.70 30.01 58.41
N PHE I 155 56.61 30.75 58.61
CA PHE I 155 56.04 30.96 59.93
C PHE I 155 54.96 29.93 60.20
N SER I 156 54.97 29.35 61.39
CA SER I 156 54.00 28.33 61.76
C SER I 156 53.55 28.61 63.19
N GLY I 157 52.27 28.90 63.35
CA GLY I 157 51.66 29.03 64.66
C GLY I 157 50.96 27.75 65.04
N GLU I 158 51.28 26.68 64.33
CA GLU I 158 50.61 25.40 64.54
C GLU I 158 50.88 24.85 65.92
N GLN I 159 52.11 24.99 66.42
CA GLN I 159 52.49 24.45 67.71
C GLN I 159 52.55 25.57 68.74
N SER I 160 51.92 25.36 69.88
CA SER I 160 51.94 26.31 70.98
C SER I 160 53.01 25.89 71.99
N LEU I 161 53.08 26.61 73.10
CA LEU I 161 54.08 26.36 74.13
C LEU I 161 53.48 25.78 75.40
N ALA I 162 52.36 26.29 75.87
CA ALA I 162 51.77 25.73 77.07
C ALA I 162 50.26 25.88 77.03
N PHE I 163 49.57 25.02 77.77
CA PHE I 163 48.11 25.06 77.83
C PHE I 163 47.67 24.50 79.16
N ASP I 164 47.19 25.37 80.05
CA ASP I 164 46.72 24.98 81.37
C ASP I 164 45.21 25.12 81.41
N TYR I 165 44.53 24.09 81.90
CA TYR I 165 43.09 24.08 82.03
C TYR I 165 42.70 23.61 83.43
N ASN I 166 41.61 24.15 83.95
CA ASN I 166 41.13 23.78 85.27
C ASN I 166 39.65 24.09 85.36
N ILE I 167 38.85 23.10 85.74
CA ILE I 167 37.42 23.28 85.90
C ILE I 167 36.99 22.66 87.21
N LYS I 168 36.02 23.29 87.87
CA LYS I 168 35.47 22.80 89.13
C LYS I 168 33.97 22.93 89.06
N GLN I 169 33.27 21.80 89.04
CA GLN I 169 31.82 21.76 89.01
C GLN I 169 31.30 21.23 90.34
N PHE I 170 30.31 21.91 90.90
CA PHE I 170 29.74 21.52 92.17
C PHE I 170 28.24 21.75 92.11
N SER I 171 27.50 20.88 92.80
CA SER I 171 26.03 20.97 92.78
C SER I 171 25.49 20.34 94.06
N TYR I 172 24.88 21.17 94.90
CA TYR I 172 24.19 20.71 96.10
C TYR I 172 22.71 20.51 95.80
N TYR I 173 22.05 19.79 96.71
CA TYR I 173 20.62 19.54 96.61
C TYR I 173 20.08 19.32 98.02
N SER I 174 18.84 19.74 98.23
CA SER I 174 18.19 19.54 99.52
C SER I 174 16.68 19.47 99.30
N GLU I 175 16.03 18.53 99.98
CA GLU I 175 14.60 18.33 99.82
C GLU I 175 14.00 17.85 101.13
N LEU I 176 13.05 18.62 101.66
CA LEU I 176 12.29 18.26 102.85
C LEU I 176 10.82 18.17 102.48
N LYS I 177 10.15 17.13 102.98
CA LYS I 177 8.75 16.85 102.67
C LYS I 177 7.97 16.54 103.94
N ILE I 178 8.11 17.41 104.95
CA ILE I 178 7.47 17.17 106.24
C ILE I 178 5.95 17.26 106.09
N ALA I 179 5.25 16.27 106.64
CA ALA I 179 3.80 16.24 106.58
C ALA I 179 3.24 15.85 107.94
N PHE I 180 2.01 16.27 108.20
CA PHE I 180 1.35 15.96 109.46
C PHE I 180 -0.13 15.62 109.24
N ILE I 194 -7.35 18.87 111.18
CA ILE I 194 -6.04 19.52 111.25
C ILE I 194 -5.04 18.77 110.38
N SER I 195 -4.40 19.50 109.47
CA SER I 195 -3.40 18.92 108.57
C SER I 195 -2.22 19.88 108.51
N GLY I 196 -1.30 19.60 107.59
CA GLY I 196 -0.13 20.44 107.42
C GLY I 196 0.96 19.81 106.57
N SER I 197 1.58 20.61 105.72
CA SER I 197 2.66 20.13 104.85
C SER I 197 3.69 21.22 104.68
N ASN I 198 4.94 20.80 104.52
CA ASN I 198 6.08 21.71 104.35
C ASN I 198 7.04 21.05 103.36
N ASN I 199 7.09 21.59 102.15
CA ASN I 199 7.97 21.11 101.09
C ASN I 199 9.02 22.18 100.81
N LYS I 200 10.27 21.86 101.13
CA LYS I 200 11.41 22.76 100.94
C LYS I 200 12.38 22.15 99.96
N ILE I 201 12.77 22.92 98.95
CA ILE I 201 13.70 22.48 97.92
C ILE I 201 14.82 23.52 97.81
N LYS I 202 16.05 23.06 97.83
CA LYS I 202 17.22 23.94 97.73
C LYS I 202 18.18 23.38 96.69
N ARG I 203 18.68 24.25 95.81
CA ARG I 203 19.63 23.88 94.79
C ARG I 203 20.72 24.94 94.72
N THR I 204 21.95 24.50 94.49
CA THR I 204 23.08 25.42 94.38
C THR I 204 24.11 24.81 93.44
N THR I 205 24.26 25.40 92.26
CA THR I 205 25.15 24.91 91.23
C THR I 205 26.25 25.93 90.95
N GLY I 206 27.47 25.45 90.73
CA GLY I 206 28.57 26.34 90.44
C GLY I 206 29.67 25.72 89.59
N VAL I 207 30.04 26.41 88.51
CA VAL I 207 31.10 25.98 87.60
C VAL I 207 32.14 27.09 87.54
N PHE I 208 33.37 26.78 87.93
CA PHE I 208 34.47 27.73 87.86
C PHE I 208 35.54 27.17 86.93
N ALA I 209 35.94 27.95 85.94
CA ALA I 209 36.90 27.46 84.95
C ALA I 209 37.98 28.50 84.71
N LYS I 210 39.23 28.05 84.70
CA LYS I 210 40.39 28.88 84.39
C LYS I 210 41.20 28.20 83.31
N PHE I 211 41.62 28.98 82.32
CA PHE I 211 42.39 28.46 81.20
C PHE I 211 43.43 29.49 80.80
N THR I 212 44.62 29.01 80.51
CA THR I 212 45.68 29.85 79.96
C THR I 212 46.37 29.12 78.84
N GLN I 213 46.78 29.87 77.82
CA GLN I 213 47.52 29.30 76.70
C GLN I 213 48.71 30.20 76.44
N LYS I 214 49.87 29.60 76.28
CA LYS I 214 51.10 30.32 75.97
C LYS I 214 51.46 29.98 74.52
N ASN I 215 51.09 30.89 73.62
CA ASN I 215 51.35 30.71 72.20
C ASN I 215 52.85 30.71 71.92
N PHE I 216 53.57 31.70 72.42
CA PHE I 216 55.01 31.75 72.18
C PHE I 216 55.64 32.73 73.14
N THR I 217 56.97 32.76 73.14
CA THR I 217 57.70 33.77 73.91
C THR I 217 58.82 34.34 73.06
N ILE I 218 59.15 35.60 73.36
CA ILE I 218 60.32 36.26 72.80
C ILE I 218 61.32 36.39 73.95
N ASP I 219 62.52 35.86 73.72
CA ASP I 219 63.55 35.77 74.74
C ASP I 219 64.73 36.66 74.37
N MET I 220 65.49 37.06 75.37
CA MET I 220 66.63 37.94 75.21
C MET I 220 67.91 37.17 75.49
N ASP I 221 68.91 37.35 74.64
CA ASP I 221 70.19 36.69 74.81
C ASP I 221 71.02 37.37 75.90
N LEU I 222 71.85 36.58 76.57
CA LEU I 222 72.74 37.13 77.57
C LEU I 222 73.78 38.02 76.89
N PRO I 223 74.16 39.13 77.50
CA PRO I 223 75.13 40.03 76.88
C PRO I 223 76.48 39.36 76.68
N ALA I 224 77.13 39.69 75.56
CA ALA I 224 78.46 39.17 75.30
C ALA I 224 79.47 39.71 76.31
N ASP I 225 79.37 40.99 76.64
CA ASP I 225 80.26 41.61 77.61
C ASP I 225 79.93 41.22 79.04
N GLY I 226 78.76 40.63 79.28
CA GLY I 226 78.33 40.27 80.60
C GLY I 226 77.53 41.33 81.31
N ASN I 227 77.39 42.52 80.72
CA ASN I 227 76.62 43.61 81.27
C ASN I 227 75.71 44.18 80.19
N ILE I 228 74.46 44.44 80.56
CA ILE I 228 73.50 44.98 79.60
C ILE I 228 73.81 46.43 79.27
N PHE I 229 74.45 47.15 80.18
CA PHE I 229 74.73 48.56 79.98
C PHE I 229 75.85 48.78 78.98
N LYS I 230 75.71 49.80 78.15
CA LYS I 230 76.72 50.09 77.13
C LYS I 230 77.99 50.66 77.76
N ASN I 231 77.87 51.59 78.70
CA ASN I 231 79.05 52.21 79.29
C ASN I 231 79.76 51.29 80.27
N ASN I 232 79.08 50.29 80.81
CA ASN I 232 79.58 49.32 81.79
C ASN I 232 79.87 49.94 83.14
N SER I 233 79.72 51.26 83.30
CA SER I 233 79.84 51.91 84.60
C SER I 233 78.50 52.22 85.22
N ASP I 234 77.43 52.18 84.42
CA ASP I 234 76.09 52.40 84.97
C ASP I 234 75.72 51.31 85.96
N LEU I 235 76.29 50.11 85.82
CA LEU I 235 76.02 49.06 86.79
C LEU I 235 76.48 49.47 88.18
N ALA I 236 77.67 50.08 88.27
CA ALA I 236 78.10 50.63 89.55
C ALA I 236 77.38 51.91 89.90
N LEU I 237 76.87 52.64 88.90
CA LEU I 237 76.14 53.87 89.17
C LEU I 237 74.83 53.60 89.88
N THR I 238 74.12 52.54 89.50
CA THR I 238 72.84 52.20 90.10
C THR I 238 72.96 51.26 91.30
N ASN I 239 74.08 51.29 92.02
CA ASN I 239 74.19 50.52 93.25
C ASN I 239 73.13 50.97 94.24
N GLY I 240 72.39 50.00 94.80
CA GLY I 240 71.28 50.28 95.66
C GLY I 240 69.96 50.47 94.95
N LYS I 241 69.96 50.57 93.62
CA LYS I 241 68.73 50.70 92.85
C LYS I 241 68.20 49.36 92.37
N ASN I 242 68.92 48.26 92.63
CA ASN I 242 68.52 46.91 92.24
C ASN I 242 68.18 46.85 90.76
N PRO I 243 69.17 46.95 89.87
CA PRO I 243 68.86 46.94 88.43
C PRO I 243 68.41 45.57 87.97
N VAL I 244 67.22 45.52 87.39
CA VAL I 244 66.63 44.29 86.89
C VAL I 244 66.01 44.58 85.53
N TYR I 245 66.28 43.74 84.54
CA TYR I 245 65.81 43.95 83.18
C TYR I 245 64.97 42.76 82.74
N ILE I 246 63.87 43.04 82.04
CA ILE I 246 63.04 41.98 81.51
C ILE I 246 63.73 41.31 80.34
N SER I 247 63.79 39.97 80.37
CA SER I 247 64.48 39.20 79.36
C SER I 247 63.59 38.22 78.61
N SER I 248 62.30 38.16 78.92
CA SER I 248 61.41 37.23 78.25
C SER I 248 59.98 37.73 78.35
N VAL I 249 59.26 37.69 77.25
CA VAL I 249 57.86 38.09 77.20
C VAL I 249 57.05 36.97 76.56
N THR I 250 55.98 36.55 77.23
CA THR I 250 55.15 35.45 76.78
C THR I 250 53.86 35.99 76.18
N TYR I 251 53.57 35.62 74.94
CA TYR I 251 52.34 35.97 74.25
C TYR I 251 51.40 34.78 74.29
N GLY I 252 50.15 35.03 74.68
CA GLY I 252 49.17 33.98 74.78
C GLY I 252 47.80 34.54 75.11
N ARG I 253 46.92 33.65 75.59
CA ARG I 253 45.54 34.00 75.91
C ARG I 253 45.21 33.56 77.33
N LEU I 254 44.26 34.28 77.94
CA LEU I 254 43.78 33.99 79.29
C LEU I 254 42.27 33.93 79.26
N GLY I 255 41.70 33.10 80.13
CA GLY I 255 40.25 33.02 80.23
C GLY I 255 39.75 32.49 81.55
N ILE I 256 38.84 33.21 82.19
CA ILE I 256 38.26 32.80 83.46
C ILE I 256 36.75 32.93 83.36
N ILE I 257 36.03 31.92 83.80
CA ILE I 257 34.57 31.95 83.84
C ILE I 257 34.11 31.44 85.19
N SER I 258 32.94 31.91 85.61
CA SER I 258 32.37 31.52 86.90
C SER I 258 30.85 31.66 86.81
N ILE I 259 30.15 30.54 86.83
CA ILE I 259 28.70 30.51 86.75
C ILE I 259 28.15 29.95 88.05
N GLU I 260 27.25 30.69 88.68
CA GLU I 260 26.62 30.28 89.93
C GLU I 260 25.11 30.36 89.78
N SER I 261 24.41 29.48 90.49
CA SER I 261 22.96 29.45 90.44
C SER I 261 22.43 28.94 91.77
N ASN I 262 21.33 29.55 92.22
CA ASN I 262 20.67 29.18 93.47
C ASN I 262 19.18 29.10 93.26
N ALA I 263 18.55 28.11 93.87
CA ALA I 263 17.11 27.90 93.75
C ALA I 263 16.54 27.52 95.10
N SER I 264 15.40 28.11 95.46
CA SER I 264 14.74 27.85 96.72
C SER I 264 13.24 27.74 96.50
N TYR I 265 12.62 26.77 97.16
CA TYR I 265 11.19 26.50 97.09
C TYR I 265 10.68 26.22 98.49
N ASN I 266 9.62 26.91 98.90
CA ASN I 266 9.18 26.91 100.30
C ASN I 266 7.67 26.71 100.40
N GLU I 267 7.14 25.69 99.73
CA GLU I 267 5.71 25.43 99.79
C GLU I 267 5.27 25.01 101.19
N VAL I 268 4.21 25.63 101.70
CA VAL I 268 3.64 25.33 103.00
C VAL I 268 2.13 25.29 102.87
N ASN I 269 1.51 24.21 103.35
CA ASN I 269 0.07 24.04 103.32
C ASN I 269 -0.47 23.78 104.72
N PHE I 270 -1.67 24.26 104.99
CA PHE I 270 -2.30 24.07 106.29
C PHE I 270 -3.81 24.06 106.13
N ALA I 271 -4.47 23.10 106.77
CA ALA I 271 -5.92 23.00 106.72
C ALA I 271 -6.46 22.65 108.09
N LEU I 272 -7.67 23.13 108.39
CA LEU I 272 -8.35 22.88 109.65
C LEU I 272 -9.80 22.47 109.38
N LYS I 273 -9.98 21.51 108.48
CA LYS I 273 -11.32 21.04 108.14
C LYS I 273 -11.89 20.17 109.25
N LEU I 285 -16.11 25.04 110.34
CA LEU I 285 -14.84 25.72 110.10
C LEU I 285 -14.05 25.02 109.00
N ASN I 286 -13.61 25.81 108.01
CA ASN I 286 -12.86 25.32 106.86
C ASN I 286 -11.65 26.21 106.61
N ILE I 287 -10.89 26.48 107.66
CA ILE I 287 -9.73 27.36 107.55
C ILE I 287 -8.67 26.69 106.69
N ASP I 288 -8.17 27.43 105.70
CA ASP I 288 -7.14 26.96 104.79
C ASP I 288 -6.05 28.01 104.66
N SER I 289 -4.82 27.56 104.42
CA SER I 289 -3.69 28.46 104.30
C SER I 289 -2.64 27.84 103.39
N ASN I 290 -2.05 28.67 102.54
CA ASN I 290 -1.01 28.22 101.62
C ASN I 290 0.03 29.32 101.47
N SER I 291 1.29 28.93 101.38
CA SER I 291 2.41 29.87 101.26
C SER I 291 3.44 29.29 100.32
N LYS I 292 3.58 29.87 99.13
CA LYS I 292 4.54 29.42 98.14
C LYS I 292 5.60 30.50 97.93
N LYS I 293 6.86 30.10 97.96
CA LYS I 293 7.97 31.03 97.78
C LYS I 293 9.03 30.38 96.91
N ILE I 294 9.28 30.96 95.75
CA ILE I 294 10.29 30.50 94.82
C ILE I 294 11.31 31.62 94.64
N LEU I 295 12.56 31.32 94.90
CA LEU I 295 13.66 32.28 94.77
C LEU I 295 14.71 31.70 93.84
N GLU I 296 15.02 32.42 92.77
CA GLU I 296 16.01 31.97 91.80
C GLU I 296 17.04 33.06 91.61
N GLU I 297 18.31 32.72 91.74
CA GLU I 297 19.41 33.65 91.54
C GLU I 297 20.42 33.04 90.60
N SER I 298 21.03 33.89 89.76
CA SER I 298 22.01 33.43 88.78
C SER I 298 23.14 34.45 88.70
N ASP I 299 24.31 33.97 88.29
CA ASP I 299 25.47 34.83 88.15
C ASP I 299 26.42 34.21 87.13
N LEU I 300 27.08 35.04 86.34
CA LEU I 300 28.00 34.57 85.31
C LEU I 300 29.03 35.65 85.05
N SER I 301 30.26 35.43 85.51
CA SER I 301 31.35 36.39 85.35
C SER I 301 32.40 35.80 84.41
N VAL I 302 32.76 36.55 83.38
CA VAL I 302 33.75 36.13 82.39
C VAL I 302 34.84 37.18 82.29
N TYR I 303 36.09 36.71 82.13
CA TYR I 303 37.26 37.57 81.99
C TYR I 303 38.19 36.95 80.96
N LEU I 304 38.28 37.53 79.77
CA LEU I 304 39.13 37.00 78.71
C LEU I 304 40.21 38.02 78.36
N VAL I 305 41.42 37.52 78.14
CA VAL I 305 42.55 38.35 77.75
C VAL I 305 43.09 37.78 76.45
N GLY I 306 42.86 38.50 75.36
CA GLY I 306 43.31 38.09 74.05
C GLY I 306 42.36 37.11 73.40
N GLY I 307 42.82 36.55 72.29
CA GLY I 307 42.01 35.63 71.52
C GLY I 307 41.20 36.33 70.45
N ARG I 308 40.51 35.50 69.66
CA ARG I 308 39.67 36.01 68.60
C ARG I 308 38.48 36.76 69.19
N GLY I 309 38.21 37.96 68.66
CA GLY I 309 37.13 38.77 69.19
C GLY I 309 35.77 38.14 68.95
N THR I 310 35.56 37.57 67.76
CA THR I 310 34.27 36.97 67.44
C THR I 310 33.93 35.81 68.37
N ASP I 311 34.92 34.96 68.67
CA ASP I 311 34.69 33.87 69.61
C ASP I 311 34.63 34.38 71.05
N ALA I 312 35.35 35.46 71.35
CA ALA I 312 35.37 35.98 72.71
C ALA I 312 34.01 36.57 73.10
N VAL I 313 33.34 37.24 72.17
CA VAL I 313 32.06 37.85 72.50
C VAL I 313 30.92 36.84 72.57
N GLN I 314 31.15 35.61 72.16
CA GLN I 314 30.13 34.56 72.20
C GLN I 314 30.11 33.82 73.53
N VAL I 315 31.00 34.15 74.46
CA VAL I 315 31.05 33.48 75.75
C VAL I 315 29.89 33.94 76.62
N ILE I 316 29.11 34.90 76.15
CA ILE I 316 27.99 35.39 76.93
C ILE I 316 26.86 34.38 77.00
N LYS I 317 26.88 33.36 76.15
CA LYS I 317 25.81 32.36 76.10
C LYS I 317 26.16 31.15 76.98
N GLY I 318 26.35 31.42 78.27
CA GLY I 318 26.62 30.36 79.23
C GLY I 318 27.97 29.69 78.99
N PHE I 319 28.05 28.42 79.42
CA PHE I 319 29.25 27.62 79.20
C PHE I 319 29.24 26.91 77.85
N ALA I 320 28.99 27.68 76.81
CA ALA I 320 29.06 27.21 75.43
C ALA I 320 30.03 28.04 74.63
N GLY I 321 29.99 29.37 74.82
CA GLY I 321 30.98 30.22 74.21
C GLY I 321 32.36 29.98 74.80
N PHE I 322 32.42 29.76 76.12
CA PHE I 322 33.67 29.36 76.74
C PHE I 322 33.83 27.85 76.61
N SER I 323 33.53 27.33 75.43
CA SER I 323 33.91 26.00 74.98
C SER I 323 34.34 26.00 73.53
N ASN I 324 34.04 27.05 72.78
CA ASN I 324 34.54 27.24 71.44
C ASN I 324 35.56 28.36 71.37
N PHE I 325 35.54 29.30 72.31
CA PHE I 325 36.58 30.32 72.35
C PHE I 325 37.95 29.67 72.54
N ILE I 326 37.98 28.50 73.18
CA ILE I 326 39.22 27.78 73.39
C ILE I 326 39.56 26.90 72.20
N VAL I 327 38.57 26.17 71.66
CA VAL I 327 38.85 25.21 70.60
C VAL I 327 38.97 25.84 69.23
N ASN I 328 38.57 27.09 69.06
CA ASN I 328 38.68 27.79 67.80
C ASN I 328 39.89 28.72 67.73
N GLY I 329 40.77 28.67 68.72
CA GLY I 329 41.94 29.52 68.72
C GLY I 329 43.19 28.81 69.20
N GLY I 330 43.23 27.49 69.03
CA GLY I 330 44.41 26.74 69.44
C GLY I 330 45.65 27.09 68.64
N GLN I 331 45.50 27.24 67.33
CA GLN I 331 46.61 27.65 66.48
C GLN I 331 46.58 29.16 66.34
N PHE I 332 47.67 29.83 66.74
CA PHE I 332 47.73 31.28 66.67
C PHE I 332 48.20 31.70 65.29
N THR I 333 47.43 32.56 64.66
CA THR I 333 47.62 33.09 63.32
C THR I 333 48.30 34.44 63.41
N PRO I 334 48.95 34.91 62.34
CA PRO I 334 49.54 36.25 62.41
C PRO I 334 48.50 37.36 62.50
N GLU I 335 47.24 37.07 62.16
CA GLU I 335 46.17 38.02 62.43
C GLU I 335 45.80 38.06 63.91
N ALA I 336 46.12 37.01 64.67
CA ALA I 336 45.83 36.94 66.10
C ALA I 336 47.10 36.51 66.82
N PRO I 337 48.07 37.42 66.97
CA PRO I 337 49.35 37.04 67.57
C PRO I 337 49.28 36.65 69.03
N GLY I 338 48.25 37.08 69.75
CA GLY I 338 48.17 36.86 71.18
C GLY I 338 48.55 38.11 71.94
N VAL I 339 48.39 38.02 73.26
CA VAL I 339 48.60 39.17 74.14
C VAL I 339 49.72 38.83 75.13
N PRO I 340 50.64 39.76 75.39
CA PRO I 340 51.64 39.52 76.45
C PRO I 340 50.94 39.27 77.78
N ILE I 341 51.10 38.06 78.30
CA ILE I 341 50.44 37.63 79.51
C ILE I 341 51.42 37.40 80.65
N TYR I 342 52.61 36.90 80.36
CA TYR I 342 53.62 36.66 81.36
C TYR I 342 54.96 37.20 80.88
N PHE I 343 55.83 37.51 81.83
CA PHE I 343 57.16 37.99 81.48
C PHE I 343 58.12 37.58 82.58
N SER I 344 59.39 37.51 82.22
CA SER I 344 60.44 37.11 83.15
C SER I 344 61.54 38.16 83.11
N ALA I 345 62.16 38.39 84.27
CA ALA I 345 63.20 39.39 84.40
C ALA I 345 64.41 38.78 85.07
N SER I 346 65.56 39.39 84.84
CA SER I 346 66.82 38.92 85.39
C SER I 346 67.61 40.09 85.95
N HIS I 347 68.46 39.80 86.93
CA HIS I 347 69.30 40.80 87.55
C HIS I 347 70.34 41.32 86.55
N ALA I 348 70.69 42.59 86.67
CA ALA I 348 71.69 43.18 85.79
C ALA I 348 73.10 43.06 86.33
N SER I 349 73.28 42.61 87.57
CA SER I 349 74.61 42.51 88.15
C SER I 349 75.29 41.21 87.72
N ASP I 350 74.73 40.06 88.08
CA ASP I 350 75.30 38.77 87.74
C ASP I 350 74.51 38.05 86.65
N ASN I 351 73.54 38.72 86.04
CA ASN I 351 72.70 38.13 84.99
C ASN I 351 71.95 36.90 85.49
N SER I 352 71.67 36.85 86.78
CA SER I 352 70.96 35.73 87.38
C SER I 352 69.45 35.93 87.26
N VAL I 353 68.72 34.83 87.46
CA VAL I 353 67.26 34.88 87.34
C VAL I 353 66.68 35.62 88.53
N TYR I 354 65.83 36.60 88.25
CA TYR I 354 65.20 37.40 89.29
C TYR I 354 63.91 36.73 89.75
N TYR I 355 63.78 36.54 91.06
CA TYR I 355 62.60 35.93 91.66
C TYR I 355 61.89 36.96 92.52
N THR I 356 60.60 37.12 92.29
CA THR I 356 59.77 38.06 93.03
C THR I 356 58.84 37.30 93.98
N THR I 357 58.50 37.96 95.09
CA THR I 357 57.62 37.35 96.08
C THR I 357 56.23 37.98 96.04
N THR J 81 43.58 52.44 94.83
CA THR J 81 44.52 52.77 93.76
C THR J 81 44.30 51.90 92.54
N SER J 82 44.24 52.52 91.37
CA SER J 82 44.04 51.82 90.11
C SER J 82 45.02 52.34 89.07
N ASP J 83 45.36 51.48 88.12
CA ASP J 83 46.29 51.83 87.05
C ASP J 83 45.58 52.44 85.84
N GLN J 84 44.37 51.96 85.54
CA GLN J 84 43.59 52.44 84.40
C GLN J 84 42.47 53.33 84.91
N ILE J 85 42.33 54.50 84.30
CA ILE J 85 41.32 55.49 84.66
C ILE J 85 40.28 55.54 83.56
N VAL J 86 39.01 55.49 83.95
CA VAL J 86 37.92 55.57 82.99
C VAL J 86 37.90 56.96 82.36
N VAL J 87 37.69 57.01 81.05
CA VAL J 87 37.71 58.28 80.35
C VAL J 87 36.45 59.06 80.71
N THR J 88 36.65 60.26 81.25
CA THR J 88 35.53 61.15 81.59
C THR J 88 35.52 62.41 80.75
N VAL J 89 36.68 62.88 80.31
CA VAL J 89 36.78 64.05 79.45
C VAL J 89 37.47 63.61 78.15
N PRO J 90 36.71 63.21 77.13
CA PRO J 90 37.34 62.76 75.89
C PRO J 90 38.19 63.82 75.21
N GLN J 91 37.82 65.10 75.37
CA GLN J 91 38.61 66.17 74.77
C GLN J 91 40.02 66.22 75.33
N LYS J 92 40.16 66.08 76.64
CA LYS J 92 41.46 66.17 77.28
C LYS J 92 42.15 64.82 77.41
N THR J 93 41.47 63.72 77.08
CA THR J 93 42.05 62.38 77.20
C THR J 93 42.68 62.01 75.86
N PHE J 94 43.92 62.46 75.67
CA PHE J 94 44.70 62.10 74.50
C PHE J 94 46.11 61.75 74.95
N ILE J 95 46.78 60.92 74.16
CA ILE J 95 48.12 60.48 74.52
C ILE J 95 49.09 61.64 74.42
N GLY J 96 50.09 61.64 75.30
CA GLY J 96 51.09 62.68 75.31
C GLY J 96 50.69 63.97 75.99
N GLY J 97 49.52 64.03 76.62
CA GLY J 97 49.07 65.24 77.29
C GLY J 97 49.49 65.26 78.75
N VAL J 98 50.04 66.39 79.18
CA VAL J 98 50.55 66.57 80.53
C VAL J 98 49.53 67.35 81.34
N TYR J 99 49.19 66.81 82.52
CA TYR J 99 48.23 67.44 83.41
C TYR J 99 48.75 67.37 84.84
N ASN J 100 48.03 68.02 85.74
CA ASN J 100 48.34 67.97 87.16
C ASN J 100 47.64 66.75 87.77
N SER J 101 48.31 66.10 88.72
CA SER J 101 47.74 64.92 89.36
C SER J 101 46.46 65.26 90.11
N THR J 102 46.45 66.37 90.85
CA THR J 102 45.27 66.76 91.60
C THR J 102 44.11 67.09 90.67
N THR J 103 44.39 67.83 89.59
CA THR J 103 43.34 68.18 88.65
C THR J 103 42.78 66.95 87.96
N LEU J 104 43.66 65.99 87.60
CA LEU J 104 43.18 64.75 87.01
C LEU J 104 42.37 63.94 88.02
N ASP J 105 42.74 64.01 89.31
CA ASP J 105 42.00 63.28 90.34
C ASP J 105 40.60 63.86 90.52
N ASN J 106 40.47 65.18 90.57
CA ASN J 106 39.17 65.82 90.74
C ASN J 106 38.52 66.20 89.41
N LEU J 107 38.98 65.62 88.30
CA LEU J 107 38.37 65.78 86.99
C LEU J 107 38.41 67.22 86.50
N ASP J 108 39.44 67.98 86.88
CA ASP J 108 39.61 69.33 86.38
C ASP J 108 40.43 69.35 85.10
N TYR J 109 41.48 68.53 85.04
CA TYR J 109 42.32 68.37 83.85
C TYR J 109 42.91 69.72 83.43
N THR J 110 43.71 70.28 84.32
CA THR J 110 44.41 71.52 83.98
C THR J 110 45.68 71.19 83.23
N PRO J 111 45.82 71.58 81.97
CA PRO J 111 47.01 71.22 81.21
C PRO J 111 48.23 72.01 81.66
N ILE J 112 49.39 71.43 81.41
CA ILE J 112 50.67 72.07 81.65
C ILE J 112 51.23 72.45 80.30
N SER J 113 51.18 73.74 79.98
CA SER J 113 51.56 74.25 78.66
C SER J 113 53.06 74.46 78.61
N TYR J 114 53.79 73.39 78.30
CA TYR J 114 55.23 73.43 78.13
C TYR J 114 55.61 72.60 76.92
N PRO J 115 56.68 72.96 76.22
CA PRO J 115 57.10 72.17 75.06
C PRO J 115 57.47 70.75 75.44
N LEU J 116 57.18 69.82 74.54
CA LEU J 116 57.44 68.41 74.75
C LEU J 116 58.19 67.84 73.55
N ASP J 117 59.06 66.89 73.81
CA ASP J 117 59.79 66.22 72.76
C ASP J 117 58.83 65.36 71.95
N PRO J 118 59.16 65.08 70.68
CA PRO J 118 58.32 64.17 69.89
C PRO J 118 58.19 62.81 70.57
N ILE J 119 56.99 62.25 70.51
CA ILE J 119 56.66 61.03 71.22
C ILE J 119 56.44 59.92 70.21
N THR J 120 56.93 58.72 70.55
CA THR J 120 56.73 57.54 69.74
C THR J 120 55.55 56.75 70.30
N VAL J 121 54.61 56.40 69.44
CA VAL J 121 53.41 55.69 69.84
C VAL J 121 53.34 54.37 69.09
N SER J 122 52.89 53.34 69.79
CA SER J 122 52.74 52.01 69.23
C SER J 122 51.32 51.52 69.42
N TYR J 123 50.85 50.69 68.49
CA TYR J 123 49.48 50.18 68.53
C TYR J 123 49.48 48.69 68.85
N SER J 124 48.51 48.27 69.65
CA SER J 124 48.44 46.87 70.03
C SER J 124 48.06 45.96 68.85
N PHE J 125 47.25 46.46 67.92
CA PHE J 125 46.83 45.63 66.81
C PHE J 125 47.93 45.55 65.74
N PRO J 126 48.02 44.42 65.03
CA PRO J 126 49.01 44.31 63.95
C PRO J 126 48.63 45.13 62.73
N SER J 127 49.55 46.00 62.31
CA SER J 127 49.33 46.84 61.14
C SER J 127 50.68 47.31 60.63
N ASP J 128 50.69 47.76 59.36
CA ASP J 128 51.91 48.29 58.78
C ASP J 128 52.36 49.56 59.51
N PHE J 129 51.41 50.42 59.84
CA PHE J 129 51.69 51.65 60.59
C PHE J 129 51.44 51.42 62.08
N ILE J 130 52.21 50.48 62.63
CA ILE J 130 52.07 50.11 64.03
C ILE J 130 52.92 51.00 64.95
N VAL J 131 53.95 51.66 64.42
CA VAL J 131 54.83 52.54 65.18
C VAL J 131 54.80 53.91 64.51
N ASP J 132 54.10 54.86 65.11
CA ASP J 132 54.01 56.23 64.61
C ASP J 132 54.77 57.18 65.53
N THR J 133 54.96 58.40 65.03
CA THR J 133 55.64 59.46 65.77
C THR J 133 54.82 60.73 65.68
N ILE J 134 54.65 61.41 66.82
CA ILE J 134 53.86 62.64 66.89
C ILE J 134 54.76 63.72 67.48
N GLU J 135 54.97 64.79 66.71
CA GLU J 135 55.82 65.88 67.20
C GLU J 135 55.13 66.69 68.28
N ARG J 136 53.86 67.03 68.06
CA ARG J 136 53.08 67.82 69.01
C ARG J 136 51.89 66.99 69.48
N PRO J 137 51.95 66.40 70.68
CA PRO J 137 50.83 65.59 71.17
C PRO J 137 49.54 66.39 71.28
N SER J 138 48.52 65.95 70.56
CA SER J 138 47.22 66.61 70.57
C SER J 138 46.15 65.58 70.22
N LEU J 139 44.90 65.93 70.53
CA LEU J 139 43.78 65.04 70.25
C LEU J 139 43.63 64.82 68.75
N SER J 140 43.77 65.88 67.95
CA SER J 140 43.64 65.74 66.50
C SER J 140 44.74 64.88 65.94
N SER J 141 45.98 65.05 66.43
CA SER J 141 47.08 64.23 65.96
C SER J 141 46.89 62.76 66.34
N MET J 142 46.41 62.50 67.56
CA MET J 142 46.15 61.13 67.97
C MET J 142 45.06 60.50 67.12
N ARG J 143 43.98 61.24 66.86
CA ARG J 143 42.91 60.71 66.02
C ARG J 143 43.38 60.43 64.60
N ALA J 144 44.16 61.35 64.02
CA ALA J 144 44.66 61.14 62.67
C ALA J 144 45.61 59.96 62.60
N SER J 145 46.47 59.81 63.61
CA SER J 145 47.39 58.68 63.63
C SER J 145 46.62 57.36 63.75
N VAL J 146 45.59 57.33 64.58
CA VAL J 146 44.77 56.12 64.70
C VAL J 146 44.07 55.80 63.39
N PHE J 147 43.54 56.82 62.72
CA PHE J 147 42.86 56.63 61.44
C PHE J 147 43.82 56.05 60.40
N LYS J 148 45.02 56.65 60.28
CA LYS J 148 45.99 56.17 59.31
C LYS J 148 46.47 54.75 59.64
N ALA J 149 46.71 54.47 60.92
CA ALA J 149 47.19 53.15 61.32
C ALA J 149 46.16 52.09 61.02
N MET J 150 44.88 52.37 61.28
CA MET J 150 43.85 51.36 61.07
C MET J 150 43.41 51.29 59.61
N ARG J 151 43.72 52.28 58.79
CA ARG J 151 43.50 52.18 57.36
C ARG J 151 44.72 51.69 56.60
N ALA J 152 45.84 51.45 57.28
CA ALA J 152 47.03 50.97 56.60
C ALA J 152 46.88 49.49 56.22
N ALA J 153 47.84 49.00 55.45
CA ALA J 153 47.82 47.62 54.98
C ALA J 153 48.19 46.67 56.13
N ASN J 154 47.83 45.39 55.93
CA ASN J 154 48.09 44.33 56.91
C ASN J 154 47.48 44.65 58.26
N PHE J 155 46.30 45.27 58.25
CA PHE J 155 45.57 45.58 59.47
C PHE J 155 44.59 44.47 59.79
N SER J 156 44.54 44.05 61.05
CA SER J 156 43.67 42.97 61.49
C SER J 156 43.04 43.38 62.80
N GLY J 157 41.72 43.54 62.81
CA GLY J 157 40.97 43.76 64.02
C GLY J 157 40.37 42.47 64.52
N GLU J 158 40.90 41.35 64.02
CA GLU J 158 40.35 40.05 64.35
C GLU J 158 40.54 39.72 65.82
N GLN J 159 41.68 40.08 66.39
CA GLN J 159 41.99 39.77 67.78
C GLN J 159 41.82 41.02 68.63
N SER J 160 41.09 40.89 69.74
CA SER J 160 40.89 41.97 70.69
C SER J 160 41.88 41.83 71.82
N LEU J 161 41.75 42.70 72.82
CA LEU J 161 42.65 42.72 73.97
C LEU J 161 42.01 42.24 75.25
N ALA J 162 40.78 42.67 75.54
CA ALA J 162 40.15 42.19 76.76
C ALA J 162 38.64 42.15 76.56
N PHE J 163 37.98 41.32 77.35
CA PHE J 163 36.52 41.17 77.27
C PHE J 163 36.02 40.74 78.63
N ASP J 164 35.36 41.65 79.34
CA ASP J 164 34.78 41.40 80.66
C ASP J 164 33.28 41.34 80.53
N TYR J 165 32.67 40.31 81.11
CA TYR J 165 31.23 40.14 81.12
C TYR J 165 30.76 39.82 82.53
N ASN J 166 29.57 40.28 82.86
CA ASN J 166 29.00 40.02 84.18
C ASN J 166 27.49 40.16 84.08
N ILE J 167 26.77 39.13 84.53
CA ILE J 167 25.32 39.16 84.54
C ILE J 167 24.82 38.66 85.88
N LYS J 168 23.73 39.24 86.37
CA LYS J 168 23.11 38.86 87.63
C LYS J 168 21.61 38.79 87.40
N GLN J 169 21.06 37.59 87.49
CA GLN J 169 19.63 37.35 87.33
C GLN J 169 19.03 36.95 88.67
N PHE J 170 17.93 37.57 89.04
CA PHE J 170 17.27 37.29 90.31
C PHE J 170 15.76 37.31 90.08
N SER J 171 15.06 36.46 90.82
CA SER J 171 13.61 36.36 90.66
C SER J 171 13.00 35.85 91.95
N TYR J 172 12.23 36.70 92.62
CA TYR J 172 11.47 36.32 93.81
C TYR J 172 10.06 35.89 93.41
N TYR J 173 9.39 35.22 94.35
CA TYR J 173 8.02 34.78 94.16
C TYR J 173 7.35 34.69 95.53
N SER J 174 6.06 34.98 95.57
CA SER J 174 5.30 34.87 96.82
C SER J 174 3.85 34.57 96.48
N GLU J 175 3.25 33.66 97.23
CA GLU J 175 1.87 33.27 96.97
C GLU J 175 1.19 32.88 98.28
N LEU J 176 0.11 33.59 98.61
CA LEU J 176 -0.72 33.32 99.77
C LEU J 176 -2.13 32.99 99.29
N LYS J 177 -2.73 31.95 99.86
CA LYS J 177 -4.04 31.45 99.49
C LYS J 177 -4.91 31.21 100.72
N ILE J 178 -4.97 32.22 101.59
CA ILE J 178 -5.72 32.08 102.84
C ILE J 178 -7.21 31.95 102.55
N ALA J 179 -7.85 30.97 103.17
CA ALA J 179 -9.28 30.74 102.99
C ALA J 179 -9.93 30.47 104.34
N PHE J 180 -11.22 30.76 104.41
CA PHE J 180 -11.98 30.54 105.65
C PHE J 180 -13.37 29.99 105.35
N ILE J 194 -21.07 32.54 106.17
CA ILE J 194 -19.86 33.34 106.25
C ILE J 194 -18.70 32.62 105.58
N SER J 195 -18.05 33.29 104.65
CA SER J 195 -16.91 32.73 103.93
C SER J 195 -15.83 33.81 103.83
N GLY J 196 -14.80 33.54 103.04
CA GLY J 196 -13.72 34.49 102.86
C GLY J 196 -12.49 33.89 102.22
N SER J 197 -11.87 34.64 101.30
CA SER J 197 -10.66 34.18 100.62
C SER J 197 -9.74 35.38 100.39
N ASN J 198 -8.44 35.10 100.40
CA ASN J 198 -7.41 36.11 100.20
C ASN J 198 -6.28 35.46 99.41
N ASN J 199 -6.16 35.82 98.14
CA ASN J 199 -5.14 35.32 97.23
C ASN J 199 -4.18 36.47 96.91
N LYS J 200 -2.94 36.36 97.37
CA LYS J 200 -1.91 37.36 97.16
C LYS J 200 -0.77 36.74 96.36
N ILE J 201 -0.38 37.42 95.28
CA ILE J 201 0.72 36.97 94.43
C ILE J 201 1.70 38.12 94.26
N LYS J 202 2.98 37.83 94.45
CA LYS J 202 4.04 38.82 94.32
C LYS J 202 5.16 38.26 93.47
N ARG J 203 5.65 39.07 92.52
CA ARG J 203 6.75 38.67 91.65
C ARG J 203 7.70 39.85 91.52
N THR J 204 8.99 39.55 91.47
CA THR J 204 10.02 40.58 91.33
C THR J 204 11.19 39.97 90.58
N THR J 205 11.40 40.42 89.34
CA THR J 205 12.46 39.92 88.48
C THR J 205 13.46 41.02 88.16
N GLY J 206 14.73 40.67 88.10
CA GLY J 206 15.76 41.64 87.79
C GLY J 206 17.00 41.07 87.14
N VAL J 207 17.40 41.64 86.01
CA VAL J 207 18.59 41.23 85.28
C VAL J 207 19.49 42.45 85.15
N PHE J 208 20.71 42.36 85.68
CA PHE J 208 21.69 43.42 85.57
C PHE J 208 22.92 42.88 84.84
N ALA J 209 23.33 43.55 83.77
CA ALA J 209 24.43 43.07 82.95
C ALA J 209 25.41 44.19 82.67
N LYS J 210 26.69 43.91 82.84
CA LYS J 210 27.77 44.83 82.50
C LYS J 210 28.77 44.12 81.61
N PHE J 211 29.20 44.80 80.56
CA PHE J 211 30.14 44.24 79.60
C PHE J 211 31.09 45.33 79.14
N THR J 212 32.35 44.97 79.03
CA THR J 212 33.36 45.86 78.47
C THR J 212 34.25 45.07 77.52
N GLN J 213 34.68 45.72 76.45
CA GLN J 213 35.58 45.11 75.50
C GLN J 213 36.69 46.11 75.21
N LYS J 214 37.92 45.65 75.24
CA LYS J 214 39.09 46.46 74.94
C LYS J 214 39.62 45.98 73.60
N ASN J 215 39.26 46.72 72.54
CA ASN J 215 39.68 46.38 71.19
C ASN J 215 41.19 46.53 71.04
N PHE J 216 41.74 47.67 71.46
CA PHE J 216 43.18 47.87 71.34
C PHE J 216 43.59 49.04 72.21
N THR J 217 44.90 49.25 72.32
CA THR J 217 45.43 50.42 72.98
C THR J 217 46.56 51.02 72.17
N ILE J 218 46.71 52.33 72.30
CA ILE J 218 47.86 53.06 71.77
C ILE J 218 48.70 53.46 72.96
N ASP J 219 49.96 53.06 72.93
CA ASP J 219 50.90 53.24 74.03
C ASP J 219 52.00 54.21 73.63
N MET J 220 52.59 54.84 74.64
CA MET J 220 53.64 55.83 74.45
C MET J 220 54.97 55.27 74.95
N ASP J 221 56.02 55.46 74.17
CA ASP J 221 57.35 54.99 74.55
C ASP J 221 57.97 55.91 75.59
N LEU J 222 58.81 55.33 76.44
CA LEU J 222 59.53 56.12 77.43
C LEU J 222 60.52 57.04 76.72
N PRO J 223 60.70 58.27 77.20
CA PRO J 223 61.63 59.19 76.53
C PRO J 223 63.06 58.67 76.55
N ALA J 224 63.79 58.92 75.46
CA ALA J 224 65.18 58.54 75.40
C ALA J 224 66.02 59.34 76.40
N ASP J 225 65.74 60.63 76.53
CA ASP J 225 66.45 61.48 77.48
C ASP J 225 66.02 61.24 78.92
N GLY J 226 64.90 60.56 79.12
CA GLY J 226 64.37 60.31 80.45
C GLY J 226 63.39 61.36 80.93
N ASN J 227 63.18 62.43 80.15
CA ASN J 227 62.24 63.48 80.48
C ASN J 227 61.39 63.77 79.25
N ILE J 228 60.08 63.93 79.46
CA ILE J 228 59.18 64.21 78.35
C ILE J 228 59.35 65.63 77.83
N PHE J 229 59.81 66.53 78.69
CA PHE J 229 59.94 67.93 78.31
C PHE J 229 61.14 68.15 77.40
N LYS J 230 60.96 69.03 76.41
CA LYS J 230 62.03 69.31 75.46
C LYS J 230 63.17 70.10 76.10
N ASN J 231 62.84 71.14 76.88
CA ASN J 231 63.87 71.97 77.48
C ASN J 231 64.58 71.29 78.65
N ASN J 232 63.96 70.29 79.27
CA ASN J 232 64.46 69.53 80.41
C ASN J 232 64.54 70.37 81.69
N SER J 233 64.22 71.66 81.63
CA SER J 233 64.13 72.49 82.82
C SER J 233 62.70 72.71 83.28
N ASP J 234 61.74 72.43 82.41
CA ASP J 234 60.34 72.55 82.79
C ASP J 234 59.99 71.56 83.90
N LEU J 235 60.70 70.43 83.97
CA LEU J 235 60.44 69.50 85.06
C LEU J 235 60.71 70.14 86.42
N ALA J 236 61.80 70.91 86.53
CA ALA J 236 62.05 71.67 87.75
C ALA J 236 61.14 72.89 87.84
N LEU J 237 60.67 73.40 86.70
CA LEU J 237 59.78 74.56 86.72
C LEU J 237 58.43 74.23 87.34
N THR J 238 57.91 73.03 87.06
CA THR J 238 56.61 72.62 87.60
C THR J 238 56.71 71.88 88.92
N ASN J 239 57.73 72.15 89.73
CA ASN J 239 57.80 71.56 91.06
C ASN J 239 56.59 72.00 91.88
N GLY J 240 55.92 71.04 92.50
CA GLY J 240 54.69 71.29 93.22
C GLY J 240 53.44 71.21 92.36
N LYS J 241 53.58 71.13 91.05
CA LYS J 241 52.42 71.00 90.17
C LYS J 241 52.10 69.55 89.84
N ASN J 242 52.91 68.60 90.31
CA ASN J 242 52.72 67.17 90.09
C ASN J 242 52.54 66.87 88.61
N PRO J 243 53.60 66.97 87.80
CA PRO J 243 53.45 66.73 86.36
C PRO J 243 53.21 65.26 86.06
N VAL J 244 52.09 64.99 85.39
CA VAL J 244 51.70 63.63 85.02
C VAL J 244 51.20 63.66 83.60
N TYR J 245 51.67 62.73 82.77
CA TYR J 245 51.31 62.70 81.35
C TYR J 245 50.67 61.37 81.01
N ILE J 246 49.62 61.41 80.19
CA ILE J 246 48.97 60.18 79.76
C ILE J 246 49.87 59.45 78.76
N SER J 247 50.06 58.16 78.99
CA SER J 247 50.95 57.35 78.16
C SER J 247 50.25 56.18 77.49
N SER J 248 48.95 55.99 77.70
CA SER J 248 48.24 54.87 77.09
C SER J 248 46.77 55.21 76.99
N VAL J 249 46.17 54.93 75.84
CA VAL J 249 44.75 55.13 75.61
C VAL J 249 44.14 53.84 75.08
N THR J 250 43.07 53.38 75.71
CA THR J 250 42.41 52.13 75.35
C THR J 250 41.13 52.43 74.57
N TYR J 251 41.03 51.86 73.37
CA TYR J 251 39.85 51.95 72.53
C TYR J 251 39.05 50.67 72.66
N GLY J 252 37.75 50.81 72.90
CA GLY J 252 36.88 49.67 73.07
C GLY J 252 35.43 50.08 73.20
N ARG J 253 34.61 49.17 73.71
CA ARG J 253 33.18 49.38 73.85
C ARG J 253 32.75 49.09 75.29
N LEU J 254 31.68 49.76 75.71
CA LEU J 254 31.09 49.60 77.03
C LEU J 254 29.59 49.35 76.89
N GLY J 255 29.04 48.56 77.81
CA GLY J 255 27.61 48.31 77.78
C GLY J 255 27.04 47.92 79.13
N ILE J 256 25.99 48.60 79.57
CA ILE J 256 25.32 48.29 80.83
C ILE J 256 23.83 48.22 80.58
N ILE J 257 23.18 47.18 81.10
CA ILE J 257 21.74 47.04 81.00
C ILE J 257 21.20 46.66 82.37
N SER J 258 19.94 47.03 82.61
CA SER J 258 19.29 46.74 83.88
C SER J 258 17.79 46.68 83.64
N ILE J 259 17.22 45.49 83.77
CA ILE J 259 15.79 45.26 83.56
C ILE J 259 15.18 44.82 84.87
N GLU J 260 14.14 45.52 85.31
CA GLU J 260 13.44 45.20 86.54
C GLU J 260 11.95 45.08 86.25
N SER J 261 11.28 44.22 87.02
CA SER J 261 9.86 43.99 86.85
C SER J 261 9.24 43.60 88.18
N ASN J 262 8.05 44.12 88.44
CA ASN J 262 7.31 43.84 89.67
C ASN J 262 5.86 43.55 89.33
N ALA J 263 5.29 42.57 90.03
CA ALA J 263 3.90 42.17 89.82
C ALA J 263 3.24 41.91 91.17
N SER J 264 2.02 42.39 91.32
CA SER J 264 1.25 42.22 92.55
C SER J 264 -0.20 41.90 92.21
N TYR J 265 -0.76 40.94 92.95
CA TYR J 265 -2.13 40.49 92.79
C TYR J 265 -2.75 40.34 94.17
N ASN J 266 -3.92 40.94 94.39
CA ASN J 266 -4.50 41.07 95.72
C ASN J 266 -5.98 40.69 95.72
N GLU J 267 -6.32 39.53 95.16
CA GLU J 267 -7.72 39.11 95.13
C GLU J 267 -8.25 38.83 96.53
N VAL J 268 -9.42 39.38 96.83
CA VAL J 268 -10.08 39.18 98.13
C VAL J 268 -11.56 38.93 97.86
N ASN J 269 -12.10 37.85 98.45
CA ASN J 269 -13.50 37.50 98.32
C ASN J 269 -14.14 37.37 99.69
N PHE J 270 -15.42 37.72 99.77
CA PHE J 270 -16.15 37.63 101.04
C PHE J 270 -17.63 37.41 100.74
N ALA J 271 -18.24 36.47 101.46
CA ALA J 271 -19.65 36.17 101.29
C ALA J 271 -20.30 35.95 102.65
N LEU J 272 -21.58 36.30 102.75
CA LEU J 272 -22.35 36.13 103.98
C LEU J 272 -23.70 35.52 103.64
N LYS J 273 -23.69 34.43 102.88
CA LYS J 273 -24.92 33.75 102.49
C LYS J 273 -25.51 32.98 103.67
N LEU J 285 -30.34 37.37 103.66
CA LEU J 285 -29.14 38.17 103.44
C LEU J 285 -28.16 37.43 102.52
N ASN J 286 -27.71 38.13 101.48
CA ASN J 286 -26.80 37.60 100.48
C ASN J 286 -25.67 38.59 100.21
N ILE J 287 -25.06 39.10 101.27
CA ILE J 287 -24.00 40.09 101.14
C ILE J 287 -22.79 39.45 100.48
N ASP J 288 -22.27 40.11 99.44
CA ASP J 288 -21.10 39.65 98.70
C ASP J 288 -20.14 40.81 98.52
N SER J 289 -18.85 40.49 98.45
CA SER J 289 -17.82 41.51 98.31
C SER J 289 -16.61 40.90 97.60
N ASN J 290 -16.03 41.67 96.69
CA ASN J 290 -14.86 41.24 95.94
C ASN J 290 -13.94 42.44 95.72
N SER J 291 -12.64 42.21 95.80
CA SER J 291 -11.63 43.26 95.64
C SER J 291 -10.45 42.68 94.88
N LYS J 292 -10.26 43.12 93.64
CA LYS J 292 -9.15 42.66 92.82
C LYS J 292 -8.21 43.83 92.55
N LYS J 293 -6.92 43.60 92.74
CA LYS J 293 -5.91 44.64 92.54
C LYS J 293 -4.70 44.01 91.87
N ILE J 294 -4.39 44.46 90.65
CA ILE J 294 -3.24 44.00 89.89
C ILE J 294 -2.34 45.21 89.64
N LEU J 295 -1.09 45.12 90.06
CA LEU J 295 -0.11 46.17 89.89
C LEU J 295 1.09 45.61 89.15
N GLU J 296 1.42 46.21 88.01
CA GLU J 296 2.57 45.77 87.22
C GLU J 296 3.47 46.96 86.95
N GLU J 297 4.75 46.79 87.25
CA GLU J 297 5.76 47.82 87.02
C GLU J 297 6.93 47.23 86.26
N SER J 298 7.52 48.01 85.37
CA SER J 298 8.63 47.57 84.54
C SER J 298 9.65 48.70 84.42
N ASP J 299 10.90 48.33 84.19
CA ASP J 299 11.98 49.29 84.03
C ASP J 299 13.07 48.66 83.19
N LEU J 300 13.73 49.47 82.35
CA LEU J 300 14.79 48.97 81.50
C LEU J 300 15.73 50.14 81.17
N SER J 301 16.90 50.14 81.77
CA SER J 301 17.89 51.19 81.55
C SER J 301 19.10 50.63 80.81
N VAL J 302 19.48 51.27 79.71
CA VAL J 302 20.61 50.84 78.89
C VAL J 302 21.58 52.00 78.74
N TYR J 303 22.87 51.68 78.76
CA TYR J 303 23.96 52.66 78.59
C TYR J 303 25.05 52.02 77.76
N LEU J 304 25.19 52.44 76.51
CA LEU J 304 26.21 51.90 75.61
C LEU J 304 27.19 52.98 75.22
N VAL J 305 28.47 52.62 75.17
CA VAL J 305 29.55 53.51 74.77
C VAL J 305 30.27 52.86 73.61
N GLY J 306 30.09 53.39 72.42
CA GLY J 306 30.72 52.86 71.23
C GLY J 306 29.95 51.69 70.65
N GLY J 307 30.59 51.05 69.68
CA GLY J 307 29.97 49.94 68.98
C GLY J 307 29.20 50.38 67.75
N ARG J 308 28.70 49.38 67.04
CA ARG J 308 27.91 49.63 65.83
C ARG J 308 26.60 50.30 66.21
N GLY J 309 26.25 51.37 65.51
CA GLY J 309 25.03 52.09 65.80
C GLY J 309 23.77 51.28 65.54
N THR J 310 23.76 50.53 64.43
CA THR J 310 22.59 49.73 64.09
C THR J 310 22.31 48.68 65.15
N ASP J 311 23.34 48.00 65.65
CA ASP J 311 23.13 47.03 66.71
C ASP J 311 22.86 47.72 68.05
N ALA J 312 23.42 48.91 68.25
CA ALA J 312 23.23 49.61 69.51
C ALA J 312 21.79 50.06 69.69
N VAL J 313 21.15 50.52 68.61
CA VAL J 313 19.78 51.00 68.75
C VAL J 313 18.76 49.87 68.86
N GLN J 314 19.17 48.63 68.65
CA GLN J 314 18.28 47.48 68.77
C GLN J 314 18.20 46.94 70.18
N VAL J 315 18.95 47.50 71.12
CA VAL J 315 18.94 47.01 72.50
C VAL J 315 17.65 47.43 73.20
N ILE J 316 16.82 48.22 72.51
CA ILE J 316 15.57 48.67 73.11
C ILE J 316 14.56 47.53 73.24
N LYS J 317 14.79 46.42 72.55
CA LYS J 317 13.86 45.29 72.55
C LYS J 317 14.24 44.27 73.62
N GLY J 318 14.26 44.73 74.87
CA GLY J 318 14.56 43.85 75.99
C GLY J 318 15.98 43.32 75.97
N PHE J 319 16.16 42.15 76.58
CA PHE J 319 17.46 41.49 76.60
C PHE J 319 17.67 40.61 75.36
N ALA J 320 17.45 41.20 74.21
CA ALA J 320 17.71 40.56 72.93
C ALA J 320 18.66 41.38 72.09
N GLY J 321 18.45 42.71 72.08
CA GLY J 321 19.40 43.59 71.45
C GLY J 321 20.72 43.60 72.19
N PHE J 322 20.66 43.57 73.52
CA PHE J 322 21.89 43.43 74.30
C PHE J 322 22.24 41.95 74.41
N SER J 323 22.12 41.24 73.30
CA SER J 323 22.68 39.92 73.08
C SER J 323 23.27 39.77 71.69
N ASN J 324 22.92 40.66 70.77
CA ASN J 324 23.54 40.74 69.46
C ASN J 324 24.44 41.96 69.32
N PHE J 325 24.21 43.01 70.11
CA PHE J 325 25.11 44.14 70.10
C PHE J 325 26.52 43.70 70.50
N ILE J 326 26.61 42.65 71.30
CA ILE J 326 27.91 42.13 71.72
C ILE J 326 28.45 41.13 70.71
N VAL J 327 27.62 40.23 70.20
CA VAL J 327 28.12 39.18 69.31
C VAL J 327 28.31 39.62 67.87
N ASN J 328 27.79 40.79 67.50
CA ASN J 328 27.95 41.33 66.16
C ASN J 328 29.05 42.38 66.07
N GLY J 329 29.82 42.57 67.13
CA GLY J 329 30.89 43.55 67.11
C GLY J 329 32.15 43.07 67.79
N GLY J 330 32.36 41.76 67.82
CA GLY J 330 33.56 41.23 68.43
C GLY J 330 34.83 41.64 67.71
N GLN J 331 34.81 41.57 66.38
CA GLN J 331 35.95 42.01 65.58
C GLN J 331 35.75 43.48 65.22
N PHE J 332 36.71 44.31 65.61
CA PHE J 332 36.61 45.74 65.34
C PHE J 332 37.19 46.03 63.96
N THR J 333 36.39 46.69 63.14
CA THR J 333 36.66 47.06 61.77
C THR J 333 37.16 48.49 61.71
N PRO J 334 37.87 48.88 60.64
CA PRO J 334 38.29 50.29 60.57
C PRO J 334 37.13 51.26 60.41
N GLU J 335 35.96 50.77 60.00
CA GLU J 335 34.76 51.61 60.04
C GLU J 335 34.23 51.79 61.46
N ALA J 336 34.59 50.91 62.39
CA ALA J 336 34.16 50.99 63.79
C ALA J 336 35.39 50.82 64.66
N PRO J 337 36.23 51.86 64.76
CA PRO J 337 37.48 51.73 65.53
C PRO J 337 37.29 51.54 67.01
N GLY J 338 36.15 51.93 67.57
CA GLY J 338 35.95 51.88 69.00
C GLY J 338 36.10 53.26 69.61
N VAL J 339 35.81 53.34 70.91
CA VAL J 339 35.81 54.61 71.63
C VAL J 339 36.84 54.56 72.74
N PRO J 340 37.61 55.62 72.96
CA PRO J 340 38.52 55.65 74.11
C PRO J 340 37.72 55.50 75.40
N ILE J 341 37.97 54.39 76.10
CA ILE J 341 37.22 54.05 77.30
C ILE J 341 38.11 54.10 78.55
N TYR J 342 39.37 53.72 78.43
CA TYR J 342 40.29 53.74 79.55
C TYR J 342 41.60 54.38 79.11
N PHE J 343 42.32 54.93 80.08
CA PHE J 343 43.62 55.51 79.79
C PHE J 343 44.50 55.38 81.01
N SER J 344 45.81 55.42 80.78
CA SER J 344 46.79 55.30 81.85
C SER J 344 47.77 56.46 81.76
N ALA J 345 48.22 56.91 82.92
CA ALA J 345 49.13 58.05 83.00
C ALA J 345 50.33 57.69 83.85
N SER J 346 51.41 58.41 83.64
CA SER J 346 52.66 58.18 84.35
C SER J 346 53.25 59.51 84.80
N HIS J 347 54.00 59.45 85.89
CA HIS J 347 54.67 60.64 86.42
C HIS J 347 55.74 61.13 85.46
N ALA J 348 55.93 62.45 85.42
CA ALA J 348 56.93 63.04 84.55
C ALA J 348 58.30 63.17 85.22
N SER J 349 58.39 62.92 86.53
CA SER J 349 59.65 63.06 87.24
C SER J 349 60.52 61.82 87.07
N ASP J 350 60.05 60.67 87.53
CA ASP J 350 60.79 59.43 87.43
C ASP J 350 60.21 58.47 86.40
N ASN J 351 59.24 58.92 85.61
CA ASN J 351 58.59 58.10 84.60
C ASN J 351 57.94 56.86 85.20
N SER J 352 57.53 56.95 86.46
CA SER J 352 56.89 55.84 87.15
C SER J 352 55.39 55.82 86.86
N VAL J 353 54.76 54.68 87.15
CA VAL J 353 53.34 54.52 86.90
C VAL J 353 52.55 55.34 87.91
N TYR J 354 51.63 56.16 87.43
CA TYR J 354 50.81 57.01 88.28
C TYR J 354 49.57 56.24 88.71
N TYR J 355 49.32 56.22 90.02
CA TYR J 355 48.17 55.55 90.60
C TYR J 355 47.25 56.58 91.23
N THR J 356 45.98 56.54 90.87
CA THR J 356 44.98 57.47 91.39
C THR J 356 44.05 56.73 92.35
N THR J 357 43.52 57.47 93.32
CA THR J 357 42.62 56.90 94.30
C THR J 357 41.18 57.33 94.05
N THR K 81 27.17 69.76 89.66
CA THR K 81 28.18 70.07 88.64
C THR K 81 28.20 69.01 87.55
N SER K 82 28.20 69.46 86.29
CA SER K 82 28.21 68.57 85.14
C SER K 82 29.22 69.08 84.13
N ASP K 83 29.76 68.14 83.34
CA ASP K 83 30.75 68.46 82.32
C ASP K 83 30.10 68.81 80.99
N GLN K 84 29.00 68.14 80.64
CA GLN K 84 28.30 68.36 79.39
C GLN K 84 27.03 69.16 79.65
N ILE K 85 26.82 70.22 78.87
CA ILE K 85 25.68 71.11 79.00
C ILE K 85 24.76 70.88 77.81
N VAL K 86 23.47 70.71 78.09
CA VAL K 86 22.48 70.53 77.03
C VAL K 86 22.37 71.81 76.22
N VAL K 87 22.30 71.65 74.90
CA VAL K 87 22.25 72.82 74.02
C VAL K 87 20.88 73.47 74.15
N THR K 88 20.88 74.74 74.53
CA THR K 88 19.65 75.53 74.63
C THR K 88 19.58 76.65 73.63
N VAL K 89 20.72 77.20 73.21
CA VAL K 89 20.78 78.25 72.20
C VAL K 89 21.64 77.73 71.05
N PRO K 90 21.05 77.10 70.04
CA PRO K 90 21.85 76.57 68.94
C PRO K 90 22.63 77.64 68.19
N GLN K 91 22.12 78.87 68.13
CA GLN K 91 22.83 79.93 67.45
C GLN K 91 24.16 80.23 68.12
N LYS K 92 24.17 80.29 69.45
CA LYS K 92 25.39 80.63 70.17
C LYS K 92 26.21 79.41 70.56
N THR K 93 25.70 78.20 70.34
CA THR K 93 26.41 76.98 70.70
C THR K 93 27.21 76.51 69.49
N PHE K 94 28.40 77.08 69.35
CA PHE K 94 29.33 76.67 68.32
C PHE K 94 30.72 76.57 68.94
N ILE K 95 31.56 75.72 68.33
CA ILE K 95 32.90 75.51 68.87
C ILE K 95 33.74 76.77 68.70
N GLY K 96 34.64 77.01 69.65
CA GLY K 96 35.50 78.16 69.59
C GLY K 96 34.89 79.47 70.04
N GLY K 97 33.66 79.46 70.55
CA GLY K 97 33.02 80.67 70.99
C GLY K 97 33.27 80.94 72.46
N VAL K 98 33.64 82.19 72.77
CA VAL K 98 33.98 82.61 74.12
C VAL K 98 32.81 83.36 74.73
N TYR K 99 32.40 82.95 75.92
CA TYR K 99 31.29 83.55 76.63
C TYR K 99 31.66 83.75 78.09
N ASN K 100 30.78 84.42 78.83
CA ASN K 100 30.95 84.59 80.26
C ASN K 100 30.32 83.39 80.97
N SER K 101 30.96 82.97 82.07
CA SER K 101 30.46 81.82 82.82
C SER K 101 29.08 82.09 83.40
N THR K 102 28.88 83.28 83.96
CA THR K 102 27.57 83.61 84.54
C THR K 102 26.49 83.67 83.47
N THR K 103 26.80 84.28 82.32
CA THR K 103 25.82 84.37 81.25
C THR K 103 25.49 82.99 80.70
N LEU K 104 26.49 82.13 80.57
CA LEU K 104 26.22 80.76 80.13
C LEU K 104 25.42 79.99 81.17
N ASP K 105 25.62 80.29 82.45
CA ASP K 105 24.87 79.62 83.51
C ASP K 105 23.41 80.02 83.49
N ASN K 106 23.12 81.32 83.33
CA ASN K 106 21.75 81.80 83.28
C ASN K 106 21.20 81.92 81.87
N LEU K 107 21.84 81.26 80.90
CA LEU K 107 21.36 81.16 79.52
C LEU K 107 21.27 82.52 78.84
N ASP K 108 22.18 83.44 79.19
CA ASP K 108 22.24 84.72 78.51
C ASP K 108 23.18 84.68 77.32
N TYR K 109 24.33 83.99 77.48
CA TYR K 109 25.30 83.79 76.42
C TYR K 109 25.78 85.12 75.84
N THR K 110 26.42 85.90 76.70
CA THR K 110 26.99 87.17 76.25
C THR K 110 28.37 86.89 75.68
N PRO K 111 28.60 87.13 74.39
CA PRO K 111 29.89 86.82 73.80
C PRO K 111 30.95 87.81 74.24
N ILE K 112 32.20 87.35 74.18
CA ILE K 112 33.37 88.19 74.45
C ILE K 112 34.02 88.44 73.10
N SER K 113 33.86 89.66 72.59
CA SER K 113 34.31 90.03 71.25
C SER K 113 35.78 90.42 71.31
N TYR K 114 36.65 89.42 71.22
CA TYR K 114 38.09 89.62 71.17
C TYR K 114 38.68 88.69 70.13
N PRO K 115 39.78 89.09 69.49
CA PRO K 115 40.40 88.21 68.49
C PRO K 115 40.89 86.92 69.11
N LEU K 116 40.80 85.84 68.33
CA LEU K 116 41.20 84.52 68.77
C LEU K 116 42.12 83.89 67.73
N ASP K 117 43.07 83.09 68.22
CA ASP K 117 43.97 82.39 67.33
C ASP K 117 43.21 81.31 66.57
N PRO K 118 43.70 80.91 65.40
CA PRO K 118 43.06 79.81 64.68
C PRO K 118 43.01 78.55 65.53
N ILE K 119 41.89 77.84 65.45
CA ILE K 119 41.62 76.69 66.30
C ILE K 119 41.64 75.43 65.44
N THR K 120 42.22 74.37 65.99
CA THR K 120 42.24 73.07 65.35
C THR K 120 41.12 72.22 65.92
N VAL K 121 40.30 71.64 65.04
CA VAL K 121 39.15 70.84 65.43
C VAL K 121 39.33 69.43 64.88
N SER K 122 38.90 68.45 65.68
CA SER K 122 38.98 67.06 65.31
C SER K 122 37.60 66.42 65.44
N TYR K 123 37.34 65.43 64.60
CA TYR K 123 36.04 64.76 64.59
C TYR K 123 36.17 63.33 65.13
N SER K 124 35.17 62.91 65.89
CA SER K 124 35.22 61.56 66.47
C SER K 124 35.08 60.47 65.41
N PHE K 125 34.32 60.74 64.34
CA PHE K 125 34.12 59.71 63.32
C PHE K 125 35.33 59.63 62.39
N PRO K 126 35.61 58.43 61.86
CA PRO K 126 36.73 58.31 60.90
C PRO K 126 36.38 58.91 59.54
N SER K 127 37.23 59.82 59.08
CA SER K 127 37.05 60.46 57.79
C SER K 127 38.38 61.02 57.33
N ASP K 128 38.47 61.30 56.03
CA ASP K 128 39.68 61.90 55.48
C ASP K 128 39.90 63.30 56.05
N PHE K 129 38.83 64.08 56.17
CA PHE K 129 38.89 65.42 56.76
C PHE K 129 38.52 65.35 58.23
N ILE K 130 39.33 64.61 58.98
CA ILE K 130 39.09 64.42 60.40
C ILE K 130 39.73 65.51 61.26
N VAL K 131 40.73 66.22 60.72
CA VAL K 131 41.41 67.30 61.43
C VAL K 131 41.30 68.55 60.55
N ASP K 132 40.44 69.48 60.96
CA ASP K 132 40.24 70.74 60.25
C ASP K 132 40.79 71.90 61.08
N THR K 133 40.90 73.06 60.44
CA THR K 133 41.37 74.29 61.07
C THR K 133 40.42 75.42 60.72
N ILE K 134 40.06 76.22 61.73
CA ILE K 134 39.13 77.33 61.55
C ILE K 134 39.84 78.59 62.05
N GLU K 135 40.01 79.57 61.16
CA GLU K 135 40.68 80.81 61.55
C GLU K 135 39.78 81.66 62.44
N ARG K 136 38.52 81.81 62.06
CA ARG K 136 37.56 82.61 62.82
C ARG K 136 36.42 81.71 63.30
N PRO K 137 36.43 81.29 64.56
CA PRO K 137 35.36 80.43 65.06
C PRO K 137 33.98 81.07 64.95
N SER K 138 33.10 80.41 64.21
CA SER K 138 31.74 80.89 64.01
C SER K 138 30.83 79.70 63.72
N LEU K 139 29.53 79.93 63.87
CA LEU K 139 28.56 78.87 63.61
C LEU K 139 28.59 78.43 62.16
N SER K 140 28.68 79.39 61.23
CA SER K 140 28.72 79.04 59.82
C SER K 140 29.98 78.25 59.48
N SER K 141 31.12 78.65 60.05
CA SER K 141 32.36 77.92 59.80
C SER K 141 32.30 76.51 60.37
N MET K 142 31.72 76.35 61.57
CA MET K 142 31.58 75.03 62.15
C MET K 142 30.66 74.14 61.31
N ARG K 143 29.54 74.71 60.84
CA ARG K 143 28.62 73.94 60.01
C ARG K 143 29.27 73.53 58.69
N ALA K 144 29.99 74.45 58.05
CA ALA K 144 30.66 74.14 56.79
C ALA K 144 31.73 73.09 56.99
N SER K 145 32.51 73.18 58.08
CA SER K 145 33.53 72.18 58.34
C SER K 145 32.91 70.81 58.58
N VAL K 146 31.80 70.76 59.32
CA VAL K 146 31.12 69.48 59.54
C VAL K 146 30.60 68.90 58.23
N PHE K 147 30.04 69.76 57.38
CA PHE K 147 29.53 69.31 56.08
C PHE K 147 30.65 68.73 55.22
N LYS K 148 31.77 69.44 55.12
CA LYS K 148 32.89 68.96 54.33
C LYS K 148 33.48 67.67 54.91
N ALA K 149 33.62 67.60 56.23
CA ALA K 149 34.20 66.43 56.85
C ALA K 149 33.33 65.20 56.62
N MET K 150 32.01 65.35 56.73
CA MET K 150 31.13 64.21 56.57
C MET K 150 30.86 63.88 55.12
N ARG K 151 31.14 64.80 54.19
CA ARG K 151 31.08 64.46 52.77
C ARG K 151 32.42 64.03 52.20
N ALA K 152 33.49 64.04 53.00
CA ALA K 152 34.79 63.62 52.51
C ALA K 152 34.84 62.10 52.34
N ALA K 153 35.93 61.64 51.73
CA ALA K 153 36.12 60.21 51.48
C ALA K 153 36.46 59.47 52.77
N ASN K 154 36.27 58.15 52.74
CA ASN K 154 36.54 57.27 53.88
C ASN K 154 35.76 57.69 55.11
N PHE K 155 34.53 58.15 54.90
CA PHE K 155 33.65 58.52 56.00
C PHE K 155 32.77 57.34 56.38
N SER K 156 32.64 57.11 57.69
CA SER K 156 31.84 56.00 58.19
C SER K 156 31.05 56.49 59.38
N GLY K 157 29.72 56.48 59.24
CA GLY K 157 28.82 56.77 60.34
C GLY K 157 28.33 55.48 60.96
N GLU K 158 29.03 54.39 60.68
CA GLU K 158 28.60 53.07 61.15
C GLU K 158 28.66 52.99 62.66
N GLN K 159 29.70 53.56 63.27
CA GLN K 159 29.89 53.48 64.71
C GLN K 159 29.49 54.80 65.35
N SER K 160 28.66 54.73 66.39
CA SER K 160 28.24 55.89 67.15
C SER K 160 29.13 56.03 68.39
N LEU K 161 28.80 57.00 69.23
CA LEU K 161 29.56 57.28 70.43
C LEU K 161 28.84 56.90 71.71
N ALA K 162 27.56 57.20 71.83
CA ALA K 162 26.85 56.83 73.04
C ALA K 162 25.38 56.57 72.72
N PHE K 163 24.74 55.77 73.56
CA PHE K 163 23.32 55.44 73.37
C PHE K 163 22.73 55.13 74.73
N ASP K 164 21.91 56.04 75.24
CA ASP K 164 21.23 55.89 76.52
C ASP K 164 19.76 55.64 76.28
N TYR K 165 19.21 54.62 76.94
CA TYR K 165 17.81 54.27 76.85
C TYR K 165 17.24 54.08 78.24
N ASN K 166 15.96 54.43 78.40
CA ASN K 166 15.29 54.28 79.68
C ASN K 166 13.80 54.21 79.44
N ILE K 167 13.15 53.18 79.97
CA ILE K 167 11.72 53.02 79.84
C ILE K 167 11.14 52.64 81.20
N LYS K 168 9.94 53.15 81.48
CA LYS K 168 9.25 52.86 82.73
C LYS K 168 7.79 52.57 82.39
N GLN K 169 7.37 51.34 82.60
CA GLN K 169 6.01 50.90 82.35
C GLN K 169 5.32 50.61 83.68
N PHE K 170 4.11 51.13 83.85
CA PHE K 170 3.37 50.94 85.09
C PHE K 170 1.90 50.74 84.73
N SER K 171 1.22 49.91 85.51
CA SER K 171 -0.18 49.61 85.25
C SER K 171 -0.86 49.21 86.55
N TYR K 172 -1.79 50.03 87.01
CA TYR K 172 -2.62 49.71 88.16
C TYR K 172 -3.93 49.07 87.71
N TYR K 173 -4.61 48.44 88.67
CA TYR K 173 -5.90 47.82 88.43
C TYR K 173 -6.69 47.82 89.74
N SER K 174 -8.00 47.95 89.63
CA SER K 174 -8.86 47.92 90.80
C SER K 174 -10.23 47.40 90.37
N GLU K 175 -10.81 46.52 91.19
CA GLU K 175 -12.10 45.93 90.87
C GLU K 175 -12.86 45.64 92.15
N LEU K 176 -14.04 46.25 92.29
CA LEU K 176 -14.96 46.03 93.40
C LEU K 176 -16.25 45.45 92.84
N LYS K 177 -16.79 44.44 93.52
CA LYS K 177 -18.00 43.73 93.09
C LYS K 177 -18.96 43.56 94.27
N ILE K 178 -19.23 44.65 94.98
CA ILE K 178 -20.08 44.59 96.16
C ILE K 178 -21.50 44.23 95.76
N ALA K 179 -22.10 43.28 96.47
CA ALA K 179 -23.46 42.85 96.18
C ALA K 179 -24.21 42.67 97.49
N PHE K 180 -25.53 42.81 97.42
CA PHE K 180 -26.38 42.67 98.60
C PHE K 180 -27.66 41.91 98.26
N ILE K 194 -35.65 43.54 98.01
CA ILE K 194 -34.55 44.51 98.08
C ILE K 194 -33.25 43.85 97.64
N SER K 195 -32.59 44.46 96.66
CA SER K 195 -31.32 43.97 96.15
C SER K 195 -30.37 45.14 95.98
N GLY K 196 -29.24 44.90 95.34
CA GLY K 196 -28.26 45.96 95.11
C GLY K 196 -26.90 45.44 94.68
N SER K 197 -26.27 46.12 93.73
CA SER K 197 -24.96 45.74 93.23
C SER K 197 -24.17 46.99 92.91
N ASN K 198 -22.85 46.89 93.07
CA ASN K 198 -21.92 47.98 92.81
C ASN K 198 -20.64 47.38 92.24
N ASN K 199 -20.44 47.58 90.93
CA ASN K 199 -19.27 47.11 90.21
C ASN K 199 -18.42 48.31 89.81
N LYS K 200 -17.24 48.41 90.40
CA LYS K 200 -16.31 49.50 90.12
C LYS K 200 -15.03 48.93 89.53
N ILE K 201 -14.60 49.51 88.40
CA ILE K 201 -13.38 49.08 87.72
C ILE K 201 -12.52 50.32 87.48
N LYS K 202 -11.24 50.21 87.83
CA LYS K 202 -10.30 51.31 87.65
C LYS K 202 -9.03 50.78 86.99
N ARG K 203 -8.55 51.51 85.98
CA ARG K 203 -7.32 51.14 85.28
C ARG K 203 -6.50 52.40 85.06
N THR K 204 -5.18 52.26 85.17
CA THR K 204 -4.27 53.39 84.98
C THR K 204 -2.96 52.85 84.42
N THR K 205 -2.67 53.14 83.15
CA THR K 205 -1.49 52.66 82.48
C THR K 205 -0.60 53.83 82.08
N GLY K 206 0.72 53.63 82.20
CA GLY K 206 1.65 54.69 81.84
C GLY K 206 3.01 54.18 81.39
N VAL K 207 3.46 54.65 80.23
CA VAL K 207 4.76 54.30 79.67
C VAL K 207 5.54 55.60 79.44
N PHE K 208 6.68 55.72 80.09
CA PHE K 208 7.55 56.88 79.91
C PHE K 208 8.89 56.40 79.37
N ALA K 209 9.34 56.98 78.27
CA ALA K 209 10.57 56.54 77.63
C ALA K 209 11.44 57.73 77.28
N LYS K 210 12.73 57.63 77.59
CA LYS K 210 13.72 58.62 77.22
C LYS K 210 14.88 57.93 76.53
N PHE K 211 15.33 58.53 75.44
CA PHE K 211 16.43 57.96 74.66
C PHE K 211 17.29 59.08 74.13
N THR K 212 18.60 58.88 74.19
CA THR K 212 19.54 59.81 73.60
C THR K 212 20.61 59.02 72.85
N GLN K 213 21.08 59.57 71.74
CA GLN K 213 22.14 58.95 70.97
C GLN K 213 23.15 60.03 70.64
N LYS K 214 24.42 59.73 70.85
CA LYS K 214 25.52 60.65 70.54
C LYS K 214 26.24 60.07 69.33
N ASN K 215 25.90 60.60 68.15
CA ASN K 215 26.50 60.15 66.91
C ASN K 215 27.99 60.46 66.87
N PHE K 216 28.36 61.70 67.16
CA PHE K 216 29.78 62.06 67.14
C PHE K 216 29.96 63.38 67.86
N THR K 217 31.22 63.76 68.05
CA THR K 217 31.54 65.08 68.60
C THR K 217 32.68 65.69 67.80
N ILE K 218 32.67 67.02 67.76
CA ILE K 218 33.77 67.82 67.22
C ILE K 218 34.44 68.48 68.42
N ASP K 219 35.73 68.24 68.56
CA ASP K 219 36.52 68.68 69.70
C ASP K 219 37.53 69.73 69.26
N MET K 220 37.95 70.55 70.22
CA MET K 220 38.90 71.63 69.97
C MET K 220 40.21 71.31 70.67
N ASP K 221 41.31 71.54 69.96
CA ASP K 221 42.63 71.29 70.52
C ASP K 221 43.03 72.41 71.48
N LEU K 222 43.84 72.05 72.46
CA LEU K 222 44.36 73.06 73.38
C LEU K 222 45.32 73.99 72.64
N PRO K 223 45.30 75.29 72.95
CA PRO K 223 46.18 76.22 72.25
C PRO K 223 47.66 75.89 72.47
N ALA K 224 48.45 76.09 71.42
CA ALA K 224 49.89 75.88 71.53
C ALA K 224 50.52 76.90 72.48
N ASP K 225 50.08 78.16 72.39
CA ASP K 225 50.58 79.20 73.26
C ASP K 225 50.03 79.12 74.68
N GLY K 226 48.98 78.33 74.89
CA GLY K 226 48.35 78.20 76.18
C GLY K 226 47.21 79.17 76.41
N ASN K 227 46.97 80.08 75.47
CA ASN K 227 45.88 81.04 75.56
C ASN K 227 45.14 81.05 74.23
N ILE K 228 43.81 81.07 74.30
CA ILE K 228 43.00 81.08 73.09
C ILE K 228 43.07 82.44 72.39
N PHE K 229 43.33 83.50 73.14
CA PHE K 229 43.34 84.84 72.56
C PHE K 229 44.60 85.08 71.74
N LYS K 230 44.43 85.79 70.63
CA LYS K 230 45.56 86.08 69.74
C LYS K 230 46.52 87.08 70.37
N ASN K 231 46.00 88.16 70.95
CA ASN K 231 46.86 89.20 71.51
C ASN K 231 47.52 88.77 72.82
N ASN K 232 46.95 87.80 73.52
CA ASN K 232 47.40 87.27 74.80
C ASN K 232 47.25 88.26 75.95
N SER K 233 46.80 89.49 75.68
CA SER K 233 46.50 90.45 76.73
C SER K 233 45.01 90.55 77.01
N ASP K 234 44.18 90.04 76.10
CA ASP K 234 42.74 90.02 76.34
C ASP K 234 42.38 89.16 77.55
N LEU K 235 43.20 88.15 77.86
CA LEU K 235 42.95 87.34 79.04
C LEU K 235 43.01 88.19 80.30
N ALA K 236 43.98 89.10 80.39
CA ALA K 236 44.00 90.04 81.50
C ALA K 236 42.96 91.14 81.34
N LEU K 237 42.56 91.43 80.10
CA LEU K 237 41.55 92.46 79.87
C LEU K 237 40.19 92.05 80.41
N THR K 238 39.83 90.77 80.27
CA THR K 238 38.54 90.28 80.74
C THR K 238 38.59 89.73 82.16
N ASN K 239 39.48 90.24 83.00
CA ASN K 239 39.47 89.85 84.41
C ASN K 239 38.14 90.23 85.05
N GLY K 240 37.53 89.29 85.74
CA GLY K 240 36.21 89.47 86.30
C GLY K 240 35.07 89.13 85.37
N LYS K 241 35.35 88.89 84.09
CA LYS K 241 34.32 88.49 83.14
C LYS K 241 34.20 86.98 83.00
N ASN K 242 35.05 86.21 83.68
CA ASN K 242 35.05 84.75 83.65
C ASN K 242 35.06 84.23 82.21
N PRO K 243 36.18 84.36 81.50
CA PRO K 243 36.22 83.92 80.10
C PRO K 243 36.17 82.40 80.00
N VAL K 244 35.17 81.90 79.29
CA VAL K 244 34.98 80.47 79.08
C VAL K 244 34.63 80.25 77.62
N TYR K 245 35.29 79.28 76.98
CA TYR K 245 35.08 79.01 75.57
C TYR K 245 34.64 77.57 75.37
N ILE K 246 33.68 77.37 74.46
CA ILE K 246 33.22 76.03 74.16
C ILE K 246 34.30 75.29 73.36
N SER K 247 34.62 74.07 73.79
CA SER K 247 35.66 73.28 73.17
C SER K 247 35.18 71.95 72.62
N SER K 248 33.89 71.63 72.74
CA SER K 248 33.39 70.36 72.24
C SER K 248 31.91 70.49 71.96
N VAL K 249 31.46 69.99 70.81
CA VAL K 249 30.06 69.98 70.44
C VAL K 249 29.66 68.56 70.04
N THR K 250 28.58 68.06 70.64
CA THR K 250 28.12 66.70 70.40
C THR K 250 26.90 66.72 69.47
N TYR K 251 26.99 65.99 68.37
CA TYR K 251 25.90 65.81 67.43
C TYR K 251 25.24 64.47 67.67
N GLY K 252 23.91 64.48 67.78
CA GLY K 252 23.16 63.27 68.02
C GLY K 252 21.67 63.52 67.96
N ARG K 253 20.92 62.57 68.54
CA ARG K 253 19.46 62.62 68.52
C ARG K 253 18.92 62.48 69.93
N LEU K 254 17.74 63.05 70.15
CA LEU K 254 17.03 63.01 71.43
C LEU K 254 15.61 62.55 71.19
N GLY K 255 15.05 61.83 72.15
CA GLY K 255 13.66 61.40 72.05
C GLY K 255 13.01 61.11 73.38
N ILE K 256 11.84 61.71 73.63
CA ILE K 256 11.09 61.50 74.85
C ILE K 256 9.64 61.20 74.48
N ILE K 257 9.07 60.17 75.09
CA ILE K 257 7.67 59.83 74.89
C ILE K 257 7.04 59.58 76.25
N SER K 258 5.73 59.81 76.31
CA SER K 258 4.98 59.62 77.56
C SER K 258 3.53 59.34 77.20
N ILE K 259 3.08 58.11 77.44
CA ILE K 259 1.73 57.68 77.14
C ILE K 259 1.03 57.34 78.45
N GLU K 260 -0.12 57.96 78.68
CA GLU K 260 -0.91 57.73 79.88
C GLU K 260 -2.33 57.37 79.49
N SER K 261 -2.98 56.54 80.31
CA SER K 261 -4.34 56.12 80.04
C SER K 261 -5.05 55.84 81.36
N ASN K 262 -6.32 56.24 81.44
CA ASN K 262 -7.14 56.04 82.62
C ASN K 262 -8.51 55.52 82.21
N ALA K 263 -9.04 54.58 82.98
CA ALA K 263 -10.33 53.98 82.71
C ALA K 263 -11.10 53.82 84.02
N SER K 264 -12.39 54.16 83.99
CA SER K 264 -13.24 54.06 85.16
C SER K 264 -14.60 53.51 84.74
N TYR K 265 -15.13 52.60 85.56
CA TYR K 265 -16.43 51.96 85.35
C TYR K 265 -17.16 51.92 86.67
N ASN K 266 -18.40 52.40 86.69
CA ASN K 266 -19.14 52.62 87.94
C ASN K 266 -20.56 52.07 87.86
N GLU K 267 -20.70 50.82 87.45
CA GLU K 267 -22.03 50.21 87.36
C GLU K 267 -22.67 50.06 88.74
N VAL K 268 -23.92 50.50 88.85
CA VAL K 268 -24.69 50.38 90.09
C VAL K 268 -26.10 49.91 89.74
N ASN K 269 -26.57 48.87 90.42
CA ASN K 269 -27.90 48.33 90.21
C ASN K 269 -28.66 48.29 91.54
N PHE K 270 -29.98 48.50 91.45
CA PHE K 270 -30.82 48.48 92.65
C PHE K 270 -32.23 48.04 92.26
N ALA K 271 -32.80 47.14 93.05
CA ALA K 271 -34.14 46.64 92.79
C ALA K 271 -34.90 46.52 94.11
N LEU K 272 -36.21 46.72 94.06
CA LEU K 272 -37.09 46.63 95.21
C LEU K 272 -38.32 45.81 94.85
N LYS K 273 -38.10 44.64 94.27
CA LYS K 273 -39.19 43.76 93.88
C LYS K 273 -39.82 43.09 95.09
N LEU K 285 -45.09 46.80 94.01
CA LEU K 285 -43.96 47.70 93.79
C LEU K 285 -42.81 46.98 93.08
N ASN K 286 -42.35 47.58 91.99
CA ASN K 286 -41.28 47.03 91.16
C ASN K 286 -40.25 48.12 90.85
N ILE K 287 -39.81 48.83 91.88
CA ILE K 287 -38.87 49.92 91.70
C ILE K 287 -37.52 49.37 91.24
N ASP K 288 -36.98 49.93 90.17
CA ASP K 288 -35.69 49.53 89.62
C ASP K 288 -34.86 50.77 89.35
N SER K 289 -33.53 50.61 89.45
CA SER K 289 -32.61 51.72 89.25
C SER K 289 -31.29 51.19 88.74
N ASN K 290 -30.70 51.89 87.78
CA ASN K 290 -29.41 51.52 87.22
C ASN K 290 -28.62 52.78 86.90
N SER K 291 -27.32 52.72 87.13
CA SER K 291 -26.42 53.87 86.91
C SER K 291 -25.11 53.34 86.36
N LYS K 292 -24.84 53.63 85.09
CA LYS K 292 -23.60 53.21 84.43
C LYS K 292 -22.77 54.45 84.09
N LYS K 293 -21.49 54.41 84.43
CA LYS K 293 -20.59 55.52 84.15
C LYS K 293 -19.25 54.97 83.70
N ILE K 294 -18.88 55.30 82.46
CA ILE K 294 -17.61 54.88 81.88
C ILE K 294 -16.83 56.15 81.53
N LEU K 295 -15.62 56.28 82.07
CA LEU K 295 -14.76 57.42 81.84
C LEU K 295 -13.43 56.92 81.30
N GLU K 296 -13.04 57.39 80.12
CA GLU K 296 -11.79 57.00 79.50
C GLU K 296 -10.99 58.24 79.14
N GLU K 297 -9.74 58.28 79.58
CA GLU K 297 -8.84 59.39 79.29
C GLU K 297 -7.54 58.85 78.73
N SER K 298 -6.95 59.58 77.79
CA SER K 298 -5.71 59.18 77.14
C SER K 298 -4.83 60.40 76.95
N ASP K 299 -3.52 60.16 76.88
CA ASP K 299 -2.56 61.22 76.68
C ASP K 299 -1.30 60.62 76.05
N LEU K 300 -0.67 61.39 75.16
CA LEU K 300 0.54 60.92 74.47
C LEU K 300 1.35 62.14 74.07
N SER K 301 2.47 62.37 74.75
CA SER K 301 3.34 63.50 74.48
C SER K 301 4.67 62.99 73.94
N VAL K 302 5.10 63.54 72.80
CA VAL K 302 6.35 63.15 72.15
C VAL K 302 7.19 64.39 71.92
N TYR K 303 8.50 64.24 72.10
CA TYR K 303 9.48 65.31 71.89
C TYR K 303 10.72 64.72 71.26
N LEU K 304 10.95 64.97 69.98
CA LEU K 304 12.10 64.45 69.26
C LEU K 304 13.00 65.59 68.80
N VAL K 305 14.31 65.39 68.93
CA VAL K 305 15.30 66.35 68.50
C VAL K 305 16.22 65.64 67.52
N GLY K 306 16.10 65.98 66.25
CA GLY K 306 16.91 65.38 65.21
C GLY K 306 16.35 64.06 64.73
N GLY K 307 17.15 63.38 63.93
CA GLY K 307 16.74 62.12 63.34
C GLY K 307 16.06 62.29 62.01
N ARG K 308 15.76 61.14 61.40
CA ARG K 308 15.07 61.13 60.12
C ARG K 308 13.66 61.67 60.27
N GLY K 309 13.27 62.59 59.38
CA GLY K 309 11.95 63.18 59.46
C GLY K 309 10.83 62.19 59.21
N THR K 310 11.02 61.30 58.23
CA THR K 310 9.99 60.31 57.90
C THR K 310 9.71 59.39 59.08
N ASP K 311 10.76 58.93 59.76
CA ASP K 311 10.55 58.08 60.93
C ASP K 311 10.07 58.90 62.13
N ALA K 312 10.47 60.18 62.20
CA ALA K 312 10.07 61.01 63.33
C ALA K 312 8.57 61.30 63.30
N VAL K 313 8.00 61.52 62.12
CA VAL K 313 6.58 61.84 62.06
C VAL K 313 5.69 60.62 62.25
N GLN K 314 6.26 59.43 62.26
CA GLN K 314 5.50 58.19 62.47
C GLN K 314 5.32 57.83 63.93
N VAL K 315 5.90 58.61 64.85
CA VAL K 315 5.80 58.31 66.27
C VAL K 315 4.41 58.65 66.78
N ILE K 316 3.56 59.23 65.91
CA ILE K 316 2.22 59.59 66.33
C ILE K 316 1.34 58.37 66.53
N LYS K 317 1.77 57.21 66.03
CA LYS K 317 0.97 55.99 66.11
C LYS K 317 1.35 55.17 67.35
N GLY K 318 1.19 55.80 68.52
CA GLY K 318 1.46 55.13 69.78
C GLY K 318 2.93 54.79 69.97
N PHE K 319 3.17 53.72 70.75
CA PHE K 319 4.53 53.25 70.98
C PHE K 319 4.96 52.24 69.92
N ALA K 320 4.81 52.64 68.66
CA ALA K 320 5.27 51.87 67.52
C ALA K 320 6.20 52.69 66.67
N GLY K 321 5.85 53.97 66.45
CA GLY K 321 6.76 54.87 65.77
C GLY K 321 7.98 55.15 66.61
N PHE K 322 7.79 55.29 67.93
CA PHE K 322 8.93 55.40 68.83
C PHE K 322 9.42 54.01 69.19
N SER K 323 9.51 53.15 68.18
CA SER K 323 10.24 51.90 68.21
C SER K 323 10.97 51.64 66.91
N ASN K 324 10.63 52.35 65.84
CA ASN K 324 11.37 52.32 64.59
C ASN K 324 12.14 53.61 64.36
N PHE K 325 11.71 54.72 64.96
CA PHE K 325 12.48 55.96 64.86
C PHE K 325 13.87 55.75 65.44
N ILE K 326 14.00 54.84 66.40
CA ILE K 326 15.29 54.54 67.01
C ILE K 326 16.06 53.50 66.20
N VAL K 327 15.38 52.44 65.75
CA VAL K 327 16.09 51.34 65.08
C VAL K 327 16.37 51.61 63.62
N ASN K 328 15.77 52.65 63.04
CA ASN K 328 16.02 53.02 61.64
C ASN K 328 16.99 54.17 61.50
N GLY K 329 17.62 54.60 62.58
CA GLY K 329 18.56 55.70 62.52
C GLY K 329 19.79 55.48 63.37
N GLY K 330 20.14 54.22 63.61
CA GLY K 330 21.32 53.93 64.39
C GLY K 330 22.61 54.39 63.74
N GLN K 331 22.74 54.16 62.43
CA GLN K 331 23.89 54.62 61.69
C GLN K 331 23.58 56.00 61.09
N PHE K 332 24.39 56.99 61.45
CA PHE K 332 24.17 58.33 60.95
C PHE K 332 24.84 58.51 59.61
N THR K 333 24.06 58.95 58.64
CA THR K 333 24.43 59.16 57.25
C THR K 333 24.78 60.62 57.03
N PRO K 334 25.54 60.96 55.99
CA PRO K 334 25.81 62.38 55.75
C PRO K 334 24.58 63.16 55.34
N GLU K 335 23.51 62.49 54.90
CA GLU K 335 22.23 63.16 54.73
C GLU K 335 21.54 63.47 56.05
N ALA K 336 21.89 62.76 57.12
CA ALA K 336 21.31 62.98 58.44
C ALA K 336 22.45 63.09 59.45
N PRO K 337 23.15 64.23 59.47
CA PRO K 337 24.32 64.36 60.35
C PRO K 337 24.00 64.34 61.82
N GLY K 338 22.77 64.66 62.22
CA GLY K 338 22.42 64.78 63.62
C GLY K 338 22.36 66.24 64.03
N VAL K 339 21.93 66.45 65.27
CA VAL K 339 21.70 67.79 65.80
C VAL K 339 22.61 68.03 66.99
N PRO K 340 23.24 69.20 67.11
CA PRO K 340 24.01 69.49 68.34
C PRO K 340 23.10 69.42 69.55
N ILE K 341 23.39 68.45 70.42
CA ILE K 341 22.57 68.19 71.59
C ILE K 341 23.30 68.52 72.88
N TYR K 342 24.61 68.28 72.94
CA TYR K 342 25.40 68.58 74.12
C TYR K 342 26.67 69.31 73.71
N PHE K 343 27.21 70.07 74.65
CA PHE K 343 28.45 70.77 74.39
C PHE K 343 29.21 70.92 75.70
N SER K 344 30.52 71.10 75.58
CA SER K 344 31.39 71.24 76.73
C SER K 344 32.24 72.48 76.57
N ALA K 345 32.52 73.15 77.68
CA ALA K 345 33.28 74.38 77.67
C ALA K 345 34.42 74.29 78.67
N SER K 346 35.43 75.12 78.45
CA SER K 346 36.61 75.14 79.30
C SER K 346 36.99 76.58 79.60
N HIS K 347 37.64 76.77 80.75
CA HIS K 347 38.10 78.09 81.16
C HIS K 347 39.20 78.58 80.23
N ALA K 348 39.24 79.90 80.03
CA ALA K 348 40.27 80.48 79.17
C ALA K 348 41.52 80.87 79.93
N SER K 349 41.50 80.81 81.26
CA SER K 349 42.67 81.20 82.05
C SER K 349 43.68 80.08 82.13
N ASP K 350 43.29 78.95 82.72
CA ASP K 350 44.19 77.81 82.87
C ASP K 350 43.82 76.65 81.94
N ASN K 351 42.89 76.87 81.02
CA ASN K 351 42.45 75.85 80.08
C ASN K 351 41.88 74.62 80.80
N SER K 352 41.33 74.83 81.99
CA SER K 352 40.75 73.75 82.77
C SER K 352 39.31 73.51 82.35
N VAL K 353 38.79 72.35 82.75
CA VAL K 353 37.43 71.98 82.41
C VAL K 353 36.45 72.81 83.22
N TYR K 354 35.50 73.44 82.53
CA TYR K 354 34.50 74.29 83.18
C TYR K 354 33.31 73.43 83.61
N TYR K 355 32.94 73.56 84.88
CA TYR K 355 31.81 72.82 85.44
C TYR K 355 30.72 73.82 85.83
N THR K 356 29.51 73.56 85.37
CA THR K 356 28.36 74.41 85.66
C THR K 356 27.42 73.70 86.63
N THR K 357 26.72 74.50 87.43
CA THR K 357 25.78 73.96 88.41
C THR K 357 24.35 74.16 87.97
N THR L 81 9.56 84.01 80.56
CA THR L 81 10.62 84.32 79.61
C THR L 81 10.88 83.13 78.68
N SER L 82 10.95 83.41 77.39
CA SER L 82 11.19 82.39 76.38
C SER L 82 12.24 82.87 75.39
N ASP L 83 12.96 81.91 74.81
CA ASP L 83 14.00 82.21 73.84
C ASP L 83 13.47 82.30 72.41
N GLN L 84 12.50 81.45 72.07
CA GLN L 84 11.91 81.42 70.75
C GLN L 84 10.54 82.08 70.79
N ILE L 85 10.29 82.98 69.84
CA ILE L 85 9.05 83.73 69.74
C ILE L 85 8.29 83.23 68.52
N VAL L 86 7.01 82.94 68.70
CA VAL L 86 6.16 82.49 67.61
C VAL L 86 6.00 83.62 66.60
N VAL L 87 6.08 83.28 65.31
CA VAL L 87 5.99 84.30 64.26
C VAL L 87 4.56 84.79 64.18
N THR L 88 4.36 86.10 64.38
CA THR L 88 3.06 86.72 64.26
C THR L 88 2.96 87.68 63.08
N VAL L 89 4.07 88.31 62.71
CA VAL L 89 4.11 89.21 61.56
C VAL L 89 5.15 88.67 60.59
N PRO L 90 4.74 87.84 59.63
CA PRO L 90 5.71 87.27 58.68
C PRO L 90 6.44 88.31 57.86
N GLN L 91 5.80 89.44 57.58
CA GLN L 91 6.46 90.49 56.81
C GLN L 91 7.67 91.05 57.55
N LYS L 92 7.54 91.28 58.85
CA LYS L 92 8.62 91.86 59.63
C LYS L 92 9.52 90.82 60.26
N THR L 93 9.18 89.54 60.17
CA THR L 93 9.98 88.48 60.76
C THR L 93 10.95 87.96 59.72
N PHE L 94 12.08 88.65 59.59
CA PHE L 94 13.16 88.22 58.72
C PHE L 94 14.47 88.39 59.46
N ILE L 95 15.47 87.58 59.07
CA ILE L 95 16.75 87.61 59.76
C ILE L 95 17.46 88.93 59.47
N GLY L 96 18.22 89.40 60.45
CA GLY L 96 18.96 90.65 60.31
C GLY L 96 18.15 91.91 60.51
N GLY L 97 16.88 91.81 60.89
CA GLY L 97 16.06 92.98 61.10
C GLY L 97 16.13 93.48 62.53
N VAL L 98 16.32 94.80 62.68
CA VAL L 98 16.47 95.43 63.99
C VAL L 98 15.16 96.10 64.37
N TYR L 99 14.68 95.80 65.57
CA TYR L 99 13.44 96.35 66.09
C TYR L 99 13.64 96.79 67.53
N ASN L 100 12.61 97.43 68.08
CA ASN L 100 12.59 97.81 69.48
C ASN L 100 12.04 96.66 70.30
N SER L 101 12.61 96.46 71.49
CA SER L 101 12.16 95.37 72.35
C SER L 101 10.71 95.54 72.76
N THR L 102 10.31 96.76 73.13
CA THR L 102 8.93 97.00 73.54
C THR L 102 7.96 96.78 72.38
N THR L 103 8.32 97.26 71.19
CA THR L 103 7.46 97.09 70.03
C THR L 103 7.34 95.61 69.66
N LEU L 104 8.44 94.86 69.74
CA LEU L 104 8.37 93.44 69.49
C LEU L 104 7.56 92.71 70.55
N ASP L 105 7.60 93.20 71.80
CA ASP L 105 6.82 92.60 72.87
C ASP L 105 5.33 92.80 72.66
N ASN L 106 4.92 94.02 72.29
CA ASN L 106 3.51 94.32 72.05
C ASN L 106 3.10 94.17 70.59
N LEU L 107 3.91 93.48 69.79
CA LEU L 107 3.59 93.14 68.40
C LEU L 107 3.43 94.37 67.52
N ASP L 108 4.17 95.43 67.82
CA ASP L 108 4.17 96.61 66.97
C ASP L 108 5.24 96.52 65.88
N TYR L 109 6.42 96.02 66.24
CA TYR L 109 7.51 95.79 65.30
C TYR L 109 7.90 97.08 64.59
N THR L 110 8.34 98.06 65.38
CA THR L 110 8.82 99.30 64.81
C THR L 110 10.28 99.14 64.40
N PRO L 111 10.60 99.23 63.12
CA PRO L 111 11.99 99.01 62.69
C PRO L 111 12.88 100.17 63.07
N ILE L 112 14.17 99.88 63.19
CA ILE L 112 15.20 100.87 63.43
C ILE L 112 15.96 101.03 62.13
N SER L 113 15.71 102.14 61.43
CA SER L 113 16.27 102.38 60.10
C SER L 113 17.67 102.96 60.22
N TYR L 114 18.65 102.08 60.36
CA TYR L 114 20.05 102.45 60.41
C TYR L 114 20.85 101.46 59.58
N PRO L 115 21.95 101.91 58.98
CA PRO L 115 22.78 100.99 58.18
C PRO L 115 23.34 99.86 59.03
N LEU L 116 23.45 98.69 58.42
CA LEU L 116 23.95 97.49 59.07
C LEU L 116 25.04 96.86 58.22
N ASP L 117 26.02 96.27 58.90
CA ASP L 117 27.09 95.57 58.21
C ASP L 117 26.52 94.31 57.55
N PRO L 118 27.18 93.82 56.50
CA PRO L 118 26.74 92.56 55.89
C PRO L 118 26.74 91.43 56.91
N ILE L 119 25.73 90.59 56.83
CA ILE L 119 25.50 89.52 57.81
C ILE L 119 25.76 88.17 57.16
N THR L 120 26.40 87.29 57.90
CA THR L 120 26.63 85.92 57.46
C THR L 120 25.55 85.01 58.05
N VAL L 121 24.91 84.23 57.19
CA VAL L 121 23.82 83.35 57.58
C VAL L 121 24.21 81.91 57.27
N SER L 122 23.82 81.01 58.16
CA SER L 122 24.09 79.59 58.00
C SER L 122 22.79 78.82 58.11
N TYR L 123 22.72 77.69 57.41
CA TYR L 123 21.52 76.87 57.38
C TYR L 123 21.75 75.56 58.12
N SER L 124 20.73 75.11 58.86
CA SER L 124 20.87 73.87 59.62
C SER L 124 20.96 72.65 58.72
N PHE L 125 20.30 72.66 57.57
CA PHE L 125 20.33 71.49 56.69
C PHE L 125 21.62 71.44 55.89
N PRO L 126 22.10 70.24 55.57
CA PRO L 126 23.30 70.12 54.74
C PRO L 126 23.04 70.48 53.28
N SER L 127 23.83 71.42 52.78
CA SER L 127 23.72 71.87 51.39
C SER L 127 25.03 72.52 50.98
N ASP L 128 25.22 72.63 49.66
CA ASP L 128 26.40 73.31 49.13
C ASP L 128 26.39 74.77 49.52
N PHE L 129 25.24 75.42 49.42
CA PHE L 129 25.09 76.83 49.81
C PHE L 129 24.57 76.92 51.24
N ILE L 130 25.37 76.38 52.16
CA ILE L 130 25.01 76.36 53.57
C ILE L 130 25.43 77.62 54.30
N VAL L 131 26.39 78.38 53.77
CA VAL L 131 26.87 79.63 54.35
C VAL L 131 26.71 80.72 53.31
N ASP L 132 25.72 81.58 53.49
CA ASP L 132 25.46 82.70 52.60
C ASP L 132 25.77 84.02 53.30
N THR L 133 25.83 85.08 52.50
CA THR L 133 26.08 86.43 53.00
C THR L 133 25.05 87.37 52.40
N ILE L 134 24.49 88.25 53.24
CA ILE L 134 23.49 89.21 52.82
C ILE L 134 23.98 90.59 53.19
N GLU L 135 24.14 91.47 52.19
CA GLU L 135 24.61 92.82 52.45
C GLU L 135 23.54 93.66 53.12
N ARG L 136 22.31 93.60 52.62
CA ARG L 136 21.18 94.36 53.16
C ARG L 136 20.13 93.40 53.66
N PRO L 137 20.04 93.16 54.96
CA PRO L 137 19.02 92.24 55.50
C PRO L 137 17.61 92.69 55.16
N SER L 138 16.89 91.82 54.46
CA SER L 138 15.51 92.10 54.07
C SER L 138 14.78 90.78 53.88
N LEU L 139 13.45 90.85 53.88
CA LEU L 139 12.63 89.66 53.69
C LEU L 139 12.87 89.04 52.32
N SER L 140 12.95 89.87 51.28
CA SER L 140 13.18 89.34 49.94
C SER L 140 14.54 88.67 49.85
N SER L 141 15.57 89.28 50.43
CA SER L 141 16.90 88.69 50.41
C SER L 141 16.93 87.38 51.18
N MET L 142 16.26 87.31 52.32
CA MET L 142 16.21 86.06 53.08
C MET L 142 15.48 84.97 52.30
N ARG L 143 14.37 85.31 51.66
CA ARG L 143 13.63 84.34 50.86
C ARG L 143 14.46 83.84 49.68
N ALA L 144 15.14 84.75 48.99
CA ALA L 144 15.96 84.36 47.85
C ALA L 144 17.13 83.49 48.29
N SER L 145 17.76 83.83 49.42
CA SER L 145 18.86 83.01 49.92
C SER L 145 18.38 81.62 50.31
N VAL L 146 17.20 81.51 50.93
CA VAL L 146 16.66 80.21 51.28
C VAL L 146 16.35 79.40 50.02
N PHE L 147 15.77 80.06 49.01
CA PHE L 147 15.46 79.38 47.76
C PHE L 147 16.72 78.83 47.09
N LYS L 148 17.76 79.66 47.00
CA LYS L 148 19.01 79.23 46.37
C LYS L 148 19.68 78.11 47.17
N ALA L 149 19.69 78.24 48.50
CA ALA L 149 20.32 77.22 49.35
C ALA L 149 19.63 75.89 49.21
N MET L 150 18.30 75.89 49.18
CA MET L 150 17.57 74.63 49.12
C MET L 150 17.49 74.07 47.71
N ARG L 151 17.76 74.88 46.69
CA ARG L 151 17.89 74.37 45.33
C ARG L 151 19.33 74.03 44.95
N ALA L 152 20.29 74.28 45.84
CA ALA L 152 21.68 73.97 45.52
C ALA L 152 21.93 72.46 45.59
N ALA L 153 23.12 72.06 45.15
CA ALA L 153 23.49 70.66 45.13
C ALA L 153 23.78 70.14 46.54
N ASN L 154 23.74 68.81 46.67
CA ASN L 154 23.99 68.14 47.95
C ASN L 154 23.03 68.62 49.04
N PHE L 155 21.79 68.89 48.66
CA PHE L 155 20.76 69.28 49.60
C PHE L 155 19.98 68.06 50.08
N SER L 156 19.75 67.99 51.39
CA SER L 156 19.04 66.87 51.98
C SER L 156 18.06 67.41 53.01
N GLY L 157 16.77 67.21 52.75
CA GLY L 157 15.74 67.54 53.71
C GLY L 157 15.33 66.29 54.48
N GLU L 158 16.17 65.26 54.41
CA GLU L 158 15.85 63.98 55.03
C GLU L 158 15.77 64.11 56.54
N GLN L 159 16.65 64.88 57.15
CA GLN L 159 16.69 65.02 58.59
C GLN L 159 16.08 66.36 59.00
N SER L 160 15.17 66.32 59.96
CA SER L 160 14.55 67.50 60.51
C SER L 160 15.27 67.92 61.79
N LEU L 161 14.74 68.95 62.44
CA LEU L 161 15.34 69.49 63.66
C LEU L 161 14.54 69.19 64.90
N ALA L 162 13.22 69.34 64.86
CA ALA L 162 12.44 69.04 66.05
C ALA L 162 11.05 68.56 65.64
N PHE L 163 10.42 67.80 66.53
CA PHE L 163 9.08 67.28 66.27
C PHE L 163 8.39 67.08 67.60
N ASP L 164 7.42 67.94 67.89
CA ASP L 164 6.64 67.88 69.12
C ASP L 164 5.23 67.41 68.79
N TYR L 165 4.75 66.44 69.55
CA TYR L 165 3.40 65.90 69.38
C TYR L 165 2.71 65.82 70.72
N ASN L 166 1.40 66.03 70.72
CA ASN L 166 0.62 65.97 71.94
C ASN L 166 -0.83 65.68 71.59
N ILE L 167 -1.40 64.65 72.19
CA ILE L 167 -2.79 64.30 71.97
C ILE L 167 -3.46 64.03 73.31
N LYS L 168 -4.73 64.42 73.41
CA LYS L 168 -5.52 64.22 74.62
C LYS L 168 -6.89 63.71 74.19
N GLN L 169 -7.19 62.46 74.55
CA GLN L 169 -8.46 61.83 74.25
C GLN L 169 -9.24 61.63 75.54
N PHE L 170 -10.52 62.02 75.53
CA PHE L 170 -11.36 61.90 76.71
C PHE L 170 -12.74 61.46 76.25
N SER L 171 -13.41 60.68 77.09
CA SER L 171 -14.73 60.16 76.74
C SER L 171 -15.49 59.85 78.02
N TYR L 172 -16.55 60.62 78.27
CA TYR L 172 -17.47 60.35 79.37
C TYR L 172 -18.63 59.48 78.92
N TYR L 173 -19.34 58.93 79.89
CA TYR L 173 -20.52 58.11 79.64
C TYR L 173 -21.43 58.19 80.85
N SER L 174 -22.72 58.14 80.61
CA SER L 174 -23.71 58.14 81.69
C SER L 174 -24.96 57.41 81.23
N GLU L 175 -25.51 56.59 82.11
CA GLU L 175 -26.68 55.79 81.77
C GLU L 175 -27.54 55.59 83.01
N LEU L 176 -28.79 56.05 82.94
CA LEU L 176 -29.78 55.87 83.99
C LEU L 176 -30.95 55.06 83.42
N LYS L 177 -31.43 54.09 84.17
CA LYS L 177 -32.50 53.19 83.76
C LYS L 177 -33.55 53.06 84.85
N ILE L 178 -34.02 54.19 85.36
CA ILE L 178 -34.97 54.17 86.47
C ILE L 178 -36.30 53.60 86.00
N ALA L 179 -36.85 52.67 86.78
CA ALA L 179 -38.12 52.03 86.45
C ALA L 179 -38.99 51.95 87.70
N PHE L 180 -40.29 51.91 87.49
CA PHE L 180 -41.24 51.81 88.60
C PHE L 180 -42.39 50.87 88.27
N ILE L 194 -50.43 51.43 87.07
CA ILE L 194 -49.47 52.52 87.10
C ILE L 194 -48.06 51.98 86.88
N SER L 195 -47.37 52.55 85.89
CA SER L 195 -46.01 52.14 85.55
C SER L 195 -45.19 53.40 85.30
N GLY L 196 -43.97 53.22 84.81
CA GLY L 196 -43.11 54.34 84.52
C GLY L 196 -41.65 53.95 84.29
N SER L 197 -41.02 54.57 83.30
CA SER L 197 -39.63 54.29 82.98
C SER L 197 -38.94 55.59 82.56
N ASN L 198 -37.65 55.67 82.85
CA ASN L 198 -36.83 56.83 82.52
C ASN L 198 -35.44 56.32 82.15
N ASN L 199 -35.12 56.37 80.86
CA ASN L 199 -33.84 55.95 80.31
C ASN L 199 -33.10 57.19 79.82
N LYS L 200 -31.99 57.52 80.48
CA LYS L 200 -31.17 58.67 80.14
C LYS L 200 -29.78 58.20 79.74
N ILE L 201 -29.31 58.66 78.60
CA ILE L 201 -27.98 58.31 78.09
C ILE L 201 -27.24 59.59 77.75
N LYS L 202 -26.00 59.71 78.22
CA LYS L 202 -25.17 60.89 77.97
C LYS L 202 -23.79 60.44 77.50
N ARG L 203 -23.29 61.08 76.45
CA ARG L 203 -21.97 60.78 75.91
C ARG L 203 -21.27 62.09 75.59
N THR L 204 -19.97 62.13 75.84
CA THR L 204 -19.17 63.33 75.56
C THR L 204 -17.76 62.88 75.22
N THR L 205 -17.37 63.04 73.95
CA THR L 205 -16.07 62.63 73.45
C THR L 205 -15.28 63.84 72.97
N GLY L 206 -13.98 63.83 73.22
CA GLY L 206 -13.14 64.94 72.80
C GLY L 206 -11.69 64.55 72.56
N VAL L 207 -11.18 64.90 71.39
CA VAL L 207 -9.79 64.66 71.00
C VAL L 207 -9.15 65.99 70.65
N PHE L 208 -8.10 66.35 71.37
CA PHE L 208 -7.35 67.57 71.11
C PHE L 208 -5.92 67.21 70.77
N ALA L 209 -5.42 67.68 69.63
CA ALA L 209 -4.09 67.30 69.17
C ALA L 209 -3.32 68.54 68.72
N LYS L 210 -2.08 68.66 69.17
CA LYS L 210 -1.17 69.70 68.75
C LYS L 210 0.12 69.08 68.27
N PHE L 211 0.63 69.58 67.15
CA PHE L 211 1.85 69.05 66.56
C PHE L 211 2.63 70.20 65.95
N THR L 212 3.94 70.17 66.14
CA THR L 212 4.84 71.12 65.51
C THR L 212 6.06 70.39 64.99
N GLN L 213 6.57 70.83 63.85
CA GLN L 213 7.77 70.25 63.28
C GLN L 213 8.68 71.40 62.89
N LYS L 214 9.95 71.30 63.24
CA LYS L 214 10.96 72.30 62.90
C LYS L 214 11.86 71.65 61.86
N ASN L 215 11.59 71.97 60.60
CA ASN L 215 12.38 71.44 59.49
C ASN L 215 13.81 71.92 59.54
N PHE L 216 14.00 73.23 59.67
CA PHE L 216 15.37 73.76 59.73
C PHE L 216 15.32 75.18 60.26
N THR L 217 16.50 75.75 60.51
CA THR L 217 16.62 77.15 60.88
C THR L 217 17.75 77.79 60.11
N ILE L 218 17.60 79.09 59.86
CA ILE L 218 18.65 79.93 59.32
C ILE L 218 19.11 80.82 60.46
N ASP L 219 20.41 80.78 60.75
CA ASP L 219 21.02 81.46 61.87
C ASP L 219 21.95 82.56 61.38
N MET L 220 22.16 83.56 62.24
CA MET L 220 23.00 84.70 61.93
C MET L 220 24.26 84.65 62.78
N ASP L 221 25.40 84.92 62.16
CA ASP L 221 26.67 84.91 62.86
C ASP L 221 26.84 86.20 63.66
N LEU L 222 27.58 86.09 64.76
CA LEU L 222 27.87 87.26 65.56
C LEU L 222 28.79 88.18 64.78
N PRO L 223 28.60 89.51 64.90
CA PRO L 223 29.45 90.44 64.14
C PRO L 223 30.90 90.34 64.54
N ALA L 224 31.79 90.49 63.54
CA ALA L 224 33.22 90.49 63.82
C ALA L 224 33.62 91.69 64.66
N ASP L 225 33.06 92.86 64.35
CA ASP L 225 33.35 94.08 65.10
C ASP L 225 32.66 94.10 66.46
N GLY L 226 31.69 93.22 66.69
CA GLY L 226 30.94 93.19 67.92
C GLY L 226 29.69 94.03 67.91
N ASN L 227 29.44 94.77 66.83
CA ASN L 227 28.26 95.59 66.67
C ASN L 227 27.66 95.33 65.30
N ILE L 228 26.33 95.18 65.25
CA ILE L 228 25.66 94.93 63.98
C ILE L 228 25.65 96.17 63.10
N PHE L 229 25.70 97.36 63.71
CA PHE L 229 25.63 98.59 62.95
C PHE L 229 26.93 98.88 62.22
N LYS L 230 26.80 99.41 61.00
CA LYS L 230 27.97 99.72 60.19
C LYS L 230 28.75 100.91 60.74
N ASN L 231 28.05 101.98 61.11
CA ASN L 231 28.73 103.18 61.59
C ASN L 231 29.28 103.02 63.00
N ASN L 232 28.76 102.09 63.78
CA ASN L 232 29.13 101.80 65.17
C ASN L 232 28.75 102.91 66.13
N SER L 233 28.20 104.02 65.65
CA SER L 233 27.68 105.07 66.51
C SER L 233 26.17 105.01 66.65
N ASP L 234 25.49 104.29 65.76
CA ASP L 234 24.06 104.12 65.87
C ASP L 234 23.67 103.39 67.14
N LEU L 235 24.57 102.54 67.66
CA LEU L 235 24.28 101.87 68.93
C LEU L 235 24.10 102.89 70.05
N ALA L 236 24.96 103.91 70.11
CA ALA L 236 24.76 104.99 71.06
C ALA L 236 23.63 105.92 70.65
N LEU L 237 23.32 105.99 69.35
CA LEU L 237 22.23 106.84 68.88
C LEU L 237 20.88 106.33 69.36
N THR L 238 20.68 105.02 69.37
CA THR L 238 19.41 104.42 69.79
C THR L 238 19.37 104.08 71.27
N ASN L 239 20.11 104.81 72.11
CA ASN L 239 19.99 104.62 73.55
C ASN L 239 18.57 104.92 74.01
N GLY L 240 18.00 104.00 74.78
CA GLY L 240 16.61 104.09 75.18
C GLY L 240 15.63 103.48 74.21
N LYS L 241 16.06 103.11 73.01
CA LYS L 241 15.20 102.46 72.04
C LYS L 241 15.26 100.95 72.10
N ASN L 242 16.12 100.39 72.97
CA ASN L 242 16.28 98.94 73.15
C ASN L 242 16.50 98.25 71.81
N PRO L 243 17.67 98.42 71.19
CA PRO L 243 17.89 97.80 69.88
C PRO L 243 18.04 96.28 70.00
N VAL L 244 17.18 95.57 69.28
CA VAL L 244 17.17 94.11 69.27
C VAL L 244 17.00 93.66 67.84
N TYR L 245 17.83 92.71 67.41
CA TYR L 245 17.81 92.23 66.03
C TYR L 245 17.54 90.73 66.01
N ILE L 246 16.73 90.30 65.05
CA ILE L 246 16.46 88.87 64.90
C ILE L 246 17.68 88.18 64.33
N SER L 247 18.09 87.08 64.95
CA SER L 247 19.28 86.34 64.55
C SER L 247 19.01 84.90 64.16
N SER L 248 17.77 84.44 64.21
CA SER L 248 17.47 83.06 63.85
C SER L 248 16.01 82.97 63.45
N VAL L 249 15.76 82.26 62.34
CA VAL L 249 14.41 82.02 61.85
C VAL L 249 14.22 80.52 61.63
N THR L 250 13.15 79.97 62.20
CA THR L 250 12.86 78.54 62.12
C THR L 250 11.75 78.30 61.10
N TYR L 251 12.03 77.44 60.12
CA TYR L 251 11.09 77.00 59.11
C TYR L 251 10.55 75.63 59.50
N GLY L 252 9.24 75.49 59.48
CA GLY L 252 8.61 74.23 59.85
C GLY L 252 7.11 74.27 59.61
N ARG L 253 6.41 73.34 60.24
CA ARG L 253 4.96 73.19 60.10
C ARG L 253 4.30 73.18 61.46
N LEU L 254 3.04 73.62 61.49
CA LEU L 254 2.22 73.66 62.69
C LEU L 254 0.88 73.00 62.40
N GLY L 255 0.30 72.35 63.41
CA GLY L 255 -0.99 71.73 63.24
C GLY L 255 -1.76 71.55 64.54
N ILE L 256 -2.99 72.03 64.59
CA ILE L 256 -3.85 71.88 65.77
C ILE L 256 -5.20 71.36 65.31
N ILE L 257 -5.72 70.35 66.02
CA ILE L 257 -7.04 69.82 65.74
C ILE L 257 -7.78 69.67 67.06
N SER L 258 -9.11 69.74 66.98
CA SER L 258 -9.95 69.62 68.16
C SER L 258 -11.31 69.12 67.72
N ILE L 259 -11.64 67.89 68.09
CA ILE L 259 -12.91 67.25 67.74
C ILE L 259 -13.69 67.01 69.02
N GLU L 260 -14.92 67.50 69.07
CA GLU L 260 -15.81 67.32 70.21
C GLU L 260 -17.13 66.75 69.74
N SER L 261 -17.76 65.97 70.61
CA SER L 261 -19.03 65.34 70.30
C SER L 261 -19.84 65.15 71.58
N ASN L 262 -21.14 65.39 71.48
CA ASN L 262 -22.06 65.25 72.61
C ASN L 262 -23.30 64.51 72.15
N ALA L 263 -23.80 63.62 73.00
CA ALA L 263 -24.99 62.84 72.70
C ALA L 263 -25.87 62.76 73.94
N SER L 264 -27.17 62.92 73.77
CA SER L 264 -28.13 62.88 74.85
C SER L 264 -29.37 62.11 74.41
N TYR L 265 -29.88 61.26 75.29
CA TYR L 265 -31.06 60.44 75.06
C TYR L 265 -31.92 60.48 76.31
N ASN L 266 -33.21 60.79 76.15
CA ASN L 266 -34.09 61.09 77.28
C ASN L 266 -35.42 60.35 77.16
N GLU L 267 -35.37 59.05 76.93
CA GLU L 267 -36.60 58.27 76.81
C GLU L 267 -37.37 58.23 78.13
N VAL L 268 -38.68 58.52 78.07
CA VAL L 268 -39.54 58.48 79.24
C VAL L 268 -40.85 57.80 78.84
N ASN L 269 -41.26 56.80 79.62
CA ASN L 269 -42.50 56.07 79.38
C ASN L 269 -43.38 56.11 80.62
N PHE L 270 -44.70 56.14 80.40
CA PHE L 270 -45.66 56.17 81.49
C PHE L 270 -46.96 55.51 81.06
N ALA L 271 -47.50 54.65 81.91
CA ALA L 271 -48.76 53.96 81.62
C ALA L 271 -49.62 53.93 82.86
N LEU L 272 -50.93 53.95 82.66
CA LEU L 272 -51.91 53.91 83.74
C LEU L 272 -53.01 52.90 83.40
N LYS L 273 -52.58 51.70 83.01
CA LYS L 273 -53.52 50.64 82.66
C LYS L 273 -54.19 50.06 83.90
N LEU L 285 -59.71 52.90 81.83
CA LEU L 285 -58.67 53.89 81.57
C LEU L 285 -57.39 53.23 81.08
N ASN L 286 -56.87 53.74 79.96
CA ASN L 286 -55.67 53.23 79.32
C ASN L 286 -54.74 54.38 78.95
N ILE L 287 -54.50 55.28 79.89
CA ILE L 287 -53.67 56.45 79.64
C ILE L 287 -52.23 56.01 79.39
N ASP L 288 -51.65 56.49 78.30
CA ASP L 288 -50.28 56.18 77.93
C ASP L 288 -49.55 57.47 77.56
N SER L 289 -48.24 57.50 77.79
CA SER L 289 -47.43 58.67 77.52
C SER L 289 -46.01 58.24 77.21
N ASN L 290 -45.41 58.89 76.22
CA ASN L 290 -44.04 58.61 75.82
C ASN L 290 -43.36 59.91 75.40
N SER L 291 -42.09 60.05 75.75
CA SER L 291 -41.32 61.25 75.45
C SER L 291 -39.90 60.83 75.09
N LYS L 292 -39.53 60.98 73.82
CA LYS L 292 -38.19 60.64 73.35
C LYS L 292 -37.48 61.91 72.90
N LYS L 293 -36.24 62.08 73.35
CA LYS L 293 -35.45 63.26 73.01
C LYS L 293 -34.02 62.81 72.76
N ILE L 294 -33.55 63.01 71.52
CA ILE L 294 -32.19 62.70 71.12
C ILE L 294 -31.53 64.00 70.66
N LEU L 295 -30.41 64.33 71.28
CA LEU L 295 -29.65 65.54 70.96
C LEU L 295 -28.23 65.14 70.61
N GLU L 296 -27.78 65.50 69.42
CA GLU L 296 -26.43 65.19 68.97
C GLU L 296 -25.75 66.47 68.52
N GLU L 297 -24.56 66.72 69.04
CA GLU L 297 -23.77 67.88 68.68
C GLU L 297 -22.36 67.44 68.32
N SER L 298 -21.76 68.11 67.33
CA SER L 298 -20.42 67.78 66.88
C SER L 298 -19.66 69.07 66.59
N ASP L 299 -18.34 68.99 66.67
CA ASP L 299 -17.49 70.13 66.39
C ASP L 299 -16.11 69.62 65.97
N LEU L 300 -15.48 70.34 65.04
CA LEU L 300 -14.16 69.94 64.54
C LEU L 300 -13.45 71.18 64.03
N SER L 301 -12.46 71.64 64.78
CA SER L 301 -11.69 72.82 64.42
C SER L 301 -10.26 72.42 64.08
N VAL L 302 -9.78 72.85 62.91
CA VAL L 302 -8.44 72.54 62.44
C VAL L 302 -7.71 73.83 62.11
N TYR L 303 -6.42 73.88 62.43
CA TYR L 303 -5.56 75.03 62.14
C TYR L 303 -4.19 74.51 61.72
N LEU L 304 -3.87 74.63 60.44
CA LEU L 304 -2.59 74.17 59.91
C LEU L 304 -1.79 75.33 59.37
N VAL L 305 -0.48 75.32 59.64
CA VAL L 305 0.45 76.34 59.16
C VAL L 305 1.54 75.62 58.38
N GLY L 306 1.51 75.77 57.06
CA GLY L 306 2.48 75.14 56.20
C GLY L 306 2.13 73.71 55.88
N GLY L 307 3.08 73.04 55.25
CA GLY L 307 2.88 71.66 54.83
C GLY L 307 2.33 71.56 53.43
N ARG L 308 2.22 70.32 52.97
CA ARG L 308 1.69 70.05 51.65
C ARG L 308 0.21 70.42 51.59
N GLY L 309 -0.18 71.15 50.54
CA GLY L 309 -1.57 71.58 50.43
C GLY L 309 -2.54 70.43 50.23
N THR L 310 -2.14 69.45 49.40
CA THR L 310 -3.01 68.31 49.13
C THR L 310 -3.31 67.52 50.40
N ASP L 311 -2.29 67.30 51.24
CA ASP L 311 -2.53 66.60 52.50
C ASP L 311 -3.22 67.50 53.51
N ALA L 312 -2.98 68.81 53.44
CA ALA L 312 -3.58 69.73 54.38
C ALA L 312 -5.10 69.81 54.19
N VAL L 313 -5.57 69.81 52.95
CA VAL L 313 -7.01 69.93 52.71
C VAL L 313 -7.76 68.65 53.00
N GLN L 314 -7.07 67.55 53.23
CA GLN L 314 -7.70 66.27 53.54
C GLN L 314 -7.99 66.09 55.02
N VAL L 315 -7.59 67.04 55.86
CA VAL L 315 -7.81 66.93 57.30
C VAL L 315 -9.27 67.16 57.63
N ILE L 316 -10.08 67.51 56.62
CA ILE L 316 -11.49 67.75 56.86
C ILE L 316 -12.25 66.46 57.15
N LYS L 317 -11.64 65.31 56.87
CA LYS L 317 -12.31 64.01 57.06
C LYS L 317 -11.97 63.42 58.43
N GLY L 318 -12.32 64.18 59.48
CA GLY L 318 -12.11 63.72 60.84
C GLY L 318 -10.64 63.59 61.21
N PHE L 319 -10.37 62.70 62.15
CA PHE L 319 -8.98 62.42 62.57
C PHE L 319 -8.33 61.35 61.70
N ALA L 320 -8.41 61.54 60.40
CA ALA L 320 -7.74 60.70 59.42
C ALA L 320 -6.82 61.51 58.54
N GLY L 321 -7.29 62.69 58.11
CA GLY L 321 -6.42 63.61 57.39
C GLY L 321 -5.34 64.14 58.29
N PHE L 322 -5.68 64.43 59.56
CA PHE L 322 -4.66 64.81 60.52
C PHE L 322 -4.04 63.55 61.12
N SER L 323 -3.76 62.59 60.26
CA SER L 323 -2.91 61.44 60.54
C SER L 323 -2.01 61.11 59.36
N ASN L 324 -2.32 61.63 58.17
CA ASN L 324 -1.45 61.53 57.02
C ASN L 324 -0.82 62.86 56.66
N PHE L 325 -1.43 63.98 57.06
CA PHE L 325 -0.79 65.27 56.85
C PHE L 325 0.54 65.33 57.57
N ILE L 326 0.67 64.57 58.66
CA ILE L 326 1.92 64.52 59.41
C ILE L 326 2.87 63.49 58.84
N VAL L 327 2.38 62.30 58.50
CA VAL L 327 3.27 61.23 58.05
C VAL L 327 3.67 61.34 56.59
N ASN L 328 3.02 62.19 55.82
CA ASN L 328 3.37 62.40 54.42
C ASN L 328 4.21 63.64 54.19
N GLY L 329 4.67 64.29 55.25
CA GLY L 329 5.49 65.47 55.11
C GLY L 329 6.64 65.53 56.09
N GLY L 330 7.10 64.37 56.54
CA GLY L 330 8.22 64.34 57.46
C GLY L 330 9.51 64.87 56.86
N GLN L 331 9.80 64.48 55.63
CA GLN L 331 10.97 64.98 54.92
C GLN L 331 10.56 66.20 54.11
N PHE L 332 11.22 67.33 54.38
CA PHE L 332 10.89 68.56 53.69
C PHE L 332 11.68 68.65 52.38
N THR L 333 10.97 68.84 51.30
CA THR L 333 11.45 68.91 49.94
C THR L 333 11.66 70.37 49.54
N PRO L 334 12.48 70.65 48.53
CA PRO L 334 12.61 72.05 48.11
C PRO L 334 11.34 72.61 47.49
N GLU L 335 10.41 71.75 47.06
CA GLU L 335 9.09 72.23 46.67
C GLU L 335 8.24 72.62 47.86
N ALA L 336 8.55 72.12 49.06
CA ALA L 336 7.81 72.42 50.28
C ALA L 336 8.82 72.82 51.35
N PRO L 337 9.38 74.03 51.26
CA PRO L 337 10.43 74.42 52.21
C PRO L 337 9.95 74.56 53.65
N GLY L 338 8.67 74.78 53.88
CA GLY L 338 8.16 75.04 55.21
C GLY L 338 7.89 76.52 55.40
N VAL L 339 7.32 76.83 56.55
CA VAL L 339 6.89 78.20 56.86
C VAL L 339 7.63 78.70 58.07
N PRO L 340 8.10 79.95 58.09
CA PRO L 340 8.70 80.50 59.32
C PRO L 340 7.68 80.47 60.44
N ILE L 341 7.99 79.68 61.47
CA ILE L 341 7.08 79.47 62.59
C ILE L 341 7.64 80.06 63.88
N TYR L 342 8.94 80.00 64.08
CA TYR L 342 9.57 80.55 65.28
C TYR L 342 10.78 81.37 64.87
N PHE L 343 11.14 82.32 65.73
CA PHE L 343 12.32 83.13 65.48
C PHE L 343 12.91 83.55 66.82
N SER L 344 14.20 83.87 66.79
CA SER L 344 14.92 84.27 67.99
C SER L 344 15.64 85.58 67.71
N ALA L 345 15.71 86.42 68.74
CA ALA L 345 16.33 87.73 68.61
C ALA L 345 17.36 87.92 69.72
N SER L 346 18.29 88.83 69.47
CA SER L 346 19.36 89.12 70.41
C SER L 346 19.54 90.62 70.53
N HIS L 347 20.05 91.05 71.69
CA HIS L 347 20.31 92.44 71.94
C HIS L 347 21.44 92.95 71.05
N ALA L 348 21.36 94.22 70.66
CA ALA L 348 22.39 94.81 69.82
C ALA L 348 23.51 95.45 70.62
N SER L 349 23.35 95.57 71.94
CA SER L 349 24.37 96.22 72.77
C SER L 349 25.50 95.24 73.11
N ASP L 350 25.18 94.16 73.81
CA ASP L 350 26.18 93.17 74.21
C ASP L 350 26.04 91.87 73.44
N ASN L 351 25.20 91.84 72.39
CA ASN L 351 24.97 90.64 71.58
C ASN L 351 24.47 89.47 72.42
N SER L 352 23.78 89.76 73.51
CA SER L 352 23.26 88.74 74.40
C SER L 352 21.90 88.25 73.89
N VAL L 353 21.47 87.11 74.41
CA VAL L 353 20.20 86.53 74.00
C VAL L 353 19.06 87.34 74.60
N TYR L 354 18.12 87.73 73.74
CA TYR L 354 16.97 88.52 74.16
C TYR L 354 15.85 87.60 74.61
N TYR L 355 15.33 87.84 75.81
CA TYR L 355 14.24 87.05 76.37
C TYR L 355 13.01 87.94 76.52
N THR L 356 11.89 87.49 75.98
CA THR L 356 10.62 88.21 76.05
C THR L 356 9.68 87.53 77.04
N THR L 357 8.81 88.32 77.63
CA THR L 357 7.84 87.80 78.60
C THR L 357 6.44 87.76 78.01
N THR M 81 -8.50 94.60 68.01
CA THR M 81 -7.39 94.89 67.12
C THR M 81 -6.90 93.64 66.40
N SER M 82 -6.72 93.75 65.09
CA SER M 82 -6.27 92.65 64.27
C SER M 82 -5.18 93.12 63.32
N ASP M 83 -4.30 92.20 62.95
CA ASP M 83 -3.19 92.48 62.04
C ASP M 83 -3.59 92.31 60.58
N GLN M 84 -4.42 91.32 60.29
CA GLN M 84 -4.86 91.03 58.93
C GLN M 84 -6.29 91.50 58.74
N ILE M 85 -6.53 92.24 57.66
CA ILE M 85 -7.83 92.80 57.34
C ILE M 85 -8.39 92.05 56.15
N VAL M 86 -9.65 91.63 56.25
CA VAL M 86 -10.32 90.94 55.17
C VAL M 86 -10.51 91.89 54.00
N VAL M 87 -10.25 91.40 52.79
CA VAL M 87 -10.33 92.25 51.60
C VAL M 87 -11.80 92.54 51.32
N THR M 88 -12.17 93.82 51.30
CA THR M 88 -13.51 94.24 50.97
C THR M 88 -13.59 95.03 49.67
N VAL M 89 -12.52 95.74 49.31
CA VAL M 89 -12.46 96.47 48.04
C VAL M 89 -11.27 95.93 47.26
N PRO M 90 -11.48 94.94 46.40
CA PRO M 90 -10.36 94.38 45.64
C PRO M 90 -9.67 95.38 44.74
N GLN M 91 -10.41 96.38 44.24
CA GLN M 91 -9.79 97.39 43.39
C GLN M 91 -8.74 98.19 44.14
N LYS M 92 -9.03 98.58 45.38
CA LYS M 92 -8.10 99.40 46.15
C LYS M 92 -7.16 98.56 47.01
N THR M 93 -7.35 97.24 47.07
CA THR M 93 -6.50 96.39 47.89
C THR M 93 -5.37 95.85 47.02
N PHE M 94 -4.31 96.67 46.90
CA PHE M 94 -3.11 96.26 46.19
C PHE M 94 -1.91 96.69 47.02
N ILE M 95 -0.80 95.98 46.84
CA ILE M 95 0.39 96.25 47.62
C ILE M 95 0.98 97.60 47.21
N GLY M 96 1.57 98.30 48.18
CA GLY M 96 2.16 99.59 47.92
C GLY M 96 1.21 100.76 47.86
N GLY M 97 -0.07 100.56 48.15
CA GLY M 97 -1.04 101.64 48.10
C GLY M 97 -1.17 102.33 49.45
N VAL M 98 -1.15 103.65 49.42
CA VAL M 98 -1.21 104.47 50.63
C VAL M 98 -2.62 105.01 50.79
N TYR M 99 -3.20 104.82 51.98
CA TYR M 99 -4.54 105.28 52.29
C TYR M 99 -4.55 105.92 53.67
N ASN M 100 -5.68 106.50 54.02
CA ASN M 100 -5.89 107.06 55.35
C ASN M 100 -6.39 105.96 56.28
N SER M 101 -5.94 106.00 57.53
CA SER M 101 -6.34 104.99 58.50
C SER M 101 -7.84 105.03 58.75
N THR M 102 -8.41 106.23 58.90
CA THR M 102 -9.85 106.33 59.14
C THR M 102 -10.66 105.85 57.95
N THR M 103 -10.23 106.20 56.74
CA THR M 103 -10.94 105.76 55.55
C THR M 103 -10.85 104.26 55.38
N LEU M 104 -9.69 103.67 55.67
CA LEU M 104 -9.57 102.22 55.62
C LEU M 104 -10.41 101.56 56.71
N ASP M 105 -10.55 102.21 57.86
CA ASP M 105 -11.37 101.65 58.93
C ASP M 105 -12.84 101.65 58.57
N ASN M 106 -13.35 102.74 57.99
CA ASN M 106 -14.74 102.82 57.59
C ASN M 106 -14.98 102.43 56.13
N LEU M 107 -14.02 101.74 55.52
CA LEU M 107 -14.14 101.18 54.17
C LEU M 107 -14.35 102.25 53.11
N ASP M 108 -13.77 103.43 53.32
CA ASP M 108 -13.81 104.48 52.30
C ASP M 108 -12.64 104.38 51.34
N TYR M 109 -11.45 104.08 51.88
CA TYR M 109 -10.24 103.86 51.08
C TYR M 109 -9.93 105.10 50.23
N THR M 110 -9.69 106.21 50.90
CA THR M 110 -9.29 107.42 50.20
C THR M 110 -7.79 107.38 49.94
N PRO M 111 -7.34 107.35 48.70
CA PRO M 111 -5.91 107.25 48.44
C PRO M 111 -5.20 108.56 48.73
N ILE M 112 -3.91 108.44 48.99
CA ILE M 112 -3.03 109.60 49.18
C ILE M 112 -2.15 109.67 47.93
N SER M 113 -2.45 110.63 47.07
CA SER M 113 -1.79 110.76 45.77
C SER M 113 -0.49 111.52 45.94
N TYR M 114 0.57 110.79 46.28
CA TYR M 114 1.91 111.35 46.41
C TYR M 114 2.89 110.36 45.80
N PRO M 115 4.00 110.86 45.24
CA PRO M 115 5.00 109.96 44.66
C PRO M 115 5.59 109.03 45.71
N LEU M 116 5.91 107.81 45.28
CA LEU M 116 6.46 106.79 46.15
C LEU M 116 7.70 106.19 45.49
N ASP M 117 8.66 105.82 46.34
CA ASP M 117 9.87 105.18 45.86
C ASP M 117 9.53 103.78 45.34
N PRO M 118 10.34 103.24 44.43
CA PRO M 118 10.11 101.87 43.98
C PRO M 118 10.14 100.89 45.15
N ILE M 119 9.23 99.92 45.11
CA ILE M 119 9.03 98.99 46.21
C ILE M 119 9.50 97.60 45.78
N THR M 120 10.15 96.90 46.70
CA THR M 120 10.59 95.53 46.49
C THR M 120 9.56 94.59 47.10
N VAL M 121 9.11 93.62 46.31
CA VAL M 121 8.09 92.67 46.73
C VAL M 121 8.67 91.27 46.67
N SER M 122 8.30 90.45 47.64
CA SER M 122 8.74 89.07 47.72
C SER M 122 7.53 88.15 47.81
N TYR M 123 7.67 86.94 47.29
CA TYR M 123 6.57 85.98 47.27
C TYR M 123 6.87 84.82 48.22
N SER M 124 5.83 84.36 48.92
CA SER M 124 6.03 83.26 49.85
C SER M 124 6.35 81.94 49.16
N PHE M 125 5.81 81.71 47.96
CA PHE M 125 6.07 80.45 47.28
C PHE M 125 7.44 80.46 46.60
N PRO M 126 8.08 79.30 46.51
CA PRO M 126 9.38 79.22 45.82
C PRO M 126 9.23 79.35 44.31
N SER M 127 9.95 80.31 43.73
CA SER M 127 9.93 80.54 42.29
C SER M 127 11.19 81.29 41.90
N ASP M 128 11.51 81.25 40.60
CA ASP M 128 12.66 82.00 40.10
C ASP M 128 12.45 83.49 40.26
N PHE M 129 11.25 83.97 39.97
CA PHE M 129 10.90 85.38 40.13
C PHE M 129 10.23 85.60 41.49
N ILE M 130 10.98 85.29 42.54
CA ILE M 130 10.48 85.41 43.90
C ILE M 130 10.67 86.81 44.48
N VAL M 131 11.59 87.60 43.93
CA VAL M 131 11.87 88.96 44.36
C VAL M 131 11.69 89.88 43.16
N ASP M 132 10.60 90.62 43.12
CA ASP M 132 10.31 91.57 42.06
C ASP M 132 10.40 93.00 42.59
N THR M 133 10.41 93.95 41.65
CA THR M 133 10.46 95.37 41.96
C THR M 133 9.39 96.09 41.14
N ILE M 134 8.66 96.99 41.80
CA ILE M 134 7.60 97.75 41.15
C ILE M 134 7.89 99.22 41.36
N GLU M 135 8.06 99.97 40.26
CA GLU M 135 8.34 101.39 40.37
C GLU M 135 7.12 102.18 40.81
N ARG M 136 5.96 101.89 40.21
CA ARG M 136 4.71 102.57 40.53
C ARG M 136 3.71 101.56 41.07
N PRO M 137 3.52 101.49 42.39
CA PRO M 137 2.56 100.52 42.96
C PRO M 137 1.16 100.74 42.44
N SER M 138 0.61 99.71 41.81
CA SER M 138 -0.74 99.75 41.25
C SER M 138 -1.29 98.34 41.21
N LEU M 139 -2.62 98.24 41.07
CA LEU M 139 -3.26 96.94 40.99
C LEU M 139 -2.82 96.17 39.75
N SER M 140 -2.72 96.85 38.61
CA SER M 140 -2.29 96.18 37.39
C SER M 140 -0.86 95.69 37.51
N SER M 141 0.02 96.50 38.09
CA SER M 141 1.41 96.09 38.27
C SER M 141 1.51 94.89 39.22
N MET M 142 0.73 94.90 40.30
CA MET M 142 0.74 93.77 41.23
C MET M 142 0.23 92.51 40.55
N ARG M 143 -0.85 92.62 39.76
CA ARG M 143 -1.38 91.45 39.07
C ARG M 143 -0.38 90.91 38.04
N ALA M 144 0.26 91.80 37.28
CA ALA M 144 1.24 91.37 36.29
C ALA M 144 2.44 90.71 36.96
N SER M 145 2.91 91.27 38.08
CA SER M 145 4.04 90.68 38.78
C SER M 145 3.68 89.30 39.33
N VAL M 146 2.46 89.15 39.86
CA VAL M 146 2.03 87.83 40.34
C VAL M 146 1.95 86.83 39.19
N PHE M 147 1.42 87.27 38.05
CA PHE M 147 1.32 86.40 36.89
C PHE M 147 2.70 85.93 36.42
N LYS M 148 3.64 86.86 36.29
CA LYS M 148 4.99 86.50 35.86
C LYS M 148 5.69 85.60 36.87
N ALA M 149 5.54 85.91 38.17
CA ALA M 149 6.20 85.11 39.19
C ALA M 149 5.68 83.68 39.20
N MET M 150 4.36 83.51 39.06
CA MET M 150 3.79 82.17 39.12
C MET M 150 3.93 81.42 37.79
N ARG M 151 4.21 82.13 36.69
CA ARG M 151 4.54 81.45 35.44
C ARG M 151 6.04 81.25 35.25
N ALA M 152 6.87 81.74 36.16
CA ALA M 152 8.30 81.56 36.03
C ALA M 152 8.71 80.12 36.33
N ALA M 153 9.98 79.82 36.06
CA ALA M 153 10.51 78.48 36.28
C ALA M 153 10.70 78.20 37.77
N ASN M 154 10.80 76.91 38.10
CA ASN M 154 10.99 76.44 39.47
C ASN M 154 9.88 76.95 40.39
N PHE M 155 8.66 77.00 39.87
CA PHE M 155 7.50 77.40 40.65
C PHE M 155 6.81 76.15 41.23
N SER M 156 6.46 76.23 42.51
CA SER M 156 5.82 75.11 43.19
C SER M 156 4.68 75.66 44.04
N GLY M 157 3.45 75.27 43.70
CA GLY M 157 2.30 75.58 44.51
C GLY M 157 1.95 74.41 45.40
N GLU M 158 2.91 73.50 45.56
CA GLU M 158 2.66 72.29 46.33
C GLU M 158 2.41 72.59 47.79
N GLN M 159 3.14 73.55 48.37
CA GLN M 159 3.01 73.89 49.77
C GLN M 159 2.21 75.17 49.91
N SER M 160 1.21 75.15 50.79
CA SER M 160 0.41 76.32 51.11
C SER M 160 0.94 76.99 52.36
N LEU M 161 0.23 78.01 52.81
CA LEU M 161 0.64 78.79 53.98
C LEU M 161 -0.26 78.55 55.18
N ALA M 162 -1.57 78.54 55.00
CA ALA M 162 -2.43 78.30 56.14
C ALA M 162 -3.70 77.60 55.70
N PHE M 163 -4.34 76.90 56.63
CA PHE M 163 -5.57 76.17 56.33
C PHE M 163 -6.38 76.08 57.61
N ASP M 164 -7.47 76.83 57.68
CA ASP M 164 -8.36 76.84 58.83
C ASP M 164 -9.67 76.14 58.44
N TYR M 165 -10.12 75.23 59.29
CA TYR M 165 -11.37 74.51 59.08
C TYR M 165 -12.18 74.54 60.36
N ASN M 166 -13.50 74.58 60.20
CA ASN M 166 -14.39 74.57 61.35
C ASN M 166 -15.75 74.06 60.92
N ILE M 167 -16.26 73.06 61.62
CA ILE M 167 -17.57 72.50 61.32
C ILE M 167 -18.35 72.35 62.62
N LYS M 168 -19.66 72.57 62.55
CA LYS M 168 -20.54 72.44 63.71
C LYS M 168 -21.79 71.71 63.24
N GLN M 169 -21.98 70.50 63.74
CA GLN M 169 -23.14 69.67 63.42
C GLN M 169 -24.02 69.55 64.65
N PHE M 170 -25.32 69.76 64.47
CA PHE M 170 -26.27 69.70 65.58
C PHE M 170 -27.54 69.04 65.07
N SER M 171 -28.20 68.29 65.94
CA SER M 171 -29.41 67.57 65.56
C SER M 171 -30.26 67.35 66.80
N TYR M 172 -31.42 67.99 66.85
CA TYR M 172 -32.42 67.77 67.89
C TYR M 172 -33.42 66.71 67.46
N TYR M 173 -34.16 66.19 68.44
CA TYR M 173 -35.20 65.22 68.20
C TYR M 173 -36.24 65.34 69.32
N SER M 174 -37.49 65.08 68.96
CA SER M 174 -38.57 65.12 69.94
C SER M 174 -39.67 64.17 69.49
N GLU M 175 -40.22 63.41 70.43
CA GLU M 175 -41.26 62.44 70.10
C GLU M 175 -42.21 62.29 71.27
N LEU M 176 -43.50 62.59 71.03
CA LEU M 176 -44.57 62.41 72.00
C LEU M 176 -45.57 61.40 71.44
N LYS M 177 -46.01 60.48 72.30
CA LYS M 177 -46.92 59.41 71.92
C LYS M 177 -48.06 59.29 72.92
N ILE M 178 -48.71 60.42 73.23
CA ILE M 178 -49.77 60.43 74.23
C ILE M 178 -50.96 59.63 73.73
N ALA M 179 -51.48 58.76 74.59
CA ALA M 179 -52.63 57.93 74.24
C ALA M 179 -53.61 57.90 75.41
N PHE M 180 -54.87 57.66 75.09
CA PHE M 180 -55.91 57.60 76.12
C PHE M 180 -56.91 56.48 75.82
N ILE M 194 -64.79 55.86 73.85
CA ILE M 194 -63.96 57.05 73.80
C ILE M 194 -62.48 56.67 73.78
N SER M 195 -61.76 57.18 72.79
CA SER M 195 -60.34 56.91 72.64
C SER M 195 -59.64 58.21 72.29
N GLY M 196 -58.36 58.12 71.94
CA GLY M 196 -57.61 59.30 71.57
C GLY M 196 -56.11 59.07 71.52
N SER M 197 -55.45 59.63 70.51
CA SER M 197 -54.01 59.49 70.37
C SER M 197 -53.43 60.79 69.81
N ASN M 198 -52.19 61.07 70.21
CA ASN M 198 -51.47 62.27 69.78
C ASN M 198 -50.01 61.90 69.61
N ASN M 199 -49.56 61.81 68.37
CA ASN M 199 -48.19 61.49 68.00
C ASN M 199 -47.54 62.73 67.40
N LYS M 200 -46.56 63.30 68.11
CA LYS M 200 -45.85 64.49 67.68
C LYS M 200 -44.38 64.14 67.48
N ILE M 201 -43.83 64.49 66.32
CA ILE M 201 -42.43 64.25 65.99
C ILE M 201 -41.81 65.56 65.54
N LYS M 202 -40.65 65.90 66.09
CA LYS M 202 -39.93 67.12 65.74
C LYS M 202 -38.48 66.80 65.47
N ARG M 203 -37.94 67.34 64.39
CA ARG M 203 -36.55 67.15 64.02
C ARG M 203 -35.96 68.48 63.57
N THR M 204 -34.70 68.73 63.93
CA THR M 204 -34.02 69.96 63.55
C THR M 204 -32.55 69.66 63.39
N THR M 205 -32.05 69.70 62.16
CA THR M 205 -30.67 69.38 61.84
C THR M 205 -29.97 70.60 61.27
N GLY M 206 -28.71 70.80 61.64
CA GLY M 206 -27.96 71.93 61.14
C GLY M 206 -26.46 71.70 61.07
N VAL M 207 -25.87 71.97 59.91
CA VAL M 207 -24.43 71.85 59.69
C VAL M 207 -23.91 73.19 59.21
N PHE M 208 -22.99 73.77 59.96
CA PHE M 208 -22.36 75.03 59.59
C PHE M 208 -20.87 74.81 59.44
N ALA M 209 -20.31 75.18 58.29
CA ALA M 209 -18.90 74.92 58.01
C ALA M 209 -18.24 76.17 57.46
N LYS M 210 -17.08 76.50 57.99
CA LYS M 210 -16.25 77.60 57.50
C LYS M 210 -14.85 77.09 57.24
N PHE M 211 -14.28 77.48 56.11
CA PHE M 211 -12.96 77.04 55.72
C PHE M 211 -12.24 78.18 55.01
N THR M 212 -10.97 78.34 55.32
CA THR M 212 -10.13 79.31 54.64
C THR M 212 -8.78 78.68 54.34
N GLN M 213 -8.21 79.02 53.21
CA GLN M 213 -6.89 78.53 52.83
C GLN M 213 -6.09 79.72 52.36
N LYS M 214 -4.85 79.83 52.84
CA LYS M 214 -3.94 80.89 52.44
C LYS M 214 -2.86 80.23 51.60
N ASN M 215 -3.02 80.35 50.27
CA ASN M 215 -2.08 79.77 49.32
C ASN M 215 -0.72 80.44 49.44
N PHE M 216 -0.69 81.77 49.40
CA PHE M 216 0.59 82.47 49.49
C PHE M 216 0.33 83.93 49.81
N THR M 217 1.40 84.66 50.08
CA THR M 217 1.32 86.10 50.24
C THR M 217 2.45 86.78 49.49
N ILE M 218 2.18 88.01 49.06
CA ILE M 218 3.18 88.89 48.48
C ILE M 218 3.41 89.98 49.52
N ASP M 219 4.67 90.14 49.91
CA ASP M 219 5.07 91.04 50.99
C ASP M 219 5.92 92.17 50.43
N MET M 220 5.93 93.29 51.14
CA MET M 220 6.67 94.47 50.74
C MET M 220 7.83 94.70 51.70
N ASP M 221 8.99 95.02 51.14
CA ASP M 221 10.17 95.27 51.95
C ASP M 221 10.11 96.66 52.57
N LEU M 222 10.73 96.79 53.74
CA LEU M 222 10.80 98.09 54.38
C LEU M 222 11.70 99.02 53.56
N PRO M 223 11.34 100.31 53.46
CA PRO M 223 12.16 101.23 52.66
C PRO M 223 13.57 101.37 53.20
N ALA M 224 14.52 101.49 52.27
CA ALA M 224 15.91 101.71 52.68
C ALA M 224 16.08 103.06 53.35
N ASP M 225 15.42 104.09 52.83
CA ASP M 225 15.50 105.43 53.42
C ASP M 225 14.67 105.55 54.69
N GLY M 226 13.79 104.59 54.97
CA GLY M 226 12.92 104.64 56.12
C GLY M 226 11.59 105.29 55.86
N ASN M 227 11.38 105.85 54.68
CA ASN M 227 10.13 106.48 54.30
C ASN M 227 9.71 105.97 52.94
N ILE M 228 8.42 105.65 52.79
CA ILE M 228 7.92 105.14 51.51
C ILE M 228 7.87 106.24 50.46
N PHE M 229 7.72 107.50 50.90
CA PHE M 229 7.58 108.60 49.96
C PHE M 229 8.92 108.95 49.31
N LYS M 230 8.86 109.30 48.02
CA LYS M 230 10.07 109.63 47.29
C LYS M 230 10.64 110.97 47.73
N ASN M 231 9.79 111.99 47.87
CA ASN M 231 10.27 113.31 48.23
C ASN M 231 10.70 113.43 49.68
N ASN M 232 10.20 112.54 50.55
CA ASN M 232 10.45 112.49 51.99
C ASN M 232 9.85 113.67 52.74
N SER M 233 9.24 114.63 52.05
CA SER M 233 8.51 115.71 52.70
C SER M 233 7.00 115.48 52.71
N ASP M 234 6.51 114.55 51.88
CA ASP M 234 5.10 114.23 51.90
C ASP M 234 4.67 113.63 53.22
N LEU M 235 5.60 112.98 53.94
CA LEU M 235 5.26 112.46 55.26
C LEU M 235 4.85 113.58 56.20
N ALA M 236 5.57 114.70 56.17
CA ALA M 236 5.15 115.87 56.94
C ALA M 236 3.97 116.58 56.29
N LEU M 237 3.80 116.43 54.98
CA LEU M 237 2.67 117.08 54.30
C LEU M 237 1.34 116.47 54.73
N THR M 238 1.29 115.15 54.91
CA THR M 238 0.07 114.47 55.29
C THR M 238 -0.10 114.32 56.81
N ASN M 239 0.47 115.24 57.59
CA ASN M 239 0.22 115.23 59.02
C ASN M 239 -1.26 115.40 59.31
N GLY M 240 -1.82 114.54 60.15
CA GLY M 240 -3.23 114.50 60.41
C GLY M 240 -4.04 113.64 59.45
N LYS M 241 -3.44 113.18 58.37
CA LYS M 241 -4.11 112.30 57.43
C LYS M 241 -3.89 110.83 57.72
N ASN M 242 -3.07 110.50 58.73
CA ASN M 242 -2.78 109.13 59.13
C ASN M 242 -2.33 108.30 57.94
N PRO M 243 -1.13 108.52 57.40
CA PRO M 243 -0.69 107.78 56.22
C PRO M 243 -0.39 106.32 56.57
N VAL M 244 -1.08 105.41 55.88
CA VAL M 244 -0.92 103.98 56.09
C VAL M 244 -0.89 103.31 54.72
N TYR M 245 0.07 102.43 54.51
CA TYR M 245 0.26 101.77 53.22
C TYR M 245 0.17 100.26 53.40
N ILE M 246 -0.49 99.60 52.45
CA ILE M 246 -0.58 98.14 52.50
C ILE M 246 0.77 97.55 52.13
N SER M 247 1.23 96.60 52.95
CA SER M 247 2.53 95.97 52.76
C SER M 247 2.47 94.47 52.56
N SER M 248 1.29 93.86 52.56
CA SER M 248 1.18 92.43 52.39
C SER M 248 -0.21 92.09 51.86
N VAL M 249 -0.25 91.21 50.86
CA VAL M 249 -1.52 90.74 50.29
C VAL M 249 -1.51 89.22 50.28
N THR M 250 -2.57 88.61 50.82
CA THR M 250 -2.68 87.17 50.93
C THR M 250 -3.63 86.65 49.86
N TYR M 251 -3.15 85.72 49.05
CA TYR M 251 -3.94 85.03 48.04
C TYR M 251 -4.35 83.66 48.57
N GLY M 252 -5.63 83.36 48.46
CA GLY M 252 -6.15 82.09 48.93
C GLY M 252 -7.62 81.91 48.57
N ARG M 253 -8.27 80.99 49.27
CA ARG M 253 -9.66 80.64 49.01
C ARG M 253 -10.47 80.73 50.31
N LEU M 254 -11.76 81.01 50.16
CA LEU M 254 -12.70 81.09 51.27
C LEU M 254 -13.91 80.23 50.95
N GLY M 255 -14.52 79.66 51.98
CA GLY M 255 -15.72 78.87 51.80
C GLY M 255 -16.58 78.77 53.03
N ILE M 256 -17.87 79.09 52.91
CA ILE M 256 -18.82 78.99 54.00
C ILE M 256 -20.05 78.25 53.53
N ILE M 257 -20.52 77.30 54.31
CA ILE M 257 -21.74 76.57 54.00
C ILE M 257 -22.59 76.50 55.26
N SER M 258 -23.90 76.39 55.04
CA SER M 258 -24.85 76.32 56.15
C SER M 258 -26.09 75.60 55.67
N ILE M 259 -26.33 74.39 56.19
CA ILE M 259 -27.46 73.57 55.83
C ILE M 259 -28.35 73.40 57.06
N GLU M 260 -29.61 73.72 56.91
CA GLU M 260 -30.59 73.60 57.99
C GLU M 260 -31.79 72.80 57.49
N SER M 261 -32.41 72.08 58.42
CA SER M 261 -33.56 71.25 58.08
C SER M 261 -34.47 71.13 59.29
N ASN M 262 -35.78 71.20 59.05
CA ASN M 262 -36.79 71.09 60.09
C ASN M 262 -37.88 70.14 59.65
N ALA M 263 -38.36 69.32 60.58
CA ALA M 263 -39.42 68.36 60.29
C ALA M 263 -40.41 68.34 61.44
N SER M 264 -41.70 68.30 61.12
CA SER M 264 -42.76 68.29 62.12
C SER M 264 -43.85 67.32 61.68
N TYR M 265 -44.34 66.54 62.63
CA TYR M 265 -45.39 65.55 62.43
C TYR M 265 -46.38 65.65 63.58
N ASN M 266 -47.67 65.77 63.26
CA ASN M 266 -48.69 66.11 64.25
C ASN M 266 -49.92 65.20 64.12
N GLU M 267 -49.69 63.89 64.08
CA GLU M 267 -50.82 62.95 63.96
C GLU M 267 -51.71 62.99 65.21
N VAL M 268 -53.02 63.10 65.00
CA VAL M 268 -53.99 63.11 66.07
C VAL M 268 -55.17 62.22 65.67
N ASN M 269 -55.55 61.29 66.54
CA ASN M 269 -56.66 60.38 66.30
C ASN M 269 -57.67 60.49 67.44
N PHE M 270 -58.95 60.31 67.09
CA PHE M 270 -60.01 60.37 68.08
C PHE M 270 -61.18 59.50 67.63
N ALA M 271 -61.71 58.70 68.55
CA ALA M 271 -62.84 57.82 68.25
C ALA M 271 -63.82 57.85 69.41
N LEU M 272 -65.10 57.68 69.09
CA LEU M 272 -66.17 57.65 70.08
C LEU M 272 -67.10 56.48 69.79
N LYS M 273 -66.51 55.29 69.62
CA LYS M 273 -67.29 54.09 69.34
C LYS M 273 -68.02 53.60 70.58
N LEU M 285 -73.56 55.41 67.65
CA LEU M 285 -72.62 56.50 67.34
C LEU M 285 -71.23 55.95 67.07
N ASN M 286 -70.67 56.35 65.93
CA ASN M 286 -69.34 55.92 65.48
C ASN M 286 -68.52 57.12 65.03
N ILE M 287 -68.49 58.16 65.86
CA ILE M 287 -67.76 59.38 65.50
C ILE M 287 -66.27 59.09 65.46
N ASP M 288 -65.63 59.50 64.36
CA ASP M 288 -64.20 59.32 64.16
C ASP M 288 -63.59 60.63 63.67
N SER M 289 -62.33 60.85 64.02
CA SER M 289 -61.64 62.07 63.64
C SER M 289 -60.15 61.79 63.53
N ASN M 290 -59.52 62.37 62.51
CA ASN M 290 -58.09 62.21 62.28
C ASN M 290 -57.53 63.52 61.75
N SER M 291 -56.33 63.86 62.18
CA SER M 291 -55.66 65.10 61.77
C SER M 291 -54.18 64.82 61.61
N LYS M 292 -53.69 64.84 60.37
CA LYS M 292 -52.29 64.62 60.07
C LYS M 292 -51.68 65.89 59.51
N LYS M 293 -50.52 66.28 60.04
CA LYS M 293 -49.83 67.49 59.60
C LYS M 293 -48.34 67.20 59.53
N ILE M 294 -47.77 67.29 58.34
CA ILE M 294 -46.35 67.10 58.11
C ILE M 294 -45.79 68.39 57.52
N LEU M 295 -44.80 68.96 58.19
CA LEU M 295 -44.15 70.19 57.76
C LEU M 295 -42.66 69.94 57.61
N GLU M 296 -42.13 70.18 56.42
CA GLU M 296 -40.71 69.99 56.14
C GLU M 296 -40.14 71.27 55.57
N GLU M 297 -39.05 71.74 56.15
CA GLU M 297 -38.36 72.94 55.69
C GLU M 297 -36.88 72.63 55.53
N SER M 298 -36.26 73.24 54.52
CA SER M 298 -34.86 73.02 54.23
C SER M 298 -34.21 74.34 53.82
N ASP M 299 -32.91 74.44 54.04
CA ASP M 299 -32.16 75.63 53.67
C ASP M 299 -30.70 75.24 53.45
N LEU M 300 -30.06 75.90 52.49
CA LEU M 300 -28.66 75.61 52.17
C LEU M 300 -28.04 76.85 51.55
N SER M 301 -27.19 77.54 52.31
CA SER M 301 -26.53 78.75 51.85
C SER M 301 -25.04 78.49 51.71
N VAL M 302 -24.49 78.82 50.53
CA VAL M 302 -23.07 78.61 50.23
C VAL M 302 -22.47 79.94 49.78
N TYR M 303 -21.23 80.19 50.20
CA TYR M 303 -20.49 81.38 49.83
C TYR M 303 -19.03 81.00 49.61
N LEU M 304 -18.58 80.98 48.36
CA LEU M 304 -17.21 80.61 48.03
C LEU M 304 -16.49 81.79 47.39
N VAL M 305 -15.24 81.98 47.78
CA VAL M 305 -14.39 83.03 47.24
C VAL M 305 -13.15 82.36 46.67
N GLY M 306 -13.05 82.33 45.35
CA GLY M 306 -11.92 81.73 44.67
C GLY M 306 -12.07 80.23 44.54
N GLY M 307 -10.99 79.59 44.11
CA GLY M 307 -10.99 78.17 43.86
C GLY M 307 -11.38 77.81 42.45
N ARG M 308 -11.30 76.52 42.17
CA ARG M 308 -11.66 76.01 40.85
C ARG M 308 -13.15 76.17 40.62
N GLY M 309 -13.50 76.70 39.44
CA GLY M 309 -14.91 76.93 39.14
C GLY M 309 -15.72 75.65 39.03
N THR M 310 -15.13 74.63 38.39
CA THR M 310 -15.83 73.36 38.21
C THR M 310 -16.17 72.72 39.56
N ASP M 311 -15.23 72.73 40.49
CA ASP M 311 -15.52 72.19 41.82
C ASP M 311 -16.41 73.12 42.63
N ALA M 312 -16.31 74.43 42.39
CA ALA M 312 -17.12 75.39 43.14
C ALA M 312 -18.60 75.26 42.80
N VAL M 313 -18.93 75.02 41.53
CA VAL M 313 -20.33 74.93 41.15
C VAL M 313 -20.97 73.61 41.55
N GLN M 314 -20.19 72.64 42.01
CA GLN M 314 -20.69 71.35 42.44
C GLN M 314 -21.12 71.34 43.90
N VAL M 315 -20.93 72.44 44.63
CA VAL M 315 -21.28 72.49 46.04
C VAL M 315 -22.79 72.58 46.20
N ILE M 316 -23.52 72.68 45.08
CA ILE M 316 -24.96 72.77 45.16
C ILE M 316 -25.60 71.45 45.57
N LYS M 317 -24.84 70.36 45.51
CA LYS M 317 -25.37 69.02 45.83
C LYS M 317 -25.11 68.67 47.29
N GLY M 318 -25.66 69.51 48.18
CA GLY M 318 -25.54 69.27 49.62
C GLY M 318 -24.12 69.38 50.12
N PHE M 319 -23.83 68.66 51.21
CA PHE M 319 -22.48 68.62 51.78
C PHE M 319 -21.63 67.53 51.14
N ALA M 320 -21.58 67.54 49.83
CA ALA M 320 -20.73 66.66 49.05
C ALA M 320 -19.83 67.46 48.14
N GLY M 321 -20.37 68.49 47.50
CA GLY M 321 -19.55 69.41 46.74
C GLY M 321 -18.63 70.20 47.64
N PHE M 322 -19.13 70.61 48.81
CA PHE M 322 -18.26 71.24 49.80
C PHE M 322 -17.59 70.16 50.63
N SER M 323 -17.11 69.13 49.95
CA SER M 323 -16.16 68.15 50.47
C SER M 323 -15.12 67.78 49.44
N ASN M 324 -15.35 68.09 48.16
CA ASN M 324 -14.36 67.95 47.11
C ASN M 324 -13.85 69.29 46.63
N PHE M 325 -14.62 70.37 46.80
CA PHE M 325 -14.12 71.69 46.46
C PHE M 325 -12.88 72.01 47.28
N ILE M 326 -12.78 71.43 48.48
CA ILE M 326 -11.63 71.64 49.33
C ILE M 326 -10.50 70.68 49.01
N VAL M 327 -10.82 69.39 48.79
CA VAL M 327 -9.77 68.39 48.60
C VAL M 327 -9.23 68.35 47.18
N ASN M 328 -9.89 69.01 46.23
CA ASN M 328 -9.41 69.06 44.85
C ASN M 328 -8.70 70.36 44.53
N GLY M 329 -8.43 71.20 45.52
CA GLY M 329 -7.75 72.46 45.28
C GLY M 329 -6.72 72.78 46.33
N GLY M 330 -6.18 71.76 46.99
CA GLY M 330 -5.16 71.99 48.00
C GLY M 330 -3.89 72.59 47.44
N GLN M 331 -3.43 72.08 46.30
CA GLN M 331 -2.25 72.62 45.64
C GLN M 331 -2.70 73.68 44.63
N PHE M 332 -2.22 74.90 44.80
CA PHE M 332 -2.60 75.98 43.90
C PHE M 332 -1.70 75.99 42.68
N THR M 333 -2.31 75.95 41.52
CA THR M 333 -1.70 75.89 40.21
C THR M 333 -1.62 77.28 39.62
N PRO M 334 -0.72 77.54 38.65
CA PRO M 334 -0.71 78.88 38.05
C PRO M 334 -1.96 79.18 37.24
N GLU M 335 -2.74 78.17 36.86
CA GLU M 335 -4.05 78.41 36.29
C GLU M 335 -5.08 78.85 37.34
N ALA M 336 -4.83 78.55 38.62
CA ALA M 336 -5.73 78.93 39.71
C ALA M 336 -4.89 79.58 40.80
N PRO M 337 -4.46 80.83 40.59
CA PRO M 337 -3.57 81.49 41.56
C PRO M 337 -4.20 81.76 42.90
N GLY M 338 -5.52 81.82 42.99
CA GLY M 338 -6.19 82.20 44.21
C GLY M 338 -6.64 83.65 44.16
N VAL M 339 -7.38 84.04 45.20
CA VAL M 339 -7.99 85.37 45.27
C VAL M 339 -7.44 86.12 46.46
N PRO M 340 -7.10 87.41 46.33
CA PRO M 340 -6.71 88.19 47.51
C PRO M 340 -7.83 88.18 48.53
N ILE M 341 -7.55 87.58 49.68
CA ILE M 341 -8.54 87.41 50.74
C ILE M 341 -8.19 88.24 51.98
N TYR M 342 -6.92 88.37 52.30
CA TYR M 342 -6.49 89.14 53.45
C TYR M 342 -5.35 90.06 53.04
N PHE M 343 -5.19 91.14 53.79
CA PHE M 343 -4.08 92.06 53.53
C PHE M 343 -3.69 92.72 54.83
N SER M 344 -2.45 93.20 54.88
CA SER M 344 -1.91 93.85 56.06
C SER M 344 -1.32 95.19 55.67
N ALA M 345 -1.44 96.16 56.56
CA ALA M 345 -0.97 97.50 56.30
C ALA M 345 -0.10 97.97 57.46
N SER M 346 0.75 98.95 57.15
CA SER M 346 1.68 99.49 58.14
C SER M 346 1.67 101.01 58.05
N HIS M 347 2.00 101.65 59.18
CA HIS M 347 2.08 103.09 59.23
C HIS M 347 3.23 103.61 58.39
N ALA M 348 3.04 104.80 57.81
CA ALA M 348 4.08 105.40 56.99
C ALA M 348 5.03 106.28 57.79
N SER M 349 4.73 106.55 59.06
CA SER M 349 5.58 107.42 59.87
C SER M 349 6.76 106.65 60.44
N ASP M 350 6.50 105.64 61.27
CA ASP M 350 7.55 104.85 61.89
C ASP M 350 7.64 103.45 61.31
N ASN M 351 6.92 103.17 60.22
CA ASN M 351 6.92 101.87 59.57
C ASN M 351 6.47 100.76 60.52
N SER M 352 5.65 101.11 61.49
CA SER M 352 5.14 100.15 62.46
C SER M 352 3.91 99.44 61.92
N VAL M 353 3.56 98.32 62.56
CA VAL M 353 2.42 97.53 62.13
C VAL M 353 1.14 98.26 62.49
N TYR M 354 0.25 98.42 61.51
CA TYR M 354 -1.02 99.11 61.71
C TYR M 354 -2.07 98.12 62.19
N TYR M 355 -2.74 98.45 63.28
CA TYR M 355 -3.79 97.62 63.86
C TYR M 355 -5.12 98.35 63.76
N THR M 356 -6.12 97.69 63.21
CA THR M 356 -7.45 98.25 63.05
C THR M 356 -8.40 97.60 64.03
N THR M 357 -9.42 98.34 64.44
CA THR M 357 -10.42 97.85 65.38
C THR M 357 -11.74 97.55 64.66
N THR N 81 -26.22 101.02 52.46
CA THR N 81 -25.06 101.34 51.64
C THR N 81 -24.36 100.06 51.16
N SER N 82 -24.06 100.01 49.86
CA SER N 82 -23.40 98.87 49.25
C SER N 82 -22.27 99.35 48.34
N ASP N 83 -21.26 98.50 48.20
CA ASP N 83 -20.11 98.81 47.36
C ASP N 83 -20.32 98.39 45.91
N GLN N 84 -21.01 97.27 45.69
CA GLN N 84 -21.26 96.74 44.36
C GLN N 84 -22.71 97.01 43.98
N ILE N 85 -22.92 97.55 42.78
CA ILE N 85 -24.23 97.89 42.27
C ILE N 85 -24.58 96.93 41.16
N VAL N 86 -25.79 96.38 41.21
CA VAL N 86 -26.26 95.46 40.18
C VAL N 86 -26.42 96.21 38.87
N VAL N 87 -25.98 95.60 37.77
CA VAL N 87 -26.04 96.27 36.48
C VAL N 87 -27.50 96.32 36.02
N THR N 88 -27.99 97.54 35.78
CA THR N 88 -29.34 97.75 35.28
C THR N 88 -29.37 98.32 33.88
N VAL N 89 -28.36 99.11 33.51
CA VAL N 89 -28.24 99.67 32.17
C VAL N 89 -26.93 99.19 31.58
N PRO N 90 -26.93 98.06 30.85
CA PRO N 90 -25.68 97.55 30.29
C PRO N 90 -25.01 98.50 29.32
N GLN N 91 -25.80 99.33 28.61
CA GLN N 91 -25.22 100.28 27.68
C GLN N 91 -24.35 101.30 28.40
N LYS N 92 -24.81 101.81 29.53
CA LYS N 92 -24.07 102.83 30.25
C LYS N 92 -23.13 102.26 31.30
N THR N 93 -23.18 100.94 31.54
CA THR N 93 -22.32 100.32 32.56
C THR N 93 -21.06 99.82 31.87
N PHE N 94 -20.10 100.73 31.73
CA PHE N 94 -18.79 100.40 31.19
C PHE N 94 -17.73 101.08 32.06
N ILE N 95 -16.53 100.49 32.08
CA ILE N 95 -15.46 101.02 32.91
C ILE N 95 -15.00 102.36 32.36
N GLY N 96 -14.60 103.25 33.27
CA GLY N 96 -14.12 104.56 32.88
C GLY N 96 -15.19 105.58 32.56
N GLY N 97 -16.47 105.26 32.76
CA GLY N 97 -17.55 106.19 32.48
C GLY N 97 -17.90 107.03 33.69
N VAL N 98 -18.02 108.34 33.47
CA VAL N 98 -18.30 109.30 34.53
C VAL N 98 -19.77 109.68 34.49
N TYR N 99 -20.44 109.58 35.63
CA TYR N 99 -21.85 109.90 35.75
C TYR N 99 -22.07 110.71 37.03
N ASN N 100 -23.30 111.19 37.18
CA ASN N 100 -23.71 111.89 38.39
C ASN N 100 -24.17 110.87 39.42
N SER N 101 -23.87 111.14 40.69
CA SER N 101 -24.26 110.22 41.75
C SER N 101 -25.77 110.10 41.86
N THR N 102 -26.48 111.23 41.79
CA THR N 102 -27.94 111.19 41.89
C THR N 102 -28.55 110.44 40.71
N THR N 103 -28.05 110.69 39.50
CA THR N 103 -28.58 110.01 38.33
C THR N 103 -28.30 108.51 38.39
N LEU N 104 -27.12 108.13 38.87
CA LEU N 104 -26.83 106.71 39.04
C LEU N 104 -27.69 106.09 40.13
N ASP N 105 -28.03 106.86 41.16
CA ASP N 105 -28.89 106.37 42.24
C ASP N 105 -30.31 106.12 41.74
N ASN N 106 -30.87 107.06 40.97
CA ASN N 106 -32.21 106.90 40.44
C ASN N 106 -32.25 106.30 39.04
N LEU N 107 -31.15 105.66 38.62
CA LEU N 107 -31.08 104.91 37.37
C LEU N 107 -31.29 105.80 36.14
N ASP N 108 -30.87 107.05 36.23
CA ASP N 108 -30.93 107.94 35.07
C ASP N 108 -29.65 107.87 34.24
N TYR N 109 -28.50 107.79 34.91
CA TYR N 109 -27.20 107.63 34.26
C TYR N 109 -26.94 108.76 33.28
N THR N 110 -26.89 109.98 33.80
CA THR N 110 -26.57 111.12 32.96
C THR N 110 -25.06 111.24 32.85
N PRO N 111 -24.47 111.09 31.67
CA PRO N 111 -23.02 111.14 31.54
C PRO N 111 -22.50 112.56 31.71
N ILE N 112 -21.24 112.64 32.10
CA ILE N 112 -20.52 113.91 32.19
C ILE N 112 -19.54 113.92 31.04
N SER N 113 -19.83 114.72 30.01
CA SER N 113 -19.07 114.75 28.77
C SER N 113 -17.88 115.68 28.94
N TYR N 114 -16.80 115.15 29.48
CA TYR N 114 -15.55 115.88 29.64
C TYR N 114 -14.39 114.96 29.27
N PRO N 115 -13.31 115.51 28.75
CA PRO N 115 -12.15 114.68 28.40
C PRO N 115 -11.57 113.98 29.62
N LEU N 116 -11.09 112.76 29.40
CA LEU N 116 -10.51 111.94 30.45
C LEU N 116 -9.15 111.42 30.01
N ASP N 117 -8.24 111.30 30.98
CA ASP N 117 -6.93 110.76 30.70
C ASP N 117 -7.06 109.26 30.37
N PRO N 118 -6.10 108.71 29.63
CA PRO N 118 -6.12 107.27 29.35
C PRO N 118 -6.11 106.48 30.66
N ILE N 119 -6.88 105.39 30.68
CA ILE N 119 -7.10 104.61 31.88
C ILE N 119 -6.43 103.25 31.71
N THR N 120 -5.81 102.77 32.77
CA THR N 120 -5.20 101.45 32.80
C THR N 120 -6.17 100.48 33.45
N VAL N 121 -6.42 99.35 32.77
CA VAL N 121 -7.37 98.36 33.24
C VAL N 121 -6.64 97.04 33.43
N SER N 122 -7.02 96.31 34.48
CA SER N 122 -6.43 95.02 34.79
C SER N 122 -7.54 93.98 34.92
N TYR N 123 -7.20 92.75 34.59
CA TYR N 123 -8.18 91.66 34.62
C TYR N 123 -7.85 90.69 35.74
N SER N 124 -8.90 90.18 36.40
CA SER N 124 -8.68 89.25 37.52
C SER N 124 -8.13 87.91 37.05
N PHE N 125 -8.51 87.46 35.85
CA PHE N 125 -8.06 86.17 35.38
C PHE N 125 -6.63 86.25 34.85
N PRO N 126 -5.85 85.17 34.97
CA PRO N 126 -4.50 85.17 34.41
C PRO N 126 -4.50 85.07 32.90
N SER N 127 -3.83 86.03 32.26
CA SER N 127 -3.72 86.06 30.80
C SER N 127 -2.51 86.91 30.42
N ASP N 128 -2.06 86.73 29.17
CA ASP N 128 -0.96 87.54 28.67
C ASP N 128 -1.35 89.01 28.59
N PHE N 129 -2.57 89.28 28.13
CA PHE N 129 -3.08 90.65 28.05
C PHE N 129 -3.92 90.96 29.29
N ILE N 130 -3.25 90.90 30.44
CA ILE N 130 -3.91 91.13 31.72
C ILE N 130 -3.93 92.61 32.10
N VAL N 131 -3.04 93.43 31.52
CA VAL N 131 -2.98 94.86 31.78
C VAL N 131 -3.12 95.58 30.44
N ASP N 132 -4.29 96.17 30.21
CA ASP N 132 -4.57 96.92 28.99
C ASP N 132 -4.69 98.41 29.31
N THR N 133 -4.70 99.22 28.25
CA THR N 133 -4.84 100.66 28.35
C THR N 133 -5.88 101.13 27.35
N ILE N 134 -6.77 102.01 27.80
CA ILE N 134 -7.84 102.53 26.96
C ILE N 134 -7.74 104.05 26.97
N GLU N 135 -7.55 104.64 25.80
CA GLU N 135 -7.44 106.10 25.72
C GLU N 135 -8.78 106.77 25.92
N ARG N 136 -9.83 106.26 25.28
CA ARG N 136 -11.18 106.82 25.39
C ARG N 136 -12.10 105.77 25.98
N PRO N 137 -12.43 105.86 27.27
CA PRO N 137 -13.32 104.87 27.89
C PRO N 137 -14.68 104.83 27.22
N SER N 138 -15.04 103.66 26.70
CA SER N 138 -16.31 103.46 26.03
C SER N 138 -16.69 101.99 26.14
N LEU N 139 -17.98 101.71 25.90
CA LEU N 139 -18.47 100.34 25.96
C LEU N 139 -17.81 99.48 24.89
N SER N 140 -17.67 100.00 23.67
CA SER N 140 -17.05 99.23 22.60
C SER N 140 -15.58 98.94 22.91
N SER N 141 -14.87 99.93 23.45
CA SER N 141 -13.47 99.72 23.82
C SER N 141 -13.34 98.69 24.93
N MET N 142 -14.22 98.75 25.93
CA MET N 142 -14.18 97.76 27.00
C MET N 142 -14.47 96.36 26.48
N ARG N 143 -15.46 96.23 25.60
CA ARG N 143 -15.78 94.92 25.03
C ARG N 143 -14.63 94.38 24.19
N ALA N 144 -14.02 95.24 23.37
CA ALA N 144 -12.90 94.80 22.54
C ALA N 144 -11.70 94.40 23.40
N SER N 145 -11.42 95.16 24.46
CA SER N 145 -10.32 94.81 25.35
C SER N 145 -10.57 93.48 26.04
N VAL N 146 -11.81 93.24 26.49
CA VAL N 146 -12.14 91.97 27.12
C VAL N 146 -11.99 90.82 26.12
N PHE N 147 -12.44 91.03 24.89
CA PHE N 147 -12.33 90.00 23.86
C PHE N 147 -10.86 89.65 23.59
N LYS N 148 -10.02 90.67 23.41
CA LYS N 148 -8.60 90.43 23.16
C LYS N 148 -7.91 89.77 24.35
N ALA N 149 -8.23 90.23 25.57
CA ALA N 149 -7.60 89.66 26.75
C ALA N 149 -7.96 88.20 26.92
N MET N 150 -9.22 87.85 26.69
CA MET N 150 -9.64 86.47 26.88
C MET N 150 -9.28 85.57 25.71
N ARG N 151 -8.96 86.15 24.55
CA ARG N 151 -8.44 85.36 23.44
C ARG N 151 -6.91 85.33 23.41
N ALA N 152 -6.24 86.03 24.32
CA ALA N 152 -4.78 86.02 24.34
C ALA N 152 -4.26 84.70 24.88
N ALA N 153 -2.94 84.52 24.77
CA ALA N 153 -2.28 83.30 25.23
C ALA N 153 -2.23 83.26 26.75
N ASN N 154 -2.01 82.04 27.27
CA ASN N 154 -1.92 81.80 28.71
C ASN N 154 -3.17 82.27 29.45
N PHE N 155 -4.32 82.10 28.82
CA PHE N 155 -5.60 82.44 29.43
C PHE N 155 -6.20 81.21 30.12
N SER N 156 -6.69 81.42 31.33
CA SER N 156 -7.28 80.33 32.11
C SER N 156 -8.55 80.84 32.77
N GLY N 157 -9.68 80.26 32.38
CA GLY N 157 -10.94 80.53 33.04
C GLY N 157 -11.24 79.45 34.06
N GLU N 158 -10.21 78.70 34.43
CA GLU N 158 -10.40 77.58 35.34
C GLU N 158 -10.83 78.05 36.72
N GLN N 159 -10.29 79.15 37.21
CA GLN N 159 -10.60 79.66 38.54
C GLN N 159 -11.55 80.84 38.42
N SER N 160 -12.62 80.81 39.20
CA SER N 160 -13.59 81.89 39.27
C SER N 160 -13.26 82.79 40.46
N LEU N 161 -14.13 83.77 40.68
CA LEU N 161 -13.94 84.74 41.76
C LEU N 161 -14.91 84.56 42.89
N ALA N 162 -16.19 84.35 42.60
CA ALA N 162 -17.15 84.16 43.69
C ALA N 162 -18.27 83.26 43.23
N PHE N 163 -18.92 82.62 44.19
CA PHE N 163 -20.03 81.70 43.90
C PHE N 163 -20.95 81.67 45.11
N ASP N 164 -22.11 82.29 44.98
CA ASP N 164 -23.12 82.34 46.03
C ASP N 164 -24.29 81.45 45.63
N TYR N 165 -24.72 80.61 46.56
CA TYR N 165 -25.85 79.71 46.34
C TYR N 165 -26.79 79.80 47.54
N ASN N 166 -28.08 79.65 47.26
CA ASN N 166 -29.09 79.70 48.32
C ASN N 166 -30.33 78.96 47.83
N ILE N 167 -30.80 78.01 48.64
CA ILE N 167 -32.00 77.25 48.30
C ILE N 167 -32.88 77.18 49.54
N LYS N 168 -34.19 77.22 49.33
CA LYS N 168 -35.17 77.14 50.40
C LYS N 168 -36.27 76.19 49.94
N GLN N 169 -36.38 75.04 50.59
CA GLN N 169 -37.40 74.05 50.30
C GLN N 169 -38.39 73.99 51.45
N PHE N 170 -39.67 74.00 51.13
CA PHE N 170 -40.72 73.97 52.14
C PHE N 170 -41.85 73.10 51.62
N SER N 171 -42.51 72.39 52.54
CA SER N 171 -43.58 71.48 52.17
C SER N 171 -44.53 71.32 53.35
N TYR N 172 -45.75 71.81 53.20
CA TYR N 172 -46.81 71.61 54.16
C TYR N 172 -47.65 70.39 53.81
N TYR N 173 -48.41 69.92 54.78
CA TYR N 173 -49.31 68.79 54.61
C TYR N 173 -50.46 68.93 55.58
N SER N 174 -51.65 68.48 55.16
CA SER N 174 -52.82 68.50 56.02
C SER N 174 -53.75 67.37 55.62
N GLU N 175 -54.30 66.68 56.61
CA GLU N 175 -55.19 65.55 56.33
C GLU N 175 -56.24 65.45 57.43
N LEU N 176 -57.50 65.54 57.04
CA LEU N 176 -58.65 65.37 57.92
C LEU N 176 -59.46 64.18 57.44
N LYS N 177 -59.89 63.33 58.37
CA LYS N 177 -60.63 62.10 58.07
C LYS N 177 -61.85 61.98 58.98
N ILE N 178 -62.64 63.05 59.06
CA ILE N 178 -63.80 63.06 59.95
C ILE N 178 -64.84 62.06 59.48
N ALA N 179 -65.34 61.25 60.40
CA ALA N 179 -66.34 60.25 60.08
C ALA N 179 -67.43 60.25 61.14
N PHE N 180 -68.63 59.82 60.76
CA PHE N 180 -69.75 59.76 61.68
C PHE N 180 -70.57 58.50 61.47
N ILE N 194 -78.09 56.62 58.93
CA ILE N 194 -77.40 57.90 58.78
C ILE N 194 -75.90 57.71 58.94
N SER N 195 -75.13 58.15 57.96
CA SER N 195 -73.68 58.06 57.98
C SER N 195 -73.11 59.38 57.50
N GLY N 196 -71.79 59.41 57.27
CA GLY N 196 -71.13 60.60 56.80
C GLY N 196 -69.63 60.56 56.92
N SER N 197 -68.93 61.06 55.90
CA SER N 197 -67.47 61.09 55.91
C SER N 197 -66.99 62.36 55.22
N ASN N 198 -65.84 62.85 55.68
CA ASN N 198 -65.22 64.06 55.15
C ASN N 198 -63.72 63.86 55.17
N ASN N 199 -63.13 63.66 53.99
CA ASN N 199 -61.70 63.47 53.80
C ASN N 199 -61.15 64.69 53.08
N LYS N 200 -60.31 65.46 53.78
CA LYS N 200 -59.68 66.66 53.25
C LYS N 200 -58.18 66.48 53.23
N ILE N 201 -57.56 66.75 52.08
CA ILE N 201 -56.12 66.63 51.92
C ILE N 201 -55.60 67.95 51.33
N LYS N 202 -54.55 68.49 51.93
CA LYS N 202 -53.95 69.73 51.47
C LYS N 202 -52.44 69.57 51.39
N ARG N 203 -51.85 70.03 50.28
CA ARG N 203 -50.41 69.96 50.07
C ARG N 203 -49.95 71.28 49.50
N THR N 204 -48.77 71.72 49.91
CA THR N 204 -48.20 72.98 49.42
C THR N 204 -46.69 72.85 49.44
N THR N 205 -46.07 72.78 48.27
CA THR N 205 -44.64 72.60 48.12
C THR N 205 -44.02 73.81 47.43
N GLY N 206 -42.83 74.22 47.89
CA GLY N 206 -42.17 75.36 47.29
C GLY N 206 -40.65 75.32 47.39
N VAL N 207 -39.98 75.49 46.26
CA VAL N 207 -38.52 75.52 46.19
C VAL N 207 -38.11 76.85 45.57
N PHE N 208 -37.34 77.63 46.31
CA PHE N 208 -36.82 78.90 45.80
C PHE N 208 -35.30 78.85 45.82
N ALA N 209 -34.68 79.13 44.68
CA ALA N 209 -33.23 79.02 44.57
C ALA N 209 -32.66 80.26 43.89
N LYS N 210 -31.60 80.80 44.48
CA LYS N 210 -30.86 81.91 43.92
C LYS N 210 -29.38 81.55 43.85
N PHE N 211 -28.76 81.85 42.72
CA PHE N 211 -27.35 81.54 42.52
C PHE N 211 -26.70 82.66 41.73
N THR N 212 -25.49 83.02 42.12
CA THR N 212 -24.70 83.99 41.38
C THR N 212 -23.27 83.48 41.30
N GLN N 213 -22.62 83.75 40.18
CA GLN N 213 -21.23 83.39 40.00
C GLN N 213 -20.51 84.60 39.43
N LYS N 214 -19.36 84.92 39.99
CA LYS N 214 -18.53 86.03 39.53
C LYS N 214 -17.30 85.40 38.88
N ASN N 215 -17.34 85.31 37.55
CA ASN N 215 -16.24 84.74 36.78
C ASN N 215 -14.98 85.58 36.91
N PHE N 216 -15.10 86.89 36.68
CA PHE N 216 -13.92 87.76 36.79
C PHE N 216 -14.38 89.20 36.86
N THR N 217 -13.43 90.09 37.12
CA THR N 217 -13.69 91.51 37.06
C THR N 217 -12.57 92.22 36.32
N ILE N 218 -12.93 93.33 35.69
CA ILE N 218 -11.98 94.26 35.08
C ILE N 218 -11.98 95.50 35.97
N ASP N 219 -10.81 95.86 36.45
CA ASP N 219 -10.62 96.94 37.40
C ASP N 219 -9.84 98.08 36.76
N MET N 220 -10.04 99.27 37.30
CA MET N 220 -9.40 100.48 36.80
C MET N 220 -8.38 100.98 37.81
N ASP N 221 -7.21 101.37 37.32
CA ASP N 221 -6.15 101.88 38.18
C ASP N 221 -6.44 103.31 38.58
N LEU N 222 -5.96 103.67 39.77
CA LEU N 222 -6.10 105.05 40.23
C LEU N 222 -5.24 105.97 39.35
N PRO N 223 -5.72 107.17 39.04
CA PRO N 223 -4.95 108.07 38.18
C PRO N 223 -3.62 108.47 38.82
N ALA N 224 -2.59 108.58 37.98
CA ALA N 224 -1.28 109.02 38.46
C ALA N 224 -1.34 110.46 38.95
N ASP N 225 -2.04 111.32 38.23
CA ASP N 225 -2.19 112.73 38.62
C ASP N 225 -3.16 112.91 39.78
N GLY N 226 -3.95 111.89 40.11
CA GLY N 226 -4.92 111.98 41.17
C GLY N 226 -6.29 112.43 40.70
N ASN N 227 -6.44 112.79 39.43
CA ASN N 227 -7.71 113.20 38.86
C ASN N 227 -7.92 112.46 37.54
N ILE N 228 -9.14 111.96 37.34
CA ILE N 228 -9.44 111.23 36.11
C ILE N 228 -9.52 112.16 34.91
N PHE N 229 -9.84 113.44 35.14
CA PHE N 229 -10.00 114.39 34.05
C PHE N 229 -8.66 114.80 33.47
N LYS N 230 -8.62 114.95 32.15
CA LYS N 230 -7.38 115.34 31.48
C LYS N 230 -7.01 116.80 31.76
N ASN N 231 -7.99 117.71 31.69
CA ASN N 231 -7.70 119.12 31.88
C ASN N 231 -7.45 119.47 33.35
N ASN N 232 -7.93 118.65 34.27
CA ASN N 232 -7.82 118.83 35.73
C ASN N 232 -8.62 120.01 36.24
N SER N 233 -9.27 120.79 35.37
CA SER N 233 -10.18 121.85 35.79
C SER N 233 -11.64 121.43 35.70
N ASP N 234 -11.93 120.36 34.97
CA ASP N 234 -13.29 119.85 34.91
C ASP N 234 -13.79 119.39 36.27
N LEU N 235 -12.88 118.96 37.15
CA LEU N 235 -13.30 118.59 38.49
C LEU N 235 -13.93 119.77 39.22
N ALA N 236 -13.33 120.96 39.09
CA ALA N 236 -13.95 122.15 39.64
C ALA N 236 -15.14 122.61 38.80
N LEU N 237 -15.15 122.28 37.51
CA LEU N 237 -16.26 122.67 36.65
C LEU N 237 -17.56 121.96 37.03
N THR N 238 -17.47 120.68 37.41
CA THR N 238 -18.65 119.91 37.78
C THR N 238 -18.95 119.96 39.27
N ASN N 239 -18.59 121.03 39.96
CA ASN N 239 -18.98 121.18 41.36
C ASN N 239 -20.50 121.20 41.47
N GLY N 240 -21.02 120.40 42.39
CA GLY N 240 -22.45 120.22 42.52
C GLY N 240 -23.05 119.15 41.64
N LYS N 241 -22.29 118.61 40.68
CA LYS N 241 -22.77 117.54 39.82
C LYS N 241 -22.41 116.16 40.35
N ASN N 242 -21.67 116.08 41.46
CA ASN N 242 -21.26 114.83 42.08
C ASN N 242 -20.60 113.90 41.07
N PRO N 243 -19.39 114.21 40.62
CA PRO N 243 -18.74 113.36 39.60
C PRO N 243 -18.32 112.02 40.18
N VAL N 244 -18.84 110.95 39.59
CA VAL N 244 -18.53 109.59 40.01
C VAL N 244 -18.28 108.75 38.76
N TYR N 245 -17.20 107.98 38.77
CA TYR N 245 -16.82 107.18 37.62
C TYR N 245 -16.75 105.70 38.00
N ILE N 246 -17.23 104.85 37.10
CA ILE N 246 -17.16 103.41 37.34
C ILE N 246 -15.72 102.93 37.20
N SER N 247 -15.24 102.18 38.19
CA SER N 247 -13.87 101.71 38.21
C SER N 247 -13.74 100.19 38.23
N SER N 248 -14.84 99.45 38.21
CA SER N 248 -14.76 98.00 38.24
C SER N 248 -16.04 97.42 37.65
N VAL N 249 -15.89 96.43 36.79
CA VAL N 249 -17.02 95.72 36.18
C VAL N 249 -16.85 94.23 36.39
N THR N 250 -17.88 93.57 36.92
CA THR N 250 -17.83 92.15 37.23
C THR N 250 -18.60 91.38 36.17
N TYR N 251 -17.94 90.41 35.55
CA TYR N 251 -18.53 89.50 34.58
C TYR N 251 -18.84 88.17 35.27
N GLY N 252 -20.07 87.69 35.10
CA GLY N 252 -20.49 86.45 35.71
C GLY N 252 -21.87 86.04 35.24
N ARG N 253 -22.49 85.14 36.01
CA ARG N 253 -23.80 84.59 35.69
C ARG N 253 -24.74 84.75 36.87
N LEU N 254 -26.02 84.84 36.57
CA LEU N 254 -27.09 84.96 37.56
C LEU N 254 -28.15 83.92 37.28
N GLY N 255 -28.79 83.41 38.33
CA GLY N 255 -29.88 82.46 38.15
C GLY N 255 -30.85 82.42 39.31
N ILE N 256 -32.14 82.55 39.02
CA ILE N 256 -33.19 82.49 40.04
C ILE N 256 -34.26 81.54 39.56
N ILE N 257 -34.70 80.64 40.44
CA ILE N 257 -35.79 79.73 40.13
C ILE N 257 -36.77 79.73 41.30
N SER N 258 -38.02 79.43 40.99
CA SER N 258 -39.07 79.40 42.01
C SER N 258 -40.16 78.46 41.54
N ILE N 259 -40.31 77.32 42.20
CA ILE N 259 -41.30 76.31 41.86
C ILE N 259 -42.28 76.20 43.02
N GLU N 260 -43.57 76.35 42.72
CA GLU N 260 -44.63 76.24 43.72
C GLU N 260 -45.67 75.24 43.24
N SER N 261 -46.30 74.56 44.20
CA SER N 261 -47.31 73.57 43.89
C SER N 261 -48.32 73.51 45.02
N ASN N 262 -49.59 73.36 44.66
CA ASN N 262 -50.69 73.27 45.62
C ASN N 262 -51.62 72.14 45.21
N ALA N 263 -52.11 71.40 46.20
CA ALA N 263 -53.01 70.29 45.97
C ALA N 263 -54.10 70.29 47.03
N SER N 264 -55.34 70.06 46.60
CA SER N 264 -56.49 70.04 47.48
C SER N 264 -57.40 68.89 47.10
N TYR N 265 -57.91 68.19 48.11
CA TYR N 265 -58.81 67.06 47.95
C TYR N 265 -59.92 67.19 48.98
N ASN N 266 -61.18 67.10 48.54
CA ASN N 266 -62.33 67.43 49.38
C ASN N 266 -63.42 66.38 49.28
N GLU N 267 -63.06 65.10 49.45
CA GLU N 267 -64.05 64.03 49.38
C GLU N 267 -65.06 64.12 50.51
N VAL N 268 -66.34 64.03 50.17
CA VAL N 268 -67.42 64.06 51.15
C VAL N 268 -68.43 62.99 50.77
N ASN N 269 -68.81 62.15 51.74
CA ASN N 269 -69.77 61.08 51.54
C ASN N 269 -70.90 61.20 52.54
N PHE N 270 -72.11 60.82 52.13
CA PHE N 270 -73.27 60.88 53.00
C PHE N 270 -74.28 59.82 52.59
N ALA N 271 -74.82 59.09 53.56
CA ALA N 271 -75.80 58.05 53.29
C ALA N 271 -76.89 58.10 54.35
N LEU N 272 -78.10 57.73 53.94
CA LEU N 272 -79.27 57.70 54.83
C LEU N 272 -80.02 56.38 54.63
N LYS N 273 -79.28 55.28 54.68
CA LYS N 273 -79.88 53.97 54.51
C LYS N 273 -80.68 53.56 55.75
N LEU N 285 -86.06 54.25 52.10
CA LEU N 285 -85.22 55.38 51.73
C LEU N 285 -83.76 54.98 51.66
N ASN N 286 -83.11 55.30 50.53
CA ASN N 286 -81.72 54.98 50.27
C ASN N 286 -80.99 56.20 49.72
N ILE N 287 -81.16 57.34 50.38
CA ILE N 287 -80.55 58.58 49.92
C ILE N 287 -79.04 58.49 50.05
N ASP N 288 -78.33 58.81 48.96
CA ASP N 288 -76.88 58.79 48.93
C ASP N 288 -76.37 60.09 48.30
N SER N 289 -75.19 60.51 48.73
CA SER N 289 -74.60 61.75 48.23
C SER N 289 -73.09 61.64 48.29
N ASN N 290 -72.42 62.15 47.26
CA ASN N 290 -70.97 62.15 47.19
C ASN N 290 -70.51 63.44 46.52
N SER N 291 -69.40 63.99 47.00
CA SER N 291 -68.84 65.23 46.48
C SER N 291 -67.33 65.13 46.48
N LYS N 292 -66.72 65.04 45.31
CA LYS N 292 -65.27 64.96 45.17
C LYS N 292 -64.75 66.21 44.49
N LYS N 293 -63.71 66.80 45.04
CA LYS N 293 -63.12 68.01 44.50
C LYS N 293 -61.61 67.92 44.61
N ILE N 294 -60.93 67.91 43.47
CA ILE N 294 -59.48 67.88 43.39
C ILE N 294 -59.02 69.14 42.68
N LEU N 295 -58.16 69.91 43.34
CA LEU N 295 -57.62 71.15 42.79
C LEU N 295 -56.11 71.07 42.81
N GLU N 296 -55.48 71.21 41.64
CA GLU N 296 -54.03 71.16 41.53
C GLU N 296 -53.54 72.42 40.83
N GLU N 297 -52.58 73.10 41.44
CA GLU N 297 -51.99 74.30 40.86
C GLU N 297 -50.47 74.16 40.89
N SER N 298 -49.82 74.69 39.85
CA SER N 298 -48.38 74.63 39.72
C SER N 298 -47.85 75.94 39.18
N ASP N 299 -46.60 76.24 39.49
CA ASP N 299 -45.95 77.46 39.02
C ASP N 299 -44.45 77.23 38.99
N LEU N 300 -43.79 77.83 38.00
CA LEU N 300 -42.34 77.68 37.86
C LEU N 300 -41.80 78.89 37.12
N SER N 301 -41.12 79.78 37.84
CA SER N 301 -40.55 80.99 37.27
C SER N 301 -39.03 80.90 37.29
N VAL N 302 -38.40 81.13 36.14
CA VAL N 302 -36.95 81.07 36.00
C VAL N 302 -36.45 82.39 35.40
N TYR N 303 -35.31 82.84 35.90
CA TYR N 303 -34.66 84.08 35.43
C TYR N 303 -33.15 83.85 35.39
N LEU N 304 -32.57 83.71 34.20
CA LEU N 304 -31.15 83.48 34.04
C LEU N 304 -30.51 84.64 33.31
N VAL N 305 -29.33 85.04 33.77
CA VAL N 305 -28.55 86.11 33.16
C VAL N 305 -27.18 85.53 32.82
N GLY N 306 -26.95 85.33 31.52
CA GLY N 306 -25.70 84.79 31.05
C GLY N 306 -25.67 83.27 31.12
N GLY N 307 -24.48 82.73 30.88
CA GLY N 307 -24.30 81.31 30.85
C GLY N 307 -24.49 80.71 29.48
N ARG N 308 -24.23 79.41 29.40
CA ARG N 308 -24.38 78.68 28.15
C ARG N 308 -25.86 78.63 27.75
N GLY N 309 -26.15 78.95 26.49
CA GLY N 309 -27.53 78.96 26.04
C GLY N 309 -28.17 77.58 26.05
N THR N 310 -27.42 76.56 25.62
CA THR N 310 -27.94 75.21 25.56
C THR N 310 -28.35 74.71 26.94
N ASP N 311 -27.53 74.97 27.96
CA ASP N 311 -27.88 74.58 29.31
C ASP N 311 -28.95 75.49 29.89
N ALA N 312 -28.98 76.76 29.47
CA ALA N 312 -29.96 77.70 30.01
C ALA N 312 -31.37 77.34 29.56
N VAL N 313 -31.53 76.89 28.31
CA VAL N 313 -32.87 76.58 27.83
C VAL N 313 -33.39 75.25 28.36
N GLN N 314 -32.56 74.46 29.03
CA GLN N 314 -32.97 73.19 29.59
C GLN N 314 -33.53 73.31 30.99
N VAL N 315 -33.55 74.52 31.57
CA VAL N 315 -34.05 74.72 32.92
C VAL N 315 -35.56 74.63 32.93
N ILE N 316 -36.18 74.49 31.75
CA ILE N 316 -37.63 74.41 31.69
C ILE N 316 -38.15 73.09 32.23
N LYS N 317 -37.27 72.09 32.39
CA LYS N 317 -37.68 70.77 32.86
C LYS N 317 -37.54 70.66 34.38
N GLY N 318 -38.26 71.52 35.09
CA GLY N 318 -38.27 71.49 36.54
C GLY N 318 -36.93 71.85 37.16
N PHE N 319 -36.68 71.32 38.35
CA PHE N 319 -35.41 71.54 39.04
C PHE N 319 -34.37 70.49 38.64
N ALA N 320 -34.20 70.33 37.34
CA ALA N 320 -33.17 69.46 36.79
C ALA N 320 -32.27 70.25 35.85
N GLY N 321 -32.85 71.10 35.02
CA GLY N 321 -32.07 72.00 34.22
C GLY N 321 -31.34 73.02 35.07
N PHE N 322 -32.00 73.51 36.12
CA PHE N 322 -31.33 74.37 37.08
C PHE N 322 -30.62 73.51 38.11
N SER N 323 -29.96 72.47 37.63
CA SER N 323 -28.96 71.70 38.37
C SER N 323 -27.78 71.32 37.50
N ASN N 324 -27.92 71.43 36.18
CA ASN N 324 -26.81 71.27 35.25
C ASN N 324 -26.41 72.58 34.62
N PHE N 325 -27.31 73.57 34.57
CA PHE N 325 -26.92 74.88 34.08
C PHE N 325 -25.82 75.47 34.96
N ILE N 326 -25.78 75.08 36.23
CA ILE N 326 -24.76 75.54 37.15
C ILE N 326 -23.50 74.69 37.06
N VAL N 327 -23.65 73.36 37.01
CA VAL N 327 -22.49 72.49 37.06
C VAL N 327 -21.80 72.32 35.71
N ASN N 328 -22.42 72.76 34.62
CA ASN N 328 -21.82 72.69 33.29
C ASN N 328 -21.23 74.01 32.84
N GLY N 329 -21.16 75.00 33.72
CA GLY N 329 -20.60 76.29 33.37
C GLY N 329 -19.72 76.88 34.45
N GLY N 330 -19.14 76.03 35.29
CA GLY N 330 -18.28 76.52 36.34
C GLY N 330 -17.02 77.20 35.81
N GLN N 331 -16.39 76.60 34.82
CA GLN N 331 -15.23 77.20 34.18
C GLN N 331 -15.69 78.04 33.00
N PHE N 332 -15.36 79.33 33.02
CA PHE N 332 -15.76 80.21 31.94
C PHE N 332 -14.74 80.17 30.82
N THR N 333 -15.22 79.90 29.63
CA THR N 333 -14.47 79.74 28.40
C THR N 333 -14.48 81.05 27.63
N PRO N 334 -13.53 81.28 26.71
CA PRO N 334 -13.61 82.51 25.93
C PRO N 334 -14.79 82.55 24.97
N GLU N 335 -15.40 81.40 24.68
CA GLU N 335 -16.67 81.39 23.96
C GLU N 335 -17.84 81.84 24.85
N ALA N 336 -17.70 81.75 26.17
CA ALA N 336 -18.74 82.16 27.11
C ALA N 336 -18.10 83.06 28.17
N PRO N 337 -17.79 84.31 27.81
CA PRO N 337 -17.09 85.19 28.76
C PRO N 337 -17.89 85.56 29.98
N GLY N 338 -19.20 85.47 29.94
CA GLY N 338 -20.03 85.92 31.03
C GLY N 338 -20.65 87.28 30.73
N VAL N 339 -21.52 87.72 31.63
CA VAL N 339 -22.28 88.95 31.44
C VAL N 339 -21.95 89.92 32.57
N PRO N 340 -21.76 91.20 32.27
CA PRO N 340 -21.58 92.18 33.36
C PRO N 340 -22.79 92.18 34.27
N ILE N 341 -22.57 91.77 35.52
CA ILE N 341 -23.63 91.63 36.49
C ILE N 341 -23.52 92.64 37.63
N TYR N 342 -22.30 92.97 38.04
CA TYR N 342 -22.08 93.95 39.09
C TYR N 342 -21.01 94.94 38.66
N PHE N 343 -21.06 96.12 39.25
CA PHE N 343 -20.04 97.12 38.95
C PHE N 343 -19.86 98.01 40.17
N SER N 344 -18.70 98.63 40.26
CA SER N 344 -18.36 99.50 41.38
C SER N 344 -17.89 100.84 40.84
N ALA N 345 -18.21 101.89 41.57
CA ALA N 345 -17.88 103.24 41.16
C ALA N 345 -17.18 103.97 42.30
N SER N 346 -16.42 105.00 41.94
CA SER N 346 -15.67 105.78 42.91
C SER N 346 -15.83 107.26 42.61
N HIS N 347 -15.70 108.08 43.65
CA HIS N 347 -15.81 109.52 43.51
C HIS N 347 -14.63 110.06 42.70
N ALA N 348 -14.88 111.12 41.94
CA ALA N 348 -13.83 111.73 41.14
C ALA N 348 -13.09 112.83 41.87
N SER N 349 -13.55 113.23 43.06
CA SER N 349 -12.89 114.29 43.80
C SER N 349 -11.70 113.77 44.59
N ASP N 350 -11.94 112.86 45.52
CA ASP N 350 -10.87 112.30 46.34
C ASP N 350 -10.55 110.85 45.99
N ASN N 351 -11.12 110.34 44.88
CA ASN N 351 -10.91 108.97 44.44
C ASN N 351 -11.33 107.95 45.50
N SER N 352 -12.29 108.33 46.33
CA SER N 352 -12.78 107.44 47.38
C SER N 352 -13.86 106.52 46.84
N VAL N 353 -14.14 105.46 47.60
CA VAL N 353 -15.14 104.48 47.19
C VAL N 353 -16.53 105.09 47.34
N TYR N 354 -17.32 105.01 46.26
CA TYR N 354 -18.67 105.55 46.25
C TYR N 354 -19.65 104.50 46.76
N TYR N 355 -20.46 104.89 47.75
CA TYR N 355 -21.46 104.02 48.34
C TYR N 355 -22.85 104.56 48.03
N THR N 356 -23.70 103.70 47.48
CA THR N 356 -25.07 104.07 47.13
C THR N 356 -26.04 103.43 48.11
N THR N 357 -27.17 104.11 48.31
CA THR N 357 -28.20 103.61 49.22
C THR N 357 -29.39 103.06 48.45
N THR O 81 -42.80 103.00 34.68
CA THR O 81 -41.60 103.35 33.92
C THR O 81 -40.73 102.12 33.69
N SER O 82 -40.28 101.94 32.45
CA SER O 82 -39.44 100.82 32.08
C SER O 82 -38.29 101.31 31.21
N ASP O 83 -37.17 100.58 31.27
CA ASP O 83 -35.98 100.91 30.50
C ASP O 83 -35.99 100.28 29.11
N GLN O 84 -36.52 99.07 29.01
CA GLN O 84 -36.57 98.34 27.75
C GLN O 84 -37.99 98.37 27.20
N ILE O 85 -38.13 98.72 25.93
CA ILE O 85 -39.42 98.82 25.26
C ILE O 85 -39.53 97.68 24.27
N VAL O 86 -40.67 96.98 24.30
CA VAL O 86 -40.92 95.89 23.38
C VAL O 86 -41.03 96.44 21.97
N VAL O 87 -40.42 95.75 21.02
CA VAL O 87 -40.42 96.21 19.63
C VAL O 87 -41.81 96.03 19.04
N THR O 88 -42.41 97.12 18.60
CA THR O 88 -43.72 97.09 17.94
C THR O 88 -43.66 97.47 16.48
N VAL O 89 -42.72 98.31 16.09
CA VAL O 89 -42.52 98.70 14.70
C VAL O 89 -41.11 98.32 14.29
N PRO O 90 -40.91 97.11 13.76
CA PRO O 90 -39.55 96.69 13.37
C PRO O 90 -38.90 97.59 12.34
N GLN O 91 -39.70 98.19 11.46
CA GLN O 91 -39.14 99.09 10.44
C GLN O 91 -38.46 100.30 11.08
N LYS O 92 -39.10 100.89 12.08
CA LYS O 92 -38.56 102.08 12.72
C LYS O 92 -37.67 101.77 13.92
N THR O 93 -37.60 100.52 14.34
CA THR O 93 -36.79 100.14 15.50
C THR O 93 -35.41 99.72 15.01
N PHE O 94 -34.56 100.72 14.82
CA PHE O 94 -33.16 100.49 14.46
C PHE O 94 -32.28 101.40 15.31
N ILE O 95 -31.05 100.98 15.52
CA ILE O 95 -30.13 101.75 16.36
C ILE O 95 -29.77 103.06 15.66
N GLY O 96 -29.57 104.10 16.45
CA GLY O 96 -29.20 105.39 15.92
C GLY O 96 -30.34 106.22 15.37
N GLY O 97 -31.58 105.77 15.50
CA GLY O 97 -32.72 106.51 14.99
C GLY O 97 -33.29 107.46 16.02
N VAL O 98 -33.53 108.70 15.62
CA VAL O 98 -34.03 109.74 16.50
C VAL O 98 -35.53 109.92 16.27
N TYR O 99 -36.29 109.90 17.35
CA TYR O 99 -37.74 110.04 17.30
C TYR O 99 -38.18 110.99 18.41
N ASN O 100 -39.47 111.32 18.40
CA ASN O 100 -40.07 112.12 19.45
C ASN O 100 -40.53 111.20 20.57
N SER O 101 -40.39 111.68 21.82
CA SER O 101 -40.78 110.86 22.96
C SER O 101 -42.27 110.57 22.95
N THR O 102 -43.10 111.58 22.65
CA THR O 102 -44.54 111.36 22.62
C THR O 102 -44.95 110.40 21.52
N THR O 103 -44.35 110.55 20.34
CA THR O 103 -44.66 109.64 19.23
C THR O 103 -44.23 108.22 19.54
N LEU O 104 -43.07 108.05 20.17
CA LEU O 104 -42.64 106.72 20.57
C LEU O 104 -43.55 106.16 21.66
N ASP O 105 -44.07 107.01 22.53
CA ASP O 105 -44.97 106.55 23.58
C ASP O 105 -46.29 106.06 23.01
N ASN O 106 -46.88 106.81 22.06
CA ASN O 106 -48.13 106.42 21.45
C ASN O 106 -47.94 105.63 20.15
N LEU O 107 -46.75 105.08 19.93
CA LEU O 107 -46.47 104.19 18.81
C LEU O 107 -46.64 104.87 17.45
N ASP O 108 -46.38 106.17 17.39
CA ASP O 108 -46.41 106.88 16.12
C ASP O 108 -45.06 106.86 15.42
N TYR O 109 -43.98 107.02 16.20
CA TYR O 109 -42.62 106.94 15.69
C TYR O 109 -42.39 107.95 14.57
N THR O 110 -42.53 109.22 14.92
CA THR O 110 -42.25 110.27 13.96
C THR O 110 -40.76 110.57 13.96
N PRO O 111 -40.05 110.34 12.87
CA PRO O 111 -38.60 110.56 12.88
C PRO O 111 -38.25 112.04 12.86
N ILE O 112 -37.06 112.33 13.36
CA ILE O 112 -36.50 113.68 13.33
C ILE O 112 -35.41 113.66 12.27
N SER O 113 -35.70 114.27 11.12
CA SER O 113 -34.81 114.24 9.96
C SER O 113 -33.76 115.33 10.09
N TYR O 114 -32.68 115.01 10.80
CA TYR O 114 -31.54 115.90 10.95
C TYR O 114 -30.27 115.10 10.83
N PRO O 115 -29.19 115.70 10.33
CA PRO O 115 -27.92 114.98 10.21
C PRO O 115 -27.40 114.53 11.56
N LEU O 116 -26.76 113.37 11.57
CA LEU O 116 -26.21 112.78 12.77
C LEU O 116 -24.76 112.39 12.53
N ASP O 117 -23.95 112.50 13.59
CA ASP O 117 -22.57 112.09 13.51
C ASP O 117 -22.48 110.58 13.39
N PRO O 118 -21.40 110.06 12.82
CA PRO O 118 -21.23 108.60 12.76
C PRO O 118 -21.26 107.99 14.16
N ILE O 119 -21.91 106.84 14.27
CA ILE O 119 -22.16 106.19 15.55
C ILE O 119 -21.33 104.92 15.63
N THR O 120 -20.77 104.67 16.81
CA THR O 120 -20.02 103.45 17.08
C THR O 120 -20.94 102.46 17.78
N VAL O 121 -20.99 101.24 17.26
CA VAL O 121 -21.87 100.20 17.78
C VAL O 121 -21.01 99.02 18.22
N SER O 122 -21.41 98.40 19.32
CA SER O 122 -20.72 97.24 19.87
C SER O 122 -21.71 96.10 20.05
N TYR O 123 -21.21 94.89 19.94
CA TYR O 123 -22.05 93.69 20.04
C TYR O 123 -21.73 92.94 21.31
N SER O 124 -22.78 92.40 21.94
CA SER O 124 -22.58 91.66 23.19
C SER O 124 -21.84 90.35 22.98
N PHE O 125 -22.03 89.69 21.83
CA PHE O 125 -21.39 88.41 21.60
C PHE O 125 -19.93 88.60 21.19
N PRO O 126 -19.06 87.66 21.53
CA PRO O 126 -17.65 87.76 21.11
C PRO O 126 -17.48 87.46 19.62
N SER O 127 -16.86 88.40 18.91
CA SER O 127 -16.62 88.25 17.48
C SER O 127 -15.48 89.18 17.09
N ASP O 128 -14.88 88.90 15.93
CA ASP O 128 -13.83 89.77 15.41
C ASP O 128 -14.37 91.14 15.08
N PHE O 129 -15.56 91.20 14.48
CA PHE O 129 -16.22 92.47 14.16
C PHE O 129 -17.20 92.84 15.27
N ILE O 130 -16.66 93.01 16.47
CA ILE O 130 -17.46 93.34 17.63
C ILE O 130 -17.70 94.83 17.79
N VAL O 131 -16.86 95.67 17.18
CA VAL O 131 -16.98 97.13 17.23
C VAL O 131 -17.06 97.64 15.80
N ASP O 132 -18.26 98.03 15.38
CA ASP O 132 -18.49 98.57 14.05
C ASP O 132 -18.81 100.06 14.13
N THR O 133 -18.79 100.71 12.97
CA THR O 133 -19.11 102.12 12.84
C THR O 133 -20.09 102.32 11.70
N ILE O 134 -21.11 103.12 11.93
CA ILE O 134 -22.14 103.40 10.93
C ILE O 134 -22.22 104.91 10.74
N GLU O 135 -21.97 105.36 9.51
CA GLU O 135 -22.01 106.79 9.23
C GLU O 135 -23.45 107.31 9.21
N ARG O 136 -24.35 106.59 8.56
CA ARG O 136 -25.76 106.99 8.47
C ARG O 136 -26.61 105.92 9.12
N PRO O 137 -27.08 106.13 10.35
CA PRO O 137 -27.91 105.12 11.03
C PRO O 137 -29.19 104.82 10.26
N SER O 138 -29.35 103.56 9.87
CA SER O 138 -30.53 103.12 9.15
C SER O 138 -30.74 101.64 9.43
N LEU O 139 -31.95 101.17 9.12
CA LEU O 139 -32.29 99.77 9.33
C LEU O 139 -31.43 98.85 8.47
N SER O 140 -31.23 99.23 7.21
CA SER O 140 -30.41 98.42 6.31
C SER O 140 -28.97 98.35 6.80
N SER O 141 -28.42 99.50 7.24
CA SER O 141 -27.06 99.51 7.76
C SER O 141 -26.93 98.66 9.01
N MET O 142 -27.91 98.73 9.92
CA MET O 142 -27.87 97.91 11.11
C MET O 142 -27.95 96.43 10.78
N ARG O 143 -28.82 96.06 9.84
CA ARG O 143 -28.93 94.66 9.44
C ARG O 143 -27.65 94.16 8.80
N ALA O 144 -27.04 94.97 7.92
CA ALA O 144 -25.80 94.57 7.27
C ALA O 144 -24.66 94.44 8.27
N SER O 145 -24.59 95.37 9.23
CA SER O 145 -23.55 95.28 10.25
C SER O 145 -23.72 94.04 11.11
N VAL O 146 -24.97 93.71 11.48
CA VAL O 146 -25.22 92.50 12.25
C VAL O 146 -24.83 91.26 11.45
N PHE O 147 -25.17 91.24 10.16
CA PHE O 147 -24.83 90.10 9.31
C PHE O 147 -23.32 89.91 9.23
N LYS O 148 -22.58 91.00 8.99
CA LYS O 148 -21.13 90.90 8.88
C LYS O 148 -20.50 90.50 10.21
N ALA O 149 -21.00 91.07 11.32
CA ALA O 149 -20.43 90.76 12.63
C ALA O 149 -20.63 89.29 12.98
N MET O 150 -21.82 88.75 12.69
CA MET O 150 -22.09 87.37 13.04
C MET O 150 -21.52 86.38 12.05
N ARG O 151 -21.15 86.83 10.85
CA ARG O 151 -20.42 85.97 9.93
C ARG O 151 -18.91 86.13 10.03
N ALA O 152 -18.42 87.03 10.88
CA ALA O 152 -16.98 87.21 11.02
C ALA O 152 -16.37 86.04 11.80
N ALA O 153 -15.04 86.03 11.83
CA ALA O 153 -14.30 84.97 12.52
C ALA O 153 -14.40 85.14 14.03
N ASN O 154 -14.11 84.04 14.74
CA ASN O 154 -14.13 84.00 16.21
C ASN O 154 -15.50 84.41 16.75
N PHE O 155 -16.55 84.00 16.06
CA PHE O 155 -17.92 84.26 16.50
C PHE O 155 -18.44 83.08 17.29
N SER O 156 -19.08 83.38 18.43
CA SER O 156 -19.62 82.35 19.30
C SER O 156 -21.00 82.78 19.75
N GLY O 157 -22.01 82.00 19.37
CA GLY O 157 -23.36 82.19 19.86
C GLY O 157 -23.65 81.24 20.99
N GLU O 158 -22.57 80.68 21.57
CA GLU O 158 -22.72 79.67 22.61
C GLU O 158 -23.36 80.26 23.86
N GLN O 159 -22.99 81.49 24.22
CA GLN O 159 -23.49 82.12 25.43
C GLN O 159 -24.56 83.15 25.07
N SER O 160 -25.69 83.08 25.74
CA SER O 160 -26.77 84.04 25.56
C SER O 160 -26.68 85.12 26.62
N LEU O 161 -27.68 86.01 26.64
CA LEU O 161 -27.70 87.13 27.57
C LEU O 161 -28.77 86.98 28.63
N ALA O 162 -29.98 86.58 28.27
CA ALA O 162 -31.01 86.41 29.28
C ALA O 162 -31.97 85.31 28.86
N PHE O 163 -32.64 84.73 29.85
CA PHE O 163 -33.59 83.66 29.59
C PHE O 163 -34.63 83.68 30.71
N ASP O 164 -35.84 84.11 30.39
CA ASP O 164 -36.96 84.17 31.32
C ASP O 164 -37.97 83.10 30.97
N TYR O 165 -38.39 82.33 31.96
CA TYR O 165 -39.38 81.29 31.79
C TYR O 165 -40.45 81.41 32.86
N ASN O 166 -41.68 81.06 32.50
CA ASN O 166 -42.80 81.13 33.44
C ASN O 166 -43.88 80.18 32.97
N ILE O 167 -44.32 79.29 33.86
CA ILE O 167 -45.39 78.35 33.53
C ILE O 167 -46.38 78.33 34.69
N LYS O 168 -47.66 78.18 34.35
CA LYS O 168 -48.73 78.12 35.33
C LYS O 168 -49.66 76.99 34.92
N GLN O 169 -49.71 75.94 35.72
CA GLN O 169 -50.57 74.79 35.49
C GLN O 169 -51.66 74.75 36.55
N PHE O 170 -52.90 74.58 36.12
CA PHE O 170 -54.04 74.54 37.02
C PHE O 170 -55.00 73.47 36.54
N SER O 171 -55.67 72.82 37.50
CA SER O 171 -56.59 71.73 37.15
C SER O 171 -57.63 71.62 38.27
N TYR O 172 -58.88 71.92 37.93
CA TYR O 172 -60.00 71.73 38.83
C TYR O 172 -60.65 70.37 38.58
N TYR O 173 -61.46 69.94 39.55
CA TYR O 173 -62.20 68.69 39.45
C TYR O 173 -63.46 68.81 40.29
N SER O 174 -64.53 68.17 39.85
CA SER O 174 -65.78 68.16 40.59
C SER O 174 -66.53 66.88 40.27
N GLU O 175 -67.11 66.26 41.29
CA GLU O 175 -67.82 65.00 41.12
C GLU O 175 -68.96 64.91 42.12
N LEU O 176 -70.18 64.78 41.61
CA LEU O 176 -71.39 64.59 42.41
C LEU O 176 -72.01 63.26 42.03
N LYS O 177 -72.43 62.50 43.03
CA LYS O 177 -72.99 61.15 42.86
C LYS O 177 -74.28 61.00 43.66
N ILE O 178 -75.18 61.96 43.51
CA ILE O 178 -76.42 61.94 44.29
C ILE O 178 -77.28 60.76 43.87
N ALA O 179 -77.79 60.03 44.86
CA ALA O 179 -78.64 58.87 44.59
C ALA O 179 -79.82 58.89 45.56
N PHE O 180 -80.91 58.24 45.14
CA PHE O 180 -82.12 58.18 45.95
C PHE O 180 -82.77 56.80 45.85
N ILE O 194 -89.71 53.67 42.96
CA ILE O 194 -89.16 54.99 42.68
C ILE O 194 -87.68 55.02 43.01
N SER O 195 -86.86 55.42 42.04
CA SER O 195 -85.42 55.51 42.20
C SER O 195 -84.95 56.83 41.58
N GLY O 196 -83.63 56.98 41.47
CA GLY O 196 -83.07 58.18 40.90
C GLY O 196 -81.59 58.34 41.16
N SER O 197 -80.85 58.79 40.14
CA SER O 197 -79.42 59.00 40.27
C SER O 197 -79.01 60.21 39.45
N ASN O 198 -77.98 60.91 39.93
CA ASN O 198 -77.45 62.10 39.29
C ASN O 198 -75.93 62.09 39.47
N ASN O 199 -75.22 61.81 38.38
CA ASN O 199 -73.77 61.79 38.36
C ASN O 199 -73.27 62.96 37.51
N LYS O 200 -72.61 63.91 38.16
CA LYS O 200 -72.07 65.10 37.52
C LYS O 200 -70.55 65.12 37.66
N ILE O 201 -69.86 65.30 36.55
CA ILE O 201 -68.40 65.35 36.53
C ILE O 201 -67.98 66.62 35.80
N LYS O 202 -67.07 67.38 36.41
CA LYS O 202 -66.56 68.62 35.82
C LYS O 202 -65.04 68.63 35.90
N ARG O 203 -64.40 69.01 34.80
CA ARG O 203 -62.96 69.10 34.73
C ARG O 203 -62.58 70.38 34.00
N THR O 204 -61.50 71.02 34.45
CA THR O 204 -61.03 72.25 33.83
C THR O 204 -59.52 72.32 34.01
N THR O 205 -58.79 72.17 32.91
CA THR O 205 -57.33 72.17 32.93
C THR O 205 -56.79 73.34 32.12
N GLY O 206 -55.72 73.96 32.61
CA GLY O 206 -55.11 75.07 31.92
C GLY O 206 -53.64 75.23 32.16
N VAL O 207 -52.87 75.34 31.08
CA VAL O 207 -51.42 75.54 31.13
C VAL O 207 -51.10 76.82 30.36
N PHE O 208 -50.50 77.79 31.04
CA PHE O 208 -50.08 79.04 30.41
C PHE O 208 -48.57 79.17 30.56
N ALA O 209 -47.87 79.38 29.46
CA ALA O 209 -46.42 79.44 29.49
C ALA O 209 -45.92 80.64 28.70
N LYS O 210 -44.99 81.38 29.28
CA LYS O 210 -44.33 82.50 28.63
C LYS O 210 -42.83 82.32 28.75
N PHE O 211 -42.12 82.54 27.65
CA PHE O 211 -40.67 82.38 27.62
C PHE O 211 -40.08 83.46 26.73
N THR O 212 -38.97 84.03 27.17
CA THR O 212 -38.21 84.98 26.37
C THR O 212 -36.74 84.65 26.49
N GLN O 213 -36.01 84.84 25.40
CA GLN O 213 -34.57 84.63 25.40
C GLN O 213 -33.94 85.83 24.72
N LYS O 214 -32.90 86.38 25.34
CA LYS O 214 -32.16 87.51 24.79
C LYS O 214 -30.81 86.96 24.35
N ASN O 215 -30.69 86.69 23.05
CA ASN O 215 -29.47 86.17 22.48
C ASN O 215 -28.32 87.17 22.59
N PHE O 216 -28.57 88.41 22.16
CA PHE O 216 -27.51 89.42 22.25
C PHE O 216 -28.14 90.79 22.06
N THR O 217 -27.32 91.82 22.27
CA THR O 217 -27.73 93.19 21.98
C THR O 217 -26.63 93.92 21.25
N ILE O 218 -27.05 94.87 20.43
CA ILE O 218 -26.15 95.83 19.79
C ILE O 218 -26.38 97.17 20.47
N ASP O 219 -25.30 97.74 21.00
CA ASP O 219 -25.35 98.95 21.80
C ASP O 219 -24.65 100.09 21.07
N MET O 220 -25.02 101.31 21.41
CA MET O 220 -24.49 102.51 20.80
C MET O 220 -23.64 103.26 21.81
N ASP O 221 -22.47 103.72 21.37
CA ASP O 221 -21.58 104.48 22.24
C ASP O 221 -22.06 105.91 22.40
N LEU O 222 -21.75 106.48 23.56
CA LEU O 222 -22.09 107.88 23.80
C LEU O 222 -21.26 108.77 22.88
N PRO O 223 -21.84 109.85 22.35
CA PRO O 223 -21.08 110.72 21.45
C PRO O 223 -19.88 111.35 22.13
N ALA O 224 -18.79 111.48 21.37
CA ALA O 224 -17.60 112.15 21.90
C ALA O 224 -17.86 113.62 22.17
N ASP O 225 -18.59 114.29 21.27
CA ASP O 225 -18.93 115.69 21.43
C ASP O 225 -20.03 115.91 22.47
N GLY O 226 -20.73 114.85 22.87
CA GLY O 226 -21.81 114.96 23.82
C GLY O 226 -23.16 115.16 23.18
N ASN O 227 -23.22 115.33 21.85
CA ASN O 227 -24.47 115.49 21.12
C ASN O 227 -24.44 114.57 19.91
N ILE O 228 -25.58 113.89 19.68
CA ILE O 228 -25.66 112.97 18.54
C ILE O 228 -25.72 113.72 17.22
N PHE O 229 -26.20 114.96 17.23
CA PHE O 229 -26.35 115.72 16.01
C PHE O 229 -25.01 116.23 15.50
N LYS O 230 -24.85 116.20 14.17
CA LYS O 230 -23.61 116.65 13.56
C LYS O 230 -23.43 118.17 13.66
N ASN O 231 -24.50 118.93 13.37
CA ASN O 231 -24.38 120.38 13.38
C ASN O 231 -24.34 120.96 14.79
N ASN O 232 -24.82 120.22 15.79
CA ASN O 232 -24.88 120.60 17.20
C ASN O 232 -25.86 121.73 17.47
N SER O 233 -26.50 122.28 16.44
CA SER O 233 -27.56 123.27 16.63
C SER O 233 -28.94 122.67 16.47
N ASP O 234 -29.03 121.47 15.88
CA ASP O 234 -30.32 120.80 15.76
C ASP O 234 -30.90 120.47 17.13
N LEU O 235 -30.04 120.29 18.14
CA LEU O 235 -30.55 120.03 19.48
C LEU O 235 -31.39 121.21 19.98
N ALA O 236 -30.92 122.44 19.73
CA ALA O 236 -31.73 123.61 20.04
C ALA O 236 -32.86 123.80 19.04
N LEU O 237 -32.70 123.29 17.82
CA LEU O 237 -33.76 123.42 16.81
C LEU O 237 -35.00 122.62 17.19
N THR O 238 -34.81 121.42 17.74
CA THR O 238 -35.92 120.56 18.12
C THR O 238 -36.38 120.77 19.56
N ASN O 239 -36.21 121.97 20.12
CA ASN O 239 -36.76 122.25 21.43
C ASN O 239 -38.28 122.10 21.41
N GLY O 240 -38.80 121.36 22.39
CA GLY O 240 -40.21 121.02 22.42
C GLY O 240 -40.58 119.78 21.65
N LYS O 241 -39.67 119.22 20.86
CA LYS O 241 -39.93 117.99 20.12
C LYS O 241 -39.47 116.75 20.87
N ASN O 242 -38.85 116.92 22.04
CA ASN O 242 -38.37 115.82 22.88
C ASN O 242 -37.51 114.86 22.07
N PRO O 243 -36.29 115.24 21.68
CA PRO O 243 -35.47 114.36 20.86
C PRO O 243 -34.96 113.17 21.67
N VAL O 244 -35.27 111.97 21.19
CA VAL O 244 -34.87 110.73 21.83
C VAL O 244 -34.40 109.78 20.74
N TYR O 245 -33.25 109.15 20.97
CA TYR O 245 -32.65 108.26 19.98
C TYR O 245 -32.46 106.87 20.57
N ILE O 246 -32.74 105.84 19.78
CA ILE O 246 -32.54 104.48 20.24
C ILE O 246 -31.05 104.18 20.28
N SER O 247 -30.59 103.62 21.40
CA SER O 247 -29.19 103.33 21.61
C SER O 247 -28.89 101.86 21.86
N SER O 248 -29.89 101.00 21.86
CA SER O 248 -29.65 99.58 22.11
C SER O 248 -30.79 98.77 21.50
N VAL O 249 -30.43 97.70 20.81
CA VAL O 249 -31.40 96.78 20.21
C VAL O 249 -31.09 95.36 20.65
N THR O 250 -32.09 94.67 21.18
CA THR O 250 -31.92 93.31 21.69
C THR O 250 -32.48 92.31 20.69
N TYR O 251 -31.65 91.35 20.28
CA TYR O 251 -32.04 90.25 19.41
C TYR O 251 -32.26 89.00 20.25
N GLY O 252 -33.40 88.35 20.04
CA GLY O 252 -33.74 87.17 20.79
C GLY O 252 -35.01 86.53 20.27
N ARG O 253 -35.60 85.66 21.10
CA ARG O 253 -36.80 84.92 20.74
C ARG O 253 -37.86 85.11 21.81
N LEU O 254 -39.12 85.01 21.39
CA LEU O 254 -40.28 85.12 22.26
C LEU O 254 -41.19 83.92 22.03
N GLY O 255 -41.88 83.49 23.09
CA GLY O 255 -42.82 82.39 22.96
C GLY O 255 -43.90 82.38 24.01
N ILE O 256 -45.16 82.31 23.60
CA ILE O 256 -46.29 82.25 24.52
C ILE O 256 -47.20 81.11 24.10
N ILE O 257 -47.62 80.29 25.05
CA ILE O 257 -48.56 79.22 24.78
C ILE O 257 -49.65 79.25 25.85
N SER O 258 -50.82 78.75 25.49
CA SER O 258 -51.96 78.73 26.39
C SER O 258 -52.88 77.60 25.97
N ILE O 259 -52.98 76.55 26.78
CA ILE O 259 -53.80 75.39 26.51
C ILE O 259 -54.88 75.32 27.58
N GLU O 260 -56.14 75.25 27.15
CA GLU O 260 -57.28 75.15 28.04
C GLU O 260 -58.14 73.97 27.63
N SER O 261 -58.78 73.36 28.62
CA SER O 261 -59.65 72.21 28.37
C SER O 261 -60.76 72.17 29.40
N ASN O 262 -61.95 71.82 28.96
CA ASN O 262 -63.12 71.72 29.82
C ASN O 262 -63.87 70.44 29.50
N ALA O 263 -64.37 69.78 30.55
CA ALA O 263 -65.11 68.54 30.40
C ALA O 263 -66.30 68.55 31.34
N SER O 264 -67.46 68.11 30.85
CA SER O 264 -68.69 68.06 31.63
C SER O 264 -69.43 66.77 31.34
N TYR O 265 -69.94 66.14 32.39
CA TYR O 265 -70.70 64.89 32.32
C TYR O 265 -71.92 65.02 33.22
N ASN O 266 -73.10 64.72 32.69
CA ASN O 266 -74.36 65.01 33.36
C ASN O 266 -75.31 63.82 33.32
N GLU O 267 -74.83 62.63 33.71
CA GLU O 267 -75.67 61.45 33.70
C GLU O 267 -76.81 61.57 34.73
N VAL O 268 -78.02 61.26 34.29
CA VAL O 268 -79.21 61.29 35.15
C VAL O 268 -80.04 60.05 34.85
N ASN O 269 -80.40 59.31 35.89
CA ASN O 269 -81.22 58.12 35.76
C ASN O 269 -82.46 58.23 36.64
N PHE O 270 -83.57 57.65 36.18
CA PHE O 270 -84.82 57.67 36.93
C PHE O 270 -85.64 56.44 36.58
N ALA O 271 -86.19 55.79 37.61
CA ALA O 271 -87.01 54.61 37.40
C ALA O 271 -88.22 54.67 38.33
N LEU O 272 -89.33 54.10 37.89
CA LEU O 272 -90.56 54.04 38.66
C LEU O 272 -91.14 52.62 38.59
N LYS O 273 -90.29 51.63 38.87
CA LYS O 273 -90.73 50.24 38.84
C LYS O 273 -91.59 49.91 40.05
N LEU O 285 -96.60 49.41 35.88
CA LEU O 285 -95.87 50.59 35.42
C LEU O 285 -94.36 50.36 35.54
N ASN O 286 -93.65 50.61 34.44
CA ASN O 286 -92.21 50.44 34.35
C ASN O 286 -91.57 51.65 33.69
N ILE O 287 -91.93 52.85 34.17
CA ILE O 287 -91.43 54.08 33.59
C ILE O 287 -89.93 54.19 33.86
N ASP O 288 -89.16 54.46 32.80
CA ASP O 288 -87.71 54.62 32.89
C ASP O 288 -87.30 55.88 32.14
N SER O 289 -86.21 56.50 32.59
CA SER O 289 -85.72 57.72 31.98
C SER O 289 -84.22 57.81 32.19
N ASN O 290 -83.52 58.27 31.16
CA ASN O 290 -82.08 58.44 31.21
C ASN O 290 -81.69 59.67 30.40
N SER O 291 -80.71 60.41 30.90
CA SER O 291 -80.25 61.63 30.25
C SER O 291 -78.74 61.72 30.40
N LYS O 292 -78.00 61.56 29.31
CA LYS O 292 -76.55 61.63 29.31
C LYS O 292 -76.10 62.84 28.50
N LYS O 293 -75.21 63.64 29.06
CA LYS O 293 -74.70 64.83 28.39
C LYS O 293 -73.22 64.94 28.65
N ILE O 294 -72.42 64.87 27.58
CA ILE O 294 -70.97 65.01 27.65
C ILE O 294 -70.58 66.21 26.80
N LEU O 295 -69.90 67.16 27.41
CA LEU O 295 -69.44 68.38 26.74
C LEU O 295 -67.93 68.49 26.90
N GLU O 296 -67.21 68.56 25.79
CA GLU O 296 -65.77 68.67 25.81
C GLU O 296 -65.35 69.88 24.98
N GLU O 297 -64.54 70.76 25.56
CA GLU O 297 -64.03 71.92 24.88
C GLU O 297 -62.52 71.99 25.04
N SER O 298 -61.84 72.46 24.01
CA SER O 298 -60.38 72.55 24.02
C SER O 298 -59.96 73.84 23.33
N ASP O 299 -58.78 74.33 23.71
CA ASP O 299 -58.23 75.55 23.13
C ASP O 299 -56.72 75.52 23.26
N LEU O 300 -56.02 76.06 22.27
CA LEU O 300 -54.56 76.07 22.27
C LEU O 300 -54.09 77.23 21.41
N SER O 301 -53.59 78.28 22.05
CA SER O 301 -53.10 79.47 21.37
C SER O 301 -51.59 79.58 21.53
N VAL O 302 -50.88 79.73 20.42
CA VAL O 302 -49.42 79.83 20.41
C VAL O 302 -49.03 81.11 19.69
N TYR O 303 -47.99 81.77 20.20
CA TYR O 303 -47.44 83.00 19.61
C TYR O 303 -45.93 82.96 19.75
N LEU O 304 -45.22 82.74 18.64
CA LEU O 304 -43.76 82.67 18.64
C LEU O 304 -43.18 83.80 17.81
N VAL O 305 -42.11 84.40 18.31
CA VAL O 305 -41.39 85.47 17.63
C VAL O 305 -39.95 85.03 17.48
N GLY O 306 -39.56 84.69 16.27
CA GLY O 306 -38.21 84.25 15.99
C GLY O 306 -38.01 82.78 16.28
N GLY O 307 -36.76 82.37 16.23
CA GLY O 307 -36.41 80.98 16.42
C GLY O 307 -36.39 80.18 15.13
N ARG O 308 -35.98 78.93 15.27
CA ARG O 308 -35.92 78.03 14.12
C ARG O 308 -37.33 77.73 13.62
N GLY O 309 -37.53 77.84 12.31
CA GLY O 309 -38.84 77.62 11.73
C GLY O 309 -39.31 76.18 11.88
N THR O 310 -38.41 75.22 11.68
CA THR O 310 -38.78 73.82 11.78
C THR O 310 -39.26 73.46 13.18
N ASP O 311 -38.58 73.95 14.21
CA ASP O 311 -39.03 73.71 15.57
C ASP O 311 -40.25 74.55 15.91
N ALA O 312 -40.38 75.73 15.31
CA ALA O 312 -41.51 76.59 15.61
C ALA O 312 -42.81 76.01 15.11
N VAL O 313 -42.80 75.38 13.92
CA VAL O 313 -44.04 74.83 13.38
C VAL O 313 -44.46 73.54 14.05
N GLN O 314 -43.61 72.96 14.89
CA GLN O 314 -43.93 71.73 15.60
C GLN O 314 -44.65 71.97 16.91
N VAL O 315 -44.86 73.23 17.30
CA VAL O 315 -45.52 73.54 18.56
C VAL O 315 -47.02 73.27 18.45
N ILE O 316 -47.47 72.90 17.26
CA ILE O 316 -48.89 72.62 17.08
C ILE O 316 -49.31 71.33 17.76
N LYS O 317 -48.35 70.50 18.15
CA LYS O 317 -48.65 69.20 18.76
C LYS O 317 -48.65 69.30 20.28
N GLY O 318 -49.55 70.16 20.79
CA GLY O 318 -49.70 70.32 22.23
C GLY O 318 -48.48 70.93 22.90
N PHE O 319 -48.31 70.61 24.17
CA PHE O 319 -47.14 71.06 24.94
C PHE O 319 -45.96 70.11 24.78
N ALA O 320 -45.63 69.80 23.55
CA ALA O 320 -44.46 69.01 23.22
C ALA O 320 -43.55 69.76 22.26
N GLY O 321 -44.15 70.43 21.26
CA GLY O 321 -43.39 71.30 20.41
C GLY O 321 -42.88 72.50 21.16
N PHE O 322 -43.70 73.05 22.07
CA PHE O 322 -43.23 74.11 22.95
C PHE O 322 -42.54 73.48 24.15
N SER O 323 -41.72 72.48 23.89
CA SER O 323 -40.73 71.95 24.81
C SER O 323 -39.42 71.61 24.12
N ASN O 324 -39.43 71.52 22.79
CA ASN O 324 -38.22 71.39 21.99
C ASN O 324 -37.91 72.64 21.22
N PHE O 325 -38.90 73.49 20.94
CA PHE O 325 -38.62 74.77 20.31
C PHE O 325 -37.69 75.60 21.18
N ILE O 326 -37.74 75.38 22.49
CA ILE O 326 -36.88 76.09 23.42
C ILE O 326 -35.53 75.40 23.57
N VAL O 327 -35.52 74.08 23.70
CA VAL O 327 -34.27 73.36 23.98
C VAL O 327 -33.43 73.11 22.74
N ASN O 328 -33.99 73.31 21.54
CA ASN O 328 -33.24 73.15 20.30
C ASN O 328 -32.76 74.46 19.72
N GLY O 329 -32.90 75.56 20.45
CA GLY O 329 -32.45 76.85 19.96
C GLY O 329 -31.77 77.69 21.00
N GLY O 330 -31.19 77.03 22.02
CA GLY O 330 -30.50 77.78 23.06
C GLY O 330 -29.28 78.53 22.55
N GLN O 331 -28.48 77.89 21.70
CA GLN O 331 -27.33 78.53 21.10
C GLN O 331 -27.75 79.15 19.76
N PHE O 332 -27.58 80.46 19.62
CA PHE O 332 -27.97 81.13 18.40
C PHE O 332 -26.84 81.07 17.39
N THR O 333 -27.16 80.58 16.21
CA THR O 333 -26.27 80.36 15.09
C THR O 333 -26.35 81.53 14.14
N PRO O 334 -25.34 81.77 13.29
CA PRO O 334 -25.48 82.86 12.33
C PRO O 334 -26.55 82.62 11.28
N GLU O 335 -26.99 81.37 11.10
CA GLU O 335 -28.18 81.11 10.29
C GLU O 335 -29.46 81.52 10.99
N ALA O 336 -29.46 81.63 12.32
CA ALA O 336 -30.63 82.02 13.09
C ALA O 336 -30.20 83.12 14.06
N PRO O 337 -30.01 84.34 13.55
CA PRO O 337 -29.52 85.42 14.41
C PRO O 337 -30.46 85.85 15.51
N GLY O 338 -31.75 85.59 15.36
CA GLY O 338 -32.74 86.08 16.30
C GLY O 338 -33.47 87.29 15.75
N VAL O 339 -34.47 87.73 16.49
CA VAL O 339 -35.34 88.82 16.06
C VAL O 339 -35.24 89.97 17.05
N PRO O 340 -35.17 91.22 16.60
CA PRO O 340 -35.21 92.34 17.54
C PRO O 340 -36.50 92.31 18.34
N ILE O 341 -36.37 92.11 19.65
CA ILE O 341 -37.52 91.95 20.53
C ILE O 341 -37.63 93.13 21.51
N TYR O 342 -36.51 93.66 21.97
CA TYR O 342 -36.51 94.78 22.89
C TYR O 342 -35.52 95.83 22.41
N PHE O 343 -35.77 97.08 22.82
CA PHE O 343 -34.85 98.15 22.47
C PHE O 343 -34.90 99.20 23.57
N SER O 344 -33.83 99.98 23.66
CA SER O 344 -33.71 101.02 24.66
C SER O 344 -33.34 102.33 23.98
N ALA O 345 -33.85 103.42 24.52
CA ALA O 345 -33.63 104.74 23.95
C ALA O 345 -33.14 105.69 25.03
N SER O 346 -32.47 106.75 24.60
CA SER O 346 -31.92 107.74 25.49
C SER O 346 -32.21 109.13 24.96
N HIS O 347 -32.29 110.09 25.89
CA HIS O 347 -32.53 111.47 25.53
C HIS O 347 -31.34 112.05 24.75
N ALA O 348 -31.63 112.95 23.83
CA ALA O 348 -30.59 113.59 23.04
C ALA O 348 -30.05 114.86 23.67
N SER O 349 -30.68 115.35 24.75
CA SER O 349 -30.22 116.58 25.38
C SER O 349 -29.06 116.31 26.33
N ASP O 350 -29.29 115.52 27.37
CA ASP O 350 -28.26 115.21 28.36
C ASP O 350 -27.75 113.78 28.23
N ASN O 351 -28.14 113.06 27.18
CA ASN O 351 -27.72 111.68 26.95
C ASN O 351 -28.13 110.77 28.11
N SER O 352 -29.22 111.12 28.79
CA SER O 352 -29.72 110.34 29.92
C SER O 352 -30.62 109.22 29.42
N VAL O 353 -30.86 108.25 30.30
CA VAL O 353 -31.69 107.11 29.95
C VAL O 353 -33.15 107.54 29.88
N TYR O 354 -33.81 107.22 28.77
CA TYR O 354 -35.20 107.58 28.56
C TYR O 354 -36.10 106.50 29.14
N TYR O 355 -37.06 106.91 29.97
CA TYR O 355 -38.00 106.00 30.59
C TYR O 355 -39.40 106.32 30.08
N THR O 356 -40.10 105.30 29.60
CA THR O 356 -41.44 105.43 29.08
C THR O 356 -42.44 104.81 30.05
N THR O 357 -43.65 105.36 30.05
CA THR O 357 -44.71 104.86 30.93
C THR O 357 -45.76 104.07 30.15
N THR P 81 -57.55 100.47 15.36
CA THR P 81 -56.33 100.86 14.67
C THR P 81 -55.29 99.74 14.70
N SER P 82 -54.71 99.46 13.54
CA SER P 82 -53.70 98.40 13.41
C SER P 82 -52.53 98.92 12.59
N ASP P 83 -51.35 98.35 12.85
CA ASP P 83 -50.14 98.72 12.15
C ASP P 83 -49.93 97.92 10.88
N GLN P 84 -50.30 96.64 10.90
CA GLN P 84 -50.14 95.75 9.76
C GLN P 84 -51.49 95.53 9.10
N ILE P 85 -51.53 95.67 7.78
CA ILE P 85 -52.75 95.52 6.99
C ILE P 85 -52.62 94.26 6.17
N VAL P 86 -53.67 93.43 6.20
CA VAL P 86 -53.70 92.20 5.42
C VAL P 86 -53.73 92.53 3.94
N VAL P 87 -52.94 91.80 3.15
CA VAL P 87 -52.85 92.08 1.73
C VAL P 87 -54.15 91.65 1.06
N THR P 88 -54.82 92.58 0.40
CA THR P 88 -56.03 92.30 -0.34
C THR P 88 -55.87 92.48 -1.84
N VAL P 89 -54.98 93.38 -2.27
CA VAL P 89 -54.70 93.60 -3.68
C VAL P 89 -53.21 93.35 -3.89
N PRO P 90 -52.82 92.12 -4.23
CA PRO P 90 -51.39 91.82 -4.42
C PRO P 90 -50.75 92.64 -5.52
N GLN P 91 -51.50 93.03 -6.55
CA GLN P 91 -50.94 93.84 -7.62
C GLN P 91 -50.48 95.19 -7.11
N LYS P 92 -51.28 95.84 -6.27
CA LYS P 92 -50.95 97.16 -5.77
C LYS P 92 -50.17 97.13 -4.46
N THR P 93 -49.99 95.96 -3.86
CA THR P 93 -49.27 95.84 -2.59
C THR P 93 -47.81 95.54 -2.89
N PHE P 94 -47.06 96.61 -3.15
CA PHE P 94 -45.62 96.51 -3.34
C PHE P 94 -44.95 97.63 -2.57
N ILE P 95 -43.69 97.40 -2.19
CA ILE P 95 -42.97 98.38 -1.40
C ILE P 95 -42.68 99.62 -2.24
N GLY P 96 -42.69 100.78 -1.59
CA GLY P 96 -42.42 102.03 -2.28
C GLY P 96 -43.58 102.62 -3.04
N GLY P 97 -44.77 102.04 -2.96
CA GLY P 97 -45.92 102.55 -3.67
C GLY P 97 -46.70 103.54 -2.83
N VAL P 98 -47.04 104.68 -3.44
CA VAL P 98 -47.73 105.77 -2.77
C VAL P 98 -49.21 105.73 -3.15
N TYR P 99 -50.08 105.74 -2.15
CA TYR P 99 -51.52 105.70 -2.34
C TYR P 99 -52.18 106.72 -1.43
N ASN P 100 -53.48 106.89 -1.60
CA ASN P 100 -54.28 107.74 -0.74
C ASN P 100 -54.74 106.93 0.47
N SER P 101 -54.80 107.58 1.62
CA SER P 101 -55.21 106.88 2.84
C SER P 101 -56.65 106.40 2.74
N THR P 102 -57.55 107.25 2.23
CA THR P 102 -58.95 106.86 2.11
C THR P 102 -59.12 105.71 1.12
N THR P 103 -58.42 105.77 -0.01
CA THR P 103 -58.52 104.69 -0.99
C THR P 103 -57.96 103.38 -0.44
N LEU P 104 -56.86 103.46 0.30
CA LEU P 104 -56.32 102.25 0.93
C LEU P 104 -57.27 101.73 2.00
N ASP P 105 -57.98 102.62 2.69
CA ASP P 105 -58.93 102.20 3.72
C ASP P 105 -60.13 101.47 3.11
N ASN P 106 -60.67 102.01 2.02
CA ASN P 106 -61.82 101.38 1.36
C ASN P 106 -61.40 100.46 0.21
N LEU P 107 -60.14 100.05 0.17
CA LEU P 107 -59.64 99.05 -0.77
C LEU P 107 -59.75 99.51 -2.22
N ASP P 108 -59.62 100.82 -2.45
CA ASP P 108 -59.60 101.33 -3.81
C ASP P 108 -58.20 101.39 -4.38
N TYR P 109 -57.23 101.79 -3.54
CA TYR P 109 -55.81 101.82 -3.90
C TYR P 109 -55.58 102.70 -5.13
N THR P 110 -55.91 103.97 -4.99
CA THR P 110 -55.65 104.91 -6.07
C THR P 110 -54.21 105.39 -5.97
N PRO P 111 -53.37 105.10 -6.96
CA PRO P 111 -51.96 105.51 -6.86
C PRO P 111 -51.79 107.00 -7.05
N ILE P 112 -50.69 107.51 -6.51
CA ILE P 112 -50.29 108.90 -6.69
C ILE P 112 -49.10 108.88 -7.62
N SER P 113 -49.33 109.28 -8.87
CA SER P 113 -48.32 109.20 -9.93
C SER P 113 -47.42 110.42 -9.87
N TYR P 114 -46.40 110.35 -9.03
CA TYR P 114 -45.40 111.39 -8.91
C TYR P 114 -44.02 110.74 -8.80
N PRO P 115 -42.99 111.41 -9.29
CA PRO P 115 -41.64 110.85 -9.19
C PRO P 115 -41.21 110.65 -7.74
N LEU P 116 -40.45 109.59 -7.51
CA LEU P 116 -39.96 109.24 -6.18
C LEU P 116 -38.45 109.00 -6.25
N ASP P 117 -37.78 109.36 -5.16
CA ASP P 117 -36.36 109.13 -5.05
C ASP P 117 -36.09 107.63 -4.94
N PRO P 118 -34.91 107.18 -5.32
CA PRO P 118 -34.57 105.76 -5.16
C PRO P 118 -34.67 105.35 -3.70
N ILE P 119 -35.20 104.15 -3.47
CA ILE P 119 -35.50 103.66 -2.14
C ILE P 119 -34.56 102.52 -1.80
N THR P 120 -34.09 102.50 -0.55
CA THR P 120 -33.24 101.44 -0.04
C THR P 120 -34.12 100.43 0.71
N VAL P 121 -33.98 99.16 0.37
CA VAL P 121 -34.78 98.09 0.96
C VAL P 121 -33.85 97.10 1.64
N SER P 122 -34.28 96.59 2.79
CA SER P 122 -33.52 95.62 3.55
C SER P 122 -34.39 94.40 3.81
N TYR P 123 -33.75 93.24 3.92
CA TYR P 123 -34.46 91.98 4.11
C TYR P 123 -34.19 91.45 5.52
N SER P 124 -35.24 90.87 6.13
CA SER P 124 -35.09 90.34 7.47
C SER P 124 -34.18 89.11 7.53
N PHE P 125 -34.19 88.29 6.47
CA PHE P 125 -33.38 87.09 6.48
C PHE P 125 -31.91 87.40 6.17
N PRO P 126 -30.97 86.63 6.73
CA PRO P 126 -29.56 86.85 6.43
C PRO P 126 -29.21 86.38 5.01
N SER P 127 -28.63 87.28 4.24
CA SER P 127 -28.20 86.98 2.87
C SER P 127 -27.15 87.98 2.45
N ASP P 128 -26.41 87.63 1.39
CA ASP P 128 -25.41 88.54 0.85
C ASP P 128 -26.07 89.78 0.28
N PHE P 129 -27.18 89.61 -0.43
CA PHE P 129 -27.94 90.73 -0.98
C PHE P 129 -29.07 91.12 -0.03
N ILE P 130 -28.67 91.52 1.17
CA ILE P 130 -29.63 91.89 2.21
C ILE P 130 -30.05 93.35 2.12
N VAL P 131 -29.26 94.20 1.47
CA VAL P 131 -29.54 95.62 1.29
C VAL P 131 -29.53 95.91 -0.19
N ASP P 132 -30.71 96.10 -0.78
CA ASP P 132 -30.86 96.42 -2.19
C ASP P 132 -31.37 97.85 -2.35
N THR P 133 -31.29 98.34 -3.59
CA THR P 133 -31.75 99.67 -3.94
C THR P 133 -32.62 99.59 -5.18
N ILE P 134 -33.75 100.29 -5.17
CA ILE P 134 -34.69 100.29 -6.28
C ILE P 134 -34.91 101.73 -6.69
N GLU P 135 -34.59 102.05 -7.96
CA GLU P 135 -34.77 103.41 -8.45
C GLU P 135 -36.24 103.74 -8.66
N ARG P 136 -36.99 102.83 -9.27
CA ARG P 136 -38.41 103.02 -9.54
C ARG P 136 -39.20 101.96 -8.82
N PRO P 137 -39.82 102.27 -7.69
CA PRO P 137 -40.60 101.26 -6.94
C PRO P 137 -41.75 100.71 -7.78
N SER P 138 -41.72 99.39 -7.97
CA SER P 138 -42.76 98.70 -8.74
C SER P 138 -42.83 97.26 -8.26
N LEU P 139 -43.95 96.62 -8.60
CA LEU P 139 -44.14 95.22 -8.21
C LEU P 139 -43.10 94.32 -8.87
N SER P 140 -42.80 94.54 -10.15
CA SER P 140 -41.81 93.72 -10.83
C SER P 140 -40.44 93.91 -10.22
N SER P 141 -40.07 95.16 -9.90
CA SER P 141 -38.78 95.41 -9.27
C SER P 141 -38.69 94.77 -7.90
N MET P 142 -39.76 94.85 -7.11
CA MET P 142 -39.75 94.20 -5.80
C MET P 142 -39.62 92.68 -5.92
N ARG P 143 -40.35 92.08 -6.87
CA ARG P 143 -40.26 90.64 -7.07
C ARG P 143 -38.86 90.23 -7.52
N ALA P 144 -38.27 90.98 -8.45
CA ALA P 144 -36.93 90.66 -8.92
C ALA P 144 -35.90 90.81 -7.82
N SER P 145 -36.02 91.85 -7.00
CA SER P 145 -35.10 92.04 -5.89
C SER P 145 -35.22 90.91 -4.88
N VAL P 146 -36.45 90.47 -4.58
CA VAL P 146 -36.64 89.36 -3.66
C VAL P 146 -36.03 88.09 -4.23
N PHE P 147 -36.23 87.85 -5.53
CA PHE P 147 -35.68 86.65 -6.17
C PHE P 147 -34.16 86.65 -6.10
N LYS P 148 -33.52 87.77 -6.43
CA LYS P 148 -32.06 87.86 -6.39
C LYS P 148 -31.54 87.72 -4.97
N ALA P 149 -32.20 88.37 -4.00
CA ALA P 149 -31.76 88.30 -2.61
C ALA P 149 -31.82 86.89 -2.08
N MET P 150 -32.91 86.17 -2.38
CA MET P 150 -33.06 84.82 -1.86
C MET P 150 -32.28 83.79 -2.65
N ARG P 151 -31.83 84.12 -3.86
CA ARG P 151 -30.92 83.24 -4.59
C ARG P 151 -29.45 83.60 -4.37
N ALA P 152 -29.16 84.66 -3.62
CA ALA P 152 -27.78 85.05 -3.37
C ALA P 152 -27.12 84.08 -2.39
N ALA P 153 -25.81 84.23 -2.23
CA ALA P 153 -25.03 83.38 -1.35
C ALA P 153 -25.30 83.73 0.12
N ASN P 154 -24.96 82.79 1.00
CA ASN P 154 -25.14 82.95 2.45
C ASN P 154 -26.60 83.25 2.81
N PHE P 155 -27.52 82.62 2.09
CA PHE P 155 -28.95 82.76 2.37
C PHE P 155 -29.41 81.65 3.28
N SER P 156 -30.20 82.00 4.29
CA SER P 156 -30.69 81.04 5.26
C SER P 156 -32.16 81.35 5.52
N GLY P 157 -33.03 80.41 5.17
CA GLY P 157 -34.43 80.49 5.50
C GLY P 157 -34.73 79.67 6.73
N GLU P 158 -33.67 79.33 7.47
CA GLU P 158 -33.81 78.46 8.64
C GLU P 158 -34.63 79.13 9.73
N GLN P 159 -34.45 80.42 9.94
CA GLN P 159 -35.15 81.14 10.99
C GLN P 159 -36.27 81.98 10.39
N SER P 160 -37.46 81.86 10.96
CA SER P 160 -38.62 82.63 10.55
C SER P 160 -38.77 83.85 11.45
N LEU P 161 -39.84 84.60 11.25
CA LEU P 161 -40.10 85.82 12.00
C LEU P 161 -41.25 85.69 12.97
N ALA P 162 -42.36 85.08 12.57
CA ALA P 162 -43.46 84.93 13.50
C ALA P 162 -44.25 83.68 13.17
N PHE P 163 -44.94 83.14 14.17
CA PHE P 163 -45.74 81.94 13.98
C PHE P 163 -46.88 81.97 14.98
N ASP P 164 -48.09 82.21 14.50
CA ASP P 164 -49.30 82.26 15.31
C ASP P 164 -50.14 81.03 15.03
N TYR P 165 -50.57 80.35 16.09
CA TYR P 165 -51.42 79.17 15.98
C TYR P 165 -52.60 79.31 16.92
N ASN P 166 -53.75 78.76 16.51
CA ASN P 166 -54.94 78.81 17.33
C ASN P 166 -55.86 77.68 16.92
N ILE P 167 -56.28 76.87 17.87
CA ILE P 167 -57.20 75.77 17.60
C ILE P 167 -58.30 75.77 18.65
N LYS P 168 -59.52 75.43 18.23
CA LYS P 168 -60.67 75.36 19.12
C LYS P 168 -61.42 74.08 18.79
N GLN P 169 -61.43 73.13 19.73
CA GLN P 169 -62.13 71.87 19.59
C GLN P 169 -63.31 71.85 20.54
N PHE P 170 -64.48 71.45 20.04
CA PHE P 170 -65.68 71.39 20.84
C PHE P 170 -66.47 70.15 20.44
N SER P 171 -67.16 69.55 21.41
CA SER P 171 -67.90 68.33 21.15
C SER P 171 -69.03 68.22 22.17
N TYR P 172 -70.26 68.33 21.69
CA TYR P 172 -71.45 68.11 22.50
C TYR P 172 -71.91 66.66 22.40
N TYR P 173 -72.76 66.27 23.34
CA TYR P 173 -73.35 64.94 23.36
C TYR P 173 -74.69 65.02 24.06
N SER P 174 -75.63 64.18 23.63
CA SER P 174 -76.94 64.12 24.25
C SER P 174 -77.51 62.71 24.06
N GLU P 175 -78.11 62.17 25.11
CA GLU P 175 -78.65 60.82 25.05
C GLU P 175 -79.88 60.72 25.95
N LEU P 176 -81.02 60.37 25.36
CA LEU P 176 -82.26 60.14 26.06
C LEU P 176 -82.70 58.70 25.83
N LYS P 177 -83.13 58.04 26.89
CA LYS P 177 -83.51 56.62 26.87
C LYS P 177 -84.85 56.42 27.58
N ILE P 178 -85.84 57.22 27.20
CA ILE P 178 -87.15 57.16 27.87
C ILE P 178 -87.82 55.83 27.55
N ALA P 179 -88.35 55.18 28.58
CA ALA P 179 -89.02 53.89 28.42
C ALA P 179 -90.30 53.89 29.26
N PHE P 180 -91.25 53.08 28.84
CA PHE P 180 -92.52 52.96 29.55
C PHE P 180 -93.00 51.51 29.60
N ILE P 194 -99.20 47.16 26.60
CA ILE P 194 -98.79 48.49 26.18
C ILE P 194 -97.35 48.75 26.63
N SER P 195 -96.49 49.12 25.67
CA SER P 195 -95.09 49.41 25.96
C SER P 195 -94.71 50.69 25.20
N GLY P 196 -93.41 50.99 25.18
CA GLY P 196 -92.94 52.16 24.48
C GLY P 196 -91.52 52.54 24.85
N SER P 197 -90.73 52.94 23.86
CA SER P 197 -89.35 53.34 24.07
C SER P 197 -89.00 54.48 23.12
N ASN P 198 -88.11 55.36 23.58
CA ASN P 198 -87.66 56.51 22.82
C ASN P 198 -86.17 56.71 23.13
N ASN P 199 -85.32 56.39 22.17
CA ASN P 199 -83.88 56.54 22.27
C ASN P 199 -83.44 57.65 21.32
N LYS P 200 -82.95 58.76 21.88
CA LYS P 200 -82.49 59.90 21.11
C LYS P 200 -81.01 60.13 21.38
N ILE P 201 -80.23 60.25 20.32
CA ILE P 201 -78.80 60.49 20.42
C ILE P 201 -78.44 61.68 19.56
N LYS P 202 -77.68 62.63 20.13
CA LYS P 202 -77.26 63.82 19.42
C LYS P 202 -75.78 64.04 19.63
N ARG P 203 -75.07 64.35 18.53
CA ARG P 203 -73.63 64.61 18.58
C ARG P 203 -73.33 65.81 17.71
N THR P 204 -72.40 66.64 18.16
CA THR P 204 -72.00 67.84 17.41
C THR P 204 -70.54 68.11 17.71
N THR P 205 -69.68 67.91 16.71
CA THR P 205 -68.24 68.09 16.85
C THR P 205 -67.76 69.21 15.94
N GLY P 206 -66.81 70.01 16.42
CA GLY P 206 -66.28 71.09 15.63
C GLY P 206 -64.85 71.47 15.97
N VAL P 207 -64.00 71.52 14.96
CA VAL P 207 -62.60 71.92 15.11
C VAL P 207 -62.34 73.10 14.19
N PHE P 208 -61.94 74.22 14.77
CA PHE P 208 -61.59 75.42 14.01
C PHE P 208 -60.14 75.77 14.27
N ALA P 209 -59.34 75.92 13.21
CA ALA P 209 -57.93 76.16 13.37
C ALA P 209 -57.48 77.29 12.45
N LYS P 210 -56.71 78.22 13.00
CA LYS P 210 -56.11 79.31 12.26
C LYS P 210 -54.62 79.34 12.53
N PHE P 211 -53.83 79.51 11.48
CA PHE P 211 -52.39 79.53 11.60
C PHE P 211 -51.83 80.54 10.62
N THR P 212 -50.83 81.30 11.07
CA THR P 212 -50.11 82.21 10.21
C THR P 212 -48.62 82.11 10.50
N GLN P 213 -47.81 82.23 9.46
CA GLN P 213 -46.38 82.22 9.62
C GLN P 213 -45.82 83.39 8.84
N LYS P 214 -44.91 84.13 9.45
CA LYS P 214 -44.24 85.26 8.81
C LYS P 214 -42.81 84.83 8.58
N ASN P 215 -42.52 84.41 7.34
CA ASN P 215 -41.19 83.97 6.96
C ASN P 215 -40.19 85.11 7.03
N PHE P 216 -40.53 86.25 6.41
CA PHE P 216 -39.61 87.39 6.44
C PHE P 216 -40.36 88.63 6.01
N THR P 217 -39.69 89.78 6.12
CA THR P 217 -40.22 91.03 5.61
C THR P 217 -39.13 91.79 4.86
N ILE P 218 -39.57 92.57 3.89
CA ILE P 218 -38.73 93.53 3.20
C ILE P 218 -39.17 94.91 3.66
N ASP P 219 -38.23 95.67 4.19
CA ASP P 219 -38.49 96.97 4.79
C ASP P 219 -37.85 98.08 3.97
N MET P 220 -38.41 99.27 4.09
CA MET P 220 -37.94 100.44 3.36
C MET P 220 -37.30 101.42 4.33
N ASP P 221 -36.14 101.97 3.93
CA ASP P 221 -35.44 102.93 4.75
C ASP P 221 -36.10 104.30 4.67
N LEU P 222 -35.98 105.07 5.75
CA LEU P 222 -36.50 106.41 5.75
C LEU P 222 -35.67 107.28 4.79
N PRO P 223 -36.31 108.20 4.07
CA PRO P 223 -35.57 109.02 3.11
C PRO P 223 -34.53 109.90 3.79
N ALA P 224 -33.39 110.06 3.12
CA ALA P 224 -32.34 110.94 3.65
C ALA P 224 -32.79 112.38 3.68
N ASP P 225 -33.49 112.82 2.62
CA ASP P 225 -34.01 114.19 2.56
C ASP P 225 -35.23 114.40 3.45
N GLY P 226 -35.83 113.33 3.94
CA GLY P 226 -37.03 113.42 4.76
C GLY P 226 -38.32 113.37 3.98
N ASN P 227 -38.24 113.34 2.65
CA ASN P 227 -39.41 113.25 1.79
C ASN P 227 -39.17 112.18 0.74
N ILE P 228 -40.19 111.34 0.50
CA ILE P 228 -40.05 110.28 -0.48
C ILE P 228 -40.05 110.82 -1.90
N PHE P 229 -40.68 111.98 -2.11
CA PHE P 229 -40.78 112.55 -3.44
C PHE P 229 -39.45 113.15 -3.91
N LYS P 230 -39.15 112.97 -5.20
CA LYS P 230 -37.91 113.49 -5.75
C LYS P 230 -37.93 115.00 -5.86
N ASN P 231 -39.02 115.58 -6.36
CA ASN P 231 -39.08 117.03 -6.54
C ASN P 231 -39.24 117.79 -5.24
N ASN P 232 -39.74 117.13 -4.18
CA ASN P 232 -39.99 117.68 -2.85
C ASN P 232 -41.13 118.71 -2.84
N SER P 233 -41.70 119.04 -3.99
CA SER P 233 -42.88 119.90 -4.05
C SER P 233 -44.16 119.11 -4.24
N ASP P 234 -44.06 117.84 -4.65
CA ASP P 234 -45.24 117.01 -4.78
C ASP P 234 -45.92 116.79 -3.43
N LEU P 235 -45.16 116.85 -2.33
CA LEU P 235 -45.78 116.72 -1.02
C LEU P 235 -46.78 117.84 -0.77
N ALA P 236 -46.43 119.07 -1.16
CA ALA P 236 -47.40 120.16 -1.10
C ALA P 236 -48.44 120.07 -2.21
N LEU P 237 -48.09 119.43 -3.33
CA LEU P 237 -49.04 119.29 -4.43
C LEU P 237 -50.22 118.39 -4.05
N THR P 238 -49.95 117.31 -3.30
CA THR P 238 -50.99 116.38 -2.91
C THR P 238 -51.62 116.72 -1.56
N ASN P 239 -51.64 117.99 -1.18
CA ASN P 239 -52.37 118.38 0.03
C ASN P 239 -53.84 118.03 -0.10
N GLY P 240 -54.37 117.36 0.92
CA GLY P 240 -55.73 116.86 0.88
C GLY P 240 -55.89 115.49 0.27
N LYS P 241 -54.83 114.95 -0.35
CA LYS P 241 -54.88 113.61 -0.92
C LYS P 241 -54.37 112.55 0.04
N ASN P 242 -53.89 112.94 1.23
CA ASN P 242 -53.37 112.04 2.25
C ASN P 242 -52.34 111.10 1.68
N PRO P 243 -51.14 111.58 1.34
CA PRO P 243 -50.13 110.71 0.73
C PRO P 243 -49.58 109.72 1.75
N VAL P 244 -49.71 108.43 1.43
CA VAL P 244 -49.24 107.35 2.27
C VAL P 244 -48.55 106.32 1.38
N TYR P 245 -47.36 105.88 1.79
CA TYR P 245 -46.57 104.95 1.00
C TYR P 245 -46.28 103.69 1.80
N ILE P 246 -46.36 102.53 1.14
CA ILE P 246 -46.06 101.28 1.81
C ILE P 246 -44.55 101.18 2.02
N SER P 247 -44.17 100.84 3.25
CA SER P 247 -42.76 100.77 3.63
C SER P 247 -42.32 99.40 4.12
N SER P 248 -43.22 98.41 4.16
CA SER P 248 -42.86 97.08 4.63
C SER P 248 -43.83 96.07 4.05
N VAL P 249 -43.28 94.96 3.55
CA VAL P 249 -44.08 93.86 3.02
C VAL P 249 -43.64 92.57 3.68
N THR P 250 -44.61 91.82 4.22
CA THR P 250 -44.34 90.58 4.94
C THR P 250 -44.68 89.38 4.05
N TYR P 251 -43.71 88.50 3.85
CA TYR P 251 -43.87 87.26 3.12
C TYR P 251 -44.05 86.11 4.11
N GLY P 252 -45.06 85.30 3.90
CA GLY P 252 -45.35 84.19 4.78
C GLY P 252 -46.48 83.33 4.25
N ARG P 253 -47.05 82.52 5.14
CA ARG P 253 -48.12 81.58 4.80
C ARG P 253 -49.30 81.79 5.73
N LEU P 254 -50.49 81.47 5.21
CA LEU P 254 -51.74 81.54 5.95
C LEU P 254 -52.48 80.22 5.82
N GLY P 255 -53.22 79.85 6.87
CA GLY P 255 -54.01 78.64 6.81
C GLY P 255 -55.19 78.63 7.77
N ILE P 256 -56.38 78.34 7.26
CA ILE P 256 -57.59 78.27 8.07
C ILE P 256 -58.32 76.98 7.73
N ILE P 257 -58.74 76.25 8.77
CA ILE P 257 -59.52 75.04 8.58
C ILE P 257 -60.71 75.07 9.53
N SER P 258 -61.78 74.39 9.13
CA SER P 258 -62.99 74.34 9.94
C SER P 258 -63.73 73.06 9.60
N ILE P 259 -63.78 72.13 10.54
CA ILE P 259 -64.45 70.84 10.37
C ILE P 259 -65.61 70.77 11.34
N GLU P 260 -66.80 70.50 10.82
CA GLU P 260 -68.02 70.38 11.61
C GLU P 260 -68.69 69.06 11.31
N SER P 261 -69.37 68.50 12.31
CA SER P 261 -70.06 67.23 12.16
C SER P 261 -71.26 67.19 13.09
N ASN P 262 -72.36 66.64 12.59
CA ASN P 262 -73.59 66.51 13.35
C ASN P 262 -74.15 65.10 13.16
N ALA P 263 -74.68 64.54 14.24
CA ALA P 263 -75.26 63.21 14.21
C ALA P 263 -76.53 63.19 15.03
N SER P 264 -77.57 62.54 14.51
CA SER P 264 -78.87 62.44 15.17
C SER P 264 -79.42 61.03 15.01
N TYR P 265 -79.97 60.50 16.09
CA TYR P 265 -80.57 59.18 16.15
C TYR P 265 -81.89 59.27 16.90
N ASN P 266 -82.96 58.74 16.32
CA ASN P 266 -84.31 58.97 16.83
C ASN P 266 -85.11 57.66 16.88
N GLU P 267 -84.54 56.62 17.48
CA GLU P 267 -85.24 55.34 17.58
C GLU P 267 -86.48 55.45 18.46
N VAL P 268 -87.61 54.94 17.97
CA VAL P 268 -88.86 54.93 18.71
C VAL P 268 -89.51 53.57 18.52
N ASN P 269 -89.90 52.94 19.62
CA ASN P 269 -90.57 51.64 19.60
C ASN P 269 -91.89 51.71 20.34
N PHE P 270 -92.87 50.94 19.87
CA PHE P 270 -94.18 50.91 20.50
C PHE P 270 -94.83 49.55 20.27
N ALA P 271 -95.41 48.98 21.31
CA ALA P 271 -96.06 47.68 21.22
C ALA P 271 -97.35 47.71 22.02
N LEU P 272 -98.34 46.95 21.56
CA LEU P 272 -99.64 46.83 22.22
C LEU P 272 -100.04 45.37 22.31
N LYS P 273 -99.13 44.55 22.81
CA LYS P 273 -99.39 43.12 22.95
C LYS P 273 -100.34 42.84 24.11
N LEU P 285 -104.79 41.16 19.64
CA LEU P 285 -104.15 42.34 19.07
C LEU P 285 -102.65 42.34 19.35
N ASN P 286 -101.86 42.52 18.30
CA ASN P 286 -100.40 42.52 18.36
C ASN P 286 -99.84 43.70 17.59
N ILE P 287 -100.38 44.89 17.86
CA ILE P 287 -99.95 46.10 17.15
C ILE P 287 -98.52 46.43 17.53
N ASP P 288 -97.68 46.65 16.52
CA ASP P 288 -96.28 46.99 16.71
C ASP P 288 -95.93 48.18 15.82
N SER P 289 -94.98 48.99 16.28
CA SER P 289 -94.57 50.17 15.54
C SER P 289 -93.12 50.49 15.86
N ASN P 290 -92.36 50.88 14.83
CA ASN P 290 -90.96 51.24 15.00
C ASN P 290 -90.64 52.38 14.05
N SER P 291 -89.80 53.31 14.51
CA SER P 291 -89.42 54.48 13.73
C SER P 291 -87.95 54.78 14.01
N LYS P 292 -87.10 54.57 13.02
CA LYS P 292 -85.67 54.83 13.14
C LYS P 292 -85.29 55.96 12.20
N LYS P 293 -84.53 56.93 12.72
CA LYS P 293 -84.11 58.08 11.94
C LYS P 293 -82.67 58.41 12.30
N ILE P 294 -81.77 58.29 11.33
CA ILE P 294 -80.36 58.63 11.49
C ILE P 294 -80.03 59.74 10.52
N LEU P 295 -79.51 60.84 11.04
CA LEU P 295 -79.14 62.00 10.25
C LEU P 295 -77.67 62.33 10.53
N GLU P 296 -76.86 62.35 9.48
CA GLU P 296 -75.44 62.64 9.61
C GLU P 296 -75.07 63.76 8.65
N GLU P 297 -74.43 64.80 9.17
CA GLU P 297 -73.99 65.93 8.37
C GLU P 297 -72.52 66.21 8.66
N SER P 298 -71.79 66.61 7.63
CA SER P 298 -70.37 66.89 7.75
C SER P 298 -70.02 68.12 6.93
N ASP P 299 -68.95 68.80 7.33
CA ASP P 299 -68.48 69.98 6.63
C ASP P 299 -67.00 70.17 6.90
N LEU P 300 -66.27 70.65 5.90
CA LEU P 300 -64.83 70.85 6.02
C LEU P 300 -64.41 71.94 5.05
N SER P 301 -64.10 73.12 5.58
CA SER P 301 -63.68 74.26 4.77
C SER P 301 -62.22 74.58 5.05
N VAL P 302 -61.41 74.66 3.99
CA VAL P 302 -59.99 74.95 4.10
C VAL P 302 -59.66 76.16 3.24
N TYR P 303 -58.77 77.01 3.74
CA TYR P 303 -58.30 78.20 3.02
C TYR P 303 -56.81 78.37 3.30
N LEU P 304 -55.98 78.10 2.30
CA LEU P 304 -54.53 78.22 2.44
C LEU P 304 -54.00 79.29 1.51
N VAL P 305 -53.05 80.08 2.01
CA VAL P 305 -52.39 81.13 1.24
C VAL P 305 -50.90 80.85 1.29
N GLY P 306 -50.35 80.42 0.17
CA GLY P 306 -48.94 80.11 0.08
C GLY P 306 -48.61 78.72 0.59
N GLY P 307 -47.31 78.48 0.71
CA GLY P 307 -46.84 77.18 1.14
C GLY P 307 -46.59 76.23 -0.01
N ARG P 308 -46.06 75.07 0.35
CA ARG P 308 -45.78 74.04 -0.64
C ARG P 308 -47.08 73.50 -1.22
N GLY P 309 -47.15 73.41 -2.55
CA GLY P 309 -48.37 72.94 -3.20
C GLY P 309 -48.69 71.49 -2.89
N THR P 310 -47.66 70.63 -2.86
CA THR P 310 -47.88 69.22 -2.59
C THR P 310 -48.46 69.00 -1.21
N ASP P 311 -47.96 69.71 -0.20
CA ASP P 311 -48.52 69.59 1.13
C ASP P 311 -49.85 70.31 1.25
N ALA P 312 -50.04 71.37 0.47
CA ALA P 312 -51.29 72.12 0.53
C ALA P 312 -52.46 71.31 0.01
N VAL P 313 -52.25 70.54 -1.06
CA VAL P 313 -53.36 69.77 -1.62
C VAL P 313 -53.70 68.54 -0.81
N GLN P 314 -52.88 68.19 0.18
CA GLN P 314 -53.13 67.03 1.02
C GLN P 314 -54.01 67.36 2.21
N VAL P 315 -54.40 68.62 2.40
CA VAL P 315 -55.23 69.02 3.54
C VAL P 315 -56.65 68.54 3.35
N ILE P 316 -56.94 67.96 2.17
CA ILE P 316 -58.30 67.49 1.91
C ILE P 316 -58.64 66.25 2.74
N LYS P 317 -57.64 65.60 3.32
CA LYS P 317 -57.85 64.37 4.09
C LYS P 317 -58.03 64.68 5.58
N GLY P 318 -59.06 65.47 5.88
CA GLY P 318 -59.38 65.81 7.25
C GLY P 318 -58.31 66.65 7.93
N PHE P 319 -58.23 66.52 9.25
CA PHE P 319 -57.22 67.22 10.03
C PHE P 319 -55.92 66.42 10.14
N ALA P 320 -55.44 65.99 8.99
CA ALA P 320 -54.15 65.31 8.88
C ALA P 320 -53.25 66.04 7.90
N GLY P 321 -53.80 66.48 6.77
CA GLY P 321 -53.06 67.32 5.87
C GLY P 321 -52.77 68.67 6.48
N PHE P 322 -53.74 69.23 7.23
CA PHE P 322 -53.48 70.45 7.98
C PHE P 322 -52.85 70.09 9.32
N SER P 323 -51.90 69.16 9.28
CA SER P 323 -50.96 68.88 10.35
C SER P 323 -49.57 68.63 9.83
N ASN P 324 -49.42 68.36 8.53
CA ASN P 324 -48.13 68.27 7.87
C ASN P 324 -47.87 69.44 6.96
N PHE P 325 -48.92 70.12 6.47
CA PHE P 325 -48.72 71.32 5.69
C PHE P 325 -48.00 72.37 6.50
N ILE P 326 -48.15 72.33 7.82
CA ILE P 326 -47.48 73.27 8.71
C ILE P 326 -46.09 72.78 9.08
N VAL P 327 -45.94 71.49 9.41
CA VAL P 327 -44.66 70.98 9.89
C VAL P 327 -43.67 70.68 8.77
N ASN P 328 -44.11 70.65 7.52
CA ASN P 328 -43.23 70.40 6.39
C ASN P 328 -42.84 71.69 5.66
N GLY P 329 -43.18 72.84 6.21
CA GLY P 329 -42.83 74.10 5.58
C GLY P 329 -42.36 75.16 6.55
N GLY P 330 -41.82 74.72 7.69
CA GLY P 330 -41.32 75.67 8.67
C GLY P 330 -40.16 76.50 8.17
N GLN P 331 -39.21 75.86 7.50
CA GLN P 331 -38.08 76.56 6.91
C GLN P 331 -38.43 76.93 5.47
N PHE P 332 -38.39 78.22 5.16
CA PHE P 332 -38.73 78.67 3.82
C PHE P 332 -37.49 78.61 2.92
N THR P 333 -37.62 77.94 1.81
CA THR P 333 -36.61 77.68 0.82
C THR P 333 -36.72 78.70 -0.30
N PRO P 334 -35.66 78.93 -1.08
CA PRO P 334 -35.80 79.87 -2.20
C PRO P 334 -36.73 79.35 -3.29
N GLU P 335 -37.02 78.04 -3.32
CA GLU P 335 -38.06 77.53 -4.20
C GLU P 335 -39.46 77.86 -3.68
N ALA P 336 -39.60 78.15 -2.38
CA ALA P 336 -40.89 78.49 -1.77
C ALA P 336 -40.69 79.76 -0.95
N PRO P 337 -40.59 80.91 -1.61
CA PRO P 337 -40.31 82.16 -0.87
C PRO P 337 -41.42 82.60 0.06
N GLY P 338 -42.65 82.17 -0.16
CA GLY P 338 -43.78 82.64 0.60
C GLY P 338 -44.57 83.67 -0.18
N VAL P 339 -45.69 84.07 0.40
CA VAL P 339 -46.63 84.98 -0.26
C VAL P 339 -46.76 86.25 0.56
N PRO P 340 -46.78 87.43 -0.06
CA PRO P 340 -47.06 88.66 0.70
C PRO P 340 -48.41 88.56 1.37
N ILE P 341 -48.40 88.56 2.70
CA ILE P 341 -49.59 88.39 3.50
C ILE P 341 -49.94 89.65 4.28
N TYR P 342 -48.95 90.38 4.76
CA TYR P 342 -49.17 91.61 5.50
C TYR P 342 -48.27 92.70 4.96
N PHE P 343 -48.68 93.94 5.16
CA PHE P 343 -47.86 95.07 4.74
C PHE P 343 -48.15 96.25 5.66
N SER P 344 -47.18 97.15 5.73
CA SER P 344 -47.29 98.33 6.57
C SER P 344 -47.00 99.57 5.75
N ALA P 345 -47.69 100.65 6.07
CA ALA P 345 -47.55 101.89 5.34
C ALA P 345 -47.30 103.04 6.31
N SER P 346 -46.70 104.11 5.79
CA SER P 346 -46.36 105.26 6.58
C SER P 346 -46.76 106.53 5.83
N HIS P 347 -47.04 107.59 6.59
CA HIS P 347 -47.39 108.87 6.01
C HIS P 347 -46.21 109.48 5.27
N ALA P 348 -46.50 110.21 4.20
CA ALA P 348 -45.46 110.85 3.43
C ALA P 348 -45.13 112.26 3.92
N SER P 349 -45.92 112.80 4.84
CA SER P 349 -45.67 114.16 5.32
C SER P 349 -44.60 114.18 6.40
N ASP P 350 -44.85 113.50 7.52
CA ASP P 350 -43.89 113.46 8.63
C ASP P 350 -43.22 112.11 8.76
N ASN P 351 -43.41 111.20 7.79
CA ASN P 351 -42.82 109.86 7.81
C ASN P 351 -43.25 109.08 9.04
N SER P 352 -44.43 109.38 9.57
CA SER P 352 -44.94 108.70 10.75
C SER P 352 -45.66 107.41 10.35
N VAL P 353 -45.89 106.55 11.34
CA VAL P 353 -46.54 105.27 11.09
C VAL P 353 -48.02 105.51 10.81
N TYR P 354 -48.51 104.96 9.71
CA TYR P 354 -49.92 105.11 9.33
C TYR P 354 -50.75 104.01 9.98
N TYR P 355 -51.81 104.41 10.66
CA TYR P 355 -52.71 103.48 11.32
C TYR P 355 -54.08 103.55 10.65
N THR P 356 -54.60 102.39 10.26
CA THR P 356 -55.90 102.28 9.62
C THR P 356 -56.91 101.68 10.56
N THR P 357 -58.17 102.05 10.38
CA THR P 357 -59.25 101.56 11.23
C THR P 357 -60.11 100.54 10.48
N THR Q 81 -69.81 93.54 -4.57
CA THR Q 81 -68.57 93.98 -5.20
C THR Q 81 -67.43 93.01 -4.91
N SER Q 82 -66.69 92.65 -5.96
CA SER Q 82 -65.57 91.73 -5.84
C SER Q 82 -64.39 92.27 -6.63
N ASP Q 83 -63.19 91.90 -6.18
CA ASP Q 83 -61.95 92.32 -6.83
C ASP Q 83 -61.52 91.38 -7.94
N GLN Q 84 -61.74 90.09 -7.76
CA GLN Q 84 -61.37 89.07 -8.75
C GLN Q 84 -62.60 88.60 -9.48
N ILE Q 85 -62.52 88.56 -10.81
CA ILE Q 85 -63.62 88.16 -11.67
C ILE Q 85 -63.27 86.81 -12.28
N VAL Q 86 -64.22 85.88 -12.23
CA VAL Q 86 -64.02 84.56 -12.81
C VAL Q 86 -63.94 84.69 -14.32
N VAL Q 87 -62.99 83.96 -14.92
CA VAL Q 87 -62.78 84.05 -16.35
C VAL Q 87 -63.94 83.37 -17.07
N THR Q 88 -64.64 84.12 -17.91
CA THR Q 88 -65.73 83.59 -18.71
C THR Q 88 -65.43 83.59 -20.20
N VAL Q 89 -64.62 84.52 -20.67
CA VAL Q 89 -64.20 84.59 -22.07
C VAL Q 89 -62.69 84.50 -22.12
N PRO Q 90 -62.12 83.29 -22.24
CA PRO Q 90 -60.66 83.16 -22.26
C PRO Q 90 -60.00 83.91 -23.40
N GLN Q 91 -60.68 84.05 -24.54
CA GLN Q 91 -60.11 84.77 -25.66
C GLN Q 91 -59.86 86.23 -25.32
N LYS Q 92 -60.81 86.87 -24.65
CA LYS Q 92 -60.69 88.28 -24.32
C LYS Q 92 -60.05 88.52 -22.97
N THR Q 93 -59.80 87.48 -22.18
CA THR Q 93 -59.22 87.63 -20.85
C THR Q 93 -57.71 87.47 -20.97
N PHE Q 94 -57.06 88.58 -21.31
CA PHE Q 94 -55.60 88.64 -21.37
C PHE Q 94 -55.14 89.93 -20.71
N ILE Q 95 -53.92 89.91 -20.19
CA ILE Q 95 -53.40 91.07 -19.49
C ILE Q 95 -53.17 92.22 -20.48
N GLY Q 96 -53.37 93.45 -20.00
CA GLY Q 96 -53.18 94.62 -20.83
C GLY Q 96 -54.31 94.95 -21.78
N GLY Q 97 -55.42 94.24 -21.72
CA GLY Q 97 -56.55 94.50 -22.59
C GLY Q 97 -57.51 95.49 -21.98
N VAL Q 98 -57.92 96.48 -22.78
CA VAL Q 98 -58.80 97.55 -22.33
C VAL Q 98 -60.21 97.27 -22.84
N TYR Q 99 -61.17 97.31 -21.93
CA TYR Q 99 -62.58 97.07 -22.23
C TYR Q 99 -63.44 98.11 -21.55
N ASN Q 100 -64.73 98.07 -21.86
CA ASN Q 100 -65.71 98.93 -21.20
C ASN Q 100 -66.20 98.23 -19.94
N SER Q 101 -66.44 99.02 -18.89
CA SER Q 101 -66.90 98.45 -17.63
C SER Q 101 -68.26 97.78 -17.78
N THR Q 102 -69.19 98.43 -18.49
CA THR Q 102 -70.51 97.86 -18.68
C THR Q 102 -70.45 96.57 -19.49
N THR Q 103 -69.65 96.56 -20.56
CA THR Q 103 -69.52 95.37 -21.39
C THR Q 103 -68.87 94.23 -20.60
N LEU Q 104 -67.88 94.54 -19.77
CA LEU Q 104 -67.28 93.50 -18.94
C LEU Q 104 -68.27 93.01 -17.88
N ASP Q 105 -69.15 93.89 -17.40
CA ASP Q 105 -70.14 93.49 -16.42
C ASP Q 105 -71.17 92.55 -17.01
N ASN Q 106 -71.66 92.85 -18.21
CA ASN Q 106 -72.65 92.01 -18.88
C ASN Q 106 -72.01 91.00 -19.83
N LEU Q 107 -70.72 90.74 -19.69
CA LEU Q 107 -70.01 89.70 -20.45
C LEU Q 107 -70.02 89.95 -21.95
N ASP Q 108 -70.02 91.22 -22.35
CA ASP Q 108 -69.92 91.55 -23.77
C ASP Q 108 -68.47 91.71 -24.21
N TYR Q 109 -67.65 92.33 -23.35
CA TYR Q 109 -66.22 92.49 -23.59
C TYR Q 109 -65.96 93.22 -24.91
N THR Q 110 -66.44 94.45 -24.98
CA THR Q 110 -66.17 95.26 -26.16
C THR Q 110 -64.81 95.93 -26.01
N PRO Q 111 -63.84 95.62 -26.86
CA PRO Q 111 -62.52 96.21 -26.70
C PRO Q 111 -62.49 97.67 -27.09
N ILE Q 112 -61.52 98.39 -26.53
CA ILE Q 112 -61.26 99.77 -26.87
C ILE Q 112 -59.98 99.78 -27.70
N SER Q 113 -60.13 99.99 -29.00
CA SER Q 113 -59.01 99.89 -29.95
C SER Q 113 -58.27 101.22 -29.99
N TYR Q 114 -57.33 101.39 -29.05
CA TYR Q 114 -56.47 102.55 -29.00
C TYR Q 114 -55.07 102.11 -28.67
N PRO Q 115 -54.05 102.83 -29.16
CA PRO Q 115 -52.67 102.46 -28.87
C PRO Q 115 -52.38 102.51 -27.37
N LEU Q 116 -51.52 101.59 -26.92
CA LEU Q 116 -51.15 101.49 -25.52
C LEU Q 116 -49.63 101.44 -25.41
N ASP Q 117 -49.13 102.02 -24.33
CA ASP Q 117 -47.70 101.99 -24.06
C ASP Q 117 -47.28 100.56 -23.72
N PRO Q 118 -46.00 100.22 -23.92
CA PRO Q 118 -45.53 98.89 -23.52
C PRO Q 118 -45.75 98.66 -22.03
N ILE Q 119 -46.16 97.45 -21.68
CA ILE Q 119 -46.54 97.11 -20.32
C ILE Q 119 -45.51 96.16 -19.74
N THR Q 120 -45.18 96.36 -18.47
CA THR Q 120 -44.28 95.49 -17.74
C THR Q 120 -45.11 94.50 -16.92
N VAL Q 121 -44.79 93.22 -17.06
CA VAL Q 121 -45.51 92.15 -16.40
C VAL Q 121 -44.56 91.38 -15.50
N SER Q 122 -45.05 90.98 -14.34
CA SER Q 122 -44.29 90.22 -13.37
C SER Q 122 -45.02 88.95 -13.02
N TYR Q 123 -44.27 87.91 -12.69
CA TYR Q 123 -44.85 86.60 -12.37
C TYR Q 123 -44.68 86.29 -10.89
N SER Q 124 -45.70 85.68 -10.30
CA SER Q 124 -45.63 85.37 -8.87
C SER Q 124 -44.62 84.28 -8.57
N PHE Q 125 -44.41 83.33 -9.48
CA PHE Q 125 -43.47 82.25 -9.23
C PHE Q 125 -42.03 82.71 -9.45
N PRO Q 126 -41.08 82.14 -8.70
CA PRO Q 126 -39.67 82.49 -8.92
C PRO Q 126 -39.11 81.88 -10.20
N SER Q 127 -38.57 82.75 -11.05
CA SER Q 127 -37.98 82.31 -12.31
C SER Q 127 -36.99 83.38 -12.79
N ASP Q 128 -36.12 82.98 -13.70
CA ASP Q 128 -35.18 83.93 -14.28
C ASP Q 128 -35.91 84.99 -15.09
N PHE Q 129 -36.91 84.58 -15.86
CA PHE Q 129 -37.73 85.51 -16.64
C PHE Q 129 -38.99 85.88 -15.86
N ILE Q 130 -38.78 86.49 -14.69
CA ILE Q 130 -39.87 86.87 -13.82
C ILE Q 130 -40.44 88.24 -14.14
N VAL Q 131 -39.68 89.10 -14.84
CA VAL Q 131 -40.10 90.42 -15.24
C VAL Q 131 -39.97 90.52 -16.76
N ASP Q 132 -41.10 90.47 -17.45
CA ASP Q 132 -41.14 90.58 -18.91
C ASP Q 132 -41.77 91.90 -19.33
N THR Q 133 -41.63 92.22 -20.61
CA THR Q 133 -42.19 93.43 -21.19
C THR Q 133 -42.91 93.07 -22.48
N ILE Q 134 -44.11 93.61 -22.66
CA ILE Q 134 -44.92 93.34 -23.84
C ILE Q 134 -45.26 94.68 -24.49
N GLU Q 135 -44.85 94.86 -25.73
CA GLU Q 135 -45.13 96.12 -26.43
C GLU Q 135 -46.59 96.23 -26.82
N ARG Q 136 -47.16 95.15 -27.37
CA ARG Q 136 -48.56 95.13 -27.79
C ARG Q 136 -49.30 94.08 -26.99
N PRO Q 137 -50.06 94.46 -25.97
CA PRO Q 137 -50.80 93.47 -25.16
C PRO Q 137 -51.78 92.67 -26.00
N SER Q 138 -51.59 91.35 -26.01
CA SER Q 138 -52.45 90.44 -26.74
C SER Q 138 -52.41 89.08 -26.08
N LEU Q 139 -53.41 88.25 -26.42
CA LEU Q 139 -53.48 86.91 -25.85
C LEU Q 139 -52.28 86.07 -26.27
N SER Q 140 -51.88 86.15 -27.54
CA SER Q 140 -50.74 85.39 -28.00
C SER Q 140 -49.46 85.83 -27.30
N SER Q 141 -49.28 87.14 -27.14
CA SER Q 141 -48.09 87.64 -26.45
C SER Q 141 -48.08 87.20 -24.99
N MET Q 142 -49.23 87.24 -24.32
CA MET Q 142 -49.29 86.79 -22.93
C MET Q 142 -48.98 85.30 -22.82
N ARG Q 143 -49.53 84.49 -23.73
CA ARG Q 143 -49.25 83.06 -23.71
C ARG Q 143 -47.78 82.76 -23.97
N ALA Q 144 -47.18 83.45 -24.95
CA ALA Q 144 -45.77 83.24 -25.25
C ALA Q 144 -44.88 83.67 -24.08
N SER Q 145 -45.21 84.79 -23.44
CA SER Q 145 -44.43 85.24 -22.29
C SER Q 145 -44.53 84.26 -21.14
N VAL Q 146 -45.73 83.71 -20.89
CA VAL Q 146 -45.89 82.71 -19.84
C VAL Q 146 -45.08 81.45 -20.17
N PHE Q 147 -45.12 81.02 -21.43
CA PHE Q 147 -44.37 79.84 -21.84
C PHE Q 147 -42.87 80.04 -21.63
N LYS Q 148 -42.34 81.18 -22.07
CA LYS Q 148 -40.91 81.45 -21.91
C LYS Q 148 -40.53 81.58 -20.44
N ALA Q 149 -41.36 82.25 -19.65
CA ALA Q 149 -41.05 82.43 -18.23
C ALA Q 149 -41.02 81.10 -17.49
N MET Q 150 -41.97 80.22 -17.79
CA MET Q 150 -42.03 78.96 -17.09
C MET Q 150 -41.05 77.92 -17.64
N ARG Q 151 -40.53 78.15 -18.85
CA ARG Q 151 -39.45 77.30 -19.35
C ARG Q 151 -38.06 77.86 -19.06
N ALA Q 152 -37.97 79.04 -18.46
CA ALA Q 152 -36.67 79.63 -18.15
C ALA Q 152 -36.02 78.89 -16.98
N ALA Q 153 -34.75 79.24 -16.73
CA ALA Q 153 -33.99 78.61 -15.66
C ALA Q 153 -34.45 79.13 -14.30
N ASN Q 154 -34.10 78.35 -13.26
CA ASN Q 154 -34.44 78.68 -11.88
C ASN Q 154 -35.95 78.84 -11.69
N PHE Q 155 -36.73 78.01 -12.39
CA PHE Q 155 -38.17 78.01 -12.26
C PHE Q 155 -38.61 76.97 -11.25
N SER Q 156 -39.53 77.36 -10.36
CA SER Q 156 -40.02 76.48 -9.31
C SER Q 156 -41.52 76.63 -9.23
N GLY Q 157 -42.23 75.55 -9.52
CA GLY Q 157 -43.67 75.50 -9.32
C GLY Q 157 -43.99 74.83 -8.02
N GLU Q 158 -42.99 74.72 -7.15
CA GLU Q 158 -43.16 74.01 -5.89
C GLU Q 158 -44.17 74.70 -4.98
N GLN Q 159 -44.15 76.03 -4.95
CA GLN Q 159 -45.03 76.79 -4.08
C GLN Q 159 -46.17 77.38 -4.90
N SER Q 160 -47.39 77.20 -4.41
CA SER Q 160 -48.58 77.76 -5.03
C SER Q 160 -48.95 79.05 -4.34
N LEU Q 161 -50.08 79.63 -4.74
CA LEU Q 161 -50.55 80.90 -4.20
C LEU Q 161 -51.77 80.74 -3.32
N ALA Q 162 -52.76 79.96 -3.73
CA ALA Q 162 -53.94 79.79 -2.90
C ALA Q 162 -54.54 78.41 -3.11
N PHE Q 163 -55.27 77.94 -2.11
CA PHE Q 163 -55.90 76.63 -2.18
C PHE Q 163 -57.14 76.65 -1.30
N ASP Q 164 -58.31 76.66 -1.92
CA ASP Q 164 -59.59 76.67 -1.22
C ASP Q 164 -60.25 75.31 -1.40
N TYR Q 165 -60.72 74.73 -0.31
CA TYR Q 165 -61.41 73.46 -0.32
C TYR Q 165 -62.69 73.57 0.49
N ASN Q 166 -63.72 72.83 0.07
CA ASN Q 166 -64.99 72.84 0.77
C ASN Q 166 -65.73 71.56 0.43
N ILE Q 167 -66.16 70.83 1.46
CA ILE Q 167 -66.91 69.60 1.27
C ILE Q 167 -68.11 69.60 2.21
N LYS Q 168 -69.22 69.05 1.73
CA LYS Q 168 -70.44 68.95 2.51
C LYS Q 168 -71.01 67.56 2.32
N GLN Q 169 -71.01 66.76 3.38
CA GLN Q 169 -71.55 65.40 3.36
C GLN Q 169 -72.82 65.35 4.20
N PHE Q 170 -73.87 64.75 3.65
CA PHE Q 170 -75.14 64.65 4.35
C PHE Q 170 -75.73 63.28 4.06
N SER Q 171 -76.44 62.74 5.05
CA SER Q 171 -77.02 61.40 4.91
C SER Q 171 -78.23 61.30 5.82
N TYR Q 172 -79.41 61.18 5.23
CA TYR Q 172 -80.64 60.92 5.95
C TYR Q 172 -80.92 59.42 6.03
N TYR Q 173 -81.82 59.06 6.93
CA TYR Q 173 -82.25 57.68 7.10
C TYR Q 173 -83.65 57.68 7.66
N SER Q 174 -84.44 56.68 7.27
CA SER Q 174 -85.80 56.53 7.77
C SER Q 174 -86.18 55.06 7.74
N GLU Q 175 -86.82 54.59 8.80
CA GLU Q 175 -87.20 53.19 8.89
C GLU Q 175 -88.50 53.05 9.68
N LEU Q 176 -89.52 52.49 9.05
CA LEU Q 176 -90.80 52.20 9.67
C LEU Q 176 -91.03 50.69 9.62
N LYS Q 177 -91.50 50.12 10.71
CA LYS Q 177 -91.72 48.68 10.86
C LYS Q 177 -93.09 48.41 11.47
N ILE Q 178 -94.12 49.03 10.90
CA ILE Q 178 -95.48 48.88 11.44
C ILE Q 178 -95.96 47.45 11.27
N ALA Q 179 -96.51 46.88 12.34
CA ALA Q 179 -97.02 45.51 12.31
C ALA Q 179 -98.37 45.46 13.02
N PHE Q 180 -99.17 44.48 12.64
CA PHE Q 180 -100.49 44.30 13.25
C PHE Q 180 -100.80 42.82 13.46
N ILE Q 194 -106.12 37.37 10.59
CA ILE Q 194 -105.81 38.67 10.02
C ILE Q 194 -104.47 39.17 10.55
N SER Q 195 -103.57 39.51 9.64
CA SER Q 195 -102.24 40.01 9.99
C SER Q 195 -101.93 41.20 9.10
N GLY Q 196 -100.69 41.66 9.14
CA GLY Q 196 -100.27 42.78 8.33
C GLY Q 196 -98.95 43.39 8.76
N SER Q 197 -98.11 43.75 7.79
CA SER Q 197 -96.82 44.34 8.07
C SER Q 197 -96.50 45.38 7.00
N ASN Q 198 -95.77 46.42 7.41
CA ASN Q 198 -95.37 47.51 6.52
C ASN Q 198 -93.96 47.94 6.94
N ASN Q 199 -92.98 47.59 6.11
CA ASN Q 199 -91.58 47.94 6.31
C ASN Q 199 -91.17 48.96 5.25
N LYS Q 200 -90.88 50.19 5.69
CA LYS Q 200 -90.48 51.26 4.81
C LYS Q 200 -89.07 51.72 5.17
N ILE Q 201 -88.19 51.79 4.18
CA ILE Q 201 -86.81 52.21 4.37
C ILE Q 201 -86.51 53.33 3.38
N LYS Q 202 -85.93 54.42 3.86
CA LYS Q 202 -85.57 55.56 3.03
C LYS Q 202 -84.15 55.98 3.33
N ARG Q 203 -83.37 56.23 2.28
CA ARG Q 203 -81.98 56.67 2.41
C ARG Q 203 -81.73 57.78 1.40
N THR Q 204 -80.95 58.77 1.80
CA THR Q 204 -80.61 59.89 0.93
C THR Q 204 -79.23 60.40 1.31
N THR Q 205 -78.26 60.18 0.43
CA THR Q 205 -76.87 60.55 0.67
C THR Q 205 -76.42 61.59 -0.35
N GLY Q 206 -75.63 62.55 0.10
CA GLY Q 206 -75.14 63.59 -0.79
C GLY Q 206 -73.81 64.18 -0.38
N VAL Q 207 -72.87 64.21 -1.32
CA VAL Q 207 -71.54 64.79 -1.10
C VAL Q 207 -71.33 65.87 -2.16
N PHE Q 208 -71.12 67.10 -1.72
CA PHE Q 208 -70.83 68.22 -2.61
C PHE Q 208 -69.46 68.78 -2.27
N ALA Q 209 -68.58 68.89 -3.27
CA ALA Q 209 -67.22 69.32 -3.03
C ALA Q 209 -66.81 70.37 -4.05
N LYS Q 210 -66.22 71.45 -3.57
CA LYS Q 210 -65.67 72.50 -4.41
C LYS Q 210 -64.23 72.75 -4.02
N PHE Q 211 -63.36 72.88 -5.01
CA PHE Q 211 -61.94 73.10 -4.77
C PHE Q 211 -61.40 74.03 -5.83
N THR Q 212 -60.55 74.96 -5.41
CA THR Q 212 -59.85 75.84 -6.33
C THR Q 212 -58.41 75.96 -5.89
N GLN Q 213 -57.51 76.05 -6.86
CA GLN Q 213 -56.10 76.23 -6.58
C GLN Q 213 -55.59 77.35 -7.47
N LYS Q 214 -54.85 78.27 -6.90
CA LYS Q 214 -54.25 79.39 -7.63
C LYS Q 214 -52.76 79.13 -7.67
N ASN Q 215 -52.31 78.58 -8.80
CA ASN Q 215 -50.89 78.25 -8.99
C ASN Q 215 -50.04 79.52 -9.00
N PHE Q 216 -50.43 80.51 -9.81
CA PHE Q 216 -49.66 81.75 -9.87
C PHE Q 216 -50.50 82.82 -10.54
N THR Q 217 -49.98 84.04 -10.53
CA THR Q 217 -50.60 85.14 -11.27
C THR Q 217 -49.53 85.93 -12.00
N ILE Q 218 -49.95 86.50 -13.13
CA ILE Q 218 -49.15 87.47 -13.88
C ILE Q 218 -49.79 88.82 -13.66
N ASP Q 219 -49.00 89.77 -13.17
CA ASP Q 219 -49.47 91.08 -12.78
C ASP Q 219 -48.88 92.15 -13.70
N MET Q 220 -49.57 93.27 -13.80
CA MET Q 220 -49.17 94.38 -14.65
C MET Q 220 -48.74 95.56 -13.79
N ASP Q 221 -47.62 96.18 -14.15
CA ASP Q 221 -47.12 97.33 -13.42
C ASP Q 221 -47.91 98.58 -13.77
N LEU Q 222 -48.00 99.48 -12.80
CA LEU Q 222 -48.66 100.75 -13.05
C LEU Q 222 -47.86 101.58 -14.04
N PRO Q 223 -48.51 102.30 -14.95
CA PRO Q 223 -47.77 103.08 -15.95
C PRO Q 223 -46.91 104.16 -15.31
N ALA Q 224 -45.73 104.37 -15.89
CA ALA Q 224 -44.85 105.44 -15.41
C ALA Q 224 -45.47 106.81 -15.63
N ASP Q 225 -46.09 107.01 -16.79
CA ASP Q 225 -46.75 108.28 -17.10
C ASP Q 225 -48.06 108.45 -16.36
N GLY Q 226 -48.60 107.39 -15.77
CA GLY Q 226 -49.87 107.44 -15.09
C GLY Q 226 -51.06 107.11 -15.96
N ASN Q 227 -50.85 106.92 -17.26
CA ASN Q 227 -51.90 106.56 -18.19
C ASN Q 227 -51.43 105.41 -19.05
N ILE Q 228 -52.32 104.42 -19.26
CA ILE Q 228 -51.96 103.26 -20.07
C ILE Q 228 -51.87 103.61 -21.54
N PHE Q 229 -52.59 104.64 -21.97
CA PHE Q 229 -52.62 105.01 -23.38
C PHE Q 229 -51.33 105.70 -23.80
N LYS Q 230 -50.88 105.39 -25.02
CA LYS Q 230 -49.65 105.98 -25.53
C LYS Q 230 -49.82 107.46 -25.86
N ASN Q 231 -50.92 107.82 -26.52
CA ASN Q 231 -51.12 109.21 -26.92
C ASN Q 231 -51.50 110.11 -25.76
N ASN Q 232 -52.03 109.55 -24.67
CA ASN Q 232 -52.49 110.23 -23.47
C ASN Q 232 -53.71 111.10 -23.70
N SER Q 233 -54.22 111.20 -24.94
CA SER Q 233 -55.47 111.88 -25.23
C SER Q 233 -56.63 110.92 -25.41
N ASP Q 234 -56.33 109.63 -25.62
CA ASP Q 234 -57.39 108.64 -25.73
C ASP Q 234 -58.18 108.52 -24.43
N LEU Q 235 -57.56 108.83 -23.29
CA LEU Q 235 -58.29 108.80 -22.03
C LEU Q 235 -59.43 109.81 -22.05
N ALA Q 236 -59.19 111.00 -22.57
CA ALA Q 236 -60.27 111.97 -22.75
C ALA Q 236 -61.16 111.60 -23.93
N LEU Q 237 -60.63 110.86 -24.90
CA LEU Q 237 -61.44 110.45 -26.05
C LEU Q 237 -62.53 109.48 -25.65
N THR Q 238 -62.23 108.55 -24.75
CA THR Q 238 -63.21 107.55 -24.31
C THR Q 238 -64.00 107.98 -23.08
N ASN Q 239 -64.21 109.28 -22.89
CA ASN Q 239 -65.09 109.73 -21.82
C ASN Q 239 -66.50 109.19 -22.04
N GLY Q 240 -67.06 108.60 -20.98
CA GLY Q 240 -68.34 107.93 -21.07
C GLY Q 240 -68.27 106.48 -21.48
N LYS Q 241 -67.11 106.00 -21.92
CA LYS Q 241 -66.93 104.61 -22.28
C LYS Q 241 -66.40 103.75 -21.14
N ASN Q 242 -66.11 104.36 -19.99
CA ASN Q 242 -65.61 103.67 -18.80
C ASN Q 242 -64.41 102.80 -19.14
N PRO Q 243 -63.25 103.39 -19.43
CA PRO Q 243 -62.09 102.57 -19.81
C PRO Q 243 -61.55 101.80 -18.62
N VAL Q 244 -61.50 100.48 -18.77
CA VAL Q 244 -61.00 99.59 -17.73
C VAL Q 244 -60.11 98.55 -18.39
N TYR Q 245 -58.93 98.32 -17.82
CA TYR Q 245 -57.95 97.40 -18.40
C TYR Q 245 -57.62 96.30 -17.40
N ILE Q 246 -57.50 95.08 -17.89
CA ILE Q 246 -57.11 93.97 -17.02
C ILE Q 246 -55.65 94.08 -16.66
N SER Q 247 -55.35 93.98 -15.36
CA SER Q 247 -54.00 94.12 -14.86
C SER Q 247 -53.46 92.90 -14.14
N SER Q 248 -54.24 91.82 -14.04
CA SER Q 248 -53.77 90.62 -13.35
C SER Q 248 -54.55 89.42 -13.86
N VAL Q 249 -53.84 88.34 -14.14
CA VAL Q 249 -54.45 87.09 -14.58
C VAL Q 249 -53.95 85.95 -13.70
N THR Q 250 -54.86 85.17 -13.14
CA THR Q 250 -54.54 84.08 -12.23
C THR Q 250 -54.65 82.75 -12.96
N TYR Q 251 -53.57 81.98 -12.93
CA TYR Q 251 -53.51 80.64 -13.50
C TYR Q 251 -53.66 79.62 -12.37
N GLY Q 252 -54.56 78.66 -12.55
CA GLY Q 252 -54.80 77.65 -11.54
C GLY Q 252 -55.76 76.60 -12.04
N ARG Q 253 -56.33 75.85 -11.09
CA ARG Q 253 -57.24 74.75 -11.39
C ARG Q 253 -58.53 74.92 -10.61
N LEU Q 254 -59.61 74.38 -11.17
CA LEU Q 254 -60.94 74.40 -10.57
C LEU Q 254 -61.50 72.99 -10.56
N GLY Q 255 -62.31 72.67 -9.56
CA GLY Q 255 -62.94 71.37 -9.50
C GLY Q 255 -64.21 71.35 -8.66
N ILE Q 256 -65.30 70.85 -9.23
CA ILE Q 256 -66.57 70.73 -8.52
C ILE Q 256 -67.11 69.32 -8.73
N ILE Q 257 -67.55 68.69 -7.65
CA ILE Q 257 -68.16 67.38 -7.72
C ILE Q 257 -69.45 67.39 -6.90
N SER Q 258 -70.38 66.53 -7.28
CA SER Q 258 -71.65 66.44 -6.58
C SER Q 258 -72.22 65.04 -6.80
N ILE Q 259 -72.26 64.24 -5.74
CA ILE Q 259 -72.76 62.87 -5.78
C ILE Q 259 -74.00 62.79 -4.92
N GLU Q 260 -75.09 62.29 -5.49
CA GLU Q 260 -76.35 62.12 -4.80
C GLU Q 260 -76.84 60.70 -4.97
N SER Q 261 -77.55 60.21 -3.96
CA SER Q 261 -78.06 58.85 -3.99
C SER Q 261 -79.35 58.77 -3.17
N ASN Q 262 -80.32 58.03 -3.68
CA ASN Q 262 -81.60 57.84 -3.02
C ASN Q 262 -81.98 56.37 -3.05
N ALA Q 263 -82.56 55.89 -1.95
CA ALA Q 263 -82.97 54.51 -1.84
C ALA Q 263 -84.32 54.44 -1.14
N SER Q 264 -85.22 53.60 -1.65
CA SER Q 264 -86.55 53.44 -1.10
C SER Q 264 -86.92 51.96 -1.10
N TYR Q 265 -87.52 51.51 0.00
CA TYR Q 265 -87.97 50.13 0.18
C TYR Q 265 -89.36 50.15 0.80
N ASN Q 266 -90.30 49.43 0.21
CA ASN Q 266 -91.71 49.54 0.56
C ASN Q 266 -92.36 48.17 0.73
N GLU Q 267 -91.74 47.30 1.52
CA GLU Q 267 -92.30 45.97 1.74
C GLU Q 267 -93.62 46.02 2.49
N VAL Q 268 -94.64 45.33 1.98
CA VAL Q 268 -95.95 45.26 2.60
C VAL Q 268 -96.42 43.81 2.55
N ASN Q 269 -96.85 43.28 3.70
CA ASN Q 269 -97.36 41.92 3.80
C ASN Q 269 -98.76 41.92 4.40
N PHE Q 270 -99.58 40.98 3.96
CA PHE Q 270 -100.94 40.87 4.48
C PHE Q 270 -101.40 39.42 4.38
N ALA Q 271 -102.02 38.92 5.45
CA ALA Q 271 -102.51 37.56 5.49
C ALA Q 271 -103.88 37.53 6.16
N LEU Q 272 -104.72 36.59 5.74
CA LEU Q 272 -106.06 36.41 6.28
C LEU Q 272 -106.29 34.92 6.55
N LYS Q 273 -105.35 34.29 7.25
CA LYS Q 273 -105.47 32.88 7.56
C LYS Q 273 -106.49 32.65 8.67
N LEU Q 285 -110.23 29.82 4.10
CA LEU Q 285 -109.67 30.99 3.44
C LEU Q 285 -108.21 31.22 3.85
N ASN Q 286 -107.35 31.35 2.85
CA ASN Q 286 -105.91 31.55 3.04
C ASN Q 286 -105.41 32.68 2.16
N ILE Q 287 -106.11 33.81 2.20
CA ILE Q 287 -105.75 34.95 1.37
C ILE Q 287 -104.40 35.52 1.82
N ASP Q 288 -103.50 35.70 0.87
CA ASP Q 288 -102.17 36.25 1.13
C ASP Q 288 -101.88 37.33 0.11
N SER Q 289 -101.07 38.32 0.52
CA SER Q 289 -100.72 39.43 -0.34
C SER Q 289 -99.36 39.97 0.06
N ASN Q 290 -98.55 40.31 -0.93
CA ASN Q 290 -97.23 40.86 -0.71
C ASN Q 290 -96.93 41.91 -1.78
N SER Q 291 -96.26 42.98 -1.38
CA SER Q 291 -95.92 44.08 -2.29
C SER Q 291 -94.54 44.59 -1.92
N LYS Q 292 -93.56 44.36 -2.80
CA LYS Q 292 -92.20 44.81 -2.59
C LYS Q 292 -91.85 45.85 -3.65
N LYS Q 293 -91.27 46.97 -3.21
CA LYS Q 293 -90.89 48.05 -4.12
C LYS Q 293 -89.55 48.60 -3.67
N ILE Q 294 -88.54 48.47 -4.54
CA ILE Q 294 -87.21 48.99 -4.30
C ILE Q 294 -86.90 50.01 -5.39
N LEU Q 295 -86.57 51.22 -4.99
CA LEU Q 295 -86.25 52.30 -5.92
C LEU Q 295 -84.87 52.84 -5.55
N GLU Q 296 -83.95 52.82 -6.51
CA GLU Q 296 -82.60 53.31 -6.30
C GLU Q 296 -82.27 54.33 -7.39
N GLU Q 297 -81.81 55.50 -6.97
CA GLU Q 297 -81.41 56.56 -7.88
C GLU Q 297 -80.02 57.06 -7.50
N SER Q 298 -79.23 57.41 -8.51
CA SER Q 298 -77.87 57.88 -8.30
C SER Q 298 -77.59 59.03 -9.27
N ASP Q 299 -76.65 59.89 -8.87
CA ASP Q 299 -76.25 61.01 -9.70
C ASP Q 299 -74.83 61.41 -9.33
N LEU Q 300 -74.06 61.84 -10.32
CA LEU Q 300 -72.67 62.25 -10.09
C LEU Q 300 -72.27 63.23 -11.17
N SER Q 301 -72.15 64.50 -10.79
CA SER Q 301 -71.79 65.57 -11.73
C SER Q 301 -70.41 66.11 -11.37
N VAL Q 302 -69.51 66.15 -12.35
CA VAL Q 302 -68.15 66.63 -12.16
C VAL Q 302 -67.86 67.74 -13.15
N TYR Q 303 -67.13 68.77 -12.71
CA TYR Q 303 -66.73 69.90 -13.54
C TYR Q 303 -65.31 70.29 -13.17
N LEU Q 304 -64.34 69.99 -14.03
CA LEU Q 304 -62.94 70.31 -13.79
C LEU Q 304 -62.44 71.30 -14.82
N VAL Q 305 -61.65 72.27 -14.36
CA VAL Q 305 -61.04 73.28 -15.21
C VAL Q 305 -59.54 73.21 -14.99
N GLY Q 306 -58.82 72.70 -15.98
CA GLY Q 306 -57.38 72.56 -15.89
C GLY Q 306 -56.96 71.32 -15.15
N GLY Q 307 -55.66 71.25 -14.89
CA GLY Q 307 -55.09 70.10 -14.23
C GLY Q 307 -54.62 69.04 -15.22
N ARG Q 308 -54.00 68.01 -14.64
CA ARG Q 308 -53.51 66.90 -15.45
C ARG Q 308 -54.67 66.13 -16.06
N GLY Q 309 -54.58 65.86 -17.35
CA GLY Q 309 -55.67 65.15 -18.03
C GLY Q 309 -55.86 63.72 -17.54
N THR Q 310 -54.75 63.02 -17.31
CA THR Q 310 -54.82 61.64 -16.85
C THR Q 310 -55.53 61.53 -15.51
N ASP Q 311 -55.21 62.43 -14.57
CA ASP Q 311 -55.89 62.42 -13.28
C ASP Q 311 -57.30 62.97 -13.40
N ALA Q 312 -57.54 63.89 -14.34
CA ALA Q 312 -58.86 64.47 -14.49
C ALA Q 312 -59.87 63.46 -15.00
N VAL Q 313 -59.47 62.59 -15.92
CA VAL Q 313 -60.41 61.61 -16.46
C VAL Q 313 -60.69 60.46 -15.51
N GLN Q 314 -59.95 60.36 -14.41
CA GLN Q 314 -60.16 59.31 -13.43
C GLN Q 314 -61.19 59.67 -12.38
N VAL Q 315 -61.73 60.88 -12.42
CA VAL Q 315 -62.71 61.32 -11.43
C VAL Q 315 -64.04 60.64 -11.68
N ILE Q 316 -64.15 59.88 -12.77
CA ILE Q 316 -65.40 59.21 -13.08
C ILE Q 316 -65.68 58.07 -12.12
N LYS Q 317 -64.68 57.63 -11.36
CA LYS Q 317 -64.84 56.50 -10.44
C LYS Q 317 -65.20 56.98 -9.03
N GLY Q 318 -66.34 57.67 -8.95
CA GLY Q 318 -66.85 58.14 -7.67
C GLY Q 318 -65.96 59.20 -7.03
N PHE Q 319 -66.01 59.26 -5.70
CA PHE Q 319 -65.16 60.18 -4.94
C PHE Q 319 -63.81 59.57 -4.62
N ALA Q 320 -63.15 59.06 -5.63
CA ALA Q 320 -61.80 58.54 -5.53
C ALA Q 320 -60.88 59.24 -6.52
N GLY Q 321 -61.36 59.45 -7.75
CA GLY Q 321 -60.63 60.25 -8.69
C GLY Q 321 -60.56 61.69 -8.26
N PHE Q 322 -61.65 62.21 -7.69
CA PHE Q 322 -61.61 63.55 -7.11
C PHE Q 322 -61.10 63.44 -5.68
N SER Q 323 -60.04 62.66 -5.50
CA SER Q 323 -59.20 62.65 -4.31
C SER Q 323 -57.74 62.51 -4.67
N ASN Q 324 -57.43 62.08 -5.90
CA ASN Q 324 -56.07 62.07 -6.42
C ASN Q 324 -55.86 63.14 -7.48
N PHE Q 325 -56.93 63.60 -8.14
CA PHE Q 325 -56.78 64.70 -9.07
C PHE Q 325 -56.26 65.94 -8.36
N ILE Q 326 -56.55 66.05 -7.06
CA ILE Q 326 -56.08 67.18 -6.27
C ILE Q 326 -54.69 66.92 -5.71
N VAL Q 327 -54.44 65.71 -5.18
CA VAL Q 327 -53.17 65.45 -4.52
C VAL Q 327 -52.03 65.12 -5.48
N ASN Q 328 -52.34 64.87 -6.76
CA ASN Q 328 -51.31 64.59 -7.76
C ASN Q 328 -51.00 65.80 -8.63
N GLY Q 329 -51.52 66.97 -8.29
CA GLY Q 329 -51.25 68.16 -9.06
C GLY Q 329 -51.01 69.39 -8.22
N GLY Q 330 -50.55 69.19 -6.99
CA GLY Q 330 -50.28 70.31 -6.12
C GLY Q 330 -49.16 71.21 -6.63
N GLN Q 331 -48.08 70.61 -7.11
CA GLN Q 331 -46.98 71.36 -7.69
C GLN Q 331 -47.21 71.49 -9.19
N PHE Q 332 -47.28 72.72 -9.69
CA PHE Q 332 -47.53 72.94 -11.10
C PHE Q 332 -46.21 72.92 -11.86
N THR Q 333 -46.15 72.09 -12.87
CA THR Q 333 -45.01 71.83 -13.72
C THR Q 333 -45.12 72.68 -14.99
N PRO Q 334 -44.01 72.93 -15.70
CA PRO Q 334 -44.15 73.69 -16.95
C PRO Q 334 -44.89 72.91 -18.03
N GLU Q 335 -45.02 71.58 -17.90
CA GLU Q 335 -45.90 70.83 -18.77
C GLU Q 335 -47.38 71.05 -18.43
N ALA Q 336 -47.69 71.49 -17.20
CA ALA Q 336 -49.06 71.74 -16.77
C ALA Q 336 -49.10 73.12 -16.13
N PRO Q 337 -49.06 74.18 -16.94
CA PRO Q 337 -49.00 75.54 -16.37
C PRO Q 337 -50.24 75.96 -15.62
N GLY Q 338 -51.38 75.35 -15.88
CA GLY Q 338 -52.63 75.77 -15.30
C GLY Q 338 -53.45 76.58 -16.28
N VAL Q 339 -54.66 76.91 -15.87
CA VAL Q 339 -55.62 77.59 -16.74
C VAL Q 339 -55.98 78.94 -16.12
N PRO Q 340 -56.08 80.02 -16.91
CA PRO Q 340 -56.56 81.28 -16.37
C PRO Q 340 -57.96 81.12 -15.81
N ILE Q 341 -58.08 81.29 -14.50
CA ILE Q 341 -59.33 81.07 -13.79
C ILE Q 341 -59.91 82.37 -13.24
N TYR Q 342 -59.05 83.29 -12.79
CA TYR Q 342 -59.49 84.56 -12.26
C TYR Q 342 -58.66 85.67 -12.86
N PHE Q 343 -59.24 86.87 -12.89
CA PHE Q 343 -58.51 88.03 -13.39
C PHE Q 343 -59.01 89.27 -12.68
N SER Q 344 -58.17 90.29 -12.65
CA SER Q 344 -58.50 91.54 -12.00
C SER Q 344 -58.26 92.69 -12.97
N ALA Q 345 -59.11 93.71 -12.87
CA ALA Q 345 -59.03 94.85 -13.76
C ALA Q 345 -59.01 96.14 -12.96
N SER Q 346 -58.50 97.19 -13.58
CA SER Q 346 -58.37 98.49 -12.93
C SER Q 346 -58.83 99.58 -13.89
N HIS Q 347 -59.30 100.67 -13.32
CA HIS Q 347 -59.74 101.82 -14.11
C HIS Q 347 -58.56 102.47 -14.82
N ALA Q 348 -58.82 103.01 -16.01
CA ALA Q 348 -57.78 103.68 -16.78
C ALA Q 348 -57.67 105.15 -16.47
N SER Q 349 -58.60 105.71 -15.70
CA SER Q 349 -58.56 107.14 -15.40
C SER Q 349 -57.62 107.44 -14.25
N ASP Q 350 -57.91 106.89 -13.06
CA ASP Q 350 -57.08 107.12 -11.89
C ASP Q 350 -56.27 105.89 -11.50
N ASN Q 351 -56.26 104.86 -12.34
CA ASN Q 351 -55.52 103.63 -12.07
C ASN Q 351 -55.98 102.96 -10.78
N SER Q 352 -57.24 103.17 -10.40
CA SER Q 352 -57.80 102.59 -9.20
C SER Q 352 -58.31 101.19 -9.47
N VAL Q 353 -58.54 100.44 -8.39
CA VAL Q 353 -59.02 99.08 -8.51
C VAL Q 353 -60.49 99.09 -8.93
N TYR Q 354 -60.79 98.33 -9.99
CA TYR Q 354 -62.15 98.25 -10.51
C TYR Q 354 -62.91 97.15 -9.79
N TYR Q 355 -64.09 97.49 -9.27
CA TYR Q 355 -64.95 96.56 -8.56
C TYR Q 355 -66.23 96.36 -9.35
N THR Q 356 -66.57 95.10 -9.61
CA THR Q 356 -67.77 94.75 -10.36
C THR Q 356 -68.81 94.15 -9.41
N THR Q 357 -70.07 94.35 -9.76
CA THR Q 357 -71.17 93.83 -8.95
C THR Q 357 -71.83 92.62 -9.61
N THR R 81 -79.02 82.47 -24.30
CA THR R 81 -77.78 82.99 -24.87
C THR R 81 -76.58 82.22 -24.34
N SER R 82 -75.70 81.81 -25.26
CA SER R 82 -74.50 81.06 -24.91
C SER R 82 -73.31 81.64 -25.66
N ASP R 83 -72.13 81.49 -25.06
CA ASP R 83 -70.89 81.98 -25.65
C ASP R 83 -70.24 80.96 -26.58
N GLN R 84 -70.33 79.67 -26.23
CA GLN R 84 -69.75 78.61 -27.01
C GLN R 84 -70.84 77.88 -27.78
N ILE R 85 -70.61 77.68 -29.08
CA ILE R 85 -71.56 77.03 -29.96
C ILE R 85 -71.00 75.67 -30.34
N VAL R 86 -71.83 74.64 -30.23
CA VAL R 86 -71.43 73.28 -30.60
C VAL R 86 -71.20 73.22 -32.10
N VAL R 87 -70.13 72.54 -32.50
CA VAL R 87 -69.78 72.47 -33.92
C VAL R 87 -70.77 71.56 -34.62
N THR R 88 -71.46 72.10 -35.61
CA THR R 88 -72.39 71.32 -36.43
C THR R 88 -71.94 71.16 -37.87
N VAL R 89 -71.18 72.13 -38.39
CA VAL R 89 -70.65 72.05 -39.74
C VAL R 89 -69.12 72.15 -39.64
N PRO R 90 -68.42 71.01 -39.54
CA PRO R 90 -66.96 71.07 -39.41
C PRO R 90 -66.28 71.73 -40.59
N GLN R 91 -66.85 71.63 -41.79
CA GLN R 91 -66.24 72.26 -42.95
C GLN R 91 -66.19 73.78 -42.80
N LYS R 92 -67.28 74.38 -42.32
CA LYS R 92 -67.35 75.82 -42.19
C LYS R 92 -66.89 76.32 -40.83
N THR R 93 -66.61 75.43 -39.88
CA THR R 93 -66.18 75.83 -38.55
C THR R 93 -64.67 75.86 -38.51
N PHE R 94 -64.11 76.98 -38.95
CA PHE R 94 -62.67 77.21 -38.89
C PHE R 94 -62.44 78.63 -38.38
N ILE R 95 -61.28 78.84 -37.76
CA ILE R 95 -60.97 80.14 -37.19
C ILE R 95 -60.77 81.16 -38.31
N GLY R 96 -61.15 82.40 -38.04
CA GLY R 96 -61.00 83.46 -39.01
C GLY R 96 -62.06 83.52 -40.09
N GLY R 97 -63.09 82.68 -40.03
CA GLY R 97 -64.14 82.69 -41.03
C GLY R 97 -65.27 83.62 -40.65
N VAL R 98 -65.70 84.44 -41.62
CA VAL R 98 -66.74 85.43 -41.41
C VAL R 98 -68.05 84.91 -41.99
N TYR R 99 -69.10 84.96 -41.19
CA TYR R 99 -70.42 84.50 -41.58
C TYR R 99 -71.46 85.51 -41.13
N ASN R 100 -72.70 85.27 -41.54
CA ASN R 100 -73.83 86.07 -41.11
C ASN R 100 -74.37 85.50 -39.81
N SER R 101 -74.82 86.38 -38.91
CA SER R 101 -75.34 85.92 -37.62
C SER R 101 -76.60 85.09 -37.79
N THR R 102 -77.50 85.50 -38.67
CA THR R 102 -78.73 84.74 -38.89
C THR R 102 -78.43 83.38 -39.50
N THR R 103 -77.53 83.33 -40.47
CA THR R 103 -77.18 82.06 -41.11
C THR R 103 -76.50 81.13 -40.11
N LEU R 104 -75.63 81.66 -39.25
CA LEU R 104 -75.02 80.84 -38.23
C LEU R 104 -76.04 80.38 -37.21
N ASP R 105 -77.07 81.19 -36.93
CA ASP R 105 -78.10 80.81 -35.99
C ASP R 105 -78.96 79.66 -36.54
N ASN R 106 -79.35 79.75 -37.81
CA ASN R 106 -80.16 78.70 -38.43
C ASN R 106 -79.32 77.67 -39.16
N LEU R 107 -78.02 77.59 -38.87
CA LEU R 107 -77.12 76.57 -39.39
C LEU R 107 -77.01 76.60 -40.92
N ASP R 108 -77.10 77.80 -41.50
CA ASP R 108 -76.90 77.94 -42.94
C ASP R 108 -75.44 78.23 -43.26
N TYR R 109 -74.79 79.05 -42.44
CA TYR R 109 -73.36 79.37 -42.57
C TYR R 109 -73.05 79.93 -43.96
N THR R 110 -73.65 81.06 -44.25
CA THR R 110 -73.36 81.74 -45.50
C THR R 110 -72.11 82.59 -45.33
N PRO R 111 -71.03 82.30 -46.04
CA PRO R 111 -69.79 83.06 -45.86
C PRO R 111 -69.90 84.46 -46.45
N ILE R 112 -69.08 85.36 -45.91
CA ILE R 112 -68.94 86.71 -46.42
C ILE R 112 -67.60 86.76 -47.13
N SER R 113 -67.62 86.77 -48.45
CA SER R 113 -66.41 86.69 -49.27
C SER R 113 -65.82 88.09 -49.44
N TYR R 114 -65.01 88.49 -48.46
CA TYR R 114 -64.30 89.76 -48.51
C TYR R 114 -62.89 89.54 -48.00
N PRO R 115 -61.93 90.31 -48.50
CA PRO R 115 -60.54 90.16 -48.02
C PRO R 115 -60.42 90.45 -46.54
N LEU R 116 -59.53 89.72 -45.89
CA LEU R 116 -59.29 89.85 -44.46
C LEU R 116 -57.80 90.01 -44.20
N ASP R 117 -57.47 90.79 -43.17
CA ASP R 117 -56.09 90.97 -42.80
C ASP R 117 -55.55 89.67 -42.20
N PRO R 118 -54.23 89.47 -42.25
CA PRO R 118 -53.65 88.27 -41.61
C PRO R 118 -54.00 88.23 -40.13
N ILE R 119 -54.30 87.03 -39.64
CA ILE R 119 -54.79 86.82 -38.29
C ILE R 119 -53.72 86.09 -37.49
N THR R 120 -53.56 86.51 -36.24
CA THR R 120 -52.65 85.87 -35.30
C THR R 120 -53.44 84.89 -34.44
N VAL R 121 -52.96 83.66 -34.36
CA VAL R 121 -53.63 82.60 -33.61
C VAL R 121 -52.69 82.10 -32.53
N SER R 122 -53.26 81.79 -31.37
CA SER R 122 -52.51 81.27 -30.24
C SER R 122 -53.13 79.98 -29.77
N TYR R 123 -52.31 79.09 -29.22
CA TYR R 123 -52.76 77.78 -28.77
C TYR R 123 -52.72 77.70 -27.25
N SER R 124 -53.72 77.04 -26.67
CA SER R 124 -53.77 76.93 -25.22
C SER R 124 -52.67 76.03 -24.67
N PHE R 125 -52.26 75.01 -25.41
CA PHE R 125 -51.24 74.10 -24.92
C PHE R 125 -49.84 74.70 -25.07
N PRO R 126 -48.92 74.36 -24.18
CA PRO R 126 -47.55 74.85 -24.31
C PRO R 126 -46.80 74.16 -25.45
N SER R 127 -46.26 74.96 -26.35
CA SER R 127 -45.50 74.44 -27.48
C SER R 127 -44.60 75.54 -28.02
N ASP R 128 -43.59 75.14 -28.79
CA ASP R 128 -42.71 76.12 -29.41
C ASP R 128 -43.46 76.97 -30.42
N PHE R 129 -44.33 76.33 -31.21
CA PHE R 129 -45.16 77.04 -32.18
C PHE R 129 -46.53 77.34 -31.58
N ILE R 130 -46.51 78.12 -30.50
CA ILE R 130 -47.72 78.48 -29.80
C ILE R 130 -48.41 79.71 -30.36
N VAL R 131 -47.67 80.54 -31.11
CA VAL R 131 -48.20 81.76 -31.74
C VAL R 131 -47.93 81.66 -33.23
N ASP R 132 -48.96 81.38 -34.01
CA ASP R 132 -48.86 81.28 -35.46
C ASP R 132 -49.59 82.44 -36.12
N THR R 133 -49.35 82.62 -37.42
CA THR R 133 -49.98 83.65 -38.22
C THR R 133 -50.52 83.02 -39.50
N ILE R 134 -51.75 83.38 -39.87
CA ILE R 134 -52.39 82.86 -41.07
C ILE R 134 -52.81 84.05 -41.92
N GLU R 135 -52.28 84.11 -43.15
CA GLU R 135 -52.63 85.20 -44.04
C GLU R 135 -54.05 85.08 -44.57
N ARG R 136 -54.44 83.88 -45.00
CA ARG R 136 -55.77 83.62 -45.53
C ARG R 136 -56.47 82.60 -44.66
N PRO R 137 -57.37 83.02 -43.77
CA PRO R 137 -58.08 82.06 -42.90
C PRO R 137 -58.87 81.04 -43.70
N SER R 138 -58.53 79.77 -43.49
CA SER R 138 -59.20 78.66 -44.16
C SER R 138 -59.08 77.42 -43.30
N LEU R 139 -59.93 76.43 -43.60
CA LEU R 139 -59.91 75.18 -42.85
C LEU R 139 -58.59 74.45 -43.04
N SER R 140 -58.07 74.41 -44.27
CA SER R 140 -56.80 73.74 -44.52
C SER R 140 -55.66 74.44 -43.78
N SER R 141 -55.65 75.76 -43.79
CA SER R 141 -54.61 76.49 -43.08
C SER R 141 -54.70 76.26 -41.58
N MET R 142 -55.91 76.25 -41.03
CA MET R 142 -56.06 75.98 -39.60
C MET R 142 -55.60 74.57 -39.24
N ARG R 143 -55.95 73.59 -40.06
CA ARG R 143 -55.52 72.22 -39.81
C ARG R 143 -54.01 72.08 -39.89
N ALA R 144 -53.39 72.70 -40.91
CA ALA R 144 -51.94 72.63 -41.05
C ALA R 144 -51.23 73.32 -39.88
N SER R 145 -51.75 74.47 -39.45
CA SER R 145 -51.16 75.16 -38.31
C SER R 145 -51.27 74.34 -37.04
N VAL R 146 -52.41 73.68 -36.82
CA VAL R 146 -52.56 72.82 -35.66
C VAL R 146 -51.59 71.64 -35.72
N PHE R 147 -51.45 71.04 -36.90
CA PHE R 147 -50.53 69.92 -37.07
C PHE R 147 -49.10 70.33 -36.76
N LYS R 148 -48.66 71.47 -37.31
CA LYS R 148 -47.29 71.93 -37.08
C LYS R 148 -47.08 72.30 -35.61
N ALA R 149 -48.06 72.98 -35.00
CA ALA R 149 -47.93 73.37 -33.60
C ALA R 149 -47.83 72.17 -32.68
N MET R 150 -48.63 71.14 -32.92
CA MET R 150 -48.62 69.98 -32.05
C MET R 150 -47.48 69.02 -32.37
N ARG R 151 -46.85 69.14 -33.54
CA ARG R 151 -45.64 68.38 -33.82
C ARG R 151 -44.38 69.15 -33.50
N ALA R 152 -44.48 70.40 -33.06
CA ALA R 152 -43.29 71.18 -32.72
C ALA R 152 -42.69 70.71 -31.41
N ALA R 153 -41.51 71.23 -31.11
CA ALA R 153 -40.79 70.86 -29.89
C ALA R 153 -41.44 71.48 -28.66
N ASN R 154 -41.12 70.92 -27.50
CA ASN R 154 -41.64 71.37 -26.21
C ASN R 154 -43.17 71.36 -26.19
N PHE R 155 -43.76 70.35 -26.82
CA PHE R 155 -45.21 70.19 -26.83
C PHE R 155 -45.63 69.25 -25.70
N SER R 156 -46.68 69.63 -24.98
CA SER R 156 -47.17 68.85 -23.86
C SER R 156 -48.69 68.82 -23.93
N GLY R 157 -49.24 67.63 -24.13
CA GLY R 157 -50.68 67.42 -24.05
C GLY R 157 -51.05 66.89 -22.69
N GLU R 158 -50.14 67.04 -21.73
CA GLU R 158 -50.35 66.48 -20.40
C GLU R 158 -51.53 67.16 -19.70
N GLN R 159 -51.66 68.47 -19.86
CA GLN R 159 -52.71 69.22 -19.19
C GLN R 159 -53.81 69.55 -20.18
N SER R 160 -55.05 69.28 -19.78
CA SER R 160 -56.22 69.59 -20.58
C SER R 160 -56.81 70.92 -20.12
N LEU R 161 -57.95 71.28 -20.69
CA LEU R 161 -58.61 72.54 -20.39
C LEU R 161 -59.90 72.36 -19.61
N ALA R 162 -60.74 71.40 -19.99
CA ALA R 162 -61.97 71.21 -19.24
C ALA R 162 -62.38 69.75 -19.31
N PHE R 163 -63.16 69.32 -18.31
CA PHE R 163 -63.63 67.94 -18.26
C PHE R 163 -64.94 67.92 -17.50
N ASP R 164 -66.05 67.71 -18.22
CA ASP R 164 -67.38 67.64 -17.64
C ASP R 164 -67.86 66.20 -17.68
N TYR R 165 -68.38 65.72 -16.55
CA TYR R 165 -68.91 64.38 -16.44
C TYR R 165 -70.27 64.44 -15.77
N ASN R 166 -71.16 63.52 -16.18
CA ASN R 166 -72.50 63.46 -15.60
C ASN R 166 -73.04 62.06 -15.80
N ILE R 167 -73.50 61.43 -14.72
CA ILE R 167 -74.08 60.10 -14.79
C ILE R 167 -75.36 60.08 -13.98
N LYS R 168 -76.35 59.33 -14.46
CA LYS R 168 -77.63 59.19 -13.79
C LYS R 168 -78.00 57.71 -13.84
N GLN R 169 -78.03 57.08 -12.66
CA GLN R 169 -78.40 55.67 -12.53
C GLN R 169 -79.73 55.58 -11.81
N PHE R 170 -80.65 54.78 -12.35
CA PHE R 170 -81.97 54.62 -11.77
C PHE R 170 -82.37 53.15 -11.91
N SER R 171 -83.12 52.66 -10.92
CA SER R 171 -83.52 51.26 -10.91
C SER R 171 -84.80 51.12 -10.10
N TYR R 172 -85.89 50.77 -10.77
CA TYR R 172 -87.16 50.47 -10.13
C TYR R 172 -87.27 48.96 -9.86
N TYR R 173 -88.21 48.61 -9.00
CA TYR R 173 -88.50 47.22 -8.67
C TYR R 173 -89.95 47.12 -8.24
N SER R 174 -90.56 45.99 -8.55
CA SER R 174 -91.95 45.74 -8.15
C SER R 174 -92.14 44.24 -8.01
N GLU R 175 -92.85 43.84 -6.95
CA GLU R 175 -93.07 42.43 -6.69
C GLU R 175 -94.42 42.24 -6.00
N LEU R 176 -95.30 41.47 -6.64
CA LEU R 176 -96.60 41.10 -6.09
C LEU R 176 -96.65 39.59 -5.95
N LYS R 177 -97.17 39.11 -4.82
CA LYS R 177 -97.24 37.69 -4.48
C LYS R 177 -98.63 37.33 -3.97
N ILE R 178 -99.66 37.73 -4.71
CA ILE R 178 -101.03 37.49 -4.27
C ILE R 178 -101.33 36.00 -4.28
N ALA R 179 -101.92 35.51 -3.19
CA ALA R 179 -102.26 34.11 -3.07
C ALA R 179 -103.66 33.97 -2.48
N PHE R 180 -104.32 32.86 -2.78
CA PHE R 180 -105.65 32.60 -2.28
C PHE R 180 -105.82 31.14 -1.88
N ILE R 194 -110.16 24.70 -4.39
CA ILE R 194 -109.94 25.95 -5.10
C ILE R 194 -108.73 26.69 -4.53
N SER R 195 -107.78 27.01 -5.40
CA SER R 195 -106.57 27.72 -5.01
C SER R 195 -106.30 28.81 -6.04
N GLY R 196 -105.13 29.43 -5.94
CA GLY R 196 -104.76 30.48 -6.87
C GLY R 196 -103.56 31.30 -6.43
N SER R 197 -102.67 31.63 -7.36
CA SER R 197 -101.48 32.42 -7.06
C SER R 197 -101.18 33.33 -8.23
N ASN R 198 -100.62 34.49 -7.92
CA ASN R 198 -100.26 35.50 -8.91
C ASN R 198 -98.97 36.15 -8.45
N ASN R 199 -97.86 35.83 -9.13
CA ASN R 199 -96.54 36.38 -8.85
C ASN R 199 -96.14 37.28 -10.01
N LYS R 200 -96.04 38.58 -9.73
CA LYS R 200 -95.66 39.58 -10.72
C LYS R 200 -94.36 40.25 -10.30
N ILE R 201 -93.40 40.30 -11.21
CA ILE R 201 -92.10 40.91 -10.96
C ILE R 201 -91.83 41.91 -12.08
N LYS R 202 -91.43 43.12 -11.71
CA LYS R 202 -91.12 44.18 -12.66
C LYS R 202 -89.79 44.82 -12.31
N ARG R 203 -88.93 45.02 -13.31
CA ARG R 203 -87.63 45.64 -13.13
C ARG R 203 -87.41 46.63 -14.25
N THR R 204 -86.79 47.76 -13.93
CA THR R 204 -86.49 48.79 -14.93
C THR R 204 -85.22 49.50 -14.50
N THR R 205 -84.14 49.29 -15.25
CA THR R 205 -82.83 49.87 -14.94
C THR R 205 -82.40 50.80 -16.06
N GLY R 206 -81.77 51.92 -15.70
CA GLY R 206 -81.31 52.87 -16.68
C GLY R 206 -80.11 53.69 -16.25
N VAL R 207 -79.08 53.70 -17.08
CA VAL R 207 -77.87 54.48 -16.84
C VAL R 207 -77.66 55.42 -18.02
N PHE R 208 -77.64 56.71 -17.74
CA PHE R 208 -77.38 57.73 -18.76
C PHE R 208 -76.13 58.50 -18.39
N ALA R 209 -75.17 58.57 -19.31
CA ALA R 209 -73.90 59.21 -19.02
C ALA R 209 -73.51 60.16 -20.15
N LYS R 210 -73.09 61.36 -19.78
CA LYS R 210 -72.58 62.35 -20.71
C LYS R 210 -71.23 62.84 -20.23
N PHE R 211 -70.28 62.93 -21.15
CA PHE R 211 -68.93 63.35 -20.82
C PHE R 211 -68.38 64.20 -21.95
N THR R 212 -67.70 65.28 -21.60
CA THR R 212 -67.01 66.11 -22.57
C THR R 212 -65.64 66.46 -22.03
N GLN R 213 -64.66 66.54 -22.92
CA GLN R 213 -63.32 66.94 -22.54
C GLN R 213 -62.85 67.97 -23.54
N LYS R 214 -62.28 69.07 -23.05
CA LYS R 214 -61.74 70.13 -23.87
C LYS R 214 -60.23 70.06 -23.75
N ASN R 215 -59.60 69.42 -24.74
CA ASN R 215 -58.15 69.26 -24.76
C ASN R 215 -57.46 70.61 -24.88
N PHE R 216 -57.86 71.42 -25.85
CA PHE R 216 -57.23 72.74 -26.02
C PHE R 216 -58.11 73.59 -26.92
N THR R 217 -57.74 74.86 -27.03
CA THR R 217 -58.39 75.75 -27.98
C THR R 217 -57.35 76.56 -28.73
N ILE R 218 -57.71 76.94 -29.96
CA ILE R 218 -56.94 77.88 -30.75
C ILE R 218 -57.76 79.16 -30.80
N ASP R 219 -57.14 80.26 -30.39
CA ASP R 219 -57.80 81.54 -30.24
C ASP R 219 -57.23 82.53 -31.25
N MET R 220 -58.03 83.54 -31.56
CA MET R 220 -57.67 84.57 -32.53
C MET R 220 -57.47 85.90 -31.82
N ASP R 221 -56.40 86.60 -32.17
CA ASP R 221 -56.11 87.89 -31.57
C ASP R 221 -57.01 88.97 -32.16
N LEU R 222 -57.29 89.99 -31.35
CA LEU R 222 -58.06 91.12 -31.83
C LEU R 222 -57.25 91.89 -32.87
N PRO R 223 -57.88 92.40 -33.92
CA PRO R 223 -57.13 93.12 -34.95
C PRO R 223 -56.48 94.38 -34.40
N ALA R 224 -55.27 94.66 -34.90
CA ALA R 224 -54.57 95.89 -34.50
C ALA R 224 -55.32 97.12 -34.98
N ASP R 225 -55.83 97.09 -36.20
CA ASP R 225 -56.59 98.21 -36.76
C ASP R 225 -57.99 98.31 -36.17
N GLY R 226 -58.46 97.28 -35.48
CA GLY R 226 -59.79 97.26 -34.93
C GLY R 226 -60.84 96.67 -35.85
N ASN R 227 -60.47 96.34 -37.08
CA ASN R 227 -61.38 95.73 -38.04
C ASN R 227 -60.68 94.53 -38.68
N ILE R 228 -61.43 93.42 -38.82
CA ILE R 228 -60.86 92.22 -39.41
C ILE R 228 -60.65 92.38 -40.90
N PHE R 229 -61.44 93.24 -41.54
CA PHE R 229 -61.36 93.41 -42.99
C PHE R 229 -60.12 94.20 -43.39
N LYS R 230 -59.52 93.78 -44.51
CA LYS R 230 -58.31 94.45 -44.99
C LYS R 230 -58.61 95.84 -45.54
N ASN R 231 -59.67 95.96 -46.34
CA ASN R 231 -59.99 97.25 -46.97
C ASN R 231 -60.59 98.24 -45.98
N ASN R 232 -61.16 97.77 -44.87
CA ASN R 232 -61.81 98.55 -43.83
C ASN R 232 -63.10 99.22 -44.29
N SER R 233 -63.47 99.08 -45.57
CA SER R 233 -64.76 99.56 -46.06
C SER R 233 -65.77 98.44 -46.21
N ASP R 234 -65.31 97.18 -46.19
CA ASP R 234 -66.24 96.06 -46.26
C ASP R 234 -67.14 96.02 -45.03
N LEU R 235 -66.67 96.56 -43.89
CA LEU R 235 -67.52 96.60 -42.71
C LEU R 235 -68.77 97.44 -42.98
N ALA R 236 -68.62 98.58 -43.64
CA ALA R 236 -69.78 99.36 -44.06
C ALA R 236 -70.49 98.74 -45.24
N LEU R 237 -69.78 97.94 -46.05
CA LEU R 237 -70.41 97.29 -47.19
C LEU R 237 -71.43 96.24 -46.76
N THR R 238 -71.12 95.49 -45.70
CA THR R 238 -72.01 94.44 -45.21
C THR R 238 -72.97 94.93 -44.13
N ASN R 239 -73.35 96.20 -44.15
CA ASN R 239 -74.38 96.69 -43.25
C ASN R 239 -75.69 95.95 -43.49
N GLY R 240 -76.28 95.44 -42.41
CA GLY R 240 -77.47 94.61 -42.52
C GLY R 240 -77.19 93.14 -42.70
N LYS R 241 -75.94 92.75 -42.96
CA LYS R 241 -75.58 91.35 -43.11
C LYS R 241 -75.08 90.73 -41.81
N ASN R 242 -74.97 91.52 -40.74
CA ASN R 242 -74.53 91.07 -39.42
C ASN R 242 -73.21 90.32 -39.53
N PRO R 243 -72.10 91.00 -39.80
CA PRO R 243 -70.82 90.30 -39.95
C PRO R 243 -70.32 89.76 -38.62
N VAL R 244 -70.10 88.45 -38.57
CA VAL R 244 -69.62 87.78 -37.37
C VAL R 244 -68.56 86.78 -37.80
N TYR R 245 -67.43 86.78 -37.09
CA TYR R 245 -66.30 85.92 -37.44
C TYR R 245 -65.95 85.02 -36.27
N ILE R 246 -65.64 83.76 -36.56
CA ILE R 246 -65.22 82.84 -35.51
C ILE R 246 -63.83 83.19 -35.04
N SER R 247 -63.66 83.29 -33.72
CA SER R 247 -62.39 83.69 -33.13
C SER R 247 -61.79 82.63 -32.19
N SER R 248 -62.45 81.50 -32.00
CA SER R 248 -61.93 80.47 -31.11
C SER R 248 -62.51 79.12 -31.50
N VAL R 249 -61.66 78.11 -31.56
CA VAL R 249 -62.07 76.74 -31.87
C VAL R 249 -61.54 75.81 -30.78
N THR R 250 -62.42 75.00 -30.21
CA THR R 250 -62.07 74.09 -29.12
C THR R 250 -61.95 72.67 -29.66
N TYR R 251 -60.80 72.05 -29.42
CA TYR R 251 -60.53 70.67 -29.78
C TYR R 251 -60.68 69.81 -28.52
N GLY R 252 -61.45 68.72 -28.64
CA GLY R 252 -61.68 67.83 -27.53
C GLY R 252 -62.45 66.61 -27.95
N ARG R 253 -63.03 65.93 -26.96
CA ARG R 253 -63.77 64.69 -27.16
C ARG R 253 -65.15 64.80 -26.54
N LEU R 254 -66.10 64.06 -27.11
CA LEU R 254 -67.47 63.99 -26.64
C LEU R 254 -67.87 62.53 -26.48
N GLY R 255 -68.74 62.26 -25.50
CA GLY R 255 -69.23 60.91 -25.32
C GLY R 255 -70.57 60.83 -24.60
N ILE R 256 -71.52 60.12 -25.18
CA ILE R 256 -72.84 59.94 -24.58
C ILE R 256 -73.19 58.46 -24.63
N ILE R 257 -73.67 57.93 -23.51
CA ILE R 257 -74.13 56.55 -23.45
C ILE R 257 -75.48 56.51 -22.74
N SER R 258 -76.27 55.49 -23.08
CA SER R 258 -77.59 55.34 -22.50
C SER R 258 -77.95 53.86 -22.55
N ILE R 259 -78.02 53.22 -21.40
CA ILE R 259 -78.34 51.81 -21.28
C ILE R 259 -79.66 51.68 -20.53
N GLU R 260 -80.61 50.99 -21.12
CA GLU R 260 -81.92 50.74 -20.52
C GLU R 260 -82.23 49.26 -20.53
N SER R 261 -82.98 48.82 -19.52
CA SER R 261 -83.33 47.42 -19.40
C SER R 261 -84.67 47.31 -18.69
N ASN R 262 -85.50 46.37 -19.17
CA ASN R 262 -86.82 46.12 -18.61
C ASN R 262 -87.03 44.62 -18.46
N ALA R 263 -87.65 44.22 -17.36
CA ALA R 263 -87.92 42.82 -17.08
C ALA R 263 -89.32 42.69 -16.50
N SER R 264 -90.06 41.67 -16.96
CA SER R 264 -91.41 41.41 -16.51
C SER R 264 -91.61 39.92 -16.33
N TYR R 265 -92.27 39.54 -15.24
CA TYR R 265 -92.57 38.16 -14.88
C TYR R 265 -94.01 38.09 -14.40
N ASN R 266 -94.80 37.18 -14.97
CA ASN R 266 -96.24 37.15 -14.76
C ASN R 266 -96.75 35.74 -14.45
N GLU R 267 -96.12 35.08 -13.49
CA GLU R 267 -96.55 33.72 -13.14
C GLU R 267 -97.94 33.73 -12.52
N VAL R 268 -98.80 32.83 -13.02
CA VAL R 268 -100.17 32.68 -12.51
C VAL R 268 -100.46 31.20 -12.38
N ASN R 269 -100.95 30.78 -11.22
CA ASN R 269 -101.30 29.39 -10.96
C ASN R 269 -102.75 29.30 -10.48
N PHE R 270 -103.41 28.20 -10.85
CA PHE R 270 -104.80 27.99 -10.46
C PHE R 270 -105.08 26.49 -10.38
N ALA R 271 -105.74 26.07 -9.30
CA ALA R 271 -106.08 24.67 -9.12
C ALA R 271 -107.50 24.56 -8.56
N LEU R 272 -108.17 23.48 -8.92
CA LEU R 272 -109.54 23.19 -8.47
C LEU R 272 -109.63 21.74 -8.02
N LYS R 273 -108.70 21.34 -7.15
CA LYS R 273 -108.69 19.97 -6.64
C LYS R 273 -109.79 19.76 -5.61
N LEU R 285 -112.69 15.92 -10.02
CA LEU R 285 -112.20 17.03 -10.80
C LEU R 285 -110.83 17.50 -10.31
N ASN R 286 -109.88 17.61 -11.23
CA ASN R 286 -108.50 18.00 -10.95
C ASN R 286 -108.05 19.07 -11.93
N ILE R 287 -108.87 20.10 -12.12
CA ILE R 287 -108.55 21.16 -13.09
C ILE R 287 -107.34 21.94 -12.60
N ASP R 288 -106.36 22.10 -13.49
CA ASP R 288 -105.15 22.84 -13.20
C ASP R 288 -104.86 23.82 -14.33
N SER R 289 -104.23 24.93 -13.99
CA SER R 289 -103.91 25.96 -14.97
C SER R 289 -102.66 26.71 -14.53
N ASN R 290 -101.79 27.02 -15.49
CA ASN R 290 -100.58 27.76 -15.24
C ASN R 290 -100.29 28.67 -16.41
N SER R 291 -99.79 29.87 -16.12
CA SER R 291 -99.49 30.87 -17.15
C SER R 291 -98.22 31.60 -16.74
N LYS R 292 -97.14 31.37 -17.48
CA LYS R 292 -95.85 32.03 -17.22
C LYS R 292 -95.52 32.95 -18.38
N LYS R 293 -95.12 34.17 -18.06
CA LYS R 293 -94.77 35.16 -19.08
C LYS R 293 -93.56 35.93 -18.61
N ILE R 294 -92.46 35.82 -19.35
CA ILE R 294 -91.22 36.53 -19.06
C ILE R 294 -90.92 37.42 -20.27
N LEU R 295 -90.77 38.72 -20.02
CA LEU R 295 -90.48 39.70 -21.06
C LEU R 295 -89.22 40.45 -20.67
N GLU R 296 -88.21 40.41 -21.53
CA GLU R 296 -86.95 41.10 -21.27
C GLU R 296 -86.61 41.99 -22.45
N GLU R 297 -86.34 43.26 -22.17
CA GLU R 297 -85.97 44.23 -23.20
C GLU R 297 -84.69 44.94 -22.77
N SER R 298 -83.85 45.26 -23.74
CA SER R 298 -82.58 45.92 -23.50
C SER R 298 -82.33 46.95 -24.58
N ASP R 299 -81.53 47.97 -24.24
CA ASP R 299 -81.19 49.02 -25.17
C ASP R 299 -79.86 49.63 -24.75
N LEU R 300 -79.05 50.02 -25.72
CA LEU R 300 -77.75 50.62 -25.43
C LEU R 300 -77.35 51.50 -26.60
N SER R 301 -77.41 52.82 -26.41
CA SER R 301 -77.07 53.78 -27.45
C SER R 301 -75.81 54.53 -27.05
N VAL R 302 -74.83 54.56 -27.94
CA VAL R 302 -73.56 55.23 -27.71
C VAL R 302 -73.29 56.23 -28.83
N TYR R 303 -72.74 57.38 -28.47
CA TYR R 303 -72.38 58.43 -29.42
C TYR R 303 -71.06 59.05 -28.99
N LEU R 304 -69.99 58.77 -29.71
CA LEU R 304 -68.66 59.29 -29.39
C LEU R 304 -68.16 60.19 -30.50
N VAL R 305 -67.54 61.30 -30.12
CA VAL R 305 -66.96 62.25 -31.06
C VAL R 305 -65.49 62.41 -30.69
N GLY R 306 -64.63 61.86 -31.53
CA GLY R 306 -63.20 61.92 -31.30
C GLY R 306 -62.72 60.84 -30.36
N GLY R 307 -61.46 60.99 -29.97
CA GLY R 307 -60.83 60.01 -29.10
C GLY R 307 -60.14 58.90 -29.87
N ARG R 308 -59.47 58.03 -29.11
CA ARG R 308 -58.78 56.90 -29.70
C ARG R 308 -59.77 55.92 -30.28
N GLY R 309 -59.52 55.48 -31.52
CA GLY R 309 -60.44 54.57 -32.18
C GLY R 309 -60.51 53.21 -31.51
N THR R 310 -59.36 52.69 -31.07
CA THR R 310 -59.33 51.38 -30.43
C THR R 310 -60.16 51.36 -29.15
N ASP R 311 -60.04 52.41 -28.34
CA ASP R 311 -60.85 52.49 -27.12
C ASP R 311 -62.30 52.83 -27.44
N ALA R 312 -62.54 53.58 -28.52
CA ALA R 312 -63.89 53.97 -28.88
C ALA R 312 -64.72 52.78 -29.31
N VAL R 313 -64.13 51.85 -30.06
CA VAL R 313 -64.89 50.71 -30.54
C VAL R 313 -65.14 49.67 -29.46
N GLN R 314 -64.51 49.79 -28.29
CA GLN R 314 -64.69 48.87 -27.19
C GLN R 314 -65.87 49.24 -26.29
N VAL R 315 -66.54 50.36 -26.57
CA VAL R 315 -67.66 50.80 -25.74
C VAL R 315 -68.88 49.93 -26.01
N ILE R 316 -68.78 49.02 -26.97
CA ILE R 316 -69.91 48.16 -27.29
C ILE R 316 -70.15 47.13 -26.20
N LYS R 317 -69.20 46.93 -25.30
CA LYS R 317 -69.32 45.92 -24.25
C LYS R 317 -69.89 46.53 -22.97
N GLY R 318 -71.09 47.08 -23.08
CA GLY R 318 -71.78 47.66 -21.94
C GLY R 318 -71.09 48.89 -21.38
N PHE R 319 -71.28 49.11 -20.08
CA PHE R 319 -70.64 50.23 -19.40
C PHE R 319 -69.26 49.85 -18.86
N ALA R 320 -68.45 49.29 -19.73
CA ALA R 320 -67.06 48.97 -19.44
C ALA R 320 -66.13 49.64 -20.43
N GLY R 321 -66.50 49.62 -21.71
CA GLY R 321 -65.76 50.38 -22.70
C GLY R 321 -65.90 51.86 -22.47
N PHE R 322 -67.10 52.30 -22.09
CA PHE R 322 -67.28 53.70 -21.71
C PHE R 322 -66.91 53.86 -20.24
N SER R 323 -65.80 53.25 -19.85
CA SER R 323 -65.09 53.50 -18.61
C SER R 323 -63.60 53.50 -18.81
N ASN R 324 -63.11 52.96 -19.93
CA ASN R 324 -61.71 53.05 -20.32
C ASN R 324 -61.51 53.98 -21.50
N PHE R 325 -62.54 54.21 -22.32
CA PHE R 325 -62.43 55.19 -23.38
C PHE R 325 -62.13 56.56 -22.81
N ILE R 326 -62.56 56.81 -21.58
CA ILE R 326 -62.31 58.08 -20.92
C ILE R 326 -60.97 58.08 -20.21
N VAL R 327 -60.64 57.00 -19.49
CA VAL R 327 -59.42 56.99 -18.69
C VAL R 327 -58.16 56.68 -19.49
N ASN R 328 -58.30 56.22 -20.74
CA ASN R 328 -57.15 55.94 -21.59
C ASN R 328 -56.88 57.05 -22.60
N GLY R 329 -57.58 58.19 -22.48
CA GLY R 329 -57.36 59.29 -23.39
C GLY R 329 -57.35 60.64 -22.72
N GLY R 330 -57.00 60.67 -21.43
CA GLY R 330 -56.95 61.92 -20.71
C GLY R 330 -55.89 62.87 -21.25
N GLN R 331 -54.70 62.36 -21.54
CA GLN R 331 -53.64 63.16 -22.13
C GLN R 331 -53.73 63.05 -23.64
N PHE R 332 -53.89 64.18 -24.32
CA PHE R 332 -54.01 64.18 -25.77
C PHE R 332 -52.62 64.23 -26.40
N THR R 333 -52.36 63.28 -27.26
CA THR R 333 -51.11 63.06 -27.96
C THR R 333 -51.18 63.70 -29.34
N PRO R 334 -50.05 64.00 -29.99
CA PRO R 334 -50.13 64.56 -31.34
C PRO R 334 -50.67 63.55 -32.36
N GLU R 335 -50.66 62.25 -32.04
CA GLU R 335 -51.35 61.28 -32.87
C GLU R 335 -52.86 61.36 -32.70
N ALA R 336 -53.35 61.91 -31.59
CA ALA R 336 -54.78 62.05 -31.31
C ALA R 336 -55.05 63.49 -30.89
N PRO R 337 -55.03 64.43 -31.84
CA PRO R 337 -55.18 65.84 -31.47
C PRO R 337 -56.55 66.21 -30.90
N GLY R 338 -57.58 65.42 -31.17
CA GLY R 338 -58.92 65.76 -30.77
C GLY R 338 -59.72 66.31 -31.93
N VAL R 339 -61.00 66.54 -31.68
CA VAL R 339 -61.93 66.97 -32.71
C VAL R 339 -62.51 68.34 -32.34
N PRO R 340 -62.63 69.27 -33.28
CA PRO R 340 -63.31 70.53 -32.96
C PRO R 340 -64.73 70.26 -32.52
N ILE R 341 -65.02 70.60 -31.26
CA ILE R 341 -66.30 70.32 -30.64
C ILE R 341 -67.08 71.60 -30.33
N TYR R 342 -66.39 72.66 -29.95
CA TYR R 342 -67.02 73.93 -29.65
C TYR R 342 -66.26 75.06 -30.34
N PHE R 343 -66.96 76.15 -30.58
CA PHE R 343 -66.31 77.31 -31.19
C PHE R 343 -67.02 78.57 -30.71
N SER R 344 -66.32 79.68 -30.76
CA SER R 344 -66.85 80.96 -30.33
C SER R 344 -66.64 81.98 -31.44
N ALA R 345 -67.60 82.90 -31.56
CA ALA R 345 -67.56 83.90 -32.60
C ALA R 345 -67.77 85.28 -31.99
N SER R 346 -67.32 86.30 -32.70
CA SER R 346 -67.41 87.67 -32.25
C SER R 346 -67.88 88.56 -33.39
N HIS R 347 -68.54 89.66 -33.03
CA HIS R 347 -69.02 90.62 -34.02
C HIS R 347 -67.85 91.30 -34.70
N ALA R 348 -68.04 91.65 -35.98
CA ALA R 348 -67.00 92.32 -36.74
C ALA R 348 -67.08 93.84 -36.64
N SER R 349 -68.17 94.38 -36.05
CA SER R 349 -68.32 95.82 -35.97
C SER R 349 -67.53 96.39 -34.79
N ASP R 350 -67.88 95.98 -33.57
CA ASP R 350 -67.21 96.46 -32.37
C ASP R 350 -66.32 95.41 -31.73
N ASN R 351 -66.10 94.28 -32.41
CA ASN R 351 -65.26 93.20 -31.90
C ASN R 351 -65.78 92.66 -30.57
N SER R 352 -67.09 92.76 -30.34
CA SER R 352 -67.70 92.29 -29.12
C SER R 352 -68.03 90.81 -29.23
N VAL R 353 -68.28 90.19 -28.08
CA VAL R 353 -68.58 88.77 -28.03
C VAL R 353 -69.99 88.53 -28.58
N TYR R 354 -70.09 87.61 -29.54
CA TYR R 354 -71.37 87.28 -30.16
C TYR R 354 -72.08 86.21 -29.36
N TYR R 355 -73.33 86.47 -29.00
CA TYR R 355 -74.14 85.53 -28.24
C TYR R 355 -75.31 85.06 -29.11
N THR R 356 -75.48 83.75 -29.20
CA THR R 356 -76.55 83.16 -29.99
C THR R 356 -77.60 82.57 -29.06
N THR R 357 -78.84 82.55 -29.55
CA THR R 357 -79.95 82.01 -28.77
C THR R 357 -80.39 80.65 -29.31
N THR S 81 -84.86 67.81 -42.95
CA THR S 81 -83.62 68.40 -43.48
C THR S 81 -82.40 67.87 -42.74
N SER S 82 -81.39 67.45 -43.51
CA SER S 82 -80.16 66.92 -42.96
C SER S 82 -78.97 67.53 -43.67
N ASP S 83 -77.85 67.61 -42.95
CA ASP S 83 -76.62 68.18 -43.49
C ASP S 83 -75.76 67.12 -44.20
N GLN S 84 -75.75 65.90 -43.69
CA GLN S 84 -74.96 64.82 -44.25
C GLN S 84 -75.88 63.86 -45.00
N ILE S 85 -75.50 63.52 -46.22
CA ILE S 85 -76.27 62.64 -47.09
C ILE S 85 -75.52 61.32 -47.21
N VAL S 86 -76.25 60.22 -47.03
CA VAL S 86 -75.66 58.90 -47.15
C VAL S 86 -75.26 58.65 -48.60
N VAL S 87 -74.08 58.08 -48.81
CA VAL S 87 -73.57 57.86 -50.16
C VAL S 87 -74.38 56.74 -50.80
N THR S 88 -75.02 57.05 -51.93
CA THR S 88 -75.77 56.07 -52.69
C THR S 88 -75.15 55.77 -54.05
N VAL S 89 -74.46 56.75 -54.64
CA VAL S 89 -73.78 56.56 -55.91
C VAL S 89 -72.30 56.86 -55.70
N PRO S 90 -71.49 55.85 -55.37
CA PRO S 90 -70.07 56.10 -55.12
C PRO S 90 -69.33 56.69 -56.31
N GLN S 91 -69.76 56.35 -57.53
CA GLN S 91 -69.11 56.89 -58.72
C GLN S 91 -69.26 58.41 -58.79
N LYS S 92 -70.45 58.93 -58.50
CA LYS S 92 -70.69 60.36 -58.59
C LYS S 92 -70.43 61.09 -57.27
N THR S 93 -70.16 60.37 -56.20
CA THR S 93 -69.93 61.00 -54.89
C THR S 93 -68.43 61.22 -54.73
N PHE S 94 -67.96 62.34 -55.28
CA PHE S 94 -66.57 62.75 -55.12
C PHE S 94 -66.55 64.25 -54.81
N ILE S 95 -65.49 64.68 -54.13
CA ILE S 95 -65.40 66.07 -53.73
C ILE S 95 -65.19 66.95 -54.96
N GLY S 96 -65.75 68.16 -54.91
CA GLY S 96 -65.62 69.09 -56.01
C GLY S 96 -66.56 68.88 -57.17
N GLY S 97 -67.49 67.92 -57.07
CA GLY S 97 -68.42 67.67 -58.16
C GLY S 97 -69.68 68.49 -58.03
N VAL S 98 -70.09 69.11 -59.14
CA VAL S 98 -71.26 69.99 -59.17
C VAL S 98 -72.43 69.23 -59.78
N TYR S 99 -73.56 69.25 -59.09
CA TYR S 99 -74.77 68.57 -59.52
C TYR S 99 -75.97 69.49 -59.31
N ASN S 100 -77.12 69.04 -59.80
CA ASN S 100 -78.37 69.75 -59.58
C ASN S 100 -78.98 69.29 -58.26
N SER S 101 -79.60 70.22 -57.54
CA SER S 101 -80.20 69.89 -56.26
C SER S 101 -81.33 68.87 -56.42
N THR S 102 -82.19 69.06 -57.43
CA THR S 102 -83.29 68.13 -57.64
C THR S 102 -82.78 66.74 -58.01
N THR S 103 -81.78 66.68 -58.89
CA THR S 103 -81.22 65.39 -59.29
C THR S 103 -80.55 64.69 -58.12
N LEU S 104 -79.85 65.45 -57.28
CA LEU S 104 -79.25 64.85 -56.09
C LEU S 104 -80.32 64.40 -55.10
N ASP S 105 -81.44 65.11 -55.04
CA ASP S 105 -82.53 64.73 -54.15
C ASP S 105 -83.19 63.42 -54.60
N ASN S 106 -83.46 63.28 -55.90
CA ASN S 106 -84.07 62.07 -56.42
C ASN S 106 -83.05 61.06 -56.92
N LEU S 107 -81.78 61.19 -56.51
CA LEU S 107 -80.73 60.22 -56.81
C LEU S 107 -80.46 60.07 -58.30
N ASP S 108 -80.62 61.15 -59.05
CA ASP S 108 -80.28 61.13 -60.47
C ASP S 108 -78.84 61.55 -60.71
N TYR S 109 -78.38 62.56 -59.96
CA TYR S 109 -77.00 63.01 -60.01
C TYR S 109 -76.60 63.43 -61.42
N THR S 110 -77.30 64.44 -61.94
CA THR S 110 -76.95 64.97 -63.24
C THR S 110 -75.83 65.99 -63.09
N PRO S 111 -74.66 65.74 -63.65
CA PRO S 111 -73.54 66.67 -63.46
C PRO S 111 -73.74 67.95 -64.26
N ILE S 112 -73.09 69.00 -63.79
CA ILE S 112 -73.06 70.28 -64.49
C ILE S 112 -71.65 70.42 -65.06
N SER S 113 -71.54 70.24 -66.38
CA SER S 113 -70.26 70.21 -67.07
C SER S 113 -69.80 71.63 -67.38
N TYR S 114 -69.16 72.26 -66.41
CA TYR S 114 -68.59 73.59 -66.57
C TYR S 114 -67.23 73.62 -65.91
N PRO S 115 -66.30 74.43 -66.43
CA PRO S 115 -64.97 74.53 -65.83
C PRO S 115 -65.04 75.02 -64.39
N LEU S 116 -64.14 74.51 -63.56
CA LEU S 116 -64.07 74.86 -62.16
C LEU S 116 -62.65 75.24 -61.80
N ASP S 117 -62.52 76.18 -60.87
CA ASP S 117 -61.21 76.59 -60.39
C ASP S 117 -60.60 75.46 -59.57
N PRO S 118 -59.26 75.42 -59.47
CA PRO S 118 -58.63 74.41 -58.62
C PRO S 118 -59.12 74.51 -57.19
N ILE S 119 -59.34 73.36 -56.56
CA ILE S 119 -59.93 73.28 -55.24
C ILE S 119 -58.88 72.81 -54.25
N THR S 120 -58.90 73.41 -53.06
CA THR S 120 -58.02 73.01 -51.97
C THR S 120 -58.78 72.07 -51.05
N VAL S 121 -58.18 70.93 -50.74
CA VAL S 121 -58.80 69.91 -49.92
C VAL S 121 -57.93 69.67 -48.69
N SER S 122 -58.58 69.46 -47.55
CA SER S 122 -57.90 69.19 -46.29
C SER S 122 -58.42 67.89 -45.71
N TYR S 123 -57.56 67.21 -44.96
CA TYR S 123 -57.91 65.92 -44.37
C TYR S 123 -58.01 66.05 -42.86
N SER S 124 -58.99 65.36 -42.28
CA SER S 124 -59.18 65.43 -40.83
C SER S 124 -58.04 64.77 -40.06
N PHE S 125 -57.46 63.71 -40.61
CA PHE S 125 -56.40 63.00 -39.90
C PHE S 125 -55.07 63.75 -40.02
N PRO S 126 -54.21 63.66 -39.00
CA PRO S 126 -52.90 64.30 -39.09
C PRO S 126 -51.96 63.56 -40.03
N SER S 127 -51.42 64.29 -41.00
CA SER S 127 -50.48 63.73 -41.97
C SER S 127 -49.67 64.86 -42.58
N ASP S 128 -48.54 64.49 -43.19
CA ASP S 128 -47.71 65.48 -43.87
C ASP S 128 -48.45 66.07 -45.06
N PHE S 129 -49.16 65.25 -45.82
CA PHE S 129 -49.95 65.70 -46.96
C PHE S 129 -51.40 65.90 -46.53
N ILE S 130 -51.57 66.81 -45.58
CA ILE S 130 -52.90 67.11 -45.03
C ILE S 130 -53.65 68.16 -45.84
N VAL S 131 -52.95 68.97 -46.63
CA VAL S 131 -53.54 70.01 -47.47
C VAL S 131 -53.10 69.74 -48.90
N ASP S 132 -54.00 69.23 -49.72
CA ASP S 132 -53.74 68.96 -51.13
C ASP S 132 -54.53 69.92 -52.01
N THR S 133 -54.17 69.95 -53.29
CA THR S 133 -54.83 70.77 -54.29
C THR S 133 -55.15 69.92 -55.51
N ILE S 134 -56.37 70.07 -56.03
CA ILE S 134 -56.83 69.32 -57.19
C ILE S 134 -57.28 70.31 -58.24
N GLU S 135 -56.64 70.27 -59.42
CA GLU S 135 -57.01 71.20 -60.49
C GLU S 135 -58.35 70.81 -61.11
N ARG S 136 -58.55 69.53 -61.39
CA ARG S 136 -59.78 69.04 -62.00
C ARG S 136 -60.45 68.06 -61.05
N PRO S 137 -61.48 68.48 -60.32
CA PRO S 137 -62.15 67.57 -59.37
C PRO S 137 -62.74 66.35 -60.09
N SER S 138 -62.28 65.18 -59.67
CA SER S 138 -62.76 63.92 -60.23
C SER S 138 -62.58 62.82 -59.19
N LEU S 139 -63.29 61.71 -59.42
CA LEU S 139 -63.20 60.58 -58.50
C LEU S 139 -61.79 60.00 -58.46
N SER S 140 -61.15 59.87 -59.62
CA SER S 140 -59.79 59.33 -59.65
C SER S 140 -58.82 60.25 -58.92
N SER S 141 -58.96 61.57 -59.12
CA SER S 141 -58.08 62.52 -58.45
C SER S 141 -58.30 62.47 -56.93
N MET S 142 -59.55 62.38 -56.49
CA MET S 142 -59.83 62.29 -55.06
C MET S 142 -59.25 61.01 -54.47
N ARG S 143 -59.39 59.89 -55.17
CA ARG S 143 -58.84 58.62 -54.68
C ARG S 143 -57.32 58.68 -54.61
N ALA S 144 -56.68 59.23 -55.64
CA ALA S 144 -55.22 59.32 -55.65
C ALA S 144 -54.73 60.25 -54.53
N SER S 145 -55.42 61.36 -54.32
CA SER S 145 -55.03 62.27 -53.25
C SER S 145 -55.18 61.62 -51.88
N VAL S 146 -56.25 60.86 -51.68
CA VAL S 146 -56.43 60.15 -50.41
C VAL S 146 -55.34 59.11 -50.22
N PHE S 147 -54.99 58.38 -51.29
CA PHE S 147 -53.94 57.37 -51.21
C PHE S 147 -52.61 58.00 -50.83
N LYS S 148 -52.24 59.09 -51.51
CA LYS S 148 -50.97 59.75 -51.21
C LYS S 148 -50.96 60.34 -49.81
N ALA S 149 -52.07 60.95 -49.39
CA ALA S 149 -52.12 61.56 -48.06
C ALA S 149 -51.98 60.51 -46.97
N MET S 150 -52.64 59.36 -47.14
CA MET S 150 -52.59 58.34 -46.10
C MET S 150 -51.32 57.50 -46.18
N ARG S 151 -50.59 57.54 -47.29
CA ARG S 151 -49.28 56.91 -47.35
C ARG S 151 -48.14 57.87 -47.03
N ALA S 152 -48.44 59.15 -46.80
CA ALA S 152 -47.39 60.10 -46.47
C ALA S 152 -46.87 59.88 -45.05
N ALA S 153 -45.80 60.60 -44.72
CA ALA S 153 -45.17 60.48 -43.41
C ALA S 153 -46.02 61.18 -42.34
N ASN S 154 -45.76 60.81 -41.09
CA ASN S 154 -46.47 61.37 -39.93
C ASN S 154 -47.97 61.18 -40.04
N PHE S 155 -48.38 60.03 -40.57
CA PHE S 155 -49.79 59.68 -40.68
C PHE S 155 -50.21 58.85 -39.48
N SER S 156 -51.37 59.20 -38.91
CA SER S 156 -51.88 58.50 -37.74
C SER S 156 -53.37 58.27 -37.93
N GLY S 157 -53.76 57.00 -38.00
CA GLY S 157 -55.16 56.64 -38.02
C GLY S 157 -55.63 56.25 -36.64
N GLU S 158 -54.84 56.63 -35.63
CA GLU S 158 -55.13 56.24 -34.26
C GLU S 158 -56.43 56.85 -33.78
N GLN S 159 -56.70 58.10 -34.14
CA GLN S 159 -57.89 58.79 -33.67
C GLN S 159 -58.92 58.85 -34.79
N SER S 160 -60.15 58.48 -34.48
CA SER S 160 -61.26 58.53 -35.41
C SER S 160 -62.05 59.82 -35.20
N LEU S 161 -63.15 59.96 -35.92
CA LEU S 161 -63.98 61.16 -35.85
C LEU S 161 -65.31 60.92 -35.18
N ALA S 162 -66.00 59.82 -35.49
CA ALA S 162 -67.26 59.57 -34.82
C ALA S 162 -67.50 58.07 -34.72
N PHE S 163 -68.32 57.69 -33.75
CA PHE S 163 -68.64 56.29 -33.53
C PHE S 163 -70.01 56.20 -32.89
N ASP S 164 -71.00 55.75 -33.66
CA ASP S 164 -72.36 55.59 -33.21
C ASP S 164 -72.68 54.11 -33.08
N TYR S 165 -73.26 53.73 -31.94
CA TYR S 165 -73.65 52.35 -31.68
C TYR S 165 -75.07 52.33 -31.16
N ASN S 166 -75.79 51.26 -31.49
CA ASN S 166 -77.16 51.11 -31.04
C ASN S 166 -77.53 49.64 -31.08
N ILE S 167 -78.01 49.11 -29.97
CA ILE S 167 -78.43 47.72 -29.90
C ILE S 167 -79.79 47.64 -29.21
N LYS S 168 -80.63 46.72 -29.66
CA LYS S 168 -81.95 46.51 -29.08
C LYS S 168 -82.15 45.00 -28.94
N GLN S 169 -82.23 44.53 -27.71
CA GLN S 169 -82.44 43.13 -27.40
C GLN S 169 -83.83 42.96 -26.80
N PHE S 170 -84.58 41.99 -27.30
CA PHE S 170 -85.93 41.73 -26.81
C PHE S 170 -86.15 40.22 -26.76
N SER S 171 -86.93 39.79 -25.79
CA SER S 171 -87.17 38.35 -25.61
C SER S 171 -88.51 38.17 -24.91
N TYR S 172 -89.47 37.60 -25.61
CA TYR S 172 -90.76 37.22 -25.04
C TYR S 172 -90.73 35.77 -24.58
N TYR S 173 -91.71 35.42 -23.75
CA TYR S 173 -91.86 34.06 -23.25
C TYR S 173 -93.34 33.83 -22.94
N SER S 174 -93.79 32.59 -23.14
CA SER S 174 -95.16 32.23 -22.84
C SER S 174 -95.21 30.75 -22.49
N GLU S 175 -95.97 30.41 -21.45
CA GLU S 175 -96.06 29.02 -21.01
C GLU S 175 -97.44 28.76 -20.43
N LEU S 176 -98.16 27.81 -21.01
CA LEU S 176 -99.46 27.36 -20.53
C LEU S 176 -99.35 25.88 -20.18
N LYS S 177 -99.93 25.51 -19.03
CA LYS S 177 -99.87 24.14 -18.52
C LYS S 177 -101.25 23.69 -18.07
N ILE S 178 -102.24 23.84 -18.95
CA ILE S 178 -103.61 23.50 -18.61
C ILE S 178 -103.74 21.98 -18.42
N ALA S 179 -104.39 21.58 -17.33
CA ALA S 179 -104.58 20.17 -17.04
C ALA S 179 -106.00 19.94 -16.55
N PHE S 180 -106.50 18.72 -16.75
CA PHE S 180 -107.84 18.37 -16.33
C PHE S 180 -107.88 16.96 -15.74
N ILE S 194 -111.18 9.76 -17.65
CA ILE S 194 -111.04 10.91 -18.52
C ILE S 194 -109.97 11.86 -17.96
N SER S 195 -108.98 12.19 -18.79
CA SER S 195 -107.91 13.08 -18.40
C SER S 195 -107.65 14.06 -19.55
N GLY S 196 -106.57 14.83 -19.44
CA GLY S 196 -106.23 15.78 -20.47
C GLY S 196 -105.20 16.79 -20.05
N SER S 197 -104.25 17.10 -20.94
CA SER S 197 -103.20 18.07 -20.65
C SER S 197 -102.88 18.85 -21.91
N ASN S 198 -102.49 20.11 -21.73
CA ASN S 198 -102.14 21.01 -22.82
C ASN S 198 -100.98 21.88 -22.34
N ASN S 199 -99.79 21.62 -22.87
CA ASN S 199 -98.57 22.34 -22.55
C ASN S 199 -98.16 23.14 -23.80
N LYS S 200 -98.24 24.46 -23.70
CA LYS S 200 -97.87 25.36 -24.79
C LYS S 200 -96.71 26.23 -24.36
N ILE S 201 -95.66 26.28 -25.18
CA ILE S 201 -94.47 27.09 -24.92
C ILE S 201 -94.20 27.96 -26.13
N LYS S 202 -93.98 29.25 -25.91
CA LYS S 202 -93.70 30.19 -26.98
C LYS S 202 -92.49 31.04 -26.60
N ARG S 203 -91.57 31.20 -27.54
CA ARG S 203 -90.38 32.01 -27.34
C ARG S 203 -90.15 32.87 -28.57
N THR S 204 -89.69 34.09 -28.37
CA THR S 204 -89.41 35.01 -29.47
C THR S 204 -88.27 35.93 -29.05
N THR S 205 -87.11 35.76 -29.65
CA THR S 205 -85.92 36.53 -29.33
C THR S 205 -85.48 37.36 -30.52
N GLY S 206 -85.02 38.58 -30.26
CA GLY S 206 -84.57 39.44 -31.34
C GLY S 206 -83.52 40.46 -30.92
N VAL S 207 -82.41 40.50 -31.66
CA VAL S 207 -81.32 41.44 -31.43
C VAL S 207 -81.11 42.23 -32.71
N PHE S 208 -81.26 43.55 -32.63
CA PHE S 208 -81.02 44.44 -33.75
C PHE S 208 -79.90 45.40 -33.39
N ALA S 209 -78.87 45.47 -34.22
CA ALA S 209 -77.71 46.31 -33.91
C ALA S 209 -77.32 47.13 -35.12
N LYS S 210 -77.08 48.41 -34.90
CA LYS S 210 -76.59 49.32 -35.92
C LYS S 210 -75.35 50.04 -35.40
N PHE S 211 -74.33 50.13 -36.24
CA PHE S 211 -73.09 50.76 -35.86
C PHE S 211 -72.52 51.51 -37.06
N THR S 212 -72.01 52.70 -36.80
CA THR S 212 -71.32 53.48 -37.81
C THR S 212 -70.06 54.07 -37.21
N GLN S 213 -69.01 54.16 -38.01
CA GLN S 213 -67.76 54.76 -37.57
C GLN S 213 -67.31 55.71 -38.68
N LYS S 214 -66.92 56.91 -38.30
CA LYS S 214 -66.42 57.92 -39.22
C LYS S 214 -64.94 58.06 -38.95
N ASN S 215 -64.14 57.39 -39.78
CA ASN S 215 -62.69 57.41 -39.65
C ASN S 215 -62.13 58.81 -39.90
N PHE S 216 -62.54 59.42 -41.01
CA PHE S 216 -62.05 60.76 -41.32
C PHE S 216 -62.92 61.37 -42.40
N THR S 217 -62.68 62.65 -42.67
CA THR S 217 -63.32 63.33 -43.78
C THR S 217 -62.31 64.16 -44.55
N ILE S 218 -62.58 64.31 -45.85
CA ILE S 218 -61.84 65.22 -46.71
C ILE S 218 -62.80 66.38 -47.01
N ASP S 219 -62.34 67.58 -46.70
CA ASP S 219 -63.15 68.79 -46.80
C ASP S 219 -62.60 69.70 -47.89
N MET S 220 -63.48 70.54 -48.42
CA MET S 220 -63.13 71.47 -49.49
C MET S 220 -63.15 72.89 -48.96
N ASP S 221 -62.14 73.67 -49.32
CA ASP S 221 -62.06 75.06 -48.89
C ASP S 221 -63.01 75.93 -49.71
N LEU S 222 -63.49 77.00 -49.08
CA LEU S 222 -64.33 77.95 -49.79
C LEU S 222 -63.50 78.67 -50.85
N PRO S 223 -64.08 78.95 -52.02
CA PRO S 223 -63.31 79.62 -53.08
C PRO S 223 -62.86 81.02 -52.65
N ALA S 224 -61.65 81.38 -53.09
CA ALA S 224 -61.14 82.72 -52.81
C ALA S 224 -61.96 83.79 -53.52
N ASP S 225 -62.34 83.51 -54.78
CA ASP S 225 -63.16 84.45 -55.54
C ASP S 225 -64.62 84.45 -55.11
N GLY S 226 -65.03 83.46 -54.32
CA GLY S 226 -66.41 83.35 -53.88
C GLY S 226 -67.28 82.52 -54.79
N ASN S 227 -66.76 82.06 -55.93
CA ASN S 227 -67.47 81.23 -56.87
C ASN S 227 -66.59 80.06 -57.26
N ILE S 228 -67.19 78.86 -57.30
CA ILE S 228 -66.43 77.67 -57.66
C ILE S 228 -66.08 77.65 -59.14
N PHE S 229 -66.88 78.31 -59.97
CA PHE S 229 -66.67 78.29 -61.40
C PHE S 229 -65.50 79.17 -61.81
N LYS S 230 -64.73 78.69 -62.79
CA LYS S 230 -63.57 79.44 -63.26
C LYS S 230 -63.97 80.68 -64.03
N ASN S 231 -64.94 80.57 -64.94
CA ASN S 231 -65.33 81.71 -65.76
C ASN S 231 -66.14 82.74 -64.99
N ASN S 232 -66.78 82.35 -63.88
CA ASN S 232 -67.62 83.18 -63.02
C ASN S 232 -68.92 83.60 -63.69
N SER S 233 -69.13 83.26 -64.96
CA SER S 233 -70.40 83.50 -65.63
C SER S 233 -71.27 82.25 -65.69
N ASP S 234 -70.67 81.08 -65.47
CA ASP S 234 -71.45 79.85 -65.44
C ASP S 234 -72.47 79.85 -64.31
N LEU S 235 -72.19 80.59 -63.22
CA LEU S 235 -73.16 80.69 -62.14
C LEU S 235 -74.46 81.32 -62.63
N ALA S 236 -74.36 82.38 -63.45
CA ALA S 236 -75.54 82.94 -64.07
C ALA S 236 -76.06 82.07 -65.20
N LEU S 237 -75.19 81.26 -65.82
CA LEU S 237 -75.62 80.40 -66.92
C LEU S 237 -76.55 79.29 -66.41
N THR S 238 -76.27 78.74 -65.23
CA THR S 238 -77.08 77.67 -64.68
C THR S 238 -78.20 78.17 -63.78
N ASN S 239 -78.72 79.37 -64.02
CA ASN S 239 -79.89 79.83 -63.28
C ASN S 239 -81.07 78.91 -63.53
N GLY S 240 -81.72 78.47 -62.45
CA GLY S 240 -82.78 77.50 -62.53
C GLY S 240 -82.32 76.06 -62.48
N LYS S 241 -81.01 75.80 -62.57
CA LYS S 241 -80.48 74.45 -62.47
C LYS S 241 -80.06 74.08 -61.06
N ASN S 242 -80.15 75.01 -60.11
CA ASN S 242 -79.80 74.80 -58.72
C ASN S 242 -78.40 74.22 -58.58
N PRO S 243 -77.35 74.99 -58.87
CA PRO S 243 -75.99 74.44 -58.80
C PRO S 243 -75.57 74.16 -57.36
N VAL S 244 -75.22 72.91 -57.10
CA VAL S 244 -74.79 72.46 -55.78
C VAL S 244 -73.58 71.57 -55.95
N TYR S 245 -72.53 71.80 -55.17
CA TYR S 245 -71.29 71.05 -55.29
C TYR S 245 -70.97 70.37 -53.97
N ILE S 246 -70.49 69.13 -54.05
CA ILE S 246 -70.08 68.42 -52.84
C ILE S 246 -68.79 69.00 -52.30
N SER S 247 -68.77 69.30 -51.00
CA SER S 247 -67.63 69.91 -50.36
C SER S 247 -67.02 69.09 -49.24
N SER S 248 -67.56 67.92 -48.94
CA SER S 248 -67.03 67.09 -47.87
C SER S 248 -67.41 65.64 -48.12
N VAL S 249 -66.43 64.74 -47.95
CA VAL S 249 -66.66 63.31 -48.08
C VAL S 249 -66.15 62.61 -46.83
N THR S 250 -66.99 61.77 -46.23
CA THR S 250 -66.66 61.08 -44.99
C THR S 250 -66.32 59.62 -45.30
N TYR S 251 -65.13 59.19 -44.88
CA TYR S 251 -64.68 57.81 -45.00
C TYR S 251 -64.86 57.11 -43.66
N GLY S 252 -65.47 55.94 -43.69
CA GLY S 252 -65.72 55.19 -42.49
C GLY S 252 -66.31 53.82 -42.78
N ARG S 253 -66.90 53.21 -41.76
CA ARG S 253 -67.47 51.88 -41.86
C ARG S 253 -68.92 51.89 -41.37
N LEU S 254 -69.71 50.97 -41.91
CA LEU S 254 -71.11 50.80 -41.55
C LEU S 254 -71.36 49.33 -41.21
N GLY S 255 -72.28 49.08 -40.30
CA GLY S 255 -72.63 47.71 -39.96
C GLY S 255 -74.01 47.56 -39.35
N ILE S 256 -74.83 46.67 -39.91
CA ILE S 256 -76.17 46.42 -39.40
C ILE S 256 -76.35 44.91 -39.27
N ILE S 257 -76.88 44.47 -38.14
CA ILE S 257 -77.18 43.07 -37.91
C ILE S 257 -78.57 42.95 -37.33
N SER S 258 -79.20 41.81 -37.59
CA SER S 258 -80.56 41.56 -37.10
C SER S 258 -80.75 40.05 -36.97
N ILE S 259 -80.87 39.57 -35.74
CA ILE S 259 -81.04 38.16 -35.45
C ILE S 259 -82.40 37.96 -34.80
N GLU S 260 -83.21 37.08 -35.38
CA GLU S 260 -84.53 36.77 -34.87
C GLU S 260 -84.67 35.26 -34.68
N SER S 261 -85.45 34.88 -33.69
CA SER S 261 -85.66 33.46 -33.39
C SER S 261 -87.06 33.27 -32.81
N ASN S 262 -87.71 32.19 -33.21
CA ASN S 262 -89.04 31.85 -32.74
C ASN S 262 -89.10 30.37 -32.40
N ALA S 263 -89.78 30.05 -31.30
CA ALA S 263 -89.93 28.67 -30.84
C ALA S 263 -91.35 28.44 -30.37
N SER S 264 -91.91 27.30 -30.75
CA SER S 264 -93.27 26.93 -30.38
C SER S 264 -93.32 25.45 -30.01
N TYR S 265 -94.05 25.15 -28.93
CA TYR S 265 -94.22 23.80 -28.42
C TYR S 265 -95.69 23.61 -28.06
N ASN S 266 -96.30 22.54 -28.55
CA ASN S 266 -97.75 22.36 -28.48
C ASN S 266 -98.12 20.96 -28.01
N GLU S 267 -97.52 20.50 -26.90
CA GLU S 267 -97.82 19.17 -26.40
C GLU S 267 -99.27 19.07 -25.91
N VAL S 268 -99.98 18.03 -26.35
CA VAL S 268 -101.36 17.77 -25.94
C VAL S 268 -101.50 16.29 -25.63
N ASN S 269 -102.05 15.98 -24.46
CA ASN S 269 -102.26 14.60 -24.04
C ASN S 269 -103.74 14.39 -23.69
N PHE S 270 -104.23 13.18 -23.94
CA PHE S 270 -105.62 12.85 -23.64
C PHE S 270 -105.74 11.35 -23.37
N ALA S 271 -106.46 10.99 -22.32
CA ALA S 271 -106.65 9.59 -21.95
C ALA S 271 -108.09 9.39 -21.52
N LEU S 272 -108.61 8.19 -21.78
CA LEU S 272 -109.96 7.80 -21.41
C LEU S 272 -109.95 6.42 -20.75
N LYS S 273 -109.06 6.25 -19.77
CA LYS S 273 -108.96 4.98 -19.07
C LYS S 273 -110.12 4.78 -18.12
N LEU S 285 -112.09 0.04 -22.16
CA LEU S 285 -111.65 1.10 -23.05
C LEU S 285 -110.40 1.79 -22.50
N ASN S 286 -109.38 1.89 -23.35
CA ASN S 286 -108.09 2.50 -23.00
C ASN S 286 -107.66 3.47 -24.09
N ILE S 287 -108.57 4.35 -24.50
CA ILE S 287 -108.28 5.30 -25.57
C ILE S 287 -107.21 6.29 -25.10
N ASP S 288 -106.18 6.46 -25.91
CA ASP S 288 -105.09 7.39 -25.62
C ASP S 288 -104.80 8.22 -26.86
N SER S 289 -104.33 9.44 -26.64
CA SER S 289 -104.04 10.36 -27.73
C SER S 289 -102.94 11.32 -27.29
N ASN S 290 -102.02 11.59 -28.21
CA ASN S 290 -100.92 12.51 -27.96
C ASN S 290 -100.61 13.30 -29.22
N SER S 291 -100.29 14.58 -29.06
CA SER S 291 -100.00 15.46 -30.18
C SER S 291 -98.86 16.39 -29.79
N LYS S 292 -97.69 16.21 -30.39
CA LYS S 292 -96.53 17.04 -30.12
C LYS S 292 -96.17 17.84 -31.36
N LYS S 293 -95.96 19.13 -31.20
CA LYS S 293 -95.61 20.01 -32.31
C LYS S 293 -94.56 20.99 -31.85
N ILE S 294 -93.38 20.92 -32.47
CA ILE S 294 -92.26 21.81 -32.18
C ILE S 294 -91.94 22.57 -33.47
N LEU S 295 -91.98 23.89 -33.40
CA LEU S 295 -91.68 24.74 -34.54
C LEU S 295 -90.56 25.70 -34.16
N GLU S 296 -89.47 25.68 -34.90
CA GLU S 296 -88.32 26.55 -34.64
C GLU S 296 -87.98 27.31 -35.91
N GLU S 297 -87.88 28.62 -35.79
CA GLU S 297 -87.51 29.49 -36.91
C GLU S 297 -86.37 30.41 -36.48
N SER S 298 -85.48 30.69 -37.42
CA SER S 298 -84.33 31.54 -37.15
C SER S 298 -84.07 32.45 -38.35
N ASP S 299 -83.45 33.58 -38.09
CA ASP S 299 -83.12 34.54 -39.14
C ASP S 299 -81.93 35.37 -38.68
N LEU S 300 -81.06 35.73 -39.63
CA LEU S 300 -79.88 36.51 -39.32
C LEU S 300 -79.46 37.27 -40.57
N SER S 301 -79.69 38.58 -40.58
CA SER S 301 -79.35 39.43 -41.70
C SER S 301 -78.24 40.39 -41.31
N VAL S 302 -77.17 40.42 -42.11
CA VAL S 302 -76.01 41.27 -41.87
C VAL S 302 -75.75 42.13 -43.10
N TYR S 303 -75.37 43.39 -42.86
CA TYR S 303 -75.03 44.33 -43.91
C TYR S 303 -73.85 45.17 -43.46
N LEU S 304 -72.67 44.92 -44.05
CA LEU S 304 -71.46 45.65 -43.68
C LEU S 304 -70.95 46.45 -44.87
N VAL S 305 -70.51 47.67 -44.60
CA VAL S 305 -69.95 48.56 -45.60
C VAL S 305 -68.55 48.94 -45.14
N GLY S 306 -67.54 48.40 -45.80
CA GLY S 306 -66.16 48.67 -45.47
C GLY S 306 -65.66 47.81 -44.34
N GLY S 307 -64.47 48.14 -43.87
CA GLY S 307 -63.83 47.39 -42.82
C GLY S 307 -62.95 46.28 -43.35
N ARG S 308 -62.27 45.62 -42.42
CA ARG S 308 -61.39 44.52 -42.77
C ARG S 308 -62.21 43.34 -43.29
N GLY S 309 -61.78 42.78 -44.42
CA GLY S 309 -62.51 41.68 -45.02
C GLY S 309 -62.51 40.43 -44.17
N THR S 310 -61.35 40.11 -43.56
CA THR S 310 -61.24 38.92 -42.73
C THR S 310 -62.19 38.97 -41.55
N ASP S 311 -62.29 40.12 -40.89
CA ASP S 311 -63.21 40.26 -39.78
C ASP S 311 -64.65 40.38 -40.27
N ALA S 312 -64.85 40.93 -41.46
CA ALA S 312 -66.20 41.10 -41.98
C ALA S 312 -66.84 39.77 -42.31
N VAL S 313 -66.06 38.82 -42.86
CA VAL S 313 -66.65 37.53 -43.23
C VAL S 313 -66.89 36.63 -42.04
N GLN S 314 -66.40 37.00 -40.86
CA GLN S 314 -66.60 36.20 -39.66
C GLN S 314 -67.89 36.54 -38.93
N VAL S 315 -68.65 37.52 -39.41
CA VAL S 315 -69.90 37.92 -38.76
C VAL S 315 -70.97 36.88 -39.00
N ILE S 316 -70.67 35.87 -39.82
CA ILE S 316 -71.66 34.84 -40.10
C ILE S 316 -71.90 33.94 -38.90
N LYS S 317 -71.03 33.98 -37.91
CA LYS S 317 -71.14 33.11 -36.72
C LYS S 317 -71.90 33.82 -35.61
N GLY S 318 -73.15 34.19 -35.90
CA GLY S 318 -74.01 34.82 -34.91
C GLY S 318 -73.52 36.19 -34.49
N PHE S 319 -73.88 36.57 -33.26
CA PHE S 319 -73.43 37.84 -32.69
C PHE S 319 -72.08 37.71 -31.98
N ALA S 320 -71.13 37.14 -32.70
CA ALA S 320 -69.76 37.04 -32.23
C ALA S 320 -68.81 37.68 -33.23
N GLY S 321 -69.04 37.44 -34.51
CA GLY S 321 -68.30 38.15 -35.53
C GLY S 321 -68.62 39.63 -35.54
N PHE S 322 -69.90 39.96 -35.34
CA PHE S 322 -70.28 41.36 -35.18
C PHE S 322 -70.08 41.76 -33.72
N SER S 323 -68.96 41.34 -33.16
CA SER S 323 -68.41 41.86 -31.91
C SER S 323 -66.91 42.02 -31.97
N ASN S 324 -66.25 41.40 -32.95
CA ASN S 324 -64.85 41.61 -33.23
C ASN S 324 -64.63 42.39 -34.51
N PHE S 325 -65.59 42.38 -35.43
CA PHE S 325 -65.47 43.21 -36.62
C PHE S 325 -65.39 44.68 -36.23
N ILE S 326 -65.98 45.03 -35.09
CA ILE S 326 -65.94 46.41 -34.60
C ILE S 326 -64.69 46.67 -33.79
N VAL S 327 -64.31 45.74 -32.90
CA VAL S 327 -63.19 46.00 -31.99
C VAL S 327 -61.83 45.74 -32.63
N ASN S 328 -61.78 45.11 -33.80
CA ASN S 328 -60.53 44.86 -34.50
C ASN S 328 -60.29 45.86 -35.63
N GLY S 329 -61.10 46.90 -35.74
CA GLY S 329 -60.92 47.89 -36.78
C GLY S 329 -61.14 49.30 -36.31
N GLY S 330 -60.93 49.54 -35.01
CA GLY S 330 -61.10 50.88 -34.49
C GLY S 330 -60.10 51.88 -35.06
N GLN S 331 -58.85 51.48 -35.16
CA GLN S 331 -57.82 52.33 -35.77
C GLN S 331 -57.73 52.00 -37.25
N PHE S 332 -57.96 53.01 -38.10
CA PHE S 332 -57.91 52.80 -39.54
C PHE S 332 -56.49 52.93 -40.04
N THR S 333 -56.03 51.92 -40.74
CA THR S 333 -54.69 51.77 -41.28
C THR S 333 -54.70 52.20 -42.74
N PRO S 334 -53.54 52.55 -43.31
CA PRO S 334 -53.54 52.90 -44.74
C PRO S 334 -53.85 51.73 -45.65
N GLU S 335 -53.72 50.49 -45.14
CA GLU S 335 -54.22 49.34 -45.89
C GLU S 335 -55.74 49.24 -45.85
N ALA S 336 -56.40 49.87 -44.88
CA ALA S 336 -57.86 49.86 -44.77
C ALA S 336 -58.33 51.30 -44.58
N PRO S 337 -58.32 52.10 -45.64
CA PRO S 337 -58.67 53.52 -45.50
C PRO S 337 -60.12 53.78 -45.11
N GLY S 338 -61.02 52.84 -45.35
CA GLY S 338 -62.43 53.06 -45.12
C GLY S 338 -63.16 53.34 -46.42
N VAL S 339 -64.48 53.45 -46.31
CA VAL S 339 -65.34 53.61 -47.48
C VAL S 339 -66.10 54.92 -47.36
N PRO S 340 -66.22 55.70 -48.43
CA PRO S 340 -67.07 56.90 -48.38
C PRO S 340 -68.50 56.52 -48.02
N ILE S 341 -68.94 56.98 -46.86
CA ILE S 341 -70.24 56.62 -46.32
C ILE S 341 -71.18 57.82 -46.28
N TYR S 342 -70.66 59.00 -45.98
CA TYR S 342 -71.47 60.22 -45.93
C TYR S 342 -70.77 61.33 -46.70
N PHE S 343 -71.56 62.28 -47.16
CA PHE S 343 -70.99 63.43 -47.87
C PHE S 343 -71.88 64.63 -47.65
N SER S 344 -71.31 65.81 -47.79
CA SER S 344 -72.02 67.06 -47.61
C SER S 344 -71.82 67.94 -48.82
N ALA S 345 -72.85 68.70 -49.17
CA ALA S 345 -72.83 69.56 -50.33
C ALA S 345 -73.25 70.96 -49.95
N SER S 346 -72.83 71.92 -50.76
CA SER S 346 -73.14 73.33 -50.52
C SER S 346 -73.58 73.99 -51.83
N HIS S 347 -74.38 75.03 -51.68
CA HIS S 347 -74.86 75.78 -52.83
C HIS S 347 -73.71 76.51 -53.51
N ALA S 348 -73.81 76.65 -54.83
CA ALA S 348 -72.78 77.35 -55.58
C ALA S 348 -73.06 78.85 -55.72
N SER S 349 -74.23 79.31 -55.31
CA SER S 349 -74.57 80.73 -55.45
C SER S 349 -73.98 81.54 -54.31
N ASP S 350 -74.40 81.25 -53.07
CA ASP S 350 -73.92 81.97 -51.90
C ASP S 350 -72.98 81.14 -51.05
N ASN S 351 -72.56 79.97 -51.53
CA ASN S 351 -71.67 79.07 -50.80
C ASN S 351 -72.26 78.66 -49.45
N SER S 352 -73.58 78.62 -49.35
CA SER S 352 -74.26 78.24 -48.13
C SER S 352 -74.41 76.73 -48.05
N VAL S 353 -74.71 76.25 -46.84
CA VAL S 353 -74.86 74.81 -46.63
C VAL S 353 -76.15 74.33 -47.26
N TYR S 354 -76.06 73.29 -48.08
CA TYR S 354 -77.22 72.72 -48.75
C TYR S 354 -77.89 71.68 -47.86
N TYR S 355 -79.19 71.83 -47.67
CA TYR S 355 -79.97 70.91 -46.86
C TYR S 355 -80.97 70.19 -47.74
N THR S 356 -80.98 68.86 -47.66
CA THR S 356 -81.89 68.03 -48.44
C THR S 356 -82.96 67.44 -47.54
N THR S 357 -84.14 67.20 -48.12
CA THR S 357 -85.25 66.64 -47.38
C THR S 357 -85.47 65.17 -47.74
N THR T 81 -86.97 50.15 -59.69
CA THR T 81 -85.77 50.81 -60.19
C THR T 81 -84.58 50.53 -59.28
N SER T 82 -83.45 50.15 -59.89
CA SER T 82 -82.23 49.86 -59.15
C SER T 82 -81.05 50.52 -59.84
N ASP T 83 -80.03 50.84 -59.05
CA ASP T 83 -78.81 51.47 -59.55
C ASP T 83 -77.78 50.45 -60.02
N GLN T 84 -77.68 49.32 -59.34
CA GLN T 84 -76.73 48.28 -59.66
C GLN T 84 -77.44 47.13 -60.33
N ILE T 85 -76.90 46.67 -61.46
CA ILE T 85 -77.47 45.59 -62.26
C ILE T 85 -76.57 44.38 -62.12
N VAL T 86 -77.18 43.23 -61.84
CA VAL T 86 -76.44 41.99 -61.72
C VAL T 86 -75.86 41.60 -63.08
N VAL T 87 -74.62 41.16 -63.09
CA VAL T 87 -73.95 40.82 -64.34
C VAL T 87 -74.55 39.54 -64.89
N THR T 88 -75.09 39.60 -66.10
CA THR T 88 -75.65 38.44 -66.78
C THR T 88 -74.85 38.05 -68.01
N VAL T 89 -74.23 39.01 -68.68
CA VAL T 89 -73.39 38.74 -69.85
C VAL T 89 -71.98 39.26 -69.54
N PRO T 90 -71.11 38.41 -69.00
CA PRO T 90 -69.75 38.87 -68.67
C PRO T 90 -68.97 39.38 -69.87
N GLN T 91 -69.23 38.83 -71.05
CA GLN T 91 -68.53 39.29 -72.25
C GLN T 91 -68.83 40.75 -72.55
N LYS T 92 -70.09 41.15 -72.44
CA LYS T 92 -70.48 42.51 -72.75
C LYS T 92 -70.46 43.44 -71.56
N THR T 93 -70.22 42.92 -70.36
CA THR T 93 -70.19 43.74 -69.14
C THR T 93 -68.76 44.16 -68.88
N PHE T 94 -68.36 45.25 -69.54
CA PHE T 94 -67.06 45.86 -69.33
C PHE T 94 -67.23 47.36 -69.24
N ILE T 95 -66.32 48.01 -68.53
CA ILE T 95 -66.42 49.45 -68.34
C ILE T 95 -66.18 50.18 -69.66
N GLY T 96 -66.87 51.30 -69.84
CA GLY T 96 -66.73 52.08 -71.04
C GLY T 96 -67.51 51.59 -72.24
N GLY T 97 -68.34 50.56 -72.09
CA GLY T 97 -69.11 50.04 -73.20
C GLY T 97 -70.47 50.71 -73.31
N VAL T 98 -70.82 51.11 -74.52
CA VAL T 98 -72.07 51.82 -74.79
C VAL T 98 -73.08 50.85 -75.38
N TYR T 99 -74.27 50.82 -74.80
CA TYR T 99 -75.35 49.94 -75.24
C TYR T 99 -76.65 50.73 -75.28
N ASN T 100 -77.69 50.08 -75.78
CA ASN T 100 -79.03 50.65 -75.79
C ASN T 100 -79.71 50.28 -74.48
N SER T 101 -80.51 51.23 -73.97
CA SER T 101 -81.21 50.99 -72.70
C SER T 101 -82.18 49.83 -72.81
N THR T 102 -82.94 49.77 -73.90
CA THR T 102 -83.91 48.68 -74.08
C THR T 102 -83.21 47.34 -74.19
N THR T 103 -82.12 47.28 -74.96
CA THR T 103 -81.38 46.03 -75.12
C THR T 103 -80.77 45.59 -73.80
N LEU T 104 -80.24 46.54 -73.02
CA LEU T 104 -79.71 46.19 -71.72
C LEU T 104 -80.82 45.73 -70.77
N ASP T 105 -82.02 46.31 -70.91
CA ASP T 105 -83.15 45.91 -70.07
C ASP T 105 -83.61 44.48 -70.38
N ASN T 106 -83.71 44.14 -71.66
CA ASN T 106 -84.13 42.79 -72.06
C ASN T 106 -82.95 41.86 -72.32
N LEU T 107 -81.76 42.20 -71.82
CA LEU T 107 -80.58 41.35 -71.87
C LEU T 107 -80.14 41.04 -73.29
N ASP T 108 -80.34 41.98 -74.21
CA ASP T 108 -79.86 41.80 -75.58
C ASP T 108 -78.45 42.36 -75.74
N TYR T 109 -78.19 43.52 -75.11
CA TYR T 109 -76.86 44.14 -75.10
C TYR T 109 -76.38 44.41 -76.53
N THR T 110 -77.12 45.23 -77.24
CA THR T 110 -76.71 45.62 -78.58
C THR T 110 -75.73 46.79 -78.47
N PRO T 111 -74.48 46.62 -78.88
CA PRO T 111 -73.50 47.71 -78.74
C PRO T 111 -73.76 48.83 -79.73
N ILE T 112 -73.28 50.01 -79.37
CA ILE T 112 -73.32 51.17 -80.23
C ILE T 112 -71.89 51.41 -80.69
N SER T 113 -71.62 51.07 -81.95
CA SER T 113 -70.27 51.11 -82.51
C SER T 113 -69.96 52.52 -82.99
N TYR T 114 -69.49 53.35 -82.07
CA TYR T 114 -69.06 54.71 -82.37
C TYR T 114 -67.78 55.00 -81.61
N PRO T 115 -66.92 55.85 -82.16
CA PRO T 115 -65.67 56.18 -81.45
C PRO T 115 -65.95 56.86 -80.12
N LEU T 116 -65.08 56.58 -79.14
CA LEU T 116 -65.21 57.13 -77.80
C LEU T 116 -63.88 57.73 -77.38
N ASP T 117 -63.95 58.79 -76.59
CA ASP T 117 -62.76 59.41 -76.06
C ASP T 117 -62.11 58.50 -75.04
N PRO T 118 -60.80 58.64 -74.82
CA PRO T 118 -60.14 57.84 -73.78
C PRO T 118 -60.79 58.07 -72.42
N ILE T 119 -60.95 56.99 -71.66
CA ILE T 119 -61.67 57.02 -70.39
C ILE T 119 -60.68 56.82 -69.25
N THR T 120 -60.88 57.57 -68.17
CA THR T 120 -60.08 57.43 -66.96
C THR T 120 -60.83 56.54 -65.98
N VAL T 121 -60.14 55.53 -65.45
CA VAL T 121 -60.74 54.56 -64.55
C VAL T 121 -59.98 54.60 -63.23
N SER T 122 -60.71 54.46 -62.14
CA SER T 122 -60.14 54.46 -60.81
C SER T 122 -60.57 53.19 -60.07
N TYR T 123 -59.73 52.72 -59.17
CA TYR T 123 -59.98 51.50 -58.42
C TYR T 123 -60.26 51.82 -56.96
N SER T 124 -61.21 51.09 -56.37
CA SER T 124 -61.56 51.34 -54.98
C SER T 124 -60.45 50.92 -54.03
N PHE T 125 -59.69 49.88 -54.36
CA PHE T 125 -58.63 49.43 -53.46
C PHE T 125 -57.39 50.31 -53.57
N PRO T 126 -56.64 50.46 -52.48
CA PRO T 126 -55.40 51.25 -52.54
C PRO T 126 -54.29 50.51 -53.29
N SER T 127 -53.75 51.17 -54.30
CA SER T 127 -52.65 50.61 -55.09
C SER T 127 -51.92 51.74 -55.78
N ASP T 128 -50.70 51.43 -56.22
CA ASP T 128 -49.92 52.42 -56.97
C ASP T 128 -50.59 52.75 -58.30
N PHE T 129 -51.11 51.74 -58.98
CA PHE T 129 -51.83 51.94 -60.24
C PHE T 129 -53.33 52.02 -59.97
N ILE T 130 -53.70 53.02 -59.19
CA ILE T 130 -55.10 53.21 -58.81
C ILE T 130 -55.88 54.04 -59.83
N VAL T 131 -55.19 54.82 -60.66
CA VAL T 131 -55.81 55.65 -61.69
C VAL T 131 -55.18 55.26 -63.03
N ASP T 132 -55.94 54.53 -63.84
CA ASP T 132 -55.50 54.11 -65.17
C ASP T 132 -56.28 54.84 -66.25
N THR T 133 -55.80 54.72 -67.48
CA THR T 133 -56.45 55.32 -68.63
C THR T 133 -56.54 54.29 -69.75
N ILE T 134 -57.70 54.21 -70.39
CA ILE T 134 -57.95 53.25 -71.46
C ILE T 134 -58.39 54.03 -72.68
N GLU T 135 -57.64 53.92 -73.77
CA GLU T 135 -57.99 54.63 -74.99
C GLU T 135 -59.21 54.01 -75.67
N ARG T 136 -59.23 52.68 -75.79
CA ARG T 136 -60.32 51.96 -76.42
C ARG T 136 -60.98 51.05 -75.40
N PRO T 137 -62.12 51.43 -74.83
CA PRO T 137 -62.78 50.57 -73.83
C PRO T 137 -63.14 49.20 -74.41
N SER T 138 -62.61 48.16 -73.78
CA SER T 138 -62.87 46.79 -74.20
C SER T 138 -62.69 45.88 -72.99
N LEU T 139 -63.23 44.66 -73.12
CA LEU T 139 -63.12 43.68 -72.03
C LEU T 139 -61.67 43.30 -71.78
N SER T 140 -60.89 43.10 -72.86
CA SER T 140 -59.49 42.74 -72.69
C SER T 140 -58.71 43.86 -72.02
N SER T 141 -58.98 45.10 -72.42
CA SER T 141 -58.29 46.24 -71.81
C SER T 141 -58.66 46.38 -70.34
N MET T 142 -59.94 46.18 -70.00
CA MET T 142 -60.34 46.26 -68.61
C MET T 142 -59.69 45.15 -67.78
N ARG T 143 -59.63 43.93 -68.32
CA ARG T 143 -59.01 42.82 -67.61
C ARG T 143 -57.51 43.08 -67.41
N ALA T 144 -56.83 43.56 -68.45
CA ALA T 144 -55.40 43.84 -68.34
C ALA T 144 -55.14 44.96 -67.34
N SER T 145 -55.96 46.01 -67.35
CA SER T 145 -55.79 47.09 -66.40
C SER T 145 -56.00 46.61 -64.96
N VAL T 146 -57.01 45.75 -64.75
CA VAL T 146 -57.24 45.20 -63.41
C VAL T 146 -56.06 44.35 -62.97
N PHE T 147 -55.53 43.53 -63.89
CA PHE T 147 -54.39 42.69 -63.57
C PHE T 147 -53.18 43.51 -63.17
N LYS T 148 -52.86 44.55 -63.96
CA LYS T 148 -51.71 45.40 -63.66
C LYS T 148 -51.91 46.16 -62.35
N ALA T 149 -53.13 46.68 -62.13
CA ALA T 149 -53.39 47.45 -60.92
C ALA T 149 -53.25 46.58 -59.68
N MET T 150 -53.75 45.35 -59.73
CA MET T 150 -53.69 44.48 -58.56
C MET T 150 -52.34 43.81 -58.40
N ARG T 151 -51.51 43.79 -59.43
CA ARG T 151 -50.13 43.33 -59.28
C ARG T 151 -49.15 44.46 -59.02
N ALA T 152 -49.62 45.71 -58.98
CA ALA T 152 -48.72 46.83 -58.72
C ALA T 152 -48.33 46.87 -57.24
N ALA T 153 -47.39 47.75 -56.93
CA ALA T 153 -46.89 47.89 -55.57
C ALA T 153 -47.92 48.62 -54.69
N ASN T 154 -47.76 48.46 -53.38
CA ASN T 154 -48.63 49.07 -52.38
C ASN T 154 -50.10 48.67 -52.59
N PHE T 155 -50.31 47.42 -52.98
CA PHE T 155 -51.65 46.89 -53.16
C PHE T 155 -52.11 46.18 -51.90
N SER T 156 -53.34 46.45 -51.49
CA SER T 156 -53.90 45.86 -50.28
C SER T 156 -55.32 45.42 -50.57
N GLY T 157 -55.56 44.12 -50.49
CA GLY T 157 -56.90 43.58 -50.58
C GLY T 157 -57.46 43.32 -49.20
N GLU T 158 -56.83 43.93 -48.20
CA GLU T 158 -57.21 43.69 -46.81
C GLU T 158 -58.63 44.19 -46.53
N GLN T 159 -58.99 45.34 -47.09
CA GLN T 159 -60.30 45.94 -46.85
C GLN T 159 -61.20 45.70 -48.05
N SER T 160 -62.41 45.22 -47.79
CA SER T 160 -63.41 45.01 -48.82
C SER T 160 -64.36 46.21 -48.87
N LEU T 161 -65.38 46.12 -49.69
CA LEU T 161 -66.34 47.19 -49.88
C LEU T 161 -67.70 46.88 -49.30
N ALA T 162 -68.23 45.67 -49.50
CA ALA T 162 -69.52 45.35 -48.93
C ALA T 162 -69.60 43.87 -48.62
N PHE T 163 -70.47 43.52 -47.68
CA PHE T 163 -70.65 42.13 -47.29
C PHE T 163 -72.06 41.96 -46.77
N ASP T 164 -72.90 41.29 -47.56
CA ASP T 164 -74.28 41.02 -47.21
C ASP T 164 -74.45 39.55 -46.88
N TYR T 165 -75.09 39.25 -45.77
CA TYR T 165 -75.34 37.89 -45.35
C TYR T 165 -76.81 37.74 -44.95
N ASN T 166 -77.36 36.56 -45.19
CA ASN T 166 -78.75 36.31 -44.84
C ASN T 166 -78.94 34.81 -44.70
N ILE T 167 -79.48 34.37 -43.57
CA ILE T 167 -79.74 32.95 -43.33
C ILE T 167 -81.14 32.81 -42.76
N LYS T 168 -81.83 31.73 -43.14
CA LYS T 168 -83.17 31.44 -42.66
C LYS T 168 -83.21 29.96 -42.32
N GLN T 169 -83.36 29.64 -41.04
CA GLN T 169 -83.45 28.28 -40.55
C GLN T 169 -84.87 28.02 -40.06
N PHE T 170 -85.45 26.90 -40.48
CA PHE T 170 -86.80 26.55 -40.08
C PHE T 170 -86.85 25.05 -39.84
N SER T 171 -87.68 24.64 -38.88
CA SER T 171 -87.78 23.22 -38.52
C SER T 171 -89.15 22.97 -37.91
N TYR T 172 -89.96 22.19 -38.61
CA TYR T 172 -91.26 21.73 -38.11
C TYR T 172 -91.11 20.38 -37.43
N TYR T 173 -92.13 20.02 -36.66
CA TYR T 173 -92.18 18.73 -35.98
C TYR T 173 -93.65 18.36 -35.77
N SER T 174 -93.93 17.07 -35.82
CA SER T 174 -95.28 16.58 -35.59
C SER T 174 -95.20 15.16 -35.04
N GLU T 175 -96.02 14.87 -34.03
CA GLU T 175 -96.00 13.56 -33.40
C GLU T 175 -97.39 13.20 -32.91
N LEU T 176 -97.93 12.09 -33.42
CA LEU T 176 -99.22 11.55 -33.00
C LEU T 176 -98.98 10.16 -32.42
N LYS T 177 -99.63 9.87 -31.29
CA LYS T 177 -99.47 8.61 -30.58
C LYS T 177 -100.83 8.04 -30.19
N ILE T 178 -101.74 7.96 -31.17
CA ILE T 178 -103.09 7.49 -30.91
C ILE T 178 -103.06 6.02 -30.51
N ALA T 179 -103.77 5.68 -29.43
CA ALA T 179 -103.83 4.30 -28.96
C ALA T 179 -105.27 3.97 -28.58
N PHE T 180 -105.59 2.68 -28.63
CA PHE T 180 -106.93 2.22 -28.28
C PHE T 180 -106.87 0.91 -27.50
N ILE T 194 -109.12 -6.84 -28.63
CA ILE T 194 -109.01 -5.80 -29.65
C ILE T 194 -108.13 -4.67 -29.13
N SER T 195 -107.10 -4.32 -29.91
CA SER T 195 -106.18 -3.26 -29.55
C SER T 195 -105.92 -2.42 -30.81
N GLY T 196 -104.95 -1.52 -30.72
CA GLY T 196 -104.61 -0.68 -31.85
C GLY T 196 -103.75 0.51 -31.49
N SER T 197 -102.75 0.81 -32.32
CA SER T 197 -101.86 1.93 -32.09
C SER T 197 -101.49 2.57 -33.42
N ASN T 198 -101.27 3.88 -33.39
CA ASN T 198 -100.91 4.67 -34.56
C ASN T 198 -99.91 5.73 -34.12
N ASN T 199 -98.65 5.55 -34.49
CA ASN T 199 -97.57 6.47 -34.18
C ASN T 199 -97.11 7.13 -35.47
N LYS T 200 -97.35 8.43 -35.59
CA LYS T 200 -96.97 9.21 -36.76
C LYS T 200 -95.97 10.28 -36.36
N ILE T 201 -94.86 10.35 -37.09
CA ILE T 201 -93.80 11.33 -36.83
C ILE T 201 -93.50 12.05 -38.14
N LYS T 202 -93.45 13.38 -38.09
CA LYS T 202 -93.16 14.20 -39.25
C LYS T 202 -92.11 15.24 -38.89
N ARG T 203 -91.12 15.39 -39.77
CA ARG T 203 -90.04 16.36 -39.57
C ARG T 203 -89.78 17.06 -40.90
N THR T 204 -89.49 18.36 -40.84
CA THR T 204 -89.20 19.14 -42.02
C THR T 204 -88.23 20.24 -41.65
N THR T 205 -86.99 20.15 -42.12
CA THR T 205 -85.94 21.10 -41.80
C THR T 205 -85.48 21.80 -43.06
N GLY T 206 -85.19 23.10 -42.94
CA GLY T 206 -84.73 23.86 -44.08
C GLY T 206 -83.84 25.04 -43.73
N VAL T 207 -82.68 25.12 -44.37
CA VAL T 207 -81.73 26.22 -44.18
C VAL T 207 -81.48 26.86 -45.54
N PHE T 208 -81.78 28.14 -45.66
CA PHE T 208 -81.53 28.89 -46.88
C PHE T 208 -80.57 30.03 -46.56
N ALA T 209 -79.47 30.12 -47.30
CA ALA T 209 -78.45 31.13 -47.02
C ALA T 209 -78.03 31.82 -48.29
N LYS T 210 -77.96 33.15 -48.25
CA LYS T 210 -77.46 33.97 -49.34
C LYS T 210 -76.38 34.89 -48.82
N PHE T 211 -75.30 35.00 -49.57
CA PHE T 211 -74.17 35.83 -49.18
C PHE T 211 -73.58 36.48 -50.41
N THR T 212 -73.23 37.75 -50.28
CA THR T 212 -72.53 38.46 -51.34
C THR T 212 -71.41 39.28 -50.72
N GLN T 213 -70.30 39.39 -51.43
CA GLN T 213 -69.18 40.20 -50.98
C GLN T 213 -68.73 41.04 -52.16
N LYS T 214 -68.53 42.32 -51.93
CA LYS T 214 -68.05 43.26 -52.95
C LYS T 214 -66.62 43.61 -52.56
N ASN T 215 -65.66 42.94 -53.21
CA ASN T 215 -64.25 43.17 -52.96
C ASN T 215 -63.84 44.58 -53.37
N PHE T 216 -64.18 44.98 -54.58
CA PHE T 216 -63.81 46.31 -55.03
C PHE T 216 -64.62 46.66 -56.27
N THR T 217 -64.50 47.91 -56.70
CA THR T 217 -65.10 48.34 -57.96
C THR T 217 -64.11 49.19 -58.74
N ILE T 218 -64.26 49.12 -60.06
CA ILE T 218 -63.55 50.00 -60.98
C ILE T 218 -64.58 50.98 -61.53
N ASP T 219 -64.31 52.26 -61.37
CA ASP T 219 -65.23 53.33 -61.72
C ASP T 219 -64.67 54.15 -62.87
N MET T 220 -65.58 54.80 -63.59
CA MET T 220 -65.22 55.61 -64.75
C MET T 220 -65.47 57.08 -64.43
N ASP T 221 -64.52 57.92 -64.81
CA ASP T 221 -64.64 59.35 -64.59
C ASP T 221 -65.58 59.98 -65.60
N LEU T 222 -66.25 61.05 -65.18
CA LEU T 222 -67.12 61.78 -66.10
C LEU T 222 -66.26 62.46 -67.17
N PRO T 223 -66.74 62.50 -68.41
CA PRO T 223 -65.94 63.12 -69.48
C PRO T 223 -65.70 64.60 -69.24
N ALA T 224 -64.50 65.05 -69.60
CA ALA T 224 -64.17 66.47 -69.48
C ALA T 224 -65.03 67.31 -70.42
N ASP T 225 -65.25 66.84 -71.65
CA ASP T 225 -66.08 67.54 -72.61
C ASP T 225 -67.57 67.42 -72.30
N GLY T 226 -67.95 66.51 -71.42
CA GLY T 226 -69.34 66.28 -71.11
C GLY T 226 -70.01 65.24 -71.95
N ASN T 227 -69.32 64.70 -72.97
CA ASN T 227 -69.84 63.66 -73.83
C ASN T 227 -68.79 62.57 -73.96
N ILE T 228 -69.24 61.31 -73.88
CA ILE T 228 -68.31 60.19 -74.00
C ILE T 228 -67.82 60.02 -75.42
N PHE T 229 -68.61 60.45 -76.40
CA PHE T 229 -68.25 60.27 -77.80
C PHE T 229 -67.14 61.22 -78.21
N LYS T 230 -66.23 60.72 -79.05
CA LYS T 230 -65.11 61.53 -79.52
C LYS T 230 -65.56 62.61 -80.50
N ASN T 231 -66.41 62.25 -81.46
CA ASN T 231 -66.84 63.21 -82.47
C ASN T 231 -67.84 64.22 -81.93
N ASN T 232 -68.54 63.92 -80.84
CA ASN T 232 -69.55 64.74 -80.18
C ASN T 232 -70.81 64.90 -81.02
N SER T 233 -70.86 64.36 -82.24
CA SER T 233 -72.07 64.34 -83.05
C SER T 233 -72.77 63.00 -83.01
N ASP T 234 -72.08 61.96 -82.55
CA ASP T 234 -72.71 60.65 -82.42
C ASP T 234 -73.84 60.69 -81.39
N LEU T 235 -73.76 61.58 -80.42
CA LEU T 235 -74.84 61.70 -79.45
C LEU T 235 -76.15 62.10 -80.14
N ALA T 236 -76.08 63.04 -81.09
CA ALA T 236 -77.25 63.35 -81.88
C ALA T 236 -77.54 62.28 -82.93
N LEU T 237 -76.52 61.53 -83.33
CA LEU T 237 -76.73 60.47 -84.33
C LEU T 237 -77.58 59.33 -83.75
N THR T 238 -77.37 58.98 -82.49
CA THR T 238 -78.11 57.89 -81.85
C THR T 238 -79.37 58.36 -81.14
N ASN T 239 -79.99 59.45 -81.59
CA ASN T 239 -81.27 59.86 -81.04
C ASN T 239 -82.30 58.76 -81.26
N GLY T 240 -83.01 58.40 -80.19
CA GLY T 240 -83.94 57.30 -80.21
C GLY T 240 -83.33 55.95 -79.91
N LYS T 241 -82.01 55.85 -79.85
CA LYS T 241 -81.34 54.61 -79.52
C LYS T 241 -81.03 54.49 -78.03
N ASN T 242 -81.33 55.52 -77.24
CA ASN T 242 -81.10 55.54 -75.80
C ASN T 242 -79.66 55.16 -75.46
N PRO T 243 -78.69 56.02 -75.76
CA PRO T 243 -77.29 55.65 -75.49
C PRO T 243 -77.00 55.62 -73.99
N VAL T 244 -76.53 54.48 -73.52
CA VAL T 244 -76.20 54.27 -72.11
C VAL T 244 -74.88 53.51 -72.05
N TYR T 245 -73.96 53.98 -71.22
CA TYR T 245 -72.63 53.39 -71.12
C TYR T 245 -72.37 52.94 -69.69
N ILE T 246 -71.75 51.77 -69.55
CA ILE T 246 -71.41 51.28 -68.21
C ILE T 246 -70.25 52.09 -67.66
N SER T 247 -70.40 52.56 -66.42
CA SER T 247 -69.41 53.39 -65.78
C SER T 247 -68.83 52.81 -64.50
N SER T 248 -69.27 51.63 -64.07
CA SER T 248 -68.76 51.03 -62.85
C SER T 248 -68.94 49.53 -62.92
N VAL T 249 -67.91 48.78 -62.54
CA VAL T 249 -67.94 47.33 -62.48
C VAL T 249 -67.49 46.88 -61.10
N THR T 250 -68.29 46.03 -60.46
CA THR T 250 -68.02 45.55 -59.11
C THR T 250 -67.48 44.12 -59.17
N TYR T 251 -66.31 43.90 -58.59
CA TYR T 251 -65.70 42.59 -58.47
C TYR T 251 -65.93 42.07 -57.06
N GLY T 252 -66.41 40.83 -56.97
CA GLY T 252 -66.69 40.22 -55.69
C GLY T 252 -67.09 38.76 -55.84
N ARG T 253 -67.71 38.22 -54.80
CA ARG T 253 -68.12 36.83 -54.75
C ARG T 253 -69.60 36.73 -54.40
N LEU T 254 -70.22 35.64 -54.86
CA LEU T 254 -71.63 35.34 -54.61
C LEU T 254 -71.74 33.92 -54.10
N GLY T 255 -72.72 33.68 -53.23
CA GLY T 255 -72.95 32.33 -52.73
C GLY T 255 -74.36 32.10 -52.24
N ILE T 256 -75.01 31.04 -52.72
CA ILE T 256 -76.36 30.68 -52.31
C ILE T 256 -76.38 29.20 -51.97
N ILE T 257 -76.97 28.86 -50.83
CA ILE T 257 -77.13 27.47 -50.44
C ILE T 257 -78.56 27.26 -49.98
N SER T 258 -79.03 26.02 -50.11
CA SER T 258 -80.39 25.68 -49.71
C SER T 258 -80.42 24.19 -49.39
N ILE T 259 -80.62 23.86 -48.12
CA ILE T 259 -80.65 22.49 -47.64
C ILE T 259 -82.05 22.21 -47.09
N GLU T 260 -82.69 21.17 -47.61
CA GLU T 260 -84.01 20.76 -47.17
C GLU T 260 -84.00 19.29 -46.78
N SER T 261 -84.84 18.94 -45.82
CA SER T 261 -84.92 17.57 -45.34
C SER T 261 -86.33 17.28 -44.86
N ASN T 262 -86.81 16.08 -45.16
CA ASN T 262 -88.14 15.64 -44.75
C ASN T 262 -88.06 14.23 -44.20
N ALA T 263 -88.83 13.98 -43.14
CA ALA T 263 -88.85 12.66 -42.50
C ALA T 263 -90.28 12.32 -42.14
N SER T 264 -90.67 11.07 -42.38
CA SER T 264 -92.02 10.58 -42.09
C SER T 264 -91.93 9.18 -41.51
N TYR T 265 -92.73 8.93 -40.47
CA TYR T 265 -92.81 7.66 -39.78
C TYR T 265 -94.27 7.33 -39.53
N ASN T 266 -94.71 6.14 -39.91
CA ASN T 266 -96.13 5.80 -39.94
C ASN T 266 -96.38 4.43 -39.31
N GLU T 267 -95.87 4.21 -38.10
CA GLU T 267 -96.07 2.92 -37.43
C GLU T 267 -97.53 2.71 -37.07
N VAL T 268 -98.06 1.53 -37.40
CA VAL T 268 -99.44 1.17 -37.09
C VAL T 268 -99.44 -0.27 -36.58
N ASN T 269 -100.08 -0.49 -35.44
CA ASN T 269 -100.18 -1.81 -34.84
C ASN T 269 -101.65 -2.16 -34.59
N PHE T 270 -101.97 -3.45 -34.70
CA PHE T 270 -103.34 -3.91 -34.49
C PHE T 270 -103.32 -5.36 -34.02
N ALA T 271 -104.10 -5.66 -32.98
CA ALA T 271 -104.17 -7.00 -32.44
C ALA T 271 -105.63 -7.34 -32.11
N LEU T 272 -105.96 -8.61 -32.23
CA LEU T 272 -107.30 -9.11 -31.94
C LEU T 272 -107.20 -10.38 -31.09
N LYS T 273 -106.41 -10.30 -30.02
CA LYS T 273 -106.24 -11.44 -29.13
C LYS T 273 -107.47 -11.66 -28.27
N LEU T 285 -108.46 -17.11 -31.73
CA LEU T 285 -108.04 -16.13 -32.72
C LEU T 285 -106.94 -15.22 -32.18
N ASN T 286 -105.86 -15.11 -32.93
CA ASN T 286 -104.70 -14.30 -32.57
C ASN T 286 -104.26 -13.44 -33.75
N ILE T 287 -105.21 -12.74 -34.36
CA ILE T 287 -104.92 -11.92 -35.52
C ILE T 287 -104.03 -10.75 -35.11
N ASP T 288 -102.94 -10.56 -35.84
CA ASP T 288 -101.99 -9.48 -35.60
C ASP T 288 -101.68 -8.78 -36.91
N SER T 289 -101.37 -7.49 -36.83
CA SER T 289 -101.07 -6.69 -38.01
C SER T 289 -100.14 -5.56 -37.62
N ASN T 290 -99.16 -5.29 -38.48
CA ASN T 290 -98.20 -4.21 -38.27
C ASN T 290 -97.85 -3.58 -39.61
N SER T 291 -97.70 -2.26 -39.61
CA SER T 291 -97.39 -1.51 -40.82
C SER T 291 -96.41 -0.40 -40.46
N LYS T 292 -95.17 -0.50 -40.92
CA LYS T 292 -94.15 0.49 -40.68
C LYS T 292 -93.75 1.16 -41.98
N LYS T 293 -93.71 2.48 -41.99
CA LYS T 293 -93.35 3.23 -43.19
C LYS T 293 -92.46 4.39 -42.78
N ILE T 294 -91.23 4.39 -43.27
CA ILE T 294 -90.26 5.45 -43.03
C ILE T 294 -89.88 6.05 -44.38
N LEU T 295 -90.07 7.35 -44.51
CA LEU T 295 -89.75 8.09 -45.73
C LEU T 295 -88.80 9.22 -45.39
N GLU T 296 -87.64 9.23 -46.02
CA GLU T 296 -86.64 10.26 -45.79
C GLU T 296 -86.24 10.89 -47.12
N GLU T 297 -86.30 12.22 -47.19
CA GLU T 297 -85.93 12.96 -48.38
C GLU T 297 -84.95 14.06 -48.00
N SER T 298 -83.99 14.33 -48.87
CA SER T 298 -82.98 15.34 -48.64
C SER T 298 -82.71 16.10 -49.93
N ASP T 299 -82.24 17.34 -49.78
CA ASP T 299 -81.91 18.17 -50.93
C ASP T 299 -80.88 19.20 -50.49
N LEU T 300 -79.96 19.53 -51.41
CA LEU T 300 -78.91 20.51 -51.11
C LEU T 300 -78.46 21.13 -52.42
N SER T 301 -78.83 22.39 -52.63
CA SER T 301 -78.47 23.12 -53.84
C SER T 301 -77.53 24.25 -53.49
N VAL T 302 -76.39 24.31 -54.19
CA VAL T 302 -75.36 25.32 -53.97
C VAL T 302 -75.08 26.03 -55.28
N TYR T 303 -74.86 27.35 -55.20
CA TYR T 303 -74.52 28.18 -56.35
C TYR T 303 -73.49 29.21 -55.92
N LEU T 304 -72.24 29.05 -56.35
CA LEU T 304 -71.17 29.96 -55.99
C LEU T 304 -70.63 30.65 -57.24
N VAL T 305 -70.36 31.94 -57.10
CA VAL T 305 -69.79 32.76 -58.18
C VAL T 305 -68.50 33.36 -57.65
N GLY T 306 -67.38 32.87 -58.14
CA GLY T 306 -66.09 33.36 -57.72
C GLY T 306 -65.60 32.72 -56.44
N GLY T 307 -64.53 33.27 -55.92
CA GLY T 307 -63.91 32.75 -54.72
C GLY T 307 -62.86 31.70 -55.00
N ARG T 308 -62.22 31.27 -53.93
CA ARG T 308 -61.19 30.24 -54.04
C ARG T 308 -61.81 28.91 -54.45
N GLY T 309 -61.20 28.26 -55.44
CA GLY T 309 -61.74 27.01 -55.94
C GLY T 309 -61.67 25.89 -54.91
N THR T 310 -60.57 25.81 -54.17
CA THR T 310 -60.42 24.75 -53.18
C THR T 310 -61.48 24.85 -52.09
N ASP T 311 -61.77 26.06 -51.62
CA ASP T 311 -62.83 26.22 -50.63
C ASP T 311 -64.21 26.09 -51.25
N ALA T 312 -64.34 26.46 -52.53
CA ALA T 312 -65.64 26.38 -53.19
C ALA T 312 -66.08 24.94 -53.38
N VAL T 313 -65.15 24.04 -53.71
CA VAL T 313 -65.54 22.65 -53.94
C VAL T 313 -65.80 21.88 -52.65
N GLN T 314 -65.49 22.47 -51.50
CA GLN T 314 -65.73 21.83 -50.21
C GLN T 314 -67.12 22.09 -49.66
N VAL T 315 -67.92 22.90 -50.35
CA VAL T 315 -69.27 23.22 -49.87
C VAL T 315 -70.19 22.02 -50.06
N ILE T 316 -69.69 20.96 -50.68
CA ILE T 316 -70.52 19.79 -50.90
C ILE T 316 -70.79 19.03 -49.61
N LYS T 317 -70.04 19.32 -48.55
CA LYS T 317 -70.18 18.61 -47.29
C LYS T 317 -71.13 19.36 -46.34
N GLY T 318 -72.37 19.52 -46.81
CA GLY T 318 -73.39 20.17 -46.01
C GLY T 318 -73.11 21.64 -45.74
N PHE T 319 -73.64 22.12 -44.61
CA PHE T 319 -73.39 23.51 -44.20
C PHE T 319 -72.13 23.63 -43.37
N ALA T 320 -71.05 23.11 -43.89
CA ALA T 320 -69.72 23.25 -43.30
C ALA T 320 -68.76 23.86 -44.29
N GLY T 321 -68.82 23.43 -45.55
CA GLY T 321 -68.05 24.08 -46.59
C GLY T 321 -68.54 25.49 -46.84
N PHE T 322 -69.86 25.69 -46.80
CA PHE T 322 -70.41 27.04 -46.88
C PHE T 322 -70.42 27.65 -45.49
N SER T 323 -69.32 27.46 -44.77
CA SER T 323 -68.96 28.20 -43.57
C SER T 323 -67.50 28.54 -43.52
N ASN T 324 -66.67 27.88 -44.34
CA ASN T 324 -65.28 28.23 -44.52
C ASN T 324 -65.01 28.85 -45.87
N PHE T 325 -65.86 28.59 -46.87
CA PHE T 325 -65.72 29.27 -48.15
C PHE T 325 -65.85 30.77 -47.98
N ILE T 326 -66.59 31.20 -46.95
CA ILE T 326 -66.76 32.62 -46.67
C ILE T 326 -65.64 33.14 -45.78
N VAL T 327 -65.26 32.40 -44.74
CA VAL T 327 -64.27 32.91 -43.80
C VAL T 327 -62.83 32.75 -44.27
N ASN T 328 -62.59 31.97 -45.32
CA ASN T 328 -61.25 31.79 -45.86
C ASN T 328 -61.00 32.66 -47.10
N GLY T 329 -61.91 33.56 -47.43
CA GLY T 329 -61.74 34.41 -48.59
C GLY T 329 -62.16 35.84 -48.34
N GLY T 330 -62.12 36.28 -47.09
CA GLY T 330 -62.48 37.65 -46.78
C GLY T 330 -61.56 38.67 -47.40
N GLN T 331 -60.26 38.43 -47.34
CA GLN T 331 -59.28 39.30 -47.97
C GLN T 331 -59.00 38.80 -49.37
N PHE T 332 -59.23 39.65 -50.36
CA PHE T 332 -59.03 39.25 -51.75
C PHE T 332 -57.57 39.50 -52.15
N THR T 333 -56.93 38.47 -52.64
CA THR T 333 -55.55 38.41 -53.05
C THR T 333 -55.43 38.64 -54.54
N PRO T 334 -54.27 39.06 -55.05
CA PRO T 334 -54.17 39.21 -56.51
C PRO T 334 -54.25 37.89 -57.25
N GLU T 335 -54.03 36.76 -56.57
CA GLU T 335 -54.32 35.46 -57.17
C GLU T 335 -55.81 35.18 -57.27
N ALA T 336 -56.64 35.85 -56.46
CA ALA T 336 -58.09 35.67 -56.47
C ALA T 336 -58.73 37.05 -56.53
N PRO T 337 -58.70 37.69 -57.70
CA PRO T 337 -59.23 39.07 -57.80
C PRO T 337 -60.72 39.19 -57.58
N GLY T 338 -61.49 38.12 -57.76
CA GLY T 338 -62.92 38.19 -57.68
C GLY T 338 -63.54 38.21 -59.08
N VAL T 339 -64.87 38.15 -59.11
CA VAL T 339 -65.61 38.05 -60.35
C VAL T 339 -66.53 39.26 -60.49
N PRO T 340 -66.62 39.86 -61.68
CA PRO T 340 -67.60 40.94 -61.87
C PRO T 340 -69.00 40.43 -61.59
N ILE T 341 -69.62 40.99 -60.54
CA ILE T 341 -70.93 40.54 -60.09
C ILE T 341 -71.99 41.61 -60.30
N TYR T 342 -71.63 42.88 -60.14
CA TYR T 342 -72.57 43.98 -60.33
C TYR T 342 -71.92 45.05 -61.19
N PHE T 343 -72.77 45.83 -61.87
CA PHE T 343 -72.26 46.93 -62.67
C PHE T 343 -73.31 48.02 -62.71
N SER T 344 -72.85 49.24 -62.98
CA SER T 344 -73.72 50.41 -63.04
C SER T 344 -73.48 51.13 -64.34
N ALA T 345 -74.56 51.70 -64.88
CA ALA T 345 -74.50 52.39 -66.15
C ALA T 345 -75.12 53.77 -66.02
N SER T 346 -74.73 54.66 -66.92
CA SER T 346 -75.21 56.04 -66.92
C SER T 346 -75.59 56.44 -68.34
N HIS T 347 -76.52 57.39 -68.42
CA HIS T 347 -76.95 57.91 -69.71
C HIS T 347 -75.83 58.68 -70.38
N ALA T 348 -75.80 58.64 -71.71
CA ALA T 348 -74.78 59.35 -72.47
C ALA T 348 -75.20 60.76 -72.84
N SER T 349 -76.47 61.13 -72.61
CA SER T 349 -76.93 62.46 -72.98
C SER T 349 -76.57 63.49 -71.92
N ASP T 350 -77.08 63.32 -70.70
CA ASP T 350 -76.82 64.24 -69.61
C ASP T 350 -75.88 63.66 -68.56
N ASN T 351 -75.30 62.49 -68.83
CA ASN T 351 -74.38 61.82 -67.90
C ASN T 351 -75.06 61.52 -66.56
N SER T 352 -76.38 61.34 -66.58
CA SER T 352 -77.13 61.04 -65.38
C SER T 352 -77.11 59.55 -65.10
N VAL T 353 -77.49 59.20 -63.87
CA VAL T 353 -77.49 57.80 -63.46
C VAL T 353 -78.65 57.07 -64.12
N TYR T 354 -78.36 55.95 -64.77
CA TYR T 354 -79.37 55.16 -65.46
C TYR T 354 -79.99 54.17 -64.48
N TYR T 355 -81.33 54.18 -64.42
CA TYR T 355 -82.08 53.28 -63.56
C TYR T 355 -82.90 52.33 -64.41
N THR T 356 -82.77 51.03 -64.14
CA THR T 356 -83.49 50.00 -64.88
C THR T 356 -84.58 49.41 -64.00
N THR T 357 -85.64 48.95 -64.63
CA THR T 357 -86.76 48.35 -63.91
C THR T 357 -86.78 46.83 -64.08
N THR U 81 -85.33 30.30 -73.78
CA THR U 81 -84.16 31.03 -74.26
C THR U 81 -83.05 31.05 -73.23
N SER U 82 -81.83 30.72 -73.66
CA SER U 82 -80.67 30.70 -72.80
C SER U 82 -79.50 31.40 -73.46
N ASP U 83 -78.61 31.93 -72.64
CA ASP U 83 -77.44 32.65 -73.12
C ASP U 83 -76.25 31.72 -73.35
N GLN U 84 -76.09 30.72 -72.50
CA GLN U 84 -74.99 29.76 -72.59
C GLN U 84 -75.51 28.44 -73.14
N ILE U 85 -74.80 27.91 -74.14
CA ILE U 85 -75.16 26.68 -74.81
C ILE U 85 -74.15 25.62 -74.42
N VAL U 86 -74.65 24.45 -74.03
CA VAL U 86 -73.78 23.34 -73.67
C VAL U 86 -73.04 22.85 -74.90
N VAL U 87 -71.74 22.57 -74.74
CA VAL U 87 -70.92 22.15 -75.87
C VAL U 87 -71.32 20.74 -76.27
N THR U 88 -71.74 20.58 -77.52
CA THR U 88 -72.08 19.28 -78.06
C THR U 88 -71.12 18.82 -79.16
N VAL U 89 -70.54 19.76 -79.89
CA VAL U 89 -69.56 19.44 -80.93
C VAL U 89 -68.27 20.16 -80.59
N PRO U 90 -67.35 19.52 -79.85
CA PRO U 90 -66.11 20.19 -79.47
C PRO U 90 -65.26 20.62 -80.65
N GLN U 91 -65.33 19.89 -81.77
CA GLN U 91 -64.57 20.28 -82.95
C GLN U 91 -64.99 21.63 -83.49
N LYS U 92 -66.31 21.87 -83.55
CA LYS U 92 -66.81 23.12 -84.10
C LYS U 92 -67.02 24.20 -83.05
N THR U 93 -66.84 23.87 -81.77
CA THR U 93 -67.04 24.85 -80.69
C THR U 93 -65.70 25.48 -80.36
N PHE U 94 -65.35 26.51 -81.15
CA PHE U 94 -64.16 27.30 -80.90
C PHE U 94 -64.52 28.77 -81.05
N ILE U 95 -63.75 29.63 -80.37
CA ILE U 95 -64.04 31.05 -80.40
C ILE U 95 -63.75 31.61 -81.79
N GLY U 96 -64.54 32.61 -82.18
CA GLY U 96 -64.35 33.24 -83.48
C GLY U 96 -64.94 32.49 -84.65
N GLY U 97 -65.66 31.39 -84.42
CA GLY U 97 -66.26 30.64 -85.51
C GLY U 97 -67.66 31.11 -85.83
N VAL U 98 -67.93 31.30 -87.12
CA VAL U 98 -69.22 31.81 -87.59
C VAL U 98 -70.04 30.64 -88.12
N TYR U 99 -71.27 30.53 -87.66
CA TYR U 99 -72.19 29.48 -88.05
C TYR U 99 -73.56 30.08 -88.32
N ASN U 100 -74.46 29.24 -88.82
CA ASN U 100 -75.85 29.63 -89.02
C ASN U 100 -76.62 29.38 -87.74
N SER U 101 -77.57 30.25 -87.44
CA SER U 101 -78.37 30.11 -86.21
C SER U 101 -79.19 28.84 -86.24
N THR U 102 -79.82 28.52 -87.37
CA THR U 102 -80.63 27.31 -87.47
C THR U 102 -79.78 26.06 -87.33
N THR U 103 -78.62 26.04 -87.99
CA THR U 103 -77.73 24.89 -87.89
C THR U 103 -77.21 24.71 -86.48
N LEU U 104 -76.88 25.81 -85.81
CA LEU U 104 -76.46 25.70 -84.41
C LEU U 104 -77.60 25.26 -83.52
N ASP U 105 -78.83 25.64 -83.85
CA ASP U 105 -79.99 25.22 -83.06
C ASP U 105 -80.25 23.72 -83.19
N ASN U 106 -80.17 23.20 -84.42
CA ASN U 106 -80.40 21.77 -84.65
C ASN U 106 -79.10 20.97 -84.67
N LEU U 107 -78.02 21.53 -84.12
CA LEU U 107 -76.74 20.82 -83.94
C LEU U 107 -76.13 20.39 -85.26
N ASP U 108 -76.34 21.15 -86.31
CA ASP U 108 -75.69 20.87 -87.60
C ASP U 108 -74.35 21.58 -87.71
N TYR U 109 -74.29 22.82 -87.24
CA TYR U 109 -73.06 23.60 -87.20
C TYR U 109 -72.45 23.73 -88.61
N THR U 110 -73.21 24.37 -89.50
CA THR U 110 -72.70 24.62 -90.83
C THR U 110 -71.87 25.90 -90.81
N PRO U 111 -70.58 25.83 -91.09
CA PRO U 111 -69.75 27.04 -91.01
C PRO U 111 -70.02 27.98 -92.17
N ILE U 112 -69.72 29.25 -91.95
CA ILE U 112 -69.80 30.27 -92.97
C ILE U 112 -68.37 30.63 -93.34
N SER U 113 -67.94 30.16 -94.51
CA SER U 113 -66.54 30.29 -94.95
C SER U 113 -66.34 31.66 -95.60
N TYR U 114 -66.07 32.66 -94.77
CA TYR U 114 -65.77 34.00 -95.23
C TYR U 114 -64.62 34.55 -94.41
N PRO U 115 -63.81 35.42 -94.99
CA PRO U 115 -62.68 36.00 -94.24
C PRO U 115 -63.17 36.81 -93.05
N LEU U 116 -62.39 36.77 -91.97
CA LEU U 116 -62.71 37.47 -90.73
C LEU U 116 -61.51 38.29 -90.29
N ASP U 117 -61.79 39.44 -89.69
CA ASP U 117 -60.73 40.27 -89.15
C ASP U 117 -60.10 39.58 -87.94
N PRO U 118 -58.85 39.92 -87.63
CA PRO U 118 -58.21 39.35 -86.43
C PRO U 118 -59.02 39.69 -85.19
N ILE U 119 -59.13 38.71 -84.29
CA ILE U 119 -59.97 38.81 -83.10
C ILE U 119 -59.10 38.89 -81.87
N THR U 120 -59.49 39.74 -80.93
CA THR U 120 -58.82 39.88 -79.66
C THR U 120 -59.56 39.04 -78.61
N VAL U 121 -58.82 38.20 -77.90
CA VAL U 121 -59.39 37.30 -76.91
C VAL U 121 -58.78 37.61 -75.55
N SER U 122 -59.61 37.53 -74.52
CA SER U 122 -59.19 37.78 -73.15
C SER U 122 -59.55 36.58 -72.29
N TYR U 123 -58.75 36.34 -71.26
CA TYR U 123 -58.95 35.21 -70.37
C TYR U 123 -59.41 35.68 -69.00
N SER U 124 -60.33 34.92 -68.40
CA SER U 124 -60.85 35.31 -67.09
C SER U 124 -59.80 35.18 -65.98
N PHE U 125 -58.90 34.21 -66.09
CA PHE U 125 -57.90 34.01 -65.05
C PHE U 125 -56.76 35.02 -65.18
N PRO U 126 -56.15 35.41 -64.07
CA PRO U 126 -55.01 36.33 -64.13
C PRO U 126 -53.75 35.64 -64.65
N SER U 127 -53.18 36.23 -65.70
CA SER U 127 -51.95 35.70 -66.31
C SER U 127 -51.28 36.81 -67.09
N ASP U 128 -49.99 36.61 -67.38
CA ASP U 128 -49.25 37.58 -68.18
C ASP U 128 -49.82 37.64 -69.59
N PHE U 129 -50.15 36.49 -70.17
CA PHE U 129 -50.74 36.42 -71.50
C PHE U 129 -52.26 36.34 -71.38
N ILE U 130 -52.83 37.39 -70.79
CA ILE U 130 -54.28 37.45 -70.57
C ILE U 130 -55.03 38.03 -71.75
N VAL U 131 -54.35 38.77 -72.63
CA VAL U 131 -54.94 39.37 -73.83
C VAL U 131 -54.15 38.89 -75.02
N ASP U 132 -54.72 37.97 -75.79
CA ASP U 132 -54.10 37.43 -76.99
C ASP U 132 -54.86 37.90 -78.24
N THR U 133 -54.23 37.70 -79.39
CA THR U 133 -54.81 38.04 -80.68
C THR U 133 -54.67 36.86 -81.62
N ILE U 134 -55.75 36.55 -82.35
CA ILE U 134 -55.76 35.43 -83.28
C ILE U 134 -56.18 35.98 -84.64
N GLU U 135 -55.30 35.82 -85.64
CA GLU U 135 -55.60 36.32 -86.98
C GLU U 135 -56.65 35.45 -87.66
N ARG U 136 -56.52 34.14 -87.58
CA ARG U 136 -57.45 33.20 -88.19
C ARG U 136 -58.10 32.36 -87.11
N PRO U 137 -59.33 32.66 -86.71
CA PRO U 137 -60.00 31.87 -85.66
C PRO U 137 -60.14 30.41 -86.05
N SER U 138 -59.55 29.53 -85.24
CA SER U 138 -59.62 28.10 -85.46
C SER U 138 -59.46 27.38 -84.14
N LEU U 139 -59.85 26.10 -84.13
CA LEU U 139 -59.74 25.30 -82.91
C LEU U 139 -58.29 25.14 -82.49
N SER U 140 -57.39 24.90 -83.44
CA SER U 140 -55.98 24.74 -83.10
C SER U 140 -55.41 26.03 -82.54
N SER U 141 -55.76 27.17 -83.14
CA SER U 141 -55.28 28.45 -82.64
C SER U 141 -55.82 28.74 -81.24
N MET U 142 -57.09 28.44 -81.00
CA MET U 142 -57.65 28.64 -79.66
C MET U 142 -56.96 27.74 -78.63
N ARG U 143 -56.72 26.48 -78.98
CA ARG U 143 -56.04 25.58 -78.06
C ARG U 143 -54.62 26.03 -77.77
N ALA U 144 -53.88 26.46 -78.81
CA ALA U 144 -52.52 26.93 -78.61
C ALA U 144 -52.48 28.20 -77.77
N SER U 145 -53.42 29.12 -78.00
CA SER U 145 -53.47 30.33 -77.20
C SER U 145 -53.78 30.02 -75.74
N VAL U 146 -54.70 29.09 -75.49
CA VAL U 146 -55.00 28.70 -74.12
C VAL U 146 -53.79 28.06 -73.45
N PHE U 147 -53.08 27.20 -74.19
CA PHE U 147 -51.89 26.55 -73.65
C PHE U 147 -50.82 27.58 -73.28
N LYS U 148 -50.55 28.53 -74.18
CA LYS U 148 -49.54 29.55 -73.91
C LYS U 148 -49.96 30.46 -72.75
N ALA U 149 -51.24 30.85 -72.71
CA ALA U 149 -51.72 31.72 -71.65
C ALA U 149 -51.61 31.05 -70.29
N MET U 150 -51.96 29.77 -70.20
CA MET U 150 -51.93 29.09 -68.92
C MET U 150 -50.53 28.62 -68.54
N ARG U 151 -49.60 28.56 -69.49
CA ARG U 151 -48.20 28.31 -69.16
C ARG U 151 -47.38 29.58 -68.96
N ALA U 152 -47.99 30.75 -69.17
CA ALA U 152 -47.26 32.00 -68.98
C ALA U 152 -47.04 32.29 -67.51
N ALA U 153 -46.23 33.31 -67.23
CA ALA U 153 -45.90 33.70 -65.87
C ALA U 153 -47.09 34.39 -65.21
N ASN U 154 -47.05 34.43 -63.88
CA ASN U 154 -48.10 35.07 -63.06
C ASN U 154 -49.47 34.46 -63.34
N PHE U 155 -49.50 33.15 -63.56
CA PHE U 155 -50.75 32.43 -63.77
C PHE U 155 -51.25 31.85 -62.46
N SER U 156 -52.54 32.01 -62.21
CA SER U 156 -53.15 31.53 -60.98
C SER U 156 -54.48 30.88 -61.33
N GLY U 157 -54.58 29.58 -61.08
CA GLY U 157 -55.82 28.86 -61.21
C GLY U 157 -56.49 28.72 -59.85
N GLU U 158 -56.04 29.53 -58.90
CA GLU U 158 -56.55 29.44 -57.54
C GLU U 158 -58.02 29.80 -57.46
N GLN U 159 -58.46 30.80 -58.21
CA GLN U 159 -59.84 31.25 -58.17
C GLN U 159 -60.58 30.75 -59.40
N SER U 160 -61.74 30.16 -59.19
CA SER U 160 -62.61 29.69 -60.25
C SER U 160 -63.67 30.75 -60.55
N LEU U 161 -64.59 30.40 -61.46
CA LEU U 161 -65.64 31.32 -61.87
C LEU U 161 -67.01 30.92 -61.37
N ALA U 162 -67.37 29.64 -61.45
CA ALA U 162 -68.68 29.24 -60.95
C ALA U 162 -68.61 27.81 -60.43
N PHE U 163 -69.53 27.48 -59.54
CA PHE U 163 -69.59 26.15 -58.96
C PHE U 163 -71.03 25.87 -58.55
N ASP U 164 -71.69 25.00 -59.30
CA ASP U 164 -73.07 24.61 -59.04
C ASP U 164 -73.10 23.18 -58.52
N TYR U 165 -73.82 22.96 -57.43
CA TYR U 165 -73.96 21.64 -56.83
C TYR U 165 -75.43 21.38 -56.55
N ASN U 166 -75.83 20.12 -56.67
CA ASN U 166 -77.20 19.73 -56.41
C ASN U 166 -77.24 18.25 -56.06
N ILE U 167 -77.83 17.91 -54.94
CA ILE U 167 -77.96 16.51 -54.52
C ILE U 167 -79.40 16.27 -54.06
N LYS U 168 -79.90 15.08 -54.34
CA LYS U 168 -81.24 14.68 -53.94
C LYS U 168 -81.16 13.26 -53.39
N GLN U 169 -81.41 13.11 -52.10
CA GLN U 169 -81.40 11.82 -51.43
C GLN U 169 -82.81 11.45 -51.03
N PHE U 170 -83.22 10.22 -51.32
CA PHE U 170 -84.56 9.75 -51.00
C PHE U 170 -84.46 8.31 -50.54
N SER U 171 -85.34 7.94 -49.61
CA SER U 171 -85.31 6.59 -49.06
C SER U 171 -86.71 6.24 -48.55
N TYR U 172 -87.35 5.28 -49.19
CA TYR U 172 -88.62 4.73 -48.75
C TYR U 172 -88.40 3.50 -47.87
N TYR U 173 -89.44 3.13 -47.14
CA TYR U 173 -89.42 1.94 -46.30
C TYR U 173 -90.85 1.43 -46.17
N SER U 174 -90.98 0.10 -46.05
CA SER U 174 -92.28 -0.51 -45.87
C SER U 174 -92.10 -1.82 -45.11
N GLU U 175 -92.98 -2.07 -44.15
CA GLU U 175 -92.87 -3.27 -43.33
C GLU U 175 -94.27 -3.73 -42.92
N LEU U 176 -94.62 -4.96 -43.30
CA LEU U 176 -95.87 -5.60 -42.93
C LEU U 176 -95.55 -6.86 -42.13
N LYS U 177 -96.27 -7.06 -41.04
CA LYS U 177 -96.05 -8.19 -40.13
C LYS U 177 -97.37 -8.87 -39.79
N ILE U 178 -98.15 -9.20 -40.82
CA ILE U 178 -99.47 -9.80 -40.61
C ILE U 178 -99.31 -11.19 -40.00
N ALA U 179 -100.09 -11.47 -38.96
CA ALA U 179 -100.05 -12.76 -38.29
C ALA U 179 -101.47 -13.22 -37.99
N PHE U 180 -101.63 -14.53 -37.88
CA PHE U 180 -102.94 -15.11 -37.60
C PHE U 180 -102.82 -16.28 -36.63
N ILE U 194 -104.05 -24.33 -36.81
CA ILE U 194 -103.95 -23.44 -37.95
C ILE U 194 -103.26 -22.15 -37.53
N SER U 195 -102.20 -21.78 -38.26
CA SER U 195 -101.45 -20.56 -37.99
C SER U 195 -101.16 -19.88 -39.33
N GLY U 196 -100.31 -18.86 -39.28
CA GLY U 196 -99.95 -18.14 -40.49
C GLY U 196 -99.27 -16.82 -40.22
N SER U 197 -98.24 -16.50 -41.00
CA SER U 197 -97.50 -15.26 -40.86
C SER U 197 -97.07 -14.76 -42.23
N ASN U 198 -97.00 -13.45 -42.37
CA ASN U 198 -96.61 -12.79 -43.61
C ASN U 198 -95.80 -11.56 -43.24
N ASN U 199 -94.48 -11.63 -43.47
CA ASN U 199 -93.54 -10.54 -43.21
C ASN U 199 -93.04 -10.01 -44.54
N LYS U 200 -93.40 -8.77 -44.86
CA LYS U 200 -93.01 -8.11 -46.09
C LYS U 200 -92.16 -6.88 -45.77
N ILE U 201 -91.00 -6.77 -46.39
CA ILE U 201 -90.10 -5.64 -46.19
C ILE U 201 -89.75 -5.07 -47.56
N LYS U 202 -89.86 -3.75 -47.70
CA LYS U 202 -89.54 -3.06 -48.94
C LYS U 202 -88.66 -1.87 -48.65
N ARG U 203 -87.59 -1.70 -49.44
CA ARG U 203 -86.66 -0.59 -49.30
C ARG U 203 -86.34 -0.05 -50.68
N THR U 204 -86.21 1.27 -50.78
CA THR U 204 -85.89 1.91 -52.06
C THR U 204 -85.10 3.17 -51.75
N THR U 205 -83.81 3.17 -52.09
CA THR U 205 -82.91 4.28 -51.82
C THR U 205 -82.40 4.87 -53.13
N GLY U 206 -82.27 6.19 -53.18
CA GLY U 206 -81.78 6.84 -54.38
C GLY U 206 -81.08 8.17 -54.12
N VAL U 207 -79.87 8.30 -54.65
CA VAL U 207 -79.08 9.53 -54.54
C VAL U 207 -78.75 10.00 -55.95
N PHE U 208 -79.19 11.21 -56.29
CA PHE U 208 -78.89 11.82 -57.58
C PHE U 208 -78.11 13.10 -57.35
N ALA U 209 -76.95 13.23 -57.99
CA ALA U 209 -76.10 14.38 -57.77
C ALA U 209 -75.62 14.95 -59.10
N LYS U 210 -75.71 16.26 -59.23
CA LYS U 210 -75.20 16.98 -60.39
C LYS U 210 -74.29 18.11 -59.91
N PHE U 211 -73.14 18.25 -60.57
CA PHE U 211 -72.17 19.26 -60.21
C PHE U 211 -71.53 19.80 -61.47
N THR U 212 -71.34 21.11 -61.50
CA THR U 212 -70.61 21.76 -62.58
C THR U 212 -69.67 22.79 -62.00
N GLN U 213 -68.50 22.93 -62.61
CA GLN U 213 -67.54 23.94 -62.19
C GLN U 213 -67.08 24.66 -63.44
N LYS U 214 -67.04 25.99 -63.38
CA LYS U 214 -66.56 26.82 -64.47
C LYS U 214 -65.23 27.40 -64.02
N ASN U 215 -64.15 26.77 -64.47
CA ASN U 215 -62.79 27.21 -64.14
C ASN U 215 -62.50 28.59 -64.70
N PHE U 216 -62.76 28.78 -65.99
CA PHE U 216 -62.50 30.08 -66.61
C PHE U 216 -63.22 30.15 -67.94
N THR U 217 -63.19 31.35 -68.54
CA THR U 217 -63.70 31.52 -69.89
C THR U 217 -62.74 32.37 -70.70
N ILE U 218 -62.73 32.12 -72.01
CA ILE U 218 -62.03 32.94 -72.98
C ILE U 218 -63.10 33.69 -73.76
N ASP U 219 -63.00 35.02 -73.75
CA ASP U 219 -63.99 35.91 -74.33
C ASP U 219 -63.41 36.63 -75.54
N MET U 220 -64.30 37.05 -76.43
CA MET U 220 -63.93 37.74 -77.65
C MET U 220 -64.37 39.18 -77.58
N ASP U 221 -63.48 40.09 -77.99
CA ASP U 221 -63.79 41.51 -77.98
C ASP U 221 -64.68 41.87 -79.17
N LEU U 222 -65.50 42.89 -78.97
CA LEU U 222 -66.35 43.38 -80.05
C LEU U 222 -65.46 44.01 -81.14
N PRO U 223 -65.82 43.83 -82.41
CA PRO U 223 -64.98 44.39 -83.48
C PRO U 223 -64.94 45.91 -83.43
N ALA U 224 -63.76 46.46 -83.76
CA ALA U 224 -63.62 47.91 -83.81
C ALA U 224 -64.46 48.51 -84.93
N ASP U 225 -64.50 47.84 -86.09
CA ASP U 225 -65.29 48.30 -87.21
C ASP U 225 -66.77 48.04 -87.02
N GLY U 226 -67.15 47.21 -86.07
CA GLY U 226 -68.53 46.85 -85.84
C GLY U 226 -68.99 45.62 -86.58
N ASN U 227 -68.14 45.06 -87.43
CA ASN U 227 -68.44 43.85 -88.19
C ASN U 227 -67.27 42.88 -88.07
N ILE U 228 -67.57 41.61 -87.84
CA ILE U 228 -66.53 40.61 -87.70
C ILE U 228 -65.87 40.30 -89.04
N PHE U 229 -66.60 40.50 -90.14
CA PHE U 229 -66.07 40.18 -91.46
C PHE U 229 -65.04 41.20 -91.91
N LYS U 230 -63.99 40.71 -92.58
CA LYS U 230 -62.93 41.59 -93.06
C LYS U 230 -63.40 42.46 -94.22
N ASN U 231 -64.10 41.87 -95.19
CA ASN U 231 -64.53 42.62 -96.37
C ASN U 231 -65.67 43.57 -96.07
N ASN U 232 -66.45 43.32 -95.01
CA ASN U 232 -67.61 44.09 -94.58
C ASN U 232 -68.79 43.97 -95.54
N SER U 233 -68.64 43.28 -96.66
CA SER U 233 -69.75 43.00 -97.56
C SER U 233 -70.31 41.60 -97.38
N ASP U 234 -69.56 40.72 -96.73
CA ASP U 234 -70.05 39.37 -96.46
C ASP U 234 -71.27 39.40 -95.56
N LEU U 235 -71.39 40.43 -94.71
CA LEU U 235 -72.57 40.54 -93.87
C LEU U 235 -73.83 40.67 -94.72
N ALA U 236 -73.77 41.47 -95.79
CA ALA U 236 -74.88 41.53 -96.73
C ALA U 236 -74.94 40.29 -97.62
N LEU U 237 -73.81 39.63 -97.82
CA LEU U 237 -73.80 38.44 -98.66
C LEU U 237 -74.56 37.29 -98.01
N THR U 238 -74.44 37.13 -96.69
CA THR U 238 -75.12 36.06 -95.97
C THR U 238 -76.49 36.46 -95.44
N ASN U 239 -77.18 37.39 -96.10
CA ASN U 239 -78.55 37.70 -95.73
C ASN U 239 -79.43 36.47 -95.88
N GLY U 240 -80.20 36.17 -94.83
CA GLY U 240 -80.99 34.96 -94.79
C GLY U 240 -80.27 33.75 -94.24
N LYS U 241 -78.96 33.83 -94.05
CA LYS U 241 -78.18 32.73 -93.47
C LYS U 241 -78.02 32.86 -91.97
N ASN U 242 -78.52 33.94 -91.36
CA ASN U 242 -78.45 34.18 -89.92
C ASN U 242 -77.02 34.03 -89.41
N PRO U 243 -76.12 34.96 -89.74
CA PRO U 243 -74.72 34.82 -89.30
C PRO U 243 -74.59 35.03 -87.80
N VAL U 244 -74.05 34.01 -87.12
CA VAL U 244 -73.85 34.05 -85.69
C VAL U 244 -72.47 33.48 -85.40
N TYR U 245 -71.69 34.17 -84.57
CA TYR U 245 -70.33 33.76 -84.26
C TYR U 245 -70.17 33.54 -82.76
N ILE U 246 -69.44 32.49 -82.40
CA ILE U 246 -69.18 32.24 -80.98
C ILE U 246 -68.19 33.25 -80.45
N SER U 247 -68.52 33.86 -79.31
CA SER U 247 -67.70 34.90 -78.72
C SER U 247 -67.20 34.56 -77.31
N SER U 248 -67.54 33.40 -76.77
CA SER U 248 -67.10 33.04 -75.43
C SER U 248 -67.11 31.53 -75.29
N VAL U 249 -66.04 30.99 -74.71
CA VAL U 249 -65.92 29.56 -74.45
C VAL U 249 -65.56 29.36 -72.99
N THR U 250 -66.33 28.51 -72.30
CA THR U 250 -66.14 28.25 -70.88
C THR U 250 -65.45 26.91 -70.68
N TYR U 251 -64.33 26.92 -69.98
CA TYR U 251 -63.58 25.73 -69.61
C TYR U 251 -63.91 25.37 -68.16
N GLY U 252 -64.24 24.11 -67.94
CA GLY U 252 -64.60 23.64 -66.61
C GLY U 252 -64.80 22.14 -66.59
N ARG U 253 -65.47 21.68 -65.53
CA ARG U 253 -65.73 20.26 -65.31
C ARG U 253 -67.21 20.02 -65.09
N LEU U 254 -67.65 18.81 -65.44
CA LEU U 254 -69.02 18.37 -65.27
C LEU U 254 -69.04 17.02 -64.57
N GLY U 255 -70.07 16.79 -63.76
CA GLY U 255 -70.20 15.51 -63.10
C GLY U 255 -71.62 15.16 -62.70
N ILE U 256 -72.08 13.97 -63.08
CA ILE U 256 -73.42 13.50 -62.74
C ILE U 256 -73.30 12.10 -62.18
N ILE U 257 -73.98 11.83 -61.07
CA ILE U 257 -74.02 10.50 -60.49
C ILE U 257 -75.46 10.17 -60.12
N SER U 258 -75.77 8.87 -60.13
CA SER U 258 -77.11 8.42 -59.81
C SER U 258 -77.01 7.00 -59.27
N ILE U 259 -77.30 6.82 -57.99
CA ILE U 259 -77.24 5.53 -57.32
C ILE U 259 -78.64 5.16 -56.87
N GLU U 260 -79.10 3.98 -57.27
CA GLU U 260 -80.41 3.48 -56.90
C GLU U 260 -80.26 2.09 -56.30
N SER U 261 -81.16 1.76 -55.38
CA SER U 261 -81.13 0.47 -54.71
C SER U 261 -82.55 0.07 -54.31
N ASN U 262 -82.86 -1.21 -54.48
CA ASN U 262 -84.17 -1.76 -54.14
C ASN U 262 -83.98 -3.06 -53.38
N ALA U 263 -84.82 -3.27 -52.36
CA ALA U 263 -84.76 -4.47 -51.55
C ALA U 263 -86.18 -4.94 -51.25
N SER U 264 -86.40 -6.25 -51.35
CA SER U 264 -87.70 -6.86 -51.11
C SER U 264 -87.53 -8.14 -50.33
N TYR U 265 -88.39 -8.35 -49.34
CA TYR U 265 -88.40 -9.52 -48.48
C TYR U 265 -89.83 -9.99 -48.31
N ASN U 266 -90.09 -11.27 -48.55
CA ASN U 266 -91.45 -11.80 -48.66
C ASN U 266 -91.61 -13.08 -47.86
N GLU U 267 -91.20 -13.08 -46.59
CA GLU U 267 -91.33 -14.27 -45.76
C GLU U 267 -92.80 -14.62 -45.50
N VAL U 268 -93.14 -15.89 -45.70
CA VAL U 268 -94.50 -16.38 -45.46
C VAL U 268 -94.39 -17.72 -44.75
N ASN U 269 -95.12 -17.87 -43.65
CA ASN U 269 -95.14 -19.09 -42.87
C ASN U 269 -96.57 -19.60 -42.71
N PHE U 270 -96.73 -20.92 -42.67
CA PHE U 270 -98.06 -21.51 -42.50
C PHE U 270 -97.92 -22.87 -41.82
N ALA U 271 -98.76 -23.12 -40.83
CA ALA U 271 -98.74 -24.39 -40.10
C ALA U 271 -100.18 -24.85 -39.86
N LEU U 272 -100.36 -26.16 -39.82
CA LEU U 272 -101.66 -26.78 -39.57
C LEU U 272 -101.49 -27.90 -38.55
N LYS U 273 -100.84 -27.58 -37.43
CA LYS U 273 -100.63 -28.56 -36.38
C LYS U 273 -101.92 -28.82 -35.60
N LEU U 285 -101.91 -34.77 -38.30
CA LEU U 285 -101.51 -33.88 -39.39
C LEU U 285 -100.59 -32.78 -38.89
N ASN U 286 -99.45 -32.62 -39.55
CA ASN U 286 -98.43 -31.64 -39.21
C ASN U 286 -97.97 -30.90 -40.46
N ILE U 287 -98.92 -30.41 -41.25
CA ILE U 287 -98.60 -29.73 -42.49
C ILE U 287 -97.90 -28.40 -42.17
N ASP U 288 -96.76 -28.18 -42.83
CA ASP U 288 -95.98 -26.97 -42.66
C ASP U 288 -95.60 -26.42 -44.03
N SER U 289 -95.47 -25.10 -44.11
CA SER U 289 -95.12 -24.44 -45.36
C SER U 289 -94.37 -23.15 -45.07
N ASN U 290 -93.35 -22.88 -45.87
CA ASN U 290 -92.55 -21.68 -45.73
C ASN U 290 -92.14 -21.19 -47.11
N SER U 291 -92.12 -19.87 -47.29
CA SER U 291 -91.78 -19.25 -48.57
C SER U 291 -90.98 -17.99 -48.29
N LYS U 292 -89.70 -18.00 -48.61
CA LYS U 292 -88.82 -16.86 -48.43
C LYS U 292 -88.36 -16.33 -49.79
N LYS U 293 -88.46 -15.03 -49.98
CA LYS U 293 -88.08 -14.39 -51.24
C LYS U 293 -87.37 -13.09 -50.93
N ILE U 294 -86.09 -13.01 -51.31
CA ILE U 294 -85.28 -11.81 -51.14
C ILE U 294 -84.83 -11.35 -52.52
N LEU U 295 -85.16 -10.11 -52.85
CA LEU U 295 -84.80 -9.51 -54.13
C LEU U 295 -84.02 -8.24 -53.88
N GLU U 296 -82.81 -8.16 -54.41
CA GLU U 296 -81.97 -6.99 -54.24
C GLU U 296 -81.51 -6.51 -55.61
N GLU U 297 -81.71 -5.22 -55.88
CA GLU U 297 -81.29 -4.60 -57.12
C GLU U 297 -80.49 -3.34 -56.82
N SER U 298 -79.48 -3.07 -57.64
CA SER U 298 -78.62 -1.92 -57.46
C SER U 298 -78.30 -1.31 -58.82
N ASP U 299 -78.00 -0.02 -58.81
CA ASP U 299 -77.65 0.69 -60.04
C ASP U 299 -76.79 1.89 -59.68
N LEU U 300 -75.83 2.21 -60.54
CA LEU U 300 -74.93 3.34 -60.29
C LEU U 300 -74.41 3.84 -61.63
N SER U 301 -74.91 4.99 -62.06
CA SER U 301 -74.50 5.59 -63.33
C SER U 301 -73.72 6.87 -63.06
N VAL U 302 -72.54 6.98 -63.67
CA VAL U 302 -71.67 8.13 -63.50
C VAL U 302 -71.32 8.70 -64.87
N TYR U 303 -71.26 10.02 -64.97
CA TYR U 303 -70.91 10.74 -66.20
C TYR U 303 -70.05 11.93 -65.83
N LEU U 304 -68.75 11.87 -66.12
CA LEU U 304 -67.82 12.95 -65.80
C LEU U 304 -67.25 13.53 -67.08
N VAL U 305 -67.13 14.85 -67.12
CA VAL U 305 -66.55 15.58 -68.25
C VAL U 305 -65.40 16.41 -67.71
N GLY U 306 -64.18 16.00 -68.02
CA GLY U 306 -63.00 16.70 -67.57
C GLY U 306 -62.60 16.30 -66.17
N GLY U 307 -61.64 17.06 -65.64
CA GLY U 307 -61.11 16.77 -64.32
C GLY U 307 -59.92 15.84 -64.36
N ARG U 308 -59.35 15.64 -63.18
CA ARG U 308 -58.20 14.75 -63.04
C ARG U 308 -58.62 13.31 -63.32
N GLY U 309 -57.84 12.61 -64.15
CA GLY U 309 -58.18 11.24 -64.50
C GLY U 309 -58.11 10.29 -63.32
N THR U 310 -57.08 10.45 -62.47
CA THR U 310 -56.91 9.57 -61.33
C THR U 310 -58.09 9.67 -60.37
N ASP U 311 -58.56 10.89 -60.10
CA ASP U 311 -59.73 11.05 -59.25
C ASP U 311 -61.01 10.67 -59.96
N ALA U 312 -61.06 10.84 -61.29
CA ALA U 312 -62.26 10.51 -62.04
C ALA U 312 -62.52 9.01 -62.05
N VAL U 313 -61.46 8.20 -62.17
CA VAL U 313 -61.67 6.75 -62.22
C VAL U 313 -61.98 6.14 -60.87
N GLN U 314 -61.85 6.91 -59.79
CA GLN U 314 -62.13 6.42 -58.45
C GLN U 314 -63.60 6.58 -58.07
N VAL U 315 -64.42 7.18 -58.94
CA VAL U 315 -65.84 7.38 -58.63
C VAL U 315 -66.60 6.07 -58.72
N ILE U 316 -65.91 5.01 -59.14
CA ILE U 316 -66.57 3.72 -59.25
C ILE U 316 -66.90 3.12 -57.89
N LYS U 317 -66.29 3.64 -56.83
CA LYS U 317 -66.48 3.09 -55.48
C LYS U 317 -67.60 3.83 -54.75
N GLY U 318 -68.80 3.78 -55.34
CA GLY U 318 -69.97 4.38 -54.73
C GLY U 318 -69.89 5.90 -54.66
N PHE U 319 -70.57 6.46 -53.67
CA PHE U 319 -70.54 7.91 -53.43
C PHE U 319 -69.39 8.31 -52.53
N ALA U 320 -68.20 7.86 -52.88
CA ALA U 320 -66.97 8.24 -52.20
C ALA U 320 -65.98 8.83 -53.18
N GLY U 321 -65.87 8.23 -54.37
CA GLY U 321 -65.07 8.82 -55.41
C GLY U 321 -65.69 10.11 -55.90
N PHE U 322 -67.02 10.15 -56.01
CA PHE U 322 -67.70 11.39 -56.34
C PHE U 322 -67.92 12.19 -55.06
N SER U 323 -66.89 12.24 -54.23
CA SER U 323 -66.76 13.16 -53.11
C SER U 323 -65.34 13.69 -52.98
N ASN U 324 -64.37 13.03 -53.63
CA ASN U 324 -63.01 13.53 -53.73
C ASN U 324 -62.69 14.00 -55.13
N PHE U 325 -63.39 13.51 -56.15
CA PHE U 325 -63.19 14.01 -57.49
C PHE U 325 -63.50 15.50 -57.55
N ILE U 326 -64.39 15.96 -56.68
CA ILE U 326 -64.74 17.37 -56.62
C ILE U 326 -63.79 18.15 -55.73
N VAL U 327 -63.44 17.61 -54.56
CA VAL U 327 -62.62 18.35 -53.61
C VAL U 327 -61.13 18.31 -53.92
N ASN U 328 -60.69 17.45 -54.83
CA ASN U 328 -59.29 17.36 -55.22
C ASN U 328 -59.01 18.07 -56.55
N GLY U 329 -59.99 18.81 -57.08
CA GLY U 329 -59.78 19.51 -58.33
C GLY U 329 -60.39 20.90 -58.34
N GLY U 330 -60.52 21.50 -57.16
CA GLY U 330 -61.07 22.84 -57.09
C GLY U 330 -60.21 23.88 -57.76
N GLN U 331 -58.90 23.81 -57.55
CA GLN U 331 -57.97 24.72 -58.22
C GLN U 331 -57.49 24.07 -59.50
N PHE U 332 -57.72 24.73 -60.64
CA PHE U 332 -57.32 24.18 -61.92
C PHE U 332 -55.87 24.56 -62.21
N THR U 333 -55.07 23.57 -62.50
CA THR U 333 -53.65 23.62 -62.75
C THR U 333 -53.41 23.67 -64.26
N PRO U 334 -52.26 24.15 -64.73
CA PRO U 334 -52.02 24.12 -66.18
C PRO U 334 -51.87 22.71 -66.72
N GLU U 335 -51.61 21.72 -65.86
CA GLU U 335 -51.67 20.33 -66.30
C GLU U 335 -53.11 19.85 -66.47
N ALA U 336 -54.08 20.51 -65.86
CA ALA U 336 -55.49 20.15 -65.96
C ALA U 336 -56.28 21.41 -66.29
N PRO U 337 -56.20 21.89 -67.52
CA PRO U 337 -56.86 23.17 -67.87
C PRO U 337 -58.38 23.13 -67.80
N GLY U 338 -58.99 21.95 -67.89
CA GLY U 338 -60.43 21.85 -67.96
C GLY U 338 -60.89 21.60 -69.38
N VAL U 339 -62.19 21.37 -69.52
CA VAL U 339 -62.79 21.02 -70.80
C VAL U 339 -63.81 22.07 -71.20
N PRO U 340 -63.86 22.50 -72.46
CA PRO U 340 -64.93 23.41 -72.89
C PRO U 340 -66.28 22.77 -72.66
N ILE U 341 -67.06 23.37 -71.76
CA ILE U 341 -68.36 22.84 -71.36
C ILE U 341 -69.50 23.73 -71.82
N TYR U 342 -69.31 25.03 -71.82
CA TYR U 342 -70.34 25.96 -72.25
C TYR U 342 -69.73 26.98 -73.20
N PHE U 343 -70.57 27.56 -74.05
CA PHE U 343 -70.11 28.59 -74.96
C PHE U 343 -71.27 29.54 -75.25
N SER U 344 -70.92 30.75 -75.65
CA SER U 344 -71.91 31.77 -75.95
C SER U 344 -71.63 32.34 -77.33
N ALA U 345 -72.70 32.70 -78.03
CA ALA U 345 -72.58 33.22 -79.39
C ALA U 345 -73.37 34.51 -79.51
N SER U 346 -72.99 35.31 -80.50
CA SER U 346 -73.62 36.60 -80.73
C SER U 346 -73.88 36.77 -82.22
N HIS U 347 -74.90 37.57 -82.53
CA HIS U 347 -75.25 37.86 -83.91
C HIS U 347 -74.16 38.67 -84.59
N ALA U 348 -73.99 38.44 -85.88
CA ALA U 348 -72.98 39.17 -86.64
C ALA U 348 -73.52 40.45 -87.26
N SER U 349 -74.83 40.69 -87.19
CA SER U 349 -75.41 41.88 -87.79
C SER U 349 -75.27 43.09 -86.87
N ASP U 350 -75.89 43.01 -85.68
CA ASP U 350 -75.84 44.10 -84.72
C ASP U 350 -74.97 43.80 -83.52
N ASN U 351 -74.22 42.69 -83.56
CA ASN U 351 -73.35 42.27 -82.47
C ASN U 351 -74.12 42.06 -81.17
N SER U 352 -75.40 41.72 -81.28
CA SER U 352 -76.24 41.49 -80.12
C SER U 352 -76.08 40.05 -79.62
N VAL U 353 -76.54 39.83 -78.38
CA VAL U 353 -76.43 38.51 -77.77
C VAL U 353 -77.42 37.57 -78.43
N TYR U 354 -76.94 36.40 -78.87
CA TYR U 354 -77.78 35.41 -79.52
C TYR U 354 -78.39 34.49 -78.48
N TYR U 355 -79.71 34.33 -78.54
CA TYR U 355 -80.45 33.48 -77.62
C TYR U 355 -81.06 32.33 -78.40
N THR U 356 -80.80 31.10 -77.93
CA THR U 356 -81.32 29.90 -78.56
C THR U 356 -82.42 29.30 -77.71
N THR U 357 -83.36 28.62 -78.36
CA THR U 357 -84.47 27.99 -77.67
C THR U 357 -84.31 26.48 -77.62
N THR V 81 -79.97 9.09 -84.66
CA THR V 81 -78.85 9.89 -85.14
C THR V 81 -77.85 10.18 -84.01
N SER V 82 -76.57 9.96 -84.29
CA SER V 82 -75.51 10.19 -83.33
C SER V 82 -74.37 10.94 -84.00
N ASP V 83 -73.62 11.70 -83.18
CA ASP V 83 -72.49 12.49 -83.65
C ASP V 83 -71.20 11.69 -83.63
N GLN V 84 -71.02 10.83 -82.64
CA GLN V 84 -69.82 10.03 -82.48
C GLN V 84 -70.12 8.60 -82.89
N ILE V 85 -69.25 8.03 -83.73
CA ILE V 85 -69.40 6.67 -84.24
C ILE V 85 -68.32 5.81 -83.62
N VAL V 86 -68.73 4.65 -83.11
CA VAL V 86 -67.79 3.71 -82.51
C VAL V 86 -66.86 3.16 -83.59
N VAL V 87 -65.58 3.07 -83.27
CA VAL V 87 -64.59 2.62 -84.25
C VAL V 87 -64.78 1.13 -84.48
N THR V 88 -65.04 0.75 -85.72
CA THR V 88 -65.18 -0.65 -86.10
C THR V 88 -64.07 -1.12 -87.03
N VAL V 89 -63.52 -0.23 -87.84
CA VAL V 89 -62.41 -0.55 -88.73
C VAL V 89 -61.25 0.37 -88.38
N PRO V 90 -60.36 -0.06 -87.48
CA PRO V 90 -59.23 0.81 -87.09
C PRO V 90 -58.32 1.18 -88.25
N GLN V 91 -58.20 0.30 -89.25
CA GLN V 91 -57.35 0.62 -90.40
C GLN V 91 -57.88 1.83 -91.17
N LYS V 92 -59.19 1.89 -91.38
CA LYS V 92 -59.77 2.98 -92.14
C LYS V 92 -60.20 4.16 -91.28
N THR V 93 -60.13 4.03 -89.95
CA THR V 93 -60.55 5.11 -89.06
C THR V 93 -59.33 5.94 -88.71
N PHE V 94 -59.03 6.89 -89.59
CA PHE V 94 -57.96 7.86 -89.37
C PHE V 94 -58.46 9.23 -89.77
N ILE V 95 -57.88 10.26 -89.15
CA ILE V 95 -58.32 11.62 -89.40
C ILE V 95 -57.94 12.03 -90.83
N GLY V 96 -58.80 12.86 -91.44
CA GLY V 96 -58.55 13.32 -92.79
C GLY V 96 -58.93 12.36 -93.89
N GLY V 97 -59.53 11.22 -93.57
CA GLY V 97 -59.92 10.25 -94.58
C GLY V 97 -61.33 10.50 -95.09
N VAL V 98 -61.48 10.48 -96.42
CA VAL V 98 -62.76 10.74 -97.07
C VAL V 98 -63.38 9.43 -97.49
N TYR V 99 -64.64 9.23 -97.12
CA TYR V 99 -65.39 8.02 -97.44
C TYR V 99 -66.78 8.41 -97.91
N ASN V 100 -67.53 7.40 -98.36
CA ASN V 100 -68.92 7.58 -98.74
C ASN V 100 -69.79 7.40 -97.51
N SER V 101 -70.86 8.19 -97.42
CA SER V 101 -71.76 8.11 -96.27
C SER V 101 -72.43 6.75 -96.18
N THR V 102 -72.89 6.21 -97.31
CA THR V 102 -73.55 4.91 -97.29
C THR V 102 -72.58 3.81 -96.90
N THR V 103 -71.36 3.85 -97.43
CA THR V 103 -70.37 2.84 -97.11
C THR V 103 -69.98 2.91 -95.64
N LEU V 104 -69.85 4.12 -95.09
CA LEU V 104 -69.57 4.26 -93.68
C LEU V 104 -70.73 3.79 -92.83
N ASP V 105 -71.97 3.97 -93.31
CA ASP V 105 -73.14 3.52 -92.58
C ASP V 105 -73.21 2.00 -92.52
N ASN V 106 -72.95 1.33 -93.65
CA ASN V 106 -72.98 -0.13 -93.68
C ASN V 106 -71.62 -0.76 -93.46
N LEU V 107 -70.66 0.00 -92.92
CA LEU V 107 -69.34 -0.51 -92.53
C LEU V 107 -68.54 -1.04 -93.70
N ASP V 108 -68.74 -0.45 -94.88
CA ASP V 108 -67.93 -0.82 -96.04
C ASP V 108 -66.68 0.03 -96.15
N TYR V 109 -66.80 1.32 -95.86
CA TYR V 109 -65.67 2.25 -95.82
C TYR V 109 -64.95 2.27 -97.17
N THR V 110 -65.66 2.67 -98.20
CA THR V 110 -65.05 2.81 -99.51
C THR V 110 -64.38 4.17 -99.61
N PRO V 111 -63.07 4.24 -99.75
CA PRO V 111 -62.39 5.54 -99.78
C PRO V 111 -62.65 6.27 -101.09
N ILE V 112 -62.52 7.59 -101.03
CA ILE V 112 -62.61 8.45 -102.20
C ILE V 112 -61.18 8.92 -102.48
N SER V 113 -60.58 8.36 -103.53
CA SER V 113 -59.18 8.62 -103.85
C SER V 113 -59.07 9.89 -104.68
N TYR V 114 -58.99 11.02 -103.98
CA TYR V 114 -58.81 12.32 -104.61
C TYR V 114 -57.81 13.11 -103.77
N PRO V 115 -57.04 13.99 -104.40
CA PRO V 115 -56.08 14.81 -103.64
C PRO V 115 -56.79 15.70 -102.64
N LEU V 116 -56.12 15.91 -101.50
CA LEU V 116 -56.64 16.72 -100.41
C LEU V 116 -55.59 17.73 -99.99
N ASP V 117 -56.06 18.91 -99.58
CA ASP V 117 -55.17 19.93 -99.09
C ASP V 117 -54.59 19.50 -97.74
N PRO V 118 -53.42 20.03 -97.37
CA PRO V 118 -52.87 19.71 -96.05
C PRO V 118 -53.83 20.10 -94.94
N ILE V 119 -53.92 19.25 -93.93
CA ILE V 119 -54.89 19.41 -92.86
C ILE V 119 -54.16 19.76 -91.56
N THR V 120 -54.75 20.67 -90.81
CA THR V 120 -54.24 21.06 -89.50
C THR V 120 -54.99 20.28 -88.42
N VAL V 121 -54.23 19.65 -87.53
CA VAL V 121 -54.79 18.82 -86.48
C VAL V 121 -54.37 19.38 -85.13
N SER V 122 -55.29 19.33 -84.17
CA SER V 122 -55.04 19.82 -82.82
C SER V 122 -55.35 18.71 -81.83
N TYR V 123 -54.65 18.72 -80.70
CA TYR V 123 -54.81 17.70 -79.68
C TYR V 123 -55.46 18.29 -78.44
N SER V 124 -56.35 17.51 -77.82
CA SER V 124 -57.04 18.00 -76.63
C SER V 124 -56.11 18.15 -75.43
N PHE V 125 -55.09 17.30 -75.33
CA PHE V 125 -54.20 17.36 -74.18
C PHE V 125 -53.17 18.48 -74.36
N PRO V 126 -52.73 19.10 -73.25
CA PRO V 126 -51.69 20.14 -73.36
C PRO V 126 -50.33 19.55 -73.66
N SER V 127 -49.71 20.05 -74.72
CA SER V 127 -48.38 19.62 -75.13
C SER V 127 -47.76 20.69 -76.01
N ASP V 128 -46.42 20.61 -76.15
CA ASP V 128 -45.72 21.54 -77.02
C ASP V 128 -46.15 21.35 -78.47
N PHE V 129 -46.28 20.11 -78.90
CA PHE V 129 -46.72 19.78 -80.25
C PHE V 129 -48.22 19.52 -80.26
N ILE V 130 -48.97 20.56 -79.88
CA ILE V 130 -50.42 20.47 -79.79
C ILE V 130 -51.10 20.78 -81.12
N VAL V 131 -50.44 21.48 -82.03
CA VAL V 131 -50.96 21.84 -83.34
C VAL V 131 -49.98 21.30 -84.39
N ASP V 132 -50.37 20.22 -85.05
CA ASP V 132 -49.57 19.61 -86.11
C ASP V 132 -50.25 19.81 -87.46
N THR V 133 -49.48 19.53 -88.52
CA THR V 133 -49.96 19.62 -89.89
C THR V 133 -49.59 18.35 -90.63
N ILE V 134 -50.54 17.82 -91.40
CA ILE V 134 -50.34 16.59 -92.16
C ILE V 134 -50.65 16.89 -93.62
N GLU V 135 -49.66 16.71 -94.50
CA GLU V 135 -49.87 16.98 -95.92
C GLU V 135 -50.76 15.91 -96.56
N ARG V 136 -50.48 14.64 -96.27
CA ARG V 136 -51.24 13.53 -96.82
C ARG V 136 -51.89 12.76 -95.69
N PRO V 137 -53.18 12.95 -95.45
CA PRO V 137 -53.86 12.23 -94.36
C PRO V 137 -53.80 10.72 -94.55
N SER V 138 -53.21 10.05 -93.56
CA SER V 138 -53.08 8.59 -93.58
C SER V 138 -52.99 8.09 -92.16
N LEU V 139 -53.23 6.78 -92.00
CA LEU V 139 -53.16 6.17 -90.67
C LEU V 139 -51.75 6.26 -90.09
N SER V 140 -50.74 6.01 -90.92
CA SER V 140 -49.36 6.08 -90.44
C SER V 140 -49.00 7.50 -90.03
N SER V 141 -49.41 8.49 -90.82
CA SER V 141 -49.13 9.87 -90.47
C SER V 141 -49.84 10.28 -89.18
N MET V 142 -51.09 9.85 -89.01
CA MET V 142 -51.80 10.16 -87.76
C MET V 142 -51.14 9.50 -86.56
N ARG V 143 -50.72 8.25 -86.70
CA ARG V 143 -50.04 7.57 -85.60
C ARG V 143 -48.72 8.24 -85.26
N ALA V 144 -47.94 8.61 -86.28
CA ALA V 144 -46.66 9.27 -86.03
C ALA V 144 -46.85 10.63 -85.38
N SER V 145 -47.86 11.38 -85.83
CA SER V 145 -48.13 12.68 -85.22
C SER V 145 -48.55 12.54 -83.76
N VAL V 146 -49.38 11.53 -83.46
CA VAL V 146 -49.78 11.30 -82.08
C VAL V 146 -48.58 10.91 -81.23
N PHE V 147 -47.71 10.06 -81.77
CA PHE V 147 -46.51 9.64 -81.04
C PHE V 147 -45.61 10.84 -80.72
N LYS V 148 -45.36 11.68 -81.73
CA LYS V 148 -44.50 12.85 -81.52
C LYS V 148 -45.14 13.84 -80.55
N ALA V 149 -46.45 14.07 -80.68
CA ALA V 149 -47.14 15.01 -79.80
C ALA V 149 -47.09 14.56 -78.35
N MET V 150 -47.31 13.26 -78.11
CA MET V 150 -47.34 12.77 -76.75
C MET V 150 -45.94 12.53 -76.18
N ARG V 151 -44.92 12.47 -77.03
CA ARG V 151 -43.54 12.44 -76.54
C ARG V 151 -42.90 13.81 -76.47
N ALA V 152 -43.61 14.86 -76.88
CA ALA V 152 -43.04 16.21 -76.82
C ALA V 152 -43.01 16.71 -75.38
N ALA V 153 -42.36 17.86 -75.20
CA ALA V 153 -42.22 18.47 -73.88
C ALA V 153 -43.55 19.09 -73.44
N ASN V 154 -43.65 19.32 -72.12
CA ASN V 154 -44.84 19.91 -71.50
C ASN V 154 -46.10 19.10 -71.81
N PHE V 155 -45.96 17.78 -71.84
CA PHE V 155 -47.08 16.89 -72.06
C PHE V 155 -47.66 16.44 -70.72
N SER V 156 -48.98 16.46 -70.61
CA SER V 156 -49.65 16.07 -69.38
C SER V 156 -50.86 15.22 -69.75
N GLY V 157 -50.83 13.96 -69.32
CA GLY V 157 -51.97 13.08 -69.46
C GLY V 157 -52.75 13.04 -68.16
N GLU V 158 -52.50 14.03 -67.30
CA GLU V 158 -53.13 14.06 -65.98
C GLU V 158 -54.64 14.23 -66.09
N GLN V 159 -55.10 15.07 -67.02
CA GLN V 159 -56.53 15.34 -67.16
C GLN V 159 -57.07 14.59 -68.37
N SER V 160 -58.18 13.89 -68.17
CA SER V 160 -58.87 13.17 -69.23
C SER V 160 -60.01 14.04 -69.78
N LEU V 161 -60.78 13.46 -70.69
CA LEU V 161 -61.88 14.17 -71.34
C LEU V 161 -63.23 13.67 -70.91
N ALA V 162 -63.44 12.35 -70.82
CA ALA V 162 -64.74 11.87 -70.39
C ALA V 162 -64.56 10.55 -69.67
N PHE V 163 -65.54 10.22 -68.81
CA PHE V 163 -65.51 8.98 -68.06
C PHE V 163 -66.93 8.58 -67.74
N ASP V 164 -67.42 7.54 -68.42
CA ASP V 164 -68.76 7.02 -68.22
C ASP V 164 -68.68 5.69 -67.50
N TYR V 165 -69.48 5.52 -66.46
CA TYR V 165 -69.54 4.29 -65.69
C TYR V 165 -70.99 3.88 -65.51
N ASN V 166 -71.23 2.57 -65.47
CA ASN V 166 -72.57 2.05 -65.28
C ASN V 166 -72.47 0.64 -64.73
N ILE V 167 -73.14 0.38 -63.62
CA ILE V 167 -73.15 -0.95 -63.02
C ILE V 167 -74.59 -1.31 -62.65
N LYS V 168 -74.93 -2.58 -62.80
CA LYS V 168 -76.25 -3.09 -62.46
C LYS V 168 -76.06 -4.40 -61.72
N GLN V 169 -76.43 -4.41 -60.43
CA GLN V 169 -76.34 -5.59 -59.58
C GLN V 169 -77.75 -6.07 -59.27
N PHE V 170 -77.98 -7.37 -59.41
CA PHE V 170 -79.28 -7.96 -59.15
C PHE V 170 -79.07 -9.30 -58.47
N SER V 171 -79.99 -9.66 -57.58
CA SER V 171 -79.87 -10.91 -56.83
C SER V 171 -81.27 -11.35 -56.40
N TYR V 172 -81.72 -12.47 -56.95
CA TYR V 172 -82.96 -13.10 -56.55
C TYR V 172 -82.70 -14.16 -55.48
N TYR V 173 -83.76 -14.56 -54.81
CA TYR V 173 -83.70 -15.61 -53.80
C TYR V 173 -85.06 -16.29 -53.72
N SER V 174 -85.05 -17.58 -53.42
CA SER V 174 -86.29 -18.33 -53.27
C SER V 174 -86.05 -19.49 -52.32
N GLU V 175 -86.98 -19.72 -51.41
CA GLU V 175 -86.84 -20.78 -50.41
C GLU V 175 -88.20 -21.35 -50.07
N LEU V 176 -88.38 -22.65 -50.30
CA LEU V 176 -89.57 -23.39 -49.94
C LEU V 176 -89.21 -24.47 -48.95
N LYS V 177 -90.01 -24.64 -47.90
CA LYS V 177 -89.75 -25.59 -46.82
C LYS V 177 -91.02 -26.38 -46.51
N ILE V 178 -91.65 -26.93 -47.54
CA ILE V 178 -92.90 -27.66 -47.36
C ILE V 178 -92.66 -28.92 -46.55
N ALA V 179 -93.51 -29.16 -45.54
CA ALA V 179 -93.39 -30.32 -44.70
C ALA V 179 -94.77 -30.92 -44.47
N PHE V 180 -94.80 -32.22 -44.18
CA PHE V 180 -96.05 -32.91 -43.93
C PHE V 180 -95.90 -33.92 -42.79
N ILE V 194 -96.19 -42.02 -41.90
CA ILE V 194 -96.07 -41.28 -43.15
C ILE V 194 -95.58 -39.86 -42.87
N SER V 195 -94.50 -39.47 -43.53
CA SER V 195 -93.93 -38.14 -43.38
C SER V 195 -93.57 -37.61 -44.77
N GLY V 196 -92.85 -36.49 -44.81
CA GLY V 196 -92.45 -35.90 -46.07
C GLY V 196 -91.95 -34.48 -45.94
N SER V 197 -90.88 -34.15 -46.66
CA SER V 197 -90.31 -32.82 -46.64
C SER V 197 -89.80 -32.45 -48.03
N ASN V 198 -89.86 -31.17 -48.35
CA ASN V 198 -89.42 -30.63 -49.63
C ASN V 198 -88.80 -29.27 -49.37
N ASN V 199 -87.47 -29.21 -49.47
CA ASN V 199 -86.70 -27.99 -49.29
C ASN V 199 -86.11 -27.59 -50.64
N LYS V 200 -86.58 -26.46 -51.16
CA LYS V 200 -86.13 -25.92 -52.45
C LYS V 200 -85.48 -24.57 -52.23
N ILE V 201 -84.27 -24.40 -52.76
CA ILE V 201 -83.52 -23.14 -52.65
C ILE V 201 -83.09 -22.72 -54.04
N LYS V 202 -83.34 -21.46 -54.39
CA LYS V 202 -82.97 -20.91 -55.68
C LYS V 202 -82.26 -19.58 -55.49
N ARG V 203 -81.16 -19.40 -56.20
CA ARG V 203 -80.38 -18.16 -56.14
C ARG V 203 -79.98 -17.77 -57.56
N THR V 204 -79.98 -16.47 -57.83
CA THR V 204 -79.60 -15.97 -59.16
C THR V 204 -78.99 -14.59 -58.97
N THR V 205 -77.69 -14.47 -59.19
CA THR V 205 -76.95 -13.23 -59.01
C THR V 205 -76.37 -12.77 -60.33
N GLY V 206 -76.39 -11.46 -60.57
CA GLY V 206 -75.85 -10.92 -61.80
C GLY V 206 -75.34 -9.50 -61.68
N VAL V 207 -74.11 -9.28 -62.12
CA VAL V 207 -73.47 -7.97 -62.12
C VAL V 207 -73.06 -7.64 -63.55
N PHE V 208 -73.59 -6.56 -64.09
CA PHE V 208 -73.22 -6.09 -65.43
C PHE V 208 -72.62 -4.70 -65.32
N ALA V 209 -71.42 -4.51 -65.87
CA ALA V 209 -70.73 -3.25 -65.75
C ALA V 209 -70.18 -2.81 -67.09
N LYS V 210 -70.40 -1.54 -67.42
CA LYS V 210 -69.86 -0.93 -68.62
C LYS V 210 -69.13 0.35 -68.23
N PHE V 211 -67.95 0.55 -68.81
CA PHE V 211 -67.14 1.71 -68.51
C PHE V 211 -66.44 2.16 -69.77
N THR V 212 -66.39 3.47 -69.99
CA THR V 212 -65.63 4.05 -71.08
C THR V 212 -64.88 5.27 -70.57
N GLN V 213 -63.69 5.47 -71.09
CA GLN V 213 -62.89 6.64 -70.73
C GLN V 213 -62.38 7.24 -72.03
N LYS V 214 -62.50 8.55 -72.16
CA LYS V 214 -62.00 9.29 -73.32
C LYS V 214 -60.80 10.09 -72.84
N ASN V 215 -59.60 9.55 -73.10
CA ASN V 215 -58.36 10.19 -72.71
C ASN V 215 -58.17 11.51 -73.46
N PHE V 216 -58.31 11.48 -74.77
CA PHE V 216 -58.14 12.72 -75.54
C PHE V 216 -58.71 12.52 -76.94
N THR V 217 -58.75 13.62 -77.69
CA THR V 217 -59.14 13.54 -79.10
C THR V 217 -58.19 14.39 -79.93
N ILE V 218 -58.03 13.97 -81.18
CA ILE V 218 -57.33 14.73 -82.19
C ILE V 218 -58.39 15.23 -83.16
N ASP V 219 -58.44 16.55 -83.34
CA ASP V 219 -59.46 17.22 -84.14
C ASP V 219 -58.83 17.84 -85.37
N MET V 220 -59.67 18.02 -86.39
CA MET V 220 -59.25 18.58 -87.67
C MET V 220 -59.85 19.96 -87.84
N ASP V 221 -59.04 20.90 -88.31
CA ASP V 221 -59.50 22.26 -88.54
C ASP V 221 -60.30 22.35 -89.83
N LEU V 222 -61.25 23.28 -89.85
CA LEU V 222 -62.02 23.50 -91.06
C LEU V 222 -61.11 24.08 -92.15
N PRO V 223 -61.30 23.69 -93.40
CA PRO V 223 -60.43 24.20 -94.48
C PRO V 223 -60.56 25.71 -94.64
N ALA V 224 -59.43 26.35 -94.94
CA ALA V 224 -59.44 27.79 -95.19
C ALA V 224 -60.22 28.11 -96.46
N ASP V 225 -60.05 27.31 -97.50
CA ASP V 225 -60.78 27.51 -98.75
C ASP V 225 -62.24 27.09 -98.66
N GLY V 226 -62.61 26.35 -97.62
CA GLY V 226 -63.97 25.86 -97.46
C GLY V 226 -64.20 24.49 -98.06
N ASN V 227 -63.20 23.94 -98.75
CA ASN V 227 -63.29 22.60 -99.34
C ASN V 227 -62.04 21.82 -98.97
N ILE V 228 -62.22 20.56 -98.59
CA ILE V 228 -61.09 19.72 -98.22
C ILE V 228 -60.26 19.32 -99.44
N PHE V 229 -60.89 19.29 -100.61
CA PHE V 229 -60.19 18.86 -101.81
C PHE V 229 -59.23 19.93 -102.32
N LYS V 230 -58.09 19.49 -102.82
CA LYS V 230 -57.08 20.42 -103.32
C LYS V 230 -57.52 21.06 -104.64
N ASN V 231 -58.05 20.26 -105.57
CA ASN V 231 -58.43 20.79 -106.88
C ASN V 231 -59.70 21.62 -106.83
N ASN V 232 -60.54 21.42 -105.80
CA ASN V 232 -61.82 22.08 -105.60
C ASN V 232 -62.88 21.69 -106.63
N SER V 233 -62.53 20.88 -107.62
CA SER V 233 -63.50 20.35 -108.56
C SER V 233 -63.91 18.91 -108.24
N ASP V 234 -63.13 18.23 -107.39
CA ASP V 234 -63.50 16.89 -106.98
C ASP V 234 -64.81 16.88 -106.20
N LEU V 235 -65.13 17.99 -105.52
CA LEU V 235 -66.41 18.07 -104.82
C LEU V 235 -67.57 17.92 -105.78
N ALA V 236 -67.49 18.57 -106.95
CA ALA V 236 -68.50 18.36 -107.98
C ALA V 236 -68.33 17.02 -108.69
N LEU V 237 -67.11 16.48 -108.69
CA LEU V 237 -66.87 15.20 -109.34
C LEU V 237 -67.57 14.06 -108.60
N THR V 238 -67.57 14.10 -107.26
CA THR V 238 -68.20 13.06 -106.46
C THR V 238 -69.65 13.36 -106.13
N ASN V 239 -70.36 14.09 -106.97
CA ASN V 239 -71.80 14.27 -106.77
C ASN V 239 -72.51 12.93 -106.81
N GLY V 240 -73.34 12.67 -105.80
CA GLY V 240 -73.99 11.39 -105.65
C GLY V 240 -73.20 10.37 -104.87
N LYS V 241 -71.93 10.64 -104.58
CA LYS V 241 -71.11 9.74 -103.79
C LYS V 241 -71.12 10.08 -102.30
N ASN V 242 -71.79 11.16 -101.91
CA ASN V 242 -71.91 11.60 -100.53
C ASN V 242 -70.53 11.70 -99.87
N PRO V 243 -69.72 12.68 -100.25
CA PRO V 243 -68.36 12.78 -99.68
C PRO V 243 -68.41 13.20 -98.22
N VAL V 244 -67.84 12.37 -97.35
CA VAL V 244 -67.79 12.62 -95.92
C VAL V 244 -66.39 12.28 -95.44
N TYR V 245 -65.79 13.16 -94.65
CA TYR V 245 -64.43 12.97 -94.16
C TYR V 245 -64.41 12.98 -92.64
N ILE V 246 -63.60 12.10 -92.06
CA ILE V 246 -63.47 12.05 -90.62
C ILE V 246 -62.67 13.26 -90.15
N SER V 247 -63.18 13.97 -89.15
CA SER V 247 -62.54 15.17 -88.64
C SER V 247 -62.16 15.09 -87.17
N SER V 248 -62.43 13.98 -86.49
CA SER V 248 -62.09 13.86 -85.08
C SER V 248 -61.94 12.39 -84.72
N VAL V 249 -60.89 12.08 -83.98
CA VAL V 249 -60.63 10.72 -83.49
C VAL V 249 -60.41 10.76 -81.99
N THR V 250 -61.14 9.92 -81.26
CA THR V 250 -61.08 9.89 -79.80
C THR V 250 -60.26 8.68 -79.36
N TYR V 251 -59.22 8.93 -78.56
CA TYR V 251 -58.40 7.90 -77.96
C TYR V 251 -58.83 7.70 -76.51
N GLY V 252 -59.04 6.44 -76.14
CA GLY V 252 -59.48 6.11 -74.79
C GLY V 252 -59.52 4.62 -74.56
N ARG V 253 -60.24 4.23 -73.52
CA ARG V 253 -60.35 2.82 -73.12
C ARG V 253 -61.81 2.43 -72.98
N LEU V 254 -62.08 1.14 -73.21
CA LEU V 254 -63.41 0.57 -73.09
C LEU V 254 -63.34 -0.67 -72.20
N GLY V 255 -64.41 -0.93 -71.46
CA GLY V 255 -64.46 -2.11 -70.63
C GLY V 255 -65.88 -2.58 -70.32
N ILE V 256 -66.16 -3.85 -70.56
CA ILE V 256 -67.46 -4.44 -70.27
C ILE V 256 -67.25 -5.73 -69.51
N ILE V 257 -68.01 -5.93 -68.44
CA ILE V 257 -67.96 -7.16 -67.67
C ILE V 257 -69.38 -7.62 -67.40
N SER V 258 -69.54 -8.93 -67.23
CA SER V 258 -70.85 -9.51 -66.98
C SER V 258 -70.65 -10.82 -66.23
N ILE V 259 -71.04 -10.85 -64.96
CA ILE V 259 -70.90 -12.03 -64.11
C ILE V 259 -72.29 -12.51 -63.73
N GLU V 260 -72.57 -13.78 -63.99
CA GLU V 260 -73.85 -14.40 -63.67
C GLU V 260 -73.62 -15.66 -62.86
N SER V 261 -74.56 -15.97 -61.99
CA SER V 261 -74.46 -17.15 -61.14
C SER V 261 -75.85 -17.66 -60.81
N ASN V 262 -76.00 -18.98 -60.82
CA ASN V 262 -77.26 -19.64 -60.52
C ASN V 262 -77.02 -20.80 -59.57
N ALA V 263 -77.92 -20.97 -58.61
CA ALA V 263 -77.83 -22.03 -57.62
C ALA V 263 -79.21 -22.64 -57.39
N SER V 264 -79.26 -23.96 -57.32
CA SER V 264 -80.50 -24.69 -57.10
C SER V 264 -80.26 -25.83 -56.13
N TYR V 265 -81.20 -26.01 -55.20
CA TYR V 265 -81.16 -27.05 -54.18
C TYR V 265 -82.55 -27.66 -54.08
N ASN V 266 -82.63 -28.99 -54.15
CA ASN V 266 -83.91 -29.69 -54.29
C ASN V 266 -84.01 -30.87 -53.33
N GLU V 267 -83.73 -30.65 -52.05
CA GLU V 267 -83.81 -31.72 -51.07
C GLU V 267 -85.25 -32.21 -50.90
N VAL V 268 -85.43 -33.52 -50.94
CA VAL V 268 -86.74 -34.15 -50.75
C VAL V 268 -86.56 -35.36 -49.85
N ASN V 269 -87.38 -35.45 -48.79
CA ASN V 269 -87.34 -36.56 -47.85
C ASN V 269 -88.72 -37.20 -47.74
N PHE V 270 -88.73 -38.51 -47.53
CA PHE V 270 -89.99 -39.25 -47.40
C PHE V 270 -89.77 -40.47 -46.52
N ALA V 271 -90.68 -40.69 -45.58
CA ALA V 271 -90.60 -41.83 -44.68
C ALA V 271 -91.98 -42.44 -44.49
N LEU V 272 -92.02 -43.75 -44.28
CA LEU V 272 -93.25 -44.49 -44.06
C LEU V 272 -93.08 -45.42 -42.87
N LYS V 273 -92.59 -44.88 -41.76
CA LYS V 273 -92.38 -45.68 -40.55
C LYS V 273 -93.70 -45.99 -39.87
N LEU V 285 -92.75 -52.20 -41.66
CA LEU V 285 -92.34 -51.43 -42.83
C LEU V 285 -91.59 -50.15 -42.42
N ASN V 286 -90.42 -49.95 -42.99
CA ASN V 286 -89.56 -48.81 -42.70
C ASN V 286 -89.05 -48.18 -44.00
N ILE V 287 -89.97 -47.94 -44.94
CA ILE V 287 -89.60 -47.38 -46.23
C ILE V 287 -89.09 -45.96 -46.06
N ASP V 288 -87.93 -45.68 -46.63
CA ASP V 288 -87.30 -44.37 -46.57
C ASP V 288 -86.86 -43.96 -47.97
N SER V 289 -86.85 -42.66 -48.23
CA SER V 289 -86.47 -42.13 -49.53
C SER V 289 -85.89 -40.73 -49.36
N ASN V 290 -84.83 -40.46 -50.09
CA ASN V 290 -84.19 -39.14 -50.06
C ASN V 290 -83.69 -38.80 -51.46
N SER V 291 -83.81 -37.53 -51.83
CA SER V 291 -83.40 -37.04 -53.15
C SER V 291 -82.79 -35.67 -52.99
N LYS V 292 -81.48 -35.56 -53.20
CA LYS V 292 -80.77 -34.30 -53.10
C LYS V 292 -80.23 -33.91 -54.47
N LYS V 293 -80.46 -32.67 -54.86
CA LYS V 293 -80.01 -32.17 -56.16
C LYS V 293 -79.49 -30.76 -55.99
N ILE V 294 -78.21 -30.56 -56.26
CA ILE V 294 -77.56 -29.26 -56.19
C ILE V 294 -77.03 -28.93 -57.58
N LEU V 295 -77.44 -27.80 -58.12
CA LEU V 295 -77.02 -27.35 -59.44
C LEU V 295 -76.43 -25.95 -59.30
N GLU V 296 -75.18 -25.80 -59.73
CA GLU V 296 -74.49 -24.52 -59.67
C GLU V 296 -73.95 -24.17 -61.04
N GLU V 297 -74.27 -22.96 -61.51
CA GLU V 297 -73.79 -22.47 -62.79
C GLU V 297 -73.18 -21.10 -62.61
N SER V 298 -72.12 -20.82 -63.37
CA SER V 298 -71.41 -19.55 -63.29
C SER V 298 -71.03 -19.09 -64.69
N ASP V 299 -70.87 -17.79 -64.84
CA ASP V 299 -70.48 -17.20 -66.11
C ASP V 299 -69.81 -15.87 -65.86
N LEU V 300 -68.80 -15.54 -66.67
CA LEU V 300 -68.07 -14.30 -66.51
C LEU V 300 -67.47 -13.92 -67.86
N SER V 301 -68.04 -12.90 -68.49
CA SER V 301 -67.58 -12.42 -69.80
C SER V 301 -66.98 -11.04 -69.65
N VAL V 302 -65.76 -10.86 -70.16
CA VAL V 302 -65.04 -9.60 -70.09
C VAL V 302 -64.62 -9.18 -71.49
N TYR V 303 -64.71 -7.89 -71.78
CA TYR V 303 -64.31 -7.30 -73.05
C TYR V 303 -63.63 -5.97 -72.79
N LEU V 304 -62.32 -5.90 -72.96
CA LEU V 304 -61.55 -4.69 -72.72
C LEU V 304 -60.91 -4.21 -74.01
N VAL V 305 -60.94 -2.90 -74.24
CA VAL V 305 -60.33 -2.27 -75.40
C VAL V 305 -59.35 -1.23 -74.89
N GLY V 306 -58.07 -1.52 -75.02
CA GLY V 306 -57.03 -0.62 -74.58
C GLY V 306 -56.72 -0.78 -73.11
N GLY V 307 -55.93 0.15 -72.61
CA GLY V 307 -55.50 0.12 -71.23
C GLY V 307 -54.22 -0.65 -71.03
N ARG V 308 -53.75 -0.62 -69.78
CA ARG V 308 -52.54 -1.33 -69.42
C ARG V 308 -52.76 -2.84 -69.50
N GLY V 309 -51.83 -3.53 -70.15
CA GLY V 309 -51.97 -4.97 -70.34
C GLY V 309 -51.91 -5.74 -69.02
N THR V 310 -51.00 -5.34 -68.13
CA THR V 310 -50.86 -6.03 -66.85
C THR V 310 -52.13 -5.94 -66.03
N ASP V 311 -52.77 -4.77 -65.99
CA ASP V 311 -54.02 -4.65 -65.27
C ASP V 311 -55.17 -5.29 -66.03
N ALA V 312 -55.09 -5.30 -67.36
CA ALA V 312 -56.17 -5.88 -68.16
C ALA V 312 -56.25 -7.39 -67.98
N VAL V 313 -55.11 -8.06 -67.88
CA VAL V 313 -55.14 -9.52 -67.75
C VAL V 313 -55.52 -9.97 -66.35
N GLN V 314 -55.59 -9.06 -65.38
CA GLN V 314 -55.97 -9.40 -64.02
C GLN V 314 -57.48 -9.38 -63.80
N VAL V 315 -58.26 -9.01 -64.81
CA VAL V 315 -59.71 -8.94 -64.66
C VAL V 315 -60.31 -10.34 -64.63
N ILE V 316 -59.46 -11.36 -64.83
CA ILE V 316 -59.96 -12.72 -64.81
C ILE V 316 -60.36 -13.17 -63.41
N LYS V 317 -59.93 -12.44 -62.38
CA LYS V 317 -60.20 -12.82 -60.99
C LYS V 317 -61.47 -12.13 -60.48
N GLY V 318 -62.59 -12.42 -61.16
CA GLY V 318 -63.87 -11.89 -60.75
C GLY V 318 -63.97 -10.37 -60.89
N PHE V 319 -64.82 -9.77 -60.06
CA PHE V 319 -64.97 -8.31 -60.04
C PHE V 319 -63.97 -7.66 -59.10
N ALA V 320 -62.71 -8.00 -59.28
CA ALA V 320 -61.61 -7.38 -58.55
C ALA V 320 -60.60 -6.80 -59.52
N GLY V 321 -60.29 -7.54 -60.59
CA GLY V 321 -59.46 -7.00 -61.64
C GLY V 321 -60.16 -5.87 -62.36
N PHE V 322 -61.47 -6.02 -62.59
CA PHE V 322 -62.25 -4.93 -63.16
C PHE V 322 -62.70 -4.02 -62.02
N SER V 323 -61.76 -3.71 -61.12
CA SER V 323 -61.86 -2.64 -60.16
C SER V 323 -60.53 -1.93 -59.98
N ASN V 324 -59.43 -2.53 -60.43
CA ASN V 324 -58.12 -1.89 -60.49
C ASN V 324 -57.71 -1.57 -61.90
N PHE V 325 -58.24 -2.29 -62.90
CA PHE V 325 -57.96 -1.94 -64.28
C PHE V 325 -58.43 -0.53 -64.58
N ILE V 326 -59.45 -0.06 -63.87
CA ILE V 326 -59.97 1.28 -64.05
C ILE V 326 -59.21 2.29 -63.19
N VAL V 327 -58.92 1.95 -61.93
CA VAL V 327 -58.30 2.92 -61.03
C VAL V 327 -56.79 3.03 -61.21
N ASN V 328 -56.17 2.11 -61.94
CA ASN V 328 -54.73 2.15 -62.19
C ASN V 328 -54.39 2.71 -63.57
N GLY V 329 -55.38 3.23 -64.29
CA GLY V 329 -55.13 3.78 -65.60
C GLY V 329 -55.88 5.07 -65.87
N GLY V 330 -56.21 5.80 -64.81
CA GLY V 330 -56.92 7.06 -64.98
C GLY V 330 -56.10 8.10 -65.73
N GLN V 331 -54.82 8.22 -65.39
CA GLN V 331 -53.93 9.14 -66.09
C GLN V 331 -53.25 8.39 -67.22
N PHE V 332 -53.43 8.87 -68.45
CA PHE V 332 -52.84 8.21 -69.60
C PHE V 332 -51.42 8.71 -69.83
N THR V 333 -50.49 7.80 -69.89
CA THR V 333 -49.07 8.00 -70.03
C THR V 333 -48.68 7.88 -71.50
N PRO V 334 -47.55 8.44 -71.93
CA PRO V 334 -47.15 8.24 -73.32
C PRO V 334 -46.78 6.80 -73.64
N GLU V 335 -46.51 5.98 -72.63
CA GLU V 335 -46.37 4.54 -72.86
C GLU V 335 -47.72 3.86 -73.09
N ALA V 336 -48.82 4.48 -72.65
CA ALA V 336 -50.17 3.93 -72.84
C ALA V 336 -51.04 5.03 -73.41
N PRO V 337 -50.90 5.34 -74.70
CA PRO V 337 -51.65 6.46 -75.28
C PRO V 337 -53.16 6.24 -75.34
N GLY V 338 -53.62 5.01 -75.31
CA GLY V 338 -55.02 4.71 -75.49
C GLY V 338 -55.30 4.22 -76.89
N VAL V 339 -56.54 3.81 -77.11
CA VAL V 339 -56.96 3.21 -78.38
C VAL V 339 -58.05 4.07 -79.01
N PRO V 340 -58.01 4.30 -80.32
CA PRO V 340 -59.12 5.01 -80.97
C PRO V 340 -60.41 4.24 -80.77
N ILE V 341 -61.34 4.85 -80.04
CA ILE V 341 -62.60 4.22 -79.68
C ILE V 341 -63.78 4.88 -80.37
N TYR V 342 -63.75 6.20 -80.54
CA TYR V 342 -64.83 6.93 -81.20
C TYR V 342 -64.24 7.88 -82.22
N PHE V 343 -65.05 8.21 -83.22
CA PHE V 343 -64.61 9.17 -84.22
C PHE V 343 -65.83 9.91 -84.75
N SER V 344 -65.58 11.10 -85.29
CA SER V 344 -66.64 11.94 -85.82
C SER V 344 -66.29 12.35 -87.24
N ALA V 345 -67.30 12.47 -88.09
CA ALA V 345 -67.11 12.81 -89.48
C ALA V 345 -68.02 13.96 -89.86
N SER V 346 -67.63 14.67 -90.92
CA SER V 346 -68.37 15.82 -91.39
C SER V 346 -68.50 15.76 -92.90
N HIS V 347 -69.56 16.37 -93.42
CA HIS V 347 -69.79 16.43 -94.84
C HIS V 347 -68.74 17.27 -95.53
N ALA V 348 -68.40 16.90 -96.76
CA ALA V 348 -67.41 17.64 -97.53
C ALA V 348 -68.03 18.75 -98.38
N SER V 349 -69.35 18.82 -98.46
CA SER V 349 -69.99 19.84 -99.27
C SER V 349 -70.10 21.17 -98.53
N ASP V 350 -70.82 21.18 -97.41
CA ASP V 350 -70.99 22.39 -96.61
C ASP V 350 -70.22 22.35 -95.31
N ASN V 351 -69.35 21.35 -95.12
CA ASN V 351 -68.56 21.19 -93.90
C ASN V 351 -69.44 21.07 -92.66
N SER V 352 -70.65 20.55 -92.83
CA SER V 352 -71.58 20.38 -91.72
C SER V 352 -71.31 19.05 -91.01
N VAL V 353 -71.87 18.95 -89.81
CA VAL V 353 -71.68 17.74 -89.00
C VAL V 353 -72.49 16.60 -89.60
N TYR V 354 -71.83 15.47 -89.82
CA TYR V 354 -72.47 14.29 -90.39
C TYR V 354 -73.09 13.45 -89.28
N TYR V 355 -74.36 13.13 -89.44
CA TYR V 355 -75.09 12.31 -88.48
C TYR V 355 -75.48 10.99 -89.12
N THR V 356 -75.15 9.89 -88.46
CA THR V 356 -75.46 8.56 -88.95
C THR V 356 -76.57 7.94 -88.12
N THR V 357 -77.35 7.07 -88.75
CA THR V 357 -78.45 6.41 -88.07
C THR V 357 -78.12 4.94 -87.79
N THR W 81 -71.16 -12.53 -91.79
CA THR W 81 -70.09 -11.66 -92.28
C THR W 81 -69.26 -11.10 -91.12
N SER W 82 -67.94 -11.19 -91.27
CA SER W 82 -67.02 -10.70 -90.25
C SER W 82 -65.90 -9.90 -90.91
N ASP W 83 -65.35 -8.95 -90.15
CA ASP W 83 -64.27 -8.11 -90.63
C ASP W 83 -62.90 -8.72 -90.38
N GLN W 84 -62.72 -9.40 -89.26
CA GLN W 84 -61.46 -10.02 -88.89
C GLN W 84 -61.55 -11.53 -89.10
N ILE W 85 -60.55 -12.08 -89.78
CA ILE W 85 -60.49 -13.50 -90.10
C ILE W 85 -59.39 -14.13 -89.26
N VAL W 86 -59.71 -15.26 -88.62
CA VAL W 86 -58.74 -15.97 -87.81
C VAL W 86 -57.65 -16.54 -88.72
N VAL W 87 -56.40 -16.42 -88.28
CA VAL W 87 -55.28 -16.88 -89.09
C VAL W 87 -55.28 -18.39 -89.11
N THR W 88 -55.35 -18.97 -90.30
CA THR W 88 -55.29 -20.42 -90.49
C THR W 88 -54.05 -20.87 -91.23
N VAL W 89 -53.52 -20.02 -92.12
CA VAL W 89 -52.29 -20.32 -92.85
C VAL W 89 -51.29 -19.22 -92.53
N PRO W 90 -50.45 -19.40 -91.51
CA PRO W 90 -49.49 -18.36 -91.15
C PRO W 90 -48.51 -18.03 -92.27
N GLN W 91 -48.17 -19.01 -93.12
CA GLN W 91 -47.26 -18.75 -94.22
C GLN W 91 -47.83 -17.73 -95.20
N LYS W 92 -49.11 -17.86 -95.53
CA LYS W 92 -49.73 -16.96 -96.50
C LYS W 92 -50.38 -15.74 -95.85
N THR W 93 -50.44 -15.69 -94.53
CA THR W 93 -51.06 -14.57 -93.83
C THR W 93 -49.98 -13.54 -93.51
N PHE W 94 -49.70 -12.68 -94.49
CA PHE W 94 -48.78 -11.58 -94.31
C PHE W 94 -49.39 -10.34 -94.95
N ILE W 95 -48.99 -9.17 -94.44
CA ILE W 95 -49.55 -7.92 -94.93
C ILE W 95 -49.09 -7.67 -96.36
N GLY W 96 -49.95 -7.04 -97.16
CA GLY W 96 -49.62 -6.74 -98.53
C GLY W 96 -49.78 -7.88 -99.51
N GLY W 97 -50.28 -9.03 -99.08
CA GLY W 97 -50.44 -10.17 -99.97
C GLY W 97 -51.81 -10.17 -100.63
N VAL W 98 -51.82 -10.39 -101.94
CA VAL W 98 -53.03 -10.38 -102.74
C VAL W 98 -53.46 -11.81 -103.02
N TYR W 99 -54.73 -12.11 -102.74
CA TYR W 99 -55.29 -13.43 -102.95
C TYR W 99 -56.66 -13.30 -103.58
N ASN W 100 -57.23 -14.44 -103.95
CA ASN W 100 -58.59 -14.49 -104.47
C ASN W 100 -59.56 -14.61 -103.30
N SER W 101 -60.72 -13.96 -103.44
CA SER W 101 -61.71 -14.00 -102.37
C SER W 101 -62.23 -15.41 -102.13
N THR W 102 -62.52 -16.15 -103.22
CA THR W 102 -63.02 -17.51 -103.07
C THR W 102 -61.97 -18.42 -102.44
N THR W 103 -60.71 -18.30 -102.86
CA THR W 103 -59.66 -19.12 -102.30
C THR W 103 -59.44 -18.80 -100.82
N LEU W 104 -59.49 -17.52 -100.46
CA LEU W 104 -59.38 -17.15 -99.06
C LEU W 104 -60.58 -17.65 -98.26
N ASP W 105 -61.76 -17.69 -98.87
CA ASP W 105 -62.95 -18.20 -98.18
C ASP W 105 -62.85 -19.68 -97.91
N ASN W 106 -62.41 -20.47 -98.90
CA ASN W 106 -62.27 -21.91 -98.72
C ASN W 106 -60.86 -22.33 -98.30
N LEU W 107 -60.07 -21.38 -97.79
CA LEU W 107 -58.75 -21.66 -97.20
C LEU W 107 -57.78 -22.24 -98.22
N ASP W 108 -57.90 -21.85 -99.49
CA ASP W 108 -56.95 -22.26 -100.50
C ASP W 108 -55.79 -21.29 -100.62
N TYR W 109 -56.09 -19.98 -100.53
CA TYR W 109 -55.08 -18.93 -100.54
C TYR W 109 -54.23 -19.00 -101.81
N THR W 110 -54.89 -18.83 -102.94
CA THR W 110 -54.15 -18.79 -104.20
C THR W 110 -53.64 -17.38 -104.43
N PRO W 111 -52.33 -17.17 -104.47
CA PRO W 111 -51.80 -15.81 -104.63
C PRO W 111 -52.00 -15.30 -106.05
N ILE W 112 -52.03 -13.97 -106.16
CA ILE W 112 -52.08 -13.30 -107.45
C ILE W 112 -50.72 -12.70 -107.68
N SER W 113 -49.94 -13.31 -108.57
CA SER W 113 -48.55 -12.93 -108.81
C SER W 113 -48.50 -11.77 -109.79
N TYR W 114 -48.63 -10.56 -109.26
CA TYR W 114 -48.52 -9.35 -110.05
C TYR W 114 -47.72 -8.33 -109.26
N PRO W 115 -46.99 -7.44 -109.94
CA PRO W 115 -46.22 -6.42 -109.23
C PRO W 115 -47.11 -5.50 -108.42
N LEU W 116 -46.60 -5.05 -107.28
CA LEU W 116 -47.32 -4.18 -106.38
C LEU W 116 -46.44 -2.99 -106.01
N ASP W 117 -47.08 -1.85 -105.82
CA ASP W 117 -46.37 -0.65 -105.40
C ASP W 117 -45.88 -0.83 -103.96
N PRO W 118 -44.83 -0.12 -103.57
CA PRO W 118 -44.39 -0.18 -102.17
C PRO W 118 -45.50 0.24 -101.23
N ILE W 119 -45.60 -0.48 -100.11
CA ILE W 119 -46.69 -0.31 -99.16
C ILE W 119 -46.15 0.31 -97.88
N THR W 120 -46.92 1.24 -97.31
CA THR W 120 -46.58 1.86 -96.04
C THR W 120 -47.34 1.14 -94.94
N VAL W 121 -46.62 0.74 -93.88
CA VAL W 121 -47.19 -0.02 -92.78
C VAL W 121 -46.98 0.78 -91.50
N SER W 122 -47.99 0.74 -90.63
CA SER W 122 -47.93 1.43 -89.35
C SER W 122 -48.22 0.43 -88.23
N TYR W 123 -47.64 0.69 -87.07
CA TYR W 123 -47.80 -0.20 -85.92
C TYR W 123 -48.64 0.46 -84.85
N SER W 124 -49.50 -0.33 -84.19
CA SER W 124 -50.36 0.22 -83.16
C SER W 124 -49.58 0.64 -81.92
N PHE W 125 -48.49 -0.05 -81.60
CA PHE W 125 -47.73 0.28 -80.40
C PHE W 125 -46.83 1.49 -80.64
N PRO W 126 -46.58 2.30 -79.61
CA PRO W 126 -45.66 3.44 -79.77
C PRO W 126 -44.22 2.99 -79.86
N SER W 127 -43.54 3.43 -80.94
CA SER W 127 -42.14 3.10 -81.16
C SER W 127 -41.56 4.12 -82.12
N ASP W 128 -40.22 4.20 -82.12
CA ASP W 128 -39.54 5.09 -83.06
C ASP W 128 -39.78 4.64 -84.50
N PHE W 129 -39.72 3.34 -84.75
CA PHE W 129 -39.98 2.79 -86.08
C PHE W 129 -41.44 2.35 -86.18
N ILE W 130 -42.33 3.32 -86.02
CA ILE W 130 -43.77 3.06 -86.05
C ILE W 130 -44.34 3.11 -87.46
N VAL W 131 -43.65 3.76 -88.40
CA VAL W 131 -44.08 3.86 -89.80
C VAL W 131 -42.95 3.32 -90.66
N ASP W 132 -43.14 2.12 -91.19
CA ASP W 132 -42.17 1.48 -92.07
C ASP W 132 -42.71 1.41 -93.50
N THR W 133 -41.82 1.09 -94.43
CA THR W 133 -42.15 0.93 -95.83
C THR W 133 -41.56 -0.36 -96.35
N ILE W 134 -42.36 -1.11 -97.12
CA ILE W 134 -41.94 -2.40 -97.66
C ILE W 134 -42.14 -2.33 -99.18
N GLU W 135 -41.05 -2.51 -99.93
CA GLU W 135 -41.14 -2.46 -101.38
C GLU W 135 -41.82 -3.71 -101.93
N ARG W 136 -41.42 -4.88 -101.44
CA ARG W 136 -41.99 -6.15 -101.89
C ARG W 136 -42.68 -6.84 -100.72
N PRO W 137 -44.00 -6.77 -100.62
CA PRO W 137 -44.70 -7.42 -99.50
C PRO W 137 -44.45 -8.93 -99.46
N SER W 138 -43.90 -9.38 -98.34
CA SER W 138 -43.60 -10.79 -98.15
C SER W 138 -43.61 -11.09 -96.66
N LEU W 139 -43.70 -12.38 -96.33
CA LEU W 139 -43.71 -12.79 -94.93
C LEU W 139 -42.39 -12.45 -94.25
N SER W 140 -41.27 -12.68 -94.93
CA SER W 140 -39.97 -12.38 -94.35
C SER W 140 -39.81 -10.88 -94.12
N SER W 141 -40.26 -10.07 -95.07
CA SER W 141 -40.17 -8.61 -94.91
C SER W 141 -41.05 -8.14 -93.76
N MET W 142 -42.26 -8.70 -93.64
CA MET W 142 -43.13 -8.32 -92.53
C MET W 142 -42.52 -8.71 -91.19
N ARG W 143 -41.94 -9.92 -91.10
CA ARG W 143 -41.32 -10.36 -89.86
C ARG W 143 -40.12 -9.48 -89.51
N ALA W 144 -39.29 -9.15 -90.49
CA ALA W 144 -38.12 -8.31 -90.24
C ALA W 144 -38.54 -6.91 -89.81
N SER W 145 -39.57 -6.35 -90.45
CA SER W 145 -40.05 -5.02 -90.06
C SER W 145 -40.60 -5.03 -88.65
N VAL W 146 -41.34 -6.08 -88.27
CA VAL W 146 -41.86 -6.18 -86.92
C VAL W 146 -40.72 -6.29 -85.91
N PHE W 147 -39.69 -7.09 -86.24
CA PHE W 147 -38.54 -7.25 -85.35
C PHE W 147 -37.83 -5.92 -85.15
N LYS W 148 -37.56 -5.19 -86.23
CA LYS W 148 -36.88 -3.90 -86.11
C LYS W 148 -37.73 -2.89 -85.36
N ALA W 149 -39.03 -2.84 -85.63
CA ALA W 149 -39.90 -1.88 -84.98
C ALA W 149 -39.96 -2.13 -83.47
N MET W 150 -40.05 -3.41 -83.08
CA MET W 150 -40.17 -3.71 -81.66
C MET W 150 -38.82 -3.68 -80.94
N ARG W 151 -37.71 -3.73 -81.68
CA ARG W 151 -36.41 -3.52 -81.06
C ARG W 151 -35.93 -2.08 -81.14
N ALA W 152 -36.70 -1.19 -81.77
CA ALA W 152 -36.31 0.20 -81.85
C ALA W 152 -36.49 0.90 -80.50
N ALA W 153 -35.99 2.14 -80.43
CA ALA W 153 -36.06 2.92 -79.21
C ALA W 153 -37.49 3.43 -78.98
N ASN W 154 -37.75 3.81 -77.73
CA ASN W 154 -39.06 4.33 -77.30
C ASN W 154 -40.17 3.34 -77.60
N PHE W 155 -39.88 2.05 -77.43
CA PHE W 155 -40.87 1.01 -77.61
C PHE W 155 -41.52 0.66 -76.28
N SER W 156 -42.85 0.53 -76.29
CA SER W 156 -43.60 0.24 -75.08
C SER W 156 -44.65 -0.80 -75.43
N GLY W 157 -44.54 -1.99 -74.82
CA GLY W 157 -45.55 -3.01 -74.92
C GLY W 157 -46.46 -2.97 -73.71
N GLU W 158 -46.41 -1.86 -72.99
CA GLU W 158 -47.17 -1.74 -71.75
C GLU W 158 -48.67 -1.77 -72.01
N GLN W 159 -49.12 -1.14 -73.09
CA GLN W 159 -50.55 -1.06 -73.39
C GLN W 159 -50.87 -2.04 -74.52
N SER W 160 -51.90 -2.84 -74.33
CA SER W 160 -52.40 -3.76 -75.32
C SER W 160 -53.55 -3.14 -76.10
N LEU W 161 -54.16 -3.92 -76.97
CA LEU W 161 -55.25 -3.45 -77.81
C LEU W 161 -56.59 -4.05 -77.43
N ALA W 162 -56.64 -5.36 -77.18
CA ALA W 162 -57.92 -5.95 -76.78
C ALA W 162 -57.68 -7.13 -75.88
N PHE W 163 -58.70 -7.45 -75.07
CA PHE W 163 -58.60 -8.57 -74.13
C PHE W 163 -60.00 -9.11 -73.90
N ASP W 164 -60.29 -10.28 -74.45
CA ASP W 164 -61.59 -10.93 -74.30
C ASP W 164 -61.42 -12.13 -73.39
N TYR W 165 -62.31 -12.26 -72.41
CA TYR W 165 -62.30 -13.37 -71.48
C TYR W 165 -63.71 -13.94 -71.36
N ASN W 166 -63.79 -15.25 -71.16
CA ASN W 166 -65.08 -15.90 -71.01
C ASN W 166 -64.88 -17.20 -70.26
N ILE W 167 -65.64 -17.40 -69.18
CA ILE W 167 -65.57 -18.62 -68.40
C ILE W 167 -66.98 -19.10 -68.11
N LYS W 168 -67.15 -20.43 -68.10
CA LYS W 168 -68.44 -21.05 -67.81
C LYS W 168 -68.19 -22.21 -66.87
N GLN W 169 -68.67 -22.10 -65.64
CA GLN W 169 -68.55 -23.12 -64.63
C GLN W 169 -69.91 -23.73 -64.35
N PHE W 170 -69.98 -25.06 -64.33
CA PHE W 170 -71.23 -25.77 -64.11
C PHE W 170 -70.94 -26.97 -63.23
N SER W 171 -71.90 -27.32 -62.38
CA SER W 171 -71.72 -28.43 -61.45
C SER W 171 -73.09 -28.99 -61.08
N TYR W 172 -73.36 -30.21 -61.50
CA TYR W 172 -74.56 -30.94 -61.11
C TYR W 172 -74.28 -31.81 -59.89
N TYR W 173 -75.37 -32.25 -59.25
CA TYR W 173 -75.29 -33.14 -58.11
C TYR W 173 -76.57 -33.96 -58.04
N SER W 174 -76.44 -35.19 -57.57
CA SER W 174 -77.60 -36.06 -57.42
C SER W 174 -77.32 -37.04 -56.29
N GLU W 175 -78.33 -37.27 -55.44
CA GLU W 175 -78.16 -38.16 -54.30
C GLU W 175 -79.48 -38.84 -53.99
N LEU W 176 -79.48 -40.17 -54.05
CA LEU W 176 -80.63 -41.01 -53.69
C LEU W 176 -80.23 -41.90 -52.52
N LYS W 177 -81.12 -42.01 -51.54
CA LYS W 177 -80.87 -42.77 -50.31
C LYS W 177 -82.08 -43.67 -50.00
N ILE W 178 -82.52 -44.43 -50.99
CA ILE W 178 -83.69 -45.28 -50.82
C ILE W 178 -83.40 -46.39 -49.81
N ALA W 179 -84.31 -46.58 -48.86
CA ALA W 179 -84.15 -47.61 -47.85
C ALA W 179 -85.47 -48.34 -47.65
N PHE W 180 -85.39 -49.58 -47.19
CA PHE W 180 -86.57 -50.38 -46.94
C PHE W 180 -86.43 -51.20 -45.67
N ILE W 194 -85.89 -59.08 -43.64
CA ILE W 194 -85.73 -58.50 -44.96
C ILE W 194 -85.44 -57.01 -44.85
N SER W 195 -84.34 -56.58 -45.47
CA SER W 195 -83.94 -55.18 -45.47
C SER W 195 -83.50 -54.81 -46.87
N GLY W 196 -82.92 -53.61 -47.02
CA GLY W 196 -82.45 -53.15 -48.31
C GLY W 196 -82.13 -51.67 -48.34
N SER W 197 -81.04 -51.31 -49.01
CA SER W 197 -80.63 -49.92 -49.13
C SER W 197 -80.02 -49.69 -50.50
N ASN W 198 -80.19 -48.48 -51.02
CA ASN W 198 -79.68 -48.07 -52.32
C ASN W 198 -79.24 -46.61 -52.20
N ASN W 199 -77.93 -46.40 -52.20
CA ASN W 199 -77.32 -45.08 -52.13
C ASN W 199 -76.65 -44.78 -53.46
N LYS W 200 -77.18 -43.81 -54.18
CA LYS W 200 -76.67 -43.39 -55.49
C LYS W 200 -76.20 -41.95 -55.41
N ILE W 201 -74.97 -41.70 -55.86
CA ILE W 201 -74.39 -40.36 -55.86
C ILE W 201 -73.87 -40.07 -57.26
N LYS W 202 -74.21 -38.92 -57.80
CA LYS W 202 -73.78 -38.50 -59.12
C LYS W 202 -73.24 -37.08 -59.07
N ARG W 203 -72.09 -36.85 -59.70
CA ARG W 203 -71.47 -35.54 -59.75
C ARG W 203 -70.97 -35.30 -61.16
N THR W 204 -71.10 -34.06 -61.63
CA THR W 204 -70.64 -33.69 -62.97
C THR W 204 -70.22 -32.22 -62.94
N THR W 205 -68.92 -31.99 -63.05
CA THR W 205 -68.34 -30.64 -63.00
C THR W 205 -67.69 -30.30 -64.32
N GLY W 206 -67.83 -29.03 -64.74
CA GLY W 206 -67.23 -28.61 -65.99
C GLY W 206 -66.90 -27.12 -66.03
N VAL W 207 -65.66 -26.81 -66.39
CA VAL W 207 -65.17 -25.43 -66.52
C VAL W 207 -64.65 -25.26 -67.94
N PHE W 208 -65.24 -24.34 -68.68
CA PHE W 208 -64.80 -24.01 -70.03
C PHE W 208 -64.37 -22.56 -70.07
N ALA W 209 -63.15 -22.30 -70.54
CA ALA W 209 -62.62 -20.94 -70.54
C ALA W 209 -61.99 -20.62 -71.88
N LYS W 210 -62.31 -19.45 -72.42
CA LYS W 210 -61.72 -18.94 -73.64
C LYS W 210 -61.19 -17.53 -73.38
N PHE W 211 -59.99 -17.27 -73.86
CA PHE W 211 -59.35 -15.98 -73.67
C PHE W 211 -58.57 -15.62 -74.92
N THR W 212 -58.66 -14.36 -75.31
CA THR W 212 -57.86 -13.84 -76.41
C THR W 212 -57.30 -12.48 -76.01
N GLN W 213 -56.09 -12.19 -76.46
CA GLN W 213 -55.47 -10.90 -76.21
C GLN W 213 -54.89 -10.42 -77.53
N LYS W 214 -55.15 -9.16 -77.85
CA LYS W 214 -54.62 -8.53 -79.06
C LYS W 214 -53.58 -7.53 -78.60
N ASN W 215 -52.31 -7.94 -78.68
CA ASN W 215 -51.20 -7.10 -78.28
C ASN W 215 -51.07 -5.88 -79.18
N PHE W 216 -51.07 -6.09 -80.49
CA PHE W 216 -50.96 -4.97 -81.41
C PHE W 216 -51.36 -5.42 -82.81
N THR W 217 -51.45 -4.46 -83.72
CA THR W 217 -51.67 -4.76 -85.12
C THR W 217 -50.74 -3.92 -85.98
N ILE W 218 -50.40 -4.49 -87.14
CA ILE W 218 -49.69 -3.77 -88.19
C ILE W 218 -50.69 -3.55 -89.31
N ASP W 219 -50.87 -2.29 -89.69
CA ASP W 219 -51.87 -1.87 -90.65
C ASP W 219 -51.20 -1.35 -91.91
N MET W 220 -51.93 -1.41 -93.01
CA MET W 220 -51.45 -0.97 -94.32
C MET W 220 -52.19 0.28 -94.74
N ASP W 221 -51.43 1.25 -95.26
CA ASP W 221 -52.02 2.50 -95.73
C ASP W 221 -52.69 2.31 -97.08
N LEU W 222 -53.72 3.09 -97.33
CA LEU W 222 -54.39 3.06 -98.62
C LEU W 222 -53.44 3.60 -99.69
N PRO W 223 -53.45 3.02 -100.89
CA PRO W 223 -52.53 3.50 -101.94
C PRO W 223 -52.81 4.93 -102.34
N ALA W 224 -51.73 5.67 -102.62
CA ALA W 224 -51.88 7.05 -103.09
C ALA W 224 -52.56 7.10 -104.45
N ASP W 225 -52.20 6.19 -105.35
CA ASP W 225 -52.81 6.13 -106.67
C ASP W 225 -54.21 5.53 -106.65
N GLY W 226 -54.60 4.90 -105.55
CA GLY W 226 -55.90 4.27 -105.44
C GLY W 226 -55.91 2.82 -105.85
N ASN W 227 -54.80 2.30 -106.36
CA ASN W 227 -54.67 0.91 -106.75
C ASN W 227 -53.38 0.35 -106.17
N ILE W 228 -53.46 -0.87 -105.63
CA ILE W 228 -52.28 -1.50 -105.03
C ILE W 228 -51.30 -1.94 -106.10
N PHE W 229 -51.79 -2.22 -107.31
CA PHE W 229 -50.92 -2.72 -108.37
C PHE W 229 -50.04 -1.60 -108.95
N LYS W 230 -48.80 -1.96 -109.27
CA LYS W 230 -47.87 -0.99 -109.82
C LYS W 230 -48.24 -0.59 -111.25
N ASN W 231 -48.57 -1.57 -112.09
CA ASN W 231 -48.86 -1.27 -113.48
C ASN W 231 -50.23 -0.60 -113.68
N ASN W 232 -51.14 -0.78 -112.71
CA ASN W 232 -52.50 -0.25 -112.72
C ASN W 232 -53.40 -0.91 -113.77
N SER W 233 -52.85 -1.80 -114.60
CA SER W 233 -53.65 -2.57 -115.54
C SER W 233 -53.93 -3.99 -115.04
N ASP W 234 -53.18 -4.45 -114.04
CA ASP W 234 -53.43 -5.76 -113.47
C ASP W 234 -54.80 -5.83 -112.81
N LEU W 235 -55.32 -4.69 -112.34
CA LEU W 235 -56.66 -4.68 -111.77
C LEU W 235 -57.70 -5.11 -112.80
N ALA W 236 -57.56 -4.61 -114.03
CA ALA W 236 -58.43 -5.08 -115.11
C ALA W 236 -58.03 -6.47 -115.60
N LEU W 237 -56.76 -6.85 -115.42
CA LEU W 237 -56.32 -8.16 -115.85
C LEU W 237 -56.96 -9.28 -115.01
N THR W 238 -57.11 -9.05 -113.70
CA THR W 238 -57.69 -10.06 -112.82
C THR W 238 -59.20 -9.90 -112.65
N ASN W 239 -59.89 -9.38 -113.66
CA ASN W 239 -61.35 -9.36 -113.61
C ASN W 239 -61.90 -10.78 -113.52
N GLY W 240 -62.80 -10.99 -112.56
CA GLY W 240 -63.31 -12.32 -112.28
C GLY W 240 -62.49 -13.12 -111.29
N LYS W 241 -61.30 -12.65 -110.93
CA LYS W 241 -60.47 -13.33 -109.95
C LYS W 241 -60.67 -12.79 -108.54
N ASN W 242 -61.50 -11.77 -108.37
CA ASN W 242 -61.82 -11.15 -107.08
C ASN W 242 -60.53 -10.80 -106.33
N PRO W 243 -59.80 -9.78 -106.77
CA PRO W 243 -58.53 -9.44 -106.11
C PRO W 243 -58.79 -8.83 -104.73
N VAL W 244 -58.21 -9.47 -103.70
CA VAL W 244 -58.34 -9.01 -102.32
C VAL W 244 -56.97 -9.11 -101.67
N TYR W 245 -56.57 -8.07 -100.98
CA TYR W 245 -55.25 -8.00 -100.35
C TYR W 245 -55.38 -7.79 -98.85
N ILE W 246 -54.56 -8.49 -98.09
CA ILE W 246 -54.57 -8.32 -96.64
C ILE W 246 -53.95 -6.97 -96.28
N SER W 247 -54.65 -6.20 -95.44
CA SER W 247 -54.21 -4.88 -95.06
C SER W 247 -53.98 -4.70 -93.56
N SER W 248 -54.19 -5.74 -92.75
CA SER W 248 -53.99 -5.62 -91.32
C SER W 248 -53.71 -7.00 -90.74
N VAL W 249 -52.71 -7.08 -89.87
CA VAL W 249 -52.37 -8.32 -89.18
C VAL W 249 -52.31 -8.04 -87.69
N THR W 250 -53.01 -8.86 -86.91
CA THR W 250 -53.10 -8.69 -85.45
C THR W 250 -52.20 -9.72 -84.77
N TYR W 251 -51.29 -9.23 -83.93
CA TYR W 251 -50.41 -10.06 -83.11
C TYR W 251 -50.97 -10.11 -81.70
N GLY W 252 -51.09 -11.33 -81.17
CA GLY W 252 -51.61 -11.52 -79.83
C GLY W 252 -51.50 -12.97 -79.39
N ARG W 253 -52.29 -13.31 -78.36
CA ARG W 253 -52.28 -14.65 -77.78
C ARG W 253 -53.69 -15.20 -77.73
N LEU W 254 -53.79 -16.53 -77.77
CA LEU W 254 -55.05 -17.25 -77.69
C LEU W 254 -54.93 -18.33 -76.63
N GLY W 255 -56.04 -18.62 -75.96
CA GLY W 255 -56.05 -19.69 -74.97
C GLY W 255 -57.42 -20.27 -74.71
N ILE W 256 -57.54 -21.60 -74.80
CA ILE W 256 -58.78 -22.30 -74.54
C ILE W 256 -58.51 -23.45 -73.58
N ILE W 257 -59.34 -23.59 -72.56
CA ILE W 257 -59.24 -24.70 -71.62
C ILE W 257 -60.61 -25.29 -71.41
N SER W 258 -60.64 -26.57 -71.07
CA SER W 258 -61.90 -27.28 -70.84
C SER W 258 -61.63 -28.44 -69.90
N ILE W 259 -62.16 -28.35 -68.69
CA ILE W 259 -61.97 -29.37 -67.66
C ILE W 259 -63.34 -29.97 -67.35
N GLU W 260 -63.43 -31.29 -67.44
CA GLU W 260 -64.66 -32.01 -67.15
C GLU W 260 -64.37 -33.12 -66.15
N SER W 261 -65.37 -33.43 -65.31
CA SER W 261 -65.22 -34.46 -64.31
C SER W 261 -66.57 -35.10 -64.04
N ASN W 262 -66.57 -36.41 -63.85
CA ASN W 262 -67.77 -37.18 -63.58
C ASN W 262 -67.50 -38.16 -62.45
N ALA W 263 -68.48 -38.31 -61.56
CA ALA W 263 -68.36 -39.21 -60.41
C ALA W 263 -69.68 -39.95 -60.23
N SER W 264 -69.59 -41.25 -59.97
CA SER W 264 -70.76 -42.10 -59.77
C SER W 264 -70.50 -43.05 -58.61
N TYR W 265 -71.50 -43.23 -57.76
CA TYR W 265 -71.45 -44.11 -56.59
C TYR W 265 -72.76 -44.88 -56.53
N ASN W 266 -72.68 -46.20 -56.41
CA ASN W 266 -73.85 -47.07 -56.56
C ASN W 266 -73.92 -48.11 -55.45
N GLU W 267 -73.81 -47.68 -54.20
CA GLU W 267 -73.87 -48.62 -53.08
C GLU W 267 -75.25 -49.26 -52.97
N VAL W 268 -75.28 -50.58 -52.84
CA VAL W 268 -76.52 -51.34 -52.67
C VAL W 268 -76.29 -52.38 -51.59
N ASN W 269 -77.21 -52.43 -50.61
CA ASN W 269 -77.14 -53.38 -49.52
C ASN W 269 -78.43 -54.18 -49.44
N PHE W 270 -78.33 -55.45 -49.04
CA PHE W 270 -79.49 -56.31 -48.91
C PHE W 270 -79.24 -57.36 -47.84
N ALA W 271 -80.22 -57.57 -46.97
CA ALA W 271 -80.09 -58.56 -45.90
C ALA W 271 -81.42 -59.31 -45.76
N LEU W 272 -81.32 -60.57 -45.36
CA LEU W 272 -82.48 -61.43 -45.14
C LEU W 272 -82.33 -62.17 -43.82
N LYS W 273 -82.03 -61.42 -42.76
CA LYS W 273 -81.86 -62.01 -41.43
C LYS W 273 -83.20 -62.40 -40.84
N LEU W 285 -81.36 -68.62 -41.61
CA LEU W 285 -80.92 -67.96 -42.84
C LEU W 285 -80.38 -66.56 -42.55
N ASN W 286 -79.18 -66.29 -43.04
CA ASN W 286 -78.48 -65.02 -42.85
C ASN W 286 -77.92 -64.52 -44.18
N ILE W 287 -78.77 -64.52 -45.22
CA ILE W 287 -78.32 -64.10 -46.55
C ILE W 287 -78.00 -62.61 -46.53
N ASP W 288 -76.82 -62.27 -47.03
CA ASP W 288 -76.36 -60.89 -47.12
C ASP W 288 -75.81 -60.62 -48.51
N SER W 289 -75.93 -59.37 -48.95
CA SER W 289 -75.47 -58.98 -50.27
C SER W 289 -75.08 -57.51 -50.26
N ASN W 290 -73.98 -57.19 -50.94
CA ASN W 290 -73.50 -55.83 -51.05
C ASN W 290 -72.91 -55.61 -52.42
N SER W 291 -73.13 -54.43 -52.98
CA SER W 291 -72.64 -54.08 -54.31
C SER W 291 -72.21 -52.63 -54.30
N LYS W 292 -70.91 -52.38 -54.41
CA LYS W 292 -70.35 -51.04 -54.44
C LYS W 292 -69.72 -50.78 -55.80
N LYS W 293 -70.05 -49.63 -56.40
CA LYS W 293 -69.53 -49.26 -57.69
C LYS W 293 -69.19 -47.78 -57.69
N ILE W 294 -67.91 -47.47 -57.87
CA ILE W 294 -67.43 -46.09 -57.93
C ILE W 294 -66.79 -45.89 -59.30
N LEU W 295 -67.28 -44.90 -60.04
CA LEU W 295 -66.78 -44.58 -61.37
C LEU W 295 -66.35 -43.12 -61.38
N GLU W 296 -65.09 -42.86 -61.71
CA GLU W 296 -64.57 -41.51 -61.78
C GLU W 296 -63.92 -41.28 -63.14
N GLU W 297 -64.33 -40.20 -63.80
CA GLU W 297 -63.78 -39.83 -65.10
C GLU W 297 -63.34 -38.37 -65.06
N SER W 298 -62.26 -38.07 -65.76
CA SER W 298 -61.71 -36.72 -65.80
C SER W 298 -61.24 -36.42 -67.21
N ASP W 299 -61.22 -35.12 -67.55
CA ASP W 299 -60.75 -34.68 -68.85
C ASP W 299 -60.27 -33.25 -68.73
N LEU W 300 -59.23 -32.92 -69.48
CA LEU W 300 -58.66 -31.56 -69.45
C LEU W 300 -57.98 -31.30 -70.78
N SER W 301 -58.58 -30.46 -71.61
CA SER W 301 -58.05 -30.11 -72.92
C SER W 301 -57.63 -28.65 -72.92
N VAL W 302 -56.38 -28.39 -73.35
CA VAL W 302 -55.83 -27.04 -73.40
C VAL W 302 -55.31 -26.77 -74.80
N TYR W 303 -55.51 -25.54 -75.27
CA TYR W 303 -55.05 -25.10 -76.59
C TYR W 303 -54.56 -23.66 -76.46
N LEU W 304 -53.25 -23.45 -76.52
CA LEU W 304 -52.66 -22.13 -76.40
C LEU W 304 -51.94 -21.75 -77.68
N VAL W 305 -52.10 -20.50 -78.09
CA VAL W 305 -51.45 -19.96 -79.28
C VAL W 305 -50.65 -18.75 -78.83
N GLY W 306 -49.33 -18.89 -78.82
CA GLY W 306 -48.45 -17.81 -78.42
C GLY W 306 -48.29 -17.73 -76.93
N GLY W 307 -47.66 -16.65 -76.49
CA GLY W 307 -47.38 -16.44 -75.09
C GLY W 307 -46.05 -17.01 -74.66
N ARG W 308 -45.72 -16.75 -73.41
CA ARG W 308 -44.48 -17.25 -72.83
C ARG W 308 -44.52 -18.77 -72.73
N GLY W 309 -43.44 -19.41 -73.18
CA GLY W 309 -43.41 -20.87 -73.16
C GLY W 309 -43.40 -21.44 -71.76
N THR W 310 -42.65 -20.81 -70.85
CA THR W 310 -42.55 -21.30 -69.47
C THR W 310 -43.91 -21.27 -68.79
N ASP W 311 -44.68 -20.20 -68.97
CA ASP W 311 -46.01 -20.14 -68.40
C ASP W 311 -46.99 -21.02 -69.15
N ALA W 312 -46.77 -21.20 -70.46
CA ALA W 312 -47.68 -22.00 -71.26
C ALA W 312 -47.61 -23.47 -70.87
N VAL W 313 -46.42 -23.98 -70.57
CA VAL W 313 -46.30 -25.39 -70.22
C VAL W 313 -46.77 -25.70 -68.82
N GLN W 314 -47.05 -24.68 -68.01
CA GLN W 314 -47.53 -24.88 -66.64
C GLN W 314 -49.04 -25.02 -66.56
N VAL W 315 -49.75 -24.89 -67.69
CA VAL W 315 -51.21 -24.99 -67.68
C VAL W 315 -51.63 -26.44 -67.49
N ILE W 316 -50.67 -27.36 -67.45
CA ILE W 316 -51.01 -28.76 -67.29
C ILE W 316 -51.49 -29.07 -65.88
N LYS W 317 -51.26 -28.16 -64.93
CA LYS W 317 -51.63 -28.38 -63.54
C LYS W 317 -53.02 -27.80 -63.24
N GLY W 318 -54.02 -28.31 -63.96
CA GLY W 318 -55.39 -27.89 -63.76
C GLY W 318 -55.64 -26.44 -64.13
N PHE W 319 -56.63 -25.84 -63.47
CA PHE W 319 -56.95 -24.43 -63.67
C PHE W 319 -56.13 -23.53 -62.75
N ALA W 320 -54.84 -23.72 -62.77
CA ALA W 320 -53.90 -22.88 -62.04
C ALA W 320 -52.86 -22.31 -63.00
N GLY W 321 -52.37 -23.14 -63.91
CA GLY W 321 -51.49 -22.65 -64.95
C GLY W 321 -52.24 -21.73 -65.90
N PHE W 322 -53.49 -22.07 -66.21
CA PHE W 322 -54.33 -21.17 -66.99
C PHE W 322 -54.99 -20.17 -66.06
N SER W 323 -54.20 -19.65 -65.13
CA SER W 323 -54.51 -18.46 -64.34
C SER W 323 -53.30 -17.57 -64.15
N ASN W 324 -52.09 -18.09 -64.41
CA ASN W 324 -50.89 -17.30 -64.45
C ASN W 324 -50.35 -17.13 -65.85
N PHE W 325 -50.69 -18.03 -66.78
CA PHE W 325 -50.30 -17.84 -68.16
C PHE W 325 -50.90 -16.55 -68.70
N ILE W 326 -52.03 -16.14 -68.15
CA ILE W 326 -52.68 -14.90 -68.57
C ILE W 326 -52.13 -13.70 -67.82
N VAL W 327 -51.94 -13.82 -66.50
CA VAL W 327 -51.53 -12.67 -65.70
C VAL W 327 -50.03 -12.40 -65.75
N ASN W 328 -49.24 -13.32 -66.28
CA ASN W 328 -47.80 -13.12 -66.41
C ASN W 328 -47.39 -12.73 -67.82
N GLY W 329 -48.34 -12.44 -68.70
CA GLY W 329 -48.02 -12.04 -70.05
C GLY W 329 -48.87 -10.90 -70.57
N GLY W 330 -49.40 -10.08 -69.65
CA GLY W 330 -50.22 -8.96 -70.07
C GLY W 330 -49.45 -7.94 -70.88
N GLN W 331 -48.24 -7.60 -70.46
CA GLN W 331 -47.40 -6.68 -71.20
C GLN W 331 -46.51 -7.49 -72.16
N PHE W 332 -46.62 -7.21 -73.45
CA PHE W 332 -45.84 -7.93 -74.44
C PHE W 332 -44.48 -7.28 -74.60
N THR W 333 -43.44 -8.07 -74.44
CA THR W 333 -42.04 -7.71 -74.49
C THR W 333 -41.49 -7.98 -75.88
N PRO W 334 -40.39 -7.35 -76.29
CA PRO W 334 -39.84 -7.68 -77.61
C PRO W 334 -39.28 -9.09 -77.67
N GLU W 335 -39.01 -9.73 -76.54
CA GLU W 335 -38.69 -11.15 -76.54
C GLU W 335 -39.92 -12.02 -76.79
N ALA W 336 -41.12 -11.50 -76.55
CA ALA W 336 -42.36 -12.23 -76.77
C ALA W 336 -43.31 -11.34 -77.57
N PRO W 337 -43.06 -11.18 -78.87
CA PRO W 337 -43.87 -10.26 -79.67
C PRO W 337 -45.32 -10.67 -79.83
N GLY W 338 -45.64 -11.95 -79.67
CA GLY W 338 -46.98 -12.44 -79.92
C GLY W 338 -47.05 -13.14 -81.26
N VAL W 339 -48.21 -13.73 -81.51
CA VAL W 339 -48.42 -14.55 -82.72
C VAL W 339 -49.53 -13.93 -83.56
N PRO W 340 -49.38 -13.86 -84.89
CA PRO W 340 -50.48 -13.40 -85.73
C PRO W 340 -51.70 -14.30 -85.53
N ILE W 341 -52.76 -13.71 -84.99
CA ILE W 341 -53.97 -14.43 -84.65
C ILE W 341 -55.15 -14.03 -85.53
N TYR W 342 -55.24 -12.75 -85.89
CA TYR W 342 -56.32 -12.27 -86.73
C TYR W 342 -55.74 -11.39 -87.83
N PHE W 343 -56.47 -11.29 -88.93
CA PHE W 343 -56.05 -10.44 -90.02
C PHE W 343 -57.28 -9.93 -90.75
N SER W 344 -57.11 -8.81 -91.44
CA SER W 344 -58.19 -8.18 -92.18
C SER W 344 -57.74 -7.93 -93.60
N ALA W 345 -58.66 -8.06 -94.54
CA ALA W 345 -58.36 -7.88 -95.95
C ALA W 345 -59.36 -6.91 -96.57
N SER W 346 -58.94 -6.32 -97.68
CA SER W 346 -59.75 -5.34 -98.38
C SER W 346 -59.72 -5.62 -99.88
N HIS W 347 -60.78 -5.22 -100.56
CA HIS W 347 -60.87 -5.39 -102.00
C HIS W 347 -59.85 -4.51 -102.71
N ALA W 348 -59.35 -5.01 -103.84
CA ALA W 348 -58.37 -4.26 -104.61
C ALA W 348 -59.01 -3.35 -105.66
N SER W 349 -60.32 -3.46 -105.87
CA SER W 349 -60.99 -2.65 -106.88
C SER W 349 -61.31 -1.25 -106.34
N ASP W 350 -62.15 -1.19 -105.31
CA ASP W 350 -62.55 0.08 -104.71
C ASP W 350 -61.90 0.31 -103.36
N ASN W 351 -60.96 -0.53 -102.95
CA ASN W 351 -60.29 -0.42 -101.66
C ASN W 351 -61.27 -0.49 -100.50
N SER W 352 -62.39 -1.17 -100.69
CA SER W 352 -63.41 -1.31 -99.66
C SER W 352 -63.07 -2.48 -98.74
N VAL W 353 -63.73 -2.50 -97.58
CA VAL W 353 -63.49 -3.55 -96.60
C VAL W 353 -64.09 -4.85 -97.09
N TYR W 354 -63.29 -5.91 -97.09
CA TYR W 354 -63.74 -7.23 -97.54
C TYR W 354 -64.37 -7.98 -96.38
N TYR W 355 -65.58 -8.49 -96.59
CA TYR W 355 -66.30 -9.25 -95.58
C TYR W 355 -66.48 -10.68 -96.07
N THR W 356 -66.08 -11.64 -95.23
CA THR W 356 -66.20 -13.05 -95.55
C THR W 356 -67.31 -13.68 -94.74
N THR W 357 -67.91 -14.73 -95.30
CA THR W 357 -69.00 -15.43 -94.63
C THR W 357 -68.54 -16.78 -94.10
N THR X 81 -59.23 -33.61 -94.88
CA THR X 81 -58.23 -32.69 -95.40
C THR X 81 -57.59 -31.88 -94.28
N SER X 82 -56.27 -31.82 -94.27
CA SER X 82 -55.51 -31.08 -93.27
C SER X 82 -54.43 -30.25 -93.94
N ASP X 83 -54.07 -29.16 -93.28
CA ASP X 83 -53.05 -28.25 -93.79
C ASP X 83 -51.65 -28.64 -93.33
N GLN X 84 -51.53 -29.13 -92.11
CA GLN X 84 -50.25 -29.54 -91.55
C GLN X 84 -50.14 -31.06 -91.54
N ILE X 85 -49.02 -31.57 -92.04
CA ILE X 85 -48.76 -33.00 -92.14
C ILE X 85 -47.69 -33.36 -91.13
N VAL X 86 -47.96 -34.42 -90.36
CA VAL X 86 -47.00 -34.89 -89.38
C VAL X 86 -45.76 -35.43 -90.09
N VAL X 87 -44.58 -35.11 -89.56
CA VAL X 87 -43.34 -35.52 -90.19
C VAL X 87 -43.16 -37.02 -90.00
N THR X 88 -43.05 -37.75 -91.10
CA THR X 88 -42.81 -39.18 -91.06
C THR X 88 -41.46 -39.57 -91.62
N VAL X 89 -40.93 -38.79 -92.57
CA VAL X 89 -39.61 -39.03 -93.14
C VAL X 89 -38.77 -37.78 -92.90
N PRO X 90 -38.03 -37.72 -91.79
CA PRO X 90 -37.23 -36.52 -91.50
C PRO X 90 -36.19 -36.22 -92.56
N GLN X 91 -35.65 -37.26 -93.23
CA GLN X 91 -34.67 -37.03 -94.27
C GLN X 91 -35.24 -36.23 -95.43
N LYS X 92 -36.46 -36.56 -95.86
CA LYS X 92 -37.08 -35.90 -96.99
C LYS X 92 -37.91 -34.70 -96.60
N THR X 93 -38.12 -34.47 -95.30
CA THR X 93 -38.94 -33.35 -94.84
C THR X 93 -38.02 -32.16 -94.57
N PHE X 94 -37.74 -31.42 -95.64
CA PHE X 94 -36.97 -30.19 -95.54
C PHE X 94 -37.65 -29.13 -96.40
N ILE X 95 -37.44 -27.87 -96.04
CA ILE X 95 -38.08 -26.78 -96.76
C ILE X 95 -37.49 -26.66 -98.15
N GLY X 96 -38.34 -26.27 -99.10
CA GLY X 96 -37.91 -26.11 -100.48
C GLY X 96 -37.82 -27.38 -101.29
N GLY X 97 -38.23 -28.52 -100.74
CA GLY X 97 -38.18 -29.77 -101.47
C GLY X 97 -39.46 -30.04 -102.24
N VAL X 98 -39.31 -30.42 -103.50
CA VAL X 98 -40.43 -30.67 -104.39
C VAL X 98 -40.66 -32.17 -104.51
N TYR X 99 -41.90 -32.60 -104.29
CA TYR X 99 -42.30 -33.99 -104.35
C TYR X 99 -43.60 -34.12 -105.12
N ASN X 100 -44.00 -35.36 -105.36
CA ASN X 100 -45.27 -35.66 -105.99
C ASN X 100 -46.33 -35.75 -104.91
N SER X 101 -47.54 -35.27 -105.23
CA SER X 101 -48.63 -35.29 -104.26
C SER X 101 -49.01 -36.71 -103.88
N THR X 102 -49.09 -37.62 -104.85
CA THR X 102 -49.45 -38.99 -104.55
C THR X 102 -48.38 -39.67 -103.70
N THR X 103 -47.11 -39.46 -104.04
CA THR X 103 -46.02 -40.05 -103.27
C THR X 103 -46.00 -39.51 -101.85
N LEU X 104 -46.25 -38.21 -101.67
CA LEU X 104 -46.32 -37.64 -100.34
C LEU X 104 -47.53 -38.18 -99.58
N ASP X 105 -48.63 -38.46 -100.29
CA ASP X 105 -49.82 -39.00 -99.64
C ASP X 105 -49.59 -40.42 -99.15
N ASN X 106 -48.95 -41.27 -99.97
CA ASN X 106 -48.67 -42.64 -99.57
C ASN X 106 -47.28 -42.81 -98.97
N LEU X 107 -46.66 -41.73 -98.53
CA LEU X 107 -45.38 -41.75 -97.80
C LEU X 107 -44.25 -42.33 -98.63
N ASP X 108 -44.29 -42.13 -99.94
CA ASP X 108 -43.19 -42.56 -100.81
C ASP X 108 -42.14 -41.46 -100.96
N TYR X 109 -42.59 -40.21 -101.09
CA TYR X 109 -41.72 -39.04 -101.17
C TYR X 109 -40.72 -39.18 -102.32
N THR X 110 -41.28 -39.24 -103.52
CA THR X 110 -40.43 -39.28 -104.71
C THR X 110 -40.05 -37.87 -105.10
N PRO X 111 -38.77 -37.49 -105.04
CA PRO X 111 -38.39 -36.11 -105.36
C PRO X 111 -38.50 -35.82 -106.84
N ILE X 112 -38.66 -34.55 -107.15
CA ILE X 112 -38.66 -34.07 -108.52
C ILE X 112 -37.35 -33.32 -108.72
N SER X 113 -36.43 -33.95 -109.44
CA SER X 113 -35.07 -33.43 -109.61
C SER X 113 -35.04 -32.42 -110.74
N TYR X 114 -35.36 -31.17 -110.41
CA TYR X 114 -35.32 -30.07 -111.35
C TYR X 114 -34.72 -28.85 -110.65
N PRO X 115 -34.02 -28.00 -111.39
CA PRO X 115 -33.45 -26.79 -110.77
C PRO X 115 -34.53 -25.89 -110.19
N LEU X 116 -34.19 -25.24 -109.08
CA LEU X 116 -35.10 -24.35 -108.38
C LEU X 116 -34.40 -23.02 -108.11
N ASP X 117 -35.18 -21.95 -108.15
CA ASP X 117 -34.66 -20.63 -107.85
C ASP X 117 -34.31 -20.55 -106.36
N PRO X 118 -33.39 -19.66 -105.99
CA PRO X 118 -33.09 -19.48 -104.56
C PRO X 118 -34.34 -19.09 -103.79
N ILE X 119 -34.47 -19.65 -102.59
CA ILE X 119 -35.67 -19.49 -101.77
C ILE X 119 -35.34 -18.65 -100.56
N THR X 120 -36.25 -17.76 -100.20
CA THR X 120 -36.13 -16.93 -99.01
C THR X 120 -36.92 -17.59 -97.88
N VAL X 121 -36.28 -17.76 -96.73
CA VAL X 121 -36.87 -18.41 -95.58
C VAL X 121 -36.89 -17.44 -94.41
N SER X 122 -37.96 -17.48 -93.63
CA SER X 122 -38.12 -16.63 -92.48
C SER X 122 -38.42 -17.50 -91.26
N TYR X 123 -38.00 -17.02 -90.09
CA TYR X 123 -38.17 -17.76 -88.85
C TYR X 123 -39.19 -17.07 -87.95
N SER X 124 -40.01 -17.87 -87.28
CA SER X 124 -41.04 -17.29 -86.41
C SER X 124 -40.44 -16.62 -85.18
N PHE X 125 -39.32 -17.12 -84.67
CA PHE X 125 -38.74 -16.53 -83.47
C PHE X 125 -37.96 -15.26 -83.81
N PRO X 126 -37.90 -14.30 -82.88
CA PRO X 126 -37.11 -13.09 -83.12
C PRO X 126 -35.62 -13.36 -83.02
N SER X 127 -34.90 -12.99 -84.08
CA SER X 127 -33.45 -13.15 -84.13
C SER X 127 -32.88 -12.21 -85.17
N ASP X 128 -31.58 -11.96 -85.08
CA ASP X 128 -30.90 -11.14 -86.07
C ASP X 128 -30.94 -11.78 -87.44
N PHE X 129 -30.71 -13.09 -87.50
CA PHE X 129 -30.77 -13.84 -88.74
C PHE X 129 -32.14 -14.49 -88.91
N ILE X 130 -33.15 -13.61 -88.97
CA ILE X 130 -34.54 -14.06 -89.09
C ILE X 130 -34.96 -14.28 -90.54
N VAL X 131 -34.26 -13.68 -91.50
CA VAL X 131 -34.54 -13.81 -92.92
C VAL X 131 -33.28 -14.32 -93.60
N ASP X 132 -33.27 -15.60 -93.97
CA ASP X 132 -32.15 -16.22 -94.66
C ASP X 132 -32.53 -16.55 -96.10
N THR X 133 -31.51 -16.88 -96.89
CA THR X 133 -31.68 -17.25 -98.28
C THR X 133 -30.89 -18.53 -98.55
N ILE X 134 -31.52 -19.47 -99.26
CA ILE X 134 -30.90 -20.74 -99.58
C ILE X 134 -30.95 -20.91 -101.09
N GLU X 135 -29.76 -21.05 -101.71
CA GLU X 135 -29.70 -21.21 -103.17
C GLU X 135 -30.18 -22.59 -103.59
N ARG X 136 -29.72 -23.63 -102.90
CA ARG X 136 -30.08 -25.02 -103.20
C ARG X 136 -30.80 -25.61 -102.00
N PRO X 137 -32.13 -25.71 -102.04
CA PRO X 137 -32.87 -26.28 -100.90
C PRO X 137 -32.45 -27.72 -100.62
N SER X 138 -31.97 -27.96 -99.41
CA SER X 138 -31.54 -29.28 -98.98
C SER X 138 -31.67 -29.37 -97.47
N LEU X 139 -31.66 -30.60 -96.96
CA LEU X 139 -31.76 -30.82 -95.53
C LEU X 139 -30.56 -30.23 -94.79
N SER X 140 -29.36 -30.41 -95.33
CA SER X 140 -28.17 -29.87 -94.69
C SER X 140 -28.21 -28.34 -94.67
N SER X 141 -28.64 -27.73 -95.76
CA SER X 141 -28.73 -26.26 -95.81
C SER X 141 -29.78 -25.76 -94.82
N MET X 142 -30.93 -26.44 -94.72
CA MET X 142 -31.94 -26.03 -93.76
C MET X 142 -31.44 -26.16 -92.33
N ARG X 143 -30.74 -27.25 -92.02
CA ARG X 143 -30.21 -27.45 -90.68
C ARG X 143 -29.16 -26.38 -90.35
N ALA X 144 -28.27 -26.09 -91.30
CA ALA X 144 -27.24 -25.08 -91.07
C ALA X 144 -27.86 -23.70 -90.89
N SER X 145 -28.87 -23.37 -91.69
CA SER X 145 -29.54 -22.08 -91.54
C SER X 145 -30.23 -21.97 -90.19
N VAL X 146 -30.88 -23.04 -89.74
CA VAL X 146 -31.52 -23.01 -88.43
C VAL X 146 -30.48 -22.84 -87.32
N PHE X 147 -29.35 -23.55 -87.44
CA PHE X 147 -28.28 -23.43 -86.44
C PHE X 147 -27.75 -22.01 -86.36
N LYS X 148 -27.46 -21.41 -87.52
CA LYS X 148 -26.94 -20.04 -87.54
C LYS X 148 -27.97 -19.04 -87.01
N ALA X 149 -29.24 -19.21 -87.41
CA ALA X 149 -30.27 -18.29 -86.97
C ALA X 149 -30.46 -18.34 -85.46
N MET X 150 -30.45 -19.54 -84.89
CA MET X 150 -30.68 -19.66 -83.45
C MET X 150 -29.43 -19.38 -82.65
N ARG X 151 -28.25 -19.38 -83.26
CA ARG X 151 -27.04 -18.93 -82.57
C ARG X 151 -26.73 -17.46 -82.81
N ALA X 152 -27.52 -16.77 -83.63
CA ALA X 152 -27.28 -15.36 -83.88
C ALA X 152 -27.68 -14.51 -82.67
N ALA X 153 -27.34 -13.23 -82.74
CA ALA X 153 -27.63 -12.30 -81.66
C ALA X 153 -29.12 -11.95 -81.62
N ASN X 154 -29.55 -11.44 -80.47
CA ASN X 154 -30.95 -11.04 -80.25
C ASN X 154 -31.90 -12.19 -80.49
N PHE X 155 -31.49 -13.40 -80.11
CA PHE X 155 -32.33 -14.59 -80.23
C PHE X 155 -33.07 -14.82 -78.92
N SER X 156 -34.37 -15.12 -79.03
CA SER X 156 -35.21 -15.34 -77.86
C SER X 156 -36.10 -16.55 -78.14
N GLY X 157 -35.91 -17.61 -77.36
CA GLY X 157 -36.78 -18.76 -77.40
C GLY X 157 -37.81 -18.68 -76.29
N GLU X 158 -37.97 -17.48 -75.74
CA GLU X 158 -38.86 -17.29 -74.60
C GLU X 158 -40.30 -17.55 -74.99
N GLN X 159 -40.71 -17.13 -76.18
CA GLN X 159 -42.10 -17.27 -76.62
C GLN X 159 -42.19 -18.42 -77.61
N SER X 160 -43.14 -19.31 -77.40
CA SER X 160 -43.42 -20.42 -78.29
C SER X 160 -44.55 -20.06 -79.23
N LEU X 161 -44.97 -21.02 -80.05
CA LEU X 161 -46.02 -20.81 -81.04
C LEU X 161 -47.31 -21.51 -80.69
N ALA X 162 -47.25 -22.78 -80.26
CA ALA X 162 -48.48 -23.46 -79.90
C ALA X 162 -48.21 -24.48 -78.81
N PHE X 163 -49.25 -24.81 -78.05
CA PHE X 163 -49.13 -25.77 -76.97
C PHE X 163 -50.48 -26.44 -76.77
N ASP X 164 -50.58 -27.70 -77.17
CA ASP X 164 -51.79 -28.49 -77.05
C ASP X 164 -51.60 -29.53 -75.96
N TYR X 165 -52.55 -29.64 -75.06
CA TYR X 165 -52.52 -30.61 -73.96
C TYR X 165 -53.86 -31.32 -73.90
N ASN X 166 -53.82 -32.60 -73.52
CA ASN X 166 -55.04 -33.38 -73.39
C ASN X 166 -54.78 -34.54 -72.44
N ILE X 167 -55.61 -34.68 -71.41
CA ILE X 167 -55.48 -35.77 -70.46
C ILE X 167 -56.85 -36.38 -70.23
N LYS X 168 -56.88 -37.70 -70.04
CA LYS X 168 -58.11 -38.43 -69.79
C LYS X 168 -57.83 -39.42 -68.66
N GLN X 169 -58.46 -39.20 -67.51
CA GLN X 169 -58.32 -40.06 -66.35
C GLN X 169 -59.63 -40.79 -66.12
N PHE X 170 -59.54 -42.10 -65.90
CA PHE X 170 -60.73 -42.93 -65.68
C PHE X 170 -60.40 -43.96 -64.61
N SER X 171 -61.39 -44.31 -63.82
CA SER X 171 -61.18 -45.25 -62.72
C SER X 171 -62.51 -45.92 -62.39
N TYR X 172 -62.60 -47.22 -62.66
CA TYR X 172 -63.74 -48.03 -62.28
C TYR X 172 -63.50 -48.68 -60.92
N TYR X 173 -64.59 -49.17 -60.33
CA TYR X 173 -64.53 -49.88 -59.06
C TYR X 173 -65.71 -50.84 -58.99
N SER X 174 -65.50 -51.98 -58.34
CA SER X 174 -66.57 -52.95 -58.15
C SER X 174 -66.29 -53.73 -56.87
N GLU X 175 -67.34 -53.97 -56.10
CA GLU X 175 -67.20 -54.67 -54.83
C GLU X 175 -68.47 -55.48 -54.54
N LEU X 176 -68.31 -56.78 -54.40
CA LEU X 176 -69.38 -57.70 -54.03
C LEU X 176 -69.01 -58.36 -52.71
N LYS X 177 -69.98 -58.46 -51.81
CA LYS X 177 -69.79 -59.01 -50.46
C LYS X 177 -70.90 -60.00 -50.13
N ILE X 178 -71.15 -60.94 -51.04
CA ILE X 178 -72.22 -61.90 -50.85
C ILE X 178 -71.92 -62.82 -49.67
N ALA X 179 -72.89 -63.00 -48.78
CA ALA X 179 -72.72 -63.85 -47.62
C ALA X 179 -73.97 -64.70 -47.44
N PHE X 180 -73.80 -65.86 -46.79
CA PHE X 180 -74.91 -66.76 -46.54
C PHE X 180 -74.81 -67.37 -45.15
N ILE X 194 -73.60 -74.78 -41.95
CA ILE X 194 -73.37 -74.37 -43.33
C ILE X 194 -73.26 -72.85 -43.41
N SER X 195 -72.16 -72.38 -43.99
CA SER X 195 -71.92 -70.95 -44.15
C SER X 195 -71.38 -70.71 -45.56
N GLY X 196 -70.93 -69.48 -45.81
CA GLY X 196 -70.37 -69.14 -47.11
C GLY X 196 -70.22 -67.65 -47.33
N SER X 197 -69.12 -67.25 -47.96
CA SER X 197 -68.86 -65.85 -48.24
C SER X 197 -68.13 -65.73 -49.57
N ASN X 198 -68.40 -64.62 -50.26
CA ASN X 198 -67.79 -64.34 -51.56
C ASN X 198 -67.54 -62.83 -51.63
N ASN X 199 -66.27 -62.46 -51.54
CA ASN X 199 -65.82 -61.07 -51.60
C ASN X 199 -65.05 -60.87 -52.90
N LYS X 200 -65.61 -60.08 -53.80
CA LYS X 200 -65.01 -59.78 -55.10
C LYS X 200 -64.72 -58.29 -55.20
N ILE X 201 -63.49 -57.95 -55.57
CA ILE X 201 -63.06 -56.57 -55.71
C ILE X 201 -62.43 -56.41 -57.09
N LYS X 202 -62.85 -55.38 -57.82
CA LYS X 202 -62.33 -55.10 -59.15
C LYS X 202 -61.96 -53.62 -59.25
N ARG X 203 -60.79 -53.34 -59.81
CA ARG X 203 -60.32 -51.97 -60.00
C ARG X 203 -59.70 -51.87 -61.37
N THR X 204 -59.92 -50.72 -62.03
CA THR X 204 -59.37 -50.48 -63.36
C THR X 204 -59.11 -48.99 -63.50
N THR X 205 -57.85 -48.60 -63.54
CA THR X 205 -57.44 -47.21 -63.63
C THR X 205 -56.69 -46.95 -64.93
N GLY X 206 -56.92 -45.80 -65.53
CA GLY X 206 -56.26 -45.46 -66.77
C GLY X 206 -56.09 -43.97 -67.00
N VAL X 207 -54.85 -43.55 -67.29
CA VAL X 207 -54.52 -42.16 -67.58
C VAL X 207 -53.88 -42.11 -68.95
N PHE X 208 -54.48 -41.37 -69.87
CA PHE X 208 -53.94 -41.18 -71.21
C PHE X 208 -53.68 -39.70 -71.43
N ALA X 209 -52.45 -39.35 -71.82
CA ALA X 209 -52.08 -37.95 -71.97
C ALA X 209 -51.36 -37.74 -73.28
N LYS X 210 -51.76 -36.71 -74.01
CA LYS X 210 -51.10 -36.28 -75.24
C LYS X 210 -50.75 -34.81 -75.14
N PHE X 211 -49.54 -34.46 -75.55
CA PHE X 211 -49.09 -33.08 -75.49
C PHE X 211 -48.22 -32.80 -76.71
N THR X 212 -48.40 -31.62 -77.28
CA THR X 212 -47.57 -31.15 -78.37
C THR X 212 -47.21 -29.70 -78.14
N GLN X 213 -46.00 -29.33 -78.50
CA GLN X 213 -45.56 -27.95 -78.39
C GLN X 213 -44.90 -27.57 -79.71
N LYS X 214 -45.26 -26.41 -80.24
CA LYS X 214 -44.69 -25.89 -81.47
C LYS X 214 -43.82 -24.71 -81.07
N ASN X 215 -42.51 -24.97 -80.98
CA ASN X 215 -41.54 -23.95 -80.60
C ASN X 215 -41.47 -22.85 -81.66
N PHE X 216 -41.31 -23.24 -82.92
CA PHE X 216 -41.23 -22.23 -83.98
C PHE X 216 -41.41 -22.92 -85.33
N THR X 217 -41.52 -22.11 -86.37
CA THR X 217 -41.56 -22.62 -87.73
C THR X 217 -40.65 -21.79 -88.63
N ILE X 218 -40.13 -22.45 -89.65
CA ILE X 218 -39.40 -21.81 -90.72
C ILE X 218 -40.28 -21.87 -91.95
N ASP X 219 -40.57 -20.71 -92.52
CA ASP X 219 -41.50 -20.54 -93.63
C ASP X 219 -40.76 -20.11 -94.88
N MET X 220 -41.37 -20.41 -96.02
CA MET X 220 -40.80 -20.11 -97.32
C MET X 220 -41.63 -19.02 -98.00
N ASP X 221 -40.94 -18.05 -98.58
CA ASP X 221 -41.62 -16.95 -99.27
C ASP X 221 -42.10 -17.41 -100.64
N LEU X 222 -43.19 -16.79 -101.09
CA LEU X 222 -43.70 -17.09 -102.42
C LEU X 222 -42.72 -16.58 -103.46
N PRO X 223 -42.53 -17.31 -104.56
CA PRO X 223 -41.58 -16.87 -105.59
C PRO X 223 -41.98 -15.55 -106.21
N ALA X 224 -40.96 -14.72 -106.51
CA ALA X 224 -41.22 -13.46 -107.18
C ALA X 224 -41.76 -13.67 -108.58
N ASP X 225 -41.20 -14.64 -109.31
CA ASP X 225 -41.65 -14.95 -110.65
C ASP X 225 -42.97 -15.70 -110.67
N GLY X 226 -43.41 -16.24 -109.53
CA GLY X 226 -44.62 -17.00 -109.45
C GLY X 226 -44.43 -18.49 -109.64
N ASN X 227 -43.22 -18.92 -109.96
CA ASN X 227 -42.90 -20.33 -110.14
C ASN X 227 -41.62 -20.64 -109.37
N ILE X 228 -41.61 -21.78 -108.67
CA ILE X 228 -40.44 -22.17 -107.89
C ILE X 228 -39.31 -22.62 -108.79
N PHE X 229 -39.63 -23.11 -109.98
CA PHE X 229 -38.61 -23.64 -110.88
C PHE X 229 -37.82 -22.51 -111.53
N LYS X 230 -36.51 -22.74 -111.69
CA LYS X 230 -35.64 -21.74 -112.28
C LYS X 230 -35.89 -21.58 -113.78
N ASN X 231 -36.02 -22.71 -114.50
CA ASN X 231 -36.20 -22.63 -115.95
C ASN X 231 -37.61 -22.19 -116.34
N ASN X 232 -38.59 -22.34 -115.46
CA ASN X 232 -40.00 -22.00 -115.65
C ASN X 232 -40.69 -22.90 -116.68
N SER X 233 -39.97 -23.82 -117.31
CA SER X 233 -40.58 -24.80 -118.20
C SER X 233 -40.74 -26.16 -117.53
N ASP X 234 -40.04 -26.38 -116.41
CA ASP X 234 -40.20 -27.63 -115.67
C ASP X 234 -41.62 -27.78 -115.14
N LEU X 235 -42.31 -26.66 -114.89
CA LEU X 235 -43.69 -26.75 -114.44
C LEU X 235 -44.56 -27.44 -115.49
N ALA X 236 -44.37 -27.10 -116.77
CA ALA X 236 -45.05 -27.82 -117.83
C ALA X 236 -44.45 -29.19 -118.08
N LEU X 237 -43.17 -29.38 -117.73
CA LEU X 237 -42.54 -30.68 -117.92
C LEU X 237 -43.14 -31.73 -117.00
N THR X 238 -43.45 -31.36 -115.75
CA THR X 238 -44.00 -32.30 -114.78
C THR X 238 -45.52 -32.33 -114.77
N ASN X 239 -46.17 -32.03 -115.91
CA ASN X 239 -47.61 -32.18 -115.99
C ASN X 239 -48.00 -33.63 -115.74
N GLY X 240 -48.97 -33.84 -114.85
CA GLY X 240 -49.36 -35.16 -114.42
C GLY X 240 -48.56 -35.71 -113.26
N LYS X 241 -47.47 -35.06 -112.87
CA LYS X 241 -46.68 -35.48 -111.73
C LYS X 241 -47.09 -34.80 -110.44
N ASN X 242 -48.05 -33.86 -110.49
CA ASN X 242 -48.56 -33.13 -109.33
C ASN X 242 -47.41 -32.52 -108.54
N PRO X 243 -46.75 -31.49 -109.05
CA PRO X 243 -45.61 -30.90 -108.33
C PRO X 243 -46.08 -30.15 -107.08
N VAL X 244 -45.54 -30.56 -105.94
CA VAL X 244 -45.87 -29.95 -104.66
C VAL X 244 -44.57 -29.79 -103.88
N TYR X 245 -44.36 -28.62 -103.30
CA TYR X 245 -43.13 -28.31 -102.59
C TYR X 245 -43.46 -27.91 -101.15
N ILE X 246 -42.63 -28.39 -100.21
CA ILE X 246 -42.82 -28.02 -98.82
C ILE X 246 -42.40 -26.58 -98.60
N SER X 247 -43.25 -25.80 -97.95
CA SER X 247 -43.02 -24.39 -97.73
C SER X 247 -42.97 -23.99 -96.26
N SER X 248 -43.14 -24.92 -95.34
CA SER X 248 -43.11 -24.59 -93.92
C SER X 248 -42.74 -25.83 -93.13
N VAL X 249 -41.83 -25.67 -92.17
CA VAL X 249 -41.42 -26.75 -91.27
C VAL X 249 -41.54 -26.27 -89.83
N THR X 250 -42.23 -27.06 -89.00
CA THR X 250 -42.49 -26.71 -87.62
C THR X 250 -41.56 -27.52 -86.71
N TYR X 251 -40.80 -26.81 -85.87
CA TYR X 251 -39.93 -27.41 -84.87
C TYR X 251 -40.63 -27.34 -83.52
N GLY X 252 -40.65 -28.47 -82.82
CA GLY X 252 -41.30 -28.55 -81.53
C GLY X 252 -41.08 -29.90 -80.87
N ARG X 253 -41.91 -30.20 -79.88
CA ARG X 253 -41.81 -31.43 -79.11
C ARG X 253 -43.16 -32.15 -79.10
N LEU X 254 -43.10 -33.47 -78.96
CA LEU X 254 -44.27 -34.33 -78.88
C LEU X 254 -44.14 -35.24 -77.66
N GLY X 255 -45.27 -35.57 -77.07
CA GLY X 255 -45.27 -36.49 -75.94
C GLY X 255 -46.58 -37.21 -75.72
N ILE X 256 -46.53 -38.54 -75.62
CA ILE X 256 -47.72 -39.34 -75.38
C ILE X 256 -47.42 -40.31 -74.24
N ILE X 257 -48.34 -40.42 -73.29
CA ILE X 257 -48.21 -41.36 -72.19
C ILE X 257 -49.52 -42.09 -72.02
N SER X 258 -49.44 -43.31 -71.50
CA SER X 258 -50.63 -44.13 -71.28
C SER X 258 -50.33 -45.12 -70.16
N ILE X 259 -50.98 -44.93 -69.03
CA ILE X 259 -50.80 -45.78 -67.85
C ILE X 259 -52.11 -46.49 -67.57
N GLU X 260 -52.04 -47.82 -67.48
CA GLU X 260 -53.21 -48.65 -67.19
C GLU X 260 -52.90 -49.56 -66.02
N SER X 261 -53.94 -49.88 -65.25
CA SER X 261 -53.77 -50.74 -64.08
C SER X 261 -55.07 -51.50 -63.85
N ASN X 262 -54.95 -52.77 -63.48
CA ASN X 262 -56.07 -53.63 -63.20
C ASN X 262 -55.81 -54.41 -61.92
N ALA X 263 -56.86 -54.57 -61.10
CA ALA X 263 -56.76 -55.29 -59.84
C ALA X 263 -57.99 -56.15 -59.66
N SER X 264 -57.78 -57.38 -59.21
CA SER X 264 -58.86 -58.33 -58.98
C SER X 264 -58.62 -59.09 -57.69
N TYR X 265 -59.68 -59.27 -56.91
CA TYR X 265 -59.66 -59.98 -55.63
C TYR X 265 -60.87 -60.89 -55.57
N ASN X 266 -60.66 -62.16 -55.25
CA ASN X 266 -61.70 -63.19 -55.38
C ASN X 266 -61.77 -64.07 -54.13
N GLU X 267 -61.84 -63.46 -52.96
CA GLU X 267 -61.90 -64.25 -51.72
C GLU X 267 -63.21 -65.03 -51.64
N VAL X 268 -63.10 -66.31 -51.32
CA VAL X 268 -64.26 -67.19 -51.16
C VAL X 268 -64.03 -68.05 -49.92
N ASN X 269 -65.03 -68.08 -49.03
CA ASN X 269 -64.97 -68.87 -47.80
C ASN X 269 -66.17 -69.79 -47.73
N PHE X 270 -65.97 -70.98 -47.14
CA PHE X 270 -67.04 -71.94 -46.99
C PHE X 270 -66.78 -72.81 -45.76
N ALA X 271 -67.81 -73.02 -44.95
CA ALA X 271 -67.69 -73.84 -43.75
C ALA X 271 -68.93 -74.72 -43.61
N LEU X 272 -68.73 -75.90 -43.03
CA LEU X 272 -69.81 -76.85 -42.79
C LEU X 272 -69.71 -77.39 -41.37
N LYS X 273 -69.61 -76.47 -40.40
CA LYS X 273 -69.50 -76.85 -39.00
C LYS X 273 -70.86 -77.33 -38.47
N LEU X 285 -68.26 -83.31 -38.17
CA LEU X 285 -67.77 -82.77 -39.43
C LEU X 285 -67.42 -81.29 -39.31
N ASN X 286 -66.21 -80.94 -39.73
CA ASN X 286 -65.69 -79.57 -39.67
C ASN X 286 -65.06 -79.18 -40.99
N ILE X 287 -65.78 -79.44 -42.09
CA ILE X 287 -65.25 -79.14 -43.42
C ILE X 287 -65.10 -77.64 -43.59
N ASP X 288 -63.91 -77.22 -44.04
CA ASP X 288 -63.61 -75.82 -44.27
C ASP X 288 -62.95 -75.67 -45.64
N SER X 289 -63.16 -74.52 -46.27
CA SER X 289 -62.61 -74.26 -47.59
C SER X 289 -62.40 -72.76 -47.76
N ASN X 290 -61.27 -72.40 -48.38
CA ASN X 290 -60.94 -71.01 -48.63
C ASN X 290 -60.23 -70.91 -49.97
N SER X 291 -60.53 -69.84 -50.72
CA SER X 291 -59.94 -69.62 -52.03
C SER X 291 -59.69 -68.14 -52.21
N LYS X 292 -58.42 -67.75 -52.23
CA LYS X 292 -58.01 -66.36 -52.41
C LYS X 292 -57.29 -66.20 -53.72
N LYS X 293 -57.67 -65.20 -54.50
CA LYS X 293 -57.06 -64.94 -55.79
C LYS X 293 -56.90 -63.44 -55.97
N ILE X 294 -55.65 -63.00 -56.09
CA ILE X 294 -55.32 -61.60 -56.31
C ILE X 294 -54.57 -61.50 -57.63
N LEU X 295 -55.09 -60.68 -58.55
CA LEU X 295 -54.49 -60.48 -59.85
C LEU X 295 -54.24 -58.99 -60.05
N GLU X 296 -52.98 -58.64 -60.31
CA GLU X 296 -52.60 -57.24 -60.51
C GLU X 296 -51.85 -57.12 -61.83
N GLU X 297 -52.31 -56.20 -62.67
CA GLU X 297 -51.67 -55.93 -63.96
C GLU X 297 -51.42 -54.45 -64.09
N SER X 298 -50.30 -54.10 -64.74
CA SER X 298 -49.90 -52.71 -64.92
C SER X 298 -49.33 -52.54 -66.31
N ASP X 299 -49.41 -51.31 -66.83
CA ASP X 299 -48.87 -50.99 -68.14
C ASP X 299 -48.56 -49.51 -68.18
N LEU X 300 -47.49 -49.15 -68.88
CA LEU X 300 -47.09 -47.75 -69.00
C LEU X 300 -46.30 -47.58 -70.29
N SER X 301 -46.91 -46.93 -71.28
CA SER X 301 -46.28 -46.71 -72.58
C SER X 301 -46.03 -45.22 -72.76
N VAL X 302 -44.79 -44.86 -73.10
CA VAL X 302 -44.38 -43.48 -73.30
C VAL X 302 -43.76 -43.33 -74.68
N TYR X 303 -44.04 -42.22 -75.34
CA TYR X 303 -43.50 -41.90 -76.66
C TYR X 303 -43.19 -40.40 -76.70
N LEU X 304 -41.91 -40.03 -76.67
CA LEU X 304 -41.50 -38.64 -76.69
C LEU X 304 -40.69 -38.36 -77.95
N VAL X 305 -40.95 -37.20 -78.55
CA VAL X 305 -40.24 -36.75 -79.74
C VAL X 305 -39.63 -35.39 -79.41
N GLY X 306 -38.32 -35.36 -79.26
CA GLY X 306 -37.61 -34.15 -78.94
C GLY X 306 -37.62 -33.84 -77.46
N GLY X 307 -37.16 -32.64 -77.15
CA GLY X 307 -37.06 -32.21 -75.78
C GLY X 307 -35.72 -32.55 -75.15
N ARG X 308 -35.56 -32.08 -73.92
CA ARG X 308 -34.34 -32.33 -73.17
C ARG X 308 -34.21 -33.82 -72.84
N GLY X 309 -33.03 -34.39 -73.11
CA GLY X 309 -32.83 -35.80 -72.87
C GLY X 309 -32.91 -36.18 -71.40
N THR X 310 -32.33 -35.34 -70.54
CA THR X 310 -32.33 -35.63 -69.10
C THR X 310 -33.74 -35.68 -68.55
N ASP X 311 -34.60 -34.74 -68.95
CA ASP X 311 -35.99 -34.77 -68.51
C ASP X 311 -36.78 -35.87 -69.22
N ALA X 312 -36.40 -36.18 -70.45
CA ALA X 312 -37.13 -37.21 -71.20
C ALA X 312 -36.94 -38.58 -70.60
N VAL X 313 -35.72 -38.90 -70.13
CA VAL X 313 -35.49 -40.22 -69.57
C VAL X 313 -36.06 -40.40 -68.18
N GLN X 314 -36.54 -39.32 -67.56
CA GLN X 314 -37.14 -39.40 -66.23
C GLN X 314 -38.62 -39.71 -66.25
N VAL X 315 -39.22 -39.83 -67.45
CA VAL X 315 -40.65 -40.11 -67.55
C VAL X 315 -40.93 -41.56 -67.20
N ILE X 316 -39.87 -42.34 -66.95
CA ILE X 316 -40.07 -43.74 -66.60
C ILE X 316 -40.66 -43.91 -65.21
N LYS X 317 -40.64 -42.85 -64.39
CA LYS X 317 -41.13 -42.93 -63.02
C LYS X 317 -42.59 -42.50 -62.93
N GLY X 318 -43.44 -43.23 -63.66
CA GLY X 318 -44.87 -42.97 -63.64
C GLY X 318 -45.24 -41.61 -64.23
N PHE X 319 -46.37 -41.07 -63.76
CA PHE X 319 -46.81 -39.74 -64.19
C PHE X 319 -46.21 -38.64 -63.35
N ALA X 320 -44.89 -38.67 -63.22
CA ALA X 320 -44.14 -37.62 -62.55
C ALA X 320 -43.08 -37.06 -63.47
N GLY X 321 -42.40 -37.94 -64.22
CA GLY X 321 -41.48 -37.47 -65.24
C GLY X 321 -42.23 -36.80 -66.37
N PHE X 322 -43.39 -37.34 -66.74
CA PHE X 322 -44.23 -36.66 -67.71
C PHE X 322 -45.10 -35.63 -66.99
N SER X 323 -44.48 -34.89 -66.08
CA SER X 323 -45.00 -33.66 -65.51
C SER X 323 -43.92 -32.61 -65.35
N ASN X 324 -42.65 -33.00 -65.42
CA ASN X 324 -41.53 -32.08 -65.46
C ASN X 324 -40.88 -32.03 -66.83
N PHE X 325 -41.02 -33.08 -67.63
CA PHE X 325 -40.52 -33.03 -69.00
C PHE X 325 -41.19 -31.91 -69.78
N ILE X 326 -42.42 -31.57 -69.39
CA ILE X 326 -43.16 -30.50 -70.04
C ILE X 326 -42.82 -29.15 -69.42
N VAL X 327 -42.76 -29.06 -68.09
CA VAL X 327 -42.57 -27.77 -67.44
C VAL X 327 -41.12 -27.32 -67.39
N ASN X 328 -40.17 -28.20 -67.70
CA ASN X 328 -38.76 -27.84 -67.74
C ASN X 328 -38.25 -27.59 -69.15
N GLY X 329 -39.13 -27.54 -70.14
CA GLY X 329 -38.71 -27.29 -71.50
C GLY X 329 -39.64 -26.36 -72.25
N GLY X 330 -40.34 -25.49 -71.52
CA GLY X 330 -41.23 -24.55 -72.17
C GLY X 330 -40.51 -23.54 -73.05
N GLN X 331 -39.39 -23.02 -72.57
CA GLN X 331 -38.59 -22.11 -73.37
C GLN X 331 -37.53 -22.91 -74.10
N PHE X 332 -37.52 -22.82 -75.43
CA PHE X 332 -36.57 -23.57 -76.22
C PHE X 332 -35.27 -22.78 -76.36
N THR X 333 -34.18 -23.41 -76.01
CA THR X 333 -32.83 -22.87 -75.98
C THR X 333 -32.11 -23.26 -77.26
N PRO X 334 -31.05 -22.55 -77.66
CA PRO X 334 -30.33 -22.98 -78.86
C PRO X 334 -29.61 -24.31 -78.67
N GLU X 335 -29.39 -24.75 -77.43
CA GLU X 335 -28.92 -26.11 -77.20
C GLU X 335 -30.01 -27.15 -77.44
N ALA X 336 -31.28 -26.76 -77.38
CA ALA X 336 -32.40 -27.67 -77.60
C ALA X 336 -33.35 -27.01 -78.60
N PRO X 337 -32.99 -27.00 -79.88
CA PRO X 337 -33.81 -26.31 -80.87
C PRO X 337 -35.17 -26.92 -81.10
N GLY X 338 -35.37 -28.19 -80.78
CA GLY X 338 -36.61 -28.88 -81.07
C GLY X 338 -36.46 -29.76 -82.29
N VAL X 339 -37.51 -30.52 -82.57
CA VAL X 339 -37.50 -31.51 -83.65
C VAL X 339 -38.57 -31.15 -84.67
N PRO X 340 -38.29 -31.24 -85.96
CA PRO X 340 -39.35 -31.04 -86.97
C PRO X 340 -40.47 -32.05 -86.75
N ILE X 341 -41.65 -31.53 -86.40
CA ILE X 341 -42.79 -32.36 -86.06
C ILE X 341 -43.90 -32.23 -87.08
N TYR X 342 -44.11 -31.04 -87.63
CA TYR X 342 -45.13 -30.80 -88.63
C TYR X 342 -44.54 -30.02 -89.79
N PHE X 343 -45.17 -30.16 -90.96
CA PHE X 343 -44.73 -29.42 -92.12
C PHE X 343 -45.93 -29.17 -93.02
N SER X 344 -45.81 -28.13 -93.85
CA SER X 344 -46.88 -27.76 -94.76
C SER X 344 -46.30 -27.65 -96.16
N ALA X 345 -47.12 -28.01 -97.15
CA ALA X 345 -46.69 -27.99 -98.54
C ALA X 345 -47.71 -27.24 -99.37
N SER X 346 -47.25 -26.75 -100.53
CA SER X 346 -48.08 -25.99 -101.43
C SER X 346 -47.86 -26.46 -102.85
N HIS X 347 -48.89 -26.30 -103.68
CA HIS X 347 -48.81 -26.67 -105.09
C HIS X 347 -47.82 -25.77 -105.82
N ALA X 348 -47.15 -26.35 -106.82
CA ALA X 348 -46.19 -25.59 -107.61
C ALA X 348 -46.81 -24.91 -108.82
N SER X 349 -48.08 -25.22 -109.14
CA SER X 349 -48.72 -24.63 -110.30
C SER X 349 -49.26 -23.24 -110.00
N ASP X 350 -50.20 -23.14 -109.07
CA ASP X 350 -50.79 -21.87 -108.71
C ASP X 350 -50.34 -21.37 -107.34
N ASN X 351 -49.35 -22.03 -106.74
CA ASN X 351 -48.83 -21.66 -105.42
C ASN X 351 -49.91 -21.70 -104.35
N SER X 352 -50.92 -22.54 -104.54
CA SER X 352 -52.02 -22.66 -103.60
C SER X 352 -51.65 -23.64 -102.49
N VAL X 353 -52.42 -23.60 -101.41
CA VAL X 353 -52.17 -24.46 -100.26
C VAL X 353 -52.57 -25.88 -100.61
N TYR X 354 -51.66 -26.83 -100.38
CA TYR X 354 -51.91 -28.24 -100.67
C TYR X 354 -52.56 -28.90 -99.47
N TYR X 355 -53.68 -29.58 -99.72
CA TYR X 355 -54.41 -30.29 -98.68
C TYR X 355 -54.37 -31.78 -98.96
N THR X 356 -53.96 -32.56 -97.97
CA THR X 356 -53.88 -34.00 -98.08
C THR X 356 -55.00 -34.66 -97.28
N THR X 357 -55.42 -35.83 -97.74
CA THR X 357 -56.49 -36.58 -97.07
C THR X 357 -55.92 -37.78 -96.31
N THR Y 81 -44.77 -53.24 -93.80
CA THR Y 81 -43.83 -52.28 -94.36
C THR Y 81 -43.41 -51.25 -93.32
N SER Y 82 -42.10 -51.03 -93.20
CA SER Y 82 -41.55 -50.07 -92.26
C SER Y 82 -40.50 -49.21 -92.94
N ASP Y 83 -40.34 -48.00 -92.42
CA ASP Y 83 -39.38 -47.04 -92.95
C ASP Y 83 -38.01 -47.19 -92.34
N GLN Y 84 -37.95 -47.49 -91.04
CA GLN Y 84 -36.70 -47.66 -90.32
C GLN Y 84 -36.43 -49.13 -90.08
N ILE Y 85 -35.21 -49.55 -90.40
CA ILE Y 85 -34.79 -50.95 -90.27
C ILE Y 85 -33.79 -51.04 -89.12
N VAL Y 86 -34.01 -52.01 -88.24
CA VAL Y 86 -33.11 -52.22 -87.11
C VAL Y 86 -31.76 -52.69 -87.63
N VAL Y 87 -30.69 -52.14 -87.05
CA VAL Y 87 -29.35 -52.48 -87.51
C VAL Y 87 -29.02 -53.90 -87.07
N THR Y 88 -28.72 -54.76 -88.05
CA THR Y 88 -28.31 -56.13 -87.78
C THR Y 88 -26.87 -56.41 -88.16
N VAL Y 89 -26.35 -55.71 -89.16
CA VAL Y 89 -24.96 -55.85 -89.57
C VAL Y 89 -24.29 -54.49 -89.44
N PRO Y 90 -23.69 -54.18 -88.29
CA PRO Y 90 -23.05 -52.86 -88.12
C PRO Y 90 -21.95 -52.58 -89.11
N GLN Y 91 -21.24 -53.62 -89.58
CA GLN Y 91 -20.17 -53.42 -90.55
C GLN Y 91 -20.72 -52.86 -91.85
N LYS Y 92 -21.84 -53.40 -92.33
CA LYS Y 92 -22.39 -52.97 -93.60
C LYS Y 92 -23.41 -51.84 -93.46
N THR Y 93 -23.77 -51.47 -92.23
CA THR Y 93 -24.76 -50.41 -92.01
C THR Y 93 -24.01 -49.09 -91.84
N PHE Y 94 -23.71 -48.47 -92.98
CA PHE Y 94 -23.10 -47.15 -93.00
C PHE Y 94 -23.79 -46.32 -94.05
N ILE Y 95 -23.77 -44.99 -93.86
CA ILE Y 95 -24.45 -44.10 -94.79
C ILE Y 95 -23.74 -44.10 -96.13
N GLY Y 96 -24.51 -43.94 -97.20
CA GLY Y 96 -23.96 -43.92 -98.54
C GLY Y 96 -23.65 -45.27 -99.14
N GLY Y 97 -23.99 -46.36 -98.48
CA GLY Y 97 -23.72 -47.69 -99.00
C GLY Y 97 -24.87 -48.22 -99.83
N VAL Y 98 -24.54 -48.74 -101.01
CA VAL Y 98 -25.53 -49.25 -101.96
C VAL Y 98 -25.57 -50.77 -101.87
N TYR Y 99 -26.78 -51.32 -101.70
CA TYR Y 99 -27.00 -52.75 -101.59
C TYR Y 99 -28.19 -53.14 -102.44
N ASN Y 100 -28.42 -54.45 -102.54
CA ASN Y 100 -29.58 -54.97 -103.23
C ASN Y 100 -30.74 -55.05 -102.24
N SER Y 101 -31.95 -54.77 -102.73
CA SER Y 101 -33.13 -54.81 -101.87
C SER Y 101 -33.37 -56.19 -101.31
N THR Y 102 -33.26 -57.23 -102.16
CA THR Y 102 -33.49 -58.59 -101.70
C THR Y 102 -32.45 -59.01 -100.66
N THR Y 103 -31.18 -58.67 -100.90
CA THR Y 103 -30.12 -59.02 -99.97
C THR Y 103 -30.30 -58.30 -98.64
N LEU Y 104 -30.71 -57.03 -98.69
CA LEU Y 104 -30.99 -56.30 -97.46
C LEU Y 104 -32.20 -56.88 -96.74
N ASP Y 105 -33.18 -57.39 -97.50
CA ASP Y 105 -34.37 -57.98 -96.88
C ASP Y 105 -34.03 -59.28 -96.16
N ASN Y 106 -33.22 -60.15 -96.80
CA ASN Y 106 -32.83 -61.41 -96.18
C ASN Y 106 -31.49 -61.32 -95.43
N LEU Y 107 -31.04 -60.11 -95.11
CA LEU Y 107 -29.86 -59.88 -94.27
C LEU Y 107 -28.59 -60.42 -94.91
N ASP Y 108 -28.51 -60.40 -96.24
CA ASP Y 108 -27.29 -60.80 -96.93
C ASP Y 108 -26.36 -59.61 -97.14
N TYR Y 109 -26.93 -58.46 -97.50
CA TYR Y 109 -26.20 -57.21 -97.66
C TYR Y 109 -25.08 -57.37 -98.70
N THR Y 110 -25.49 -57.67 -99.92
CA THR Y 110 -24.51 -57.76 -101.01
C THR Y 110 -24.27 -56.36 -101.56
N PRO Y 111 -23.06 -55.84 -101.45
CA PRO Y 111 -22.81 -54.47 -101.93
C PRO Y 111 -22.78 -54.40 -103.45
N ILE Y 112 -23.06 -53.20 -103.95
CA ILE Y 112 -22.97 -52.91 -105.38
C ILE Y 112 -21.74 -52.05 -105.56
N SER Y 113 -20.68 -52.64 -106.10
CA SER Y 113 -19.37 -51.98 -106.21
C SER Y 113 -19.35 -51.13 -107.48
N TYR Y 114 -19.84 -49.90 -107.36
CA TYR Y 114 -19.82 -48.94 -108.45
C TYR Y 114 -19.44 -47.58 -107.88
N PRO Y 115 -18.77 -46.74 -108.66
CA PRO Y 115 -18.40 -45.41 -108.19
C PRO Y 115 -19.63 -44.58 -107.84
N LEU Y 116 -19.49 -43.75 -106.81
CA LEU Y 116 -20.56 -42.90 -106.33
C LEU Y 116 -20.05 -41.47 -106.20
N ASP Y 117 -20.93 -40.51 -106.46
CA ASP Y 117 -20.60 -39.11 -106.31
C ASP Y 117 -20.42 -38.79 -104.83
N PRO Y 118 -19.65 -37.75 -104.50
CA PRO Y 118 -19.53 -37.35 -103.11
C PRO Y 118 -20.88 -37.01 -102.51
N ILE Y 119 -21.07 -37.42 -101.26
CA ILE Y 119 -22.35 -37.31 -100.58
C ILE Y 119 -22.25 -36.27 -99.47
N THR Y 120 -23.30 -35.47 -99.33
CA THR Y 120 -23.40 -34.48 -98.27
C THR Y 120 -24.21 -35.07 -97.13
N VAL Y 121 -23.68 -35.00 -95.91
CA VAL Y 121 -24.32 -35.57 -94.73
C VAL Y 121 -24.57 -34.45 -93.73
N SER Y 122 -25.71 -34.53 -93.06
CA SER Y 122 -26.08 -33.56 -92.05
C SER Y 122 -26.41 -34.28 -90.75
N TYR Y 123 -26.16 -33.60 -89.64
CA TYR Y 123 -26.38 -34.19 -88.31
C TYR Y 123 -27.56 -33.52 -87.62
N SER Y 124 -28.35 -34.33 -86.91
CA SER Y 124 -29.52 -33.77 -86.22
C SER Y 124 -29.14 -32.86 -85.07
N PHE Y 125 -28.02 -33.14 -84.38
CA PHE Y 125 -27.64 -32.33 -83.24
C PHE Y 125 -26.97 -31.03 -83.69
N PRO Y 126 -27.13 -29.96 -82.91
CA PRO Y 126 -26.46 -28.70 -83.26
C PRO Y 126 -24.96 -28.76 -82.99
N SER Y 127 -24.18 -28.45 -84.03
CA SER Y 127 -22.73 -28.43 -83.92
C SER Y 127 -22.16 -27.57 -85.04
N ASP Y 128 -20.91 -27.16 -84.86
CA ASP Y 128 -20.24 -26.39 -85.90
C ASP Y 128 -20.05 -27.21 -87.17
N PHE Y 129 -19.68 -28.48 -87.01
CA PHE Y 129 -19.51 -29.40 -88.13
C PHE Y 129 -20.79 -30.22 -88.32
N ILE Y 130 -21.88 -29.50 -88.59
CA ILE Y 130 -23.18 -30.13 -88.77
C ILE Y 130 -23.43 -30.59 -90.21
N VAL Y 131 -22.70 -30.03 -91.18
CA VAL Y 131 -22.82 -30.40 -92.59
C VAL Y 131 -21.43 -30.83 -93.07
N ASP Y 132 -21.25 -32.13 -93.25
CA ASP Y 132 -19.99 -32.69 -93.73
C ASP Y 132 -20.17 -33.25 -95.14
N THR Y 133 -19.05 -33.56 -95.78
CA THR Y 133 -19.03 -34.14 -97.11
C THR Y 133 -18.08 -35.33 -97.13
N ILE Y 134 -18.52 -36.42 -97.74
CA ILE Y 134 -17.73 -37.65 -97.82
C ILE Y 134 -17.60 -38.01 -99.29
N GLU Y 135 -16.36 -38.09 -99.78
CA GLU Y 135 -16.13 -38.43 -101.17
C GLU Y 135 -16.40 -39.90 -101.43
N ARG Y 136 -15.89 -40.77 -100.56
CA ARG Y 136 -16.06 -42.22 -100.69
C ARG Y 136 -16.84 -42.75 -99.49
N PRO Y 137 -18.13 -43.01 -99.62
CA PRO Y 137 -18.91 -43.51 -98.49
C PRO Y 137 -18.38 -44.84 -97.96
N SER Y 138 -18.00 -44.84 -96.69
CA SER Y 138 -17.47 -46.03 -96.04
C SER Y 138 -17.75 -45.93 -94.55
N LEU Y 139 -17.64 -47.08 -93.87
CA LEU Y 139 -17.87 -47.11 -92.43
C LEU Y 139 -16.84 -46.28 -91.68
N SER Y 140 -15.57 -46.37 -92.09
CA SER Y 140 -14.52 -45.61 -91.43
C SER Y 140 -14.74 -44.11 -91.63
N SER Y 141 -15.11 -43.71 -92.85
CA SER Y 141 -15.37 -42.29 -93.10
C SER Y 141 -16.56 -41.79 -92.30
N MET Y 142 -17.62 -42.59 -92.21
CA MET Y 142 -18.78 -42.18 -91.41
C MET Y 142 -18.42 -42.06 -89.93
N ARG Y 143 -17.64 -43.01 -89.41
CA ARG Y 143 -17.22 -42.94 -88.01
C ARG Y 143 -16.35 -41.73 -87.75
N ALA Y 144 -15.39 -41.45 -88.64
CA ALA Y 144 -14.52 -40.30 -88.47
C ALA Y 144 -15.30 -38.99 -88.55
N SER Y 145 -16.26 -38.90 -89.48
CA SER Y 145 -17.08 -37.70 -89.58
C SER Y 145 -17.91 -37.50 -88.33
N VAL Y 146 -18.49 -38.57 -87.78
CA VAL Y 146 -19.26 -38.46 -86.54
C VAL Y 146 -18.37 -38.01 -85.40
N PHE Y 147 -17.16 -38.58 -85.31
CA PHE Y 147 -16.23 -38.20 -84.25
C PHE Y 147 -15.87 -36.72 -84.33
N LYS Y 148 -15.52 -36.24 -85.53
CA LYS Y 148 -15.16 -34.83 -85.70
C LYS Y 148 -16.34 -33.91 -85.42
N ALA Y 149 -17.54 -34.28 -85.90
CA ALA Y 149 -18.72 -33.45 -85.69
C ALA Y 149 -19.06 -33.33 -84.22
N MET Y 150 -18.96 -34.44 -83.47
CA MET Y 150 -19.32 -34.40 -82.07
C MET Y 150 -18.21 -33.84 -81.19
N ARG Y 151 -16.97 -33.78 -81.69
CA ARG Y 151 -15.91 -33.09 -80.98
C ARG Y 151 -15.75 -31.64 -81.41
N ALA Y 152 -16.52 -31.18 -82.38
CA ALA Y 152 -16.41 -29.78 -82.81
C ALA Y 152 -17.02 -28.85 -81.78
N ALA Y 153 -16.83 -27.55 -82.00
CA ALA Y 153 -17.33 -26.53 -81.10
C ALA Y 153 -18.84 -26.37 -81.24
N ASN Y 154 -19.46 -25.77 -80.23
CA ASN Y 154 -20.90 -25.52 -80.19
C ASN Y 154 -21.70 -26.82 -80.34
N PHE Y 155 -21.19 -27.90 -79.75
CA PHE Y 155 -21.88 -29.18 -79.77
C PHE Y 155 -22.72 -29.33 -78.51
N SER Y 156 -23.95 -29.80 -78.69
CA SER Y 156 -24.88 -29.97 -77.58
C SER Y 156 -25.59 -31.30 -77.76
N GLY Y 157 -25.36 -32.21 -76.82
CA GLY Y 157 -26.09 -33.46 -76.77
C GLY Y 157 -27.23 -33.36 -75.78
N GLU Y 158 -27.58 -32.12 -75.42
CA GLU Y 158 -28.60 -31.90 -74.40
C GLU Y 158 -29.97 -32.40 -74.87
N GLN Y 159 -30.30 -32.19 -76.15
CA GLN Y 159 -31.60 -32.56 -76.68
C GLN Y 159 -31.45 -33.84 -77.51
N SER Y 160 -32.32 -34.81 -77.24
CA SER Y 160 -32.36 -36.05 -77.98
C SER Y 160 -33.43 -35.96 -79.07
N LEU Y 161 -33.65 -37.07 -79.76
CA LEU Y 161 -34.61 -37.13 -80.86
C LEU Y 161 -35.83 -37.95 -80.53
N ALA Y 162 -35.68 -39.11 -79.91
CA ALA Y 162 -36.86 -39.89 -79.57
C ALA Y 162 -36.59 -40.71 -78.32
N PHE Y 163 -37.66 -41.07 -77.62
CA PHE Y 163 -37.55 -41.86 -76.40
C PHE Y 163 -38.83 -42.66 -76.23
N ASP Y 164 -38.74 -43.96 -76.45
CA ASP Y 164 -39.87 -44.88 -76.31
C ASP Y 164 -39.66 -45.74 -75.08
N TYR Y 165 -40.70 -45.83 -74.24
CA TYR Y 165 -40.67 -46.64 -73.04
C TYR Y 165 -41.93 -47.50 -72.98
N ASN Y 166 -41.77 -48.70 -72.41
CA ASN Y 166 -42.90 -49.60 -72.28
C ASN Y 166 -42.61 -50.58 -71.16
N ILE Y 167 -43.53 -50.69 -70.20
CA ILE Y 167 -43.38 -51.62 -69.09
C ILE Y 167 -44.68 -52.36 -68.89
N LYS Y 168 -44.59 -53.64 -68.52
CA LYS Y 168 -45.75 -54.48 -68.26
C LYS Y 168 -45.47 -55.26 -66.98
N GLN Y 169 -46.23 -54.97 -65.94
CA GLN Y 169 -46.13 -55.64 -64.66
C GLN Y 169 -47.35 -56.50 -64.44
N PHE Y 170 -47.15 -57.75 -64.03
CA PHE Y 170 -48.25 -58.67 -63.80
C PHE Y 170 -47.91 -59.51 -62.57
N SER Y 171 -48.96 -59.86 -61.82
CA SER Y 171 -48.76 -60.62 -60.58
C SER Y 171 -50.02 -61.41 -60.28
N TYR Y 172 -49.93 -62.73 -60.36
CA TYR Y 172 -51.01 -63.62 -59.97
C TYR Y 172 -50.85 -64.05 -58.52
N TYR Y 173 -51.92 -64.58 -57.95
CA TYR Y 173 -51.92 -65.10 -56.59
C TYR Y 173 -52.98 -66.19 -56.49
N SER Y 174 -52.71 -67.19 -55.65
CA SER Y 174 -53.67 -68.26 -55.43
C SER Y 174 -53.45 -68.82 -54.04
N GLU Y 175 -54.55 -69.08 -53.33
CA GLU Y 175 -54.46 -69.58 -51.96
C GLU Y 175 -55.64 -70.49 -51.67
N LEU Y 176 -55.35 -71.74 -51.33
CA LEU Y 176 -56.35 -72.73 -50.93
C LEU Y 176 -56.05 -73.16 -49.50
N LYS Y 177 -57.10 -73.25 -48.68
CA LYS Y 177 -56.98 -73.59 -47.26
C LYS Y 177 -58.00 -74.66 -46.88
N ILE Y 178 -58.04 -75.74 -47.66
CA ILE Y 178 -59.03 -76.80 -47.43
C ILE Y 178 -58.74 -77.49 -46.11
N ALA Y 179 -59.78 -77.67 -45.29
CA ALA Y 179 -59.64 -78.34 -44.01
C ALA Y 179 -60.79 -79.31 -43.81
N PHE Y 180 -60.56 -80.33 -42.99
CA PHE Y 180 -61.57 -81.33 -42.72
C PHE Y 180 -61.55 -81.74 -41.24
N ILE Y 194 -59.86 -88.43 -36.90
CA ILE Y 194 -59.53 -88.18 -38.30
C ILE Y 194 -59.58 -86.68 -38.59
N SER Y 195 -58.50 -86.16 -39.14
CA SER Y 195 -58.40 -84.74 -39.48
C SER Y 195 -57.75 -84.63 -40.85
N GLY Y 196 -57.41 -83.41 -41.25
CA GLY Y 196 -56.77 -83.18 -42.53
C GLY Y 196 -56.76 -81.72 -42.95
N SER Y 197 -55.65 -81.27 -43.53
CA SER Y 197 -55.52 -79.90 -43.98
C SER Y 197 -54.68 -79.87 -45.26
N ASN Y 198 -55.00 -78.91 -46.12
CA ASN Y 198 -54.30 -78.72 -47.39
C ASN Y 198 -54.21 -77.22 -47.64
N ASN Y 199 -53.00 -76.67 -47.50
CA ASN Y 199 -52.71 -75.26 -47.73
C ASN Y 199 -51.83 -75.15 -48.98
N LYS Y 200 -52.39 -74.56 -50.03
CA LYS Y 200 -51.68 -74.37 -51.29
C LYS Y 200 -51.56 -72.88 -51.58
N ILE Y 201 -50.34 -72.44 -51.88
CA ILE Y 201 -50.06 -71.04 -52.19
C ILE Y 201 -49.31 -70.99 -53.51
N LYS Y 202 -49.76 -70.13 -54.42
CA LYS Y 202 -49.14 -69.96 -55.73
C LYS Y 202 -48.93 -68.48 -56.02
N ARG Y 203 -47.75 -68.13 -56.50
CA ARG Y 203 -47.42 -66.75 -56.84
C ARG Y 203 -46.68 -66.76 -58.17
N THR Y 204 -46.95 -65.74 -58.99
CA THR Y 204 -46.29 -65.62 -60.29
C THR Y 204 -46.20 -64.14 -60.62
N THR Y 205 -44.99 -63.60 -60.61
CA THR Y 205 -44.73 -62.19 -60.86
C THR Y 205 -43.89 -62.02 -62.11
N GLY Y 206 -44.19 -60.99 -62.91
CA GLY Y 206 -43.44 -60.74 -64.12
C GLY Y 206 -43.41 -59.28 -64.54
N VAL Y 207 -42.21 -58.76 -64.77
CA VAL Y 207 -42.01 -57.39 -65.24
C VAL Y 207 -41.23 -57.44 -66.54
N PHE Y 208 -41.83 -56.92 -67.61
CA PHE Y 208 -41.16 -56.84 -68.91
C PHE Y 208 -41.05 -55.38 -69.32
N ALA Y 209 -39.84 -54.94 -69.64
CA ALA Y 209 -39.62 -53.53 -69.96
C ALA Y 209 -38.78 -53.41 -71.23
N LYS Y 210 -39.22 -52.53 -72.12
CA LYS Y 210 -38.49 -52.21 -73.34
C LYS Y 210 -38.33 -50.70 -73.43
N PHE Y 211 -37.13 -50.27 -73.78
CA PHE Y 211 -36.83 -48.84 -73.88
C PHE Y 211 -35.88 -48.62 -75.04
N THR Y 212 -36.14 -47.56 -75.79
CA THR Y 212 -35.24 -47.14 -76.86
C THR Y 212 -35.09 -45.63 -76.81
N GLN Y 213 -33.89 -45.16 -77.13
CA GLN Y 213 -33.62 -43.73 -77.17
C GLN Y 213 -32.88 -43.46 -78.46
N LYS Y 214 -33.32 -42.43 -79.19
CA LYS Y 214 -32.68 -42.01 -80.43
C LYS Y 214 -31.99 -40.69 -80.14
N ASN Y 215 -30.68 -40.77 -79.89
CA ASN Y 215 -29.89 -39.58 -79.58
C ASN Y 215 -29.82 -38.64 -80.78
N PHE Y 216 -29.48 -39.17 -81.95
CA PHE Y 216 -29.40 -38.32 -83.14
C PHE Y 216 -29.38 -39.20 -84.38
N THR Y 217 -29.46 -38.55 -85.53
CA THR Y 217 -29.30 -39.25 -86.81
C THR Y 217 -28.39 -38.44 -87.72
N ILE Y 218 -27.70 -39.17 -88.59
CA ILE Y 218 -26.94 -38.58 -89.68
C ILE Y 218 -27.69 -38.91 -90.96
N ASP Y 219 -28.03 -37.88 -91.71
CA ASP Y 219 -28.86 -37.99 -92.91
C ASP Y 219 -28.04 -37.64 -94.14
N MET Y 220 -28.49 -38.16 -95.28
CA MET Y 220 -27.83 -37.96 -96.55
C MET Y 220 -28.69 -37.09 -97.45
N ASP Y 221 -28.07 -36.13 -98.11
CA ASP Y 221 -28.78 -35.23 -99.00
C ASP Y 221 -29.07 -35.92 -100.33
N LEU Y 222 -30.17 -35.52 -100.96
CA LEU Y 222 -30.51 -36.04 -102.27
C LEU Y 222 -29.49 -35.56 -103.29
N PRO Y 223 -29.10 -36.40 -104.25
CA PRO Y 223 -28.10 -36.00 -105.24
C PRO Y 223 -28.58 -34.82 -106.08
N ALA Y 224 -27.64 -33.93 -106.40
CA ALA Y 224 -27.96 -32.79 -107.26
C ALA Y 224 -28.32 -33.26 -108.67
N ASP Y 225 -27.59 -34.24 -109.20
CA ASP Y 225 -27.86 -34.79 -110.52
C ASP Y 225 -29.07 -35.70 -110.54
N GLY Y 226 -29.56 -36.12 -109.38
CA GLY Y 226 -30.68 -37.02 -109.29
C GLY Y 226 -30.31 -38.48 -109.25
N ASN Y 227 -29.02 -38.80 -109.39
CA ASN Y 227 -28.53 -40.17 -109.33
C ASN Y 227 -27.31 -40.20 -108.42
N ILE Y 228 -27.26 -41.22 -107.56
CA ILE Y 228 -26.13 -41.35 -106.63
C ILE Y 228 -24.87 -41.78 -107.36
N PHE Y 229 -25.00 -42.47 -108.49
CA PHE Y 229 -23.85 -42.97 -109.21
C PHE Y 229 -23.12 -41.85 -109.94
N LYS Y 230 -21.79 -41.94 -109.95
CA LYS Y 230 -20.98 -40.91 -110.61
C LYS Y 230 -21.09 -41.00 -112.13
N ASN Y 231 -21.01 -42.21 -112.68
CA ASN Y 231 -21.05 -42.36 -114.14
C ASN Y 231 -22.45 -42.16 -114.72
N ASN Y 232 -23.49 -42.31 -113.91
CA ASN Y 232 -24.90 -42.18 -114.27
C ASN Y 232 -25.39 -43.28 -115.21
N SER Y 233 -24.50 -44.18 -115.64
CA SER Y 233 -24.89 -45.35 -116.42
C SER Y 233 -24.97 -46.61 -115.58
N ASP Y 234 -24.37 -46.59 -114.38
CA ASP Y 234 -24.47 -47.74 -113.50
C ASP Y 234 -25.91 -47.99 -113.07
N LEU Y 235 -26.75 -46.95 -113.04
CA LEU Y 235 -28.16 -47.16 -112.71
C LEU Y 235 -28.82 -48.07 -113.72
N ALA Y 236 -28.53 -47.89 -115.01
CA ALA Y 236 -29.02 -48.82 -116.02
C ALA Y 236 -28.25 -50.13 -116.00
N LEU Y 237 -27.00 -50.11 -115.53
CA LEU Y 237 -26.20 -51.33 -115.47
C LEU Y 237 -26.76 -52.32 -114.45
N THR Y 238 -27.24 -51.83 -113.31
CA THR Y 238 -27.79 -52.69 -112.27
C THR Y 238 -29.29 -52.90 -112.39
N ASN Y 239 -29.84 -52.85 -113.60
CA ASN Y 239 -31.25 -53.20 -113.79
C ASN Y 239 -31.50 -54.64 -113.37
N GLY Y 240 -32.52 -54.83 -112.54
CA GLY Y 240 -32.80 -56.13 -111.97
C GLY Y 240 -32.07 -56.42 -110.66
N LYS Y 241 -31.11 -55.58 -110.29
CA LYS Y 241 -30.40 -55.75 -109.03
C LYS Y 241 -31.02 -54.95 -107.89
N ASN Y 242 -32.06 -54.16 -108.16
CA ASN Y 242 -32.76 -53.36 -107.17
C ASN Y 242 -31.79 -52.50 -106.38
N PRO Y 243 -31.20 -51.47 -106.98
CA PRO Y 243 -30.22 -50.66 -106.25
C PRO Y 243 -30.89 -49.82 -105.18
N VAL Y 244 -30.43 -49.99 -103.94
CA VAL Y 244 -30.95 -49.27 -102.79
C VAL Y 244 -29.77 -48.84 -101.93
N TYR Y 245 -29.76 -47.57 -101.53
CA TYR Y 245 -28.66 -47.03 -100.75
C TYR Y 245 -29.17 -46.48 -99.42
N ILE Y 246 -28.40 -46.72 -98.36
CA ILE Y 246 -28.77 -46.20 -97.06
C ILE Y 246 -28.53 -44.70 -97.02
N SER Y 247 -29.54 -43.95 -96.56
CA SER Y 247 -29.49 -42.51 -96.53
C SER Y 247 -29.64 -41.91 -95.14
N SER Y 248 -29.80 -42.73 -94.10
CA SER Y 248 -29.96 -42.20 -92.75
C SER Y 248 -29.54 -43.27 -91.76
N VAL Y 249 -28.76 -42.87 -90.76
CA VAL Y 249 -28.32 -43.76 -89.69
C VAL Y 249 -28.66 -43.12 -88.35
N THR Y 250 -29.32 -43.86 -87.47
CA THR Y 250 -29.76 -43.36 -86.17
C THR Y 250 -28.85 -43.92 -85.08
N TYR Y 251 -28.27 -43.02 -84.30
CA TYR Y 251 -27.45 -43.37 -83.14
C TYR Y 251 -28.28 -43.20 -81.88
N GLY Y 252 -28.26 -44.23 -81.03
CA GLY Y 252 -29.02 -44.21 -79.80
C GLY Y 252 -28.72 -45.42 -78.95
N ARG Y 253 -29.62 -45.69 -78.00
CA ARG Y 253 -29.46 -46.79 -77.05
C ARG Y 253 -30.71 -47.66 -77.05
N LEU Y 254 -30.50 -48.93 -76.71
CA LEU Y 254 -31.58 -49.91 -76.62
C LEU Y 254 -31.48 -50.62 -75.28
N GLY Y 255 -32.63 -51.03 -74.74
CA GLY Y 255 -32.63 -51.76 -73.50
C GLY Y 255 -33.87 -52.61 -73.29
N ILE Y 256 -33.69 -53.89 -72.99
CA ILE Y 256 -34.80 -54.81 -72.73
C ILE Y 256 -34.50 -55.57 -71.45
N ILE Y 257 -35.50 -55.66 -70.58
CA ILE Y 257 -35.37 -56.43 -69.34
C ILE Y 257 -36.61 -57.29 -69.18
N SER Y 258 -36.45 -58.40 -68.49
CA SER Y 258 -37.55 -59.33 -68.26
C SER Y 258 -37.26 -60.11 -66.99
N ILE Y 259 -38.04 -59.86 -65.94
CA ILE Y 259 -37.89 -60.50 -64.65
C ILE Y 259 -39.13 -61.34 -64.38
N GLU Y 260 -38.93 -62.62 -64.11
CA GLU Y 260 -40.02 -63.54 -63.79
C GLU Y 260 -39.74 -64.25 -62.48
N SER Y 261 -40.80 -64.59 -61.76
CA SER Y 261 -40.67 -65.26 -60.48
C SER Y 261 -41.89 -66.14 -60.25
N ASN Y 262 -41.66 -67.32 -59.69
CA ASN Y 262 -42.71 -68.28 -59.38
C ASN Y 262 -42.50 -68.84 -57.99
N ALA Y 263 -43.59 -69.02 -57.25
CA ALA Y 263 -43.54 -69.54 -55.89
C ALA Y 263 -44.68 -70.52 -55.70
N SER Y 264 -44.39 -71.65 -55.05
CA SER Y 264 -45.37 -72.69 -54.79
C SER Y 264 -45.18 -73.22 -53.38
N TYR Y 265 -46.29 -73.44 -52.68
CA TYR Y 265 -46.33 -73.95 -51.32
C TYR Y 265 -47.43 -74.99 -51.23
N ASN Y 266 -47.10 -76.17 -50.72
CA ASN Y 266 -48.01 -77.32 -50.78
C ASN Y 266 -48.10 -78.04 -49.43
N GLU Y 267 -48.36 -77.29 -48.37
CA GLU Y 267 -48.47 -77.90 -47.04
C GLU Y 267 -49.68 -78.83 -46.96
N VAL Y 268 -49.46 -80.04 -46.45
CA VAL Y 268 -50.52 -81.03 -46.26
C VAL Y 268 -50.34 -81.67 -44.90
N ASN Y 269 -51.41 -81.71 -44.10
CA ASN Y 269 -51.39 -82.32 -42.78
C ASN Y 269 -52.48 -83.37 -42.67
N PHE Y 270 -52.21 -84.42 -41.90
CA PHE Y 270 -53.17 -85.49 -41.70
C PHE Y 270 -52.94 -86.15 -40.35
N ALA Y 271 -54.02 -86.37 -39.61
CA ALA Y 271 -53.94 -87.00 -38.30
C ALA Y 271 -55.08 -88.00 -38.14
N LEU Y 272 -54.81 -89.06 -37.38
CA LEU Y 272 -55.80 -90.11 -37.10
C LEU Y 272 -55.79 -90.42 -35.61
N LYS Y 273 -55.88 -89.38 -34.79
CA LYS Y 273 -55.89 -89.56 -33.34
C LYS Y 273 -57.22 -90.11 -32.87
N LEU Y 285 -54.02 -95.63 -31.47
CA LEU Y 285 -53.46 -95.21 -32.75
C LEU Y 285 -53.30 -93.70 -32.81
N ASN Y 286 -52.10 -93.25 -33.18
CA ASN Y 286 -51.74 -91.84 -33.26
C ASN Y 286 -51.02 -91.56 -34.58
N ILE Y 287 -51.59 -92.03 -35.68
CA ILE Y 287 -50.96 -91.86 -36.98
C ILE Y 287 -50.96 -90.39 -37.36
N ASP Y 288 -49.79 -89.89 -37.76
CA ASP Y 288 -49.63 -88.50 -38.17
C ASP Y 288 -48.85 -88.46 -39.48
N SER Y 289 -49.13 -87.43 -40.28
CA SER Y 289 -48.48 -87.29 -41.58
C SER Y 289 -48.41 -85.81 -41.94
N ASN Y 290 -47.28 -85.39 -42.50
CA ASN Y 290 -47.08 -84.02 -42.94
C ASN Y 290 -46.25 -84.01 -44.20
N SER Y 291 -46.58 -83.10 -45.11
CA SER Y 291 -45.90 -82.99 -46.40
C SER Y 291 -45.79 -81.51 -46.76
N LYS Y 292 -44.58 -80.98 -46.72
CA LYS Y 292 -44.31 -79.59 -47.06
C LYS Y 292 -43.48 -79.51 -48.32
N LYS Y 293 -43.89 -78.68 -49.27
CA LYS Y 293 -43.18 -78.52 -50.53
C LYS Y 293 -43.17 -77.06 -50.91
N ILE Y 294 -41.98 -76.48 -50.98
CA ILE Y 294 -41.78 -75.08 -51.38
C ILE Y 294 -40.91 -75.08 -52.62
N LEU Y 295 -41.42 -74.46 -53.69
CA LEU Y 295 -40.72 -74.36 -54.96
C LEU Y 295 -40.61 -72.90 -55.33
N GLU Y 296 -39.39 -72.41 -55.53
CA GLU Y 296 -39.15 -71.03 -55.91
C GLU Y 296 -38.29 -70.99 -57.16
N GLU Y 297 -38.75 -70.26 -58.17
CA GLU Y 297 -38.02 -70.08 -59.41
C GLU Y 297 -37.92 -68.61 -59.74
N SER Y 298 -36.79 -68.21 -60.32
CA SER Y 298 -36.54 -66.82 -60.68
C SER Y 298 -35.83 -66.77 -62.02
N ASP Y 299 -36.00 -65.64 -62.71
CA ASP Y 299 -35.37 -65.44 -64.01
C ASP Y 299 -35.23 -63.94 -64.24
N LEU Y 300 -34.14 -63.55 -64.89
CA LEU Y 300 -33.88 -62.14 -65.17
C LEU Y 300 -32.99 -62.04 -66.40
N SER Y 301 -33.55 -61.62 -67.52
CA SER Y 301 -32.83 -61.49 -68.78
C SER Y 301 -32.73 -60.01 -69.15
N VAL Y 302 -31.51 -59.56 -69.43
CA VAL Y 302 -31.25 -58.17 -69.78
C VAL Y 302 -30.50 -58.13 -71.12
N TYR Y 303 -30.84 -57.16 -71.96
CA TYR Y 303 -30.20 -56.94 -73.25
C TYR Y 303 -30.06 -55.45 -73.48
N LEU Y 304 -28.84 -54.94 -73.40
CA LEU Y 304 -28.58 -53.51 -73.59
C LEU Y 304 -27.68 -53.30 -74.80
N VAL Y 305 -28.00 -52.27 -75.58
CA VAL Y 305 -27.23 -51.90 -76.76
C VAL Y 305 -26.82 -50.45 -76.58
N GLY Y 306 -25.54 -50.23 -76.31
CA GLY Y 306 -25.02 -48.90 -76.13
C GLY Y 306 -25.21 -48.40 -74.70
N GLY Y 307 -24.93 -47.12 -74.53
CA GLY Y 307 -25.03 -46.50 -73.23
C GLY Y 307 -23.73 -46.58 -72.45
N ARG Y 308 -23.75 -45.93 -71.28
CA ARG Y 308 -22.59 -45.93 -70.40
C ARG Y 308 -22.33 -47.33 -69.86
N GLY Y 309 -21.08 -47.77 -69.93
CA GLY Y 309 -20.74 -49.12 -69.47
C GLY Y 309 -20.93 -49.29 -67.98
N THR Y 310 -20.54 -48.28 -67.20
CA THR Y 310 -20.66 -48.37 -65.74
C THR Y 310 -22.11 -48.52 -65.31
N ASP Y 311 -23.02 -47.77 -65.93
CA ASP Y 311 -24.44 -47.92 -65.60
C ASP Y 311 -25.02 -49.18 -66.21
N ALA Y 312 -24.48 -49.61 -67.35
CA ALA Y 312 -25.00 -50.81 -68.01
C ALA Y 312 -24.72 -52.06 -67.19
N VAL Y 313 -23.54 -52.15 -66.58
CA VAL Y 313 -23.21 -53.35 -65.82
C VAL Y 313 -23.91 -53.41 -64.47
N GLN Y 314 -24.56 -52.33 -64.05
CA GLN Y 314 -25.28 -52.30 -62.78
C GLN Y 314 -26.72 -52.80 -62.89
N VAL Y 315 -27.16 -53.15 -64.10
CA VAL Y 315 -28.53 -53.62 -64.29
C VAL Y 315 -28.69 -55.03 -63.75
N ILE Y 316 -27.58 -55.63 -63.31
CA ILE Y 316 -27.65 -56.98 -62.78
C ILE Y 316 -28.37 -57.05 -61.44
N LYS Y 317 -28.54 -55.90 -60.77
CA LYS Y 317 -29.16 -55.85 -59.46
C LYS Y 317 -30.67 -55.60 -59.56
N GLY Y 318 -31.35 -56.52 -60.25
CA GLY Y 318 -32.79 -56.43 -60.39
C GLY Y 318 -33.25 -55.23 -61.20
N PHE Y 319 -34.47 -54.78 -60.92
CA PHE Y 319 -35.02 -53.59 -61.57
C PHE Y 319 -34.63 -52.31 -60.85
N ALA Y 320 -33.35 -52.15 -60.61
CA ALA Y 320 -32.78 -50.94 -60.03
C ALA Y 320 -31.71 -50.38 -60.93
N GLY Y 321 -30.86 -51.25 -61.47
CA GLY Y 321 -29.90 -50.82 -62.47
C GLY Y 321 -30.59 -50.40 -63.75
N PHE Y 322 -31.64 -51.13 -64.14
CA PHE Y 322 -32.45 -50.70 -65.26
C PHE Y 322 -33.49 -49.71 -64.78
N SER Y 323 -33.06 -48.77 -63.93
CA SER Y 323 -33.78 -47.55 -63.60
C SER Y 323 -32.84 -46.37 -63.50
N ASN Y 324 -31.53 -46.60 -63.40
CA ASN Y 324 -30.53 -45.56 -63.48
C ASN Y 324 -29.75 -45.61 -64.78
N PHE Y 325 -29.69 -46.77 -65.43
CA PHE Y 325 -29.05 -46.84 -66.74
C PHE Y 325 -29.77 -45.93 -67.72
N ILE Y 326 -31.06 -45.69 -67.50
CA ILE Y 326 -31.84 -44.82 -68.37
C ILE Y 326 -31.72 -43.37 -67.92
N VAL Y 327 -31.82 -43.11 -66.61
CA VAL Y 327 -31.83 -41.72 -66.14
C VAL Y 327 -30.46 -41.09 -66.04
N ASN Y 328 -29.39 -41.88 -66.14
CA ASN Y 328 -28.04 -41.35 -66.09
C ASN Y 328 -27.40 -41.23 -67.48
N GLY Y 329 -28.18 -41.41 -68.54
CA GLY Y 329 -27.66 -41.30 -69.88
C GLY Y 329 -28.60 -40.60 -70.84
N GLY Y 330 -29.46 -39.74 -70.30
CA GLY Y 330 -30.38 -39.01 -71.15
C GLY Y 330 -29.69 -38.06 -72.11
N GLN Y 331 -28.70 -37.33 -71.62
CA GLN Y 331 -27.92 -36.44 -72.46
C GLN Y 331 -26.70 -37.19 -72.97
N PHE Y 332 -26.57 -37.28 -74.30
CA PHE Y 332 -25.46 -38.00 -74.88
C PHE Y 332 -24.26 -37.08 -75.03
N THR Y 333 -23.14 -37.52 -74.49
CA THR Y 333 -21.87 -36.82 -74.43
C THR Y 333 -20.99 -37.28 -75.57
N PRO Y 334 -19.97 -36.50 -75.96
CA PRO Y 334 -19.08 -36.99 -77.02
C PRO Y 334 -18.25 -38.18 -76.58
N GLU Y 335 -18.11 -38.43 -75.28
CA GLU Y 335 -17.51 -39.67 -74.81
C GLU Y 335 -18.44 -40.86 -74.98
N ALA Y 336 -19.75 -40.63 -75.09
CA ALA Y 336 -20.75 -41.69 -75.27
C ALA Y 336 -21.64 -41.30 -76.44
N PRO Y 337 -21.15 -41.41 -77.67
CA PRO Y 337 -21.94 -40.97 -78.83
C PRO Y 337 -23.20 -41.78 -79.08
N GLY Y 338 -23.28 -43.01 -78.59
CA GLY Y 338 -24.39 -43.87 -78.90
C GLY Y 338 -24.02 -44.89 -79.96
N VAL Y 339 -24.94 -45.81 -80.22
CA VAL Y 339 -24.71 -46.91 -81.13
C VAL Y 339 -25.70 -46.84 -82.29
N PRO Y 340 -25.28 -47.07 -83.52
CA PRO Y 340 -26.25 -47.15 -84.63
C PRO Y 340 -27.26 -48.24 -84.37
N ILE Y 341 -28.52 -47.84 -84.20
CA ILE Y 341 -29.59 -48.75 -83.84
C ILE Y 341 -30.60 -48.90 -84.97
N TYR Y 342 -30.88 -47.83 -85.71
CA TYR Y 342 -31.81 -47.85 -86.81
C TYR Y 342 -31.19 -47.17 -88.02
N PHE Y 343 -31.67 -47.55 -89.20
CA PHE Y 343 -31.21 -46.91 -90.42
C PHE Y 343 -32.32 -46.95 -91.45
N SER Y 344 -32.24 -46.03 -92.40
CA SER Y 344 -33.24 -45.91 -93.45
C SER Y 344 -32.54 -45.91 -94.80
N ALA Y 345 -33.19 -46.50 -95.78
CA ALA Y 345 -32.63 -46.62 -97.12
C ALA Y 345 -33.63 -46.13 -98.15
N SER Y 346 -33.12 -45.73 -99.31
CA SER Y 346 -33.93 -45.21 -100.38
C SER Y 346 -33.51 -45.84 -101.70
N HIS Y 347 -34.46 -45.92 -102.63
CA HIS Y 347 -34.19 -46.46 -103.95
C HIS Y 347 -33.24 -45.55 -104.72
N ALA Y 348 -32.41 -46.16 -105.57
CA ALA Y 348 -31.46 -45.41 -106.37
C ALA Y 348 -32.03 -44.99 -107.71
N SER Y 349 -33.21 -45.49 -108.09
CA SER Y 349 -33.78 -45.15 -109.38
C SER Y 349 -34.51 -43.81 -109.34
N ASP Y 350 -35.54 -43.71 -108.50
CA ASP Y 350 -36.31 -42.48 -108.39
C ASP Y 350 -36.06 -41.75 -107.08
N ASN Y 351 -35.07 -42.19 -106.30
CA ASN Y 351 -34.74 -41.59 -105.02
C ASN Y 351 -35.92 -41.62 -104.04
N SER Y 352 -36.80 -42.60 -104.20
CA SER Y 352 -37.97 -42.74 -103.35
C SER Y 352 -37.61 -43.51 -102.08
N VAL Y 353 -38.49 -43.41 -101.09
CA VAL Y 353 -38.26 -44.08 -99.82
C VAL Y 353 -38.46 -45.58 -99.98
N TYR Y 354 -37.48 -46.35 -99.54
CA TYR Y 354 -37.53 -47.80 -99.65
C TYR Y 354 -38.23 -48.38 -98.43
N TYR Y 355 -39.23 -49.23 -98.66
CA TYR Y 355 -39.99 -49.87 -97.60
C TYR Y 355 -39.75 -51.37 -97.66
N THR Y 356 -39.36 -51.95 -96.53
CA THR Y 356 -39.10 -53.38 -96.42
C THR Y 356 -40.22 -54.06 -95.64
N THR Y 357 -40.45 -55.33 -95.96
CA THR Y 357 -41.49 -56.10 -95.28
C THR Y 357 -40.88 -57.11 -94.31
N THR Z 81 -28.36 -70.58 -88.61
CA THR Z 81 -27.48 -69.59 -89.22
C THR Z 81 -27.29 -68.38 -88.29
N SER Z 82 -26.04 -67.98 -88.11
CA SER Z 82 -25.70 -66.85 -87.27
C SER Z 82 -24.69 -65.96 -87.97
N ASP Z 83 -24.73 -64.67 -87.62
CA ASP Z 83 -23.83 -63.69 -88.20
C ASP Z 83 -22.52 -63.57 -87.45
N GLN Z 84 -22.56 -63.70 -86.13
CA GLN Z 84 -21.39 -63.59 -85.28
C GLN Z 84 -20.98 -64.98 -84.80
N ILE Z 85 -19.68 -65.29 -84.95
CA ILE Z 85 -19.13 -66.58 -84.58
C ILE Z 85 -18.26 -66.39 -83.35
N VAL Z 86 -18.46 -67.26 -82.36
CA VAL Z 86 -17.66 -67.20 -81.14
C VAL Z 86 -16.22 -67.56 -81.46
N VAL Z 87 -15.28 -66.81 -80.87
CA VAL Z 87 -13.87 -67.03 -81.16
C VAL Z 87 -13.44 -68.33 -80.49
N THR Z 88 -12.93 -69.27 -81.30
CA THR Z 88 -12.41 -70.53 -80.80
C THR Z 88 -10.91 -70.67 -81.01
N VAL Z 89 -10.37 -70.05 -82.05
CA VAL Z 89 -8.93 -70.07 -82.31
C VAL Z 89 -8.45 -68.62 -82.32
N PRO Z 90 -8.01 -68.09 -81.18
CA PRO Z 90 -7.55 -66.69 -81.15
C PRO Z 90 -6.38 -66.42 -82.07
N GLN Z 91 -5.52 -67.40 -82.30
CA GLN Z 91 -4.38 -67.19 -83.20
C GLN Z 91 -4.85 -66.89 -84.62
N LYS Z 92 -5.84 -67.63 -85.11
CA LYS Z 92 -6.30 -67.45 -86.47
C LYS Z 92 -7.44 -66.45 -86.59
N THR Z 93 -7.98 -65.97 -85.47
CA THR Z 93 -9.09 -65.03 -85.49
C THR Z 93 -8.52 -63.61 -85.45
N PHE Z 94 -8.17 -63.11 -86.63
CA PHE Z 94 -7.72 -61.74 -86.78
C PHE Z 94 -8.39 -61.14 -88.02
N ILE Z 95 -8.54 -59.82 -88.01
CA ILE Z 95 -9.20 -59.15 -89.11
C ILE Z 95 -8.37 -59.24 -90.38
N GLY Z 96 -9.04 -59.33 -91.51
CA GLY Z 96 -8.36 -59.41 -92.80
C GLY Z 96 -7.83 -60.78 -93.16
N GLY Z 97 -8.11 -61.81 -92.38
CA GLY Z 97 -7.64 -63.15 -92.68
C GLY Z 97 -8.63 -63.92 -93.52
N VAL Z 98 -8.12 -64.56 -94.58
CA VAL Z 98 -8.93 -65.31 -95.52
C VAL Z 98 -8.82 -66.79 -95.21
N TYR Z 99 -9.97 -67.46 -95.08
CA TYR Z 99 -10.03 -68.88 -94.79
C TYR Z 99 -11.08 -69.53 -95.68
N ASN Z 100 -11.14 -70.85 -95.60
CA ASN Z 100 -12.17 -71.62 -96.30
C ASN Z 100 -13.40 -71.71 -95.42
N SER Z 101 -14.58 -71.66 -96.06
CA SER Z 101 -15.83 -71.72 -95.31
C SER Z 101 -15.98 -73.05 -94.58
N THR Z 102 -15.66 -74.15 -95.25
CA THR Z 102 -15.77 -75.46 -94.61
C THR Z 102 -14.81 -75.60 -93.44
N THR Z 103 -13.57 -75.14 -93.62
CA THR Z 103 -12.58 -75.23 -92.55
C THR Z 103 -12.98 -74.36 -91.36
N LEU Z 104 -13.52 -73.17 -91.63
CA LEU Z 104 -14.01 -72.33 -90.55
C LEU Z 104 -15.22 -72.95 -89.86
N ASP Z 105 -16.05 -73.67 -90.62
CA ASP Z 105 -17.21 -74.33 -90.04
C ASP Z 105 -16.80 -75.47 -89.10
N ASN Z 106 -15.85 -76.30 -89.53
CA ASN Z 106 -15.38 -77.40 -88.71
C ASN Z 106 -14.16 -77.06 -87.87
N LEU Z 107 -13.89 -75.76 -87.69
CA LEU Z 107 -12.84 -75.27 -86.79
C LEU Z 107 -11.44 -75.73 -87.23
N ASP Z 108 -11.23 -75.88 -88.53
CA ASP Z 108 -9.91 -76.20 -89.05
C ASP Z 108 -9.10 -74.95 -89.35
N TYR Z 109 -9.76 -73.93 -89.92
CA TYR Z 109 -9.15 -72.64 -90.19
C TYR Z 109 -7.93 -72.79 -91.09
N THR Z 110 -8.16 -73.30 -92.29
CA THR Z 110 -7.09 -73.41 -93.26
C THR Z 110 -6.93 -72.08 -93.99
N PRO Z 111 -5.81 -71.40 -93.86
CA PRO Z 111 -5.66 -70.09 -94.50
C PRO Z 111 -5.49 -70.22 -96.00
N ILE Z 112 -5.85 -69.15 -96.69
CA ILE Z 112 -5.64 -69.03 -98.13
C ILE Z 112 -4.49 -68.05 -98.33
N SER Z 113 -3.33 -68.57 -98.69
CA SER Z 113 -2.10 -67.78 -98.77
C SER Z 113 -2.04 -67.11 -100.14
N TYR Z 114 -2.68 -65.95 -100.24
CA TYR Z 114 -2.65 -65.15 -101.46
C TYR Z 114 -2.49 -63.68 -101.06
N PRO Z 115 -1.84 -62.88 -101.91
CA PRO Z 115 -1.67 -61.46 -101.59
C PRO Z 115 -3.01 -60.76 -101.48
N LEU Z 116 -3.07 -59.79 -100.58
CA LEU Z 116 -4.28 -59.01 -100.32
C LEU Z 116 -3.95 -57.53 -100.36
N ASP Z 117 -4.91 -56.75 -100.83
CA ASP Z 117 -4.76 -55.30 -100.85
C ASP Z 117 -4.77 -54.77 -99.43
N PRO Z 118 -4.16 -53.60 -99.19
CA PRO Z 118 -4.23 -53.00 -97.86
C PRO Z 118 -5.67 -52.76 -97.44
N ILE Z 119 -5.95 -53.02 -96.16
CA ILE Z 119 -7.31 -52.99 -95.63
C ILE Z 119 -7.44 -51.80 -94.68
N THR Z 120 -8.57 -51.13 -94.75
CA THR Z 120 -8.90 -50.03 -93.85
C THR Z 120 -9.76 -50.57 -92.72
N VAL Z 121 -9.37 -50.26 -91.48
CA VAL Z 121 -10.05 -50.74 -90.29
C VAL Z 121 -10.53 -49.55 -89.49
N SER Z 122 -11.71 -49.67 -88.91
CA SER Z 122 -12.31 -48.63 -88.09
C SER Z 122 -12.67 -49.20 -86.73
N TYR Z 123 -12.63 -48.36 -85.71
CA TYR Z 123 -12.92 -48.78 -84.36
C TYR Z 123 -14.23 -48.18 -83.87
N SER Z 124 -15.00 -48.98 -83.12
CA SER Z 124 -16.29 -48.49 -82.64
C SER Z 124 -16.14 -47.40 -81.58
N PHE Z 125 -15.08 -47.44 -80.77
CA PHE Z 125 -14.91 -46.44 -79.73
C PHE Z 125 -14.35 -45.14 -80.31
N PRO Z 126 -14.71 -44.00 -79.71
CA PRO Z 126 -14.16 -42.72 -80.18
C PRO Z 126 -12.70 -42.55 -79.77
N SER Z 127 -11.85 -42.29 -80.76
CA SER Z 127 -10.43 -42.08 -80.53
C SER Z 127 -9.86 -41.32 -81.71
N ASP Z 128 -8.68 -40.72 -81.48
CA ASP Z 128 -7.99 -40.02 -82.56
C ASP Z 128 -7.58 -40.98 -83.68
N PHE Z 129 -7.08 -42.15 -83.30
CA PHE Z 129 -6.70 -43.18 -84.26
C PHE Z 129 -7.84 -44.17 -84.44
N ILE Z 130 -8.98 -43.64 -84.91
CA ILE Z 130 -10.17 -44.45 -85.11
C ILE Z 130 -10.21 -45.13 -86.48
N VAL Z 131 -9.46 -44.62 -87.46
CA VAL Z 131 -9.37 -45.17 -88.80
C VAL Z 131 -7.91 -45.50 -89.09
N ASP Z 132 -7.56 -46.77 -89.05
CA ASP Z 132 -6.21 -47.23 -89.34
C ASP Z 132 -6.18 -48.00 -90.66
N THR Z 133 -4.96 -48.23 -91.15
CA THR Z 133 -4.74 -48.98 -92.38
C THR Z 133 -3.67 -50.03 -92.13
N ILE Z 134 -3.90 -51.24 -92.62
CA ILE Z 134 -2.99 -52.36 -92.45
C ILE Z 134 -2.66 -52.91 -93.83
N GLU Z 135 -1.37 -52.88 -94.19
CA GLU Z 135 -0.96 -53.37 -95.50
C GLU Z 135 -1.03 -54.89 -95.56
N ARG Z 136 -0.52 -55.56 -94.53
CA ARG Z 136 -0.51 -57.02 -94.47
C ARG Z 136 -1.35 -57.48 -93.27
N PRO Z 137 -2.59 -57.92 -93.48
CA PRO Z 137 -3.42 -58.36 -92.36
C PRO Z 137 -2.79 -59.53 -91.60
N SER Z 138 -2.55 -59.32 -90.31
CA SER Z 138 -1.97 -60.32 -89.45
C SER Z 138 -2.40 -60.07 -88.01
N LEU Z 139 -2.25 -61.09 -87.17
CA LEU Z 139 -2.62 -60.96 -85.77
C LEU Z 139 -1.77 -59.91 -85.06
N SER Z 140 -0.47 -59.90 -85.34
CA SER Z 140 0.40 -58.92 -84.71
C SER Z 140 0.05 -57.51 -85.15
N SER Z 141 -0.24 -57.32 -86.43
CA SER Z 141 -0.63 -55.99 -86.92
C SER Z 141 -1.95 -55.55 -86.30
N MET Z 142 -2.91 -56.46 -86.18
CA MET Z 142 -4.18 -56.10 -85.55
C MET Z 142 -4.00 -55.73 -84.09
N ARG Z 143 -3.18 -56.49 -83.37
CA ARG Z 143 -2.92 -56.19 -81.96
C ARG Z 143 -2.22 -54.85 -81.81
N ALA Z 144 -1.22 -54.58 -82.65
CA ALA Z 144 -0.49 -53.31 -82.56
C ALA Z 144 -1.41 -52.14 -82.90
N SER Z 145 -2.27 -52.30 -83.91
CA SER Z 145 -3.20 -51.23 -84.26
C SER Z 145 -4.19 -50.96 -83.13
N VAL Z 146 -4.68 -52.02 -82.48
CA VAL Z 146 -5.58 -51.85 -81.36
C VAL Z 146 -4.88 -51.14 -80.21
N PHE Z 147 -3.63 -51.53 -79.93
CA PHE Z 147 -2.87 -50.90 -78.86
C PHE Z 147 -2.67 -49.41 -79.13
N LYS Z 148 -2.26 -49.06 -80.35
CA LYS Z 148 -2.04 -47.65 -80.69
C LYS Z 148 -3.34 -46.86 -80.65
N ALA Z 149 -4.42 -47.44 -81.17
CA ALA Z 149 -5.71 -46.75 -81.19
C ALA Z 149 -6.21 -46.47 -79.79
N MET Z 150 -6.08 -47.45 -78.89
CA MET Z 150 -6.58 -47.26 -77.54
C MET Z 150 -5.64 -46.45 -76.66
N ARG Z 151 -4.38 -46.30 -77.06
CA ARG Z 151 -3.48 -45.40 -76.35
C ARG Z 151 -3.43 -44.01 -76.97
N ALA Z 152 -4.15 -43.78 -78.07
CA ALA Z 152 -4.15 -42.46 -78.69
C ALA Z 152 -4.98 -41.48 -77.86
N ALA Z 153 -4.90 -40.20 -78.25
CA ALA Z 153 -5.61 -39.15 -77.55
C ALA Z 153 -7.11 -39.20 -77.85
N ASN Z 154 -7.89 -38.55 -76.98
CA ASN Z 154 -9.35 -38.48 -77.11
C ASN Z 154 -9.96 -39.88 -77.15
N PHE Z 155 -9.40 -40.80 -76.37
CA PHE Z 155 -9.94 -42.14 -76.25
C PHE Z 155 -10.88 -42.23 -75.07
N SER Z 156 -12.04 -42.88 -75.29
CA SER Z 156 -13.04 -43.02 -74.25
C SER Z 156 -13.58 -44.43 -74.30
N GLY Z 157 -13.36 -45.18 -73.21
CA GLY Z 157 -13.94 -46.49 -73.04
C GLY Z 157 -15.18 -46.40 -72.19
N GLU Z 158 -15.71 -45.19 -72.05
CA GLU Z 158 -16.85 -44.97 -71.16
C GLU Z 158 -18.09 -45.68 -71.68
N GLN Z 159 -18.30 -45.69 -73.00
CA GLN Z 159 -19.48 -46.30 -73.58
C GLN Z 159 -19.11 -47.64 -74.20
N SER Z 160 -19.89 -48.67 -73.87
CA SER Z 160 -19.71 -50.00 -74.43
C SER Z 160 -20.67 -50.18 -75.60
N LEU Z 161 -20.68 -51.39 -76.15
CA LEU Z 161 -21.51 -51.73 -77.31
C LEU Z 161 -22.66 -52.64 -76.97
N ALA Z 162 -22.44 -53.68 -76.17
CA ALA Z 162 -23.55 -54.55 -75.83
C ALA Z 162 -23.33 -55.15 -74.46
N PHE Z 163 -24.42 -55.55 -73.81
CA PHE Z 163 -24.34 -56.15 -72.49
C PHE Z 163 -25.54 -57.07 -72.32
N ASP Z 164 -25.28 -58.38 -72.33
CA ASP Z 164 -26.30 -59.40 -72.17
C ASP Z 164 -26.14 -60.04 -70.80
N TYR Z 165 -27.24 -60.17 -70.07
CA TYR Z 165 -27.25 -60.79 -68.75
C TYR Z 165 -28.39 -61.78 -68.68
N ASN Z 166 -28.18 -62.87 -67.94
CA ASN Z 166 -29.20 -63.89 -67.78
C ASN Z 166 -28.92 -64.65 -66.49
N ILE Z 167 -29.91 -64.75 -65.61
CA ILE Z 167 -29.77 -65.49 -64.38
C ILE Z 167 -31.01 -66.37 -64.19
N LYS Z 168 -30.79 -67.56 -63.63
CA LYS Z 168 -31.87 -68.50 -63.36
C LYS Z 168 -31.65 -69.06 -61.96
N GLN Z 169 -32.55 -68.74 -61.04
CA GLN Z 169 -32.50 -69.21 -59.66
C GLN Z 169 -33.65 -70.18 -59.44
N PHE Z 170 -33.35 -71.33 -58.83
CA PHE Z 170 -34.35 -72.34 -58.56
C PHE Z 170 -34.06 -72.96 -57.21
N SER Z 171 -35.12 -73.34 -56.50
CA SER Z 171 -34.96 -73.89 -55.16
C SER Z 171 -36.16 -74.78 -54.87
N TYR Z 172 -35.91 -76.08 -54.74
CA TYR Z 172 -36.92 -77.05 -54.31
C TYR Z 172 -36.86 -77.24 -52.81
N TYR Z 173 -37.92 -77.84 -52.27
CA TYR Z 173 -38.01 -78.16 -50.85
C TYR Z 173 -38.95 -79.35 -50.69
N SER Z 174 -38.65 -80.18 -49.70
CA SER Z 174 -39.50 -81.33 -49.40
C SER Z 174 -39.37 -81.67 -47.93
N GLU Z 175 -40.50 -81.97 -47.29
CA GLU Z 175 -40.50 -82.27 -45.87
C GLU Z 175 -41.60 -83.27 -45.55
N LEU Z 176 -41.21 -84.42 -45.01
CA LEU Z 176 -42.12 -85.47 -44.55
C LEU Z 176 -41.93 -85.65 -43.06
N LYS Z 177 -43.03 -85.78 -42.33
CA LYS Z 177 -43.04 -85.90 -40.87
C LYS Z 177 -43.96 -87.03 -40.43
N ILE Z 178 -43.80 -88.20 -41.05
CA ILE Z 178 -44.67 -89.33 -40.75
C ILE Z 178 -44.46 -89.80 -39.32
N ALA Z 179 -45.55 -90.01 -38.59
CA ALA Z 179 -45.46 -90.47 -37.21
C ALA Z 179 -46.51 -91.55 -36.98
N PHE Z 180 -46.26 -92.41 -36.01
CA PHE Z 180 -47.17 -93.48 -35.67
C PHE Z 180 -47.26 -93.69 -34.16
N ILE Z 194 -45.30 -99.47 -28.77
CA ILE Z 194 -44.85 -99.37 -30.15
C ILE Z 194 -45.04 -97.94 -30.66
N SER Z 195 -43.96 -97.35 -31.18
CA SER Z 195 -44.00 -96.00 -31.71
C SER Z 195 -43.22 -95.99 -33.02
N GLY Z 196 -42.98 -94.79 -33.56
CA GLY Z 196 -42.24 -94.66 -34.80
C GLY Z 196 -42.36 -93.29 -35.43
N SER Z 197 -41.24 -92.78 -35.95
CA SER Z 197 -41.23 -91.47 -36.60
C SER Z 197 -40.27 -91.50 -37.78
N ASN Z 198 -40.58 -90.72 -38.80
CA ASN Z 198 -39.79 -90.62 -40.01
C ASN Z 198 -39.84 -89.17 -40.48
N ASN Z 199 -38.73 -88.46 -40.31
CA ASN Z 199 -38.58 -87.07 -40.71
C ASN Z 199 -37.59 -87.01 -41.88
N LYS Z 200 -38.09 -86.64 -43.05
CA LYS Z 200 -37.28 -86.53 -44.26
C LYS Z 200 -37.30 -85.09 -44.75
N ILE Z 201 -36.12 -84.54 -45.01
CA ILE Z 201 -35.96 -83.18 -45.49
C ILE Z 201 -35.09 -83.20 -46.74
N LYS Z 202 -35.54 -82.54 -47.79
CA LYS Z 202 -34.80 -82.47 -49.05
C LYS Z 202 -34.74 -81.03 -49.53
N ARG Z 203 -33.56 -80.59 -49.95
CA ARG Z 203 -33.35 -79.26 -50.46
C ARG Z 203 -32.48 -79.33 -51.70
N THR Z 204 -32.78 -78.49 -52.69
CA THR Z 204 -32.01 -78.45 -53.93
C THR Z 204 -32.04 -77.03 -54.47
N THR Z 205 -30.91 -76.35 -54.42
CA THR Z 205 -30.79 -74.96 -54.85
C THR Z 205 -29.84 -74.86 -56.03
N GLY Z 206 -30.17 -73.99 -56.99
CA GLY Z 206 -29.32 -73.81 -58.15
C GLY Z 206 -29.42 -72.43 -58.78
N VAL Z 207 -28.26 -71.80 -58.99
CA VAL Z 207 -28.18 -70.49 -59.62
C VAL Z 207 -27.27 -70.62 -60.83
N PHE Z 208 -27.79 -70.31 -62.01
CA PHE Z 208 -27.02 -70.33 -63.24
C PHE Z 208 -27.03 -68.93 -63.85
N ALA Z 209 -25.85 -68.39 -64.13
CA ALA Z 209 -25.75 -67.02 -64.62
C ALA Z 209 -24.81 -66.96 -65.81
N LYS Z 210 -25.24 -66.28 -66.86
CA LYS Z 210 -24.43 -66.03 -68.04
C LYS Z 210 -24.43 -64.54 -68.34
N PHE Z 211 -23.26 -64.00 -68.64
CA PHE Z 211 -23.12 -62.58 -68.92
C PHE Z 211 -22.09 -62.39 -70.01
N THR Z 212 -22.37 -61.49 -70.93
CA THR Z 212 -21.43 -61.11 -71.97
C THR Z 212 -21.45 -59.60 -72.12
N GLN Z 213 -20.28 -59.02 -72.39
CA GLN Z 213 -20.18 -57.60 -72.63
C GLN Z 213 -19.34 -57.40 -73.87
N LYS Z 214 -19.80 -56.55 -74.77
CA LYS Z 214 -19.09 -56.22 -76.00
C LYS Z 214 -18.59 -54.79 -75.84
N ASN Z 215 -17.32 -54.67 -75.47
CA ASN Z 215 -16.69 -53.37 -75.28
C ASN Z 215 -16.61 -52.60 -76.58
N PHE Z 216 -16.09 -53.23 -77.63
CA PHE Z 216 -15.99 -52.54 -78.91
C PHE Z 216 -15.73 -53.56 -80.00
N THR Z 217 -15.77 -53.10 -81.24
CA THR Z 217 -15.39 -53.93 -82.38
C THR Z 217 -14.50 -53.14 -83.32
N ILE Z 218 -13.63 -53.87 -84.02
CA ILE Z 218 -12.83 -53.35 -85.10
C ILE Z 218 -13.41 -53.95 -86.39
N ASP Z 219 -13.78 -53.08 -87.31
CA ASP Z 219 -14.46 -53.44 -88.54
C ASP Z 219 -13.56 -53.17 -89.74
N MET Z 220 -13.83 -53.89 -90.82
CA MET Z 220 -13.06 -53.79 -92.05
C MET Z 220 -13.92 -53.16 -93.13
N ASP Z 221 -13.34 -52.21 -93.87
CA ASP Z 221 -14.05 -51.54 -94.94
C ASP Z 221 -14.12 -52.44 -96.18
N LEU Z 222 -15.18 -52.26 -96.95
CA LEU Z 222 -15.32 -53.00 -98.20
C LEU Z 222 -14.26 -52.53 -99.18
N PRO Z 223 -13.68 -53.44 -99.97
CA PRO Z 223 -12.63 -53.04 -100.92
C PRO Z 223 -13.15 -52.07 -101.96
N ALA Z 224 -12.29 -51.10 -102.33
CA ALA Z 224 -12.65 -50.15 -103.37
C ALA Z 224 -12.80 -50.85 -104.72
N ASP Z 225 -11.91 -51.79 -105.02
CA ASP Z 225 -11.97 -52.54 -106.27
C ASP Z 225 -13.06 -53.59 -106.26
N GLY Z 226 -13.62 -53.90 -105.11
CA GLY Z 226 -14.64 -54.92 -104.98
C GLY Z 226 -14.11 -56.30 -104.69
N ASN Z 227 -12.79 -56.48 -104.68
CA ASN Z 227 -12.15 -57.74 -104.38
C ASN Z 227 -11.04 -57.51 -103.37
N ILE Z 228 -10.96 -58.39 -102.37
CA ILE Z 228 -9.94 -58.25 -101.33
C ILE Z 228 -8.56 -58.60 -101.87
N PHE Z 229 -8.51 -59.44 -102.90
CA PHE Z 229 -7.23 -59.89 -103.44
C PHE Z 229 -6.55 -58.79 -104.26
N LYS Z 230 -5.22 -58.72 -104.14
CA LYS Z 230 -4.48 -57.69 -104.86
C LYS Z 230 -4.42 -58.00 -106.35
N ASN Z 231 -4.14 -59.25 -106.73
CA ASN Z 231 -4.00 -59.60 -108.14
C ASN Z 231 -5.34 -59.65 -108.86
N ASN Z 232 -6.46 -59.82 -108.13
CA ASN Z 232 -7.82 -59.92 -108.64
C ASN Z 232 -8.07 -61.20 -109.44
N SER Z 233 -7.05 -62.03 -109.66
CA SER Z 233 -7.23 -63.32 -110.29
C SER Z 233 -7.24 -64.46 -109.28
N ASP Z 234 -6.79 -64.21 -108.06
CA ASP Z 234 -6.85 -65.23 -107.02
C ASP Z 234 -8.29 -65.60 -106.70
N LEU Z 235 -9.24 -64.68 -106.89
CA LEU Z 235 -10.63 -65.02 -106.66
C LEU Z 235 -11.08 -66.14 -107.58
N ALA Z 236 -10.68 -66.10 -108.86
CA ALA Z 236 -10.95 -67.21 -109.76
C ALA Z 236 -10.04 -68.40 -109.48
N LEU Z 237 -8.86 -68.15 -108.90
CA LEU Z 237 -7.94 -69.25 -108.59
C LEU Z 237 -8.50 -70.15 -107.50
N THR Z 238 -9.14 -69.58 -106.49
CA THR Z 238 -9.70 -70.35 -105.39
C THR Z 238 -11.14 -70.77 -105.61
N ASN Z 239 -11.57 -70.96 -106.86
CA ASN Z 239 -12.90 -71.50 -107.12
C ASN Z 239 -13.01 -72.88 -106.51
N GLY Z 240 -14.09 -73.10 -105.76
CA GLY Z 240 -14.28 -74.33 -105.03
C GLY Z 240 -13.67 -74.34 -103.64
N LYS Z 241 -12.85 -73.36 -103.30
CA LYS Z 241 -12.27 -73.26 -101.97
C LYS Z 241 -13.09 -72.40 -101.02
N ASN Z 242 -14.19 -71.80 -101.50
CA ASN Z 242 -15.07 -70.96 -100.71
C ASN Z 242 -14.29 -69.89 -99.95
N PRO Z 243 -13.76 -68.88 -100.65
CA PRO Z 243 -12.96 -67.85 -99.97
C PRO Z 243 -13.83 -66.97 -99.09
N VAL Z 244 -13.49 -66.92 -97.80
CA VAL Z 244 -14.21 -66.12 -96.82
C VAL Z 244 -13.18 -65.44 -95.94
N TYR Z 245 -13.36 -64.14 -95.71
CA TYR Z 245 -12.41 -63.35 -94.93
C TYR Z 245 -13.11 -62.71 -93.75
N ILE Z 246 -12.44 -62.70 -92.60
CA ILE Z 246 -13.01 -62.07 -91.43
C ILE Z 246 -12.95 -60.55 -91.59
N SER Z 247 -14.08 -59.89 -91.34
CA SER Z 247 -14.19 -58.45 -91.51
C SER Z 247 -14.55 -57.71 -90.24
N SER Z 248 -14.72 -58.39 -89.11
CA SER Z 248 -15.08 -57.71 -87.87
C SER Z 248 -14.65 -58.57 -86.70
N VAL Z 249 -14.03 -57.95 -85.70
CA VAL Z 249 -13.61 -58.62 -84.47
C VAL Z 249 -14.15 -57.85 -83.28
N THR Z 250 -14.83 -58.55 -82.37
CA THR Z 250 -15.46 -57.95 -81.21
C THR Z 250 -14.61 -58.23 -79.97
N TYR Z 251 -14.22 -57.17 -79.28
CA TYR Z 251 -13.48 -57.25 -78.02
C TYR Z 251 -14.46 -57.03 -76.86
N GLY Z 252 -14.41 -57.92 -75.88
CA GLY Z 252 -15.30 -57.83 -74.73
C GLY Z 252 -14.95 -58.87 -73.69
N ARG Z 253 -15.90 -59.11 -72.79
CA ARG Z 253 -15.73 -60.05 -71.69
C ARG Z 253 -16.86 -61.06 -71.67
N LEU Z 254 -16.56 -62.25 -71.14
CA LEU Z 254 -17.52 -63.34 -71.00
C LEU Z 254 -17.48 -63.84 -69.56
N GLY Z 255 -18.62 -64.31 -69.07
CA GLY Z 255 -18.67 -64.87 -67.74
C GLY Z 255 -19.83 -65.83 -67.52
N ILE Z 256 -19.53 -67.03 -67.03
CA ILE Z 256 -20.54 -68.04 -66.74
C ILE Z 256 -20.30 -68.58 -65.34
N ILE Z 257 -21.37 -68.67 -64.55
CA ILE Z 257 -21.29 -69.25 -63.22
C ILE Z 257 -22.44 -70.23 -63.05
N SER Z 258 -22.22 -71.21 -62.19
CA SER Z 258 -23.24 -72.24 -61.92
C SER Z 258 -23.00 -72.79 -60.53
N ILE Z 259 -23.91 -72.51 -59.61
CA ILE Z 259 -23.82 -72.95 -58.22
C ILE Z 259 -24.98 -73.89 -57.94
N GLU Z 260 -24.67 -75.08 -57.47
CA GLU Z 260 -25.66 -76.09 -57.13
C GLU Z 260 -25.44 -76.57 -55.70
N SER Z 261 -26.54 -76.94 -55.04
CA SER Z 261 -26.47 -77.41 -53.67
C SER Z 261 -27.60 -78.40 -53.42
N ASN Z 262 -27.29 -79.46 -52.67
CA ASN Z 262 -28.25 -80.49 -52.33
C ASN Z 262 -28.12 -80.83 -50.85
N ALA Z 263 -29.26 -81.04 -50.20
CA ALA Z 263 -29.30 -81.37 -48.78
C ALA Z 263 -30.34 -82.45 -48.54
N SER Z 264 -29.99 -83.44 -47.73
CA SER Z 264 -30.88 -84.55 -47.40
C SER Z 264 -30.77 -84.87 -45.91
N TYR Z 265 -31.93 -85.12 -45.29
CA TYR Z 265 -32.03 -85.45 -43.88
C TYR Z 265 -33.02 -86.59 -43.74
N ASN Z 266 -32.62 -87.65 -43.03
CA ASN Z 266 -33.37 -88.90 -43.01
C ASN Z 266 -33.53 -89.44 -41.59
N GLU Z 267 -33.98 -88.59 -40.66
CA GLU Z 267 -34.16 -89.03 -39.28
C GLU Z 267 -35.26 -90.08 -39.17
N VAL Z 268 -34.96 -91.18 -38.47
CA VAL Z 268 -35.92 -92.26 -38.23
C VAL Z 268 -35.80 -92.68 -36.78
N ASN Z 269 -36.94 -92.75 -36.09
CA ASN Z 269 -37.00 -93.16 -34.69
C ASN Z 269 -37.97 -94.32 -34.53
N PHE Z 270 -37.66 -95.23 -33.59
CA PHE Z 270 -38.51 -96.38 -33.33
C PHE Z 270 -38.35 -96.80 -31.88
N ALA Z 271 -39.47 -97.07 -31.21
CA ALA Z 271 -39.46 -97.50 -29.82
C ALA Z 271 -40.49 -98.60 -29.62
N LEU Z 272 -40.18 -99.51 -28.69
CA LEU Z 272 -41.07 -100.63 -28.35
C LEU Z 272 -41.18 -100.73 -26.83
N LYS Z 273 -41.48 -99.61 -26.19
CA LYS Z 273 -41.62 -99.60 -24.74
C LYS Z 273 -42.92 -100.24 -24.30
N LEU Z 285 -39.28 -105.08 -21.84
CA LEU Z 285 -38.64 -104.76 -23.12
C LEU Z 285 -38.65 -103.27 -23.38
N ASN Z 286 -37.47 -102.72 -23.70
CA ASN Z 286 -37.27 -101.30 -23.95
C ASN Z 286 -36.46 -101.11 -25.22
N ILE Z 287 -36.85 -101.79 -26.30
CA ILE Z 287 -36.11 -101.72 -27.55
C ILE Z 287 -36.24 -100.32 -28.14
N ASP Z 288 -35.09 -99.74 -28.50
CA ASP Z 288 -35.05 -98.41 -29.09
C ASP Z 288 -34.14 -98.44 -30.32
N SER Z 289 -34.45 -97.58 -31.28
CA SER Z 289 -33.68 -97.52 -32.53
C SER Z 289 -33.75 -96.12 -33.09
N ASN Z 290 -32.61 -95.64 -33.60
CA ASN Z 290 -32.53 -94.32 -34.21
C ASN Z 290 -31.57 -94.38 -35.40
N SER Z 291 -31.91 -93.64 -36.45
CA SER Z 291 -31.11 -93.62 -37.68
C SER Z 291 -31.13 -92.20 -38.23
N LYS Z 292 -30.00 -91.52 -38.17
CA LYS Z 292 -29.86 -90.16 -38.68
C LYS Z 292 -28.91 -90.15 -39.86
N LYS Z 293 -29.31 -89.51 -40.95
CA LYS Z 293 -28.50 -89.44 -42.15
C LYS Z 293 -28.61 -88.04 -42.74
N ILE Z 294 -27.49 -87.33 -42.78
CA ILE Z 294 -27.41 -85.99 -43.36
C ILE Z 294 -26.42 -86.04 -44.51
N LEU Z 295 -26.89 -85.64 -45.70
CA LEU Z 295 -26.07 -85.63 -46.90
C LEU Z 295 -26.09 -84.22 -47.48
N GLU Z 296 -24.92 -83.62 -47.63
CA GLU Z 296 -24.80 -82.28 -48.18
C GLU Z 296 -23.82 -82.30 -49.35
N GLU Z 297 -24.25 -81.77 -50.48
CA GLU Z 297 -23.41 -81.68 -51.67
C GLU Z 297 -23.44 -80.25 -52.21
N SER Z 298 -22.31 -79.80 -52.73
CA SER Z 298 -22.18 -78.45 -53.27
C SER Z 298 -21.35 -78.48 -54.54
N ASP Z 299 -21.57 -77.50 -55.40
CA ASP Z 299 -20.83 -77.39 -56.65
C ASP Z 299 -20.85 -75.93 -57.08
N LEU Z 300 -19.74 -75.49 -57.68
CA LEU Z 300 -19.62 -74.11 -58.14
C LEU Z 300 -18.61 -74.07 -59.28
N SER Z 301 -19.11 -73.88 -60.50
CA SER Z 301 -18.28 -73.82 -61.69
C SER Z 301 -18.30 -72.41 -62.27
N VAL Z 302 -17.11 -71.84 -62.51
CA VAL Z 302 -16.97 -70.49 -63.04
C VAL Z 302 -16.10 -70.54 -64.28
N TYR Z 303 -16.46 -69.74 -65.29
CA TYR Z 303 -15.71 -69.63 -66.53
C TYR Z 303 -15.71 -68.16 -66.97
N LEU Z 304 -14.58 -67.49 -66.85
CA LEU Z 304 -14.47 -66.09 -67.22
C LEU Z 304 -13.48 -65.92 -68.36
N VAL Z 305 -13.82 -65.07 -69.31
CA VAL Z 305 -12.99 -64.75 -70.46
C VAL Z 305 -12.76 -63.25 -70.46
N GLY Z 306 -11.54 -62.84 -70.12
CA GLY Z 306 -11.20 -61.44 -70.08
C GLY Z 306 -11.61 -60.78 -68.77
N GLY Z 307 -11.48 -59.47 -68.76
CA GLY Z 307 -11.78 -58.69 -67.57
C GLY Z 307 -10.57 -58.50 -66.67
N ARG Z 308 -10.79 -57.72 -65.63
CA ARG Z 308 -9.74 -57.45 -64.66
C ARG Z 308 -9.38 -58.72 -63.90
N GLY Z 309 -8.09 -59.01 -63.80
CA GLY Z 309 -7.65 -60.22 -63.12
C GLY Z 309 -7.98 -60.22 -61.63
N THR Z 310 -7.78 -59.07 -60.97
CA THR Z 310 -8.05 -58.98 -59.54
C THR Z 310 -9.51 -59.26 -59.21
N ASP Z 311 -10.42 -58.71 -60.01
CA ASP Z 311 -11.84 -58.99 -59.80
C ASP Z 311 -12.21 -60.40 -60.27
N ALA Z 312 -11.52 -60.91 -61.28
CA ALA Z 312 -11.82 -62.23 -61.80
C ALA Z 312 -11.50 -63.32 -60.79
N VAL Z 313 -10.38 -63.17 -60.06
CA VAL Z 313 -10.00 -64.21 -59.11
C VAL Z 313 -10.82 -64.18 -57.83
N GLN Z 314 -11.64 -63.14 -57.64
CA GLN Z 314 -12.49 -63.03 -56.46
C GLN Z 314 -13.83 -63.72 -56.62
N VAL Z 315 -14.11 -64.28 -57.79
CA VAL Z 315 -15.39 -64.94 -58.04
C VAL Z 315 -15.43 -66.28 -57.32
N ILE Z 316 -14.33 -66.67 -56.69
CA ILE Z 316 -14.30 -67.94 -55.98
C ILE Z 316 -15.14 -67.90 -54.72
N LYS Z 317 -15.51 -66.71 -54.25
CA LYS Z 317 -16.26 -66.56 -53.01
C LYS Z 317 -17.78 -66.52 -53.28
N GLY Z 318 -18.27 -67.61 -53.89
CA GLY Z 318 -19.69 -67.73 -54.16
C GLY Z 318 -20.19 -66.72 -55.18
N PHE Z 319 -21.48 -66.38 -55.07
CA PHE Z 319 -22.08 -65.37 -55.94
C PHE Z 319 -21.93 -63.97 -55.38
N ALA Z 320 -20.70 -63.63 -55.05
CA ALA Z 320 -20.33 -62.29 -54.61
C ALA Z 320 -19.24 -61.72 -55.48
N GLY Z 321 -18.25 -62.53 -55.81
CA GLY Z 321 -17.24 -62.12 -56.77
C GLY Z 321 -17.85 -61.97 -58.16
N PHE Z 322 -18.76 -62.87 -58.52
CA PHE Z 322 -19.49 -62.70 -59.78
C PHE Z 322 -20.68 -61.80 -59.54
N SER Z 323 -20.44 -60.71 -58.80
CA SER Z 323 -21.33 -59.55 -58.70
C SER Z 323 -20.56 -58.26 -58.70
N ASN Z 324 -19.25 -58.30 -58.45
CA ASN Z 324 -18.37 -57.16 -58.60
C ASN Z 324 -17.45 -57.29 -59.79
N PHE Z 325 -17.18 -58.51 -60.26
CA PHE Z 325 -16.41 -58.67 -61.48
C PHE Z 325 -17.12 -58.00 -62.65
N ILE Z 326 -18.44 -57.90 -62.58
CA ILE Z 326 -19.21 -57.26 -63.63
C ILE Z 326 -19.32 -55.75 -63.39
N VAL Z 327 -19.57 -55.34 -62.15
CA VAL Z 327 -19.81 -53.92 -61.89
C VAL Z 327 -18.53 -53.11 -61.76
N ASN Z 328 -17.36 -53.76 -61.64
CA ASN Z 328 -16.09 -53.06 -61.56
C ASN Z 328 -15.34 -53.04 -62.88
N GLY Z 329 -15.98 -53.48 -63.97
CA GLY Z 329 -15.33 -53.48 -65.26
C GLY Z 329 -16.23 -53.03 -66.39
N GLY Z 330 -17.24 -52.23 -66.06
CA GLY Z 330 -18.15 -51.74 -67.09
C GLY Z 330 -17.47 -50.85 -68.10
N GLN Z 331 -16.62 -49.93 -67.64
CA GLN Z 331 -15.86 -49.08 -68.53
C GLN Z 331 -14.52 -49.73 -68.83
N PHE Z 332 -14.24 -49.97 -70.11
CA PHE Z 332 -12.99 -50.63 -70.48
C PHE Z 332 -11.90 -49.58 -70.65
N THR Z 333 -10.81 -49.80 -69.95
CA THR Z 333 -9.64 -48.95 -69.88
C THR Z 333 -8.59 -49.43 -70.86
N PRO Z 334 -7.64 -48.60 -71.28
CA PRO Z 334 -6.58 -49.11 -72.17
C PRO Z 334 -5.67 -50.11 -71.49
N GLU Z 335 -5.65 -50.16 -70.15
CA GLU Z 335 -4.96 -51.24 -69.46
C GLU Z 335 -5.73 -52.56 -69.54
N ALA Z 336 -7.04 -52.51 -69.80
CA ALA Z 336 -7.88 -53.71 -69.91
C ALA Z 336 -8.69 -53.59 -71.19
N PRO Z 337 -8.06 -53.81 -72.35
CA PRO Z 337 -8.77 -53.62 -73.62
C PRO Z 337 -9.90 -54.61 -73.87
N GLY Z 338 -9.89 -55.76 -73.22
CA GLY Z 338 -10.86 -56.80 -73.49
C GLY Z 338 -10.27 -57.89 -74.36
N VAL Z 339 -11.05 -58.94 -74.56
CA VAL Z 339 -10.59 -60.13 -75.27
C VAL Z 339 -11.46 -60.33 -76.50
N PRO Z 340 -10.89 -60.67 -77.66
CA PRO Z 340 -11.71 -61.01 -78.82
C PRO Z 340 -12.62 -62.18 -78.49
N ILE Z 341 -13.92 -61.92 -78.50
CA ILE Z 341 -14.92 -62.90 -78.11
C ILE Z 341 -15.78 -63.33 -79.29
N TYR Z 342 -16.10 -62.41 -80.19
CA TYR Z 342 -16.90 -62.71 -81.37
C TYR Z 342 -16.25 -62.12 -82.60
N PHE Z 343 -16.55 -62.70 -83.75
CA PHE Z 343 -16.03 -62.19 -85.00
C PHE Z 343 -17.02 -62.49 -86.11
N SER Z 344 -16.94 -61.71 -87.17
CA SER Z 344 -17.83 -61.87 -88.31
C SER Z 344 -17.00 -61.96 -89.58
N ALA Z 345 -17.47 -62.76 -90.53
CA ALA Z 345 -16.76 -62.97 -91.77
C ALA Z 345 -17.70 -62.76 -92.94
N SER Z 346 -17.11 -62.46 -94.09
CA SER Z 346 -17.87 -62.20 -95.31
C SER Z 346 -17.24 -62.94 -96.48
N HIS Z 347 -18.07 -63.25 -97.47
CA HIS Z 347 -17.60 -63.93 -98.67
C HIS Z 347 -16.68 -63.03 -99.47
N ALA Z 348 -15.70 -63.63 -100.13
CA ALA Z 348 -14.77 -62.88 -100.96
C ALA Z 348 -15.23 -62.72 -102.39
N SER Z 349 -16.30 -63.41 -102.79
CA SER Z 349 -16.77 -63.33 -104.17
C SER Z 349 -17.64 -62.09 -104.39
N ASP Z 350 -18.76 -62.00 -103.67
CA ASP Z 350 -19.68 -60.88 -103.80
C ASP Z 350 -19.64 -59.96 -102.60
N ASN Z 351 -18.71 -60.16 -101.68
CA ASN Z 351 -18.58 -59.35 -100.46
C ASN Z 351 -19.85 -59.40 -99.62
N SER Z 352 -20.59 -60.50 -99.70
CA SER Z 352 -21.81 -60.67 -98.95
C SER Z 352 -21.51 -61.21 -97.56
N VAL Z 353 -22.50 -61.09 -96.66
CA VAL Z 353 -22.33 -61.55 -95.29
C VAL Z 353 -22.34 -63.07 -95.27
N TYR Z 354 -21.33 -63.66 -94.63
CA TYR Z 354 -21.21 -65.10 -94.52
C TYR Z 354 -21.96 -65.59 -93.30
N TYR Z 355 -22.83 -66.58 -93.50
CA TYR Z 355 -23.62 -67.17 -92.42
C TYR Z 355 -23.20 -68.62 -92.24
N THR Z 356 -22.87 -68.99 -91.01
CA THR Z 356 -22.47 -70.34 -90.67
C THR Z 356 -23.57 -71.04 -89.90
N THR Z 357 -23.63 -72.37 -90.05
CA THR Z 357 -24.64 -73.16 -89.37
C THR Z 357 -24.03 -73.96 -88.21
N THR AA 81 -10.77 -84.84 -79.55
CA THR AA 81 -9.94 -83.83 -80.21
C THR AA 81 -9.99 -82.50 -79.46
N SER AA 82 -8.82 -81.92 -79.22
CA SER AA 82 -8.70 -80.66 -78.52
C SER AA 82 -7.74 -79.75 -79.26
N ASP AA 83 -7.94 -78.44 -79.10
CA ASP AA 83 -7.10 -77.43 -79.75
C ASP AA 83 -5.90 -77.06 -78.90
N GLN AA 84 -6.07 -77.02 -77.58
CA GLN AA 84 -5.02 -76.65 -76.65
C GLN AA 84 -4.50 -77.90 -75.96
N ILE AA 85 -3.18 -78.06 -75.94
CA ILE AA 85 -2.52 -79.21 -75.34
C ILE AA 85 -1.81 -78.74 -74.08
N VAL AA 86 -2.00 -79.49 -72.99
CA VAL AA 86 -1.36 -79.17 -71.72
C VAL AA 86 0.14 -79.38 -71.86
N VAL AA 87 0.92 -78.45 -71.31
CA VAL AA 87 2.36 -78.53 -71.43
C VAL AA 87 2.88 -79.66 -70.56
N THR AA 88 3.56 -80.63 -71.17
CA THR AA 88 4.17 -81.73 -70.45
C THR AA 88 5.69 -81.71 -70.50
N VAL AA 89 6.26 -81.17 -71.57
CA VAL AA 89 7.71 -81.03 -71.69
C VAL AA 89 8.03 -79.56 -71.88
N PRO AA 90 8.28 -78.83 -70.79
CA PRO AA 90 8.58 -77.39 -70.91
C PRO AA 90 9.79 -77.09 -71.77
N GLN AA 91 10.79 -77.99 -71.78
CA GLN AA 91 11.98 -77.77 -72.59
C GLN AA 91 11.64 -77.71 -74.07
N LYS AA 92 10.79 -78.63 -74.54
CA LYS AA 92 10.45 -78.69 -75.94
C LYS AA 92 9.22 -77.87 -76.30
N THR AA 93 8.53 -77.31 -75.32
CA THR AA 93 7.32 -76.53 -75.58
C THR AA 93 7.71 -75.06 -75.69
N PHE AA 94 8.14 -74.69 -76.89
CA PHE AA 94 8.45 -73.30 -77.21
C PHE AA 94 7.85 -72.96 -78.57
N ILE AA 95 7.55 -71.68 -78.77
CA ILE AA 95 6.92 -71.26 -80.01
C ILE AA 95 7.90 -71.41 -81.17
N GLY AA 96 7.36 -71.73 -82.35
CA GLY AA 96 8.18 -71.90 -83.52
C GLY AA 96 8.90 -73.22 -83.65
N GLY AA 97 8.65 -74.17 -82.74
CA GLY AA 97 9.31 -75.47 -82.81
C GLY AA 97 8.51 -76.47 -83.61
N VAL AA 98 9.19 -77.17 -84.51
CA VAL AA 98 8.56 -78.14 -85.41
C VAL AA 98 8.81 -79.54 -84.87
N TYR AA 99 7.74 -80.32 -84.76
CA TYR AA 99 7.80 -81.68 -84.26
C TYR AA 99 6.94 -82.58 -85.13
N ASN AA 100 7.01 -83.88 -84.87
CA ASN AA 100 6.16 -84.85 -85.54
C ASN AA 100 4.85 -84.97 -84.76
N SER AA 101 3.76 -85.16 -85.50
CA SER AA 101 2.45 -85.28 -84.87
C SER AA 101 2.37 -86.50 -83.96
N THR AA 102 2.88 -87.64 -84.44
CA THR AA 102 2.85 -88.86 -83.63
C THR AA 102 3.70 -88.72 -82.37
N THR AA 103 4.89 -88.13 -82.51
CA THR AA 103 5.76 -87.94 -81.35
C THR AA 103 5.14 -86.99 -80.35
N LEU AA 104 4.50 -85.92 -80.83
CA LEU AA 104 3.82 -85.01 -79.92
C LEU AA 104 2.62 -85.69 -79.27
N ASP AA 105 1.95 -86.60 -79.98
CA ASP AA 105 0.82 -87.31 -79.41
C ASP AA 105 1.25 -88.26 -78.30
N ASN AA 106 2.33 -89.01 -78.51
CA ASN AA 106 2.83 -89.93 -77.50
C ASN AA 106 3.91 -89.32 -76.61
N LEU AA 107 4.02 -87.99 -76.59
CA LEU AA 107 4.91 -87.26 -75.70
C LEU AA 107 6.39 -87.59 -75.94
N ASP AA 108 6.74 -87.88 -77.18
CA ASP AA 108 8.15 -88.10 -77.52
C ASP AA 108 8.83 -86.80 -77.94
N TYR AA 109 8.13 -85.97 -78.69
CA TYR AA 109 8.61 -84.66 -79.11
C TYR AA 109 9.93 -84.77 -79.86
N THR AA 110 9.89 -85.46 -80.99
CA THR AA 110 11.06 -85.56 -81.83
C THR AA 110 11.14 -84.34 -82.73
N PRO AA 111 12.17 -83.50 -82.60
CA PRO AA 111 12.23 -82.29 -83.41
C PRO AA 111 12.56 -82.60 -84.86
N ILE AA 112 12.17 -81.68 -85.73
CA ILE AA 112 12.52 -81.74 -87.14
C ILE AA 112 13.55 -80.65 -87.38
N SER AA 113 14.80 -81.06 -87.55
CA SER AA 113 15.93 -80.14 -87.64
C SER AA 113 16.06 -79.66 -89.09
N TYR AA 114 15.32 -78.62 -89.42
CA TYR AA 114 15.38 -77.97 -90.73
C TYR AA 114 15.33 -76.48 -90.53
N PRO AA 115 15.97 -75.72 -91.43
CA PRO AA 115 15.94 -74.26 -91.31
C PRO AA 115 14.52 -73.71 -91.42
N LEU AA 116 14.26 -72.65 -90.67
CA LEU AA 116 12.96 -72.01 -90.64
C LEU AA 116 13.12 -70.52 -90.86
N ASP AA 117 12.12 -69.92 -91.53
CA ASP AA 117 12.13 -68.49 -91.74
C ASP AA 117 11.89 -67.77 -90.42
N PRO AA 118 12.34 -66.52 -90.31
CA PRO AA 118 12.07 -65.75 -89.09
C PRO AA 118 10.57 -65.65 -88.83
N ILE AA 119 10.20 -65.77 -87.56
CA ILE AA 119 8.80 -65.84 -87.16
C ILE AA 119 8.44 -64.55 -86.41
N THR AA 120 7.24 -64.05 -86.68
CA THR AA 120 6.71 -62.89 -85.98
C THR AA 120 5.79 -63.37 -84.86
N VAL AA 121 6.02 -62.86 -83.66
CA VAL AA 121 5.27 -63.25 -82.48
C VAL AA 121 4.58 -62.04 -81.90
N SER AA 122 3.37 -62.23 -81.42
CA SER AA 122 2.57 -61.17 -80.81
C SER AA 122 2.13 -61.60 -79.43
N TYR AA 123 1.97 -60.63 -78.54
CA TYR AA 123 1.60 -60.90 -77.16
C TYR AA 123 0.18 -60.41 -76.89
N SER AA 124 -0.57 -61.19 -76.11
CA SER AA 124 -1.95 -60.81 -75.81
C SER AA 124 -2.03 -59.57 -74.92
N PHE AA 125 -1.07 -59.37 -74.02
CA PHE AA 125 -1.12 -58.23 -73.12
C PHE AA 125 -0.65 -56.95 -73.83
N PRO AA 126 -1.20 -55.80 -73.45
CA PRO AA 126 -0.75 -54.54 -74.04
C PRO AA 126 0.63 -54.13 -73.54
N SER AA 127 1.54 -53.90 -74.48
CA SER AA 127 2.90 -53.48 -74.15
C SER AA 127 3.51 -52.82 -75.38
N ASP AA 128 4.58 -52.05 -75.13
CA ASP AA 128 5.29 -51.42 -76.24
C ASP AA 128 5.92 -52.46 -77.16
N PHE AA 129 6.50 -53.50 -76.57
CA PHE AA 129 7.10 -54.59 -77.34
C PHE AA 129 6.10 -55.74 -77.48
N ILE AA 130 4.97 -55.43 -78.11
CA ILE AA 130 3.90 -56.39 -78.30
C ILE AA 130 4.08 -57.24 -79.54
N VAL AA 131 4.88 -56.78 -80.51
CA VAL AA 131 5.16 -57.51 -81.75
C VAL AA 131 6.67 -57.66 -81.86
N ASP AA 132 7.16 -58.87 -81.62
CA ASP AA 132 8.58 -59.19 -81.71
C ASP AA 132 8.83 -60.12 -82.89
N THR AA 133 10.11 -60.27 -83.24
CA THR AA 133 10.54 -61.14 -84.32
C THR AA 133 11.69 -62.01 -83.83
N ILE AA 134 11.64 -63.29 -84.15
CA ILE AA 134 12.66 -64.25 -83.75
C ILE AA 134 13.19 -64.93 -85.00
N GLU AA 135 14.49 -64.79 -85.24
CA GLU AA 135 15.10 -65.40 -86.41
C GLU AA 135 15.21 -66.91 -86.27
N ARG AA 136 15.67 -67.37 -85.11
CA ARG AA 136 15.84 -68.79 -84.83
C ARG AA 136 14.95 -69.18 -83.67
N PRO AA 137 13.79 -69.80 -83.92
CA PRO AA 137 12.89 -70.19 -82.82
C PRO AA 137 13.57 -71.15 -81.85
N SER AA 138 13.64 -70.75 -80.58
CA SER AA 138 14.24 -71.54 -79.53
C SER AA 138 13.64 -71.15 -78.20
N LEU AA 139 13.82 -72.03 -77.21
CA LEU AA 139 13.29 -71.76 -75.87
C LEU AA 139 13.94 -70.53 -75.25
N SER AA 140 15.25 -70.38 -75.41
CA SER AA 140 15.94 -69.23 -74.86
C SER AA 140 15.47 -67.94 -75.52
N SER AA 141 15.31 -67.97 -76.84
CA SER AA 141 14.82 -66.79 -77.55
C SER AA 141 13.40 -66.43 -77.13
N MET AA 142 12.54 -67.42 -76.96
CA MET AA 142 11.17 -67.15 -76.51
C MET AA 142 11.16 -66.57 -75.10
N ARG AA 143 11.98 -67.12 -74.21
CA ARG AA 143 12.06 -66.60 -72.84
C ARG AA 143 12.58 -65.17 -72.82
N ALA AA 144 13.63 -64.89 -73.60
CA ALA AA 144 14.19 -63.54 -73.64
C ALA AA 144 13.19 -62.55 -74.23
N SER AA 145 12.47 -62.95 -75.28
CA SER AA 145 11.46 -62.06 -75.86
C SER AA 145 10.34 -61.78 -74.87
N VAL AA 146 9.90 -62.80 -74.12
CA VAL AA 146 8.87 -62.59 -73.11
C VAL AA 146 9.37 -61.64 -72.03
N PHE AA 147 10.62 -61.83 -71.59
CA PHE AA 147 11.19 -60.97 -70.55
C PHE AA 147 11.25 -59.52 -71.02
N LYS AA 148 11.74 -59.28 -72.23
CA LYS AA 148 11.84 -57.92 -72.75
C LYS AA 148 10.45 -57.30 -72.95
N ALA AA 149 9.50 -58.08 -73.47
CA ALA AA 149 8.16 -57.56 -73.71
C ALA AA 149 7.48 -57.17 -72.41
N MET AA 150 7.63 -57.98 -71.36
CA MET AA 150 6.96 -57.68 -70.11
C MET AA 150 7.72 -56.66 -69.28
N ARG AA 151 8.99 -56.41 -69.58
CA ARG AA 151 9.70 -55.31 -68.94
C ARG AA 151 9.66 -54.03 -69.74
N ALA AA 152 9.04 -54.03 -70.92
CA ALA AA 152 8.95 -52.82 -71.73
C ALA AA 152 7.94 -51.84 -71.13
N ALA AA 153 7.91 -50.63 -71.69
CA ALA AA 153 7.02 -49.59 -71.21
C ALA AA 153 5.58 -49.87 -71.64
N ASN AA 154 4.65 -49.22 -70.95
CA ASN AA 154 3.21 -49.35 -71.21
C ASN AA 154 2.75 -50.81 -71.10
N PHE AA 155 3.33 -51.53 -70.15
CA PHE AA 155 2.94 -52.92 -69.89
C PHE AA 155 1.89 -52.96 -68.79
N SER AA 156 0.85 -53.76 -69.02
CA SER AA 156 -0.24 -53.89 -68.06
C SER AA 156 -0.60 -55.35 -67.94
N GLY AA 157 -0.40 -55.91 -66.75
CA GLY AA 157 -0.86 -57.26 -66.44
C GLY AA 157 -2.18 -57.21 -65.72
N GLU AA 158 -2.85 -56.06 -65.81
CA GLU AA 158 -4.10 -55.87 -65.07
C GLU AA 158 -5.20 -56.80 -65.59
N GLN AA 159 -5.27 -57.01 -66.90
CA GLN AA 159 -6.30 -57.84 -67.49
C GLN AA 159 -5.72 -59.19 -67.87
N SER AA 160 -6.41 -60.26 -67.46
CA SER AA 160 -6.03 -61.62 -67.81
C SER AA 160 -6.82 -62.08 -69.02
N LEU AA 161 -6.64 -63.35 -69.38
CA LEU AA 161 -7.30 -63.93 -70.54
C LEU AA 161 -8.38 -64.93 -70.18
N ALA AA 162 -8.12 -65.81 -69.23
CA ALA AA 162 -9.16 -66.77 -68.86
C ALA AA 162 -9.01 -67.14 -67.40
N PHE AA 163 -10.12 -67.58 -66.80
CA PHE AA 163 -10.11 -67.98 -65.40
C PHE AA 163 -11.21 -69.02 -65.20
N ASP AA 164 -10.81 -70.27 -65.00
CA ASP AA 164 -11.72 -71.38 -64.78
C ASP AA 164 -11.62 -71.82 -63.33
N TYR AA 165 -12.78 -71.97 -62.69
CA TYR AA 165 -12.85 -72.41 -61.30
C TYR AA 165 -13.87 -73.53 -61.19
N ASN AA 166 -13.62 -74.46 -60.28
CA ASN AA 166 -14.54 -75.57 -60.05
C ASN AA 166 -14.31 -76.12 -58.66
N ILE AA 167 -15.37 -76.22 -57.87
CA ILE AA 167 -15.28 -76.77 -56.53
C ILE AA 167 -16.42 -77.76 -56.33
N LYS AA 168 -16.14 -78.82 -55.58
CA LYS AA 168 -17.12 -79.85 -55.27
C LYS AA 168 -16.99 -80.19 -53.79
N GLN AA 169 -18.01 -79.85 -53.01
CA GLN AA 169 -18.06 -80.14 -51.59
C GLN AA 169 -19.10 -81.21 -51.31
N PHE AA 170 -18.74 -82.20 -50.53
CA PHE AA 170 -19.64 -83.30 -50.21
C PHE AA 170 -19.43 -83.68 -48.75
N SER AA 171 -20.51 -84.10 -48.10
CA SER AA 171 -20.44 -84.44 -46.68
C SER AA 171 -21.55 -85.43 -46.36
N TYR AA 172 -21.18 -86.65 -46.02
CA TYR AA 172 -22.10 -87.67 -45.56
C TYR AA 172 -22.18 -87.66 -44.04
N TYR AA 173 -23.22 -88.30 -43.51
CA TYR AA 173 -23.42 -88.44 -42.08
C TYR AA 173 -24.22 -89.71 -41.83
N SER AA 174 -23.94 -90.37 -40.71
CA SER AA 174 -24.69 -91.55 -40.32
C SER AA 174 -24.68 -91.67 -38.81
N GLU AA 175 -25.82 -92.02 -38.24
CA GLU AA 175 -25.94 -92.13 -36.79
C GLU AA 175 -26.95 -93.21 -36.43
N LEU AA 176 -26.49 -94.22 -35.68
CA LEU AA 176 -27.32 -95.29 -35.18
C LEU AA 176 -27.27 -95.26 -33.65
N LYS AA 177 -28.42 -95.41 -33.02
CA LYS AA 177 -28.56 -95.34 -31.56
C LYS AA 177 -29.39 -96.51 -31.04
N ILE AA 178 -29.04 -97.72 -31.47
CA ILE AA 178 -29.81 -98.90 -31.09
C ILE AA 178 -29.68 -99.15 -29.59
N ALA AA 179 -30.82 -99.39 -28.94
CA ALA AA 179 -30.84 -99.65 -27.50
C ALA AA 179 -31.78 -100.81 -27.21
N PHE AA 180 -31.52 -101.48 -26.10
CA PHE AA 180 -32.35 -102.63 -25.69
C PHE AA 180 -32.57 -102.62 -24.18
N ILE AA 194 -30.54 -107.34 -17.85
CA ILE AA 194 -29.97 -107.38 -19.19
C ILE AA 194 -30.27 -106.07 -19.92
N SER AA 195 -29.21 -105.41 -20.42
CA SER AA 195 -29.34 -104.17 -21.14
C SER AA 195 -28.44 -104.24 -22.37
N GLY AA 196 -28.28 -103.10 -23.05
CA GLY AA 196 -27.43 -103.04 -24.22
C GLY AA 196 -27.64 -101.80 -25.06
N SER AA 197 -26.54 -101.22 -25.55
CA SER AA 197 -26.60 -100.03 -26.37
C SER AA 197 -25.52 -100.09 -27.45
N ASN AA 198 -25.82 -99.50 -28.60
CA ASN AA 198 -24.92 -99.46 -29.74
C ASN AA 198 -25.08 -98.10 -30.41
N ASN AA 199 -24.08 -97.24 -30.25
CA ASN AA 199 -24.04 -95.91 -30.84
C ASN AA 199 -22.95 -95.88 -31.91
N LYS AA 200 -23.36 -95.73 -33.17
CA LYS AA 200 -22.46 -95.69 -34.30
C LYS AA 200 -22.58 -94.35 -34.99
N ILE AA 201 -21.44 -93.69 -35.22
CA ILE AA 201 -21.40 -92.40 -35.89
C ILE AA 201 -20.40 -92.48 -37.03
N LYS AA 202 -20.80 -92.02 -38.21
CA LYS AA 202 -19.95 -92.03 -39.39
C LYS AA 202 -20.01 -90.67 -40.07
N ARG AA 203 -18.84 -90.16 -40.44
CA ARG AA 203 -18.73 -88.88 -41.13
C ARG AA 203 -17.73 -89.01 -42.26
N THR AA 204 -18.01 -88.35 -43.38
CA THR AA 204 -17.12 -88.38 -44.54
C THR AA 204 -17.27 -87.07 -45.28
N THR AA 205 -16.23 -86.24 -45.24
CA THR AA 205 -16.22 -84.92 -45.85
C THR AA 205 -15.17 -84.85 -46.95
N GLY AA 206 -15.50 -84.18 -48.04
CA GLY AA 206 -14.56 -84.05 -49.15
C GLY AA 206 -14.75 -82.80 -49.97
N VAL AA 207 -13.66 -82.05 -50.16
CA VAL AA 207 -13.64 -80.84 -50.97
C VAL AA 207 -12.60 -81.01 -52.06
N PHE AA 208 -13.03 -80.94 -53.32
CA PHE AA 208 -12.13 -81.02 -54.46
C PHE AA 208 -12.23 -79.73 -55.26
N ALA AA 209 -11.10 -79.08 -55.51
CA ALA AA 209 -11.11 -77.80 -56.19
C ALA AA 209 -10.06 -77.78 -57.29
N LYS AA 210 -10.45 -77.30 -58.46
CA LYS AA 210 -9.56 -77.11 -59.59
C LYS AA 210 -9.70 -75.68 -60.10
N PHE AA 211 -8.57 -75.05 -60.37
CA PHE AA 211 -8.55 -73.68 -60.84
C PHE AA 211 -7.44 -73.51 -61.85
N THR AA 212 -7.73 -72.77 -62.92
CA THR AA 212 -6.73 -72.42 -63.91
C THR AA 212 -6.90 -70.96 -64.28
N GLN AA 213 -5.79 -70.29 -64.53
CA GLN AA 213 -5.82 -68.90 -64.96
C GLN AA 213 -4.89 -68.77 -66.14
N LYS AA 214 -5.33 -68.11 -67.20
CA LYS AA 214 -4.55 -67.87 -68.40
C LYS AA 214 -4.23 -66.38 -68.40
N ASN AA 215 -3.02 -66.04 -67.93
CA ASN AA 215 -2.56 -64.66 -67.88
C ASN AA 215 -2.44 -64.07 -69.27
N PHE AA 216 -1.74 -64.77 -70.17
CA PHE AA 216 -1.59 -64.25 -71.53
C PHE AA 216 -1.11 -65.37 -72.43
N THR AA 217 -1.06 -65.08 -73.72
CA THR AA 217 -0.47 -66.00 -74.68
C THR AA 217 0.42 -65.24 -75.65
N ILE AA 218 1.43 -65.96 -76.14
CA ILE AA 218 2.28 -65.48 -77.23
C ILE AA 218 1.91 -66.31 -78.45
N ASP AA 219 1.54 -65.62 -79.53
CA ASP AA 219 1.03 -66.24 -80.74
C ASP AA 219 2.01 -66.02 -81.89
N MET AA 220 1.96 -66.90 -82.87
CA MET AA 220 2.83 -66.86 -84.02
C MET AA 220 2.02 -66.50 -85.26
N ASP AA 221 2.57 -65.60 -86.08
CA ASP AA 221 1.90 -65.18 -87.30
C ASP AA 221 2.07 -66.23 -88.39
N LEU AA 222 1.08 -66.30 -89.27
CA LEU AA 222 1.15 -67.20 -90.40
C LEU AA 222 2.26 -66.74 -91.34
N PRO AA 223 3.01 -67.67 -91.94
CA PRO AA 223 4.09 -67.27 -92.83
C PRO AA 223 3.58 -66.51 -94.05
N ALA AA 224 4.36 -65.51 -94.47
CA ALA AA 224 4.02 -64.76 -95.67
C ALA AA 224 4.09 -65.64 -96.91
N ASP AA 225 5.11 -66.50 -97.00
CA ASP AA 225 5.26 -67.41 -98.13
C ASP AA 225 4.29 -68.58 -98.07
N GLY AA 226 3.65 -68.81 -96.92
CA GLY AA 226 2.75 -69.92 -96.75
C GLY AA 226 3.40 -71.17 -96.22
N ASN AA 227 4.72 -71.16 -96.06
CA ASN AA 227 5.46 -72.30 -95.52
C ASN AA 227 6.43 -71.79 -94.46
N ILE AA 228 6.49 -72.51 -93.34
CA ILE AA 228 7.39 -72.10 -92.25
C ILE AA 228 8.85 -72.35 -92.61
N PHE AA 229 9.11 -73.31 -93.50
CA PHE AA 229 10.48 -73.65 -93.84
C PHE AA 229 11.10 -72.61 -94.75
N LYS AA 230 12.39 -72.34 -94.53
CA LYS AA 230 13.10 -71.35 -95.33
C LYS AA 230 13.34 -71.83 -96.75
N ASN AA 231 13.80 -73.08 -96.90
CA ASN AA 231 14.11 -73.59 -98.23
C ASN AA 231 12.87 -73.91 -99.06
N ASN AA 232 11.73 -74.13 -98.41
CA ASN AA 232 10.43 -74.47 -99.02
C ASN AA 232 10.42 -75.85 -99.64
N SER AA 233 11.54 -76.57 -99.64
CA SER AA 233 11.58 -77.95 -100.09
C SER AA 233 11.58 -78.94 -98.94
N ASP AA 234 11.87 -78.47 -97.73
CA ASP AA 234 11.83 -79.35 -96.57
C ASP AA 234 10.41 -79.84 -96.31
N LEU AA 235 9.39 -79.08 -96.73
CA LEU AA 235 8.02 -79.56 -96.57
C LEU AA 235 7.80 -80.84 -97.35
N ALA AA 236 8.33 -80.92 -98.57
CA ALA AA 236 8.28 -82.17 -99.33
C ALA AA 236 9.29 -83.18 -98.80
N LEU AA 237 10.36 -82.72 -98.17
CA LEU AA 237 11.36 -83.64 -97.62
C LEU AA 237 10.80 -84.45 -96.46
N THR AA 238 9.99 -83.83 -95.61
CA THR AA 238 9.41 -84.51 -94.45
C THR AA 238 8.05 -85.14 -94.74
N ASN AA 239 7.79 -85.54 -95.98
CA ASN AA 239 6.57 -86.26 -96.28
C ASN AA 239 6.53 -87.57 -95.49
N GLY AA 240 5.42 -87.82 -94.81
CA GLY AA 240 5.29 -88.95 -93.93
C GLY AA 240 5.75 -88.70 -92.51
N LYS AA 241 6.41 -87.58 -92.25
CA LYS AA 241 6.84 -87.23 -90.90
C LYS AA 241 5.83 -86.37 -90.16
N ASN AA 242 4.74 -85.98 -90.82
CA ASN AA 242 3.68 -85.16 -90.24
C ASN AA 242 4.26 -83.90 -89.58
N PRO AA 243 4.74 -82.94 -90.36
CA PRO AA 243 5.34 -81.74 -89.77
C PRO AA 243 4.29 -80.87 -89.11
N VAL AA 244 4.48 -80.61 -87.82
CA VAL AA 244 3.57 -79.78 -87.03
C VAL AA 244 4.42 -78.86 -86.17
N TYR AA 245 4.08 -77.57 -86.16
CA TYR AA 245 4.85 -76.57 -85.42
C TYR AA 245 3.95 -75.87 -84.41
N ILE AA 246 4.49 -75.63 -83.22
CA ILE AA 246 3.75 -74.91 -82.20
C ILE AA 246 3.64 -73.44 -82.58
N SER AA 247 2.43 -72.90 -82.52
CA SER AA 247 2.17 -71.53 -82.92
C SER AA 247 1.60 -70.66 -81.80
N SER AA 248 1.39 -71.20 -80.61
CA SER AA 248 0.84 -70.42 -79.51
C SER AA 248 1.23 -71.06 -78.20
N VAL AA 249 1.67 -70.22 -77.25
CA VAL AA 249 2.02 -70.67 -75.91
C VAL AA 249 1.28 -69.83 -74.89
N THR AA 250 0.59 -70.48 -73.96
CA THR AA 250 -0.21 -69.81 -72.95
C THR AA 250 0.53 -69.81 -71.61
N TYR AA 251 0.71 -68.62 -71.05
CA TYR AA 251 1.32 -68.44 -69.74
C TYR AA 251 0.21 -68.19 -68.71
N GLY AA 252 0.25 -68.93 -67.61
CA GLY AA 252 -0.75 -68.81 -66.58
C GLY AA 252 -0.40 -69.64 -65.37
N ARG AA 253 -1.41 -69.89 -64.53
CA ARG AA 253 -1.25 -70.63 -63.29
C ARG AA 253 -2.25 -71.77 -63.22
N LEU AA 254 -1.87 -72.82 -62.50
CA LEU AA 254 -2.71 -73.99 -62.29
C LEU AA 254 -2.77 -74.29 -60.79
N GLY AA 255 -3.90 -74.83 -60.34
CA GLY AA 255 -4.04 -75.21 -58.95
C GLY AA 255 -5.08 -76.27 -58.70
N ILE AA 256 -4.71 -77.34 -58.01
CA ILE AA 256 -5.63 -78.42 -57.67
C ILE AA 256 -5.48 -78.73 -56.20
N ILE AA 257 -6.60 -78.86 -55.50
CA ILE AA 257 -6.60 -79.23 -54.09
C ILE AA 257 -7.65 -80.32 -53.88
N SER AA 258 -7.41 -81.15 -52.87
CA SER AA 258 -8.32 -82.23 -52.55
C SER AA 258 -8.17 -82.57 -51.08
N ILE AA 259 -9.20 -82.27 -50.29
CA ILE AA 259 -9.20 -82.52 -48.84
C ILE AA 259 -10.28 -83.56 -48.54
N GLU AA 260 -9.89 -84.63 -47.87
CA GLU AA 260 -10.79 -85.69 -47.47
C GLU AA 260 -10.66 -85.94 -45.98
N SER AA 261 -11.77 -86.36 -45.37
CA SER AA 261 -11.80 -86.63 -43.94
C SER AA 261 -12.83 -87.71 -43.65
N ASN AA 262 -12.49 -88.61 -42.74
CA ASN AA 262 -13.36 -89.70 -42.34
C ASN AA 262 -13.35 -89.82 -40.82
N ALA AA 263 -14.52 -90.08 -40.24
CA ALA AA 263 -14.67 -90.22 -38.81
C ALA AA 263 -15.60 -91.39 -38.50
N SER AA 264 -15.23 -92.20 -37.52
CA SER AA 264 -16.01 -93.36 -37.11
C SER AA 264 -16.03 -93.46 -35.60
N TYR AA 265 -17.20 -93.77 -35.05
CA TYR AA 265 -17.43 -93.91 -33.62
C TYR AA 265 -18.29 -95.15 -33.40
N ASN AA 266 -17.85 -96.04 -32.51
CA ASN AA 266 -18.45 -97.36 -32.37
C ASN AA 266 -18.70 -97.71 -30.91
N GLU AA 267 -19.34 -96.82 -30.16
CA GLU AA 267 -19.61 -97.10 -28.75
C GLU AA 267 -20.59 -98.25 -28.59
N VAL AA 268 -20.24 -99.19 -27.71
CA VAL AA 268 -21.09 -100.34 -27.41
C VAL AA 268 -21.09 -100.55 -25.90
N ASN AA 269 -22.27 -100.67 -25.31
CA ASN AA 269 -22.43 -100.89 -23.88
C ASN AA 269 -23.28 -102.13 -23.64
N PHE AA 270 -22.96 -102.86 -22.55
CA PHE AA 270 -23.71 -104.06 -22.20
C PHE AA 270 -23.66 -104.26 -20.69
N ALA AA 271 -24.80 -104.58 -20.10
CA ALA AA 271 -24.89 -104.81 -18.67
C ALA AA 271 -25.80 -106.00 -18.39
N LEU AA 272 -25.50 -106.73 -17.33
CA LEU AA 272 -26.28 -107.89 -16.90
C LEU AA 272 -26.54 -107.81 -15.41
N LYS AA 273 -27.03 -106.66 -14.96
CA LYS AA 273 -27.32 -106.46 -13.55
C LYS AA 273 -28.59 -107.21 -13.13
N LEU AA 285 -24.69 -111.17 -9.68
CA LEU AA 285 -23.97 -110.95 -10.93
C LEU AA 285 -24.12 -109.51 -11.41
N ASN AA 286 -22.99 -108.88 -11.70
CA ASN AA 286 -22.92 -107.48 -12.14
C ASN AA 286 -22.00 -107.37 -13.35
N ILE AA 287 -22.19 -108.23 -14.34
CA ILE AA 287 -21.34 -108.24 -15.52
C ILE AA 287 -21.56 -106.96 -16.32
N ASP AA 288 -20.46 -106.28 -16.65
CA ASP AA 288 -20.50 -105.05 -17.42
C ASP AA 288 -19.48 -105.13 -18.56
N SER AA 289 -19.77 -104.46 -19.66
CA SER AA 289 -18.89 -104.46 -20.82
C SER AA 289 -19.05 -103.17 -21.59
N ASN AA 290 -17.94 -102.62 -22.06
CA ASN AA 290 -17.94 -101.40 -22.85
C ASN AA 290 -16.87 -101.50 -23.92
N SER AA 291 -17.17 -100.96 -25.10
CA SER AA 291 -16.25 -101.00 -26.23
C SER AA 291 -16.37 -99.68 -26.99
N LYS AA 292 -15.33 -98.86 -26.93
CA LYS AA 292 -15.30 -97.58 -27.62
C LYS AA 292 -14.24 -97.61 -28.70
N LYS AA 293 -14.59 -97.17 -29.90
CA LYS AA 293 -13.66 -97.16 -31.03
C LYS AA 293 -13.88 -95.88 -31.82
N ILE AA 294 -12.85 -95.04 -31.86
CA ILE AA 294 -12.86 -93.79 -32.62
C ILE AA 294 -11.75 -93.87 -33.67
N LEU AA 295 -12.12 -93.71 -34.93
CA LEU AA 295 -11.19 -93.75 -36.05
C LEU AA 295 -11.30 -92.45 -36.83
N GLU AA 296 -10.20 -91.72 -36.97
CA GLU AA 296 -10.18 -90.47 -37.69
C GLU AA 296 -9.09 -90.52 -38.75
N GLU AA 297 -9.45 -90.20 -39.98
CA GLU AA 297 -8.51 -90.17 -41.09
C GLU AA 297 -8.64 -88.85 -41.83
N SER AA 298 -7.52 -88.33 -42.31
CA SER AA 298 -7.50 -87.06 -43.02
C SER AA 298 -6.53 -87.16 -44.20
N ASP AA 299 -6.78 -86.33 -45.21
CA ASP AA 299 -5.93 -86.29 -46.39
C ASP AA 299 -6.05 -84.92 -47.04
N LEU AA 300 -4.94 -84.44 -47.60
CA LEU AA 300 -4.93 -83.12 -48.24
C LEU AA 300 -3.82 -83.10 -49.28
N SER AA 301 -4.21 -83.15 -50.55
CA SER AA 301 -3.26 -83.14 -51.65
C SER AA 301 -3.38 -81.84 -52.43
N VAL AA 302 -2.26 -81.16 -52.64
CA VAL AA 302 -2.21 -79.89 -53.35
C VAL AA 302 -1.22 -79.99 -54.49
N TYR AA 303 -1.55 -79.39 -55.63
CA TYR AA 303 -0.69 -79.34 -56.81
C TYR AA 303 -0.82 -77.97 -57.45
N LEU AA 304 0.21 -77.15 -57.33
CA LEU AA 304 0.21 -75.80 -57.89
C LEU AA 304 1.29 -75.68 -58.96
N VAL AA 305 0.95 -74.99 -60.05
CA VAL AA 305 1.87 -74.73 -61.15
C VAL AA 305 1.92 -73.23 -61.35
N GLY AA 306 3.04 -72.63 -60.96
CA GLY AA 306 3.22 -71.20 -61.09
C GLY AA 306 2.61 -70.44 -59.94
N GLY AA 307 2.58 -69.13 -60.10
CA GLY AA 307 2.07 -68.25 -59.08
C GLY AA 307 3.14 -67.79 -58.12
N ARG AA 308 2.73 -66.90 -57.22
CA ARG AA 308 3.65 -66.37 -56.21
C ARG AA 308 4.05 -67.47 -55.25
N GLY AA 309 5.36 -67.58 -54.98
CA GLY AA 309 5.85 -68.63 -54.10
C GLY AA 309 5.37 -68.47 -52.67
N THR AA 310 5.36 -67.23 -52.17
CA THR AA 310 4.94 -66.98 -50.79
C THR AA 310 3.50 -67.39 -50.57
N ASP AA 311 2.61 -67.08 -51.51
CA ASP AA 311 1.23 -67.50 -51.38
C ASP AA 311 1.07 -68.98 -51.68
N ALA AA 312 1.92 -69.55 -52.53
CA ALA AA 312 1.82 -70.96 -52.87
C ALA AA 312 2.16 -71.84 -51.69
N VAL AA 313 3.17 -71.46 -50.90
CA VAL AA 313 3.56 -72.31 -49.78
C VAL AA 313 2.60 -72.20 -48.60
N GLN AA 314 1.67 -71.27 -48.63
CA GLN AA 314 0.69 -71.10 -47.56
C GLN AA 314 -0.54 -71.98 -47.75
N VAL AA 315 -0.63 -72.72 -48.84
CA VAL AA 315 -1.80 -73.57 -49.10
C VAL AA 315 -1.77 -74.79 -48.19
N ILE AA 316 -0.69 -74.94 -47.42
CA ILE AA 316 -0.60 -76.09 -46.54
C ILE AA 316 -1.56 -75.99 -45.36
N LYS AA 317 -2.12 -74.81 -45.12
CA LYS AA 317 -3.01 -74.59 -43.97
C LYS AA 317 -4.47 -74.77 -44.39
N GLY AA 318 -4.79 -75.99 -44.86
CA GLY AA 318 -6.14 -76.32 -45.25
C GLY AA 318 -6.64 -75.53 -46.44
N PHE AA 319 -7.96 -75.34 -46.49
CA PHE AA 319 -8.58 -74.55 -47.55
C PHE AA 319 -8.64 -73.08 -47.20
N ALA AA 320 -7.51 -72.53 -46.80
CA ALA AA 320 -7.35 -71.11 -46.54
C ALA AA 320 -6.23 -70.53 -47.38
N GLY AA 321 -5.12 -71.26 -47.50
CA GLY AA 321 -4.09 -70.86 -48.42
C GLY AA 321 -4.54 -70.97 -49.86
N PHE AA 322 -5.31 -72.01 -50.17
CA PHE AA 322 -5.91 -72.10 -51.49
C PHE AA 322 -7.22 -71.34 -51.49
N SER AA 323 -7.19 -70.14 -50.90
CA SER AA 323 -8.20 -69.10 -51.05
C SER AA 323 -7.58 -67.73 -51.17
N ASN AA 324 -6.31 -67.58 -50.80
CA ASN AA 324 -5.55 -66.36 -51.04
C ASN AA 324 -4.51 -66.53 -52.11
N PHE AA 325 -4.06 -67.77 -52.38
CA PHE AA 325 -3.15 -67.99 -53.49
C PHE AA 325 -3.80 -67.57 -54.80
N ILE AA 326 -5.13 -67.64 -54.86
CA ILE AA 326 -5.85 -67.24 -56.06
C ILE AA 326 -6.14 -65.74 -56.05
N VAL AA 327 -6.58 -65.20 -54.91
CA VAL AA 327 -6.99 -63.80 -54.88
C VAL AA 327 -5.83 -62.82 -54.75
N ASN AA 328 -4.62 -63.30 -54.45
CA ASN AA 328 -3.45 -62.45 -54.35
C ASN AA 328 -2.58 -62.51 -55.59
N GLY AA 329 -3.04 -63.16 -56.66
CA GLY AA 329 -2.26 -63.25 -57.87
C GLY AA 329 -3.09 -63.08 -59.13
N GLY AA 330 -4.21 -62.37 -59.02
CA GLY AA 330 -5.05 -62.15 -60.18
C GLY AA 330 -4.37 -61.32 -61.25
N GLN AA 331 -3.69 -60.25 -60.86
CA GLN AA 331 -2.94 -59.43 -61.79
C GLN AA 331 -1.51 -59.95 -61.87
N PHE AA 332 -1.07 -60.33 -63.06
CA PHE AA 332 0.27 -60.86 -63.23
C PHE AA 332 1.26 -59.71 -63.45
N THR AA 333 2.28 -59.70 -62.64
CA THR AA 333 3.33 -58.70 -62.58
C THR AA 333 4.53 -59.18 -63.39
N PRO AA 334 5.42 -58.29 -63.84
CA PRO AA 334 6.61 -58.78 -64.55
C PRO AA 334 7.56 -59.56 -63.65
N GLU AA 335 7.44 -59.43 -62.33
CA GLU AA 335 8.17 -60.31 -61.42
C GLU AA 335 7.56 -61.72 -61.38
N ALA AA 336 6.29 -61.87 -61.75
CA ALA AA 336 5.61 -63.16 -61.77
C ALA AA 336 4.92 -63.33 -63.12
N PRO AA 337 5.70 -63.61 -64.16
CA PRO AA 337 5.11 -63.70 -65.51
C PRO AA 337 4.14 -64.83 -65.71
N GLY AA 338 4.20 -65.88 -64.91
CA GLY AA 338 3.39 -67.05 -65.10
C GLY AA 338 4.19 -68.17 -65.75
N VAL AA 339 3.56 -69.33 -65.86
CA VAL AA 339 4.21 -70.53 -66.36
C VAL AA 339 3.51 -71.01 -67.62
N PRO AA 340 4.24 -71.43 -68.65
CA PRO AA 340 3.57 -72.02 -69.82
C PRO AA 340 2.78 -73.25 -69.41
N ILE AA 341 1.46 -73.16 -69.56
CA ILE AA 341 0.55 -74.20 -69.12
C ILE AA 341 -0.14 -74.88 -70.30
N TYR AA 342 -0.45 -74.14 -71.36
CA TYR AA 342 -1.10 -74.69 -72.53
C TYR AA 342 -0.38 -74.18 -73.78
N PHE AA 343 -0.50 -74.96 -74.85
CA PHE AA 343 0.10 -74.54 -76.12
C PHE AA 343 -0.72 -75.13 -77.25
N SER AA 344 -0.63 -74.49 -78.40
CA SER AA 344 -1.37 -74.91 -79.58
C SER AA 344 -0.40 -75.06 -80.75
N ALA AA 345 -0.69 -76.03 -81.61
CA ALA AA 345 0.17 -76.33 -82.73
C ALA AA 345 -0.66 -76.39 -84.01
N SER AA 346 0.01 -76.18 -85.14
CA SER AA 346 -0.64 -76.17 -86.44
C SER AA 346 0.19 -76.98 -87.42
N HIS AA 347 -0.49 -77.53 -88.43
CA HIS AA 347 0.18 -78.30 -89.47
C HIS AA 347 1.07 -77.40 -90.31
N ALA AA 348 2.17 -77.95 -90.80
CA ALA AA 348 3.09 -77.20 -91.63
C ALA AA 348 2.78 -77.31 -93.11
N SER AA 349 1.83 -78.17 -93.49
CA SER AA 349 1.50 -78.34 -94.91
C SER AA 349 0.53 -77.26 -95.37
N ASP AA 350 -0.66 -77.22 -94.79
CA ASP AA 350 -1.68 -76.25 -95.16
C ASP AA 350 -1.88 -75.18 -94.10
N ASN AA 351 -1.03 -75.14 -93.08
CA ASN AA 351 -1.11 -74.16 -91.99
C ASN AA 351 -2.46 -74.26 -91.26
N SER AA 352 -3.05 -75.43 -91.26
CA SER AA 352 -4.33 -75.66 -90.59
C SER AA 352 -4.11 -75.96 -89.12
N VAL AA 353 -5.19 -75.86 -88.35
CA VAL AA 353 -5.11 -76.11 -86.91
C VAL AA 353 -4.97 -77.60 -86.66
N TYR AA 354 -3.96 -77.95 -85.86
CA TYR AA 354 -3.69 -79.34 -85.53
C TYR AA 354 -4.51 -79.76 -84.32
N TYR AA 355 -5.23 -80.87 -84.45
CA TYR AA 355 -6.06 -81.40 -83.37
C TYR AA 355 -5.50 -82.75 -82.95
N THR AA 356 -5.28 -82.91 -81.65
CA THR AA 356 -4.75 -84.14 -81.09
C THR AA 356 -5.85 -84.87 -80.32
N THR AA 357 -5.74 -86.19 -80.28
CA THR AA 357 -6.72 -87.01 -79.58
C THR AA 357 -6.15 -87.56 -78.27
N THR BA 81 7.31 -95.42 -66.97
CA THR BA 81 8.08 -94.42 -67.69
C THR BA 81 7.81 -93.02 -67.16
N SER BA 82 8.87 -92.26 -66.90
CA SER BA 82 8.78 -90.91 -66.39
C SER BA 82 9.71 -89.99 -67.16
N ASP BA 83 9.34 -88.72 -67.22
CA ASP BA 83 10.12 -87.71 -67.92
C ASP BA 83 11.18 -87.07 -67.03
N GLN BA 84 10.86 -86.87 -65.76
CA GLN BA 84 11.77 -86.25 -64.81
C GLN BA 84 12.35 -87.33 -63.89
N ILE BA 85 13.67 -87.31 -63.73
CA ILE BA 85 14.39 -88.28 -62.92
C ILE BA 85 14.90 -87.56 -61.67
N VAL BA 86 14.67 -88.17 -60.52
CA VAL BA 86 15.14 -87.61 -59.26
C VAL BA 86 16.66 -87.64 -59.22
N VAL BA 87 17.27 -86.56 -58.75
CA VAL BA 87 18.72 -86.47 -58.73
C VAL BA 87 19.27 -87.40 -57.66
N THR BA 88 20.11 -88.34 -58.06
CA THR BA 88 20.76 -89.25 -57.13
C THR BA 88 22.26 -89.05 -57.05
N VAL BA 89 22.88 -88.59 -58.13
CA VAL BA 89 24.32 -88.30 -58.15
C VAL BA 89 24.49 -86.82 -58.52
N PRO BA 90 24.54 -85.93 -57.53
CA PRO BA 90 24.68 -84.50 -57.84
C PRO BA 90 25.94 -84.16 -58.61
N GLN BA 91 27.01 -84.92 -58.40
CA GLN BA 91 28.26 -84.66 -59.13
C GLN BA 91 28.06 -84.85 -60.63
N LYS BA 92 27.39 -85.92 -61.03
CA LYS BA 92 27.20 -86.21 -62.44
C LYS BA 92 25.94 -85.61 -63.02
N THR BA 93 25.08 -85.01 -62.20
CA THR BA 93 23.83 -84.43 -62.67
C THR BA 93 24.06 -82.96 -62.96
N PHE BA 94 24.56 -82.69 -64.16
CA PHE BA 94 24.75 -81.33 -64.65
C PHE BA 94 24.27 -81.27 -66.09
N ILE BA 95 23.85 -80.07 -66.50
CA ILE BA 95 23.31 -79.90 -67.84
C ILE BA 95 24.42 -80.08 -68.88
N GLY BA 96 24.04 -80.62 -70.03
CA GLY BA 96 24.99 -80.84 -71.09
C GLY BA 96 25.86 -82.07 -70.96
N GLY BA 97 25.64 -82.91 -69.96
CA GLY BA 97 26.44 -84.11 -69.77
C GLY BA 97 25.84 -85.30 -70.49
N VAL BA 98 26.69 -86.03 -71.22
CA VAL BA 98 26.27 -87.17 -72.01
C VAL BA 98 26.61 -88.45 -71.26
N TYR BA 99 25.64 -89.34 -71.12
CA TYR BA 99 25.79 -90.61 -70.43
C TYR BA 99 25.14 -91.70 -71.24
N ASN BA 100 25.32 -92.94 -70.78
CA ASN BA 100 24.67 -94.10 -71.38
C ASN BA 100 23.31 -94.27 -70.71
N SER BA 101 22.32 -94.70 -71.51
CA SER BA 101 20.98 -94.89 -70.98
C SER BA 101 20.95 -95.98 -69.92
N THR BA 102 21.63 -97.10 -70.17
CA THR BA 102 21.65 -98.19 -69.20
C THR BA 102 22.34 -97.78 -67.91
N THR BA 103 23.46 -97.07 -68.02
CA THR BA 103 24.18 -96.63 -66.84
C THR BA 103 23.36 -95.63 -66.04
N LEU BA 104 22.66 -94.73 -66.73
CA LEU BA 104 21.78 -93.80 -66.03
C LEU BA 104 20.61 -94.52 -65.39
N ASP BA 105 20.13 -95.60 -66.01
CA ASP BA 105 19.03 -96.37 -65.45
C ASP BA 105 19.44 -97.10 -64.18
N ASN BA 106 20.62 -97.73 -64.18
CA ASN BA 106 21.11 -98.43 -63.01
C ASN BA 106 22.02 -97.57 -62.12
N LEU BA 107 21.97 -96.25 -62.30
CA LEU BA 107 22.67 -95.30 -61.44
C LEU BA 107 24.19 -95.46 -61.49
N ASP BA 108 24.71 -95.88 -62.65
CA ASP BA 108 26.16 -95.96 -62.83
C ASP BA 108 26.73 -94.66 -63.36
N TYR BA 109 26.02 -94.03 -64.29
CA TYR BA 109 26.39 -92.73 -64.84
C TYR BA 109 27.79 -92.78 -65.45
N THR BA 110 27.94 -93.62 -66.47
CA THR BA 110 29.21 -93.68 -67.19
C THR BA 110 29.24 -92.58 -68.25
N PRO BA 111 30.14 -91.62 -68.15
CA PRO BA 111 30.15 -90.52 -69.11
C PRO BA 111 30.68 -90.98 -70.47
N ILE BA 112 30.27 -90.24 -71.50
CA ILE BA 112 30.76 -90.45 -72.85
C ILE BA 112 31.69 -89.28 -73.15
N SER BA 113 33.00 -89.55 -73.14
CA SER BA 113 34.02 -88.51 -73.28
C SER BA 113 34.25 -88.22 -74.76
N TYR BA 114 33.42 -87.33 -75.30
CA TYR BA 114 33.56 -86.88 -76.67
C TYR BA 114 33.32 -85.37 -76.71
N PRO BA 115 33.95 -84.67 -77.65
CA PRO BA 115 33.74 -83.21 -77.74
C PRO BA 115 32.29 -82.88 -78.05
N LEU BA 116 31.84 -81.77 -77.50
CA LEU BA 116 30.47 -81.30 -77.67
C LEU BA 116 30.48 -79.83 -78.09
N ASP BA 117 29.51 -79.46 -78.93
CA ASP BA 117 29.38 -78.09 -79.35
C ASP BA 117 28.92 -77.24 -78.17
N PRO BA 118 29.22 -75.93 -78.20
CA PRO BA 118 28.73 -75.06 -77.13
C PRO BA 118 27.22 -75.11 -77.04
N ILE BA 119 26.72 -75.10 -75.80
CA ILE BA 119 25.30 -75.29 -75.51
C ILE BA 119 24.73 -73.98 -74.99
N THR BA 120 23.52 -73.66 -75.44
CA THR BA 120 22.79 -72.49 -74.96
C THR BA 120 21.82 -72.94 -73.87
N VAL BA 121 21.85 -72.24 -72.74
CA VAL BA 121 21.04 -72.58 -71.58
C VAL BA 121 20.15 -71.38 -71.25
N SER BA 122 18.92 -71.67 -70.86
CA SER BA 122 17.96 -70.64 -70.49
C SER BA 122 17.43 -70.93 -69.09
N TYR BA 123 17.06 -69.88 -68.37
CA TYR BA 123 16.58 -70.01 -67.01
C TYR BA 123 15.10 -69.67 -66.94
N SER BA 124 14.36 -70.42 -66.12
CA SER BA 124 12.92 -70.18 -66.01
C SER BA 124 12.61 -68.86 -65.32
N PHE BA 125 13.44 -68.42 -64.38
CA PHE BA 125 13.17 -67.18 -63.66
C PHE BA 125 13.56 -65.97 -64.50
N PRO BA 126 12.85 -64.85 -64.34
CA PRO BA 126 13.21 -63.64 -65.07
C PRO BA 126 14.48 -62.99 -64.51
N SER BA 127 15.45 -62.78 -65.39
CA SER BA 127 16.72 -62.15 -65.02
C SER BA 127 17.37 -61.58 -66.27
N ASP BA 128 18.32 -60.66 -66.05
CA ASP BA 128 19.07 -60.09 -67.16
C ASP BA 128 19.90 -61.17 -67.86
N PHE BA 129 20.54 -62.04 -67.08
CA PHE BA 129 21.33 -63.14 -67.62
C PHE BA 129 20.48 -64.41 -67.67
N ILE BA 130 19.40 -64.33 -68.46
CA ILE BA 130 18.46 -65.44 -68.59
C ILE BA 130 18.88 -66.42 -69.68
N VAL BA 131 19.71 -66.00 -70.63
CA VAL BA 131 20.20 -66.84 -71.71
C VAL BA 131 21.72 -66.82 -71.67
N ASP BA 132 22.32 -67.91 -71.20
CA ASP BA 132 23.77 -68.06 -71.13
C ASP BA 132 24.24 -69.09 -72.14
N THR BA 133 25.56 -69.12 -72.34
CA THR BA 133 26.20 -70.07 -73.24
C THR BA 133 27.38 -70.71 -72.53
N ILE BA 134 27.51 -72.03 -72.67
CA ILE BA 134 28.59 -72.78 -72.03
C ILE BA 134 29.31 -73.55 -73.12
N GLU BA 135 30.62 -73.28 -73.27
CA GLU BA 135 31.40 -73.97 -74.29
C GLU BA 135 31.67 -75.42 -73.91
N ARG BA 136 32.05 -75.65 -72.65
CA ARG BA 136 32.35 -77.00 -72.16
C ARG BA 136 31.39 -77.33 -71.04
N PRO BA 137 30.34 -78.12 -71.29
CA PRO BA 137 29.39 -78.47 -70.23
C PRO BA 137 30.06 -79.20 -69.08
N SER BA 138 29.96 -78.61 -67.89
CA SER BA 138 30.53 -79.20 -66.68
C SER BA 138 29.75 -78.70 -65.48
N LEU BA 139 29.91 -79.41 -64.36
CA LEU BA 139 29.22 -79.04 -63.13
C LEU BA 139 29.66 -77.66 -62.64
N SER BA 140 30.96 -77.37 -62.70
CA SER BA 140 31.45 -76.07 -62.27
C SER BA 140 30.91 -74.96 -63.14
N SER BA 141 30.89 -75.18 -64.46
CA SER BA 141 30.35 -74.17 -65.37
C SER BA 141 28.87 -73.94 -65.13
N MET BA 142 28.11 -75.01 -64.90
CA MET BA 142 26.68 -74.85 -64.62
C MET BA 142 26.45 -74.09 -63.31
N ARG BA 143 27.23 -74.41 -62.28
CA ARG BA 143 27.10 -73.70 -61.00
C ARG BA 143 27.46 -72.24 -61.14
N ALA BA 144 28.55 -71.93 -61.86
CA ALA BA 144 28.95 -70.55 -62.05
C ALA BA 144 27.91 -69.77 -62.86
N SER BA 145 27.35 -70.40 -63.90
CA SER BA 145 26.33 -69.73 -64.68
C SER BA 145 25.08 -69.46 -63.85
N VAL BA 146 24.68 -70.42 -63.01
CA VAL BA 146 23.53 -70.19 -62.14
C VAL BA 146 23.80 -69.06 -61.15
N PHE BA 147 25.01 -69.04 -60.59
CA PHE BA 147 25.37 -67.98 -59.65
C PHE BA 147 25.31 -66.60 -60.31
N LYS BA 148 25.90 -66.48 -61.49
CA LYS BA 148 25.90 -65.20 -62.20
C LYS BA 148 24.49 -64.79 -62.60
N ALA BA 149 23.69 -65.75 -63.10
CA ALA BA 149 22.32 -65.43 -63.52
C ALA BA 149 21.48 -64.96 -62.35
N MET BA 150 21.60 -65.60 -61.20
CA MET BA 150 20.78 -65.22 -60.06
C MET BA 150 21.32 -64.02 -59.32
N ARG BA 151 22.58 -63.64 -59.54
CA ARG BA 151 23.11 -62.39 -59.01
C ARG BA 151 22.99 -61.23 -60.00
N ALA BA 152 22.50 -61.48 -61.21
CA ALA BA 152 22.37 -60.41 -62.19
C ALA BA 152 21.20 -59.49 -61.83
N ALA BA 153 21.09 -58.39 -62.55
CA ALA BA 153 20.04 -57.40 -62.33
C ALA BA 153 18.69 -57.92 -62.83
N ASN BA 154 17.62 -57.31 -62.33
CA ASN BA 154 16.25 -57.66 -62.69
C ASN BA 154 15.94 -59.12 -62.41
N PHE BA 155 16.49 -59.65 -61.32
CA PHE BA 155 16.24 -61.01 -60.89
C PHE BA 155 15.09 -61.04 -59.90
N SER BA 156 14.19 -62.00 -60.09
CA SER BA 156 13.02 -62.13 -59.23
C SER BA 156 12.81 -63.60 -58.93
N GLY BA 157 12.95 -63.97 -57.66
CA GLY BA 157 12.62 -65.30 -57.20
C GLY BA 157 11.23 -65.33 -56.62
N GLU BA 158 10.45 -64.30 -56.92
CA GLU BA 158 9.12 -64.17 -56.34
C GLU BA 158 8.19 -65.28 -56.80
N GLN BA 159 8.28 -65.68 -58.07
CA GLN BA 159 7.41 -66.70 -58.62
C GLN BA 159 8.18 -68.01 -58.75
N SER BA 160 7.58 -69.09 -58.26
CA SER BA 160 8.14 -70.43 -58.36
C SER BA 160 7.54 -71.14 -59.56
N LEU BA 161 7.89 -72.41 -59.72
CA LEU BA 161 7.44 -73.22 -60.84
C LEU BA 161 6.45 -74.28 -60.43
N ALA BA 162 6.70 -75.01 -59.33
CA ALA BA 162 5.74 -76.03 -58.93
C ALA BA 162 5.77 -76.17 -57.42
N PHE BA 163 4.67 -76.67 -56.87
CA PHE BA 163 4.57 -76.87 -55.42
C PHE BA 163 3.58 -78.00 -55.18
N ASP BA 164 4.11 -79.16 -54.77
CA ASP BA 164 3.30 -80.33 -54.47
C ASP BA 164 3.29 -80.55 -52.96
N TYR BA 165 2.10 -80.77 -52.40
CA TYR BA 165 1.93 -81.03 -50.98
C TYR BA 165 1.04 -82.23 -50.80
N ASN BA 166 1.30 -83.00 -49.74
CA ASN BA 166 0.50 -84.18 -49.45
C ASN BA 166 0.64 -84.50 -47.97
N ILE BA 167 -0.48 -84.62 -47.27
CA ILE BA 167 -0.47 -84.97 -45.86
C ILE BA 167 -1.52 -86.06 -45.61
N LYS BA 168 -1.20 -86.97 -44.70
CA LYS BA 168 -2.08 -88.07 -44.34
C LYS BA 168 -2.07 -88.17 -42.82
N GLN BA 169 -3.20 -87.88 -42.19
CA GLN BA 169 -3.36 -87.97 -40.74
C GLN BA 169 -4.30 -89.11 -40.42
N PHE BA 170 -3.91 -89.95 -39.46
CA PHE BA 170 -4.71 -91.10 -39.07
C PHE BA 170 -4.61 -91.25 -37.56
N SER BA 171 -5.70 -91.70 -36.94
CA SER BA 171 -5.74 -91.85 -35.49
C SER BA 171 -6.77 -92.91 -35.14
N TYR BA 172 -6.29 -94.03 -34.59
CA TYR BA 172 -7.14 -95.08 -34.07
C TYR BA 172 -7.38 -94.88 -32.57
N TYR BA 173 -8.39 -95.56 -32.06
CA TYR BA 173 -8.72 -95.54 -30.64
C TYR BA 173 -9.40 -96.85 -30.28
N SER BA 174 -9.17 -97.31 -29.05
CA SER BA 174 -9.81 -98.53 -28.57
C SER BA 174 -9.94 -98.44 -27.06
N GLU BA 175 -11.10 -98.84 -26.55
CA GLU BA 175 -11.36 -98.77 -25.10
C GLU BA 175 -12.26 -99.91 -24.69
N LEU BA 176 -11.78 -100.74 -23.77
CA LEU BA 176 -12.53 -101.83 -23.19
C LEU BA 176 -12.65 -101.59 -21.68
N LYS BA 177 -13.84 -101.81 -21.13
CA LYS BA 177 -14.13 -101.56 -19.72
C LYS BA 177 -14.88 -102.75 -19.12
N ILE BA 178 -14.34 -103.95 -19.33
CA ILE BA 178 -15.02 -105.15 -18.85
C ILE BA 178 -15.02 -105.18 -17.33
N ALA BA 179 -16.18 -105.47 -16.75
CA ALA BA 179 -16.33 -105.53 -15.30
C ALA BA 179 -17.16 -106.75 -14.92
N PHE BA 180 -16.95 -107.25 -13.71
CA PHE BA 180 -17.67 -108.41 -13.22
C PHE BA 180 -18.05 -108.24 -11.75
N ILE BA 194 -16.18 -111.76 -4.64
CA ILE BA 194 -15.47 -111.90 -5.90
C ILE BA 194 -15.83 -110.75 -6.84
N SER BA 195 -14.81 -110.06 -7.33
CA SER BA 195 -15.00 -108.93 -8.24
C SER BA 195 -13.98 -109.05 -9.36
N GLY BA 196 -13.88 -108.00 -10.19
CA GLY BA 196 -12.92 -108.00 -11.27
C GLY BA 196 -13.18 -106.91 -12.29
N SER BA 197 -12.11 -106.28 -12.77
CA SER BA 197 -12.21 -105.22 -13.76
C SER BA 197 -11.03 -105.29 -14.71
N ASN BA 198 -11.27 -104.90 -15.96
CA ASN BA 198 -10.26 -104.90 -17.01
C ASN BA 198 -10.50 -103.68 -17.89
N ASN BA 199 -9.62 -102.68 -17.76
CA ASN BA 199 -9.68 -101.45 -18.54
C ASN BA 199 -8.49 -101.44 -19.49
N LYS BA 200 -8.78 -101.51 -20.79
CA LYS BA 200 -7.78 -101.51 -21.84
C LYS BA 200 -7.97 -100.29 -22.72
N ILE BA 201 -6.90 -99.53 -22.94
CA ILE BA 201 -6.93 -98.34 -23.78
C ILE BA 201 -5.82 -98.45 -24.82
N LYS BA 202 -6.14 -98.21 -26.08
CA LYS BA 202 -5.18 -98.27 -27.17
C LYS BA 202 -5.31 -97.03 -28.03
N ARG BA 203 -4.18 -96.43 -28.37
CA ARG BA 203 -4.15 -95.25 -29.23
C ARG BA 203 -3.02 -95.40 -30.24
N THR BA 204 -3.25 -94.94 -31.46
CA THR BA 204 -2.25 -95.01 -32.52
C THR BA 204 -2.47 -93.84 -33.45
N THR BA 205 -1.53 -92.89 -33.43
CA THR BA 205 -1.61 -91.67 -34.23
C THR BA 205 -0.46 -91.62 -35.23
N GLY BA 206 -0.74 -91.14 -36.44
CA GLY BA 206 0.28 -91.05 -37.46
C GLY BA 206 0.04 -89.95 -38.47
N VAL BA 207 1.05 -89.11 -38.68
CA VAL BA 207 1.02 -88.02 -39.64
C VAL BA 207 2.18 -88.20 -40.60
N PHE BA 208 1.88 -88.36 -41.89
CA PHE BA 208 2.89 -88.48 -42.93
C PHE BA 208 2.73 -87.32 -43.91
N ALA BA 209 3.80 -86.59 -44.15
CA ALA BA 209 3.73 -85.41 -45.01
C ALA BA 209 4.88 -85.41 -46.00
N LYS BA 210 4.56 -85.15 -47.26
CA LYS BA 210 5.54 -85.00 -48.32
C LYS BA 210 5.30 -83.69 -49.04
N PHE BA 211 6.37 -82.94 -49.31
CA PHE BA 211 6.27 -81.66 -49.97
C PHE BA 211 7.46 -81.49 -50.89
N THR BA 212 7.20 -80.95 -52.07
CA THR BA 212 8.26 -80.61 -53.01
C THR BA 212 7.97 -79.24 -53.61
N GLN BA 213 9.01 -78.48 -53.85
CA GLN BA 213 8.87 -77.18 -54.48
C GLN BA 213 9.91 -77.09 -55.58
N LYS BA 214 9.49 -76.64 -56.75
CA LYS BA 214 10.38 -76.46 -57.90
C LYS BA 214 10.52 -74.95 -58.09
N ASN BA 215 11.62 -74.42 -57.58
CA ASN BA 215 11.91 -72.99 -57.69
C ASN BA 215 12.12 -72.58 -59.13
N PHE BA 216 12.97 -73.29 -59.86
CA PHE BA 216 13.22 -72.94 -61.25
C PHE BA 216 13.92 -74.11 -61.93
N THR BA 217 14.06 -73.99 -63.25
CA THR BA 217 14.84 -74.95 -64.02
C THR BA 217 15.75 -74.22 -65.00
N ILE BA 218 16.88 -74.85 -65.29
CA ILE BA 218 17.77 -74.44 -66.36
C ILE BA 218 17.64 -75.45 -67.47
N ASP BA 219 17.30 -74.97 -68.66
CA ASP BA 219 17.01 -75.80 -69.81
C ASP BA 219 18.07 -75.61 -70.88
N MET BA 220 18.21 -76.63 -71.73
CA MET BA 220 19.19 -76.63 -72.79
C MET BA 220 18.48 -76.54 -74.14
N ASP BA 221 19.00 -75.70 -75.03
CA ASP BA 221 18.43 -75.53 -76.35
C ASP BA 221 18.82 -76.69 -77.26
N LEU BA 222 17.94 -77.00 -78.20
CA LEU BA 222 18.25 -78.04 -79.17
C LEU BA 222 19.38 -77.57 -80.08
N PRO BA 223 20.29 -78.46 -80.46
CA PRO BA 223 21.42 -78.05 -81.31
C PRO BA 223 20.96 -77.53 -82.66
N ALA BA 224 21.66 -76.51 -83.16
CA ALA BA 224 21.36 -75.98 -84.48
C ALA BA 224 21.66 -77.00 -85.57
N ASP BA 225 22.77 -77.72 -85.44
CA ASP BA 225 23.13 -78.75 -86.40
C ASP BA 225 22.31 -80.02 -86.25
N GLY BA 226 21.58 -80.16 -85.16
CA GLY BA 226 20.79 -81.35 -84.90
C GLY BA 226 21.53 -82.43 -84.13
N ASN BA 227 22.81 -82.24 -83.86
CA ASN BA 227 23.62 -83.18 -83.11
C ASN BA 227 24.40 -82.42 -82.04
N ILE BA 228 24.43 -82.96 -80.83
CA ILE BA 228 25.15 -82.31 -79.74
C ILE BA 228 26.65 -82.42 -79.93
N PHE BA 229 27.12 -83.44 -80.63
CA PHE BA 229 28.55 -83.66 -80.81
C PHE BA 229 29.14 -82.68 -81.80
N LYS BA 230 30.36 -82.22 -81.50
CA LYS BA 230 31.03 -81.26 -82.37
C LYS BA 230 31.48 -81.89 -83.68
N ASN BA 231 32.08 -83.08 -83.61
CA ASN BA 231 32.59 -83.73 -84.82
C ASN BA 231 31.49 -84.31 -85.70
N ASN BA 232 30.31 -84.58 -85.13
CA ASN BA 232 29.14 -85.15 -85.79
C ASN BA 232 29.35 -86.60 -86.20
N SER BA 233 30.53 -87.17 -86.01
CA SER BA 233 30.78 -88.58 -86.25
C SER BA 233 30.76 -89.40 -84.97
N ASP BA 234 30.88 -88.74 -83.81
CA ASP BA 234 30.80 -89.44 -82.54
C ASP BA 234 29.43 -90.08 -82.35
N LEU BA 235 28.39 -89.52 -82.95
CA LEU BA 235 27.08 -90.13 -82.85
C LEU BA 235 27.08 -91.54 -83.46
N ALA BA 236 27.74 -91.70 -84.61
CA ALA BA 236 27.91 -93.04 -85.17
C ALA BA 236 28.97 -93.84 -84.41
N LEU BA 237 29.91 -93.17 -83.76
CA LEU BA 237 30.94 -93.86 -83.00
C LEU BA 237 30.35 -94.58 -81.79
N THR BA 238 29.39 -93.95 -81.11
CA THR BA 238 28.78 -94.55 -79.92
C THR BA 238 27.54 -95.37 -80.24
N ASN BA 239 27.46 -95.97 -81.42
CA ASN BA 239 26.36 -96.88 -81.72
C ASN BA 239 26.39 -98.05 -80.75
N GLY BA 240 25.24 -98.35 -80.15
CA GLY BA 240 25.15 -99.36 -79.12
C GLY BA 240 25.43 -98.87 -77.73
N LYS BA 241 25.93 -97.65 -77.56
CA LYS BA 241 26.17 -97.08 -76.26
C LYS BA 241 25.01 -96.25 -75.74
N ASN BA 242 23.94 -96.09 -76.54
CA ASN BA 242 22.74 -95.34 -76.17
C ASN BA 242 23.11 -93.95 -75.67
N PRO BA 243 23.56 -93.04 -76.53
CA PRO BA 243 23.95 -91.72 -76.07
C PRO BA 243 22.74 -90.90 -75.64
N VAL BA 244 22.77 -90.45 -74.39
CA VAL BA 244 21.71 -89.63 -73.81
C VAL BA 244 22.34 -88.50 -73.03
N TYR BA 245 21.85 -87.28 -73.23
CA TYR BA 245 22.43 -86.11 -72.58
C TYR BA 245 21.36 -85.40 -71.76
N ILE BA 246 21.74 -84.92 -70.58
CA ILE BA 246 20.81 -84.18 -69.75
C ILE BA 246 20.59 -82.81 -70.34
N SER BA 247 19.33 -82.41 -70.48
CA SER BA 247 18.96 -81.14 -71.08
C SER BA 247 18.17 -80.22 -70.16
N SER BA 248 17.90 -80.62 -68.92
CA SER BA 248 17.15 -79.78 -68.01
C SER BA 248 17.47 -80.17 -66.58
N VAL BA 249 17.71 -79.18 -65.74
CA VAL BA 249 17.98 -79.39 -64.32
C VAL BA 249 17.04 -78.51 -63.51
N THR BA 250 16.33 -79.12 -62.55
CA THR BA 250 15.35 -78.43 -61.72
C THR BA 250 15.95 -78.16 -60.34
N TYR BA 251 15.94 -76.89 -59.94
CA TYR BA 251 16.37 -76.46 -58.63
C TYR BA 251 15.15 -76.22 -57.75
N GLY BA 252 15.15 -76.79 -56.55
CA GLY BA 252 14.05 -76.66 -55.64
C GLY BA 252 14.35 -77.27 -54.30
N ARG BA 253 13.30 -77.52 -53.53
CA ARG BA 253 13.41 -78.07 -52.17
C ARG BA 253 12.53 -79.31 -52.04
N LEU BA 254 12.95 -80.19 -51.14
CA LEU BA 254 12.24 -81.43 -50.83
C LEU BA 254 12.05 -81.53 -49.32
N GLY BA 255 10.95 -82.14 -48.90
CA GLY BA 255 10.71 -82.34 -47.48
C GLY BA 255 9.77 -83.48 -47.17
N ILE BA 256 10.19 -84.40 -46.31
CA ILE BA 256 9.36 -85.53 -45.90
C ILE BA 256 9.39 -85.61 -44.38
N ILE BA 257 8.22 -85.79 -43.77
CA ILE BA 257 8.12 -85.97 -42.34
C ILE BA 257 7.19 -87.14 -42.05
N SER BA 258 7.41 -87.79 -40.92
CA SER BA 258 6.60 -88.93 -40.53
C SER BA 258 6.63 -89.04 -39.01
N ILE BA 259 5.49 -88.78 -38.37
CA ILE BA 259 5.37 -88.82 -36.91
C ILE BA 259 4.40 -89.94 -36.56
N GLU BA 260 4.83 -90.86 -35.70
CA GLU BA 260 4.01 -91.96 -35.25
C GLU BA 260 4.00 -91.99 -33.72
N SER BA 261 2.89 -92.46 -33.16
CA SER BA 261 2.74 -92.54 -31.72
C SER BA 261 1.82 -93.69 -31.36
N ASN BA 262 2.17 -94.41 -30.30
CA ASN BA 262 1.38 -95.53 -29.82
C ASN BA 262 1.25 -95.45 -28.31
N ALA BA 263 0.06 -95.78 -27.81
CA ALA BA 263 -0.22 -95.75 -26.38
C ALA BA 263 -1.05 -96.97 -26.00
N SER BA 264 -0.69 -97.58 -24.88
CA SER BA 264 -1.37 -98.77 -24.38
C SER BA 264 -1.54 -98.66 -22.87
N TYR BA 265 -2.73 -99.04 -22.39
CA TYR BA 265 -3.08 -99.02 -20.98
C TYR BA 265 -3.81 -100.32 -20.66
N ASN BA 266 -3.37 -101.02 -19.61
CA ASN BA 266 -3.83 -102.38 -19.34
C ASN BA 266 -4.18 -102.56 -17.87
N GLU BA 267 -5.00 -101.66 -17.31
CA GLU BA 267 -5.39 -101.77 -15.91
C GLU BA 267 -6.24 -103.01 -15.66
N VAL BA 268 -5.89 -103.77 -14.63
CA VAL BA 268 -6.63 -104.98 -14.24
C VAL BA 268 -6.76 -104.97 -12.73
N ASN BA 269 -7.98 -105.17 -12.23
CA ASN BA 269 -8.26 -105.21 -10.80
C ASN BA 269 -8.98 -106.51 -10.46
N PHE BA 270 -8.71 -107.03 -9.26
CA PHE BA 270 -9.34 -108.26 -8.80
C PHE BA 270 -9.42 -108.25 -7.28
N ALA BA 271 -10.58 -108.63 -6.75
CA ALA BA 271 -10.79 -108.68 -5.32
C ALA BA 271 -11.59 -109.92 -4.96
N LEU BA 272 -11.32 -110.46 -3.77
CA LEU BA 272 -12.01 -111.64 -3.26
C LEU BA 272 -12.42 -111.39 -1.81
N LYS BA 273 -13.09 -110.26 -1.57
CA LYS BA 273 -13.55 -109.92 -0.24
C LYS BA 273 -14.76 -110.76 0.16
N LEU BA 285 -10.83 -113.69 4.48
CA LEU BA 285 -10.00 -113.56 3.29
C LEU BA 285 -10.26 -112.22 2.59
N ASN BA 286 -9.19 -111.49 2.31
CA ASN BA 286 -9.22 -110.18 1.68
C ASN BA 286 -8.21 -110.10 0.55
N ILE BA 287 -8.20 -111.12 -0.31
CA ILE BA 287 -7.23 -111.17 -1.40
C ILE BA 287 -7.51 -110.05 -2.40
N ASP BA 288 -6.48 -109.29 -2.73
CA ASP BA 288 -6.56 -108.18 -3.67
C ASP BA 288 -5.43 -108.29 -4.67
N SER BA 289 -5.67 -107.81 -5.89
CA SER BA 289 -4.68 -107.87 -6.96
C SER BA 289 -4.91 -106.71 -7.92
N ASN BA 290 -3.82 -106.11 -8.36
CA ASN BA 290 -3.87 -105.00 -9.32
C ASN BA 290 -2.68 -105.10 -10.26
N SER BA 291 -2.93 -104.78 -11.53
CA SER BA 291 -1.89 -104.85 -12.57
C SER BA 291 -2.08 -103.67 -13.51
N LYS BA 292 -1.15 -102.73 -13.48
CA LYS BA 292 -1.19 -101.55 -14.36
C LYS BA 292 -0.02 -101.60 -15.31
N LYS BA 293 -0.29 -101.37 -16.59
CA LYS BA 293 0.73 -101.39 -17.62
C LYS BA 293 0.47 -100.26 -18.60
N ILE BA 294 1.40 -99.32 -18.68
CA ILE BA 294 1.32 -98.20 -19.60
C ILE BA 294 2.53 -98.28 -20.53
N LEU BA 295 2.28 -98.32 -21.83
CA LEU BA 295 3.32 -98.40 -22.84
C LEU BA 295 3.14 -97.24 -23.81
N GLU BA 296 4.17 -96.41 -23.95
CA GLU BA 296 4.12 -95.27 -24.85
C GLU BA 296 5.32 -95.32 -25.79
N GLU BA 297 5.06 -95.22 -27.08
CA GLU BA 297 6.10 -95.22 -28.10
C GLU BA 297 5.90 -94.04 -29.03
N SER BA 298 6.99 -93.46 -29.48
CA SER BA 298 6.96 -92.29 -30.36
C SER BA 298 8.04 -92.42 -31.43
N ASP BA 299 7.82 -91.78 -32.56
CA ASP BA 299 8.77 -91.79 -33.66
C ASP BA 299 8.56 -90.55 -34.50
N LEU BA 300 9.66 -90.00 -35.03
CA LEU BA 300 9.58 -88.79 -35.84
C LEU BA 300 10.79 -88.79 -36.78
N SER BA 301 10.55 -89.04 -38.06
CA SER BA 301 11.61 -89.07 -39.07
C SER BA 301 11.42 -87.91 -40.03
N VAL BA 302 12.48 -87.12 -40.23
CA VAL BA 302 12.45 -85.96 -41.12
C VAL BA 302 13.57 -86.09 -42.14
N TYR BA 303 13.29 -85.69 -43.38
CA TYR BA 303 14.25 -85.70 -44.47
C TYR BA 303 14.04 -84.45 -45.32
N LEU BA 304 14.96 -83.49 -45.22
CA LEU BA 304 14.86 -82.25 -45.97
C LEU BA 304 16.02 -82.13 -46.95
N VAL BA 305 15.73 -81.65 -48.16
CA VAL BA 305 16.73 -81.43 -49.20
C VAL BA 305 16.63 -79.96 -49.60
N GLY BA 306 17.62 -79.19 -49.21
CA GLY BA 306 17.66 -77.78 -49.54
C GLY BA 306 16.84 -76.95 -48.57
N GLY BA 307 16.68 -75.68 -48.92
CA GLY BA 307 15.98 -74.74 -48.08
C GLY BA 307 16.88 -74.02 -47.11
N ARG BA 308 16.28 -73.09 -46.39
CA ARG BA 308 17.02 -72.32 -45.39
C ARG BA 308 17.44 -73.22 -44.23
N GLY BA 309 18.72 -73.13 -43.85
CA GLY BA 309 19.22 -73.97 -42.79
C GLY BA 309 18.59 -73.69 -41.44
N THR BA 310 18.39 -72.41 -41.13
CA THR BA 310 17.80 -72.03 -39.85
C THR BA 310 16.40 -72.58 -39.69
N ASP BA 311 15.58 -72.52 -40.75
CA ASP BA 311 14.24 -73.08 -40.69
C ASP BA 311 14.28 -74.60 -40.77
N ALA BA 312 15.28 -75.15 -41.46
CA ALA BA 312 15.37 -76.60 -41.60
C ALA BA 312 15.69 -77.28 -40.27
N VAL BA 313 16.56 -76.67 -39.47
CA VAL BA 313 16.92 -77.30 -38.20
C VAL BA 313 15.85 -77.17 -37.14
N GLN BA 314 14.81 -76.37 -37.39
CA GLN BA 314 13.72 -76.19 -36.43
C GLN BA 314 12.62 -77.22 -36.59
N VAL BA 315 12.73 -78.11 -37.58
CA VAL BA 315 11.70 -79.12 -37.81
C VAL BA 315 11.77 -80.19 -36.74
N ILE BA 316 12.77 -80.12 -35.87
CA ILE BA 316 12.91 -81.12 -34.82
C ILE BA 316 11.82 -80.98 -33.76
N LYS BA 317 11.10 -79.86 -33.73
CA LYS BA 317 10.08 -79.60 -32.72
C LYS BA 317 8.69 -80.02 -33.23
N GLY BA 318 8.58 -81.31 -33.55
CA GLY BA 318 7.31 -81.87 -34.00
C GLY BA 318 6.86 -81.31 -35.34
N PHE BA 319 5.54 -81.30 -35.54
CA PHE BA 319 4.95 -80.74 -36.75
C PHE BA 319 4.68 -79.25 -36.62
N ALA BA 320 5.71 -78.52 -36.21
CA ALA BA 320 5.67 -77.08 -36.14
C ALA BA 320 6.79 -76.47 -36.97
N GLY BA 321 7.99 -77.06 -36.88
CA GLY BA 321 9.06 -76.66 -37.74
C GLY BA 321 8.78 -77.02 -39.19
N PHE BA 322 8.17 -78.19 -39.41
CA PHE BA 322 7.72 -78.53 -40.76
C PHE BA 322 6.34 -77.93 -40.97
N SER BA 323 6.18 -76.68 -40.58
CA SER BA 323 5.08 -75.81 -40.95
C SER BA 323 5.55 -74.40 -41.22
N ASN BA 324 6.75 -74.04 -40.77
CA ASN BA 324 7.39 -72.78 -41.10
C ASN BA 324 8.55 -72.96 -42.05
N PHE BA 325 9.16 -74.15 -42.09
CA PHE BA 325 10.20 -74.40 -43.07
C PHE BA 325 9.65 -74.25 -44.48
N ILE BA 326 8.36 -74.49 -44.65
CA ILE BA 326 7.72 -74.35 -45.95
C ILE BA 326 7.26 -72.93 -46.19
N VAL BA 327 6.65 -72.28 -45.18
CA VAL BA 327 6.08 -70.95 -45.39
C VAL BA 327 7.10 -69.83 -45.31
N ASN BA 328 8.31 -70.10 -44.83
CA ASN BA 328 9.37 -69.11 -44.76
C ASN BA 328 10.38 -69.23 -45.90
N GLY BA 329 10.10 -70.07 -46.89
CA GLY BA 329 11.00 -70.22 -48.01
C GLY BA 329 10.30 -70.33 -49.35
N GLY BA 330 9.10 -69.75 -49.44
CA GLY BA 330 8.37 -69.80 -50.69
C GLY BA 330 9.06 -69.04 -51.81
N GLN BA 331 9.57 -67.86 -51.51
CA GLN BA 331 10.32 -67.08 -52.48
C GLN BA 331 11.79 -67.41 -52.36
N PHE BA 332 12.40 -67.89 -53.44
CA PHE BA 332 13.80 -68.27 -53.41
C PHE BA 332 14.67 -67.05 -53.70
N THR BA 333 15.59 -66.80 -52.82
CA THR BA 333 16.52 -65.68 -52.81
C THR BA 333 17.84 -66.11 -53.43
N PRO BA 334 18.66 -65.18 -53.93
CA PRO BA 334 19.96 -65.60 -54.45
C PRO BA 334 20.89 -66.12 -53.37
N GLU BA 335 20.63 -65.84 -52.10
CA GLU BA 335 21.35 -66.49 -51.01
C GLU BA 335 20.90 -67.94 -50.82
N ALA BA 336 19.70 -68.30 -51.28
CA ALA BA 336 19.18 -69.66 -51.16
C ALA BA 336 18.67 -70.09 -52.53
N PRO BA 337 19.57 -70.41 -53.45
CA PRO BA 337 19.15 -70.75 -54.82
C PRO BA 337 18.32 -72.02 -54.93
N GLY BA 338 18.43 -72.93 -53.98
CA GLY BA 338 17.78 -74.21 -54.08
C GLY BA 338 18.77 -75.30 -54.48
N VAL BA 339 18.28 -76.53 -54.48
CA VAL BA 339 19.11 -77.69 -54.73
C VAL BA 339 18.61 -78.42 -55.97
N PRO BA 340 19.48 -78.88 -56.87
CA PRO BA 340 19.02 -79.70 -57.98
C PRO BA 340 18.33 -80.95 -57.46
N ILE BA 341 17.03 -81.05 -57.74
CA ILE BA 341 16.19 -82.13 -57.25
C ILE BA 341 15.72 -83.05 -58.37
N TYR BA 342 15.43 -82.50 -59.55
CA TYR BA 342 14.99 -83.28 -60.68
C TYR BA 342 15.77 -82.87 -61.92
N PHE BA 343 15.85 -83.79 -62.88
CA PHE BA 343 16.52 -83.47 -64.13
C PHE BA 343 15.90 -84.29 -65.23
N SER BA 344 16.05 -83.81 -66.46
CA SER BA 344 15.48 -84.48 -67.62
C SER BA 344 16.58 -84.66 -68.66
N ALA BA 345 16.49 -85.77 -69.39
CA ALA BA 345 17.50 -86.10 -70.39
C ALA BA 345 16.82 -86.43 -71.70
N SER BA 346 17.58 -86.29 -72.79
CA SER BA 346 17.07 -86.55 -74.12
C SER BA 346 18.08 -87.36 -74.90
N HIS BA 347 17.58 -88.12 -75.87
CA HIS BA 347 18.43 -88.93 -76.73
C HIS BA 347 19.30 -88.05 -77.62
N ALA BA 348 20.51 -88.53 -77.91
CA ALA BA 348 21.42 -87.79 -78.76
C ALA BA 348 21.27 -88.12 -80.23
N SER BA 349 20.48 -89.14 -80.57
CA SER BA 349 20.32 -89.53 -81.97
C SER BA 349 19.29 -88.66 -82.67
N ASP BA 350 18.04 -88.70 -82.21
CA ASP BA 350 16.97 -87.92 -82.81
C ASP BA 350 16.53 -86.75 -81.94
N ASN BA 351 17.27 -86.47 -80.86
CA ASN BA 351 16.96 -85.38 -79.93
C ASN BA 351 15.57 -85.54 -79.32
N SER BA 352 15.10 -86.77 -79.20
CA SER BA 352 13.80 -87.06 -78.62
C SER BA 352 13.89 -87.14 -77.10
N VAL BA 353 12.73 -87.06 -76.45
CA VAL BA 353 12.68 -87.10 -74.99
C VAL BA 353 12.98 -88.51 -74.52
N TYR BA 354 13.92 -88.64 -73.59
CA TYR BA 354 14.31 -89.92 -73.04
C TYR BA 354 13.42 -90.28 -71.86
N TYR BA 355 12.84 -91.47 -71.89
CA TYR BA 355 11.97 -91.96 -70.83
C TYR BA 355 12.63 -93.16 -70.17
N THR BA 356 12.75 -93.11 -68.84
CA THR BA 356 13.34 -94.18 -68.06
C THR BA 356 12.25 -94.93 -67.29
N THR BA 357 12.51 -96.21 -67.05
CA THR BA 357 11.57 -97.05 -66.33
C THR BA 357 12.04 -97.34 -64.91
N THR CA 81 25.01 -101.85 -51.44
CA THR CA 81 25.73 -100.86 -52.23
C THR CA 81 25.25 -99.45 -51.93
N SER CA 82 26.20 -98.54 -51.70
CA SER CA 82 25.89 -97.15 -51.40
C SER CA 82 26.78 -96.23 -52.22
N ASP CA 83 26.28 -95.04 -52.50
CA ASP CA 83 27.01 -94.04 -53.26
C ASP CA 83 27.89 -93.17 -52.39
N GLN CA 84 27.43 -92.84 -51.19
CA GLN CA 84 28.16 -91.99 -50.26
C GLN CA 84 28.76 -92.84 -49.15
N ILE CA 85 30.04 -92.64 -48.88
CA ILE CA 85 30.77 -93.39 -47.88
C ILE CA 85 31.07 -92.46 -46.71
N VAL CA 86 30.79 -92.93 -45.49
CA VAL CA 86 31.06 -92.14 -44.30
C VAL CA 86 32.57 -91.99 -44.13
N VAL CA 87 32.99 -90.78 -43.77
CA VAL CA 87 34.41 -90.50 -43.64
C VAL CA 87 34.94 -91.20 -42.39
N THR CA 88 35.93 -92.08 -42.58
CA THR CA 88 36.57 -92.76 -41.48
C THR CA 88 38.02 -92.36 -41.29
N VAL CA 89 38.70 -91.98 -42.37
CA VAL CA 89 40.08 -91.51 -42.30
C VAL CA 89 40.12 -90.10 -42.86
N PRO CA 90 39.97 -89.07 -42.01
CA PRO CA 90 39.98 -87.69 -42.52
C PRO CA 90 41.27 -87.32 -43.21
N GLN CA 91 42.40 -87.89 -42.81
CA GLN CA 91 43.66 -87.57 -43.46
C GLN CA 91 43.66 -87.99 -44.92
N LYS CA 92 43.14 -89.17 -45.22
CA LYS CA 92 43.15 -89.68 -46.58
C LYS CA 92 41.89 -89.33 -47.35
N THR CA 93 40.89 -88.73 -46.70
CA THR CA 93 39.63 -88.38 -47.36
C THR CA 93 39.74 -86.94 -47.85
N PHE CA 94 40.33 -86.78 -49.03
CA PHE CA 94 40.41 -85.49 -49.68
C PHE CA 94 40.06 -85.68 -51.16
N ILE CA 95 39.57 -84.60 -51.77
CA ILE CA 95 39.16 -84.68 -53.16
C ILE CA 95 40.38 -84.87 -54.06
N GLY CA 96 40.20 -85.60 -55.16
CA GLY CA 96 41.27 -85.84 -56.10
C GLY CA 96 42.25 -86.92 -55.70
N GLY CA 97 42.02 -87.64 -54.61
CA GLY CA 97 42.92 -88.69 -54.18
C GLY CA 97 42.54 -90.03 -54.76
N VAL CA 98 43.53 -90.73 -55.30
CA VAL CA 98 43.34 -92.03 -55.95
C VAL CA 98 43.75 -93.14 -55.00
N TYR CA 99 42.86 -94.11 -54.81
CA TYR CA 99 43.10 -95.24 -53.94
C TYR CA 99 42.65 -96.52 -54.63
N ASN CA 100 42.93 -97.65 -53.99
CA ASN CA 100 42.47 -98.94 -54.46
C ASN CA 100 41.08 -99.20 -53.89
N SER CA 101 40.24 -99.85 -54.70
CA SER CA 101 38.87 -100.13 -54.28
C SER CA 101 38.86 -101.08 -53.07
N THR CA 102 39.69 -102.12 -53.10
CA THR CA 102 39.72 -103.06 -51.98
C THR CA 102 40.23 -102.39 -50.71
N THR CA 103 41.28 -101.57 -50.82
CA THR CA 103 41.80 -100.88 -49.65
C THR CA 103 40.79 -99.90 -49.09
N LEU CA 104 40.07 -99.19 -49.96
CA LEU CA 104 39.02 -98.30 -49.49
C LEU CA 104 37.88 -99.07 -48.85
N ASP CA 105 37.59 -100.27 -49.36
CA ASP CA 105 36.53 -101.09 -48.78
C ASP CA 105 36.89 -101.58 -47.39
N ASN CA 106 38.13 -102.06 -47.19
CA ASN CA 106 38.56 -102.53 -45.89
C ASN CA 106 39.27 -101.45 -45.08
N LEU CA 107 39.10 -100.18 -45.44
CA LEU CA 107 39.60 -99.04 -44.66
C LEU CA 107 41.12 -99.03 -44.56
N ASP CA 108 41.80 -99.51 -45.59
CA ASP CA 108 43.25 -99.44 -45.62
C ASP CA 108 43.73 -98.16 -46.30
N TYR CA 109 43.06 -97.75 -47.37
CA TYR CA 109 43.33 -96.50 -48.07
C TYR CA 109 44.79 -96.46 -48.54
N THR CA 110 45.14 -97.39 -49.41
CA THR CA 110 46.47 -97.39 -49.99
C THR CA 110 46.48 -96.46 -51.19
N PRO CA 111 47.25 -95.38 -51.15
CA PRO CA 111 47.25 -94.44 -52.27
C PRO CA 111 47.96 -94.99 -53.49
N ILE CA 112 47.59 -94.46 -54.64
CA ILE CA 112 48.24 -94.78 -55.91
C ILE CA 112 49.05 -93.56 -56.29
N SER CA 113 50.37 -93.66 -56.13
CA SER CA 113 51.28 -92.53 -56.33
C SER CA 113 51.63 -92.41 -57.80
N TYR CA 114 50.77 -91.72 -58.54
CA TYR CA 114 50.99 -91.43 -59.95
C TYR CA 114 50.59 -90.00 -60.23
N PRO CA 115 51.24 -89.35 -61.19
CA PRO CA 115 50.87 -87.96 -61.52
C PRO CA 115 49.44 -87.85 -62.01
N LEU CA 116 48.81 -86.73 -61.66
CA LEU CA 116 47.43 -86.47 -62.02
C LEU CA 116 47.32 -85.09 -62.65
N ASP CA 117 46.40 -84.97 -63.61
CA ASP CA 117 46.15 -83.69 -64.24
C ASP CA 117 45.49 -82.74 -63.24
N PRO CA 118 45.63 -81.44 -63.43
CA PRO CA 118 44.95 -80.49 -62.56
C PRO CA 118 43.44 -80.71 -62.58
N ILE CA 119 42.82 -80.61 -61.40
CA ILE CA 119 41.41 -80.93 -61.23
C ILE CA 119 40.64 -79.65 -60.94
N THR CA 120 39.45 -79.56 -61.54
CA THR CA 120 38.55 -78.44 -61.31
C THR CA 120 37.53 -78.84 -60.26
N VAL CA 121 37.36 -78.01 -59.24
CA VAL CA 121 36.47 -78.28 -58.12
C VAL CA 121 35.43 -77.17 -58.05
N SER CA 122 34.20 -77.55 -57.72
CA SER CA 122 33.10 -76.62 -57.60
C SER CA 122 32.46 -76.79 -56.22
N TYR CA 123 31.91 -75.70 -55.71
CA TYR CA 123 31.30 -75.71 -54.38
C TYR CA 123 29.79 -75.56 -54.49
N SER CA 124 29.06 -76.28 -53.64
CA SER CA 124 27.60 -76.21 -53.69
C SER CA 124 27.07 -74.85 -53.23
N PHE CA 125 27.75 -74.19 -52.30
CA PHE CA 125 27.26 -72.92 -51.79
C PHE CA 125 27.59 -71.79 -52.77
N PRO CA 126 26.76 -70.76 -52.83
CA PRO CA 126 27.06 -69.61 -53.70
C PRO CA 126 28.17 -68.74 -53.13
N SER CA 127 29.21 -68.52 -53.94
CA SER CA 127 30.34 -67.71 -53.56
C SER CA 127 31.05 -67.22 -54.81
N ASP CA 128 31.86 -66.18 -54.65
CA ASP CA 128 32.65 -65.67 -55.76
C ASP CA 128 33.68 -66.71 -56.22
N PHE CA 129 34.32 -67.38 -55.26
CA PHE CA 129 35.28 -68.44 -55.57
C PHE CA 129 34.59 -69.80 -55.51
N ILE CA 130 33.60 -69.96 -56.38
CA ILE CA 130 32.82 -71.19 -56.43
C ILE CA 130 33.45 -72.25 -57.33
N VAL CA 131 34.32 -71.85 -58.26
CA VAL CA 131 35.01 -72.76 -59.16
C VAL CA 131 36.52 -72.55 -58.99
N ASP CA 132 37.17 -73.49 -58.31
CA ASP CA 132 38.61 -73.44 -58.09
C ASP CA 132 39.31 -74.53 -58.90
N THR CA 133 40.62 -74.42 -58.98
CA THR CA 133 41.46 -75.39 -59.66
C THR CA 133 42.63 -75.76 -58.77
N ILE CA 134 42.93 -77.06 -58.70
CA ILE CA 134 44.00 -77.59 -57.87
C ILE CA 134 44.93 -78.39 -58.77
N GLU CA 135 46.20 -77.99 -58.83
CA GLU CA 135 47.16 -78.70 -59.67
C GLU CA 135 47.53 -80.04 -59.06
N ARG CA 136 47.82 -80.05 -57.76
CA ARG CA 136 48.22 -81.27 -57.05
C ARG CA 136 47.18 -81.57 -55.97
N PRO CA 137 46.26 -82.51 -56.21
CA PRO CA 137 45.25 -82.83 -55.19
C PRO CA 137 45.87 -83.32 -53.89
N SER CA 138 45.58 -82.59 -52.82
CA SER CA 138 46.09 -82.92 -51.49
C SER CA 138 45.13 -82.38 -50.44
N LEU CA 139 45.26 -82.90 -49.23
CA LEU CA 139 44.40 -82.45 -48.13
C LEU CA 139 44.63 -80.99 -47.81
N SER CA 140 45.89 -80.54 -47.79
CA SER CA 140 46.18 -79.15 -47.52
C SER CA 140 45.62 -78.24 -48.59
N SER CA 141 45.75 -78.64 -49.85
CA SER CA 141 45.21 -77.83 -50.95
C SER CA 141 43.69 -77.76 -50.88
N MET CA 142 43.03 -78.89 -50.56
CA MET CA 142 41.58 -78.87 -50.43
C MET CA 142 41.14 -77.97 -49.27
N ARG CA 143 41.83 -78.05 -48.14
CA ARG CA 143 41.48 -77.20 -47.00
C ARG CA 143 41.69 -75.73 -47.32
N ALA CA 144 42.80 -75.39 -47.97
CA ALA CA 144 43.07 -74.00 -48.33
C ALA CA 144 42.04 -73.48 -49.33
N SER CA 145 41.67 -74.31 -50.31
CA SER CA 145 40.65 -73.88 -51.28
C SER CA 145 39.31 -73.67 -50.61
N VAL CA 146 38.93 -74.55 -49.67
CA VAL CA 146 37.68 -74.37 -48.95
C VAL CA 146 37.72 -73.08 -48.12
N PHE CA 147 38.85 -72.82 -47.46
CA PHE CA 147 38.99 -71.62 -46.65
C PHE CA 147 38.85 -70.36 -47.51
N LYS CA 148 39.54 -70.32 -48.65
CA LYS CA 148 39.46 -69.16 -49.53
C LYS CA 148 38.06 -68.99 -50.11
N ALA CA 149 37.42 -70.10 -50.52
CA ALA CA 149 36.10 -70.01 -51.10
C ALA CA 149 35.08 -69.50 -50.10
N MET CA 150 35.16 -69.96 -48.85
CA MET CA 150 34.19 -69.54 -47.86
C MET CA 150 34.50 -68.18 -47.26
N ARG CA 151 35.73 -67.69 -47.43
CA ARG CA 151 36.04 -66.32 -47.04
C ARG CA 151 35.90 -65.33 -48.19
N ALA CA 152 35.59 -65.80 -49.39
CA ALA CA 152 35.43 -64.89 -50.53
C ALA CA 152 34.12 -64.09 -50.41
N ALA CA 153 33.98 -63.12 -51.30
CA ALA CA 153 32.80 -62.26 -51.30
C ALA CA 153 31.58 -63.01 -51.84
N ASN CA 154 30.41 -62.47 -51.53
CA ASN CA 154 29.12 -63.03 -51.96
C ASN CA 154 28.96 -64.47 -51.50
N PHE CA 155 29.46 -64.77 -50.29
CA PHE CA 155 29.32 -66.09 -49.70
C PHE CA 155 28.08 -66.13 -48.81
N SER CA 156 27.30 -67.21 -48.94
CA SER CA 156 26.08 -67.37 -48.18
C SER CA 156 26.01 -68.80 -47.69
N GLY CA 157 26.04 -68.97 -46.37
CA GLY CA 157 25.83 -70.27 -45.75
C GLY CA 157 24.39 -70.39 -45.29
N GLU CA 158 23.53 -69.51 -45.81
CA GLU CA 158 22.15 -69.48 -45.37
C GLU CA 158 21.41 -70.76 -45.75
N GLN CA 159 21.68 -71.30 -46.93
CA GLN CA 159 20.99 -72.49 -47.41
C GLN CA 159 21.92 -73.70 -47.27
N SER CA 160 21.39 -74.77 -46.69
CA SER CA 160 22.10 -76.02 -46.53
C SER CA 160 21.72 -76.96 -47.67
N LEU CA 161 22.22 -78.19 -47.61
CA LEU CA 161 21.98 -79.19 -48.64
C LEU CA 161 21.08 -80.31 -48.17
N ALA CA 162 21.30 -80.83 -46.97
CA ALA CA 162 20.42 -81.91 -46.49
C ALA CA 162 20.32 -81.85 -44.98
N PHE CA 163 19.22 -82.40 -44.45
CA PHE CA 163 18.99 -82.42 -43.02
C PHE CA 163 18.12 -83.63 -42.70
N ASP CA 164 18.72 -84.64 -42.08
CA ASP CA 164 18.03 -85.85 -41.68
C ASP CA 164 17.90 -85.86 -40.16
N TYR CA 165 16.68 -86.16 -39.70
CA TYR CA 165 16.40 -86.24 -38.27
C TYR CA 165 15.62 -87.52 -37.99
N ASN CA 166 15.86 -88.09 -36.82
CA ASN CA 166 15.17 -89.31 -36.42
C ASN CA 166 15.19 -89.41 -34.91
N ILE CA 167 14.03 -89.58 -34.30
CA ILE CA 167 13.92 -89.73 -32.85
C ILE CA 167 12.99 -90.90 -32.55
N LYS CA 168 13.32 -91.64 -31.48
CA LYS CA 168 12.52 -92.78 -31.04
C LYS CA 168 12.39 -92.67 -29.53
N GLN CA 169 11.18 -92.44 -29.05
CA GLN CA 169 10.88 -92.35 -27.63
C GLN CA 169 10.04 -93.55 -27.22
N PHE CA 170 10.42 -94.20 -26.13
CA PHE CA 170 9.72 -95.37 -25.64
C PHE CA 170 9.67 -95.31 -24.13
N SER CA 171 8.59 -95.81 -23.55
CA SER CA 171 8.41 -95.76 -22.10
C SER CA 171 7.48 -96.89 -21.68
N TYR CA 172 8.02 -97.86 -20.95
CA TYR CA 172 7.24 -98.93 -20.34
C TYR CA 172 6.83 -98.56 -18.92
N TYR CA 173 5.85 -99.30 -18.41
CA TYR CA 173 5.37 -99.12 -17.05
C TYR CA 173 4.81 -100.44 -16.55
N SER CA 174 4.96 -100.70 -15.26
CA SER CA 174 4.42 -101.91 -14.66
C SER CA 174 4.12 -101.64 -13.20
N GLU CA 175 2.97 -102.12 -12.72
CA GLU CA 175 2.55 -101.88 -11.35
C GLU CA 175 1.74 -103.06 -10.85
N LEU CA 176 2.22 -103.70 -9.79
CA LEU CA 176 1.53 -104.79 -9.11
C LEU CA 176 1.24 -104.36 -7.67
N LYS CA 177 0.03 -104.65 -7.20
CA LYS CA 177 -0.44 -104.25 -5.88
C LYS CA 177 -1.10 -105.43 -5.18
N ILE CA 178 -0.43 -106.58 -5.16
CA ILE CA 178 -1.00 -107.78 -4.57
C ILE CA 178 -1.16 -107.60 -3.07
N ALA CA 179 -2.34 -107.96 -2.55
CA ALA CA 179 -2.62 -107.84 -1.13
C ALA CA 179 -3.33 -109.10 -0.66
N PHE CA 180 -3.20 -109.39 0.64
CA PHE CA 180 -3.85 -110.56 1.22
C PHE CA 180 -4.39 -110.24 2.61
N ILE CA 194 -2.89 -112.52 10.29
CA ILE CA 194 -2.05 -112.73 9.13
C ILE CA 194 -2.43 -111.77 8.01
N SER CA 195 -1.44 -111.02 7.51
CA SER CA 195 -1.67 -110.07 6.43
C SER CA 195 -0.53 -110.21 5.43
N GLY CA 196 -0.46 -109.28 4.48
CA GLY CA 196 0.60 -109.29 3.49
C GLY CA 196 0.33 -108.39 2.30
N SER CA 197 1.37 -107.70 1.84
CA SER CA 197 1.24 -106.80 0.70
C SER CA 197 2.52 -106.85 -0.12
N ASN CA 198 2.38 -106.66 -1.43
CA ASN CA 198 3.48 -106.68 -2.38
C ASN CA 198 3.19 -105.63 -3.44
N ASN CA 199 3.94 -104.53 -3.38
CA ASN CA 199 3.82 -103.42 -4.33
C ASN CA 199 5.09 -103.38 -5.18
N LYS CA 200 4.95 -103.67 -6.46
CA LYS CA 200 6.06 -103.68 -7.41
C LYS CA 200 5.81 -102.62 -8.48
N ILE CA 201 6.81 -101.78 -8.72
CA ILE CA 201 6.74 -100.72 -9.72
C ILE CA 201 7.97 -100.83 -10.62
N LYS CA 202 7.75 -100.80 -11.93
CA LYS CA 202 8.82 -100.88 -12.91
C LYS CA 202 8.64 -99.80 -13.95
N ARG CA 203 9.73 -99.11 -14.28
CA ARG CA 203 9.71 -98.06 -15.29
C ARG CA 203 10.95 -98.21 -16.17
N THR CA 204 10.79 -97.94 -17.46
CA THR CA 204 11.90 -98.03 -18.39
C THR CA 204 11.66 -97.03 -19.52
N THR CA 205 12.47 -95.98 -19.55
CA THR CA 205 12.34 -94.90 -20.52
C THR CA 205 13.57 -94.84 -21.41
N GLY CA 206 13.37 -94.57 -22.69
CA GLY CA 206 14.48 -94.48 -23.62
C GLY CA 206 14.23 -93.57 -24.80
N VAL CA 207 15.15 -92.64 -25.04
CA VAL CA 207 15.09 -91.70 -26.16
C VAL CA 207 16.36 -91.87 -26.98
N PHE CA 208 16.21 -92.23 -28.24
CA PHE CA 208 17.33 -92.36 -29.16
C PHE CA 208 17.15 -91.38 -30.31
N ALA CA 209 18.15 -90.54 -30.56
CA ALA CA 209 18.03 -89.52 -31.59
C ALA CA 209 19.27 -89.50 -32.46
N LYS CA 210 19.06 -89.45 -33.77
CA LYS CA 210 20.13 -89.32 -34.75
C LYS CA 210 19.82 -88.16 -35.67
N PHE CA 211 20.81 -87.34 -35.94
CA PHE CA 211 20.65 -86.17 -36.79
C PHE CA 211 21.90 -85.98 -37.62
N THR CA 212 21.71 -85.64 -38.88
CA THR CA 212 22.81 -85.30 -39.77
C THR CA 212 22.43 -84.07 -40.58
N GLN CA 213 23.41 -83.22 -40.85
CA GLN CA 213 23.19 -82.05 -41.67
C GLN CA 213 24.31 -81.98 -42.68
N LYS CA 214 23.97 -81.75 -43.93
CA LYS CA 214 24.95 -81.61 -45.01
C LYS CA 214 24.93 -80.14 -45.40
N ASN CA 215 25.92 -79.40 -44.88
CA ASN CA 215 26.05 -77.98 -45.17
C ASN CA 215 26.36 -77.73 -46.64
N PHE CA 216 27.36 -78.43 -47.18
CA PHE CA 216 27.70 -78.25 -48.58
C PHE CA 216 28.60 -79.39 -49.02
N THR CA 217 28.88 -79.44 -50.32
CA THR CA 217 29.84 -80.38 -50.86
C THR CA 217 30.74 -79.68 -51.86
N ILE CA 218 31.96 -80.21 -51.96
CA ILE CA 218 32.91 -79.82 -52.98
C ILE CA 218 33.01 -80.99 -53.95
N ASP CA 219 32.75 -80.72 -55.22
CA ASP CA 219 32.67 -81.72 -56.26
C ASP CA 219 33.81 -81.54 -57.25
N MET CA 220 34.16 -82.64 -57.92
CA MET CA 220 35.24 -82.66 -58.89
C MET CA 220 34.67 -82.84 -60.28
N ASP CA 221 35.19 -82.06 -61.24
CA ASP CA 221 34.73 -82.15 -62.62
C ASP CA 221 35.35 -83.36 -63.30
N LEU CA 222 34.61 -83.90 -64.27
CA LEU CA 222 35.13 -85.02 -65.05
C LEU CA 222 36.30 -84.54 -65.91
N PRO CA 223 37.33 -85.36 -66.08
CA PRO CA 223 38.49 -84.92 -66.87
C PRO CA 223 38.12 -84.65 -68.33
N ALA CA 224 38.75 -83.62 -68.90
CA ALA CA 224 38.52 -83.32 -70.31
C ALA CA 224 39.06 -84.43 -71.20
N ASP CA 225 40.22 -84.98 -70.88
CA ASP CA 225 40.80 -86.07 -71.64
C ASP CA 225 40.11 -87.40 -71.38
N GLY CA 226 39.29 -87.49 -70.34
CA GLY CA 226 38.62 -88.72 -69.98
C GLY CA 226 39.38 -89.58 -69.01
N ASN CA 227 40.61 -89.20 -68.66
CA ASN CA 227 41.43 -89.92 -67.70
C ASN CA 227 42.01 -88.94 -66.70
N ILE CA 228 41.97 -89.30 -65.42
CA ILE CA 228 42.50 -88.43 -64.38
C ILE CA 228 44.01 -88.36 -64.41
N PHE CA 229 44.66 -89.41 -64.92
CA PHE CA 229 46.11 -89.46 -64.93
C PHE CA 229 46.70 -88.55 -66.00
N LYS CA 230 47.82 -87.91 -65.68
CA LYS CA 230 48.46 -87.00 -66.61
C LYS CA 230 49.12 -87.75 -67.76
N ASN CA 231 49.83 -88.83 -67.47
CA ASN CA 231 50.54 -89.56 -68.52
C ASN CA 231 49.61 -90.38 -69.40
N ASN CA 232 48.42 -90.72 -68.90
CA ASN CA 232 47.40 -91.52 -69.58
C ASN CA 232 47.80 -92.98 -69.75
N SER CA 233 49.03 -93.36 -69.37
CA SER CA 233 49.44 -94.75 -69.38
C SER CA 233 49.39 -95.38 -68.00
N ASP CA 234 49.30 -94.56 -66.95
CA ASP CA 234 49.18 -95.10 -65.60
C ASP CA 234 47.88 -95.87 -65.43
N LEU CA 235 46.85 -95.53 -66.20
CA LEU CA 235 45.61 -96.29 -66.13
C LEU CA 235 45.84 -97.75 -66.52
N ALA CA 236 46.62 -97.98 -67.58
CA ALA CA 236 47.00 -99.34 -67.92
C ALA CA 236 48.06 -99.90 -66.97
N LEU CA 237 48.84 -99.03 -66.34
CA LEU CA 237 49.87 -99.48 -65.40
C LEU CA 237 49.24 -100.10 -64.14
N THR CA 238 48.15 -99.52 -63.65
CA THR CA 238 47.48 -100.02 -62.45
C THR CA 238 46.38 -101.03 -62.75
N ASN CA 239 46.49 -101.77 -63.84
CA ASN CA 239 45.54 -102.85 -64.09
C ASN CA 239 45.60 -103.87 -62.96
N GLY CA 240 44.44 -104.24 -62.43
CA GLY CA 240 44.35 -105.10 -61.28
C GLY CA 240 44.43 -104.40 -59.94
N LYS CA 241 44.76 -103.11 -59.92
CA LYS CA 241 44.81 -102.33 -58.69
C LYS CA 241 43.50 -101.60 -58.41
N ASN CA 242 42.52 -101.69 -59.31
CA ASN CA 242 41.21 -101.06 -59.17
C ASN CA 242 41.36 -99.58 -58.84
N PRO CA 243 41.79 -98.75 -59.79
CA PRO CA 243 41.99 -97.32 -59.50
C PRO CA 243 40.66 -96.61 -59.30
N VAL CA 244 40.50 -96.00 -58.13
CA VAL CA 244 39.30 -95.26 -57.77
C VAL CA 244 39.71 -93.96 -57.11
N TYR CA 245 39.13 -92.85 -57.52
CA TYR CA 245 39.48 -91.54 -57.00
C TYR CA 245 38.27 -90.87 -56.40
N ILE CA 246 38.46 -90.20 -55.27
CA ILE CA 246 37.37 -89.47 -54.64
C ILE CA 246 37.06 -88.22 -55.45
N SER CA 247 35.77 -88.01 -55.74
CA SER CA 247 35.33 -86.90 -56.56
C SER CA 247 34.36 -85.96 -55.86
N SER CA 248 34.01 -86.23 -54.60
CA SER CA 248 33.07 -85.37 -53.90
C SER CA 248 33.29 -85.53 -52.41
N VAL CA 249 33.32 -84.41 -51.69
CA VAL CA 249 33.46 -84.39 -50.24
C VAL CA 249 32.34 -83.54 -49.65
N THR CA 250 31.62 -84.09 -48.68
CA THR CA 250 30.48 -83.43 -48.05
C THR CA 250 30.89 -82.90 -46.68
N TYR CA 251 30.71 -81.60 -46.47
CA TYR CA 251 30.94 -80.95 -45.20
C TYR CA 251 29.61 -80.75 -44.48
N GLY CA 252 29.57 -81.15 -43.21
CA GLY CA 252 28.36 -81.03 -42.43
C GLY CA 252 28.59 -81.42 -40.99
N ARG CA 253 27.49 -81.70 -40.28
CA ARG CA 253 27.52 -82.03 -38.87
C ARG CA 253 26.79 -83.34 -38.62
N LEU CA 254 27.20 -84.05 -37.57
CA LEU CA 254 26.61 -85.30 -37.15
C LEU CA 254 26.27 -85.22 -35.67
N GLY CA 255 25.21 -85.91 -35.27
CA GLY CA 255 24.85 -85.95 -33.85
C GLY CA 255 24.01 -87.14 -33.47
N ILE CA 256 24.44 -87.88 -32.44
CA ILE CA 256 23.72 -89.04 -31.94
C ILE CA 256 23.58 -88.92 -30.44
N ILE CA 257 22.39 -89.15 -29.91
CA ILE CA 257 22.16 -89.15 -28.48
C ILE CA 257 21.34 -90.38 -28.12
N SER CA 258 21.51 -90.84 -26.89
CA SER CA 258 20.79 -92.02 -26.40
C SER CA 258 20.69 -91.91 -24.89
N ILE CA 259 19.47 -91.71 -24.39
CA ILE CA 259 19.19 -91.58 -22.97
C ILE CA 259 18.32 -92.75 -22.54
N GLU CA 260 18.76 -93.48 -21.53
CA GLU CA 260 18.03 -94.61 -20.98
C GLU CA 260 17.86 -94.44 -19.48
N SER CA 261 16.76 -94.95 -18.96
CA SER CA 261 16.48 -94.86 -17.53
C SER CA 261 15.65 -96.06 -17.10
N ASN CA 262 15.97 -96.58 -15.92
CA ASN CA 262 15.27 -97.73 -15.35
C ASN CA 262 14.97 -97.45 -13.88
N ALA CA 263 13.78 -97.86 -13.45
CA ALA CA 263 13.34 -97.67 -12.07
C ALA CA 263 12.63 -98.92 -11.58
N SER CA 264 12.93 -99.34 -10.36
CA SER CA 264 12.34 -100.52 -9.76
C SER CA 264 12.01 -100.24 -8.30
N TYR CA 265 10.83 -100.69 -7.87
CA TYR CA 265 10.33 -100.53 -6.51
C TYR CA 265 9.72 -101.85 -6.07
N ASN CA 266 10.12 -102.34 -4.90
CA ASN CA 266 9.79 -103.70 -4.47
C ASN CA 266 9.31 -103.73 -3.03
N GLU CA 267 8.34 -102.88 -2.69
CA GLU CA 267 7.82 -102.84 -1.33
C GLU CA 267 7.09 -104.13 -0.97
N VAL CA 268 7.42 -104.70 0.18
CA VAL CA 268 6.79 -105.92 0.68
C VAL CA 268 6.50 -105.74 2.16
N ASN CA 269 5.26 -106.01 2.56
CA ASN CA 269 4.84 -105.90 3.96
C ASN CA 269 4.24 -107.22 4.43
N PHE CA 270 4.44 -107.54 5.71
CA PHE CA 270 3.91 -108.76 6.28
C PHE CA 270 3.67 -108.56 7.77
N ALA CA 271 2.50 -109.01 8.24
CA ALA CA 271 2.15 -108.88 9.65
C ALA CA 271 1.47 -110.16 10.12
N LEU CA 272 1.67 -110.49 11.39
CA LEU CA 272 1.07 -111.68 12.01
C LEU CA 272 0.47 -111.29 13.36
N LYS CA 273 -0.33 -110.24 13.36
CA LYS CA 273 -0.96 -109.78 14.59
C LYS CA 273 -2.09 -110.70 15.00
N LEU CA 285 1.66 -112.51 20.04
CA LEU CA 285 2.58 -112.43 18.90
C LEU CA 285 2.25 -111.25 18.01
N ASN CA 286 3.26 -110.42 17.72
CA ASN CA 286 3.13 -109.23 16.90
C ASN CA 286 4.25 -109.17 15.87
N ILE CA 287 4.47 -110.28 15.16
CA ILE CA 287 5.54 -110.36 14.18
C ILE CA 287 5.24 -109.43 13.02
N ASP CA 288 6.23 -108.60 12.67
CA ASP CA 288 6.11 -107.65 11.57
C ASP CA 288 7.35 -107.75 10.69
N SER CA 289 7.17 -107.47 9.41
CA SER CA 289 8.27 -107.54 8.46
C SER CA 289 8.02 -106.57 7.31
N ASN CA 290 9.08 -105.89 6.88
CA ASN CA 290 9.00 -104.94 5.77
C ASN CA 290 10.29 -105.02 4.96
N SER CA 291 10.14 -104.90 3.64
CA SER CA 291 11.28 -104.98 2.73
C SER CA 291 11.06 -103.97 1.61
N LYS CA 292 11.86 -102.92 1.59
CA LYS CA 292 11.78 -101.88 0.55
C LYS CA 292 13.04 -101.91 -0.29
N LYS CA 293 12.88 -101.89 -1.61
CA LYS CA 293 14.01 -101.93 -2.52
C LYS CA 293 13.72 -100.98 -3.68
N ILE CA 294 14.54 -99.95 -3.82
CA ILE CA 294 14.45 -98.98 -4.90
C ILE CA 294 15.74 -99.03 -5.68
N LEU CA 295 15.63 -99.28 -6.98
CA LEU CA 295 16.77 -99.35 -7.88
C LEU CA 295 16.57 -98.36 -9.02
N GLU CA 296 17.50 -97.44 -9.19
CA GLU CA 296 17.43 -96.44 -10.24
C GLU CA 296 18.72 -96.47 -11.05
N GLU CA 297 18.57 -96.58 -12.37
CA GLU CA 297 19.71 -96.59 -13.28
C GLU CA 297 19.48 -95.57 -14.39
N SER CA 298 20.54 -94.92 -14.82
CA SER CA 298 20.46 -93.90 -15.86
C SER CA 298 21.67 -94.04 -16.79
N ASP CA 299 21.48 -93.59 -18.03
CA ASP CA 299 22.55 -93.62 -19.02
C ASP CA 299 22.29 -92.55 -20.06
N LEU CA 300 23.37 -91.94 -20.56
CA LEU CA 300 23.25 -90.87 -21.54
C LEU CA 300 24.53 -90.84 -22.36
N SER CA 301 24.46 -91.28 -23.61
CA SER CA 301 25.61 -91.31 -24.51
C SER CA 301 25.39 -90.34 -25.64
N VAL CA 302 26.37 -89.45 -25.87
CA VAL CA 302 26.31 -88.43 -26.91
C VAL CA 302 27.53 -88.55 -27.80
N TYR CA 303 27.34 -88.36 -29.10
CA TYR CA 303 28.41 -88.40 -30.09
C TYR CA 303 28.15 -87.31 -31.12
N LEU CA 304 28.94 -86.24 -31.10
CA LEU CA 304 28.78 -85.13 -32.02
C LEU CA 304 30.02 -85.00 -32.90
N VAL CA 305 29.79 -84.73 -34.17
CA VAL CA 305 30.86 -84.53 -35.15
C VAL CA 305 30.64 -83.15 -35.77
N GLY CA 306 31.49 -82.21 -35.42
CA GLY CA 306 31.41 -80.86 -35.93
C GLY CA 306 30.42 -80.02 -35.17
N GLY CA 307 30.15 -78.84 -35.72
CA GLY CA 307 29.25 -77.89 -35.09
C GLY CA 307 29.97 -76.94 -34.15
N ARG CA 308 29.19 -76.00 -33.64
CA ARG CA 308 29.73 -75.02 -32.71
C ARG CA 308 30.13 -75.70 -31.40
N GLY CA 309 31.33 -75.39 -30.93
CA GLY CA 309 31.83 -76.02 -29.70
C GLY CA 309 31.02 -75.63 -28.47
N THR CA 310 30.64 -74.36 -28.37
CA THR CA 310 29.88 -73.89 -27.22
C THR CA 310 28.55 -74.60 -27.11
N ASP CA 311 27.84 -74.77 -28.23
CA ASP CA 311 26.58 -75.50 -28.20
C ASP CA 311 26.81 -76.99 -28.06
N ALA CA 312 27.93 -77.50 -28.56
CA ALA CA 312 28.19 -78.93 -28.49
C ALA CA 312 28.44 -79.37 -27.06
N VAL CA 313 29.15 -78.56 -26.27
CA VAL CA 313 29.44 -78.97 -24.90
C VAL CA 313 28.25 -78.82 -23.96
N GLN CA 314 27.17 -78.20 -24.42
CA GLN CA 314 25.98 -78.03 -23.61
C GLN CA 314 25.02 -79.21 -23.71
N VAL CA 315 25.33 -80.21 -24.54
CA VAL CA 315 24.45 -81.36 -24.71
C VAL CA 315 24.52 -82.27 -23.50
N ILE CA 316 25.42 -81.94 -22.55
CA ILE CA 316 25.55 -82.77 -21.36
C ILE CA 316 24.35 -82.63 -20.44
N LYS CA 317 23.52 -81.61 -20.64
CA LYS CA 317 22.37 -81.35 -19.77
C LYS CA 317 21.11 -82.01 -20.33
N GLY CA 318 21.16 -83.33 -20.47
CA GLY CA 318 20.02 -84.10 -20.94
C GLY CA 318 19.65 -83.79 -22.38
N PHE CA 319 18.37 -83.98 -22.69
CA PHE CA 319 17.85 -83.67 -24.02
C PHE CA 319 17.41 -82.22 -24.13
N ALA CA 320 18.29 -81.32 -23.75
CA ALA CA 320 18.08 -79.88 -23.89
C ALA CA 320 19.21 -79.27 -24.69
N GLY CA 321 20.45 -79.68 -24.41
CA GLY CA 321 21.56 -79.26 -25.23
C GLY CA 321 21.46 -79.84 -26.63
N PHE CA 322 21.03 -81.10 -26.73
CA PHE CA 322 20.76 -81.68 -28.03
C PHE CA 322 19.35 -81.30 -28.47
N SER CA 323 19.01 -80.04 -28.27
CA SER CA 323 17.87 -79.37 -28.87
C SER CA 323 18.20 -77.96 -29.29
N ASN CA 324 19.29 -77.38 -28.80
CA ASN CA 324 19.81 -76.12 -29.26
C ASN CA 324 21.08 -76.27 -30.06
N PHE CA 325 21.83 -77.37 -29.87
CA PHE CA 325 22.99 -77.62 -30.72
C PHE CA 325 22.58 -77.73 -32.17
N ILE CA 326 21.34 -78.16 -32.42
CA ILE CA 326 20.83 -78.27 -33.78
C ILE CA 326 20.23 -76.95 -34.26
N VAL CA 327 19.46 -76.27 -33.42
CA VAL CA 327 18.76 -75.07 -33.87
C VAL CA 327 19.64 -73.82 -33.86
N ASN CA 328 20.81 -73.87 -33.24
CA ASN CA 328 21.74 -72.75 -33.23
C ASN CA 328 22.87 -72.89 -34.23
N GLY CA 329 22.80 -73.88 -35.12
CA GLY CA 329 23.82 -74.07 -36.12
C GLY CA 329 23.28 -74.44 -37.48
N GLY CA 330 22.04 -74.05 -37.76
CA GLY CA 330 21.45 -74.35 -39.05
C GLY CA 330 22.16 -73.67 -40.20
N GLN CA 331 22.51 -72.39 -40.04
CA GLN CA 331 23.25 -71.66 -41.05
C GLN CA 331 24.75 -71.80 -40.74
N PHE CA 332 25.50 -72.34 -41.69
CA PHE CA 332 26.93 -72.52 -41.48
C PHE CA 332 27.68 -71.26 -41.87
N THR CA 333 28.48 -70.77 -40.95
CA THR CA 333 29.26 -69.55 -41.03
C THR CA 333 30.67 -69.89 -41.46
N PRO CA 334 31.44 -68.93 -42.02
CA PRO CA 334 32.83 -69.27 -42.36
C PRO CA 334 33.70 -69.52 -41.13
N GLU CA 335 33.26 -69.09 -39.94
CA GLU CA 335 33.94 -69.50 -38.72
C GLU CA 335 33.64 -70.95 -38.35
N ALA CA 336 32.54 -71.52 -38.86
CA ALA CA 336 32.17 -72.91 -38.59
C ALA CA 336 31.85 -73.58 -39.92
N PRO CA 337 32.88 -73.91 -40.70
CA PRO CA 337 32.64 -74.47 -42.04
C PRO CA 337 31.99 -75.84 -42.04
N GLY CA 338 32.10 -76.59 -40.96
CA GLY CA 338 31.60 -77.96 -40.92
C GLY CA 338 32.75 -78.95 -41.07
N VAL CA 339 32.40 -80.22 -40.93
CA VAL CA 339 33.39 -81.30 -40.94
C VAL CA 339 33.09 -82.24 -42.09
N PRO CA 340 34.11 -82.70 -42.83
CA PRO CA 340 33.86 -83.71 -43.86
C PRO CA 340 33.26 -84.96 -43.22
N ILE CA 341 32.02 -85.26 -43.61
CA ILE CA 341 31.27 -86.36 -43.03
C ILE CA 341 31.03 -87.47 -44.04
N TYR CA 342 30.80 -87.12 -45.30
CA TYR CA 342 30.57 -88.10 -46.35
C TYR CA 342 31.42 -87.76 -47.56
N PHE CA 343 31.71 -88.78 -48.36
CA PHE CA 343 32.46 -88.56 -49.58
C PHE CA 343 32.06 -89.60 -50.60
N SER CA 344 32.28 -89.27 -51.87
CA SER CA 344 31.92 -90.15 -52.97
C SER CA 344 33.12 -90.33 -53.87
N ALA CA 345 33.25 -91.52 -54.43
CA ALA CA 345 34.38 -91.86 -55.28
C ALA CA 345 33.89 -92.46 -56.59
N SER CA 346 34.73 -92.36 -57.61
CA SER CA 346 34.40 -92.86 -58.93
C SER CA 346 35.58 -93.64 -59.49
N HIS CA 347 35.26 -94.57 -60.39
CA HIS CA 347 36.29 -95.38 -61.04
C HIS CA 347 37.14 -94.52 -61.96
N ALA CA 348 38.42 -94.88 -62.07
CA ALA CA 348 39.32 -94.14 -62.94
C ALA CA 348 39.37 -94.70 -64.36
N SER CA 349 38.74 -95.85 -64.61
CA SER CA 349 38.77 -96.44 -65.94
C SER CA 349 37.73 -95.80 -66.86
N ASP CA 350 36.45 -95.94 -66.50
CA ASP CA 350 35.36 -95.39 -67.30
C ASP CA 350 34.72 -94.18 -66.65
N ASN CA 351 35.30 -93.65 -65.57
CA ASN CA 351 34.76 -92.50 -64.85
C ASN CA 351 33.35 -92.76 -64.34
N SER CA 352 33.02 -94.01 -64.07
CA SER CA 352 31.70 -94.38 -63.58
C SER CA 352 31.64 -94.24 -62.06
N VAL CA 353 30.42 -94.23 -61.54
CA VAL CA 353 30.22 -94.07 -60.10
C VAL CA 353 30.62 -95.36 -59.40
N TYR CA 354 31.48 -95.23 -58.38
CA TYR CA 354 31.95 -96.38 -57.61
C TYR CA 354 30.98 -96.68 -56.47
N TYR CA 355 30.55 -97.93 -56.38
CA TYR CA 355 29.64 -98.38 -55.34
C TYR CA 355 30.35 -99.39 -54.45
N THR CA 356 30.31 -99.15 -53.15
CA THR CA 356 30.94 -100.02 -52.17
C THR CA 356 29.88 -100.79 -51.41
N THR CA 357 30.25 -101.98 -50.95
CA THR CA 357 29.33 -102.83 -50.21
C THR CA 357 29.69 -102.86 -48.72
N THR DA 81 41.61 -103.83 -33.65
CA THR DA 81 42.29 -102.87 -34.50
C THR DA 81 41.63 -101.51 -34.45
N SER DA 82 42.43 -100.46 -34.28
CA SER DA 82 41.94 -99.09 -34.21
C SER DA 82 42.81 -98.19 -35.07
N ASP DA 83 42.20 -97.12 -35.56
CA ASP DA 83 42.89 -96.15 -36.40
C ASP DA 83 43.58 -95.06 -35.59
N GLN DA 84 42.95 -94.63 -34.50
CA GLN DA 84 43.48 -93.58 -33.64
C GLN DA 84 44.04 -94.20 -32.37
N ILE DA 85 45.27 -93.80 -32.02
CA ILE DA 85 45.98 -94.31 -30.86
C ILE DA 85 46.04 -93.19 -29.82
N VAL DA 86 45.68 -93.54 -28.58
CA VAL DA 86 45.75 -92.57 -27.49
C VAL DA 86 47.19 -92.20 -27.21
N VAL DA 87 47.44 -90.91 -26.99
CA VAL DA 87 48.80 -90.44 -26.78
C VAL DA 87 49.26 -90.89 -25.40
N THR DA 88 50.36 -91.66 -25.38
CA THR DA 88 50.97 -92.10 -24.13
C THR DA 88 52.34 -91.49 -23.88
N VAL DA 89 53.07 -91.18 -24.93
CA VAL DA 89 54.38 -90.54 -24.82
C VAL DA 89 54.31 -89.22 -25.57
N PRO DA 90 53.96 -88.12 -24.90
CA PRO DA 90 53.87 -86.83 -25.60
C PRO DA 90 55.17 -86.38 -26.22
N GLN DA 91 56.31 -86.75 -25.64
CA GLN DA 91 57.60 -86.36 -26.22
C GLN DA 91 57.79 -86.97 -27.59
N LYS DA 92 57.44 -88.24 -27.76
CA LYS DA 92 57.65 -88.92 -29.03
C LYS DA 92 56.45 -88.84 -29.95
N THR DA 93 55.32 -88.30 -29.48
CA THR DA 93 54.11 -88.20 -30.30
C THR DA 93 54.10 -86.83 -30.98
N PHE DA 94 54.79 -86.76 -32.11
CA PHE DA 94 54.79 -85.57 -32.94
C PHE DA 94 54.63 -85.99 -34.39
N ILE DA 95 54.08 -85.08 -35.20
CA ILE DA 95 53.83 -85.40 -36.60
C ILE DA 95 55.15 -85.54 -37.34
N GLY DA 96 55.17 -86.44 -38.34
CA GLY DA 96 56.36 -86.66 -39.13
C GLY DA 96 57.40 -87.54 -38.50
N GLY DA 97 57.14 -88.13 -37.33
CA GLY DA 97 58.10 -89.00 -36.68
C GLY DA 97 57.95 -90.44 -37.09
N VAL DA 98 59.06 -91.08 -37.43
CA VAL DA 98 59.09 -92.46 -37.91
C VAL DA 98 59.52 -93.37 -36.77
N TYR DA 99 58.73 -94.42 -36.52
CA TYR DA 99 59.00 -95.39 -35.46
C TYR DA 99 58.77 -96.79 -36.01
N ASN DA 100 59.11 -97.77 -35.18
CA ASN DA 100 58.85 -99.17 -35.50
C ASN DA 100 57.45 -99.53 -35.03
N SER DA 101 56.77 -100.37 -35.81
CA SER DA 101 55.42 -100.77 -35.47
C SER DA 101 55.38 -101.54 -34.15
N THR DA 102 56.32 -102.46 -33.94
CA THR DA 102 56.34 -103.23 -32.70
C THR DA 102 56.63 -102.34 -31.51
N THR DA 103 57.59 -101.42 -31.64
CA THR DA 103 57.90 -100.52 -30.54
C THR DA 103 56.73 -99.60 -30.22
N LEU DA 104 56.03 -99.11 -31.25
CA LEU DA 104 54.85 -98.30 -31.01
C LEU DA 104 53.74 -99.13 -30.36
N ASP DA 105 53.65 -100.41 -30.71
CA ASP DA 105 52.62 -101.27 -30.12
C ASP DA 105 52.89 -101.52 -28.64
N ASN DA 106 54.14 -101.80 -28.28
CA ASN DA 106 54.49 -102.04 -26.88
C ASN DA 106 54.99 -100.78 -26.16
N LEU DA 107 54.71 -99.60 -26.72
CA LEU DA 107 54.99 -98.32 -26.09
C LEU DA 107 56.48 -98.10 -25.85
N ASP DA 108 57.32 -98.63 -26.74
CA ASP DA 108 58.75 -98.37 -26.65
C ASP DA 108 59.15 -97.15 -27.46
N TYR DA 109 58.55 -96.97 -28.64
CA TYR DA 109 58.76 -95.81 -29.49
C TYR DA 109 60.24 -95.64 -29.83
N THR DA 110 60.79 -96.64 -30.52
CA THR DA 110 62.16 -96.54 -30.98
C THR DA 110 62.20 -95.78 -32.28
N PRO DA 111 62.83 -94.63 -32.34
CA PRO DA 111 62.83 -93.83 -33.58
C PRO DA 111 63.73 -94.47 -34.64
N ILE DA 112 63.42 -94.14 -35.88
CA ILE DA 112 64.24 -94.55 -37.03
C ILE DA 112 64.94 -93.29 -37.51
N SER DA 113 66.24 -93.21 -37.22
CA SER DA 113 67.03 -92.01 -37.50
C SER DA 113 67.51 -92.03 -38.94
N TYR DA 114 66.66 -91.56 -39.85
CA TYR DA 114 67.00 -91.44 -41.25
C TYR DA 114 66.47 -90.12 -41.77
N PRO DA 115 67.13 -89.53 -42.76
CA PRO DA 115 66.66 -88.26 -43.32
C PRO DA 115 65.28 -88.39 -43.94
N LEU DA 116 64.49 -87.33 -43.82
CA LEU DA 116 63.14 -87.30 -44.34
C LEU DA 116 62.93 -86.05 -45.16
N ASP DA 117 62.12 -86.17 -46.21
CA ASP DA 117 61.80 -85.03 -47.04
C ASP DA 117 60.93 -84.04 -46.25
N PRO DA 118 60.94 -82.77 -46.61
CA PRO DA 118 60.06 -81.81 -45.95
C PRO DA 118 58.60 -82.23 -46.08
N ILE DA 119 57.86 -82.04 -44.99
CA ILE DA 119 56.48 -82.51 -44.89
C ILE DA 119 55.54 -81.31 -44.87
N THR DA 120 54.43 -81.44 -45.57
CA THR DA 120 53.38 -80.43 -45.59
C THR DA 120 52.31 -80.81 -44.58
N VAL DA 121 51.95 -79.88 -43.71
CA VAL DA 121 50.98 -80.11 -42.65
C VAL DA 121 49.81 -79.14 -42.83
N SER DA 122 48.61 -79.63 -42.57
CA SER DA 122 47.41 -78.84 -42.68
C SER DA 122 46.64 -78.90 -41.35
N TYR DA 123 45.92 -77.83 -41.05
CA TYR DA 123 45.18 -77.73 -39.80
C TYR DA 123 43.69 -77.79 -40.06
N SER DA 124 42.95 -78.47 -39.18
CA SER DA 124 41.51 -78.60 -39.36
C SER DA 124 40.79 -77.28 -39.16
N PHE DA 125 41.29 -76.41 -38.27
CA PHE DA 125 40.61 -75.16 -38.01
C PHE DA 125 40.91 -74.13 -39.10
N PRO DA 126 39.97 -73.23 -39.39
CA PRO DA 126 40.23 -72.18 -40.38
C PRO DA 126 41.18 -71.12 -39.85
N SER DA 127 42.26 -70.88 -40.60
CA SER DA 127 43.24 -69.88 -40.24
C SER DA 127 44.03 -69.49 -41.48
N ASP DA 128 44.69 -68.33 -41.40
CA ASP DA 128 45.53 -67.89 -42.50
C ASP DA 128 46.71 -68.84 -42.70
N PHE DA 129 47.32 -69.29 -41.62
CA PHE DA 129 48.42 -70.24 -41.68
C PHE DA 129 47.89 -71.67 -41.48
N ILE DA 130 47.01 -72.06 -42.41
CA ILE DA 130 46.39 -73.39 -42.35
C ILE DA 130 47.22 -74.46 -43.02
N VAL DA 131 48.14 -74.08 -43.91
CA VAL DA 131 49.02 -75.01 -44.61
C VAL DA 131 50.46 -74.58 -44.34
N ASP DA 132 51.14 -75.33 -43.48
CA ASP DA 132 52.54 -75.08 -43.14
C ASP DA 132 53.44 -76.17 -43.72
N THR DA 133 54.74 -75.90 -43.69
CA THR DA 133 55.74 -76.85 -44.16
C THR DA 133 56.85 -76.95 -43.12
N ILE DA 134 57.27 -78.18 -42.84
CA ILE DA 134 58.31 -78.45 -41.84
C ILE DA 134 59.41 -79.24 -42.53
N GLU DA 135 60.63 -78.69 -42.54
CA GLU DA 135 61.75 -79.38 -43.18
C GLU DA 135 62.21 -80.57 -42.34
N ARG DA 136 62.35 -80.37 -41.05
CA ARG DA 136 62.80 -81.42 -40.13
C ARG DA 136 61.70 -81.71 -39.12
N PRO DA 137 60.93 -82.78 -39.29
CA PRO DA 137 59.86 -83.08 -38.33
C PRO DA 137 60.38 -83.30 -36.92
N SER DA 138 59.91 -82.48 -35.99
CA SER DA 138 60.31 -82.57 -34.59
C SER DA 138 59.18 -82.02 -33.72
N LEU DA 139 59.25 -82.35 -32.44
CA LEU DA 139 58.24 -81.87 -31.50
C LEU DA 139 58.26 -80.36 -31.38
N SER DA 140 59.45 -79.76 -31.32
CA SER DA 140 59.56 -78.31 -31.21
C SER DA 140 59.01 -77.64 -32.46
N SER DA 141 59.31 -78.18 -33.64
CA SER DA 141 58.81 -77.61 -34.88
C SER DA 141 57.29 -77.72 -34.96
N MET DA 142 56.73 -78.86 -34.54
CA MET DA 142 55.27 -79.01 -34.54
C MET DA 142 54.62 -78.04 -33.57
N ARG DA 143 55.20 -77.87 -32.38
CA ARG DA 143 54.64 -76.93 -31.41
C ARG DA 143 54.71 -75.49 -31.92
N ALA DA 144 55.84 -75.11 -32.52
CA ALA DA 144 55.98 -73.75 -33.04
C ALA DA 144 55.01 -73.52 -34.20
N SER DA 145 54.84 -74.50 -35.08
CA SER DA 145 53.90 -74.34 -36.18
C SER DA 145 52.47 -74.21 -35.67
N VAL DA 146 52.10 -74.99 -34.65
CA VAL DA 146 50.76 -74.87 -34.07
C VAL DA 146 50.58 -73.50 -33.44
N PHE DA 147 51.59 -73.02 -32.73
CA PHE DA 147 51.50 -71.70 -32.10
C PHE DA 147 51.31 -70.60 -33.14
N LYS DA 148 52.11 -70.63 -34.21
CA LYS DA 148 51.99 -69.61 -35.25
C LYS DA 148 50.66 -69.70 -35.98
N ALA DA 149 50.19 -70.92 -36.27
CA ALA DA 149 48.93 -71.09 -36.98
C ALA DA 149 47.77 -70.58 -36.16
N MET DA 150 47.77 -70.85 -34.85
CA MET DA 150 46.65 -70.44 -34.01
C MET DA 150 46.76 -68.98 -33.60
N ARG DA 151 47.93 -68.36 -33.72
CA ARG DA 151 48.04 -66.92 -33.51
C ARG DA 151 47.91 -66.12 -34.80
N ALA DA 152 47.77 -66.78 -35.95
CA ALA DA 152 47.64 -66.06 -37.21
C ALA DA 152 46.24 -65.43 -37.32
N ALA DA 153 46.09 -64.61 -38.36
CA ALA DA 153 44.83 -63.91 -38.59
C ALA DA 153 43.77 -64.88 -39.12
N ASN DA 154 42.50 -64.44 -38.99
CA ASN DA 154 41.35 -65.23 -39.45
C ASN DA 154 41.31 -66.61 -38.80
N PHE DA 155 41.69 -66.66 -37.53
CA PHE DA 155 41.64 -67.90 -36.76
C PHE DA 155 40.34 -67.98 -35.99
N SER DA 156 39.70 -69.16 -36.03
CA SER DA 156 38.43 -69.36 -35.35
C SER DA 156 38.47 -70.72 -34.66
N GLY DA 157 38.39 -70.70 -33.34
CA GLY DA 157 38.26 -71.92 -32.57
C GLY DA 157 36.80 -72.16 -32.22
N GLU DA 158 35.91 -71.48 -32.94
CA GLU DA 158 34.49 -71.56 -32.64
C GLU DA 158 33.95 -72.96 -32.89
N GLN DA 159 34.40 -73.62 -33.95
CA GLN DA 159 33.90 -74.95 -34.30
C GLN DA 159 34.93 -75.99 -33.90
N SER DA 160 34.48 -77.03 -33.23
CA SER DA 160 35.31 -78.16 -32.83
C SER DA 160 35.15 -79.29 -33.85
N LEU DA 161 35.78 -80.41 -33.56
CA LEU DA 161 35.76 -81.57 -34.45
C LEU DA 161 34.95 -82.72 -33.91
N ALA DA 162 35.10 -83.04 -32.62
CA ALA DA 162 34.31 -84.15 -32.08
C ALA DA 162 34.04 -83.90 -30.60
N PHE DA 163 32.96 -84.51 -30.11
CA PHE DA 163 32.59 -84.37 -28.70
C PHE DA 163 31.83 -85.61 -28.29
N ASP DA 164 32.47 -86.45 -27.48
CA ASP DA 164 31.88 -87.68 -26.97
C ASP DA 164 31.59 -87.51 -25.49
N TYR DA 165 30.38 -87.88 -25.09
CA TYR DA 165 29.96 -87.81 -23.70
C TYR DA 165 29.31 -89.13 -23.30
N ASN DA 166 29.48 -89.50 -22.04
CA ASN DA 166 28.89 -90.73 -21.54
C ASN DA 166 28.77 -90.63 -20.03
N ILE DA 167 27.57 -90.86 -19.50
CA ILE DA 167 27.34 -90.83 -18.07
C ILE DA 167 26.52 -92.05 -17.68
N LYS DA 168 26.81 -92.59 -16.49
CA LYS DA 168 26.10 -93.75 -15.96
C LYS DA 168 25.81 -93.47 -14.50
N GLN DA 169 24.53 -93.33 -14.17
CA GLN DA 169 24.08 -93.09 -12.81
C GLN DA 169 23.34 -94.32 -12.31
N PHE DA 170 23.67 -94.76 -11.10
CA PHE DA 170 23.05 -95.94 -10.52
C PHE DA 170 22.85 -95.68 -9.03
N SER DA 171 21.77 -96.23 -8.48
CA SER DA 171 21.44 -96.01 -7.08
C SER DA 171 20.61 -97.18 -6.58
N TYR DA 172 21.17 -97.96 -5.67
CA TYR DA 172 20.46 -99.03 -4.98
C TYR DA 172 19.86 -98.53 -3.68
N TYR DA 173 18.93 -99.32 -3.15
CA TYR DA 173 18.29 -99.02 -1.87
C TYR DA 173 17.83 -100.33 -1.25
N SER DA 174 17.87 -100.38 0.07
CA SER DA 174 17.41 -101.56 0.79
C SER DA 174 16.93 -101.13 2.17
N GLU DA 175 15.79 -101.69 2.60
CA GLU DA 175 15.21 -101.32 3.89
C GLU DA 175 14.50 -102.52 4.48
N LEU DA 176 14.93 -102.94 5.67
CA LEU DA 176 14.30 -104.01 6.43
C LEU DA 176 13.82 -103.44 7.76
N LYS DA 177 12.60 -103.81 8.16
CA LYS DA 177 11.95 -103.30 9.36
C LYS DA 177 11.35 -104.44 10.16
N ILE DA 178 12.15 -105.48 10.42
CA ILE DA 178 11.66 -106.66 11.12
C ILE DA 178 11.32 -106.31 12.55
N ALA DA 179 10.14 -106.74 13.02
CA ALA DA 179 9.71 -106.47 14.38
C ALA DA 179 9.09 -107.73 14.96
N PHE DA 180 9.11 -107.83 16.28
CA PHE DA 180 8.55 -108.97 16.98
C PHE DA 180 7.83 -108.54 18.25
N ILE DA 194 8.76 -109.56 26.29
CA ILE DA 194 9.75 -109.82 25.25
C ILE DA 194 9.37 -109.08 23.97
N SER DA 195 10.31 -108.28 23.45
CA SER DA 195 10.10 -107.52 22.23
C SER DA 195 11.36 -107.64 21.37
N GLY DA 196 11.41 -106.85 20.30
CA GLY DA 196 12.56 -106.87 19.43
C GLY DA 196 12.32 -106.17 18.10
N SER DA 197 13.32 -105.42 17.63
CA SER DA 197 13.22 -104.71 16.37
C SER DA 197 14.57 -104.71 15.68
N ASN DA 198 14.53 -104.72 14.34
CA ASN DA 198 15.73 -104.72 13.51
C ASN DA 198 15.44 -103.87 12.28
N ASN DA 199 16.04 -102.68 12.24
CA ASN DA 199 15.91 -101.74 11.15
C ASN DA 199 17.25 -101.65 10.42
N LYS DA 200 17.28 -102.12 9.17
CA LYS DA 200 18.47 -102.11 8.34
C LYS DA 200 18.22 -101.25 7.11
N ILE DA 201 19.14 -100.33 6.85
CA ILE DA 201 19.05 -99.44 5.69
C ILE DA 201 20.37 -99.51 4.94
N LYS DA 202 20.29 -99.68 3.62
CA LYS DA 202 21.46 -99.76 2.76
C LYS DA 202 21.27 -98.86 1.56
N ARG DA 203 22.29 -98.09 1.23
CA ARG DA 203 22.27 -97.19 0.09
C ARG DA 203 23.61 -97.29 -0.64
N THR DA 204 23.56 -97.24 -1.98
CA THR DA 204 24.75 -97.31 -2.79
C THR DA 204 24.52 -96.50 -4.06
N THR DA 205 25.21 -95.36 -4.18
CA THR DA 205 25.06 -94.45 -5.30
C THR DA 205 26.37 -94.36 -6.07
N GLY DA 206 26.26 -94.29 -7.40
CA GLY DA 206 27.45 -94.18 -8.23
C GLY DA 206 27.22 -93.48 -9.55
N VAL DA 207 28.05 -92.47 -9.84
CA VAL DA 207 28.01 -91.72 -11.08
C VAL DA 207 29.37 -91.83 -11.75
N PHE DA 208 29.40 -92.38 -12.96
CA PHE DA 208 30.62 -92.48 -13.74
C PHE DA 208 30.45 -91.70 -15.03
N ALA DA 209 31.37 -90.79 -15.32
CA ALA DA 209 31.24 -89.93 -16.49
C ALA DA 209 32.55 -89.88 -17.24
N LYS DA 210 32.49 -90.03 -18.56
CA LYS DA 210 33.62 -89.89 -19.45
C LYS DA 210 33.28 -88.92 -20.56
N PHE DA 211 34.20 -88.02 -20.86
CA PHE DA 211 34.00 -87.01 -21.88
C PHE DA 211 35.30 -86.78 -22.61
N THR DA 212 35.20 -86.63 -23.93
CA THR DA 212 36.34 -86.27 -24.75
C THR DA 212 35.91 -85.23 -25.76
N GLN DA 213 36.81 -84.30 -26.06
CA GLN DA 213 36.54 -83.28 -27.06
C GLN DA 213 37.76 -83.21 -27.96
N LYS DA 214 37.53 -83.20 -29.27
CA LYS DA 214 38.59 -83.08 -30.26
C LYS DA 214 38.45 -81.70 -30.87
N ASN DA 215 39.29 -80.77 -30.37
CA ASN DA 215 39.28 -79.39 -30.85
C ASN DA 215 39.72 -79.32 -32.31
N PHE DA 216 40.84 -79.94 -32.65
CA PHE DA 216 41.31 -79.90 -34.02
C PHE DA 216 42.37 -80.98 -34.22
N THR DA 217 42.78 -81.16 -35.47
CA THR DA 217 43.90 -82.04 -35.78
C THR DA 217 44.82 -81.38 -36.78
N ILE DA 218 46.09 -81.75 -36.69
CA ILE DA 218 47.10 -81.39 -37.67
C ILE DA 218 47.43 -82.65 -38.45
N ASP DA 219 47.27 -82.58 -39.76
CA ASP DA 219 47.41 -83.73 -40.65
C ASP DA 219 48.62 -83.54 -41.55
N MET DA 220 49.16 -84.66 -42.03
CA MET DA 220 50.34 -84.68 -42.88
C MET DA 220 49.94 -85.12 -44.28
N ASP DA 221 50.45 -84.41 -45.28
CA ASP DA 221 50.17 -84.75 -46.67
C ASP DA 221 50.98 -85.95 -47.11
N LEU DA 222 50.42 -86.71 -48.05
CA LEU DA 222 51.14 -87.83 -48.62
C LEU DA 222 52.33 -87.32 -49.43
N PRO DA 223 53.47 -88.03 -49.38
CA PRO DA 223 54.64 -87.56 -50.13
C PRO DA 223 54.39 -87.53 -51.63
N ALA DA 224 54.97 -86.52 -52.29
CA ALA DA 224 54.86 -86.44 -53.74
C ALA DA 224 55.60 -87.58 -54.42
N ASP DA 225 56.77 -87.94 -53.90
CA ASP DA 225 57.55 -89.04 -54.45
C ASP DA 225 56.99 -90.39 -54.07
N GLY DA 226 56.09 -90.45 -53.10
CA GLY DA 226 55.53 -91.69 -52.63
C GLY DA 226 56.27 -92.31 -51.47
N ASN DA 227 57.40 -91.73 -51.08
CA ASN DA 227 58.20 -92.21 -49.95
C ASN DA 227 58.55 -91.03 -49.07
N ILE DA 228 58.42 -91.23 -47.75
CA ILE DA 228 58.73 -90.16 -46.80
C ILE DA 228 60.23 -89.91 -46.72
N PHE DA 229 61.04 -90.93 -47.01
CA PHE DA 229 62.48 -90.80 -46.89
C PHE DA 229 63.07 -89.97 -48.03
N LYS DA 230 64.06 -89.15 -47.69
CA LYS DA 230 64.70 -88.30 -48.69
C LYS DA 230 65.55 -89.11 -49.66
N ASN DA 231 66.35 -90.04 -49.14
CA ASN DA 231 67.24 -90.81 -50.02
C ASN DA 231 66.50 -91.85 -50.85
N ASN DA 232 65.31 -92.27 -50.41
CA ASN DA 232 64.46 -93.28 -51.05
C ASN DA 232 65.06 -94.69 -50.97
N SER DA 233 66.26 -94.85 -50.43
CA SER DA 233 66.84 -96.17 -50.20
C SER DA 233 66.71 -96.60 -48.75
N ASP DA 234 66.42 -95.67 -47.84
CA ASP DA 234 66.22 -96.03 -46.44
C ASP DA 234 65.00 -96.94 -46.29
N LEU DA 235 64.02 -96.84 -47.19
CA LEU DA 235 62.88 -97.73 -47.12
C LEU DA 235 63.30 -99.19 -47.27
N ALA DA 236 64.22 -99.46 -48.21
CA ALA DA 236 64.78 -100.80 -48.30
C ALA DA 236 65.79 -101.08 -47.19
N LEU DA 237 66.40 -100.03 -46.63
CA LEU DA 237 67.36 -100.23 -45.55
C LEU DA 237 66.69 -100.75 -44.28
N THR DA 238 65.49 -100.25 -43.98
CA THR DA 238 64.76 -100.66 -42.78
C THR DA 238 63.82 -101.83 -43.01
N ASN DA 239 64.12 -102.70 -43.97
CA ASN DA 239 63.34 -103.91 -44.15
C ASN DA 239 63.40 -104.76 -42.89
N GLY DA 240 62.23 -105.19 -42.41
CA GLY DA 240 62.12 -105.89 -41.16
C GLY DA 240 61.98 -105.02 -39.94
N LYS DA 241 62.16 -103.71 -40.08
CA LYS DA 241 61.99 -102.78 -38.97
C LYS DA 241 60.59 -102.19 -38.92
N ASN DA 242 59.72 -102.51 -39.88
CA ASN DA 242 58.34 -102.03 -39.94
C ASN DA 242 58.28 -100.52 -39.83
N PRO DA 243 58.72 -99.78 -40.85
CA PRO DA 243 58.72 -98.31 -40.75
C PRO DA 243 57.31 -97.75 -40.77
N VAL DA 244 56.95 -97.01 -39.72
CA VAL DA 244 55.65 -96.40 -39.59
C VAL DA 244 55.85 -94.98 -39.07
N TYR DA 245 55.18 -94.01 -39.70
CA TYR DA 245 55.33 -92.61 -39.35
C TYR DA 245 53.99 -92.02 -38.97
N ILE DA 246 53.99 -91.18 -37.93
CA ILE DA 246 52.76 -90.53 -37.51
C ILE DA 246 52.40 -89.44 -38.52
N SER DA 247 51.14 -89.44 -38.95
CA SER DA 247 50.66 -88.52 -39.96
C SER DA 247 49.52 -87.62 -39.49
N SER DA 248 49.07 -87.77 -38.24
CA SER DA 248 47.97 -86.95 -37.76
C SER DA 248 48.05 -86.87 -36.24
N VAL DA 249 47.88 -85.67 -35.70
CA VAL DA 249 47.86 -85.44 -34.26
C VAL DA 249 46.60 -84.66 -33.89
N THR DA 250 45.85 -85.17 -32.93
CA THR DA 250 44.58 -84.57 -32.50
C THR DA 250 44.79 -83.82 -31.20
N TYR DA 251 44.43 -82.54 -31.19
CA TYR DA 251 44.46 -81.69 -30.01
C TYR DA 251 43.05 -81.58 -29.46
N GLY DA 252 42.91 -81.80 -28.15
CA GLY DA 252 41.62 -81.74 -27.51
C GLY DA 252 41.74 -81.89 -26.01
N ARG DA 253 40.62 -82.21 -25.36
CA ARG DA 253 40.54 -82.35 -23.91
C ARG DA 253 39.93 -83.69 -23.56
N LEU DA 254 40.31 -84.20 -22.38
CA LEU DA 254 39.82 -85.45 -21.84
C LEU DA 254 39.33 -85.22 -20.41
N GLY DA 255 38.31 -85.97 -20.01
CA GLY DA 255 37.81 -85.86 -18.64
C GLY DA 255 37.09 -87.10 -18.16
N ILE DA 256 37.47 -87.62 -17.01
CA ILE DA 256 36.83 -88.79 -16.41
C ILE DA 256 36.54 -88.48 -14.95
N ILE DA 257 35.33 -88.80 -14.51
CA ILE DA 257 34.95 -88.63 -13.12
C ILE DA 257 34.25 -89.90 -12.66
N SER DA 258 34.33 -90.16 -11.36
CA SER DA 258 33.70 -91.34 -10.77
C SER DA 258 33.43 -91.05 -9.31
N ILE DA 259 32.14 -90.94 -8.95
CA ILE DA 259 31.71 -90.65 -7.60
C ILE DA 259 30.94 -91.85 -7.07
N GLU DA 260 31.35 -92.38 -5.93
CA GLU DA 260 30.70 -93.51 -5.30
C GLU DA 260 30.36 -93.17 -3.85
N SER DA 261 29.28 -93.74 -3.36
CA SER DA 261 28.83 -93.49 -1.99
C SER DA 261 28.10 -94.72 -1.47
N ASN DA 262 28.35 -95.03 -0.20
CA ASN DA 262 27.73 -96.17 0.47
C ASN DA 262 27.24 -95.74 1.84
N ALA DA 263 26.08 -96.24 2.23
CA ALA DA 263 25.48 -95.92 3.52
C ALA DA 263 24.87 -97.17 4.11
N SER DA 264 25.08 -97.38 5.41
CA SER DA 264 24.57 -98.54 6.13
C SER DA 264 24.05 -98.10 7.49
N TYR DA 265 22.89 -98.64 7.87
CA TYR DA 265 22.24 -98.36 9.14
C TYR DA 265 21.74 -99.68 9.72
N ASN DA 266 22.07 -99.96 10.97
CA ASN DA 266 21.85 -101.28 11.56
C ASN DA 266 21.22 -101.17 12.95
N GLU DA 267 20.14 -100.41 13.09
CA GLU DA 267 19.48 -100.26 14.37
C GLU DA 267 18.87 -101.57 14.85
N VAL DA 268 19.13 -101.94 16.09
CA VAL DA 268 18.59 -103.15 16.71
C VAL DA 268 18.13 -102.81 18.11
N ASN DA 269 16.90 -103.18 18.45
CA ASN DA 269 16.33 -102.93 19.76
C ASN DA 269 15.83 -104.24 20.36
N PHE DA 270 15.93 -104.36 21.69
CA PHE DA 270 15.48 -105.55 22.39
C PHE DA 270 15.06 -105.19 23.81
N ALA DA 271 13.91 -105.70 24.23
CA ALA DA 271 13.41 -105.45 25.57
C ALA DA 271 12.83 -106.73 26.16
N LEU DA 272 12.92 -106.85 27.47
CA LEU DA 272 12.41 -108.00 28.20
C LEU DA 272 11.63 -107.52 29.43
N LYS DA 273 10.72 -106.59 29.21
CA LYS DA 273 9.91 -106.05 30.30
C LYS DA 273 8.85 -107.05 30.73
N LEU DA 285 12.24 -107.67 36.28
CA LEU DA 285 13.26 -107.63 35.24
C LEU DA 285 12.90 -106.63 34.15
N ASN DA 286 13.83 -105.74 33.84
CA ASN DA 286 13.65 -104.68 32.85
C ASN DA 286 14.86 -104.62 31.92
N ILE DA 287 15.27 -105.79 31.41
CA ILE DA 287 16.45 -105.86 30.55
C ILE DA 287 16.16 -105.14 29.24
N ASP DA 288 17.08 -104.24 28.86
CA ASP DA 288 16.98 -103.47 27.62
C ASP DA 288 18.30 -103.53 26.89
N SER DA 289 18.24 -103.44 25.56
CA SER DA 289 19.43 -103.51 24.73
C SER DA 289 19.18 -102.73 23.45
N ASN DA 290 20.20 -101.99 23.02
CA ASN DA 290 20.13 -101.22 21.78
C ASN DA 290 21.49 -101.24 21.10
N SER DA 291 21.48 -101.31 19.78
CA SER DA 291 22.70 -101.37 18.99
C SER DA 291 22.50 -100.56 17.71
N LYS DA 292 23.17 -99.42 17.60
CA LYS DA 292 23.09 -98.56 16.44
C LYS DA 292 24.42 -98.53 15.72
N LYS DA 293 24.40 -98.73 14.41
CA LYS DA 293 25.62 -98.73 13.60
C LYS DA 293 25.35 -98.00 12.31
N ILE DA 294 26.05 -96.90 12.09
CA ILE DA 294 25.95 -96.10 10.87
C ILE DA 294 27.33 -96.09 10.21
N LEU DA 295 27.39 -96.53 8.96
CA LEU DA 295 28.62 -96.58 8.20
C LEU DA 295 28.43 -95.78 6.91
N GLU DA 296 29.26 -94.78 6.69
CA GLU DA 296 29.19 -93.94 5.50
C GLU DA 296 30.54 -93.92 4.82
N GLU DA 297 30.56 -94.23 3.52
CA GLU DA 297 31.77 -94.21 2.73
C GLU DA 297 31.54 -93.39 1.47
N SER DA 298 32.58 -92.67 1.03
CA SER DA 298 32.49 -91.83 -0.14
C SER DA 298 33.79 -91.93 -0.93
N ASP DA 299 33.69 -91.67 -2.23
CA ASP DA 299 34.85 -91.71 -3.11
C ASP DA 299 34.57 -90.81 -4.31
N LEU DA 300 35.63 -90.15 -4.80
CA LEU DA 300 35.50 -89.25 -5.94
C LEU DA 300 36.84 -89.15 -6.64
N SER DA 301 36.95 -89.78 -7.80
CA SER DA 301 38.18 -89.78 -8.58
C SER DA 301 37.98 -89.00 -9.86
N VAL DA 302 38.87 -88.04 -10.13
CA VAL DA 302 38.80 -87.19 -11.31
C VAL DA 302 40.13 -87.27 -12.05
N TYR DA 303 40.05 -87.27 -13.38
CA TYR DA 303 41.21 -87.32 -14.26
C TYR DA 303 40.94 -86.41 -15.46
N LEU DA 304 41.59 -85.26 -15.53
CA LEU DA 304 41.41 -84.32 -16.61
C LEU DA 304 42.71 -84.14 -17.38
N VAL DA 305 42.59 -84.08 -18.70
CA VAL DA 305 43.72 -83.87 -19.60
C VAL DA 305 43.42 -82.64 -20.43
N GLY DA 306 44.12 -81.55 -20.14
CA GLY DA 306 43.94 -80.31 -20.86
C GLY DA 306 42.78 -79.51 -20.32
N GLY DA 307 42.44 -78.46 -21.05
CA GLY DA 307 41.38 -77.56 -20.66
C GLY DA 307 41.88 -76.41 -19.81
N ARG DA 308 40.96 -75.51 -19.50
CA ARG DA 308 41.28 -74.35 -18.68
C ARG DA 308 41.61 -74.79 -17.25
N GLY DA 309 42.72 -74.27 -16.72
CA GLY DA 309 43.15 -74.66 -15.38
C GLY DA 309 42.18 -74.22 -14.31
N THR DA 310 41.65 -73.00 -14.42
CA THR DA 310 40.73 -72.48 -13.42
C THR DA 310 39.47 -73.33 -13.33
N ASP DA 311 38.91 -73.74 -14.47
CA ASP DA 311 37.75 -74.61 -14.44
C ASP DA 311 38.12 -76.03 -14.06
N ALA DA 312 39.34 -76.46 -14.39
CA ALA DA 312 39.76 -77.83 -14.09
C ALA DA 312 39.90 -78.03 -12.59
N VAL DA 313 40.43 -77.04 -11.87
CA VAL DA 313 40.62 -77.21 -10.43
C VAL DA 313 39.33 -77.10 -9.64
N GLN DA 314 38.24 -76.68 -10.27
CA GLN DA 314 36.95 -76.56 -9.60
C GLN DA 314 36.15 -77.85 -9.62
N VAL DA 315 36.66 -78.91 -10.26
CA VAL DA 315 35.93 -80.17 -10.34
C VAL DA 315 35.99 -80.89 -9.00
N ILE DA 316 36.73 -80.33 -8.04
CA ILE DA 316 36.83 -80.97 -6.73
C ILE DA 316 35.53 -80.86 -5.95
N LYS DA 317 34.62 -79.99 -6.38
CA LYS DA 317 33.37 -79.77 -5.65
C LYS DA 317 32.25 -80.65 -6.22
N GLY DA 318 32.47 -81.97 -6.16
CA GLY DA 318 31.48 -82.92 -6.61
C GLY DA 318 31.22 -82.86 -8.11
N PHE DA 319 30.01 -83.25 -8.50
CA PHE DA 319 29.60 -83.18 -9.90
C PHE DA 319 29.02 -81.83 -10.26
N ALA DA 320 29.75 -80.78 -9.94
CA ALA DA 320 29.40 -79.43 -10.31
C ALA DA 320 30.52 -78.78 -11.09
N GLY DA 321 31.76 -79.00 -10.64
CA GLY DA 321 32.90 -78.55 -11.41
C GLY DA 321 33.02 -79.32 -12.71
N PHE DA 322 32.74 -80.63 -12.67
CA PHE DA 322 32.68 -81.41 -13.89
C PHE DA 322 31.29 -81.27 -14.50
N SER DA 323 30.79 -80.04 -14.51
CA SER DA 323 29.64 -79.61 -15.31
C SER DA 323 29.86 -78.24 -15.90
N ASN DA 324 30.83 -77.47 -15.40
CA ASN DA 324 31.24 -76.22 -15.99
C ASN DA 324 32.60 -76.32 -16.65
N PHE DA 325 33.43 -77.28 -16.24
CA PHE DA 325 34.70 -77.49 -16.93
C PHE DA 325 34.45 -77.85 -18.39
N ILE DA 326 33.31 -78.45 -18.67
CA ILE DA 326 32.96 -78.81 -20.04
C ILE DA 326 32.28 -77.66 -20.77
N VAL DA 327 31.35 -76.97 -20.10
CA VAL DA 327 30.57 -75.93 -20.78
C VAL DA 327 31.30 -74.60 -20.87
N ASN DA 328 32.41 -74.42 -20.16
CA ASN DA 328 33.19 -73.20 -20.23
C ASN DA 328 34.41 -73.33 -21.11
N GLY DA 329 34.55 -74.44 -21.83
CA GLY DA 329 35.69 -74.63 -22.70
C GLY DA 329 35.35 -75.24 -24.04
N GLY DA 330 34.09 -75.04 -24.47
CA GLY DA 330 33.69 -75.59 -25.75
C GLY DA 330 34.43 -74.98 -26.93
N GLN DA 331 34.62 -73.67 -26.92
CA GLN DA 331 35.38 -72.99 -27.95
C GLN DA 331 36.84 -72.89 -27.50
N PHE DA 332 37.74 -73.45 -28.29
CA PHE DA 332 39.16 -73.43 -27.94
C PHE DA 332 39.79 -72.14 -28.44
N THR DA 333 40.43 -71.43 -27.53
CA THR DA 333 41.07 -70.15 -27.72
C THR DA 333 42.55 -70.36 -27.97
N PRO DA 334 43.27 -69.41 -28.59
CA PRO DA 334 44.71 -69.60 -28.74
C PRO DA 334 45.47 -69.57 -27.43
N GLU DA 335 44.86 -69.05 -26.36
CA GLU DA 335 45.45 -69.20 -25.03
C GLU DA 335 45.28 -70.62 -24.48
N ALA DA 336 44.31 -71.38 -25.00
CA ALA DA 336 44.07 -72.76 -24.57
C ALA DA 336 43.97 -73.63 -25.81
N PRO DA 337 45.11 -73.93 -26.44
CA PRO DA 337 45.06 -74.69 -27.69
C PRO DA 337 44.58 -76.12 -27.55
N GLY DA 338 44.66 -76.71 -26.37
CA GLY DA 338 44.32 -78.10 -26.17
C GLY DA 338 45.58 -78.95 -26.08
N VAL DA 339 45.36 -80.22 -25.78
CA VAL DA 339 46.47 -81.15 -25.55
C VAL DA 339 46.40 -82.28 -26.58
N PRO DA 340 47.53 -82.69 -27.15
CA PRO DA 340 47.51 -83.87 -28.03
C PRO DA 340 46.99 -85.09 -27.28
N ILE DA 341 45.85 -85.58 -27.72
CA ILE DA 341 45.17 -86.69 -27.06
C ILE DA 341 45.16 -87.95 -27.92
N TYR DA 342 45.03 -87.80 -29.23
CA TYR DA 342 45.02 -88.93 -30.14
C TYR DA 342 45.95 -88.64 -31.31
N PHE DA 343 46.43 -89.72 -31.92
CA PHE DA 343 47.28 -89.57 -33.09
C PHE DA 343 47.10 -90.79 -33.98
N SER DA 344 47.41 -90.60 -35.26
CA SER DA 344 47.28 -91.66 -36.25
C SER DA 344 48.58 -91.81 -37.00
N ALA DA 345 48.90 -93.04 -37.38
CA ALA DA 345 50.15 -93.34 -38.06
C ALA DA 345 49.86 -94.16 -39.30
N SER DA 346 50.79 -94.10 -40.25
CA SER DA 346 50.66 -94.81 -41.52
C SER DA 346 51.97 -95.50 -41.84
N HIS DA 347 51.87 -96.59 -42.61
CA HIS DA 347 53.03 -97.33 -43.04
C HIS DA 347 53.87 -96.50 -44.00
N ALA DA 348 55.19 -96.71 -43.95
CA ALA DA 348 56.09 -95.99 -44.84
C ALA DA 348 56.34 -96.71 -46.15
N SER DA 349 55.88 -97.95 -46.29
CA SER DA 349 56.12 -98.72 -47.51
C SER DA 349 55.11 -98.35 -48.59
N ASP DA 350 53.82 -98.59 -48.34
CA ASP DA 350 52.77 -98.29 -49.30
C ASP DA 350 51.93 -97.10 -48.89
N ASN DA 351 52.34 -96.37 -47.85
CA ASN DA 351 51.60 -95.21 -47.36
C ASN DA 351 50.18 -95.56 -46.94
N SER DA 352 49.97 -96.81 -46.53
CA SER DA 352 48.65 -97.27 -46.11
C SER DA 352 48.42 -96.94 -44.63
N VAL DA 353 47.16 -97.01 -44.22
CA VAL DA 353 46.79 -96.69 -42.85
C VAL DA 353 47.26 -97.81 -41.93
N TYR DA 354 47.98 -97.45 -40.87
CA TYR DA 354 48.49 -98.40 -39.91
C TYR DA 354 47.46 -98.67 -38.83
N TYR DA 355 47.15 -99.94 -38.60
CA TYR DA 355 46.20 -100.35 -37.58
C TYR DA 355 46.92 -101.14 -36.50
N THR DA 356 46.72 -100.73 -35.26
CA THR DA 356 47.34 -101.37 -34.11
C THR DA 356 46.30 -102.16 -33.33
N THR DA 357 46.74 -103.23 -32.68
CA THR DA 357 45.86 -104.08 -31.90
C THR DA 357 46.07 -103.86 -30.40
CA CA EA . 75.90 -86.70 -32.01
CA CA FA . 88.14 -79.90 -12.21
CA CA GA . 97.38 -69.03 7.39
CA CA HA . 103.25 -54.52 25.93
CA CA IA . 105.44 -37.09 42.60
CA CA JA . 103.89 -17.39 56.68
CA CA KA . 98.64 3.64 67.52
CA CA LA . 89.94 25.11 74.68
CA CA MA . 78.19 46.07 77.88
CA CA NA . 63.86 65.64 76.91
CA CA OA . 47.63 82.89 71.87
CA CA PA . 30.15 97.13 62.93
CA CA QA . 12.23 107.73 50.56
CA CA RA . -5.38 114.19 35.16
CA CA SA . -21.89 116.27 17.54
CA CA TA . -36.58 113.85 -1.63
CA CA UA . -48.81 107.06 -21.41
CA CA VA . -58.04 96.18 -41.00
CA CA WA . -63.92 81.70 -59.57
CA CA XA . -66.10 64.22 -76.23
CA CA YA . -64.55 44.54 -90.31
CA CA ZA . -59.29 23.48 -101.18
CA CA AB . -50.63 2.04 -108.34
CA CA BB . -38.87 -18.93 -111.52
CA CA CB . -24.57 -38.46 -110.55
CA CA DB . -8.30 -55.74 -105.47
CA CA EB . 9.16 -69.98 -96.55
CA CA FB . 27.10 -80.57 -84.13
CA CA GB . 44.71 -87.06 -68.79
CA CA HB . 61.22 -89.12 -51.16
#